data_7B75
#
_entry.id   7B75
#
_cell.length_a   1.00
_cell.length_b   1.00
_cell.length_c   1.00
_cell.angle_alpha   90.00
_cell.angle_beta   90.00
_cell.angle_gamma   90.00
#
_symmetry.space_group_name_H-M   'P 1'
#
loop_
_entity.id
_entity.type
_entity.pdbx_description
1 polymer Thyroglobulin
2 branched 2-acetamido-2-deoxy-beta-D-glucopyranose-(1-4)-2-acetamido-2-deoxy-beta-D-glucopyranose
3 branched beta-D-mannopyranose-(1-4)-2-acetamido-2-deoxy-beta-D-glucopyranose-(1-4)-2-acetamido-2-deoxy-beta-D-glucopyranose
4 branched alpha-D-mannopyranose-(1-3)-beta-D-mannopyranose-(1-4)-2-acetamido-2-deoxy-beta-D-glucopyranose-(1-4)-2-acetamido-2-deoxy-beta-D-glucopyranose
5 branched alpha-D-mannopyranose-(1-3)-alpha-D-mannopyranose-(1-3)-[alpha-D-mannopyranose-(1-6)]beta-D-mannopyranose-(1-4)-2-acetamido-2-deoxy-beta-D-glucopyranose-(1-4)-2-acetamido-2-deoxy-beta-D-glucopyranose
6 non-polymer 2-acetamido-2-deoxy-beta-D-glucopyranose
#
_entity_poly.entity_id   1
_entity_poly.type   'polypeptide(L)'
_entity_poly.pdbx_seq_one_letter_code
;MALVLEIFTLLASICWVSANIFEYQVDAQPLRPCELQRETAFLKQADYVPQCAEDGSFQTVQCQNDGRSCWCVGANGSEV
LGSRQPGRPVACLSFCQLQKQQILLSGYINSTDTSYLPQCQDSGDYAPVQCDVQQVQCWCVDAEGMEVYGTRQLGRPKRC
PRSCEIRNRRLLHGVGDKSPPQCSAEGEFMPVQCKFVNTTDMMIFDLVHSYNRFPDAFVTFSSFQRRFPEVSGYCHCADS
QGRELAETGLELLLDEIYDTIFAGLDLPSTFTETTLYRILQRRFLAVQSVISGRFRCPTKCEVERFTATSFGHPYVPSCR
RNGDYQAVQCQTEGPCWCVDAQGKEMHGTRQQGEPPSCAEGQSCASERQQALSRLYFGTSGYFSQHDLFSSPEKRWASPR
VARFATSCPPTIKELFVDSGLLRPMVEGQSQQFSVSENLLKEAIRAIFPSRGLARLALQFTTNPKRLQQNLFGGKFLVNV
GQFNLSGALGTRGTFNFSQFFQQLGLASFLNGGRQEDLAKPLSVGLDSNSSTGTPEAAKKDGTMNKPTVGSFGFEINLQE
NQNALKFLASLLELPEFLLFLQHAISVPEDVARDLGDVMETVLSSQTCEQTPERLFVPSCTTEGSYEDVQCFSGECWCVN
SWGKELPGSRVRGGQPRCPTDCEKQRARMQSLMGSQPAGSTLFVPACTSEGHFLPVQCFNSECYCVDAEGQAIPGTRSAI
GKPKKCPTPCQLQSEQAFLRTVQALLSNSSMLPTLSDTYIPQCSTDGQWRQVQCNGPPEQVFELYQRWEAQNKGQDLTPA
KLLVKIMSYREAASGNFSLFIQSLYEAGQQDVFPVLSQYPSLQDVPLAALEGKRPQPRENILLEPYLFWQILNGQLSQYP
GSYSDFSTPLAHFDLRNCWCVDEAGQELEGMRSEPSKLPTCPGSCEEAKLRVLQFIRETEEIVSASNSSRFPLGESFLVA
KGIRLRNEDLGLPPLFPPREAFAEQFLRGSDYAIRLAAQSTLSFYQRRRFSPDDSAGASALLRSGPYMPQCDAFGSWEPV
QCHAGTGHCWCVDEKGGFIPGSLTARSLQIPQCPTTCEKSRTSGLLSSWKQARSQENPSPKDLFVPACLETGEYARLQAS
GAGTWCVDPASGEELRPGSSSSAQCPSLCNVLKSGVLSRRVSPGYVPACRAEDGGFSPVQCDQAQGSCWCVMDSGEEVPG
TRVTGGQPACESPRCPLPFNASEVVGGTILCETISGPTGSAMQQCQLLCRQGSWSVFPPGPLICSLESGRWESQLPQPRA
CQRPQLWQTIQTQGHFQLQLPPGKMCSADYADLLQTFQVFILDELTARGFCQIQVKTFGTLVSIPVCNNSSVQVGCLTRE
RLGVNVTWKSRLEDIPVASLPDLHDIERALVGKDLLGRFTDLIQSGSFQLHLDSKTFPAETIRFLQGDHFGTSPRTWFGC
SEGFYQVLTSEASQDGLGCVKCPEGSYSQDEECIPCPVGFYQEQAGSLACVPCPVGRTTISAGAFSQTHCVTDCQRNEAG
LQCDQNGQYRASQKDRGSGKAFCVDGEGRRLPWWETEAPLEDSQCLMMQKFEKVPESKVIFDANAPVAVRSKVPDSEFPV
MQCLTDCTEDEACSFFTVSTTEPEISCDFYAWTSDNVACMTSDQKRDALGNSKATSFGSLRCQVKVRSHGQDSPAVYLKK
GQGSTTTLQKRFEPTGFQNMLSGLYNPIVFSASGANLTDAHLFCLLACDRDLCCDGFVLTQVQGGAIICGLLSSPSVLLC
NVKDWMDPSEAWANATCPGVTYDQESHQVILRLGDQEFIKSLTPLEGTQDTFTNFQQVYLWKDSDMGSRPESMGCRKDTV
PRPASPTEAGLTTELFSPVDLNQVIVNGNQSLSSQKHWLFKHLFSAQQANLWCLSRCVQEHSFCQLAEITESASLYFTCT
LYPEAQVCDDIMESNAQGCRLILPQMPKALFRKKVILEDKVKNFYTRLPFQKLMGISIRNKVPMSEKSISNGFFECERRC
DADPCCTGFGFLNVSQLKGGEVTCLTLNSLGIQMCSEENGGAWRILDCGSPDIEVHTYPFGWYQKPIAQNNAPSFCPLVV
LPSLTEKVSLDSWQSLALSSVVVDPSIRHFDVAHVSTAATSNFSAVRDLCLSECSQHEACLITTLQTQPGAVRCMFYADT
QSCTHSLQGQNCRLLLREEATHIYRKPGISLLSYEASVPSVPISTHGRLLGRSQAIQVGTSWKQVDQFLGVPYAAPPLAE
RRFQAPEPLNWTGSWDASKPRASCWQPGTRTSTSPGVSEDCLYLNVFIPQNVAPNASVLVFFHNTMDREESEGWPAIDGS
FLAAVGNLIVVTASYRVGVFGFLSSGSGEVSGNWGLLDQVAALTWVQTHIRGFGGDPRRVSLAADRGGADVASIHLLTAR
ATNSQLFRRAVLMGGSALSPAAVISHERAQQQAIALAKEVSCPMSSSQEVVSCLRQKPANVLNDAQTKLLAVSGPFHYWG
PVIDGHFLREPPARALKRSLWVEVDLLIGSSQDDGLINRAKAVKQFEESRGRTSSKTAFYQALQNSLGGEDSDARVEAAA
TWYYSLEHSTDDYASFSRALENATRDYFIICPIIDMASAWAKRARGNVFMYHAPENYGHGSLELLADVQFALGLPFYPAY
EGQFSLEEKSLSLKIMQYFSHFIRSGNPNYPYEFSRKVPTFATPWPDFVPRAGGENYKEFSELLPNRQGLKKADCSFWSK
YISSLKTSADGAKGGQSAESEEEELTAGSGLREDLLSLQEPGSKTYSK
;
_entity_poly.pdbx_strand_id   A,B
#
loop_
_chem_comp.id
_chem_comp.type
_chem_comp.name
_chem_comp.formula
BMA D-saccharide, beta linking beta-D-mannopyranose 'C6 H12 O6'
MAN D-saccharide, alpha linking alpha-D-mannopyranose 'C6 H12 O6'
NAG D-saccharide, beta linking 2-acetamido-2-deoxy-beta-D-glucopyranose 'C8 H15 N O6'
#
# COMPACT_ATOMS: atom_id res chain seq x y z
N PRO A 30 -7.38 72.64 1.75
CA PRO A 30 -7.48 71.37 1.02
C PRO A 30 -8.26 70.31 1.79
N LEU A 31 -8.52 70.57 3.07
CA LEU A 31 -9.29 69.63 3.87
C LEU A 31 -10.75 69.63 3.45
N ARG A 32 -11.33 68.45 3.38
CA ARG A 32 -12.73 68.23 3.02
C ARG A 32 -13.63 68.64 4.19
N PRO A 33 -14.95 68.84 3.93
CA PRO A 33 -15.87 69.09 5.05
C PRO A 33 -15.92 67.99 6.10
N CYS A 34 -15.73 66.72 5.70
CA CYS A 34 -15.73 65.62 6.66
C CYS A 34 -14.57 65.74 7.63
N GLU A 35 -13.38 66.05 7.11
CA GLU A 35 -12.18 66.17 7.93
C GLU A 35 -12.28 67.36 8.90
N LEU A 36 -12.78 68.50 8.41
CA LEU A 36 -12.87 69.67 9.29
C LEU A 36 -13.95 69.49 10.34
N GLN A 37 -15.08 68.87 9.98
CA GLN A 37 -16.10 68.55 10.99
C GLN A 37 -15.56 67.57 12.04
N ARG A 38 -14.78 66.58 11.59
CA ARG A 38 -14.21 65.60 12.52
C ARG A 38 -13.22 66.26 13.48
N GLU A 39 -12.35 67.14 12.97
CA GLU A 39 -11.38 67.78 13.84
C GLU A 39 -12.01 68.81 14.76
N THR A 40 -13.07 69.49 14.31
CA THR A 40 -13.76 70.44 15.20
C THR A 40 -14.51 69.72 16.31
N ALA A 41 -15.14 68.59 15.99
CA ALA A 41 -15.78 67.81 17.05
C ALA A 41 -14.75 67.17 17.98
N PHE A 42 -13.56 66.86 17.45
CA PHE A 42 -12.50 66.29 18.27
C PHE A 42 -11.95 67.33 19.25
N LEU A 43 -11.76 68.57 18.80
CA LEU A 43 -11.20 69.59 19.69
C LEU A 43 -12.20 70.04 20.75
N LYS A 44 -13.50 69.91 20.50
CA LYS A 44 -14.49 70.21 21.52
C LYS A 44 -14.65 69.10 22.55
N GLN A 45 -14.01 67.93 22.32
CA GLN A 45 -14.09 66.74 23.20
C GLN A 45 -15.53 66.30 23.44
N ALA A 46 -16.34 66.34 22.38
CA ALA A 46 -17.76 66.02 22.48
C ALA A 46 -17.97 64.51 22.53
N ASP A 47 -19.21 64.12 22.81
CA ASP A 47 -19.57 62.70 22.81
C ASP A 47 -19.56 62.13 21.39
N TYR A 48 -19.83 62.97 20.39
CA TYR A 48 -19.82 62.58 19.00
C TYR A 48 -18.69 63.24 18.22
N VAL A 49 -17.91 62.43 17.53
CA VAL A 49 -17.05 62.88 16.44
C VAL A 49 -17.53 62.19 15.18
N PRO A 50 -17.61 62.87 14.04
CA PRO A 50 -18.01 62.17 12.80
C PRO A 50 -16.94 61.18 12.35
N GLN A 51 -17.34 59.92 12.24
CA GLN A 51 -16.52 58.90 11.62
C GLN A 51 -16.25 59.28 10.17
N CYS A 52 -14.97 59.28 9.79
CA CYS A 52 -14.56 59.89 8.53
C CYS A 52 -13.59 58.95 7.85
N ALA A 53 -14.07 58.25 6.82
CA ALA A 53 -13.20 57.45 5.97
C ALA A 53 -12.33 58.37 5.10
N GLU A 54 -11.34 57.76 4.44
CA GLU A 54 -10.46 58.52 3.58
C GLU A 54 -11.18 58.97 2.31
N ASP A 55 -10.47 59.78 1.50
CA ASP A 55 -10.95 60.54 0.35
C ASP A 55 -12.04 61.53 0.83
N GLY A 56 -11.93 61.97 2.08
CA GLY A 56 -12.77 63.01 2.68
C GLY A 56 -14.25 62.74 2.68
N SER A 57 -14.64 61.49 2.88
CA SER A 57 -16.03 61.07 2.72
C SER A 57 -16.53 60.50 4.03
N PHE A 58 -17.73 60.92 4.43
CA PHE A 58 -18.39 60.36 5.59
C PHE A 58 -18.68 58.87 5.36
N GLN A 59 -18.40 58.07 6.39
CA GLN A 59 -18.87 56.69 6.40
C GLN A 59 -20.38 56.67 6.44
N THR A 60 -20.97 55.71 5.71
CA THR A 60 -22.42 55.61 5.64
C THR A 60 -23.05 55.17 6.96
N VAL A 61 -22.25 54.67 7.90
CA VAL A 61 -22.70 54.38 9.26
C VAL A 61 -21.87 55.23 10.22
N GLN A 62 -22.53 55.84 11.21
CA GLN A 62 -21.84 56.69 12.17
C GLN A 62 -22.39 56.48 13.58
N CYS A 63 -21.48 56.50 14.56
CA CYS A 63 -21.80 56.25 15.97
C CYS A 63 -21.17 57.34 16.84
N GLN A 64 -21.72 57.51 18.03
CA GLN A 64 -21.04 58.30 19.05
C GLN A 64 -19.81 57.56 19.57
N ASN A 65 -18.93 58.30 20.25
CA ASN A 65 -17.78 57.70 20.92
C ASN A 65 -18.28 56.88 22.09
N ASP A 66 -18.35 55.55 21.89
CA ASP A 66 -18.86 54.56 22.84
C ASP A 66 -20.31 54.85 23.28
N GLY A 67 -21.07 55.58 22.46
CA GLY A 67 -22.45 55.90 22.77
C GLY A 67 -23.42 54.76 22.53
N ARG A 68 -23.03 53.80 21.69
CA ARG A 68 -23.77 52.56 21.41
C ARG A 68 -25.16 52.82 20.82
N SER A 69 -25.28 53.85 19.99
CA SER A 69 -26.52 54.11 19.25
C SER A 69 -26.12 54.75 17.92
N CYS A 70 -26.01 53.93 16.88
CA CYS A 70 -25.53 54.37 15.59
C CYS A 70 -26.68 54.69 14.65
N TRP A 71 -26.35 55.34 13.54
CA TRP A 71 -27.33 55.73 12.55
C TRP A 71 -26.63 55.96 11.21
N CYS A 72 -27.43 55.97 10.15
CA CYS A 72 -26.93 56.05 8.79
C CYS A 72 -27.21 57.44 8.22
N VAL A 73 -26.18 58.03 7.62
CA VAL A 73 -26.11 59.47 7.36
C VAL A 73 -25.98 59.70 5.85
N GLY A 74 -26.55 60.81 5.38
CA GLY A 74 -26.46 61.19 3.98
C GLY A 74 -25.12 61.76 3.55
N ALA A 75 -25.12 62.43 2.39
CA ALA A 75 -23.88 62.88 1.76
C ALA A 75 -23.23 64.05 2.48
N ASN A 76 -24.03 64.98 2.99
CA ASN A 76 -23.49 66.16 3.67
C ASN A 76 -22.89 65.83 5.03
N GLY A 77 -23.18 64.65 5.58
CA GLY A 77 -22.70 64.26 6.89
C GLY A 77 -23.47 64.84 8.05
N SER A 78 -24.35 65.81 7.84
CA SER A 78 -25.14 66.43 8.89
C SER A 78 -26.53 65.84 9.04
N GLU A 79 -26.84 64.75 8.35
CA GLU A 79 -28.20 64.25 8.27
C GLU A 79 -28.37 63.02 9.14
N VAL A 80 -29.52 62.36 8.97
CA VAL A 80 -29.88 61.16 9.71
C VAL A 80 -30.94 60.45 8.89
N LEU A 81 -30.94 59.12 8.91
CA LEU A 81 -31.98 58.37 8.22
C LEU A 81 -33.34 58.50 8.90
N GLY A 82 -33.39 58.99 10.13
CA GLY A 82 -34.65 59.16 10.86
C GLY A 82 -34.98 58.06 11.85
N SER A 83 -34.13 57.05 11.99
CA SER A 83 -34.36 55.98 12.97
C SER A 83 -33.00 55.46 13.43
N ARG A 84 -32.52 56.00 14.55
CA ARG A 84 -31.24 55.61 15.11
C ARG A 84 -31.44 54.38 15.99
N GLN A 85 -30.80 53.26 15.63
CA GLN A 85 -30.93 52.07 16.43
C GLN A 85 -29.73 51.92 17.37
N PRO A 86 -29.92 51.33 18.54
CA PRO A 86 -28.77 50.97 19.38
C PRO A 86 -27.91 49.92 18.69
N GLY A 87 -26.60 50.08 18.84
CA GLY A 87 -25.68 49.23 18.12
C GLY A 87 -25.59 49.63 16.65
N ARG A 88 -24.86 48.82 15.90
CA ARG A 88 -24.71 49.06 14.47
C ARG A 88 -25.99 48.68 13.72
N PRO A 89 -26.40 49.49 12.74
CA PRO A 89 -27.47 49.06 11.85
C PRO A 89 -27.04 47.88 10.99
N VAL A 90 -28.01 47.08 10.57
CA VAL A 90 -27.71 45.86 9.82
C VAL A 90 -27.14 46.20 8.44
N ALA A 91 -27.68 47.23 7.79
CA ALA A 91 -27.28 47.76 6.49
C ALA A 91 -28.10 49.01 6.23
N CYS A 92 -27.60 49.87 5.34
CA CYS A 92 -28.36 51.05 4.95
C CYS A 92 -27.92 51.52 3.57
N LEU A 93 -28.73 52.40 3.01
CA LEU A 93 -28.55 52.90 1.66
C LEU A 93 -27.35 53.84 1.59
N SER A 94 -26.67 53.81 0.44
CA SER A 94 -25.51 54.65 0.21
C SER A 94 -25.92 55.92 -0.54
N PHE A 95 -24.90 56.73 -0.88
CA PHE A 95 -25.13 58.07 -1.43
C PHE A 95 -25.81 58.01 -2.80
N CYS A 96 -25.50 56.97 -3.58
CA CYS A 96 -26.25 56.60 -4.78
C CYS A 96 -27.75 56.53 -4.50
N GLN A 97 -28.13 55.66 -3.57
CA GLN A 97 -29.53 55.41 -3.30
C GLN A 97 -30.19 56.58 -2.59
N LEU A 98 -29.45 57.31 -1.75
CA LEU A 98 -29.99 58.53 -1.15
C LEU A 98 -30.33 59.58 -2.20
N GLN A 99 -29.42 59.83 -3.14
CA GLN A 99 -29.71 60.78 -4.21
C GLN A 99 -30.82 60.28 -5.12
N LYS A 100 -30.88 58.96 -5.35
CA LYS A 100 -31.93 58.38 -6.19
C LYS A 100 -33.30 58.53 -5.54
N GLN A 101 -33.42 58.22 -4.24
CA GLN A 101 -34.68 58.41 -3.53
C GLN A 101 -35.05 59.89 -3.43
N GLN A 102 -34.05 60.77 -3.38
CA GLN A 102 -34.34 62.21 -3.41
C GLN A 102 -34.93 62.65 -4.75
N ILE A 103 -34.39 62.12 -5.86
CA ILE A 103 -34.88 62.52 -7.18
C ILE A 103 -36.25 61.92 -7.47
N LEU A 104 -36.47 60.64 -7.11
CA LEU A 104 -37.79 60.02 -7.30
C LEU A 104 -38.87 60.68 -6.46
N LEU A 105 -38.57 60.99 -5.20
CA LEU A 105 -39.56 61.63 -4.35
C LEU A 105 -39.55 63.14 -4.57
N SER A 115 -36.22 64.35 -16.31
CA SER A 115 -35.20 64.40 -15.25
C SER A 115 -33.99 63.56 -15.61
N TYR A 116 -33.14 63.28 -14.62
CA TYR A 116 -31.96 62.46 -14.79
C TYR A 116 -31.88 61.45 -13.66
N LEU A 117 -31.49 60.22 -13.99
CA LEU A 117 -31.40 59.14 -13.03
C LEU A 117 -29.94 58.77 -12.79
N PRO A 118 -29.42 58.92 -11.56
CA PRO A 118 -28.03 58.51 -11.30
C PRO A 118 -27.88 57.00 -11.22
N GLN A 119 -27.27 56.42 -12.24
CA GLN A 119 -27.08 54.98 -12.30
C GLN A 119 -25.97 54.55 -11.35
N CYS A 120 -26.24 53.54 -10.54
CA CYS A 120 -25.29 53.04 -9.57
C CYS A 120 -25.11 51.54 -9.72
N GLN A 121 -23.97 51.05 -9.26
CA GLN A 121 -23.65 49.63 -9.28
C GLN A 121 -24.32 48.94 -8.09
N ASP A 122 -23.95 47.67 -7.88
CA ASP A 122 -24.42 46.92 -6.72
C ASP A 122 -23.91 47.52 -5.41
N SER A 123 -22.64 47.92 -5.37
CA SER A 123 -22.05 48.53 -4.20
C SER A 123 -22.37 50.03 -4.16
N GLY A 124 -21.97 50.66 -3.06
CA GLY A 124 -22.19 52.08 -2.90
C GLY A 124 -21.15 52.95 -3.57
N ASP A 125 -21.17 52.98 -4.90
CA ASP A 125 -20.23 53.80 -5.67
C ASP A 125 -20.84 54.06 -7.03
N TYR A 126 -20.88 55.33 -7.43
CA TYR A 126 -21.37 55.74 -8.74
C TYR A 126 -20.58 55.08 -9.86
N ALA A 127 -21.30 54.60 -10.86
CA ALA A 127 -20.66 53.99 -12.02
C ALA A 127 -19.84 55.03 -12.77
N PRO A 128 -18.69 54.65 -13.33
CA PRO A 128 -17.83 55.65 -14.02
C PRO A 128 -18.47 56.28 -15.26
N VAL A 129 -19.56 55.73 -15.79
CA VAL A 129 -20.34 56.38 -16.83
C VAL A 129 -21.72 56.68 -16.25
N GLN A 130 -22.11 57.94 -16.28
CA GLN A 130 -23.43 58.38 -15.87
C GLN A 130 -24.16 58.94 -17.08
N CYS A 131 -25.31 58.36 -17.39
CA CYS A 131 -26.09 58.75 -18.55
C CYS A 131 -27.45 59.27 -18.10
N ASP A 132 -28.03 60.14 -18.92
CA ASP A 132 -29.40 60.57 -18.73
C ASP A 132 -30.34 59.39 -19.00
N VAL A 133 -31.58 59.51 -18.49
CA VAL A 133 -32.57 58.43 -18.63
C VAL A 133 -32.90 58.19 -20.10
N GLN A 134 -32.91 59.25 -20.91
CA GLN A 134 -32.80 59.10 -22.36
C GLN A 134 -31.32 59.05 -22.72
N GLN A 135 -30.95 58.13 -23.59
CA GLN A 135 -29.55 57.87 -23.91
C GLN A 135 -29.03 58.86 -24.96
N VAL A 136 -29.01 60.13 -24.57
CA VAL A 136 -28.49 61.19 -25.43
C VAL A 136 -27.25 61.87 -24.88
N GLN A 137 -27.00 61.82 -23.57
CA GLN A 137 -25.83 62.48 -23.01
C GLN A 137 -25.27 61.63 -21.89
N CYS A 138 -23.97 61.35 -21.96
CA CYS A 138 -23.29 60.57 -20.94
C CYS A 138 -21.99 61.28 -20.57
N TRP A 139 -21.57 61.10 -19.32
CA TRP A 139 -20.37 61.76 -18.82
C TRP A 139 -19.73 60.85 -17.79
N CYS A 140 -18.63 61.33 -17.21
CA CYS A 140 -17.87 60.60 -16.22
C CYS A 140 -17.92 61.30 -14.88
N VAL A 141 -18.09 60.53 -13.80
CA VAL A 141 -18.00 61.04 -12.44
C VAL A 141 -16.89 60.31 -11.71
N ASP A 142 -16.64 60.68 -10.45
CA ASP A 142 -15.56 60.12 -9.65
C ASP A 142 -16.08 59.68 -8.29
N ALA A 143 -17.24 59.02 -8.30
CA ALA A 143 -17.96 58.42 -7.16
C ALA A 143 -18.44 59.43 -6.12
N GLU A 144 -18.34 60.74 -6.39
CA GLU A 144 -18.90 61.75 -5.51
C GLU A 144 -19.95 62.63 -6.17
N GLY A 145 -20.04 62.64 -7.49
CA GLY A 145 -21.15 63.30 -8.13
C GLY A 145 -20.80 64.39 -9.14
N MET A 146 -19.77 65.18 -8.87
CA MET A 146 -19.45 66.27 -9.78
C MET A 146 -18.83 65.77 -11.08
N GLU A 147 -19.18 66.44 -12.16
CA GLU A 147 -18.91 65.96 -13.51
C GLU A 147 -17.54 66.41 -14.00
N VAL A 148 -16.79 65.48 -14.59
CA VAL A 148 -15.60 65.83 -15.34
C VAL A 148 -15.99 66.58 -16.60
N TYR A 149 -15.35 67.72 -16.83
CA TYR A 149 -15.83 68.72 -17.78
C TYR A 149 -15.78 68.24 -19.23
N GLY A 150 -14.68 67.57 -19.61
CA GLY A 150 -14.51 67.20 -21.01
C GLY A 150 -15.32 66.01 -21.45
N THR A 151 -15.85 65.22 -20.51
CA THR A 151 -16.43 63.93 -20.85
C THR A 151 -17.85 64.03 -21.40
N ARG A 152 -18.48 65.19 -21.32
CA ARG A 152 -19.86 65.34 -21.79
C ARG A 152 -19.92 65.27 -23.31
N GLN A 153 -20.67 64.29 -23.83
CA GLN A 153 -20.80 64.10 -25.26
C GLN A 153 -22.05 63.29 -25.55
N LEU A 154 -22.44 63.30 -26.83
CA LEU A 154 -23.52 62.43 -27.29
C LEU A 154 -23.11 60.97 -27.20
N GLY A 155 -24.04 60.12 -26.77
CA GLY A 155 -23.79 58.69 -26.70
C GLY A 155 -22.85 58.30 -25.58
N ARG A 156 -22.40 57.05 -25.66
CA ARG A 156 -21.57 56.40 -24.65
C ARG A 156 -20.09 56.74 -24.87
N PRO A 157 -19.36 57.06 -23.82
CA PRO A 157 -17.92 57.29 -23.95
C PRO A 157 -17.11 56.04 -23.69
N LYS A 158 -15.89 56.05 -24.24
CA LYS A 158 -14.92 54.97 -24.05
C LYS A 158 -13.64 55.58 -23.51
N ARG A 159 -12.92 54.79 -22.71
CA ARG A 159 -11.72 55.18 -21.98
C ARG A 159 -12.02 56.42 -21.12
N CYS A 160 -12.83 56.16 -20.09
CA CYS A 160 -13.20 57.20 -19.14
C CYS A 160 -11.98 57.59 -18.33
N PRO A 161 -11.58 58.86 -18.30
CA PRO A 161 -10.38 59.24 -17.56
C PRO A 161 -10.56 59.13 -16.06
N ARG A 162 -9.50 58.70 -15.39
CA ARG A 162 -9.50 58.51 -13.96
C ARG A 162 -8.78 59.70 -13.33
N SER A 163 -8.67 59.69 -11.99
CA SER A 163 -8.34 60.87 -11.21
C SER A 163 -6.93 61.40 -11.50
N CYS A 164 -5.98 60.49 -11.77
CA CYS A 164 -4.60 60.90 -12.04
C CYS A 164 -4.49 61.71 -13.31
N GLU A 165 -5.15 61.26 -14.38
CA GLU A 165 -5.10 61.98 -15.65
C GLU A 165 -5.83 63.31 -15.56
N ILE A 166 -6.92 63.36 -14.78
CA ILE A 166 -7.66 64.62 -14.57
C ILE A 166 -6.79 65.63 -13.84
N ARG A 167 -6.12 65.21 -12.75
CA ARG A 167 -5.25 66.11 -12.01
C ARG A 167 -4.04 66.53 -12.84
N ASN A 168 -3.46 65.60 -13.60
CA ASN A 168 -2.28 65.90 -14.38
C ASN A 168 -2.60 66.83 -15.54
N ARG A 169 -3.80 66.71 -16.12
CA ARG A 169 -4.24 67.64 -17.15
C ARG A 169 -4.58 69.00 -16.55
N ARG A 170 -5.17 69.01 -15.35
CA ARG A 170 -5.48 70.27 -14.66
C ARG A 170 -4.22 71.05 -14.32
N LEU A 171 -3.12 70.35 -14.01
CA LEU A 171 -1.84 71.05 -13.76
C LEU A 171 -1.28 71.72 -15.02
N LEU A 172 -1.74 71.35 -16.20
CA LEU A 172 -1.41 72.05 -17.43
C LEU A 172 -2.44 73.14 -17.76
N HIS A 173 -3.38 73.40 -16.86
CA HIS A 173 -4.42 74.39 -17.09
C HIS A 173 -4.42 75.50 -16.04
N GLY A 174 -3.43 75.54 -15.15
CA GLY A 174 -3.28 76.66 -14.23
C GLY A 174 -3.38 76.34 -12.75
N VAL A 175 -3.60 75.07 -12.37
CA VAL A 175 -3.61 74.72 -10.95
C VAL A 175 -2.20 74.83 -10.40
N GLY A 176 -2.10 75.28 -9.14
CA GLY A 176 -0.89 75.78 -8.49
C GLY A 176 0.40 74.98 -8.55
N ASP A 177 0.37 73.74 -8.06
CA ASP A 177 1.54 72.86 -8.11
C ASP A 177 1.92 72.54 -9.55
N LYS A 178 3.12 72.93 -9.95
CA LYS A 178 3.58 72.72 -11.32
C LYS A 178 4.40 71.45 -11.49
N SER A 179 4.50 70.61 -10.46
CA SER A 179 5.18 69.34 -10.58
C SER A 179 4.14 68.25 -10.78
N PRO A 180 4.15 67.53 -11.91
CA PRO A 180 3.13 66.51 -12.16
C PRO A 180 3.28 65.33 -11.22
N PRO A 181 2.20 64.90 -10.58
CA PRO A 181 2.27 63.77 -9.65
C PRO A 181 2.54 62.46 -10.39
N GLN A 182 3.25 61.57 -9.71
CA GLN A 182 3.74 60.36 -10.35
C GLN A 182 2.61 59.37 -10.56
N CYS A 183 2.51 58.85 -11.77
CA CYS A 183 1.30 58.16 -12.21
C CYS A 183 1.65 56.78 -12.75
N SER A 184 0.74 55.84 -12.57
CA SER A 184 0.95 54.47 -12.99
C SER A 184 0.73 54.32 -14.50
N ALA A 185 0.77 53.05 -14.95
CA ALA A 185 0.47 52.76 -16.36
C ALA A 185 -0.97 53.10 -16.71
N GLU A 186 -1.92 52.74 -15.84
CA GLU A 186 -3.27 53.24 -15.97
C GLU A 186 -3.36 54.60 -15.28
N GLY A 187 -4.55 55.19 -15.28
CA GLY A 187 -4.71 56.50 -14.68
C GLY A 187 -4.82 56.48 -13.16
N GLU A 188 -3.77 56.01 -12.49
CA GLU A 188 -3.79 55.91 -11.04
C GLU A 188 -2.50 56.46 -10.47
N PHE A 189 -2.60 57.04 -9.29
CA PHE A 189 -1.46 57.64 -8.63
C PHE A 189 -0.53 56.56 -8.10
N MET A 190 0.77 56.79 -8.26
CA MET A 190 1.76 55.94 -7.61
C MET A 190 1.61 56.04 -6.10
N PRO A 191 1.78 54.94 -5.36
CA PRO A 191 1.76 55.04 -3.89
C PRO A 191 2.84 55.95 -3.32
N VAL A 192 4.03 56.00 -3.93
CA VAL A 192 5.12 56.87 -3.49
C VAL A 192 5.31 57.95 -4.54
N GLN A 193 5.23 59.21 -4.12
CA GLN A 193 5.36 60.35 -5.02
C GLN A 193 6.53 61.24 -4.60
N CYS A 194 6.93 62.11 -5.51
CA CYS A 194 8.06 63.01 -5.28
C CYS A 194 7.75 64.37 -5.90
N LYS A 195 7.56 65.37 -5.05
CA LYS A 195 7.51 66.75 -5.55
C LYS A 195 8.88 67.18 -6.08
N PHE A 196 9.96 66.69 -5.46
CA PHE A 196 11.32 66.59 -5.98
C PHE A 196 12.07 67.93 -6.03
N VAL A 197 11.39 69.05 -5.81
CA VAL A 197 12.03 70.36 -5.90
C VAL A 197 11.80 71.15 -4.62
N ASN A 198 12.90 71.55 -3.97
CA ASN A 198 12.90 72.44 -2.82
C ASN A 198 14.13 73.35 -2.87
N THR A 199 14.02 74.49 -2.19
CA THR A 199 15.04 75.55 -2.13
C THR A 199 15.50 75.98 -3.53
N THR A 200 14.52 76.36 -4.35
CA THR A 200 14.67 76.68 -5.77
C THR A 200 15.68 77.78 -6.05
N ASP A 201 15.40 78.99 -5.55
CA ASP A 201 16.28 80.13 -5.70
C ASP A 201 16.59 80.66 -4.30
N MET A 202 16.94 79.73 -3.40
CA MET A 202 17.19 79.80 -1.95
C MET A 202 15.90 79.87 -1.13
N MET A 203 14.71 79.93 -1.74
CA MET A 203 13.46 79.89 -0.98
C MET A 203 12.70 78.60 -1.28
N ILE A 204 12.03 78.07 -0.25
CA ILE A 204 11.42 76.74 -0.30
C ILE A 204 10.03 76.78 -0.91
N PHE A 205 9.92 76.46 -2.20
CA PHE A 205 8.65 76.11 -2.82
C PHE A 205 8.94 75.18 -3.99
N ASP A 206 7.89 74.82 -4.73
CA ASP A 206 8.01 73.87 -5.82
C ASP A 206 8.31 74.58 -7.14
N LEU A 207 9.43 74.21 -7.75
CA LEU A 207 9.84 74.70 -9.05
C LEU A 207 8.91 74.18 -10.14
N VAL A 208 8.89 74.89 -11.27
CA VAL A 208 7.96 74.55 -12.35
C VAL A 208 8.52 73.38 -13.16
N HIS A 209 8.23 72.17 -12.67
CA HIS A 209 8.93 70.96 -13.11
C HIS A 209 8.47 70.52 -14.49
N SER A 210 7.17 70.61 -14.76
CA SER A 210 6.62 70.24 -16.06
C SER A 210 7.19 71.09 -17.19
N TYR A 211 7.51 72.36 -16.88
CA TYR A 211 8.27 73.18 -17.81
C TYR A 211 9.76 72.86 -17.75
N ASN A 212 10.27 72.50 -16.56
CA ASN A 212 11.71 72.35 -16.34
C ASN A 212 12.28 71.19 -17.14
N ARG A 213 11.58 70.05 -17.15
CA ARG A 213 12.10 68.79 -17.73
C ARG A 213 12.44 68.92 -19.21
N PHE A 214 11.72 69.77 -19.93
CA PHE A 214 11.78 69.71 -21.39
C PHE A 214 13.03 70.35 -22.00
N PRO A 215 13.32 71.66 -21.81
CA PRO A 215 14.39 72.25 -22.64
C PRO A 215 15.79 71.82 -22.24
N ASP A 216 16.01 71.46 -20.98
CA ASP A 216 17.31 70.96 -20.51
C ASP A 216 17.17 69.46 -20.25
N ALA A 217 17.86 68.65 -21.06
CA ALA A 217 17.78 67.21 -20.98
C ALA A 217 18.74 66.70 -19.92
N PHE A 218 18.22 66.36 -18.76
CA PHE A 218 19.00 65.82 -17.65
C PHE A 218 18.74 64.33 -17.52
N VAL A 219 19.81 63.55 -17.42
CA VAL A 219 19.72 62.10 -17.26
C VAL A 219 20.66 61.69 -16.14
N THR A 220 21.51 62.61 -15.72
CA THR A 220 22.61 62.34 -14.79
C THR A 220 22.51 63.31 -13.62
N PHE A 221 22.58 62.78 -12.39
CA PHE A 221 22.50 63.60 -11.18
C PHE A 221 23.63 64.62 -11.10
N SER A 222 24.85 64.23 -11.47
CA SER A 222 25.98 65.17 -11.47
C SER A 222 25.76 66.29 -12.48
N SER A 223 25.30 65.91 -13.68
CA SER A 223 24.90 66.91 -14.68
C SER A 223 23.68 67.71 -14.23
N PHE A 224 22.79 67.09 -13.44
CA PHE A 224 21.61 67.79 -12.95
C PHE A 224 21.99 68.88 -11.95
N GLN A 225 22.88 68.57 -11.01
CA GLN A 225 23.37 69.58 -10.08
C GLN A 225 24.27 70.59 -10.77
N ARG A 226 24.97 70.18 -11.84
CA ARG A 226 25.73 71.14 -12.64
C ARG A 226 24.80 72.15 -13.31
N ARG A 227 23.68 71.66 -13.86
CA ARG A 227 22.71 72.56 -14.48
C ARG A 227 21.87 73.28 -13.41
N PHE A 228 21.41 72.55 -12.40
CA PHE A 228 20.57 73.11 -11.34
C PHE A 228 21.12 72.68 -9.98
N PRO A 229 21.87 73.53 -9.30
CA PRO A 229 22.31 73.23 -7.94
C PRO A 229 21.18 73.52 -6.96
N GLU A 230 21.46 73.24 -5.67
CA GLU A 230 20.62 73.52 -4.48
C GLU A 230 19.18 73.00 -4.60
N VAL A 231 18.90 72.03 -5.47
CA VAL A 231 17.58 71.45 -5.61
C VAL A 231 17.65 70.02 -5.08
N SER A 232 16.87 69.74 -4.05
CA SER A 232 16.89 68.46 -3.36
C SER A 232 15.53 67.80 -3.45
N GLY A 233 15.53 66.48 -3.65
CA GLY A 233 14.30 65.76 -3.91
C GLY A 233 13.42 65.53 -2.71
N TYR A 234 12.23 66.13 -2.71
CA TYR A 234 11.30 66.00 -1.59
C TYR A 234 10.26 64.95 -1.96
N CYS A 235 10.37 63.78 -1.35
CA CYS A 235 9.50 62.65 -1.63
C CYS A 235 8.65 62.32 -0.42
N HIS A 236 7.53 61.65 -0.67
CA HIS A 236 6.54 61.27 0.33
C HIS A 236 5.67 60.17 -0.26
N CYS A 237 4.60 59.81 0.44
CA CYS A 237 3.63 58.88 -0.13
C CYS A 237 2.24 59.48 0.02
N ALA A 238 1.32 59.05 -0.85
CA ALA A 238 0.06 59.76 -1.06
C ALA A 238 -1.14 58.88 -0.76
N ASP A 239 -2.31 59.53 -0.67
CA ASP A 239 -3.59 58.86 -0.45
C ASP A 239 -4.08 58.20 -1.75
N SER A 240 -5.30 57.67 -1.68
CA SER A 240 -5.98 57.16 -2.87
C SER A 240 -6.31 58.29 -3.83
N GLN A 241 -6.74 59.43 -3.30
CA GLN A 241 -6.98 60.62 -4.11
C GLN A 241 -5.67 61.36 -4.41
N GLY A 242 -4.58 60.99 -3.74
CA GLY A 242 -3.31 61.65 -3.92
C GLY A 242 -2.97 62.67 -2.84
N ARG A 243 -3.78 62.77 -1.80
CA ARG A 243 -3.48 63.66 -0.68
C ARG A 243 -2.24 63.16 0.06
N GLU A 244 -1.37 64.11 0.42
CA GLU A 244 -0.12 63.76 1.08
C GLU A 244 -0.40 63.43 2.54
N LEU A 245 0.22 62.35 3.04
CA LEU A 245 -0.06 61.90 4.40
C LEU A 245 0.47 62.90 5.42
N ALA A 246 -0.32 63.14 6.47
CA ALA A 246 -0.03 64.22 7.40
C ALA A 246 1.12 63.85 8.32
N GLU A 247 2.16 64.69 8.34
CA GLU A 247 3.31 64.64 9.23
C GLU A 247 4.15 63.37 9.12
N THR A 248 3.92 62.58 8.08
CA THR A 248 4.58 61.28 7.92
C THR A 248 5.16 61.18 6.52
N GLY A 249 6.43 60.80 6.43
CA GLY A 249 7.03 60.52 5.15
C GLY A 249 7.52 61.73 4.38
N LEU A 250 7.39 62.95 4.93
CA LEU A 250 7.82 64.15 4.22
C LEU A 250 9.35 64.24 4.18
N GLU A 251 9.99 63.41 3.37
CA GLU A 251 11.43 63.25 3.43
C GLU A 251 12.12 64.05 2.33
N LEU A 252 13.35 64.45 2.60
CA LEU A 252 14.19 65.18 1.68
C LEU A 252 15.44 64.35 1.38
N LEU A 253 15.82 64.31 0.11
CA LEU A 253 16.95 63.49 -0.35
C LEU A 253 17.93 64.37 -1.10
N LEU A 254 19.21 64.16 -0.84
CA LEU A 254 20.28 64.96 -1.43
C LEU A 254 20.78 64.26 -2.69
N ASP A 255 20.94 65.02 -3.77
CA ASP A 255 21.34 64.49 -5.06
C ASP A 255 22.85 64.37 -5.20
N GLU A 256 23.63 64.77 -4.19
CA GLU A 256 25.07 64.91 -4.35
C GLU A 256 25.76 63.55 -4.30
N ILE A 257 25.25 62.62 -3.49
CA ILE A 257 25.99 61.41 -3.14
C ILE A 257 26.10 60.46 -4.32
N TYR A 258 25.01 60.27 -5.06
CA TYR A 258 24.93 59.20 -6.05
C TYR A 258 25.78 59.46 -7.29
N ASP A 259 26.49 58.43 -7.72
CA ASP A 259 27.22 58.39 -8.97
C ASP A 259 26.44 57.55 -9.97
N THR A 260 26.24 58.08 -11.17
CA THR A 260 25.22 57.58 -12.06
C THR A 260 25.71 56.46 -12.96
N ILE A 261 24.82 55.49 -13.17
CA ILE A 261 25.00 54.38 -14.10
C ILE A 261 23.83 54.53 -15.10
N PHE A 262 23.88 53.73 -16.18
CA PHE A 262 22.81 53.63 -17.20
C PHE A 262 22.65 54.93 -17.98
N ALA A 263 23.72 55.71 -18.09
CA ALA A 263 23.68 56.96 -18.84
C ALA A 263 24.01 56.75 -20.31
N GLY A 264 23.28 55.85 -20.96
CA GLY A 264 23.46 55.58 -22.37
C GLY A 264 22.14 55.30 -23.05
N LEU A 265 21.05 55.66 -22.40
CA LEU A 265 19.70 55.46 -22.89
C LEU A 265 19.10 56.77 -23.38
N ASP A 266 18.09 56.64 -24.23
CA ASP A 266 17.34 57.80 -24.70
C ASP A 266 16.44 58.36 -23.59
N LEU A 267 15.92 59.56 -23.84
CA LEU A 267 14.97 60.14 -22.92
C LEU A 267 13.67 59.33 -22.92
N PRO A 268 13.06 59.09 -21.76
CA PRO A 268 11.89 58.22 -21.68
C PRO A 268 10.54 58.93 -21.73
N SER A 269 10.50 60.19 -22.17
CA SER A 269 9.33 61.04 -22.45
C SER A 269 8.55 61.49 -21.22
N THR A 270 8.87 61.00 -20.02
CA THR A 270 8.14 61.40 -18.81
C THR A 270 9.09 61.19 -17.65
N PHE A 271 9.05 62.11 -16.68
CA PHE A 271 9.93 62.04 -15.51
C PHE A 271 9.66 60.79 -14.68
N THR A 272 8.39 60.33 -14.65
CA THR A 272 8.06 59.09 -13.96
C THR A 272 8.69 57.88 -14.63
N GLU A 273 8.96 57.97 -15.94
CA GLU A 273 9.65 56.93 -16.67
C GLU A 273 11.17 57.11 -16.66
N THR A 274 11.68 58.16 -16.02
CA THR A 274 13.12 58.34 -15.90
C THR A 274 13.66 57.49 -14.75
N THR A 275 14.88 56.97 -14.93
CA THR A 275 15.52 56.15 -13.91
C THR A 275 15.86 56.91 -12.64
N LEU A 276 15.92 58.25 -12.70
CA LEU A 276 16.11 59.06 -11.50
C LEU A 276 14.95 58.90 -10.54
N TYR A 277 13.72 58.73 -11.06
CA TYR A 277 12.58 58.53 -10.19
C TYR A 277 12.65 57.17 -9.49
N ARG A 278 13.11 56.12 -10.18
CA ARG A 278 13.34 54.87 -9.46
C ARG A 278 14.47 54.99 -8.45
N ILE A 279 15.49 55.82 -8.73
CA ILE A 279 16.55 56.04 -7.74
C ILE A 279 15.98 56.68 -6.48
N LEU A 280 15.17 57.72 -6.65
CA LEU A 280 14.52 58.39 -5.52
C LEU A 280 13.54 57.47 -4.79
N GLN A 281 12.77 56.68 -5.54
CA GLN A 281 11.77 55.80 -4.93
C GLN A 281 12.43 54.66 -4.15
N ARG A 282 13.50 54.07 -4.71
CA ARG A 282 14.23 53.03 -4.00
C ARG A 282 14.94 53.58 -2.77
N ARG A 283 15.52 54.78 -2.87
CA ARG A 283 16.14 55.41 -1.70
C ARG A 283 15.12 55.72 -0.61
N PHE A 284 13.97 56.26 -1.00
CA PHE A 284 12.89 56.58 -0.06
C PHE A 284 12.35 55.32 0.60
N LEU A 285 12.15 54.26 -0.18
CA LEU A 285 11.63 53.02 0.39
C LEU A 285 12.67 52.33 1.26
N ALA A 286 13.95 52.45 0.90
CA ALA A 286 15.02 51.91 1.75
C ALA A 286 15.13 52.65 3.07
N VAL A 287 14.92 53.97 3.06
CA VAL A 287 14.88 54.74 4.30
C VAL A 287 13.67 54.33 5.14
N GLN A 288 12.50 54.18 4.51
CA GLN A 288 11.30 53.77 5.24
C GLN A 288 11.28 52.25 5.50
N SER A 289 12.31 51.50 5.09
CA SER A 289 12.39 50.10 5.46
C SER A 289 12.65 49.92 6.96
N VAL A 290 13.59 50.68 7.52
CA VAL A 290 13.87 50.57 8.96
C VAL A 290 12.74 51.17 9.78
N ILE A 291 12.10 52.22 9.27
CA ILE A 291 10.87 52.71 9.87
C ILE A 291 9.73 51.74 9.54
N SER A 292 8.68 51.75 10.37
CA SER A 292 7.37 51.16 10.07
C SER A 292 7.36 49.64 9.89
N GLY A 293 8.51 48.97 9.98
CA GLY A 293 8.67 47.55 9.73
C GLY A 293 8.31 47.04 8.35
N ARG A 294 8.01 47.94 7.40
CA ARG A 294 7.42 47.60 6.11
C ARG A 294 8.10 48.40 5.01
N PHE A 295 8.35 47.74 3.88
CA PHE A 295 9.10 48.35 2.78
C PHE A 295 8.10 48.87 1.74
N ARG A 296 7.18 49.71 2.21
CA ARG A 296 6.10 50.26 1.41
C ARG A 296 5.44 51.41 2.18
N CYS A 297 4.76 52.27 1.44
CA CYS A 297 3.80 53.15 2.09
C CYS A 297 2.57 52.34 2.49
N PRO A 298 2.05 52.54 3.70
CA PRO A 298 0.91 51.74 4.16
C PRO A 298 -0.35 51.95 3.33
N THR A 299 -1.15 50.89 3.25
CA THR A 299 -2.32 50.85 2.38
C THR A 299 -3.51 51.56 3.02
N LYS A 300 -4.70 51.30 2.49
CA LYS A 300 -5.92 51.90 3.01
C LYS A 300 -6.23 51.42 4.43
N CYS A 301 -5.88 50.16 4.72
CA CYS A 301 -6.18 49.54 6.02
C CYS A 301 -5.47 50.27 7.15
N GLU A 302 -4.15 50.49 7.00
CA GLU A 302 -3.38 51.12 8.07
C GLU A 302 -3.74 52.59 8.23
N VAL A 303 -4.03 53.29 7.13
CA VAL A 303 -4.44 54.69 7.21
C VAL A 303 -5.76 54.82 7.95
N GLU A 304 -6.73 53.95 7.61
CA GLU A 304 -8.02 53.96 8.29
C GLU A 304 -7.88 53.58 9.77
N ARG A 305 -7.03 52.58 10.07
CA ARG A 305 -6.82 52.15 11.45
C ARG A 305 -6.15 53.24 12.28
N PHE A 306 -5.14 53.91 11.71
CA PHE A 306 -4.44 54.98 12.43
C PHE A 306 -5.34 56.19 12.63
N THR A 307 -6.17 56.51 11.63
CA THR A 307 -7.13 57.61 11.77
C THR A 307 -8.18 57.29 12.84
N ALA A 308 -8.68 56.05 12.86
CA ALA A 308 -9.65 55.65 13.87
C ALA A 308 -9.05 55.63 15.27
N THR A 309 -7.79 55.18 15.39
CA THR A 309 -7.13 55.14 16.69
C THR A 309 -6.79 56.53 17.19
N SER A 310 -6.40 57.43 16.28
CA SER A 310 -5.96 58.77 16.67
C SER A 310 -7.13 59.60 17.20
N PHE A 311 -8.25 59.60 16.49
CA PHE A 311 -9.42 60.36 16.92
C PHE A 311 -10.30 59.60 17.91
N GLY A 312 -9.93 58.37 18.27
CA GLY A 312 -10.69 57.59 19.23
C GLY A 312 -12.08 57.19 18.77
N HIS A 313 -12.19 56.72 17.53
CA HIS A 313 -13.46 56.24 17.02
C HIS A 313 -13.85 54.93 17.71
N PRO A 314 -15.16 54.67 17.85
CA PRO A 314 -15.59 53.40 18.49
C PRO A 314 -15.18 52.14 17.73
N TYR A 315 -15.09 52.21 16.40
CA TYR A 315 -14.68 51.06 15.61
C TYR A 315 -13.36 51.38 14.94
N VAL A 316 -12.39 50.49 15.10
CA VAL A 316 -11.09 50.60 14.44
C VAL A 316 -10.91 49.33 13.61
N PRO A 317 -10.49 49.44 12.35
CA PRO A 317 -10.24 48.24 11.56
C PRO A 317 -8.99 47.51 12.02
N SER A 318 -9.01 46.20 11.88
CA SER A 318 -7.90 45.33 12.26
C SER A 318 -7.21 44.84 11.01
N CYS A 319 -5.90 45.07 10.94
CA CYS A 319 -5.09 44.76 9.76
C CYS A 319 -4.23 43.54 10.04
N ARG A 320 -3.41 43.18 9.06
CA ARG A 320 -2.36 42.18 9.23
C ARG A 320 -1.11 42.67 8.52
N ARG A 321 -0.16 41.74 8.31
CA ARG A 321 1.16 42.10 7.83
C ARG A 321 1.15 42.60 6.39
N ASN A 322 0.39 41.93 5.52
CA ASN A 322 0.43 42.25 4.10
C ASN A 322 -0.20 43.60 3.77
N GLY A 323 -1.17 44.05 4.58
CA GLY A 323 -1.81 45.32 4.33
C GLY A 323 -3.26 45.22 3.89
N ASP A 324 -3.99 44.25 4.42
CA ASP A 324 -5.39 44.06 4.10
C ASP A 324 -6.23 43.95 5.37
N TYR A 325 -7.54 44.11 5.19
CA TYR A 325 -8.47 43.90 6.29
C TYR A 325 -8.50 42.43 6.69
N GLN A 326 -8.60 42.18 8.00
CA GLN A 326 -8.64 40.81 8.48
C GLN A 326 -9.98 40.15 8.19
N ALA A 327 -10.01 38.83 8.34
CA ALA A 327 -11.22 38.04 8.08
C ALA A 327 -12.34 38.41 9.05
N VAL A 328 -12.04 38.44 10.35
CA VAL A 328 -13.00 38.85 11.37
C VAL A 328 -12.69 40.28 11.79
N GLN A 329 -13.70 41.14 11.77
CA GLN A 329 -13.57 42.54 12.16
C GLN A 329 -14.75 42.92 13.04
N CYS A 330 -14.59 42.75 14.35
CA CYS A 330 -15.61 43.13 15.30
C CYS A 330 -15.49 44.61 15.65
N GLN A 331 -16.55 45.16 16.25
CA GLN A 331 -16.52 46.52 16.78
C GLN A 331 -15.91 46.45 18.18
N THR A 332 -16.11 47.49 19.01
CA THR A 332 -15.49 47.54 20.32
C THR A 332 -16.03 46.45 21.26
N GLU A 333 -17.35 46.31 21.39
CA GLU A 333 -17.91 45.20 22.16
C GLU A 333 -18.83 44.31 21.34
N GLY A 334 -19.92 44.85 20.79
CA GLY A 334 -21.04 44.04 20.37
C GLY A 334 -20.99 43.38 19.00
N PRO A 335 -21.10 44.17 17.93
CA PRO A 335 -21.31 43.57 16.60
C PRO A 335 -19.99 43.12 15.98
N CYS A 336 -19.91 41.82 15.68
CA CYS A 336 -18.76 41.24 15.00
C CYS A 336 -19.21 40.73 13.63
N TRP A 337 -18.40 41.00 12.60
CA TRP A 337 -18.77 40.68 11.23
C TRP A 337 -17.51 40.54 10.39
N CYS A 338 -17.69 40.00 9.18
CA CYS A 338 -16.61 39.80 8.23
C CYS A 338 -16.70 40.81 7.09
N VAL A 339 -15.56 41.09 6.47
CA VAL A 339 -15.45 42.01 5.35
C VAL A 339 -14.60 41.39 4.25
N ASP A 340 -14.71 41.97 3.06
CA ASP A 340 -13.87 41.61 1.93
C ASP A 340 -12.55 42.38 2.01
N ALA A 341 -11.81 42.40 0.90
CA ALA A 341 -10.55 43.12 0.84
C ALA A 341 -10.73 44.64 0.80
N GLN A 342 -11.92 45.14 0.50
CA GLN A 342 -12.20 46.56 0.46
C GLN A 342 -12.86 47.08 1.72
N GLY A 343 -13.06 46.24 2.73
CA GLY A 343 -13.69 46.65 3.96
C GLY A 343 -15.20 46.73 3.92
N LYS A 344 -15.84 46.39 2.81
CA LYS A 344 -17.28 46.36 2.73
C LYS A 344 -17.83 45.18 3.53
N GLU A 345 -18.87 45.43 4.32
CA GLU A 345 -19.43 44.40 5.17
C GLU A 345 -20.20 43.36 4.37
N MET A 346 -19.85 42.09 4.57
CA MET A 346 -20.68 41.00 4.09
C MET A 346 -21.95 40.99 4.92
N HIS A 347 -23.10 41.20 4.26
CA HIS A 347 -24.34 41.52 4.97
C HIS A 347 -24.87 40.36 5.79
N GLY A 348 -24.59 39.13 5.37
CA GLY A 348 -25.18 37.98 6.06
C GLY A 348 -24.25 37.24 7.00
N THR A 349 -23.39 37.97 7.74
CA THR A 349 -22.54 37.31 8.72
C THR A 349 -22.40 38.10 10.03
N ARG A 350 -23.26 39.10 10.27
CA ARG A 350 -23.23 39.83 11.54
C ARG A 350 -23.69 38.92 12.66
N GLN A 351 -22.88 38.81 13.72
CA GLN A 351 -23.09 37.78 14.72
C GLN A 351 -23.36 38.29 16.13
N GLN A 352 -23.08 39.57 16.41
CA GLN A 352 -23.39 40.26 17.67
C GLN A 352 -22.72 39.56 18.86
N GLY A 353 -21.39 39.65 18.88
CA GLY A 353 -20.62 39.12 19.99
C GLY A 353 -19.92 37.82 19.68
N GLU A 354 -20.61 36.92 18.99
CA GLU A 354 -20.02 35.66 18.57
C GLU A 354 -18.98 35.92 17.47
N PRO A 355 -17.85 35.22 17.48
CA PRO A 355 -16.88 35.36 16.38
C PRO A 355 -17.43 34.76 15.10
N PRO A 356 -17.63 35.60 14.06
CA PRO A 356 -18.32 35.13 12.84
C PRO A 356 -17.59 34.03 12.09
N SER A 357 -16.25 34.02 12.14
CA SER A 357 -15.40 32.90 11.71
C SER A 357 -15.57 32.58 10.23
N CYS A 358 -15.48 33.62 9.39
CA CYS A 358 -15.40 33.42 7.96
C CYS A 358 -13.97 33.08 7.56
N ALA A 359 -13.53 31.88 7.91
CA ALA A 359 -12.12 31.53 7.83
C ALA A 359 -11.67 31.31 6.39
N GLU A 360 -10.50 31.87 6.05
CA GLU A 360 -9.85 31.53 4.80
C GLU A 360 -9.23 30.14 4.87
N GLY A 361 -8.90 29.67 6.06
CA GLY A 361 -8.47 28.29 6.25
C GLY A 361 -9.58 27.26 6.11
N GLN A 362 -10.84 27.71 6.11
CA GLN A 362 -12.01 26.87 5.89
C GLN A 362 -12.07 26.51 4.40
N SER A 363 -11.41 25.42 4.02
CA SER A 363 -11.16 25.11 2.61
C SER A 363 -11.38 23.62 2.31
N CYS A 364 -12.53 23.08 2.68
CA CYS A 364 -12.86 21.71 2.27
C CYS A 364 -13.85 21.65 1.11
N ALA A 365 -14.96 22.40 1.23
CA ALA A 365 -16.13 22.23 0.37
C ALA A 365 -15.83 22.38 -1.11
N SER A 366 -14.85 23.25 -1.44
CA SER A 366 -14.38 23.40 -2.82
C SER A 366 -13.85 22.09 -3.39
N GLU A 367 -12.83 21.52 -2.75
CA GLU A 367 -12.26 20.25 -3.22
C GLU A 367 -13.24 19.10 -3.08
N ARG A 368 -14.14 19.18 -2.09
CA ARG A 368 -15.17 18.15 -1.92
C ARG A 368 -16.11 18.10 -3.13
N GLN A 369 -16.63 19.25 -3.54
CA GLN A 369 -17.53 19.24 -4.69
C GLN A 369 -16.78 19.08 -6.00
N GLN A 370 -15.49 19.48 -6.06
CA GLN A 370 -14.69 19.18 -7.25
C GLN A 370 -14.48 17.69 -7.43
N ALA A 371 -14.14 16.98 -6.34
CA ALA A 371 -13.95 15.54 -6.43
C ALA A 371 -15.28 14.82 -6.65
N LEU A 372 -16.37 15.34 -6.09
CA LEU A 372 -17.69 14.77 -6.34
C LEU A 372 -18.13 14.96 -7.79
N SER A 373 -17.82 16.13 -8.38
CA SER A 373 -18.12 16.36 -9.79
C SER A 373 -17.25 15.48 -10.68
N ARG A 374 -15.98 15.29 -10.31
CA ARG A 374 -15.12 14.36 -11.02
C ARG A 374 -15.58 12.91 -10.88
N LEU A 375 -16.30 12.60 -9.81
CA LEU A 375 -16.85 11.26 -9.65
C LEU A 375 -17.97 11.00 -10.65
N TYR A 376 -18.76 12.01 -10.98
CA TYR A 376 -19.95 11.86 -11.80
C TYR A 376 -19.75 12.35 -13.23
N PHE A 377 -18.54 12.19 -13.77
CA PHE A 377 -18.25 12.67 -15.12
C PHE A 377 -18.79 11.72 -16.17
N GLY A 378 -18.33 10.47 -16.14
CA GLY A 378 -18.66 9.50 -17.18
C GLY A 378 -17.83 8.25 -17.04
N THR A 379 -17.18 7.82 -18.11
CA THR A 379 -16.20 6.74 -18.08
C THR A 379 -14.97 7.16 -18.91
N SER A 380 -14.42 8.31 -18.57
CA SER A 380 -13.25 8.84 -19.27
C SER A 380 -11.96 8.52 -18.52
N ALA A 405 -6.33 27.19 -4.73
CA ALA A 405 -7.10 26.63 -5.83
C ALA A 405 -6.70 25.19 -6.08
N THR A 406 -5.84 24.99 -7.07
CA THR A 406 -5.21 23.70 -7.32
C THR A 406 -4.01 23.54 -6.39
N SER A 407 -3.13 22.59 -6.72
CA SER A 407 -1.88 22.43 -5.98
C SER A 407 -0.98 23.65 -6.15
N CYS A 408 -0.52 23.90 -7.37
CA CYS A 408 0.30 25.05 -7.72
C CYS A 408 0.24 25.21 -9.24
N PRO A 409 0.53 26.41 -9.77
CA PRO A 409 0.59 26.57 -11.22
C PRO A 409 1.67 25.69 -11.84
N PRO A 410 1.44 25.20 -13.06
CA PRO A 410 2.12 23.96 -13.50
C PRO A 410 3.63 24.07 -13.73
N THR A 411 4.12 25.21 -14.22
CA THR A 411 5.50 25.33 -14.65
C THR A 411 6.40 25.99 -13.62
N ILE A 412 6.01 25.94 -12.34
CA ILE A 412 6.70 26.66 -11.28
C ILE A 412 7.46 25.70 -10.36
N LYS A 413 6.82 24.60 -9.96
CA LYS A 413 7.39 23.68 -8.98
C LYS A 413 8.67 23.02 -9.48
N GLU A 414 8.72 22.65 -10.76
CA GLU A 414 9.88 21.96 -11.30
C GLU A 414 11.01 22.93 -11.67
N LEU A 415 10.69 24.17 -12.01
CA LEU A 415 11.72 25.11 -12.47
C LEU A 415 12.21 26.06 -11.38
N PHE A 416 11.47 26.23 -10.29
CA PHE A 416 11.83 27.16 -9.23
C PHE A 416 12.14 26.46 -7.92
N VAL A 417 11.18 25.72 -7.38
CA VAL A 417 11.28 25.22 -6.00
C VAL A 417 12.21 24.02 -5.94
N ASP A 418 11.92 22.98 -6.73
CA ASP A 418 12.76 21.80 -6.75
C ASP A 418 14.08 22.03 -7.46
N SER A 419 14.19 23.10 -8.24
CA SER A 419 15.44 23.38 -8.95
C SER A 419 16.54 23.87 -8.01
N GLY A 420 16.17 24.55 -6.93
CA GLY A 420 17.13 25.10 -6.00
C GLY A 420 17.38 26.57 -6.12
N LEU A 421 16.36 27.36 -6.50
CA LEU A 421 16.52 28.80 -6.72
C LEU A 421 15.99 29.62 -5.53
N LEU A 422 14.78 29.30 -5.07
CA LEU A 422 14.24 29.93 -3.87
C LEU A 422 14.87 29.38 -2.59
N ARG A 423 15.42 28.17 -2.66
CA ARG A 423 16.02 27.53 -1.49
C ARG A 423 17.18 28.32 -0.85
N PRO A 424 18.14 28.90 -1.60
CA PRO A 424 19.05 29.84 -0.92
C PRO A 424 18.42 31.19 -0.65
N MET A 425 17.37 31.54 -1.40
CA MET A 425 16.79 32.88 -1.32
C MET A 425 16.10 33.13 0.01
N VAL A 426 15.33 32.16 0.50
CA VAL A 426 14.59 32.40 1.73
C VAL A 426 14.93 31.34 2.79
N GLU A 427 15.39 30.17 2.35
CA GLU A 427 15.65 29.07 3.29
C GLU A 427 17.11 28.75 3.49
N GLY A 428 17.99 29.09 2.54
CA GLY A 428 19.41 28.88 2.74
C GLY A 428 19.99 29.76 3.83
N GLN A 429 19.54 31.00 3.90
CA GLN A 429 19.90 31.92 4.97
C GLN A 429 18.65 32.27 5.78
N SER A 430 17.89 31.23 6.15
CA SER A 430 16.68 31.42 6.97
C SER A 430 17.07 31.67 8.42
N GLN A 431 17.56 32.86 8.71
CA GLN A 431 18.07 33.21 10.03
C GLN A 431 17.13 34.24 10.65
N GLN A 432 16.23 33.77 11.52
CA GLN A 432 15.16 34.52 12.21
C GLN A 432 14.42 35.50 11.27
N PHE A 433 13.89 34.93 10.19
CA PHE A 433 13.30 35.71 9.10
C PHE A 433 11.85 35.35 8.85
N SER A 434 11.04 35.35 9.92
CA SER A 434 9.60 35.11 9.78
C SER A 434 8.91 36.29 9.10
N VAL A 435 9.24 37.52 9.52
CA VAL A 435 8.68 38.72 8.89
C VAL A 435 9.40 39.01 7.57
N SER A 436 10.66 38.57 7.45
CA SER A 436 11.47 38.97 6.31
C SER A 436 11.08 38.28 5.02
N GLU A 437 10.26 37.23 5.06
CA GLU A 437 9.73 36.70 3.80
C GLU A 437 8.70 37.64 3.19
N ASN A 438 7.83 38.23 4.02
CA ASN A 438 6.93 39.27 3.53
C ASN A 438 7.69 40.52 3.15
N LEU A 439 8.74 40.85 3.92
CA LEU A 439 9.63 41.95 3.57
C LEU A 439 10.33 41.70 2.23
N LEU A 440 10.70 40.44 1.95
CA LEU A 440 11.31 40.09 0.68
C LEU A 440 10.30 40.20 -0.47
N LYS A 441 9.04 39.82 -0.22
CA LYS A 441 8.00 40.03 -1.22
C LYS A 441 7.82 41.51 -1.55
N GLU A 442 7.79 42.36 -0.52
CA GLU A 442 7.71 43.79 -0.75
C GLU A 442 8.94 44.33 -1.47
N ALA A 443 10.13 43.77 -1.15
CA ALA A 443 11.35 44.19 -1.82
C ALA A 443 11.35 43.85 -3.31
N ILE A 444 10.92 42.62 -3.64
CA ILE A 444 10.87 42.19 -5.03
C ILE A 444 9.81 42.98 -5.79
N ARG A 445 8.67 43.26 -5.13
CA ARG A 445 7.62 44.07 -5.77
C ARG A 445 8.07 45.51 -6.00
N ALA A 446 8.82 46.09 -5.05
CA ALA A 446 9.08 47.53 -5.07
C ALA A 446 10.33 47.90 -5.85
N ILE A 447 11.44 47.16 -5.68
CA ILE A 447 12.66 47.47 -6.43
C ILE A 447 12.45 47.22 -7.92
N PHE A 448 11.75 46.14 -8.27
CA PHE A 448 11.38 45.87 -9.65
C PHE A 448 9.88 46.02 -9.81
N PRO A 449 9.39 47.18 -10.25
CA PRO A 449 7.95 47.37 -10.42
C PRO A 449 7.39 46.86 -11.73
N SER A 450 8.23 46.56 -12.71
CA SER A 450 7.77 46.09 -14.00
C SER A 450 8.78 45.11 -14.57
N ARG A 451 8.32 44.30 -15.52
CA ARG A 451 9.19 43.30 -16.13
C ARG A 451 10.23 43.93 -17.05
N GLY A 452 9.91 45.07 -17.68
CA GLY A 452 10.85 45.71 -18.59
C GLY A 452 12.07 46.26 -17.89
N LEU A 453 11.89 46.88 -16.72
CA LEU A 453 13.01 47.41 -15.95
C LEU A 453 13.92 46.30 -15.46
N ALA A 454 13.34 45.18 -15.02
CA ALA A 454 14.13 44.02 -14.64
C ALA A 454 14.88 43.43 -15.83
N ARG A 455 14.24 43.44 -17.01
CA ARG A 455 14.91 43.00 -18.24
C ARG A 455 16.12 43.88 -18.56
N LEU A 456 15.96 45.21 -18.46
CA LEU A 456 17.06 46.13 -18.72
C LEU A 456 18.19 45.94 -17.71
N ALA A 457 17.85 45.80 -16.44
CA ALA A 457 18.84 45.56 -15.39
C ALA A 457 19.57 44.24 -15.59
N LEU A 458 18.91 43.24 -16.18
CA LEU A 458 19.56 41.95 -16.37
C LEU A 458 20.29 41.81 -17.70
N GLN A 459 20.01 42.67 -18.68
CA GLN A 459 20.81 42.68 -19.90
C GLN A 459 21.83 43.82 -19.92
N PHE A 460 21.94 44.59 -18.84
CA PHE A 460 23.11 45.45 -18.64
C PHE A 460 24.09 44.93 -17.60
N THR A 461 23.63 44.62 -16.39
CA THR A 461 24.54 44.25 -15.31
C THR A 461 25.07 42.84 -15.54
N THR A 462 26.33 42.75 -15.95
CA THR A 462 27.00 41.48 -16.17
C THR A 462 27.74 40.98 -14.94
N ASN A 463 27.82 41.79 -13.89
CA ASN A 463 28.51 41.41 -12.66
C ASN A 463 27.51 41.60 -11.54
N PRO A 464 27.21 40.57 -10.75
CA PRO A 464 26.27 40.75 -9.62
C PRO A 464 26.81 41.61 -8.49
N LYS A 465 28.11 41.87 -8.44
CA LYS A 465 28.68 42.71 -7.39
C LYS A 465 28.28 44.17 -7.57
N ARG A 466 28.08 44.61 -8.81
CA ARG A 466 27.77 46.01 -9.10
C ARG A 466 26.27 46.30 -9.11
N LEU A 467 25.44 45.27 -9.00
CA LEU A 467 23.99 45.40 -9.21
C LEU A 467 23.35 46.36 -8.19
N GLN A 468 23.72 46.21 -6.92
CA GLN A 468 23.23 47.12 -5.88
C GLN A 468 23.72 48.55 -6.12
N GLN A 469 24.88 48.71 -6.77
CA GLN A 469 25.35 50.03 -7.13
C GLN A 469 24.49 50.64 -8.23
N ASN A 470 23.89 49.81 -9.08
CA ASN A 470 23.09 50.33 -10.18
C ASN A 470 21.60 50.47 -9.84
N LEU A 471 21.10 49.66 -8.91
CA LEU A 471 19.69 49.73 -8.55
C LEU A 471 19.43 50.80 -7.50
N PHE A 472 20.02 50.64 -6.32
CA PHE A 472 19.85 51.59 -5.23
C PHE A 472 20.77 52.79 -5.44
N GLY A 473 20.87 53.64 -4.42
CA GLY A 473 21.73 54.80 -4.51
C GLY A 473 23.18 54.51 -4.18
N GLY A 474 23.90 53.91 -5.14
CA GLY A 474 25.34 53.68 -5.09
C GLY A 474 25.88 53.01 -3.85
N LYS A 475 25.51 51.75 -3.63
CA LYS A 475 25.69 51.02 -2.37
C LYS A 475 25.09 51.78 -1.19
N PHE A 476 23.90 52.35 -1.42
CA PHE A 476 23.15 53.07 -0.39
C PHE A 476 22.74 52.16 0.75
N LEU A 477 22.57 50.86 0.49
CA LEU A 477 21.91 49.96 1.44
C LEU A 477 22.73 49.79 2.72
N VAL A 478 24.03 49.50 2.58
CA VAL A 478 24.92 49.51 3.75
C VAL A 478 25.00 50.90 4.37
N ASN A 479 24.85 51.94 3.54
CA ASN A 479 24.74 53.31 4.05
C ASN A 479 23.51 53.49 4.93
N VAL A 480 22.38 52.87 4.56
CA VAL A 480 21.23 52.95 5.46
C VAL A 480 21.29 51.79 6.46
N GLY A 481 22.28 50.91 6.34
CA GLY A 481 22.54 49.98 7.42
C GLY A 481 23.18 50.61 8.63
N GLN A 482 23.87 51.73 8.45
CA GLN A 482 24.51 52.46 9.55
C GLN A 482 23.95 53.87 9.74
N PHE A 483 22.78 54.16 9.17
CA PHE A 483 22.01 55.40 9.37
C PHE A 483 22.76 56.65 8.91
N ASN A 484 23.65 56.54 7.91
CA ASN A 484 24.46 57.69 7.51
C ASN A 484 23.59 58.73 6.81
N LEU A 485 23.91 60.00 7.07
CA LEU A 485 23.00 61.11 6.85
C LEU A 485 22.94 61.45 5.38
N SER A 486 21.78 61.23 4.77
CA SER A 486 21.42 61.81 3.48
C SER A 486 19.97 62.24 3.47
N GLY A 487 19.28 62.20 4.61
CA GLY A 487 17.86 62.51 4.68
C GLY A 487 17.50 63.60 5.66
N ALA A 488 18.30 64.65 5.71
CA ALA A 488 18.06 65.74 6.64
C ALA A 488 16.85 66.58 6.19
N LEU A 489 16.34 67.36 7.14
CA LEU A 489 15.20 68.27 6.98
C LEU A 489 13.95 67.51 6.53
N GLY A 490 13.48 66.67 7.45
CA GLY A 490 12.26 65.92 7.23
C GLY A 490 11.43 65.87 8.50
N THR A 491 10.14 65.55 8.33
CA THR A 491 9.21 65.53 9.44
C THR A 491 9.19 64.21 10.18
N ARG A 492 9.98 63.23 9.73
CA ARG A 492 10.07 61.94 10.40
C ARG A 492 11.44 61.80 11.05
N GLY A 493 11.44 61.45 12.33
CA GLY A 493 12.68 61.26 13.07
C GLY A 493 12.79 62.18 14.28
N THR A 494 13.88 62.96 14.32
CA THR A 494 14.23 63.97 15.33
C THR A 494 14.44 63.40 16.74
N PHE A 495 14.37 62.08 16.89
CA PHE A 495 14.63 61.34 18.13
C PHE A 495 14.78 59.87 17.74
N ASN A 496 14.87 59.00 18.74
CA ASN A 496 14.96 57.57 18.48
C ASN A 496 14.24 56.77 19.57
N PRO A 547 7.33 47.25 20.94
CA PRO A 547 7.87 48.26 21.85
C PRO A 547 7.91 49.67 21.25
N THR A 548 8.94 49.95 20.44
CA THR A 548 9.07 51.26 19.81
C THR A 548 7.99 51.45 18.74
N VAL A 549 7.37 52.63 18.74
CA VAL A 549 6.32 52.93 17.78
C VAL A 549 6.93 53.33 16.45
N GLY A 550 6.12 53.22 15.39
CA GLY A 550 6.57 53.53 14.04
C GLY A 550 6.06 54.88 13.57
N SER A 551 6.14 55.06 12.24
CA SER A 551 5.60 56.28 11.64
C SER A 551 4.09 56.32 11.66
N PHE A 552 3.42 55.16 11.73
CA PHE A 552 1.96 55.10 11.80
C PHE A 552 1.55 54.19 12.94
N GLY A 553 2.30 54.22 14.04
CA GLY A 553 2.05 53.33 15.16
C GLY A 553 2.33 51.87 14.88
N PHE A 554 3.36 51.57 14.09
CA PHE A 554 3.78 50.19 13.86
C PHE A 554 4.74 49.77 14.97
N GLU A 555 4.69 48.48 15.31
CA GLU A 555 5.62 47.93 16.29
C GLU A 555 6.95 47.64 15.61
N ILE A 556 8.03 48.23 16.12
CA ILE A 556 9.32 48.19 15.46
C ILE A 556 10.30 47.38 16.30
N ASN A 557 11.16 46.64 15.62
CA ASN A 557 12.27 45.93 16.25
C ASN A 557 13.47 46.18 15.35
N LEU A 558 14.34 47.10 15.77
CA LEU A 558 15.34 47.70 14.88
C LEU A 558 16.39 46.70 14.43
N GLN A 559 16.82 45.79 15.30
CA GLN A 559 17.90 44.87 14.92
C GLN A 559 17.40 43.82 13.94
N GLU A 560 16.12 43.40 14.04
CA GLU A 560 15.54 42.55 13.00
C GLU A 560 15.51 43.25 11.64
N ASN A 561 15.11 44.52 11.63
CA ASN A 561 15.03 45.28 10.38
C ASN A 561 16.41 45.47 9.76
N GLN A 562 17.40 45.81 10.58
CA GLN A 562 18.76 46.00 10.07
C GLN A 562 19.38 44.69 9.61
N ASN A 563 19.15 43.60 10.35
CA ASN A 563 19.66 42.29 9.96
C ASN A 563 19.03 41.82 8.65
N ALA A 564 17.72 42.02 8.48
CA ALA A 564 17.06 41.66 7.24
C ALA A 564 17.52 42.54 6.09
N LEU A 565 17.80 43.83 6.35
CA LEU A 565 18.32 44.71 5.32
C LEU A 565 19.73 44.31 4.88
N LYS A 566 20.59 43.92 5.84
CA LYS A 566 21.91 43.39 5.47
C LYS A 566 21.79 42.07 4.73
N PHE A 567 20.81 41.24 5.10
CA PHE A 567 20.59 39.97 4.39
C PHE A 567 20.15 40.22 2.95
N LEU A 568 19.27 41.21 2.75
CA LEU A 568 18.84 41.57 1.39
C LEU A 568 19.99 42.18 0.61
N ALA A 569 20.85 42.95 1.27
CA ALA A 569 22.03 43.52 0.63
C ALA A 569 22.99 42.42 0.18
N SER A 570 23.22 41.41 1.03
CA SER A 570 24.07 40.29 0.65
C SER A 570 23.43 39.44 -0.43
N LEU A 571 22.10 39.31 -0.38
CA LEU A 571 21.38 38.48 -1.35
C LEU A 571 21.39 39.11 -2.74
N LEU A 572 21.36 40.44 -2.80
CA LEU A 572 21.37 41.13 -4.10
C LEU A 572 22.69 40.99 -4.83
N GLU A 573 23.77 40.60 -4.15
CA GLU A 573 25.05 40.33 -4.79
C GLU A 573 25.17 38.90 -5.32
N LEU A 574 24.16 38.06 -5.09
CA LEU A 574 24.23 36.65 -5.47
C LEU A 574 23.84 36.46 -6.94
N PRO A 575 24.64 35.74 -7.72
CA PRO A 575 24.26 35.46 -9.12
C PRO A 575 23.03 34.57 -9.27
N GLU A 576 22.72 33.79 -8.24
CA GLU A 576 21.51 32.97 -8.30
C GLU A 576 20.26 33.82 -8.21
N PHE A 577 20.35 35.01 -7.60
CA PHE A 577 19.27 35.98 -7.72
C PHE A 577 19.09 36.45 -9.16
N LEU A 578 20.21 36.63 -9.88
CA LEU A 578 20.14 37.02 -11.29
C LEU A 578 19.47 35.95 -12.14
N LEU A 579 19.83 34.68 -11.91
CA LEU A 579 19.20 33.58 -12.63
C LEU A 579 17.73 33.41 -12.25
N PHE A 580 17.42 33.57 -10.95
CA PHE A 580 16.03 33.51 -10.50
C PHE A 580 15.21 34.62 -11.12
N LEU A 581 15.80 35.80 -11.30
CA LEU A 581 15.01 36.90 -11.81
C LEU A 581 14.84 36.78 -13.32
N GLN A 582 15.81 36.17 -14.03
CA GLN A 582 15.58 35.71 -15.40
C GLN A 582 14.39 34.75 -15.49
N HIS A 583 14.36 33.75 -14.61
CA HIS A 583 13.27 32.78 -14.62
C HIS A 583 11.93 33.41 -14.22
N ALA A 584 11.98 34.41 -13.33
CA ALA A 584 10.77 35.12 -12.92
C ALA A 584 10.26 36.06 -14.01
N ILE A 585 11.16 36.58 -14.86
CA ILE A 585 10.73 37.29 -16.05
C ILE A 585 10.05 36.33 -17.02
N SER A 586 10.60 35.11 -17.14
CA SER A 586 10.11 34.15 -18.14
C SER A 586 8.72 33.57 -17.84
N VAL A 587 8.15 33.83 -16.65
CA VAL A 587 6.81 33.33 -16.34
C VAL A 587 5.79 34.08 -17.20
N PRO A 588 4.68 33.47 -17.63
CA PRO A 588 3.67 34.24 -18.36
C PRO A 588 2.90 35.19 -17.45
N GLU A 589 2.33 36.23 -18.07
CA GLU A 589 1.72 37.33 -17.34
C GLU A 589 0.40 36.94 -16.69
N ASP A 590 -0.29 35.92 -17.24
CA ASP A 590 -1.62 35.57 -16.75
C ASP A 590 -1.56 34.98 -15.34
N VAL A 591 -0.48 34.27 -15.02
CA VAL A 591 -0.33 33.69 -13.69
C VAL A 591 -0.11 34.78 -12.64
N ALA A 592 0.66 35.82 -12.99
CA ALA A 592 1.04 36.83 -12.00
C ALA A 592 1.19 38.19 -12.67
N ARG A 593 0.56 39.21 -12.07
CA ARG A 593 0.57 40.56 -12.65
C ARG A 593 1.95 41.21 -12.58
N ASP A 594 2.59 41.16 -11.42
CA ASP A 594 3.89 41.79 -11.23
C ASP A 594 4.85 40.79 -10.58
N LEU A 595 6.10 41.23 -10.45
CA LEU A 595 7.16 40.37 -9.92
C LEU A 595 6.94 40.02 -8.45
N GLY A 596 6.28 40.90 -7.71
CA GLY A 596 5.87 40.56 -6.35
C GLY A 596 4.86 39.42 -6.32
N ASP A 597 3.95 39.40 -7.28
CA ASP A 597 3.00 38.29 -7.38
C ASP A 597 3.71 37.00 -7.77
N VAL A 598 4.74 37.09 -8.62
CA VAL A 598 5.58 35.94 -8.93
C VAL A 598 6.26 35.42 -7.66
N MET A 599 6.75 36.35 -6.83
CA MET A 599 7.53 36.00 -5.66
C MET A 599 6.62 35.36 -4.60
N GLU A 600 5.39 35.89 -4.48
CA GLU A 600 4.36 35.32 -3.62
C GLU A 600 3.96 33.92 -4.09
N THR A 601 3.76 33.73 -5.40
CA THR A 601 3.34 32.42 -5.90
C THR A 601 4.44 31.38 -5.75
N VAL A 602 5.71 31.80 -5.89
CA VAL A 602 6.77 30.80 -5.73
C VAL A 602 6.98 30.48 -4.25
N LEU A 603 6.66 31.41 -3.33
CA LEU A 603 6.52 31.00 -1.93
C LEU A 603 5.36 30.04 -1.73
N SER A 604 4.23 30.29 -2.40
CA SER A 604 3.04 29.45 -2.21
C SER A 604 3.25 28.03 -2.73
N SER A 605 4.08 27.87 -3.76
CA SER A 605 4.33 26.55 -4.33
C SER A 605 5.31 25.71 -3.51
N GLN A 606 5.85 26.23 -2.40
CA GLN A 606 6.69 25.41 -1.54
C GLN A 606 5.93 24.27 -0.87
N THR A 607 4.62 24.39 -0.74
CA THR A 607 3.79 23.36 -0.12
C THR A 607 2.82 22.75 -1.11
N CYS A 608 3.15 22.79 -2.40
CA CYS A 608 2.26 22.28 -3.44
C CYS A 608 2.59 20.85 -3.83
N GLU A 609 3.27 20.10 -2.96
CA GLU A 609 3.64 18.71 -3.25
C GLU A 609 2.39 17.84 -3.17
N GLN A 610 1.52 17.96 -4.17
CA GLN A 610 0.25 17.25 -4.20
C GLN A 610 0.04 16.74 -5.62
N THR A 611 0.06 15.43 -5.79
CA THR A 611 -0.38 14.76 -7.02
C THR A 611 -1.46 13.76 -6.64
N PRO A 612 -2.66 14.24 -6.29
CA PRO A 612 -3.67 13.33 -5.74
C PRO A 612 -4.31 12.50 -6.84
N GLU A 613 -4.96 11.42 -6.40
CA GLU A 613 -5.80 10.66 -7.30
C GLU A 613 -7.03 11.48 -7.67
N ARG A 614 -7.62 11.12 -8.82
CA ARG A 614 -8.72 11.89 -9.40
C ARG A 614 -9.98 11.83 -8.53
N LEU A 615 -10.16 10.76 -7.77
CA LEU A 615 -11.44 10.45 -7.15
C LEU A 615 -11.37 10.36 -5.63
N PHE A 616 -10.27 10.79 -5.03
CA PHE A 616 -10.17 10.86 -3.57
C PHE A 616 -11.02 12.04 -3.10
N VAL A 617 -12.16 11.74 -2.47
CA VAL A 617 -13.01 12.76 -1.87
C VAL A 617 -12.51 13.04 -0.46
N PRO A 618 -12.24 14.28 -0.09
CA PRO A 618 -11.87 14.59 1.29
C PRO A 618 -13.10 14.78 2.18
N SER A 619 -13.30 13.84 3.10
CA SER A 619 -14.39 13.96 4.05
C SER A 619 -14.05 15.01 5.10
N CYS A 620 -15.06 15.78 5.50
CA CYS A 620 -14.82 16.90 6.40
C CYS A 620 -16.09 17.19 7.20
N THR A 621 -15.92 18.00 8.25
CA THR A 621 -16.92 18.21 9.28
C THR A 621 -18.14 19.00 8.75
N THR A 622 -19.12 19.16 9.64
CA THR A 622 -20.32 19.92 9.32
C THR A 622 -19.99 21.40 9.10
N GLU A 623 -19.14 21.97 9.94
CA GLU A 623 -18.66 23.33 9.69
C GLU A 623 -17.61 23.37 8.59
N GLY A 624 -17.03 22.24 8.22
CA GLY A 624 -16.16 22.15 7.07
C GLY A 624 -14.68 21.97 7.36
N SER A 625 -14.27 21.93 8.62
CA SER A 625 -12.88 21.61 8.91
C SER A 625 -12.60 20.16 8.53
N TYR A 626 -11.36 19.91 8.08
CA TYR A 626 -10.93 18.57 7.68
C TYR A 626 -11.07 17.57 8.82
N GLU A 627 -11.60 16.40 8.48
CA GLU A 627 -11.65 15.30 9.43
C GLU A 627 -10.23 14.84 9.75
N ASP A 628 -10.05 14.37 10.99
CA ASP A 628 -8.72 13.97 11.45
C ASP A 628 -8.20 12.74 10.71
N VAL A 629 -9.08 11.89 10.21
CA VAL A 629 -8.68 10.74 9.41
C VAL A 629 -9.24 10.90 7.99
N GLN A 630 -8.40 10.65 7.00
CA GLN A 630 -8.80 10.61 5.60
C GLN A 630 -8.48 9.23 5.05
N CYS A 631 -9.45 8.63 4.36
CA CYS A 631 -9.31 7.28 3.85
C CYS A 631 -9.60 7.23 2.35
N PHE A 632 -8.89 6.35 1.66
CA PHE A 632 -9.09 6.08 0.25
C PHE A 632 -8.47 4.74 -0.09
N SER A 633 -9.21 3.93 -0.86
CA SER A 633 -8.76 2.65 -1.44
C SER A 633 -8.25 1.67 -0.38
N GLY A 634 -8.92 1.64 0.76
CA GLY A 634 -8.52 0.77 1.84
C GLY A 634 -7.41 1.29 2.72
N GLU A 635 -6.87 2.46 2.40
CA GLU A 635 -5.83 3.10 3.20
C GLU A 635 -6.42 4.25 3.99
N CYS A 636 -5.78 4.57 5.11
CA CYS A 636 -6.22 5.68 5.95
C CYS A 636 -4.99 6.38 6.52
N TRP A 637 -5.15 7.66 6.82
CA TRP A 637 -4.04 8.45 7.35
C TRP A 637 -4.60 9.63 8.15
N CYS A 638 -3.72 10.23 8.95
CA CYS A 638 -4.06 11.43 9.71
C CYS A 638 -3.54 12.67 9.01
N VAL A 639 -4.38 13.70 8.95
CA VAL A 639 -3.99 15.00 8.40
C VAL A 639 -4.15 16.04 9.50
N ASN A 640 -3.44 17.16 9.34
CA ASN A 640 -3.58 18.30 10.23
C ASN A 640 -4.74 19.16 9.75
N SER A 641 -4.80 20.42 10.23
CA SER A 641 -5.85 21.32 9.79
C SER A 641 -5.71 21.69 8.31
N TRP A 642 -4.48 21.83 7.83
CA TRP A 642 -4.25 21.86 6.39
C TRP A 642 -4.24 20.45 5.81
N GLY A 643 -4.34 20.37 4.49
CA GLY A 643 -4.41 19.09 3.81
C GLY A 643 -3.07 18.44 3.50
N LYS A 644 -2.30 18.18 4.54
CA LYS A 644 -1.06 17.44 4.42
C LYS A 644 -1.11 16.27 5.39
N GLU A 645 -0.86 15.06 4.89
CA GLU A 645 -0.87 13.91 5.77
C GLU A 645 0.37 13.91 6.66
N LEU A 646 0.19 13.45 7.88
CA LEU A 646 1.31 13.36 8.80
C LEU A 646 2.19 12.19 8.40
N PRO A 647 3.50 12.39 8.27
CA PRO A 647 4.38 11.31 7.77
C PRO A 647 4.46 10.13 8.73
N GLY A 648 4.26 8.93 8.18
CA GLY A 648 4.28 7.72 8.96
C GLY A 648 2.95 7.34 9.58
N SER A 649 1.93 8.18 9.49
CA SER A 649 0.64 7.89 10.07
C SER A 649 -0.23 7.00 9.20
N ARG A 650 0.20 6.71 7.97
CA ARG A 650 -0.55 5.84 7.08
C ARG A 650 -0.54 4.40 7.60
N VAL A 651 -1.72 3.80 7.69
CA VAL A 651 -1.86 2.43 8.21
C VAL A 651 -2.56 1.58 7.14
N ARG A 652 -2.26 0.28 7.16
CA ARG A 652 -2.86 -0.63 6.18
C ARG A 652 -4.33 -0.88 6.45
N GLY A 653 -4.69 -1.15 7.71
CA GLY A 653 -6.02 -1.61 8.03
C GLY A 653 -7.08 -0.54 7.98
N GLY A 654 -6.95 0.47 8.83
CA GLY A 654 -7.91 1.55 8.88
C GLY A 654 -8.02 2.10 10.29
N GLN A 655 -8.57 3.31 10.36
CA GLN A 655 -8.71 4.08 11.60
C GLN A 655 -7.42 4.24 12.39
N PRO A 656 -6.46 5.03 11.90
CA PRO A 656 -5.28 5.29 12.70
C PRO A 656 -5.62 6.24 13.85
N ARG A 657 -4.95 6.02 14.98
CA ARG A 657 -5.11 6.94 16.10
C ARG A 657 -4.22 8.14 15.81
N CYS A 658 -4.84 9.31 15.64
CA CYS A 658 -4.08 10.51 15.35
C CYS A 658 -3.25 10.90 16.58
N PRO A 659 -2.00 11.33 16.37
CA PRO A 659 -1.10 11.55 17.51
C PRO A 659 -1.55 12.69 18.41
N THR A 660 -1.33 12.52 19.70
CA THR A 660 -1.72 13.50 20.70
C THR A 660 -0.62 14.55 20.85
N ASP A 661 -0.68 15.32 21.93
CA ASP A 661 0.32 16.36 22.18
C ASP A 661 1.69 15.76 22.46
N CYS A 662 1.72 14.63 23.19
CA CYS A 662 2.98 14.00 23.57
C CYS A 662 3.77 13.51 22.37
N GLU A 663 3.08 12.91 21.38
CA GLU A 663 3.77 12.38 20.21
C GLU A 663 4.32 13.50 19.33
N LYS A 664 3.54 14.58 19.15
CA LYS A 664 4.03 15.74 18.41
C LYS A 664 5.24 16.38 19.09
N GLN A 665 5.18 16.51 20.43
CA GLN A 665 6.31 17.05 21.17
C GLN A 665 7.53 16.14 21.08
N ARG A 666 7.34 14.83 21.14
CA ARG A 666 8.45 13.88 21.03
C ARG A 666 9.10 13.94 19.66
N ALA A 667 8.28 14.01 18.60
CA ALA A 667 8.80 14.11 17.24
C ALA A 667 9.55 15.42 17.03
N ARG A 668 8.99 16.53 17.53
CA ARG A 668 9.64 17.83 17.38
C ARG A 668 10.96 17.90 18.15
N MET A 669 10.99 17.38 19.38
CA MET A 669 12.22 17.39 20.17
C MET A 669 13.28 16.48 19.56
N GLN A 670 12.88 15.31 19.02
CA GLN A 670 13.84 14.42 18.37
C GLN A 670 14.41 15.07 17.10
N SER A 671 13.55 15.72 16.31
CA SER A 671 14.01 16.37 15.09
C SER A 671 14.93 17.55 15.40
N LEU A 672 14.64 18.30 16.46
CA LEU A 672 15.50 19.42 16.83
C LEU A 672 16.80 18.91 17.44
N MET A 673 16.76 17.77 18.13
CA MET A 673 17.96 17.12 18.64
C MET A 673 18.85 16.61 17.52
N GLY A 674 18.25 16.30 16.36
CA GLY A 674 19.00 15.85 15.20
C GLY A 674 20.04 16.84 14.70
N SER A 675 19.82 18.14 14.93
CA SER A 675 20.79 19.18 14.58
C SER A 675 21.19 19.89 15.87
N GLN A 676 22.20 19.34 16.56
CA GLN A 676 22.68 19.86 17.83
C GLN A 676 24.05 19.22 18.08
N PRO A 677 24.96 19.87 18.81
CA PRO A 677 26.24 19.23 19.15
C PRO A 677 26.10 17.99 20.02
N ALA A 678 27.26 17.34 20.22
CA ALA A 678 27.30 15.95 20.67
C ALA A 678 26.83 15.79 22.12
N GLY A 679 27.57 16.36 23.07
CA GLY A 679 27.29 16.14 24.47
C GLY A 679 26.06 16.86 24.97
N SER A 680 25.57 17.85 24.23
CA SER A 680 24.37 18.57 24.61
C SER A 680 23.14 17.67 24.52
N THR A 681 22.25 17.80 25.50
CA THR A 681 21.00 17.04 25.52
C THR A 681 19.86 17.99 25.91
N LEU A 682 18.66 17.63 25.48
CA LEU A 682 17.45 18.40 25.73
C LEU A 682 16.38 17.48 26.31
N PHE A 683 15.23 18.08 26.62
CA PHE A 683 14.11 17.35 27.22
C PHE A 683 13.30 16.69 26.12
N VAL A 684 13.38 15.37 26.02
CA VAL A 684 12.53 14.59 25.13
C VAL A 684 11.43 13.95 25.98
N PRO A 685 10.17 14.36 25.82
CA PRO A 685 9.10 13.73 26.59
C PRO A 685 8.88 12.29 26.16
N ALA A 686 8.59 11.43 27.13
CA ALA A 686 8.42 10.01 26.91
C ALA A 686 6.96 9.66 27.08
N CYS A 687 6.39 8.99 26.08
CA CYS A 687 4.96 8.74 26.01
C CYS A 687 4.69 7.24 26.10
N THR A 688 3.44 6.90 26.42
CA THR A 688 3.00 5.52 26.44
C THR A 688 2.72 5.02 25.02
N SER A 689 2.15 3.82 24.90
CA SER A 689 1.82 3.29 23.59
C SER A 689 0.68 4.06 22.95
N GLU A 690 -0.37 4.35 23.72
CA GLU A 690 -1.50 5.10 23.17
C GLU A 690 -1.18 6.58 23.00
N GLY A 691 -0.30 7.14 23.82
CA GLY A 691 0.11 8.50 23.61
C GLY A 691 0.00 9.41 24.81
N HIS A 692 -0.40 8.86 25.96
CA HIS A 692 -0.41 9.66 27.18
C HIS A 692 1.01 9.85 27.69
N PHE A 693 1.21 10.92 28.45
CA PHE A 693 2.50 11.17 29.07
C PHE A 693 2.79 10.11 30.12
N LEU A 694 4.05 9.68 30.19
CA LEU A 694 4.48 8.81 31.27
C LEU A 694 4.44 9.59 32.58
N PRO A 695 4.08 8.93 33.69
CA PRO A 695 3.81 9.67 34.95
C PRO A 695 5.01 10.42 35.52
N VAL A 696 6.24 10.07 35.16
CA VAL A 696 7.44 10.75 35.65
C VAL A 696 8.27 11.15 34.44
N GLN A 697 8.38 12.45 34.18
CA GLN A 697 9.19 12.97 33.09
C GLN A 697 10.42 13.65 33.68
N CYS A 698 11.60 13.12 33.37
CA CYS A 698 12.82 13.50 34.09
C CYS A 698 13.78 14.25 33.17
N PHE A 699 14.60 15.11 33.79
CA PHE A 699 15.60 15.92 33.11
C PHE A 699 16.93 15.66 33.80
N ASN A 700 17.96 16.49 33.54
CA ASN A 700 19.40 16.19 33.76
C ASN A 700 19.74 15.47 35.06
N SER A 701 19.29 16.00 36.19
CA SER A 701 19.37 15.28 37.44
C SER A 701 18.10 15.43 38.28
N GLU A 702 17.12 16.19 37.80
CA GLU A 702 15.92 16.51 38.55
C GLU A 702 14.74 15.81 37.87
N CYS A 703 14.21 14.78 38.51
CA CYS A 703 13.03 14.09 38.01
C CYS A 703 11.80 14.70 38.67
N TYR A 704 10.89 15.22 37.85
CA TYR A 704 9.59 15.68 38.32
C TYR A 704 8.53 14.76 37.73
N CYS A 705 7.42 14.62 38.43
CA CYS A 705 6.35 13.76 37.95
C CYS A 705 5.23 14.62 37.38
N VAL A 706 5.00 14.48 36.06
CA VAL A 706 4.00 15.27 35.37
C VAL A 706 2.61 14.71 35.66
N ASP A 707 1.58 15.55 35.50
CA ASP A 707 0.22 15.06 35.65
C ASP A 707 -0.41 14.67 34.31
N ALA A 708 -0.52 15.62 33.39
CA ALA A 708 -1.10 15.42 32.07
C ALA A 708 -0.70 16.60 31.20
N GLU A 709 -0.72 16.38 29.88
CA GLU A 709 -0.36 17.32 28.81
C GLU A 709 0.92 18.12 29.03
N GLY A 710 1.89 17.55 29.76
CA GLY A 710 3.17 18.21 29.94
C GLY A 710 3.23 19.28 31.00
N GLN A 711 2.27 19.33 31.92
CA GLN A 711 2.28 20.34 32.98
C GLN A 711 2.83 19.72 34.26
N ALA A 712 3.97 20.23 34.71
CA ALA A 712 4.64 19.67 35.89
C ALA A 712 3.84 19.96 37.16
N ILE A 713 3.97 19.07 38.13
CA ILE A 713 3.31 19.19 39.43
C ILE A 713 4.29 19.83 40.39
N PRO A 714 3.95 20.97 41.01
CA PRO A 714 4.85 21.56 42.02
C PRO A 714 4.89 20.72 43.28
N GLY A 715 6.01 20.80 43.98
CA GLY A 715 6.22 20.03 45.19
C GLY A 715 6.73 18.63 44.99
N THR A 716 6.89 18.18 43.74
CA THR A 716 7.43 16.87 43.43
C THR A 716 8.78 16.91 42.74
N ARG A 717 9.38 18.09 42.58
CA ARG A 717 10.72 18.23 42.02
C ARG A 717 11.73 17.54 42.93
N SER A 718 12.39 16.51 42.42
CA SER A 718 13.29 15.72 43.25
C SER A 718 14.42 15.15 42.40
N ALA A 719 15.49 14.74 43.08
CA ALA A 719 16.67 14.21 42.41
C ALA A 719 16.41 12.81 41.86
N ILE A 720 17.21 12.43 40.87
CA ILE A 720 17.09 11.12 40.25
C ILE A 720 17.64 10.06 41.20
N GLY A 721 16.95 8.92 41.28
CA GLY A 721 17.32 7.84 42.16
C GLY A 721 16.48 7.74 43.41
N LYS A 722 15.75 8.79 43.75
CA LYS A 722 14.84 8.73 44.89
C LYS A 722 13.52 8.13 44.42
N PRO A 723 13.01 7.08 45.07
CA PRO A 723 11.75 6.48 44.65
C PRO A 723 10.58 7.42 44.89
N LYS A 724 9.66 7.46 43.92
CA LYS A 724 8.54 8.38 43.97
C LYS A 724 7.25 7.63 44.28
N LYS A 725 6.26 8.40 44.71
CA LYS A 725 4.92 7.88 44.99
C LYS A 725 3.91 8.83 44.36
N CYS A 726 4.18 9.23 43.11
CA CYS A 726 3.31 10.15 42.39
C CYS A 726 1.93 9.54 42.17
N PRO A 727 0.86 10.33 42.32
CA PRO A 727 -0.50 9.77 42.25
C PRO A 727 -0.88 9.24 40.88
N THR A 728 -1.81 8.30 40.90
CA THR A 728 -2.45 7.76 39.71
C THR A 728 -3.38 8.83 39.10
N PRO A 729 -3.74 8.69 37.81
CA PRO A 729 -4.69 9.65 37.21
C PRO A 729 -6.06 9.76 37.88
N CYS A 730 -6.50 8.75 38.65
CA CYS A 730 -7.71 8.90 39.46
C CYS A 730 -7.57 10.04 40.46
N GLN A 731 -6.47 10.09 41.20
CA GLN A 731 -6.27 11.14 42.18
C GLN A 731 -6.06 12.51 41.51
N LEU A 732 -5.49 12.51 40.31
CA LEU A 732 -5.38 13.72 39.51
C LEU A 732 -6.77 14.27 39.15
N GLN A 733 -7.65 13.40 38.65
CA GLN A 733 -9.01 13.82 38.34
C GLN A 733 -9.79 14.16 39.60
N SER A 734 -9.46 13.51 40.73
CA SER A 734 -10.10 13.83 42.00
C SER A 734 -9.75 15.25 42.45
N GLU A 735 -8.47 15.62 42.34
CA GLU A 735 -8.06 17.00 42.61
C GLU A 735 -8.73 17.98 41.66
N GLN A 736 -8.76 17.65 40.37
CA GLN A 736 -9.32 18.56 39.37
C GLN A 736 -10.81 18.79 39.60
N ALA A 737 -11.56 17.72 39.87
CA ALA A 737 -13.00 17.85 40.13
C ALA A 737 -13.25 18.50 41.49
N PHE A 738 -12.38 18.27 42.47
CA PHE A 738 -12.52 18.90 43.78
C PHE A 738 -12.37 20.42 43.66
N LEU A 739 -11.35 20.88 42.92
CA LEU A 739 -11.17 22.30 42.66
C LEU A 739 -12.33 22.87 41.85
N ARG A 740 -12.83 22.10 40.88
CA ARG A 740 -13.97 22.51 40.07
C ARG A 740 -15.20 22.73 40.94
N THR A 741 -15.47 21.80 41.85
CA THR A 741 -16.66 21.90 42.70
C THR A 741 -16.53 23.00 43.74
N VAL A 742 -15.32 23.23 44.31
CA VAL A 742 -15.24 24.30 45.30
C VAL A 742 -15.29 25.66 44.62
N GLN A 743 -14.78 25.77 43.38
CA GLN A 743 -14.94 27.01 42.63
C GLN A 743 -16.40 27.26 42.30
N ALA A 744 -17.12 26.21 41.88
CA ALA A 744 -18.53 26.36 41.54
C ALA A 744 -19.39 26.61 42.79
N LEU A 745 -18.91 26.18 43.96
CA LEU A 745 -19.60 26.47 45.22
C LEU A 745 -19.55 27.95 45.54
N LEU A 746 -18.56 28.67 45.03
CA LEU A 746 -18.39 30.11 45.19
C LEU A 746 -19.28 30.93 44.24
N SER A 747 -20.31 30.31 43.66
CA SER A 747 -21.25 31.00 42.79
C SER A 747 -22.03 32.08 43.56
N ASN A 748 -22.40 33.14 42.83
CA ASN A 748 -22.91 34.35 43.46
C ASN A 748 -24.27 34.14 44.10
N SER A 749 -25.23 33.58 43.36
CA SER A 749 -26.59 33.40 43.84
C SER A 749 -26.93 31.93 44.03
N SER A 750 -25.93 31.16 44.49
CA SER A 750 -26.04 29.73 44.83
C SER A 750 -26.52 28.88 43.64
N MET A 751 -25.83 29.03 42.51
CA MET A 751 -26.16 28.27 41.30
C MET A 751 -25.77 26.80 41.37
N LEU A 752 -25.08 26.35 42.42
CA LEU A 752 -24.76 24.94 42.58
C LEU A 752 -25.83 24.24 43.41
N PRO A 753 -26.58 23.29 42.86
CA PRO A 753 -27.30 22.35 43.71
C PRO A 753 -26.36 21.25 44.17
N THR A 754 -26.55 20.81 45.43
CA THR A 754 -25.57 19.97 46.10
C THR A 754 -25.46 18.59 45.46
N LEU A 755 -26.55 17.85 45.44
CA LEU A 755 -26.55 16.44 45.03
C LEU A 755 -26.68 16.27 43.52
N SER A 756 -26.88 17.36 42.78
CA SER A 756 -27.25 17.28 41.35
C SER A 756 -26.14 16.69 40.50
N ASP A 757 -25.00 17.40 40.38
CA ASP A 757 -23.98 17.00 39.41
C ASP A 757 -22.58 16.98 40.00
N THR A 758 -22.44 16.87 41.32
CA THR A 758 -21.12 16.71 41.95
C THR A 758 -20.64 15.29 41.73
N TYR A 759 -19.68 15.10 40.83
CA TYR A 759 -19.17 13.76 40.55
C TYR A 759 -18.15 13.34 41.60
N ILE A 760 -16.99 14.01 41.60
CA ILE A 760 -15.81 13.70 42.41
C ILE A 760 -15.40 12.24 42.21
N PRO A 761 -14.69 11.91 41.11
CA PRO A 761 -14.30 10.52 40.81
C PRO A 761 -13.54 9.83 41.93
N GLN A 762 -14.13 8.76 42.45
CA GLN A 762 -13.68 8.11 43.67
C GLN A 762 -13.06 6.76 43.34
N CYS A 763 -11.88 6.51 43.90
CA CYS A 763 -11.18 5.25 43.68
C CYS A 763 -10.66 4.66 44.99
N SER A 764 -10.86 3.35 45.13
CA SER A 764 -10.88 2.68 46.43
C SER A 764 -9.51 2.65 47.09
N THR A 765 -8.45 2.52 46.29
CA THR A 765 -7.11 2.36 46.83
C THR A 765 -6.17 3.20 45.98
N ASP A 766 -4.87 2.93 46.12
CA ASP A 766 -3.77 3.74 45.60
C ASP A 766 -3.86 4.05 44.10
N GLY A 767 -4.08 3.03 43.27
CA GLY A 767 -4.00 3.26 41.84
C GLY A 767 -5.21 2.85 41.02
N GLN A 768 -6.04 1.95 41.54
CA GLN A 768 -7.13 1.37 40.77
C GLN A 768 -8.41 2.14 41.01
N TRP A 769 -9.12 2.46 39.92
CA TRP A 769 -10.46 3.03 40.00
C TRP A 769 -11.42 2.08 40.71
N ARG A 770 -12.20 2.64 41.63
CA ARG A 770 -13.27 1.89 42.28
C ARG A 770 -14.29 1.46 41.24
N GLN A 771 -14.81 0.24 41.42
CA GLN A 771 -15.64 -0.39 40.40
C GLN A 771 -16.98 0.33 40.24
N VAL A 772 -17.48 0.97 41.30
CA VAL A 772 -18.73 1.70 41.28
C VAL A 772 -18.45 3.18 41.48
N GLN A 773 -18.92 4.01 40.56
CA GLN A 773 -18.77 5.46 40.62
C GLN A 773 -20.12 6.10 40.91
N CYS A 774 -20.18 6.91 41.95
CA CYS A 774 -21.43 7.54 42.36
C CYS A 774 -21.42 9.04 42.01
N ASN A 775 -22.58 9.67 42.19
CA ASN A 775 -22.83 11.04 41.75
C ASN A 775 -23.36 11.87 42.92
N GLY A 776 -22.62 11.86 44.03
CA GLY A 776 -22.97 12.65 45.18
C GLY A 776 -21.88 13.59 45.60
N PRO A 777 -22.20 14.51 46.52
CA PRO A 777 -21.18 15.40 47.08
C PRO A 777 -20.21 14.61 47.96
N PRO A 778 -18.99 15.11 48.15
CA PRO A 778 -18.04 14.42 49.04
C PRO A 778 -18.54 14.36 50.47
N GLU A 779 -18.16 13.27 51.15
CA GLU A 779 -18.58 13.03 52.53
C GLU A 779 -18.03 14.06 53.50
N GLN A 780 -16.93 14.74 53.14
CA GLN A 780 -16.43 15.86 53.93
C GLN A 780 -17.43 17.00 53.97
N VAL A 781 -18.13 17.26 52.86
CA VAL A 781 -19.17 18.29 52.83
C VAL A 781 -20.33 17.89 53.73
N PHE A 782 -20.68 16.60 53.76
CA PHE A 782 -21.72 16.12 54.67
C PHE A 782 -21.29 16.27 56.13
N GLU A 783 -20.03 16.00 56.44
CA GLU A 783 -19.54 16.18 57.81
C GLU A 783 -19.53 17.66 58.20
N LEU A 784 -19.19 18.54 57.26
CA LEU A 784 -19.24 19.97 57.52
C LEU A 784 -20.68 20.43 57.76
N TYR A 785 -21.63 19.89 57.00
CA TYR A 785 -23.04 20.19 57.24
C TYR A 785 -23.50 19.66 58.60
N GLN A 786 -23.01 18.48 59.00
CA GLN A 786 -23.34 17.94 60.32
C GLN A 786 -22.81 18.84 61.44
N ARG A 787 -21.59 19.34 61.29
CA ARG A 787 -21.03 20.24 62.29
C ARG A 787 -21.78 21.57 62.34
N TRP A 788 -22.16 22.09 61.16
CA TRP A 788 -22.92 23.34 61.08
C TRP A 788 -24.29 23.20 61.74
N GLU A 789 -24.97 22.08 61.48
CA GLU A 789 -26.25 21.81 62.14
C GLU A 789 -26.06 21.59 63.64
N ALA A 790 -24.94 20.97 64.03
CA ALA A 790 -24.66 20.74 65.44
C ALA A 790 -24.40 22.03 66.21
N GLN A 791 -23.89 23.06 65.52
CA GLN A 791 -23.72 24.37 66.14
C GLN A 791 -25.05 24.95 66.58
N ASN A 792 -26.05 24.97 65.68
CA ASN A 792 -27.36 25.51 66.01
C ASN A 792 -28.39 24.89 65.08
N LYS A 793 -29.56 24.59 65.62
CA LYS A 793 -30.63 23.98 64.82
C LYS A 793 -31.26 25.02 63.89
N GLY A 794 -32.13 24.53 63.02
CA GLY A 794 -32.75 25.36 62.01
C GLY A 794 -31.93 25.58 60.77
N GLN A 795 -30.75 24.97 60.68
CA GLN A 795 -29.87 25.15 59.54
C GLN A 795 -30.30 24.25 58.39
N ASP A 796 -30.37 24.81 57.19
CA ASP A 796 -30.76 24.07 56.00
C ASP A 796 -29.69 24.27 54.93
N LEU A 797 -29.98 23.79 53.71
CA LEU A 797 -29.00 23.86 52.64
C LEU A 797 -28.80 25.30 52.15
N THR A 798 -29.90 25.97 51.77
CA THR A 798 -29.80 27.36 51.30
C THR A 798 -29.29 28.38 52.31
N PRO A 799 -29.67 28.37 53.62
CA PRO A 799 -28.94 29.25 54.55
C PRO A 799 -27.48 28.90 54.71
N ALA A 800 -27.09 27.64 54.52
CA ALA A 800 -25.66 27.30 54.50
C ALA A 800 -24.96 27.90 53.30
N LYS A 801 -25.62 27.93 52.14
CA LYS A 801 -25.06 28.61 50.97
C LYS A 801 -24.92 30.11 51.19
N LEU A 802 -25.91 30.73 51.85
CA LEU A 802 -25.77 32.13 52.20
C LEU A 802 -24.65 32.36 53.20
N LEU A 803 -24.56 31.51 54.23
CA LEU A 803 -23.56 31.68 55.27
C LEU A 803 -22.15 31.44 54.77
N VAL A 804 -21.98 30.60 53.75
CA VAL A 804 -20.65 30.52 53.13
C VAL A 804 -20.45 31.67 52.15
N LYS A 805 -21.52 32.23 51.57
CA LYS A 805 -21.37 33.43 50.75
C LYS A 805 -21.01 34.64 51.60
N ILE A 806 -21.65 34.77 52.77
CA ILE A 806 -21.28 35.76 53.79
C ILE A 806 -20.01 35.22 54.47
N MET A 807 -19.32 36.06 55.24
CA MET A 807 -18.09 35.75 56.00
C MET A 807 -16.93 35.41 55.09
N SER A 808 -17.01 35.77 53.81
CA SER A 808 -15.97 35.58 52.81
C SER A 808 -15.62 36.91 52.15
N TYR A 809 -15.43 37.95 52.96
CA TYR A 809 -15.14 39.29 52.45
C TYR A 809 -13.70 39.73 52.68
N ARG A 810 -13.07 39.31 53.77
CA ARG A 810 -11.66 39.61 54.00
C ARG A 810 -10.93 38.29 54.20
N GLU A 811 -9.80 38.14 53.53
CA GLU A 811 -9.06 36.88 53.57
C GLU A 811 -7.72 37.07 54.29
N LEU A 842 -5.97 35.97 59.10
CA LEU A 842 -6.93 36.02 58.00
C LEU A 842 -8.04 37.03 58.27
N GLN A 843 -7.97 37.67 59.44
CA GLN A 843 -8.99 38.60 59.93
C GLN A 843 -10.38 37.95 59.95
N ASP A 844 -10.45 36.76 60.53
CA ASP A 844 -11.66 35.94 60.46
C ASP A 844 -12.70 36.43 61.48
N VAL A 845 -13.74 35.61 61.69
CA VAL A 845 -14.95 36.04 62.36
C VAL A 845 -15.23 35.14 63.58
N PRO A 846 -15.71 35.70 64.69
CA PRO A 846 -16.21 34.87 65.80
C PRO A 846 -17.59 34.26 65.55
N LEU A 847 -18.17 33.70 66.62
CA LEU A 847 -19.53 33.17 66.72
C LEU A 847 -19.71 31.84 66.00
N ALA A 848 -18.62 31.13 65.71
CA ALA A 848 -18.70 29.80 65.11
C ALA A 848 -17.42 29.05 65.47
N ALA A 849 -17.53 28.01 66.28
CA ALA A 849 -16.40 27.21 66.71
C ALA A 849 -16.47 25.85 66.02
N LEU A 850 -15.42 25.51 65.29
CA LEU A 850 -15.38 24.25 64.55
C LEU A 850 -14.13 23.42 64.84
N GLU A 851 -12.98 24.05 65.06
CA GLU A 851 -11.75 23.30 65.32
C GLU A 851 -11.04 23.85 66.55
N GLY A 852 -11.20 25.14 66.82
CA GLY A 852 -10.62 25.72 68.01
C GLY A 852 -11.41 25.39 69.26
N LYS A 853 -10.80 24.62 70.16
CA LYS A 853 -11.39 24.32 71.46
C LYS A 853 -10.88 25.24 72.55
N ARG A 854 -10.32 26.40 72.16
CA ARG A 854 -9.91 27.45 73.09
C ARG A 854 -10.58 28.76 72.64
N PRO A 855 -11.78 29.04 73.19
CA PRO A 855 -12.51 30.25 72.76
C PRO A 855 -11.86 31.55 73.21
N GLN A 856 -11.25 32.23 72.24
CA GLN A 856 -10.51 33.46 72.44
C GLN A 856 -10.45 34.22 71.12
N PRO A 857 -10.82 35.50 71.11
CA PRO A 857 -10.75 36.28 69.85
C PRO A 857 -9.34 36.55 69.36
N ARG A 858 -8.33 36.44 70.22
CA ARG A 858 -6.94 36.71 69.82
C ARG A 858 -6.17 35.39 69.84
N GLU A 859 -6.22 34.67 68.71
CA GLU A 859 -5.51 33.40 68.54
C GLU A 859 -4.89 33.39 67.15
N ASN A 860 -3.57 33.46 67.07
CA ASN A 860 -2.87 33.50 65.79
C ASN A 860 -1.85 32.36 65.76
N ILE A 861 -2.14 31.34 64.96
CA ILE A 861 -1.27 30.17 64.77
C ILE A 861 -1.17 29.92 63.27
N LEU A 862 0.02 29.51 62.81
CA LEU A 862 0.26 29.17 61.41
C LEU A 862 -0.62 28.01 60.96
N LEU A 863 -1.06 28.05 59.71
CA LEU A 863 -1.87 27.00 59.13
C LEU A 863 -0.98 25.94 58.51
N GLU A 864 -1.33 24.67 58.77
CA GLU A 864 -0.51 23.56 58.30
C GLU A 864 -1.39 22.32 58.12
N PRO A 865 -1.31 21.66 56.96
CA PRO A 865 -2.18 20.50 56.71
C PRO A 865 -1.63 19.23 57.34
N TYR A 866 -2.54 18.41 57.84
CA TYR A 866 -2.20 17.18 58.56
C TYR A 866 -2.62 15.98 57.72
N LEU A 867 -1.81 14.92 57.76
CA LEU A 867 -2.07 13.72 56.98
C LEU A 867 -3.33 13.01 57.48
N PHE A 868 -4.20 12.64 56.53
CA PHE A 868 -5.42 11.85 56.74
C PHE A 868 -6.37 12.54 57.72
N TRP A 869 -6.90 13.68 57.26
CA TRP A 869 -7.95 14.38 57.99
C TRP A 869 -8.72 15.27 57.03
N GLN A 870 -10.01 15.44 57.31
CA GLN A 870 -10.84 16.42 56.63
C GLN A 870 -10.31 17.83 56.87
N ILE A 871 -10.31 18.64 55.81
CA ILE A 871 -9.77 20.00 55.88
C ILE A 871 -10.83 20.91 56.50
N LEU A 872 -10.49 21.53 57.63
CA LEU A 872 -11.40 22.40 58.35
C LEU A 872 -10.90 23.83 58.51
N ASN A 873 -9.69 24.03 59.04
CA ASN A 873 -9.29 25.32 59.60
C ASN A 873 -8.46 26.17 58.65
N GLY A 874 -7.36 25.61 58.12
CA GLY A 874 -6.39 26.40 57.38
C GLY A 874 -6.88 26.91 56.04
N GLN A 875 -7.87 26.25 55.45
CA GLN A 875 -8.42 26.71 54.18
C GLN A 875 -9.27 27.97 54.37
N LEU A 876 -9.45 28.68 53.27
CA LEU A 876 -10.47 29.72 53.17
C LEU A 876 -11.43 29.50 52.01
N SER A 877 -11.06 28.68 51.02
CA SER A 877 -11.86 28.16 49.92
C SER A 877 -12.26 29.20 48.89
N GLN A 878 -11.90 30.47 49.07
CA GLN A 878 -12.19 31.52 48.11
C GLN A 878 -11.08 31.67 47.08
N TYR A 879 -9.96 30.99 47.28
CA TYR A 879 -8.75 31.15 46.49
C TYR A 879 -8.35 29.82 45.85
N PRO A 880 -7.76 29.85 44.65
CA PRO A 880 -7.35 28.60 44.00
C PRO A 880 -6.13 27.96 44.65
N GLY A 881 -5.73 26.80 44.16
CA GLY A 881 -4.59 26.09 44.73
C GLY A 881 -4.56 24.63 44.33
N SER A 882 -4.40 23.75 45.32
CA SER A 882 -4.37 22.31 45.08
C SER A 882 -4.71 21.59 46.37
N TYR A 883 -5.45 20.48 46.26
CA TYR A 883 -5.75 19.66 47.42
C TYR A 883 -4.48 18.96 47.90
N SER A 884 -4.47 18.58 49.18
CA SER A 884 -3.27 18.03 49.80
C SER A 884 -3.57 16.67 50.41
N ASP A 885 -2.54 15.82 50.43
CA ASP A 885 -2.39 14.53 51.09
C ASP A 885 -3.18 13.39 50.41
N PHE A 886 -4.04 13.69 49.43
CA PHE A 886 -4.74 12.72 48.58
C PHE A 886 -5.58 11.72 49.39
N SER A 887 -6.26 12.23 50.42
CA SER A 887 -7.08 11.40 51.29
C SER A 887 -8.53 11.33 50.80
N THR A 888 -8.69 11.03 49.51
CA THR A 888 -10.00 10.75 48.93
C THR A 888 -10.62 9.37 49.18
N PRO A 889 -9.85 8.20 49.30
CA PRO A 889 -10.65 6.94 49.35
C PRO A 889 -11.34 6.62 50.67
N LEU A 890 -12.53 7.20 50.85
CA LEU A 890 -13.35 6.97 52.04
C LEU A 890 -14.70 6.38 51.63
N ALA A 891 -15.48 6.01 52.64
CA ALA A 891 -16.81 5.46 52.41
C ALA A 891 -17.80 6.57 52.03
N HIS A 892 -19.04 6.18 51.75
CA HIS A 892 -20.03 7.11 51.23
C HIS A 892 -21.40 6.80 51.81
N PHE A 893 -22.38 7.61 51.39
CA PHE A 893 -23.77 7.46 51.74
C PHE A 893 -24.43 6.48 50.78
N ASP A 894 -25.76 6.45 50.78
CA ASP A 894 -26.52 5.63 49.84
C ASP A 894 -27.23 6.42 48.75
N LEU A 895 -27.76 7.60 49.08
CA LEU A 895 -28.66 8.33 48.19
C LEU A 895 -27.87 9.09 47.11
N ARG A 896 -27.26 8.31 46.22
CA ARG A 896 -26.52 8.83 45.08
C ARG A 896 -26.81 8.00 43.85
N ASN A 897 -26.57 8.61 42.68
CA ASN A 897 -26.65 7.91 41.39
C ASN A 897 -25.34 7.20 41.15
N CYS A 898 -25.34 5.87 41.26
CA CYS A 898 -24.12 5.08 41.14
C CYS A 898 -24.20 4.20 39.89
N TRP A 899 -23.03 3.96 39.28
CA TRP A 899 -22.97 3.21 38.03
C TRP A 899 -21.65 2.45 37.97
N CYS A 900 -21.49 1.67 36.91
CA CYS A 900 -20.29 0.88 36.66
C CYS A 900 -19.33 1.65 35.75
N VAL A 901 -18.05 1.35 35.88
CA VAL A 901 -16.99 2.09 35.18
C VAL A 901 -16.00 1.08 34.61
N ASP A 902 -15.29 1.48 33.55
CA ASP A 902 -14.17 0.73 33.02
C ASP A 902 -12.95 0.97 33.93
N GLU A 903 -11.86 0.26 33.66
CA GLU A 903 -10.61 0.46 34.39
C GLU A 903 -10.05 1.86 34.17
N ALA A 904 -10.12 2.36 32.94
CA ALA A 904 -9.56 3.67 32.63
C ALA A 904 -10.61 4.79 32.74
N GLY A 905 -11.34 4.80 33.85
CA GLY A 905 -12.27 5.86 34.21
C GLY A 905 -13.39 6.16 33.24
N GLN A 906 -13.86 5.15 32.51
CA GLN A 906 -14.87 5.33 31.47
C GLN A 906 -16.15 4.63 31.92
N GLU A 907 -17.25 5.37 31.94
CA GLU A 907 -18.55 4.80 32.28
C GLU A 907 -18.99 3.80 31.22
N LEU A 908 -19.36 2.60 31.65
CA LEU A 908 -19.82 1.56 30.74
C LEU A 908 -21.20 1.89 30.21
N GLU A 909 -21.58 1.19 29.13
CA GLU A 909 -22.89 1.38 28.53
C GLU A 909 -23.97 0.83 29.47
N GLY A 910 -25.03 1.60 29.66
CA GLY A 910 -26.07 1.27 30.60
C GLY A 910 -26.53 2.50 31.36
N MET A 911 -27.85 2.59 31.59
CA MET A 911 -28.41 3.72 32.31
C MET A 911 -27.96 3.73 33.76
N ARG A 912 -27.79 4.93 34.30
CA ARG A 912 -27.38 5.09 35.69
C ARG A 912 -28.45 4.56 36.64
N SER A 913 -28.01 3.83 37.66
CA SER A 913 -28.93 3.23 38.62
C SER A 913 -29.62 4.32 39.45
N GLU A 914 -30.78 3.96 39.97
CA GLU A 914 -31.63 4.86 40.74
C GLU A 914 -30.92 5.25 42.05
N PRO A 915 -31.20 6.49 42.58
CA PRO A 915 -30.59 6.97 43.84
C PRO A 915 -30.50 6.01 45.02
N SER A 916 -31.46 5.11 45.19
CA SER A 916 -31.32 4.00 46.15
C SER A 916 -31.61 2.71 45.41
N LYS A 917 -30.63 2.25 44.63
CA LYS A 917 -30.71 1.01 43.87
C LYS A 917 -29.30 0.53 43.59
N LEU A 918 -29.05 -0.74 43.87
CA LEU A 918 -27.72 -1.33 43.74
C LEU A 918 -27.40 -1.64 42.30
N PRO A 919 -26.30 -1.15 41.74
CA PRO A 919 -25.90 -1.53 40.39
C PRO A 919 -25.23 -2.90 40.38
N THR A 920 -25.04 -3.43 39.17
CA THR A 920 -24.30 -4.66 38.96
C THR A 920 -23.29 -4.46 37.82
N CYS A 921 -22.04 -4.83 38.08
CA CYS A 921 -20.97 -4.72 37.11
C CYS A 921 -20.57 -6.09 36.61
N PRO A 922 -20.42 -6.27 35.30
CA PRO A 922 -20.07 -7.59 34.77
C PRO A 922 -18.64 -7.99 35.10
N GLY A 923 -18.41 -9.30 35.11
CA GLY A 923 -17.09 -9.83 35.32
C GLY A 923 -16.21 -9.67 34.10
N SER A 924 -14.98 -10.19 34.22
CA SER A 924 -14.03 -10.15 33.11
C SER A 924 -14.50 -10.99 31.93
N CYS A 925 -15.03 -12.18 32.21
CA CYS A 925 -15.58 -13.03 31.16
C CYS A 925 -16.92 -12.49 30.65
N GLU A 926 -17.74 -11.96 31.56
CA GLU A 926 -19.10 -11.55 31.22
C GLU A 926 -19.09 -10.34 30.29
N GLU A 927 -18.12 -9.43 30.46
CA GLU A 927 -17.98 -8.30 29.56
C GLU A 927 -17.64 -8.75 28.15
N ALA A 928 -16.74 -9.72 28.01
CA ALA A 928 -16.39 -10.26 26.70
C ALA A 928 -17.56 -10.99 26.06
N LYS A 929 -18.36 -11.69 26.88
CA LYS A 929 -19.58 -12.32 26.37
C LYS A 929 -20.58 -11.27 25.88
N LEU A 930 -20.65 -10.14 26.58
CA LEU A 930 -21.51 -9.04 26.12
C LEU A 930 -21.00 -8.45 24.81
N ARG A 931 -19.68 -8.37 24.63
CA ARG A 931 -19.13 -7.92 23.34
C ARG A 931 -19.47 -8.90 22.21
N VAL A 932 -19.40 -10.20 22.46
CA VAL A 932 -19.74 -11.19 21.45
C VAL A 932 -21.23 -11.13 21.11
N LEU A 933 -22.09 -10.94 22.12
CA LEU A 933 -23.52 -10.78 21.88
C LEU A 933 -23.82 -9.49 21.13
N GLN A 934 -23.03 -8.43 21.38
CA GLN A 934 -23.14 -7.19 20.60
C GLN A 934 -22.82 -7.44 19.13
N PHE A 935 -21.77 -8.22 18.87
CA PHE A 935 -21.42 -8.59 17.49
C PHE A 935 -22.52 -9.39 16.83
N ILE A 936 -23.13 -10.33 17.56
CA ILE A 936 -24.22 -11.15 17.02
C ILE A 936 -25.44 -10.28 16.72
N ARG A 937 -25.76 -9.34 17.61
CA ARG A 937 -26.89 -8.44 17.37
C ARG A 937 -26.67 -7.54 16.17
N GLU A 938 -25.44 -7.03 15.98
CA GLU A 938 -25.17 -6.19 14.82
C GLU A 938 -25.20 -6.98 13.52
N THR A 939 -24.61 -8.19 13.52
CA THR A 939 -24.66 -9.00 12.30
C THR A 939 -26.03 -9.61 12.04
N GLU A 940 -26.95 -9.56 13.02
CA GLU A 940 -28.34 -9.88 12.75
C GLU A 940 -29.10 -8.66 12.21
N GLU A 941 -28.80 -7.47 12.72
CA GLU A 941 -29.51 -6.27 12.27
C GLU A 941 -29.11 -5.89 10.84
N ILE A 942 -27.88 -6.24 10.43
CA ILE A 942 -27.49 -6.03 9.02
C ILE A 942 -28.32 -6.93 8.11
N VAL A 943 -28.55 -8.18 8.52
CA VAL A 943 -29.42 -9.10 7.79
C VAL A 943 -30.86 -8.59 7.74
N SER A 944 -31.36 -8.08 8.86
CA SER A 944 -32.73 -7.56 8.90
C SER A 944 -32.88 -6.33 8.01
N ALA A 945 -31.83 -5.51 7.92
CA ALA A 945 -31.81 -4.41 6.96
C ALA A 945 -31.78 -4.94 5.52
N SER A 946 -31.10 -6.07 5.30
CA SER A 946 -31.00 -6.63 3.96
C SER A 946 -32.34 -7.19 3.46
N ASN A 947 -33.22 -7.61 4.37
CA ASN A 947 -34.56 -8.05 3.97
C ASN A 947 -35.37 -6.86 3.46
N SER A 948 -35.33 -5.73 4.16
CA SER A 948 -36.25 -4.62 3.90
C SER A 948 -35.90 -3.81 2.66
N SER A 949 -34.74 -4.08 2.04
CA SER A 949 -34.27 -3.39 0.83
C SER A 949 -34.19 -1.88 1.04
N ARG A 950 -33.69 -1.49 2.21
CA ARG A 950 -33.65 -0.10 2.62
C ARG A 950 -32.38 0.61 2.21
N PHE A 951 -31.39 -0.11 1.69
CA PHE A 951 -30.08 0.45 1.42
C PHE A 951 -29.59 -0.09 0.09
N PRO A 952 -28.83 0.70 -0.67
CA PRO A 952 -28.30 0.22 -1.95
C PRO A 952 -27.20 -0.81 -1.77
N LEU A 953 -26.99 -1.60 -2.82
CA LEU A 953 -26.04 -2.71 -2.75
C LEU A 953 -24.60 -2.22 -2.77
N GLY A 954 -24.33 -1.15 -3.53
CA GLY A 954 -23.00 -0.62 -3.66
C GLY A 954 -22.54 0.33 -2.58
N GLU A 955 -23.36 0.56 -1.56
CA GLU A 955 -23.02 1.51 -0.49
C GLU A 955 -21.82 1.03 0.31
N SER A 956 -21.80 -0.25 0.68
CA SER A 956 -20.68 -0.80 1.45
C SER A 956 -19.39 -0.84 0.64
N PHE A 957 -19.49 -0.95 -0.68
CA PHE A 957 -18.31 -0.85 -1.53
C PHE A 957 -17.72 0.55 -1.46
N LEU A 958 -18.57 1.57 -1.46
CA LEU A 958 -18.10 2.95 -1.32
C LEU A 958 -17.49 3.18 0.06
N VAL A 959 -18.09 2.57 1.09
CA VAL A 959 -17.56 2.68 2.45
C VAL A 959 -16.18 2.02 2.55
N ALA A 960 -16.02 0.84 1.93
CA ALA A 960 -14.74 0.15 1.92
C ALA A 960 -13.68 0.93 1.15
N LYS A 961 -14.06 1.53 0.02
CA LYS A 961 -13.11 2.32 -0.76
C LYS A 961 -12.75 3.65 -0.11
N GLY A 962 -13.48 4.08 0.91
CA GLY A 962 -13.20 5.34 1.57
C GLY A 962 -14.08 6.49 1.15
N ILE A 963 -14.94 6.29 0.16
CA ILE A 963 -15.86 7.34 -0.30
C ILE A 963 -17.05 7.37 0.64
N ARG A 964 -17.29 8.53 1.27
CA ARG A 964 -18.40 8.68 2.20
C ARG A 964 -19.25 9.85 1.74
N LEU A 965 -20.50 9.55 1.35
CA LEU A 965 -21.45 10.56 0.92
C LEU A 965 -22.47 10.79 2.03
N ARG A 966 -22.65 12.05 2.42
CA ARG A 966 -23.62 12.37 3.44
C ARG A 966 -25.02 12.41 2.85
N ASN A 967 -26.01 12.63 3.73
CA ASN A 967 -27.41 12.66 3.30
C ASN A 967 -27.72 13.86 2.42
N GLU A 968 -26.95 14.95 2.56
CA GLU A 968 -27.18 16.14 1.74
C GLU A 968 -26.81 15.88 0.28
N ASP A 969 -25.75 15.10 0.04
CA ASP A 969 -25.31 14.80 -1.33
C ASP A 969 -26.26 13.90 -2.09
N LEU A 970 -27.16 13.20 -1.41
CA LEU A 970 -28.08 12.27 -2.05
C LEU A 970 -29.52 12.78 -2.10
N GLY A 971 -29.74 14.06 -1.78
CA GLY A 971 -31.07 14.63 -1.79
C GLY A 971 -32.00 14.04 -0.75
N LEU A 972 -31.54 14.02 0.50
CA LEU A 972 -32.22 13.36 1.59
C LEU A 972 -32.33 14.29 2.78
N PRO A 973 -33.30 14.07 3.67
CA PRO A 973 -33.31 14.75 4.97
C PRO A 973 -32.11 14.33 5.80
N PRO A 974 -31.65 15.18 6.75
CA PRO A 974 -30.35 14.93 7.41
C PRO A 974 -30.24 13.63 8.19
N LEU A 975 -31.30 13.17 8.84
CA LEU A 975 -31.22 11.89 9.54
C LEU A 975 -32.49 11.06 9.37
N PHE A 976 -33.17 11.18 8.23
CA PHE A 976 -34.33 10.32 8.00
C PHE A 976 -33.92 8.87 7.72
N PRO A 977 -33.01 8.56 6.78
CA PRO A 977 -32.46 7.19 6.77
C PRO A 977 -31.21 7.08 7.62
N PRO A 978 -31.20 6.21 8.63
CA PRO A 978 -29.99 6.03 9.45
C PRO A 978 -28.88 5.25 8.75
N ARG A 979 -28.41 5.76 7.61
CA ARG A 979 -27.31 5.13 6.87
C ARG A 979 -25.95 5.49 7.44
N GLU A 980 -25.87 6.53 8.25
CA GLU A 980 -24.58 6.96 8.80
C GLU A 980 -24.05 5.95 9.82
N ALA A 981 -24.93 5.47 10.70
CA ALA A 981 -24.52 4.45 11.67
C ALA A 981 -24.20 3.13 10.98
N PHE A 982 -24.98 2.80 9.94
CA PHE A 982 -24.73 1.57 9.16
C PHE A 982 -23.38 1.65 8.45
N ALA A 983 -23.04 2.81 7.92
CA ALA A 983 -21.73 3.00 7.29
C ALA A 983 -20.61 2.98 8.33
N GLU A 984 -20.85 3.54 9.51
CA GLU A 984 -19.84 3.59 10.56
C GLU A 984 -19.61 2.21 11.18
N GLN A 985 -20.61 1.31 11.07
CA GLN A 985 -20.45 -0.08 11.48
C GLN A 985 -19.28 -0.77 10.79
N PHE A 986 -19.09 -0.49 9.51
CA PHE A 986 -17.95 -1.01 8.76
C PHE A 986 -16.68 -0.19 8.96
N LEU A 987 -16.69 0.80 9.86
CA LEU A 987 -15.52 1.66 10.05
C LEU A 987 -15.07 1.73 11.50
N ARG A 988 -15.53 0.84 12.37
CA ARG A 988 -14.96 0.68 13.70
C ARG A 988 -13.80 -0.31 13.73
N GLY A 989 -13.19 -0.56 12.59
CA GLY A 989 -12.05 -1.44 12.47
C GLY A 989 -12.03 -2.07 11.09
N SER A 990 -10.88 -2.63 10.74
CA SER A 990 -10.80 -3.39 9.50
C SER A 990 -11.31 -4.81 9.71
N ASP A 991 -10.69 -5.53 10.66
CA ASP A 991 -10.92 -6.96 10.80
C ASP A 991 -12.31 -7.25 11.31
N TYR A 992 -12.78 -6.41 12.23
CA TYR A 992 -14.14 -6.47 12.76
C TYR A 992 -15.17 -6.25 11.65
N ALA A 993 -14.85 -5.36 10.71
CA ALA A 993 -15.73 -5.13 9.55
C ALA A 993 -15.78 -6.34 8.62
N ILE A 994 -14.62 -6.96 8.34
CA ILE A 994 -14.63 -8.15 7.47
C ILE A 994 -15.39 -9.30 8.11
N ARG A 995 -15.23 -9.49 9.43
CA ARG A 995 -15.97 -10.54 10.11
C ARG A 995 -17.47 -10.24 10.15
N LEU A 996 -17.83 -8.96 10.32
CA LEU A 996 -19.23 -8.55 10.26
C LEU A 996 -19.84 -8.84 8.88
N ALA A 997 -19.09 -8.54 7.82
CA ALA A 997 -19.58 -8.79 6.46
C ALA A 997 -19.74 -10.28 6.20
N ALA A 998 -18.77 -11.09 6.64
CA ALA A 998 -18.83 -12.53 6.42
C ALA A 998 -20.00 -13.18 7.17
N GLN A 999 -20.16 -12.82 8.45
CA GLN A 999 -21.27 -13.35 9.24
C GLN A 999 -22.61 -12.86 8.71
N SER A 1000 -22.68 -11.62 8.23
CA SER A 1000 -23.92 -11.11 7.66
C SER A 1000 -24.30 -11.83 6.37
N THR A 1001 -23.33 -12.07 5.48
CA THR A 1001 -23.60 -12.81 4.26
C THR A 1001 -24.07 -14.23 4.54
N LEU A 1002 -23.38 -14.91 5.47
CA LEU A 1002 -23.80 -16.25 5.88
C LEU A 1002 -25.20 -16.26 6.47
N SER A 1003 -25.47 -15.35 7.41
CA SER A 1003 -26.76 -15.34 8.10
C SER A 1003 -27.91 -15.02 7.15
N PHE A 1004 -27.69 -14.08 6.22
CA PHE A 1004 -28.74 -13.74 5.25
C PHE A 1004 -29.01 -14.91 4.31
N TYR A 1005 -27.96 -15.49 3.71
CA TYR A 1005 -28.16 -16.56 2.73
C TYR A 1005 -28.74 -17.82 3.36
N GLN A 1006 -28.29 -18.16 4.56
CA GLN A 1006 -28.84 -19.35 5.22
C GLN A 1006 -30.25 -19.11 5.74
N ARG A 1007 -30.52 -17.93 6.33
CA ARG A 1007 -31.87 -17.64 6.82
C ARG A 1007 -32.89 -17.56 5.69
N ARG A 1008 -32.46 -17.13 4.50
CA ARG A 1008 -33.42 -17.07 3.40
C ARG A 1008 -33.38 -18.31 2.51
N ARG A 1009 -32.44 -19.23 2.76
CA ARG A 1009 -32.36 -20.49 2.02
C ARG A 1009 -32.02 -21.66 2.95
N PHE A 1010 -32.75 -21.79 4.06
CA PHE A 1010 -32.55 -22.90 5.00
C PHE A 1010 -33.33 -24.15 4.58
N SER A 1011 -33.25 -24.50 3.29
CA SER A 1011 -34.20 -25.37 2.61
C SER A 1011 -35.62 -24.96 2.99
N PRO A 1012 -36.14 -23.86 2.42
CA PRO A 1012 -37.42 -23.30 2.87
C PRO A 1012 -38.64 -24.10 2.45
N ASP A 1013 -39.81 -23.47 2.54
CA ASP A 1013 -41.12 -24.01 2.14
C ASP A 1013 -41.14 -24.66 0.76
N ASP A 1014 -40.33 -24.14 -0.18
CA ASP A 1014 -40.16 -24.76 -1.49
C ASP A 1014 -39.28 -26.01 -1.46
N SER A 1015 -38.74 -26.41 -0.30
CA SER A 1015 -37.90 -27.59 -0.18
C SER A 1015 -38.23 -28.28 1.13
N ALA A 1016 -37.30 -29.12 1.61
CA ALA A 1016 -37.60 -29.99 2.75
C ALA A 1016 -37.42 -29.27 4.09
N GLY A 1017 -36.19 -28.90 4.42
CA GLY A 1017 -35.92 -28.29 5.72
C GLY A 1017 -34.83 -29.00 6.51
N ALA A 1018 -35.10 -29.19 7.81
CA ALA A 1018 -34.33 -29.95 8.81
C ALA A 1018 -32.98 -29.34 9.17
N SER A 1019 -32.56 -28.25 8.53
CA SER A 1019 -31.30 -27.53 8.79
C SER A 1019 -30.08 -28.45 8.66
N ALA A 1020 -29.84 -28.88 7.42
CA ALA A 1020 -28.75 -29.82 7.14
C ALA A 1020 -27.39 -29.18 7.37
N LEU A 1021 -27.25 -27.90 7.07
CA LEU A 1021 -25.97 -27.20 7.31
C LEU A 1021 -25.70 -27.06 8.79
N LEU A 1022 -26.71 -26.63 9.57
CA LEU A 1022 -26.69 -26.48 11.03
C LEU A 1022 -25.45 -25.74 11.54
N ARG A 1023 -25.19 -24.57 10.93
CA ARG A 1023 -23.96 -23.83 11.15
C ARG A 1023 -23.85 -23.31 12.58
N SER A 1024 -22.68 -23.51 13.17
CA SER A 1024 -22.40 -23.03 14.52
C SER A 1024 -21.92 -21.59 14.46
N GLY A 1025 -22.28 -20.82 15.49
CA GLY A 1025 -21.91 -19.42 15.56
C GLY A 1025 -20.45 -19.23 15.93
N PRO A 1026 -20.08 -17.97 16.16
CA PRO A 1026 -18.70 -17.68 16.56
C PRO A 1026 -18.40 -18.12 17.99
N TYR A 1027 -17.16 -17.92 18.42
CA TYR A 1027 -16.76 -18.30 19.76
C TYR A 1027 -17.35 -17.31 20.75
N MET A 1028 -18.28 -17.78 21.58
CA MET A 1028 -18.72 -17.02 22.73
C MET A 1028 -18.11 -17.64 23.98
N PRO A 1029 -17.45 -16.85 24.83
CA PRO A 1029 -16.75 -17.44 25.98
C PRO A 1029 -17.71 -17.98 27.03
N GLN A 1030 -17.27 -19.03 27.72
CA GLN A 1030 -18.05 -19.65 28.77
C GLN A 1030 -17.51 -19.18 30.12
N CYS A 1031 -18.39 -18.60 30.93
CA CYS A 1031 -18.02 -18.01 32.21
C CYS A 1031 -18.32 -18.99 33.34
N ASP A 1032 -17.88 -18.61 34.54
CA ASP A 1032 -18.17 -19.36 35.75
C ASP A 1032 -19.56 -18.95 36.25
N ALA A 1033 -19.92 -19.39 37.47
CA ALA A 1033 -21.20 -19.02 38.05
C ALA A 1033 -21.26 -17.54 38.38
N PHE A 1034 -20.17 -16.98 38.89
CA PHE A 1034 -20.14 -15.58 39.29
C PHE A 1034 -19.82 -14.65 38.13
N GLY A 1035 -18.91 -15.05 37.25
CA GLY A 1035 -18.51 -14.19 36.15
C GLY A 1035 -17.04 -14.30 35.82
N SER A 1036 -16.29 -15.05 36.62
CA SER A 1036 -14.88 -15.28 36.34
C SER A 1036 -14.73 -16.22 35.15
N TRP A 1037 -13.53 -16.22 34.58
CA TRP A 1037 -13.21 -17.08 33.45
C TRP A 1037 -13.17 -18.54 33.87
N GLU A 1038 -13.79 -19.40 33.07
CA GLU A 1038 -13.63 -20.84 33.25
C GLU A 1038 -12.22 -21.23 32.83
N PRO A 1039 -11.54 -22.11 33.58
CA PRO A 1039 -10.13 -22.42 33.27
C PRO A 1039 -9.93 -23.12 31.93
N VAL A 1040 -10.95 -23.75 31.36
CA VAL A 1040 -10.85 -24.35 30.04
C VAL A 1040 -11.99 -23.81 29.16
N GLN A 1041 -11.63 -23.29 27.99
CA GLN A 1041 -12.59 -22.82 27.01
C GLN A 1041 -12.59 -23.78 25.83
N CYS A 1042 -13.78 -24.09 25.31
CA CYS A 1042 -13.90 -25.05 24.22
C CYS A 1042 -14.73 -24.43 23.10
N HIS A 1043 -14.24 -24.55 21.87
CA HIS A 1043 -14.88 -23.97 20.69
C HIS A 1043 -15.46 -25.17 19.94
N ALA A 1044 -16.78 -25.18 19.76
CA ALA A 1044 -17.44 -26.35 19.19
C ALA A 1044 -17.27 -26.48 17.69
N GLY A 1045 -17.03 -25.37 17.00
CA GLY A 1045 -16.93 -25.36 15.55
C GLY A 1045 -15.74 -26.15 15.02
N THR A 1046 -14.54 -25.75 15.43
CA THR A 1046 -13.35 -26.47 15.02
C THR A 1046 -13.12 -27.70 15.89
N GLY A 1047 -13.04 -27.51 17.21
CA GLY A 1047 -12.79 -28.60 18.12
C GLY A 1047 -11.69 -28.30 19.11
N HIS A 1048 -11.20 -27.06 19.10
CA HIS A 1048 -10.16 -26.65 20.03
C HIS A 1048 -10.68 -26.60 21.46
N CYS A 1049 -9.78 -26.88 22.40
CA CYS A 1049 -10.05 -26.69 23.83
C CYS A 1049 -8.74 -26.23 24.47
N TRP A 1050 -8.56 -24.91 24.55
CA TRP A 1050 -7.38 -24.34 25.14
C TRP A 1050 -7.67 -23.96 26.59
N CYS A 1051 -6.67 -23.42 27.26
CA CYS A 1051 -6.77 -23.06 28.68
C CYS A 1051 -6.30 -21.63 28.88
N VAL A 1052 -7.07 -20.86 29.61
CA VAL A 1052 -6.87 -19.42 29.71
C VAL A 1052 -6.27 -19.08 31.05
N ASP A 1053 -5.81 -17.82 31.19
CA ASP A 1053 -5.29 -17.30 32.44
C ASP A 1053 -6.44 -16.83 33.32
N GLU A 1054 -6.11 -15.99 34.30
CA GLU A 1054 -7.11 -15.45 35.22
C GLU A 1054 -8.11 -14.55 34.47
N LYS A 1055 -7.61 -13.58 33.72
CA LYS A 1055 -8.48 -12.59 33.09
C LYS A 1055 -8.43 -12.60 31.56
N GLY A 1056 -7.30 -12.94 30.96
CA GLY A 1056 -7.16 -12.85 29.52
C GLY A 1056 -7.46 -14.15 28.80
N GLY A 1057 -6.45 -14.72 28.16
CA GLY A 1057 -6.68 -15.96 27.44
C GLY A 1057 -5.39 -16.58 26.93
N PHE A 1058 -5.49 -17.89 26.65
CA PHE A 1058 -4.50 -18.68 25.93
C PHE A 1058 -3.14 -18.71 26.61
N ILE A 1059 -3.09 -19.44 27.72
CA ILE A 1059 -1.83 -20.00 28.23
C ILE A 1059 -1.17 -20.75 27.08
N PRO A 1060 0.02 -20.33 26.64
CA PRO A 1060 0.64 -20.94 25.45
C PRO A 1060 1.03 -22.39 25.67
N GLY A 1061 0.81 -23.22 24.64
CA GLY A 1061 1.09 -24.63 24.71
C GLY A 1061 -0.04 -25.48 25.23
N SER A 1062 -1.08 -24.88 25.81
CA SER A 1062 -2.18 -25.64 26.38
C SER A 1062 -3.23 -26.04 25.35
N LEU A 1063 -3.08 -25.62 24.10
CA LEU A 1063 -4.08 -25.90 23.08
C LEU A 1063 -4.10 -27.40 22.73
N THR A 1064 -5.31 -27.95 22.64
CA THR A 1064 -5.51 -29.30 22.14
C THR A 1064 -6.69 -29.30 21.18
N ALA A 1065 -6.77 -30.34 20.35
CA ALA A 1065 -7.81 -30.42 19.33
C ALA A 1065 -8.29 -31.87 19.21
N ARG A 1066 -9.59 -32.07 19.44
CA ARG A 1066 -10.31 -33.34 19.22
C ARG A 1066 -9.70 -34.48 20.04
N SER A 1067 -9.80 -34.35 21.36
CA SER A 1067 -9.29 -35.35 22.28
C SER A 1067 -10.43 -35.89 23.13
N LEU A 1068 -10.30 -37.16 23.53
CA LEU A 1068 -11.31 -37.79 24.38
C LEU A 1068 -11.24 -37.27 25.81
N GLN A 1069 -10.06 -36.93 26.29
CA GLN A 1069 -9.89 -36.46 27.66
C GLN A 1069 -9.99 -34.94 27.70
N ILE A 1070 -10.75 -34.44 28.67
CA ILE A 1070 -10.87 -32.99 28.90
C ILE A 1070 -9.50 -32.46 29.34
N PRO A 1071 -9.09 -31.27 28.89
CA PRO A 1071 -7.79 -30.74 29.34
C PRO A 1071 -7.76 -30.47 30.84
N GLN A 1072 -6.64 -30.81 31.46
CA GLN A 1072 -6.43 -30.65 32.89
C GLN A 1072 -5.43 -29.53 33.07
N CYS A 1073 -5.93 -28.31 33.16
CA CYS A 1073 -5.11 -27.14 33.38
C CYS A 1073 -5.49 -26.48 34.70
N PRO A 1074 -4.53 -25.97 35.45
CA PRO A 1074 -4.82 -25.52 36.81
C PRO A 1074 -5.44 -24.13 36.84
N THR A 1075 -6.20 -23.88 37.89
CA THR A 1075 -6.77 -22.56 38.15
C THR A 1075 -5.70 -21.61 38.67
N THR A 1076 -6.12 -20.40 39.03
CA THR A 1076 -5.19 -19.33 39.38
C THR A 1076 -4.47 -19.60 40.70
N CYS A 1077 -5.05 -20.41 41.60
CA CYS A 1077 -4.37 -20.73 42.84
C CYS A 1077 -3.23 -21.71 42.62
N GLU A 1078 -3.50 -22.80 41.89
CA GLU A 1078 -2.52 -23.87 41.75
C GLU A 1078 -1.33 -23.48 40.91
N LYS A 1079 -1.53 -22.59 39.93
CA LYS A 1079 -0.44 -22.04 39.15
C LYS A 1079 0.57 -21.32 40.04
N SER A 1080 0.07 -20.42 40.89
CA SER A 1080 0.94 -19.72 41.82
C SER A 1080 1.49 -20.64 42.91
N ARG A 1081 0.75 -21.72 43.24
CA ARG A 1081 1.25 -22.69 44.20
C ARG A 1081 2.49 -23.42 43.67
N THR A 1082 2.42 -23.95 42.45
CA THR A 1082 3.58 -24.61 41.87
C THR A 1082 4.69 -23.60 41.55
N SER A 1083 4.33 -22.36 41.22
CA SER A 1083 5.34 -21.33 41.02
C SER A 1083 6.09 -21.02 42.30
N GLY A 1084 5.38 -20.92 43.43
CA GLY A 1084 6.04 -20.70 44.71
C GLY A 1084 6.85 -21.89 45.17
N LEU A 1085 6.35 -23.11 44.92
CA LEU A 1085 7.09 -24.30 45.34
C LEU A 1085 8.35 -24.52 44.51
N LEU A 1086 8.28 -24.24 43.20
CA LEU A 1086 9.40 -24.58 42.33
C LEU A 1086 10.49 -23.52 42.37
N SER A 1087 10.18 -22.29 41.93
CA SER A 1087 11.17 -21.25 41.77
C SER A 1087 11.05 -20.13 42.80
N SER A 1088 10.17 -20.27 43.79
CA SER A 1088 9.99 -19.33 44.91
C SER A 1088 9.57 -17.94 44.42
N TRP A 1089 8.59 -17.91 43.50
CA TRP A 1089 7.96 -16.66 43.07
C TRP A 1089 6.67 -16.50 43.85
N LYS A 1090 6.80 -16.07 45.10
CA LYS A 1090 5.69 -16.01 46.02
C LYS A 1090 4.81 -14.78 45.76
N GLN A 1091 3.64 -14.76 46.39
CA GLN A 1091 2.76 -13.62 46.36
C GLN A 1091 3.01 -12.73 47.58
N ALA A 1092 2.39 -11.56 47.57
CA ALA A 1092 2.54 -10.58 48.64
C ALA A 1092 1.24 -10.44 49.42
N ARG A 1093 1.36 -10.32 50.75
CA ARG A 1093 0.20 -10.09 51.58
C ARG A 1093 -0.40 -8.71 51.33
N SER A 1094 0.43 -7.69 51.25
CA SER A 1094 -0.01 -6.33 50.97
C SER A 1094 1.01 -5.68 50.04
N GLN A 1095 0.53 -5.07 48.96
CA GLN A 1095 1.40 -4.69 47.84
C GLN A 1095 2.10 -3.35 48.02
N GLU A 1096 1.84 -2.60 49.10
CA GLU A 1096 2.37 -1.25 49.20
C GLU A 1096 3.88 -1.23 49.44
N ASN A 1097 4.39 -2.03 50.39
CA ASN A 1097 5.81 -2.15 50.68
C ASN A 1097 6.09 -3.40 51.50
N PRO A 1098 6.11 -4.57 50.88
CA PRO A 1098 6.25 -5.81 51.64
C PRO A 1098 7.66 -6.00 52.18
N SER A 1099 7.75 -6.90 53.15
CA SER A 1099 8.95 -7.41 53.78
C SER A 1099 9.01 -8.91 53.52
N PRO A 1100 10.19 -9.55 53.65
CA PRO A 1100 10.27 -11.00 53.43
C PRO A 1100 9.43 -11.86 54.38
N LYS A 1101 8.95 -11.28 55.49
CA LYS A 1101 7.96 -11.95 56.32
C LYS A 1101 6.55 -11.89 55.73
N ASP A 1102 6.31 -10.99 54.78
CA ASP A 1102 4.98 -10.83 54.21
C ASP A 1102 4.75 -11.68 52.97
N LEU A 1103 5.76 -12.38 52.48
CA LEU A 1103 5.63 -13.18 51.27
C LEU A 1103 5.25 -14.60 51.64
N PHE A 1104 4.26 -15.15 50.95
CA PHE A 1104 3.74 -16.48 51.25
C PHE A 1104 3.54 -17.27 49.97
N VAL A 1105 3.72 -18.58 50.08
CA VAL A 1105 3.28 -19.51 49.05
C VAL A 1105 1.84 -19.89 49.36
N PRO A 1106 0.89 -19.66 48.45
CA PRO A 1106 -0.52 -19.87 48.78
C PRO A 1106 -0.87 -21.35 48.96
N ALA A 1107 -1.98 -21.59 49.63
CA ALA A 1107 -2.51 -22.92 49.87
C ALA A 1107 -3.89 -23.02 49.25
N CYS A 1108 -4.10 -24.05 48.43
CA CYS A 1108 -5.36 -24.25 47.73
C CYS A 1108 -6.11 -25.44 48.33
N LEU A 1109 -7.42 -25.47 48.07
CA LEU A 1109 -8.25 -26.60 48.42
C LEU A 1109 -8.13 -27.69 47.36
N GLU A 1110 -8.89 -28.77 47.52
CA GLU A 1110 -8.87 -29.87 46.55
C GLU A 1110 -9.64 -29.50 45.28
N THR A 1111 -10.68 -28.68 45.42
CA THR A 1111 -11.42 -28.18 44.26
C THR A 1111 -10.53 -27.30 43.39
N GLY A 1112 -9.76 -26.42 44.00
CA GLY A 1112 -8.87 -25.55 43.27
C GLY A 1112 -8.80 -24.15 43.85
N GLU A 1113 -9.87 -23.73 44.52
CA GLU A 1113 -9.94 -22.39 45.08
C GLU A 1113 -8.99 -22.24 46.26
N TYR A 1114 -8.76 -20.99 46.64
CA TYR A 1114 -7.91 -20.67 47.78
C TYR A 1114 -8.49 -21.21 49.07
N ALA A 1115 -7.62 -21.73 49.94
CA ALA A 1115 -8.03 -22.13 51.27
C ALA A 1115 -8.34 -20.90 52.10
N ARG A 1116 -9.03 -21.10 53.22
CA ARG A 1116 -9.49 -19.96 54.01
C ARG A 1116 -8.34 -19.28 54.76
N LEU A 1117 -7.45 -20.06 55.37
CA LEU A 1117 -6.39 -19.52 56.20
C LEU A 1117 -5.05 -19.68 55.48
N GLN A 1118 -4.45 -18.55 55.10
CA GLN A 1118 -3.09 -18.55 54.57
C GLN A 1118 -2.10 -18.22 55.67
N ALA A 1119 -1.01 -18.98 55.72
CA ALA A 1119 0.05 -18.80 56.71
C ALA A 1119 1.33 -18.40 56.01
N SER A 1120 1.99 -17.38 56.54
CA SER A 1120 3.31 -16.97 56.10
C SER A 1120 4.28 -17.12 57.28
N GLY A 1121 5.48 -16.57 57.10
CA GLY A 1121 6.44 -16.53 58.21
C GLY A 1121 5.97 -15.64 59.35
N ALA A 1122 5.30 -14.54 59.02
CA ALA A 1122 4.84 -13.61 60.05
C ALA A 1122 3.70 -14.20 60.88
N GLY A 1123 2.68 -14.75 60.22
CA GLY A 1123 1.56 -15.32 60.93
C GLY A 1123 0.52 -15.94 60.01
N THR A 1124 -0.74 -15.87 60.40
CA THR A 1124 -1.85 -16.43 59.63
C THR A 1124 -2.91 -15.37 59.43
N TRP A 1125 -3.65 -15.47 58.32
CA TRP A 1125 -4.78 -14.57 58.10
C TRP A 1125 -5.80 -15.27 57.21
N CYS A 1126 -6.94 -14.62 57.05
CA CYS A 1126 -8.03 -15.13 56.24
C CYS A 1126 -8.06 -14.39 54.91
N VAL A 1127 -8.24 -15.14 53.83
CA VAL A 1127 -8.05 -14.66 52.48
C VAL A 1127 -9.30 -14.98 51.66
N ASP A 1128 -9.56 -14.14 50.65
CA ASP A 1128 -10.71 -14.36 49.78
C ASP A 1128 -10.52 -15.65 48.96
N PRO A 1129 -11.55 -16.49 48.85
CA PRO A 1129 -11.35 -17.78 48.18
C PRO A 1129 -11.20 -17.68 46.67
N ALA A 1130 -11.78 -16.65 46.04
CA ALA A 1130 -11.63 -16.50 44.59
C ALA A 1130 -10.20 -16.10 44.23
N SER A 1131 -9.76 -14.94 44.73
CA SER A 1131 -8.42 -14.45 44.44
C SER A 1131 -7.71 -14.11 45.76
N GLY A 1132 -6.38 -14.23 45.74
CA GLY A 1132 -5.59 -14.20 46.95
C GLY A 1132 -5.19 -12.85 47.47
N GLU A 1133 -6.17 -12.00 47.80
CA GLU A 1133 -5.93 -10.75 48.51
C GLU A 1133 -6.58 -10.84 49.89
N GLU A 1134 -6.05 -10.02 50.81
CA GLU A 1134 -6.53 -9.93 52.19
C GLU A 1134 -8.03 -9.68 52.25
N LEU A 1135 -8.74 -10.63 52.87
CA LEU A 1135 -10.20 -10.66 52.84
C LEU A 1135 -10.81 -9.46 53.55
N ARG A 1136 -10.27 -9.10 54.71
CA ARG A 1136 -10.77 -7.97 55.48
C ARG A 1136 -9.59 -7.07 55.77
N PRO A 1137 -9.22 -6.18 54.83
CA PRO A 1137 -8.05 -5.32 55.02
C PRO A 1137 -8.16 -4.34 56.19
N GLY A 1138 -9.37 -4.05 56.65
CA GLY A 1138 -9.55 -3.17 57.78
C GLY A 1138 -9.45 -3.87 59.13
N SER A 1139 -10.18 -4.98 59.29
CA SER A 1139 -10.31 -5.67 60.57
C SER A 1139 -10.03 -7.17 60.41
N SER A 1140 -8.88 -7.50 59.84
CA SER A 1140 -8.48 -8.90 59.69
C SER A 1140 -8.26 -9.55 61.05
N SER A 1141 -8.77 -10.77 61.20
CA SER A 1141 -8.59 -11.56 62.41
C SER A 1141 -8.15 -12.97 62.02
N SER A 1142 -7.12 -13.47 62.70
CA SER A 1142 -6.59 -14.80 62.40
C SER A 1142 -7.54 -15.89 62.87
N ALA A 1143 -7.78 -15.96 64.17
CA ALA A 1143 -8.66 -16.97 64.73
C ALA A 1143 -10.11 -16.60 64.50
N GLN A 1144 -10.86 -17.53 63.91
CA GLN A 1144 -12.28 -17.37 63.55
C GLN A 1144 -12.45 -16.16 62.62
N CYS A 1145 -11.92 -16.34 61.41
CA CYS A 1145 -12.00 -15.29 60.41
C CYS A 1145 -13.45 -15.16 59.93
N PRO A 1146 -13.88 -13.96 59.52
CA PRO A 1146 -15.30 -13.75 59.20
C PRO A 1146 -15.78 -14.56 58.00
N SER A 1147 -17.06 -14.95 58.07
CA SER A 1147 -17.68 -15.75 57.03
C SER A 1147 -17.92 -14.91 55.78
N LEU A 1148 -18.21 -15.60 54.67
CA LEU A 1148 -18.29 -14.98 53.36
C LEU A 1148 -19.46 -14.01 53.24
N CYS A 1149 -20.59 -14.35 53.86
CA CYS A 1149 -21.81 -13.53 53.70
C CYS A 1149 -21.65 -12.16 54.34
N ASN A 1150 -21.03 -12.10 55.52
CA ASN A 1150 -20.90 -10.84 56.24
C ASN A 1150 -19.97 -9.87 55.53
N VAL A 1151 -18.80 -10.36 55.09
CA VAL A 1151 -17.86 -9.48 54.40
C VAL A 1151 -18.37 -9.15 53.00
N LEU A 1152 -19.11 -10.07 52.38
CA LEU A 1152 -19.76 -9.77 51.10
C LEU A 1152 -20.80 -8.66 51.25
N LYS A 1153 -21.60 -8.73 52.32
CA LYS A 1153 -22.59 -7.69 52.59
C LYS A 1153 -21.92 -6.35 52.91
N SER A 1154 -20.80 -6.39 53.65
CA SER A 1154 -20.03 -5.17 53.92
C SER A 1154 -19.48 -4.57 52.64
N GLY A 1155 -19.01 -5.41 51.71
CA GLY A 1155 -18.57 -4.92 50.42
C GLY A 1155 -19.70 -4.34 49.59
N VAL A 1156 -20.89 -4.93 49.67
CA VAL A 1156 -22.04 -4.44 48.93
C VAL A 1156 -22.49 -3.07 49.45
N LEU A 1157 -22.65 -2.94 50.78
CA LEU A 1157 -23.14 -1.70 51.35
C LEU A 1157 -22.13 -0.57 51.23
N SER A 1158 -20.84 -0.90 51.25
CA SER A 1158 -19.81 0.11 50.98
C SER A 1158 -19.58 0.35 49.50
N ARG A 1159 -20.34 -0.34 48.63
CA ARG A 1159 -20.29 -0.17 47.17
C ARG A 1159 -18.91 -0.47 46.59
N ARG A 1160 -18.25 -1.50 47.11
CA ARG A 1160 -17.02 -2.00 46.52
C ARG A 1160 -17.23 -3.26 45.69
N VAL A 1161 -18.30 -4.01 45.94
CA VAL A 1161 -18.67 -5.19 45.17
C VAL A 1161 -20.12 -4.99 44.73
N SER A 1162 -20.40 -5.31 43.47
CA SER A 1162 -21.73 -5.10 42.88
C SER A 1162 -22.28 -6.38 42.27
N PRO A 1163 -22.85 -7.28 43.09
CA PRO A 1163 -23.57 -8.42 42.52
C PRO A 1163 -24.98 -8.09 42.07
N GLY A 1164 -25.50 -6.90 42.39
CA GLY A 1164 -26.84 -6.52 42.04
C GLY A 1164 -27.88 -6.74 43.13
N TYR A 1165 -27.52 -7.36 44.24
CA TYR A 1165 -28.44 -7.60 45.34
C TYR A 1165 -27.67 -7.54 46.65
N VAL A 1166 -28.39 -7.74 47.75
CA VAL A 1166 -27.81 -7.74 49.09
C VAL A 1166 -27.94 -9.15 49.67
N PRO A 1167 -26.87 -9.74 50.20
CA PRO A 1167 -26.97 -11.10 50.73
C PRO A 1167 -27.58 -11.12 52.13
N ALA A 1168 -28.73 -11.78 52.24
CA ALA A 1168 -29.38 -12.01 53.53
C ALA A 1168 -29.02 -13.41 53.98
N CYS A 1169 -27.90 -13.53 54.70
CA CYS A 1169 -27.38 -14.81 55.15
C CYS A 1169 -27.85 -15.11 56.56
N ARG A 1170 -27.66 -16.37 56.96
CA ARG A 1170 -28.01 -16.81 58.31
C ARG A 1170 -27.16 -16.11 59.35
N ALA A 1171 -27.82 -15.62 60.41
CA ALA A 1171 -27.12 -15.02 61.53
C ALA A 1171 -26.55 -16.04 62.51
N GLU A 1172 -26.86 -17.33 62.32
CA GLU A 1172 -26.39 -18.36 63.23
C GLU A 1172 -24.92 -18.70 62.97
N ASP A 1173 -24.62 -19.21 61.78
CA ASP A 1173 -23.28 -19.72 61.47
C ASP A 1173 -22.50 -18.86 60.51
N GLY A 1174 -23.13 -17.87 59.88
CA GLY A 1174 -22.49 -17.11 58.83
C GLY A 1174 -22.54 -17.75 57.46
N GLY A 1175 -23.17 -18.91 57.32
CA GLY A 1175 -23.43 -19.45 56.01
C GLY A 1175 -24.61 -18.76 55.35
N PHE A 1176 -24.78 -19.03 54.06
CA PHE A 1176 -25.87 -18.42 53.32
C PHE A 1176 -27.19 -19.07 53.70
N SER A 1177 -28.17 -18.25 54.05
CA SER A 1177 -29.56 -18.68 54.10
C SER A 1177 -29.98 -19.07 52.68
N PRO A 1178 -30.91 -20.02 52.53
CA PRO A 1178 -31.21 -20.54 51.18
C PRO A 1178 -31.82 -19.53 50.21
N VAL A 1179 -32.49 -18.49 50.70
CA VAL A 1179 -33.43 -17.72 49.87
C VAL A 1179 -33.07 -16.26 49.61
N GLN A 1180 -31.77 -15.95 49.44
CA GLN A 1180 -31.39 -14.57 49.07
C GLN A 1180 -31.96 -14.18 47.71
N CYS A 1181 -32.46 -12.94 47.64
CA CYS A 1181 -32.90 -12.38 46.38
C CYS A 1181 -32.86 -10.86 46.45
N ASP A 1182 -33.40 -10.23 45.40
CA ASP A 1182 -33.21 -8.82 45.14
C ASP A 1182 -33.95 -7.95 46.16
N GLN A 1183 -33.44 -6.72 46.32
CA GLN A 1183 -34.06 -5.77 47.24
C GLN A 1183 -35.44 -5.31 46.72
N ALA A 1184 -35.57 -5.12 45.41
CA ALA A 1184 -36.88 -5.08 44.77
C ALA A 1184 -37.32 -6.52 44.58
N GLN A 1185 -38.40 -6.91 45.28
CA GLN A 1185 -38.71 -8.29 45.64
C GLN A 1185 -38.75 -9.25 44.45
N GLY A 1186 -39.54 -8.91 43.43
CA GLY A 1186 -39.46 -9.44 42.07
C GLY A 1186 -39.30 -10.92 41.86
N SER A 1187 -38.13 -11.32 41.37
CA SER A 1187 -37.75 -12.71 41.25
C SER A 1187 -36.92 -13.15 42.45
N CYS A 1188 -37.13 -14.39 42.89
CA CYS A 1188 -36.33 -14.97 43.96
C CYS A 1188 -35.94 -16.40 43.62
N TRP A 1189 -34.90 -16.88 44.29
CA TRP A 1189 -34.21 -18.10 43.86
C TRP A 1189 -33.66 -18.83 45.07
N CYS A 1190 -32.78 -19.78 44.82
CA CYS A 1190 -32.07 -20.51 45.86
C CYS A 1190 -30.62 -20.69 45.42
N VAL A 1191 -29.73 -20.89 46.39
CA VAL A 1191 -28.30 -21.01 46.13
C VAL A 1191 -27.73 -22.19 46.90
N MET A 1192 -26.56 -22.69 46.46
CA MET A 1192 -25.71 -23.48 47.32
C MET A 1192 -24.83 -22.55 48.16
N ASP A 1193 -23.76 -23.10 48.74
CA ASP A 1193 -22.82 -22.29 49.51
C ASP A 1193 -22.08 -21.32 48.59
N SER A 1194 -21.64 -20.20 49.20
CA SER A 1194 -21.00 -19.05 48.58
C SER A 1194 -21.88 -18.36 47.53
N GLY A 1195 -23.18 -18.61 47.53
CA GLY A 1195 -24.13 -17.97 46.62
C GLY A 1195 -23.89 -18.31 45.17
N GLU A 1196 -24.06 -19.57 44.79
CA GLU A 1196 -23.70 -20.03 43.46
C GLU A 1196 -24.89 -20.22 42.53
N GLU A 1197 -26.10 -19.81 42.94
CA GLU A 1197 -27.25 -19.56 42.06
C GLU A 1197 -27.70 -20.84 41.33
N VAL A 1198 -28.39 -21.70 42.08
CA VAL A 1198 -29.10 -22.88 41.54
C VAL A 1198 -29.89 -22.52 40.30
N PRO A 1199 -29.55 -23.10 39.14
CA PRO A 1199 -30.13 -22.63 37.86
C PRO A 1199 -31.62 -22.90 37.69
N GLY A 1200 -32.15 -23.97 38.25
CA GLY A 1200 -33.51 -24.38 37.95
C GLY A 1200 -34.59 -23.92 38.89
N THR A 1201 -34.32 -22.98 39.79
CA THR A 1201 -35.31 -22.57 40.78
C THR A 1201 -35.65 -21.09 40.76
N ARG A 1202 -35.04 -20.28 39.89
CA ARG A 1202 -35.31 -18.85 39.89
C ARG A 1202 -36.69 -18.59 39.30
N VAL A 1203 -37.61 -18.12 40.15
CA VAL A 1203 -38.98 -17.80 39.75
C VAL A 1203 -39.34 -16.44 40.32
N THR A 1204 -40.40 -15.84 39.76
CA THR A 1204 -40.91 -14.58 40.27
C THR A 1204 -41.86 -14.75 41.46
N GLY A 1205 -42.24 -15.98 41.78
CA GLY A 1205 -43.08 -16.21 42.94
C GLY A 1205 -42.32 -16.02 44.24
N GLY A 1206 -43.01 -15.48 45.24
CA GLY A 1206 -42.43 -15.26 46.55
C GLY A 1206 -42.07 -16.53 47.29
N GLN A 1207 -40.82 -16.61 47.78
CA GLN A 1207 -40.22 -17.73 48.49
C GLN A 1207 -40.34 -19.05 47.72
N PRO A 1208 -39.51 -19.26 46.69
CA PRO A 1208 -39.48 -20.58 46.04
C PRO A 1208 -39.01 -21.66 47.00
N ALA A 1209 -39.83 -22.71 47.14
CA ALA A 1209 -39.57 -23.78 48.10
C ALA A 1209 -38.32 -24.58 47.72
N CYS A 1210 -37.25 -24.39 48.49
CA CYS A 1210 -35.99 -25.09 48.30
C CYS A 1210 -35.53 -25.69 49.63
N GLU A 1211 -36.44 -26.43 50.25
CA GLU A 1211 -36.23 -27.04 51.56
C GLU A 1211 -35.12 -28.09 51.50
N SER A 1212 -34.58 -28.38 52.68
CA SER A 1212 -33.63 -29.48 52.82
C SER A 1212 -34.33 -30.81 52.55
N PRO A 1213 -33.63 -31.77 51.92
CA PRO A 1213 -34.28 -33.04 51.58
C PRO A 1213 -34.46 -33.97 52.76
N ARG A 1214 -34.86 -35.21 52.48
CA ARG A 1214 -34.97 -36.26 53.50
C ARG A 1214 -33.62 -36.49 54.17
N CYS A 1215 -33.65 -36.59 55.50
CA CYS A 1215 -32.44 -36.59 56.32
C CYS A 1215 -31.45 -37.72 56.02
N PRO A 1216 -31.84 -38.99 55.83
CA PRO A 1216 -30.86 -39.96 55.32
C PRO A 1216 -30.46 -39.67 53.88
N LEU A 1217 -29.22 -39.92 53.59
CA LEU A 1217 -28.45 -39.79 52.37
C LEU A 1217 -28.24 -41.17 51.75
N PRO A 1218 -28.09 -41.29 50.43
CA PRO A 1218 -27.84 -42.61 49.83
C PRO A 1218 -26.51 -43.22 50.19
N PHE A 1219 -25.56 -42.41 50.65
CA PHE A 1219 -24.25 -42.91 51.06
C PHE A 1219 -23.76 -41.94 52.13
N ASN A 1220 -22.77 -42.40 52.91
CA ASN A 1220 -22.29 -41.59 54.04
C ASN A 1220 -21.56 -40.32 53.58
N ALA A 1221 -21.13 -40.24 52.33
CA ALA A 1221 -20.72 -38.96 51.77
C ALA A 1221 -21.95 -38.06 51.67
N SER A 1222 -21.97 -36.99 52.46
CA SER A 1222 -23.17 -36.19 52.66
C SER A 1222 -23.36 -35.16 51.55
N GLU A 1223 -22.31 -34.38 51.26
CA GLU A 1223 -22.42 -33.32 50.27
C GLU A 1223 -22.44 -33.90 48.87
N VAL A 1224 -23.50 -33.58 48.10
CA VAL A 1224 -23.51 -33.86 46.68
C VAL A 1224 -22.50 -32.95 46.00
N VAL A 1225 -21.63 -33.54 45.18
CA VAL A 1225 -20.56 -32.76 44.57
C VAL A 1225 -21.12 -31.88 43.46
N GLY A 1226 -20.80 -30.60 43.52
CA GLY A 1226 -21.20 -29.64 42.51
C GLY A 1226 -22.65 -29.23 42.51
N GLY A 1227 -23.45 -29.65 43.49
CA GLY A 1227 -24.86 -29.29 43.48
C GLY A 1227 -25.57 -29.78 44.71
N THR A 1228 -26.88 -29.49 44.76
CA THR A 1228 -27.68 -29.80 45.93
C THR A 1228 -29.05 -30.33 45.52
N ILE A 1229 -29.76 -30.83 46.53
CA ILE A 1229 -31.10 -31.36 46.36
C ILE A 1229 -32.09 -30.33 46.87
N LEU A 1230 -33.03 -29.93 46.02
CA LEU A 1230 -34.02 -28.91 46.33
C LEU A 1230 -35.41 -29.52 46.27
N CYS A 1231 -36.29 -29.05 47.13
CA CYS A 1231 -37.63 -29.64 47.27
C CYS A 1231 -38.71 -28.68 46.79
N GLN A 1243 -39.50 -39.86 47.94
CA GLN A 1243 -38.82 -38.77 47.25
C GLN A 1243 -39.77 -37.61 46.97
N GLN A 1244 -39.60 -36.52 47.70
CA GLN A 1244 -40.37 -35.30 47.48
C GLN A 1244 -39.56 -34.21 46.82
N CYS A 1245 -38.31 -34.49 46.45
CA CYS A 1245 -37.37 -33.45 46.04
C CYS A 1245 -36.68 -33.89 44.75
N GLN A 1246 -35.91 -32.97 44.16
CA GLN A 1246 -35.16 -33.23 42.94
C GLN A 1246 -33.74 -32.71 43.11
N LEU A 1247 -32.85 -33.12 42.21
CA LEU A 1247 -31.44 -32.78 42.29
C LEU A 1247 -31.09 -31.76 41.21
N LEU A 1248 -30.42 -30.67 41.60
CA LEU A 1248 -29.96 -29.67 40.64
C LEU A 1248 -28.52 -29.31 40.95
N CYS A 1249 -27.70 -29.22 39.91
CA CYS A 1249 -26.30 -28.88 40.15
C CYS A 1249 -25.83 -27.71 39.30
N ARG A 1250 -24.52 -27.46 39.30
CA ARG A 1250 -23.94 -26.17 38.98
C ARG A 1250 -24.12 -25.80 37.51
N GLN A 1251 -23.82 -24.54 37.20
CA GLN A 1251 -23.94 -24.02 35.85
C GLN A 1251 -22.93 -24.69 34.93
N GLY A 1252 -23.39 -25.04 33.73
CA GLY A 1252 -22.56 -25.77 32.79
C GLY A 1252 -22.25 -27.19 33.21
N SER A 1253 -23.19 -27.87 33.88
CA SER A 1253 -23.02 -29.25 34.28
C SER A 1253 -24.35 -29.96 34.13
N TRP A 1254 -24.28 -31.23 33.74
CA TRP A 1254 -25.46 -32.00 33.37
C TRP A 1254 -25.54 -33.29 34.18
N SER A 1255 -26.73 -33.56 34.72
CA SER A 1255 -26.98 -34.76 35.49
C SER A 1255 -27.05 -35.97 34.56
N VAL A 1256 -26.16 -36.94 34.78
CA VAL A 1256 -26.07 -38.10 33.90
C VAL A 1256 -27.26 -39.05 34.08
N PHE A 1257 -28.00 -38.94 35.17
CA PHE A 1257 -29.12 -39.79 35.53
C PHE A 1257 -30.44 -39.17 35.08
N PRO A 1258 -31.43 -40.00 34.71
CA PRO A 1258 -32.73 -39.47 34.21
C PRO A 1258 -33.51 -38.60 35.21
N PRO A 1259 -33.48 -38.83 36.53
CA PRO A 1259 -34.03 -37.79 37.40
C PRO A 1259 -33.12 -36.56 37.43
N GLY A 1260 -33.68 -35.42 37.04
CA GLY A 1260 -32.93 -34.17 37.00
C GLY A 1260 -33.49 -33.14 37.96
N GLN A 1274 -35.16 -45.58 45.19
CA GLN A 1274 -34.50 -44.79 44.16
C GLN A 1274 -33.52 -43.81 44.80
N LEU A 1275 -32.29 -44.26 44.99
CA LEU A 1275 -31.28 -43.46 45.67
C LEU A 1275 -30.59 -42.53 44.67
N PRO A 1276 -30.66 -41.21 44.86
CA PRO A 1276 -29.97 -40.29 43.94
C PRO A 1276 -28.51 -40.11 44.33
N GLN A 1277 -27.62 -40.59 43.45
CA GLN A 1277 -26.20 -40.76 43.76
C GLN A 1277 -25.50 -39.41 43.97
N PRO A 1278 -24.45 -39.36 44.83
CA PRO A 1278 -23.72 -38.10 45.04
C PRO A 1278 -22.98 -37.60 43.81
N ARG A 1279 -22.16 -38.47 43.20
CA ARG A 1279 -21.41 -38.09 42.00
C ARG A 1279 -22.28 -38.31 40.77
N ALA A 1280 -23.23 -37.40 40.59
CA ALA A 1280 -24.29 -37.55 39.60
C ALA A 1280 -24.25 -36.55 38.46
N CYS A 1281 -23.32 -35.60 38.46
CA CYS A 1281 -23.21 -34.70 37.32
C CYS A 1281 -21.76 -34.30 37.11
N GLN A 1282 -21.34 -34.31 35.84
CA GLN A 1282 -19.96 -33.99 35.47
C GLN A 1282 -19.94 -32.83 34.49
N ARG A 1283 -18.77 -32.55 33.90
CA ARG A 1283 -18.62 -31.46 32.96
C ARG A 1283 -18.75 -31.98 31.55
N PRO A 1284 -19.67 -31.45 30.73
CA PRO A 1284 -19.85 -31.97 29.37
C PRO A 1284 -18.68 -31.63 28.46
N GLN A 1285 -18.47 -32.49 27.46
CA GLN A 1285 -17.40 -32.37 26.49
C GLN A 1285 -17.98 -32.25 25.08
N LEU A 1286 -17.08 -32.12 24.11
CA LEU A 1286 -17.49 -31.96 22.72
C LEU A 1286 -17.94 -33.30 22.13
N TRP A 1287 -18.45 -33.23 20.90
CA TRP A 1287 -18.84 -34.42 20.17
C TRP A 1287 -17.61 -35.20 19.74
N GLN A 1288 -17.79 -36.51 19.49
CA GLN A 1288 -16.67 -37.39 19.21
C GLN A 1288 -16.85 -38.32 18.02
N THR A 1289 -18.08 -38.65 17.62
CA THR A 1289 -18.31 -39.51 16.47
C THR A 1289 -19.36 -38.89 15.56
N ILE A 1290 -19.22 -39.12 14.26
CA ILE A 1290 -20.19 -38.70 13.26
C ILE A 1290 -20.72 -39.95 12.57
N GLN A 1291 -22.05 -40.05 12.46
CA GLN A 1291 -22.66 -41.25 11.89
C GLN A 1291 -23.56 -40.90 10.72
N THR A 1292 -23.45 -41.71 9.67
CA THR A 1292 -24.34 -41.69 8.50
C THR A 1292 -24.70 -43.13 8.18
N GLN A 1293 -25.75 -43.30 7.37
CA GLN A 1293 -26.26 -44.63 7.10
C GLN A 1293 -26.78 -44.75 5.66
N GLY A 1294 -26.74 -45.99 5.16
CA GLY A 1294 -27.26 -46.31 3.84
C GLY A 1294 -27.98 -47.64 3.88
N HIS A 1295 -28.84 -47.83 2.89
CA HIS A 1295 -29.89 -48.85 2.95
C HIS A 1295 -29.91 -49.75 1.72
N PHE A 1296 -30.40 -50.97 1.95
CA PHE A 1296 -30.63 -51.97 0.92
C PHE A 1296 -31.90 -52.74 1.29
N GLN A 1297 -32.45 -53.47 0.32
CA GLN A 1297 -33.71 -54.19 0.49
C GLN A 1297 -33.50 -55.70 0.54
N LEU A 1298 -32.46 -56.14 1.26
CA LEU A 1298 -32.24 -57.56 1.53
C LEU A 1298 -32.67 -57.92 2.96
N GLN A 1299 -33.76 -57.33 3.44
CA GLN A 1299 -34.19 -57.54 4.83
C GLN A 1299 -34.72 -58.96 5.03
N LEU A 1300 -35.35 -59.55 4.00
CA LEU A 1300 -35.88 -60.89 4.08
C LEU A 1300 -35.60 -61.63 2.77
N PRO A 1301 -35.27 -62.92 2.84
CA PRO A 1301 -34.77 -63.66 1.66
C PRO A 1301 -35.76 -63.78 0.49
N PRO A 1302 -37.05 -64.15 0.67
CA PRO A 1302 -37.88 -64.34 -0.54
C PRO A 1302 -38.26 -63.04 -1.26
N GLY A 1303 -38.08 -61.89 -0.63
CA GLY A 1303 -38.39 -60.62 -1.27
C GLY A 1303 -37.33 -60.06 -2.19
N LYS A 1304 -36.21 -60.77 -2.36
CA LYS A 1304 -35.12 -60.32 -3.22
C LYS A 1304 -34.46 -61.55 -3.84
N MET A 1305 -33.65 -61.32 -4.87
CA MET A 1305 -33.03 -62.36 -5.68
C MET A 1305 -31.78 -62.99 -5.06
N CYS A 1306 -31.87 -63.37 -3.78
CA CYS A 1306 -30.78 -64.08 -3.12
C CYS A 1306 -30.80 -65.59 -3.37
N SER A 1307 -31.84 -66.08 -4.09
CA SER A 1307 -32.04 -67.50 -4.41
C SER A 1307 -32.04 -68.38 -3.17
N ALA A 1308 -32.68 -67.90 -2.09
CA ALA A 1308 -32.75 -68.63 -0.84
C ALA A 1308 -33.97 -68.15 -0.08
N ASP A 1309 -34.36 -68.93 0.93
CA ASP A 1309 -35.45 -68.59 1.84
C ASP A 1309 -35.01 -68.87 3.27
N TYR A 1310 -33.77 -68.52 3.59
CA TYR A 1310 -33.17 -68.88 4.88
C TYR A 1310 -32.56 -67.63 5.51
N ALA A 1311 -32.90 -67.41 6.79
CA ALA A 1311 -32.32 -66.32 7.57
C ALA A 1311 -31.54 -66.82 8.78
N ASP A 1312 -31.25 -68.12 8.83
CA ASP A 1312 -30.50 -68.69 9.96
C ASP A 1312 -29.06 -68.16 9.99
N LEU A 1313 -28.41 -68.07 8.84
CA LEU A 1313 -27.09 -67.47 8.73
C LEU A 1313 -27.23 -66.15 7.97
N LEU A 1314 -26.88 -65.04 8.64
CA LEU A 1314 -26.94 -63.72 8.03
C LEU A 1314 -25.67 -62.94 8.34
N GLN A 1315 -24.98 -63.33 9.43
CA GLN A 1315 -23.73 -62.68 9.80
C GLN A 1315 -22.63 -62.93 8.78
N THR A 1316 -22.67 -64.08 8.10
CA THR A 1316 -21.73 -64.35 7.02
C THR A 1316 -21.94 -63.39 5.87
N PHE A 1317 -23.20 -63.09 5.54
CA PHE A 1317 -23.50 -62.08 4.53
C PHE A 1317 -23.00 -60.71 4.96
N GLN A 1318 -23.12 -60.38 6.25
CA GLN A 1318 -22.59 -59.12 6.77
C GLN A 1318 -21.09 -59.03 6.59
N VAL A 1319 -20.37 -60.12 6.89
CA VAL A 1319 -18.92 -60.17 6.70
C VAL A 1319 -18.56 -60.04 5.23
N PHE A 1320 -19.30 -60.73 4.35
CA PHE A 1320 -18.98 -60.69 2.92
C PHE A 1320 -19.23 -59.31 2.32
N ILE A 1321 -20.34 -58.66 2.73
CA ILE A 1321 -20.62 -57.29 2.27
C ILE A 1321 -19.57 -56.32 2.79
N LEU A 1322 -19.15 -56.48 4.05
CA LEU A 1322 -18.12 -55.62 4.60
C LEU A 1322 -16.78 -55.79 3.89
N ASP A 1323 -16.42 -57.04 3.56
CA ASP A 1323 -15.17 -57.29 2.83
C ASP A 1323 -15.22 -56.73 1.41
N GLU A 1324 -16.36 -56.88 0.73
CA GLU A 1324 -16.53 -56.29 -0.60
C GLU A 1324 -16.46 -54.77 -0.54
N LEU A 1325 -17.07 -54.17 0.49
CA LEU A 1325 -17.02 -52.72 0.68
C LEU A 1325 -15.59 -52.23 0.90
N THR A 1326 -14.86 -52.85 1.83
CA THR A 1326 -13.50 -52.37 2.11
C THR A 1326 -12.54 -52.72 0.98
N ALA A 1327 -12.88 -53.70 0.14
CA ALA A 1327 -12.15 -53.89 -1.10
C ALA A 1327 -12.39 -52.71 -2.06
N ARG A 1328 -13.63 -52.28 -2.19
CA ARG A 1328 -13.93 -51.15 -3.07
C ARG A 1328 -13.86 -49.80 -2.36
N GLY A 1329 -12.76 -49.53 -1.67
CA GLY A 1329 -12.65 -48.30 -0.91
C GLY A 1329 -13.61 -48.30 0.27
N PHE A 1330 -14.43 -47.25 0.38
CA PHE A 1330 -15.68 -47.22 1.14
C PHE A 1330 -15.59 -47.41 2.65
N CYS A 1331 -14.39 -47.66 3.18
CA CYS A 1331 -14.21 -47.88 4.60
C CYS A 1331 -12.95 -47.21 5.11
N GLN A 1332 -12.24 -46.50 4.25
CA GLN A 1332 -11.04 -45.75 4.62
C GLN A 1332 -11.01 -44.53 3.70
N ILE A 1333 -11.59 -43.43 4.18
CA ILE A 1333 -11.73 -42.24 3.34
C ILE A 1333 -10.38 -41.54 3.25
N GLN A 1334 -9.98 -41.21 2.03
CA GLN A 1334 -8.70 -40.58 1.75
C GLN A 1334 -8.93 -39.12 1.45
N VAL A 1335 -8.17 -38.24 2.10
CA VAL A 1335 -8.34 -36.80 1.89
C VAL A 1335 -6.97 -36.14 1.81
N LYS A 1336 -6.87 -35.12 0.96
CA LYS A 1336 -5.64 -34.37 0.78
C LYS A 1336 -5.33 -33.51 2.01
N THR A 1337 -4.04 -33.44 2.33
CA THR A 1337 -3.49 -32.52 3.33
C THR A 1337 -2.29 -31.89 2.65
N PHE A 1338 -2.43 -30.62 2.24
CA PHE A 1338 -1.42 -29.75 1.63
C PHE A 1338 -0.56 -30.41 0.55
N GLY A 1339 -1.11 -31.40 -0.15
CA GLY A 1339 -0.37 -32.14 -1.16
C GLY A 1339 -0.34 -33.65 -0.96
N THR A 1340 -0.19 -34.11 0.28
CA THR A 1340 -0.07 -35.54 0.57
C THR A 1340 -1.37 -36.10 1.15
N LEU A 1341 -1.70 -37.33 0.78
CA LEU A 1341 -2.99 -37.92 1.12
C LEU A 1341 -2.92 -38.60 2.50
N VAL A 1342 -4.04 -38.57 3.23
CA VAL A 1342 -4.12 -39.23 4.53
C VAL A 1342 -5.42 -40.05 4.55
N SER A 1343 -5.44 -41.04 5.44
CA SER A 1343 -6.51 -42.01 5.54
C SER A 1343 -7.23 -41.89 6.87
N ILE A 1344 -8.56 -42.03 6.83
CA ILE A 1344 -9.41 -41.98 8.03
C ILE A 1344 -10.35 -43.19 8.01
N PRO A 1345 -10.32 -44.05 9.02
CA PRO A 1345 -11.24 -45.20 9.02
C PRO A 1345 -12.66 -44.77 9.35
N VAL A 1346 -13.62 -45.35 8.63
CA VAL A 1346 -15.04 -45.02 8.83
C VAL A 1346 -15.89 -46.28 8.96
N CYS A 1347 -15.27 -47.44 9.14
CA CYS A 1347 -15.99 -48.70 9.20
C CYS A 1347 -15.60 -49.51 10.42
N ASN A 1348 -16.61 -49.90 11.20
CA ASN A 1348 -16.46 -50.93 12.23
C ASN A 1348 -17.85 -51.48 12.48
N ASN A 1349 -18.11 -52.71 12.01
CA ASN A 1349 -19.42 -53.39 12.11
C ASN A 1349 -20.55 -52.53 11.54
N SER A 1350 -20.29 -51.92 10.38
CA SER A 1350 -21.26 -51.02 9.78
C SER A 1350 -22.42 -51.80 9.16
N SER A 1351 -22.12 -52.88 8.45
CA SER A 1351 -23.14 -53.59 7.68
C SER A 1351 -24.07 -54.39 8.60
N VAL A 1352 -25.37 -54.17 8.45
CA VAL A 1352 -26.37 -54.85 9.27
C VAL A 1352 -27.43 -55.47 8.37
N VAL A 1364 -30.44 -54.32 3.96
CA VAL A 1364 -29.52 -54.21 5.10
C VAL A 1364 -29.14 -52.76 5.30
N ASN A 1365 -28.44 -52.46 6.39
CA ASN A 1365 -28.05 -51.10 6.70
C ASN A 1365 -26.56 -51.03 6.95
N VAL A 1366 -25.91 -50.03 6.37
CA VAL A 1366 -24.50 -49.73 6.62
C VAL A 1366 -24.43 -48.40 7.35
N THR A 1367 -23.63 -48.36 8.41
CA THR A 1367 -23.53 -47.18 9.27
C THR A 1367 -22.07 -46.74 9.37
N TRP A 1368 -21.71 -45.74 8.59
CA TRP A 1368 -20.37 -45.16 8.71
C TRP A 1368 -20.29 -44.31 9.98
N LYS A 1369 -19.37 -44.67 10.85
CA LYS A 1369 -19.17 -44.02 12.14
C LYS A 1369 -17.72 -43.59 12.22
N SER A 1370 -17.48 -42.29 12.06
CA SER A 1370 -16.14 -41.73 12.02
C SER A 1370 -15.79 -41.14 13.37
N ARG A 1371 -14.63 -41.52 13.89
CA ARG A 1371 -14.11 -40.98 15.13
C ARG A 1371 -13.44 -39.63 14.86
N LEU A 1372 -13.78 -38.63 15.68
CA LEU A 1372 -13.27 -37.28 15.46
C LEU A 1372 -11.79 -37.18 15.79
N GLU A 1373 -11.32 -37.97 16.76
CA GLU A 1373 -9.92 -37.90 17.16
C GLU A 1373 -8.99 -38.44 16.08
N ASP A 1374 -9.48 -39.33 15.21
CA ASP A 1374 -8.65 -39.84 14.13
C ASP A 1374 -8.46 -38.81 13.04
N ILE A 1375 -9.44 -37.94 12.83
CA ILE A 1375 -9.31 -36.84 11.86
C ILE A 1375 -8.38 -35.78 12.44
N PRO A 1376 -7.37 -35.32 11.70
CA PRO A 1376 -6.50 -34.24 12.20
C PRO A 1376 -7.19 -32.88 12.24
N VAL A 1377 -6.45 -31.84 12.64
CA VAL A 1377 -7.02 -30.50 12.71
C VAL A 1377 -6.52 -29.72 11.50
N ALA A 1378 -5.35 -30.11 10.96
CA ALA A 1378 -4.83 -29.47 9.75
C ALA A 1378 -5.73 -29.75 8.54
N SER A 1379 -6.23 -30.97 8.42
CA SER A 1379 -7.19 -31.32 7.39
C SER A 1379 -8.57 -31.42 8.03
N LEU A 1380 -9.59 -30.98 7.30
CA LEU A 1380 -10.99 -30.90 7.71
C LEU A 1380 -11.11 -30.07 9.00
N PRO A 1381 -10.86 -28.74 8.95
CA PRO A 1381 -10.66 -28.00 10.20
C PRO A 1381 -11.96 -27.54 10.84
N ASP A 1382 -13.09 -28.02 10.32
CA ASP A 1382 -14.40 -27.65 10.85
C ASP A 1382 -15.25 -28.91 10.77
N LEU A 1383 -16.20 -29.03 11.71
CA LEU A 1383 -17.08 -30.19 11.75
C LEU A 1383 -17.98 -30.25 10.52
N HIS A 1384 -18.43 -29.08 10.06
CA HIS A 1384 -19.26 -29.03 8.88
C HIS A 1384 -18.47 -29.33 7.61
N ASP A 1385 -17.16 -29.04 7.63
CA ASP A 1385 -16.27 -29.51 6.58
C ASP A 1385 -16.16 -31.03 6.58
N ILE A 1386 -16.20 -31.65 7.77
CA ILE A 1386 -16.20 -33.11 7.85
C ILE A 1386 -17.49 -33.68 7.26
N GLU A 1387 -18.62 -33.01 7.55
CA GLU A 1387 -19.90 -33.40 6.97
C GLU A 1387 -19.89 -33.27 5.45
N ARG A 1388 -19.32 -32.18 4.92
CA ARG A 1388 -19.23 -31.98 3.48
C ARG A 1388 -18.31 -33.01 2.83
N ALA A 1389 -17.18 -33.32 3.47
CA ALA A 1389 -16.25 -34.30 2.92
C ALA A 1389 -16.78 -35.73 3.01
N LEU A 1390 -17.68 -36.02 3.96
CA LEU A 1390 -18.15 -37.38 4.10
C LEU A 1390 -19.40 -37.64 3.27
N VAL A 1391 -20.34 -36.70 3.24
CA VAL A 1391 -21.54 -36.86 2.41
C VAL A 1391 -21.29 -36.51 0.95
N GLY A 1392 -20.15 -35.88 0.66
CA GLY A 1392 -19.82 -35.48 -0.70
C GLY A 1392 -19.48 -36.59 -1.68
N LYS A 1393 -18.71 -36.24 -2.71
CA LYS A 1393 -18.43 -37.15 -3.82
C LYS A 1393 -17.57 -38.34 -3.40
N ASP A 1394 -16.77 -38.18 -2.34
CA ASP A 1394 -15.71 -39.14 -2.04
C ASP A 1394 -16.29 -40.46 -1.51
N LEU A 1395 -17.22 -40.39 -0.57
CA LEU A 1395 -17.76 -41.59 0.05
C LEU A 1395 -19.23 -41.81 -0.31
N LEU A 1396 -20.11 -40.86 0.00
CA LEU A 1396 -21.52 -41.07 -0.28
C LEU A 1396 -21.90 -40.74 -1.71
N GLY A 1397 -21.07 -39.99 -2.43
CA GLY A 1397 -21.29 -39.75 -3.84
C GLY A 1397 -20.91 -40.96 -4.67
N ARG A 1398 -19.84 -41.64 -4.25
CA ARG A 1398 -19.39 -42.84 -4.94
C ARG A 1398 -20.34 -44.01 -4.70
N PHE A 1399 -20.94 -44.07 -3.51
CA PHE A 1399 -21.78 -45.21 -3.14
C PHE A 1399 -23.08 -45.22 -3.95
N THR A 1400 -23.78 -44.09 -4.00
CA THR A 1400 -25.04 -44.01 -4.73
C THR A 1400 -24.82 -44.19 -6.23
N ASP A 1401 -23.69 -43.66 -6.74
CA ASP A 1401 -23.32 -43.88 -8.14
C ASP A 1401 -23.04 -45.36 -8.42
N LEU A 1402 -22.38 -46.06 -7.49
CA LEU A 1402 -22.08 -47.46 -7.71
C LEU A 1402 -23.33 -48.32 -7.66
N ILE A 1403 -24.24 -48.03 -6.72
CA ILE A 1403 -25.45 -48.86 -6.58
C ILE A 1403 -26.46 -48.56 -7.68
N GLN A 1404 -26.86 -47.29 -7.80
CA GLN A 1404 -27.99 -46.93 -8.67
C GLN A 1404 -27.63 -47.09 -10.14
N SER A 1405 -26.40 -46.73 -10.52
CA SER A 1405 -25.92 -46.94 -11.87
C SER A 1405 -25.10 -48.23 -11.89
N GLY A 1406 -25.52 -49.20 -12.70
CA GLY A 1406 -24.86 -50.49 -12.74
C GLY A 1406 -25.18 -51.31 -11.50
N SER A 1407 -24.38 -52.37 -11.32
CA SER A 1407 -24.49 -53.23 -10.16
C SER A 1407 -23.10 -53.75 -9.79
N PHE A 1408 -22.92 -54.01 -8.50
CA PHE A 1408 -21.66 -54.53 -7.96
C PHE A 1408 -21.87 -55.90 -7.33
N GLN A 1409 -22.87 -56.64 -7.86
CA GLN A 1409 -23.49 -57.81 -7.25
C GLN A 1409 -22.49 -58.89 -6.85
N LEU A 1410 -22.46 -59.17 -5.55
CA LEU A 1410 -21.66 -60.28 -5.04
C LEU A 1410 -22.29 -61.60 -5.48
N HIS A 1411 -21.47 -62.49 -6.02
CA HIS A 1411 -21.95 -63.72 -6.66
C HIS A 1411 -22.63 -64.68 -5.67
N LEU A 1412 -21.85 -65.25 -4.74
CA LEU A 1412 -22.27 -66.26 -3.77
C LEU A 1412 -23.03 -67.43 -4.38
N ASP A 1413 -22.67 -67.82 -5.61
CA ASP A 1413 -23.38 -68.88 -6.32
C ASP A 1413 -22.99 -70.26 -5.81
N SER A 1414 -21.84 -70.39 -5.17
CA SER A 1414 -21.39 -71.67 -4.62
C SER A 1414 -22.07 -71.94 -3.29
N GLN A 1426 -29.98 -56.70 -1.95
CA GLN A 1426 -29.33 -55.89 -2.97
C GLN A 1426 -30.24 -54.74 -3.41
N GLY A 1427 -31.54 -54.92 -3.14
CA GLY A 1427 -32.59 -54.03 -3.63
C GLY A 1427 -32.48 -52.58 -3.20
N ASP A 1428 -32.70 -51.68 -4.16
CA ASP A 1428 -32.50 -50.27 -3.92
C ASP A 1428 -33.69 -49.67 -3.19
N HIS A 1429 -33.41 -48.78 -2.23
CA HIS A 1429 -34.46 -48.16 -1.43
C HIS A 1429 -33.93 -46.86 -0.86
N PHE A 1430 -34.82 -45.88 -0.72
CA PHE A 1430 -34.45 -44.59 -0.15
C PHE A 1430 -34.31 -44.71 1.36
N GLY A 1431 -33.39 -43.93 1.93
CA GLY A 1431 -33.05 -44.11 3.32
C GLY A 1431 -33.94 -43.39 4.32
N THR A 1432 -34.70 -42.39 3.86
CA THR A 1432 -35.62 -41.50 4.59
C THR A 1432 -34.91 -40.57 5.58
N SER A 1433 -33.59 -40.68 5.76
CA SER A 1433 -32.78 -39.76 6.54
C SER A 1433 -31.31 -39.86 6.15
N PRO A 1434 -30.90 -39.42 4.93
CA PRO A 1434 -29.48 -39.55 4.56
C PRO A 1434 -28.66 -38.33 5.01
N ARG A 1435 -28.37 -38.29 6.30
CA ARG A 1435 -27.77 -37.11 6.90
C ARG A 1435 -26.84 -37.51 8.04
N THR A 1436 -25.90 -36.63 8.36
CA THR A 1436 -25.02 -36.83 9.50
C THR A 1436 -25.79 -36.65 10.81
N TRP A 1437 -25.32 -37.33 11.84
CA TRP A 1437 -25.68 -36.96 13.20
C TRP A 1437 -24.52 -37.30 14.13
N PHE A 1438 -24.29 -36.43 15.09
CA PHE A 1438 -23.19 -36.59 16.02
C PHE A 1438 -23.59 -37.52 17.17
N GLY A 1439 -22.60 -38.16 17.75
CA GLY A 1439 -22.83 -39.09 18.83
C GLY A 1439 -21.59 -39.24 19.68
N CYS A 1440 -21.78 -39.65 20.92
CA CYS A 1440 -20.68 -39.77 21.85
C CYS A 1440 -19.93 -41.08 21.62
N SER A 1441 -18.81 -41.22 22.32
CA SER A 1441 -17.98 -42.42 22.22
C SER A 1441 -18.63 -43.56 23.02
N GLU A 1442 -17.93 -44.69 23.10
CA GLU A 1442 -18.50 -45.90 23.69
C GLU A 1442 -18.66 -45.79 25.20
N GLY A 1443 -17.76 -45.06 25.86
CA GLY A 1443 -17.83 -44.96 27.31
C GLY A 1443 -18.62 -43.81 27.87
N PHE A 1444 -19.07 -42.88 27.04
CA PHE A 1444 -19.66 -41.64 27.50
C PHE A 1444 -21.18 -41.68 27.34
N TYR A 1445 -21.83 -40.55 27.62
CA TYR A 1445 -23.28 -40.46 27.61
C TYR A 1445 -23.69 -39.21 26.85
N GLN A 1446 -24.65 -39.36 25.94
CA GLN A 1446 -25.15 -38.27 25.12
C GLN A 1446 -26.30 -37.61 25.87
N VAL A 1447 -26.08 -36.38 26.34
CA VAL A 1447 -26.99 -35.80 27.33
C VAL A 1447 -28.15 -35.08 26.66
N LEU A 1448 -27.89 -34.25 25.64
CA LEU A 1448 -28.96 -33.52 24.96
C LEU A 1448 -29.20 -34.22 23.63
N THR A 1449 -30.24 -35.06 23.60
CA THR A 1449 -30.47 -35.96 22.47
C THR A 1449 -30.85 -35.21 21.19
N SER A 1450 -31.35 -33.99 21.32
CA SER A 1450 -31.60 -33.15 20.15
C SER A 1450 -30.28 -32.82 19.46
N GLU A 1451 -30.15 -33.24 18.20
CA GLU A 1451 -28.91 -33.04 17.44
C GLU A 1451 -28.67 -31.56 17.13
N ALA A 1452 -29.72 -30.73 17.19
CA ALA A 1452 -29.68 -29.27 17.05
C ALA A 1452 -29.10 -28.55 18.30
N SER A 1453 -28.50 -29.28 19.23
CA SER A 1453 -27.85 -28.72 20.41
C SER A 1453 -26.75 -27.74 20.06
N GLN A 1454 -26.94 -26.47 20.41
CA GLN A 1454 -25.92 -25.47 20.18
C GLN A 1454 -24.79 -25.62 21.22
N ASP A 1455 -23.66 -24.99 20.90
CA ASP A 1455 -22.39 -24.95 21.63
C ASP A 1455 -21.70 -26.33 21.68
N GLY A 1456 -22.26 -27.34 21.03
CA GLY A 1456 -21.58 -28.62 20.78
C GLY A 1456 -21.16 -29.38 22.02
N LEU A 1457 -21.93 -29.27 23.09
CA LEU A 1457 -21.59 -29.90 24.37
C LEU A 1457 -22.69 -30.91 24.68
N GLY A 1458 -22.50 -32.14 24.22
CA GLY A 1458 -23.49 -33.17 24.47
C GLY A 1458 -22.92 -34.46 25.01
N CYS A 1459 -21.61 -34.54 25.15
CA CYS A 1459 -20.94 -35.75 25.61
C CYS A 1459 -20.46 -35.54 27.04
N VAL A 1460 -20.90 -36.42 27.94
CA VAL A 1460 -20.52 -36.37 29.35
C VAL A 1460 -19.85 -37.69 29.71
N LYS A 1461 -18.68 -37.61 30.33
CA LYS A 1461 -17.99 -38.81 30.80
C LYS A 1461 -18.80 -39.48 31.90
N CYS A 1462 -18.87 -40.80 31.85
CA CYS A 1462 -19.72 -41.56 32.74
C CYS A 1462 -19.09 -41.59 34.14
N PRO A 1463 -19.87 -41.28 35.21
CA PRO A 1463 -19.26 -40.97 36.51
C PRO A 1463 -18.65 -42.14 37.25
N GLU A 1464 -18.25 -41.86 38.50
CA GLU A 1464 -17.49 -42.79 39.32
C GLU A 1464 -18.28 -44.06 39.62
N GLY A 1465 -19.42 -43.91 40.28
CA GLY A 1465 -20.21 -45.06 40.69
C GLY A 1465 -21.21 -45.57 39.68
N SER A 1466 -20.81 -45.72 38.43
CA SER A 1466 -21.72 -46.20 37.38
C SER A 1466 -20.89 -46.76 36.24
N TYR A 1467 -21.59 -47.45 35.32
CA TYR A 1467 -20.97 -47.97 34.12
C TYR A 1467 -21.84 -47.65 32.91
N SER A 1468 -21.20 -47.40 31.77
CA SER A 1468 -21.91 -47.12 30.53
C SER A 1468 -22.09 -48.42 29.75
N GLN A 1469 -23.34 -48.73 29.42
CA GLN A 1469 -23.66 -49.99 28.74
C GLN A 1469 -24.32 -49.78 27.38
N ASP A 1470 -25.36 -48.95 27.31
CA ASP A 1470 -26.12 -48.76 26.08
C ASP A 1470 -26.23 -47.27 25.75
N GLU A 1471 -25.07 -46.59 25.78
CA GLU A 1471 -24.95 -45.12 25.73
C GLU A 1471 -25.77 -44.47 26.84
N GLU A 1472 -25.73 -45.09 28.01
CA GLU A 1472 -26.44 -44.62 29.20
C GLU A 1472 -25.68 -45.13 30.41
N CYS A 1473 -25.62 -44.30 31.45
CA CYS A 1473 -24.89 -44.66 32.66
C CYS A 1473 -25.83 -45.33 33.63
N ILE A 1474 -25.70 -46.64 33.76
CA ILE A 1474 -26.47 -47.44 34.71
C ILE A 1474 -25.64 -47.52 35.99
N PRO A 1475 -26.22 -47.23 37.16
CA PRO A 1475 -25.49 -47.45 38.42
C PRO A 1475 -25.13 -48.91 38.61
N CYS A 1476 -23.96 -49.13 39.19
CA CYS A 1476 -23.38 -50.46 39.30
C CYS A 1476 -24.23 -51.35 40.21
N PRO A 1477 -24.29 -52.66 39.94
CA PRO A 1477 -25.03 -53.59 40.81
C PRO A 1477 -24.47 -53.67 42.23
N VAL A 1478 -25.26 -54.28 43.11
CA VAL A 1478 -25.05 -54.19 44.55
C VAL A 1478 -23.75 -54.89 44.95
N GLY A 1479 -23.53 -56.10 44.45
CA GLY A 1479 -22.38 -56.90 44.86
C GLY A 1479 -21.06 -56.47 44.27
N PHE A 1480 -21.04 -55.44 43.42
CA PHE A 1480 -19.86 -55.04 42.68
C PHE A 1480 -19.49 -53.60 43.08
N TYR A 1481 -18.27 -53.18 42.72
CA TYR A 1481 -17.78 -51.84 43.04
C TYR A 1481 -17.00 -51.24 41.87
N GLN A 1482 -17.22 -49.95 41.61
CA GLN A 1482 -16.61 -49.27 40.48
C GLN A 1482 -15.82 -48.07 40.96
N GLU A 1483 -14.58 -47.93 40.46
CA GLU A 1483 -13.68 -46.86 40.88
C GLU A 1483 -13.07 -46.08 39.72
N GLN A 1484 -13.44 -46.38 38.47
CA GLN A 1484 -13.04 -45.59 37.32
C GLN A 1484 -14.18 -44.68 36.87
N ALA A 1485 -13.88 -43.86 35.86
CA ALA A 1485 -14.88 -43.02 35.20
C ALA A 1485 -14.96 -43.42 33.74
N GLY A 1486 -16.16 -43.78 33.29
CA GLY A 1486 -16.34 -44.31 31.95
C GLY A 1486 -15.69 -45.67 31.80
N SER A 1487 -16.21 -46.67 32.52
CA SER A 1487 -15.50 -47.91 32.73
C SER A 1487 -16.08 -49.10 31.97
N LEU A 1488 -17.34 -49.01 31.53
CA LEU A 1488 -18.07 -49.96 30.67
C LEU A 1488 -18.45 -51.27 31.40
N ALA A 1489 -17.92 -51.48 32.61
CA ALA A 1489 -18.22 -52.66 33.41
C ALA A 1489 -17.91 -52.35 34.86
N CYS A 1490 -18.45 -53.17 35.76
CA CYS A 1490 -18.27 -52.94 37.18
C CYS A 1490 -17.72 -54.20 37.83
N VAL A 1491 -16.89 -54.01 38.85
CA VAL A 1491 -15.98 -55.04 39.36
C VAL A 1491 -16.44 -55.52 40.74
N PRO A 1492 -16.47 -56.82 41.04
CA PRO A 1492 -16.83 -57.26 42.38
C PRO A 1492 -15.65 -57.33 43.34
N CYS A 1493 -15.96 -57.18 44.64
CA CYS A 1493 -14.97 -57.33 45.70
C CYS A 1493 -15.22 -58.63 46.46
N PRO A 1494 -14.19 -59.44 46.68
CA PRO A 1494 -14.39 -60.70 47.43
C PRO A 1494 -14.52 -60.49 48.93
N VAL A 1495 -13.74 -59.59 49.49
CA VAL A 1495 -13.73 -59.35 50.93
C VAL A 1495 -14.74 -58.25 51.22
N GLY A 1496 -15.71 -58.54 52.07
CA GLY A 1496 -16.73 -57.56 52.39
C GLY A 1496 -17.76 -57.36 51.30
N ARG A 1497 -18.45 -58.43 50.91
CA ARG A 1497 -19.42 -58.40 49.81
C ARG A 1497 -20.67 -57.62 50.18
N THR A 1498 -21.56 -57.41 49.19
CA THR A 1498 -22.93 -56.89 49.35
C THR A 1498 -22.94 -55.49 49.98
N THR A 1499 -22.55 -54.51 49.17
CA THR A 1499 -22.68 -53.10 49.51
C THR A 1499 -24.11 -52.73 49.90
N ILE A 1500 -24.23 -51.69 50.74
CA ILE A 1500 -25.55 -51.20 51.14
C ILE A 1500 -26.29 -50.61 49.95
N SER A 1501 -25.64 -49.69 49.25
CA SER A 1501 -26.24 -48.99 48.12
C SER A 1501 -25.78 -49.59 46.80
N ALA A 1502 -26.05 -48.88 45.71
CA ALA A 1502 -25.59 -49.26 44.39
C ALA A 1502 -24.37 -48.47 43.92
N GLY A 1503 -24.00 -47.41 44.62
CA GLY A 1503 -22.88 -46.56 44.24
C GLY A 1503 -21.53 -47.24 44.23
N ALA A 1504 -21.00 -47.56 45.43
CA ALA A 1504 -19.80 -48.37 45.64
C ALA A 1504 -18.56 -47.75 44.96
N PHE A 1505 -18.15 -46.61 45.52
CA PHE A 1505 -17.09 -45.80 44.92
C PHE A 1505 -15.73 -46.50 44.98
N SER A 1506 -15.45 -47.25 46.05
CA SER A 1506 -14.17 -47.93 46.17
C SER A 1506 -14.33 -49.24 46.91
N GLN A 1507 -13.25 -50.03 46.91
CA GLN A 1507 -13.25 -51.31 47.63
C GLN A 1507 -13.27 -51.11 49.15
N THR A 1508 -12.85 -49.94 49.62
CA THR A 1508 -13.03 -49.60 51.03
C THR A 1508 -14.51 -49.41 51.40
N HIS A 1509 -15.37 -49.19 50.40
CA HIS A 1509 -16.78 -48.92 50.64
C HIS A 1509 -17.65 -50.17 50.56
N CYS A 1510 -17.09 -51.32 50.17
CA CYS A 1510 -17.82 -52.57 50.28
C CYS A 1510 -17.47 -53.21 51.63
N VAL A 1511 -18.50 -53.69 52.32
CA VAL A 1511 -18.51 -53.79 53.78
C VAL A 1511 -18.78 -55.23 54.20
N THR A 1512 -18.10 -55.67 55.27
CA THR A 1512 -18.17 -57.06 55.72
C THR A 1512 -19.52 -57.37 56.38
N ASP A 1513 -19.73 -58.67 56.63
CA ASP A 1513 -21.04 -59.16 57.09
C ASP A 1513 -21.37 -58.63 58.49
N CYS A 1514 -20.39 -58.63 59.40
CA CYS A 1514 -20.59 -58.02 60.72
C CYS A 1514 -20.83 -56.53 60.59
N GLN A 1515 -20.01 -55.87 59.80
CA GLN A 1515 -20.01 -54.42 59.68
C GLN A 1515 -21.16 -53.90 58.83
N ARG A 1516 -21.86 -54.79 58.12
CA ARG A 1516 -23.11 -54.44 57.45
C ARG A 1516 -24.18 -54.02 58.44
N ASN A 1517 -24.60 -54.93 59.31
CA ASN A 1517 -25.65 -54.68 60.29
C ASN A 1517 -25.10 -54.87 61.69
N GLU A 1518 -25.25 -53.85 62.53
CA GLU A 1518 -24.82 -53.94 63.92
C GLU A 1518 -25.80 -53.18 64.80
N ALA A 1519 -26.34 -53.86 65.81
CA ALA A 1519 -27.18 -53.26 66.83
C ALA A 1519 -26.51 -53.53 68.18
N GLY A 1520 -25.64 -52.62 68.59
CA GLY A 1520 -24.79 -52.89 69.75
C GLY A 1520 -23.77 -53.98 69.50
N LEU A 1521 -23.15 -53.99 68.32
CA LEU A 1521 -22.22 -55.03 67.91
C LEU A 1521 -20.96 -54.37 67.37
N GLN A 1522 -19.80 -54.94 67.71
CA GLN A 1522 -18.52 -54.45 67.22
C GLN A 1522 -17.83 -55.53 66.40
N CYS A 1523 -16.94 -55.10 65.50
CA CYS A 1523 -16.31 -55.99 64.54
C CYS A 1523 -14.80 -55.89 64.66
N ASP A 1524 -14.12 -57.02 64.42
CA ASP A 1524 -12.67 -57.06 64.49
C ASP A 1524 -12.02 -56.36 63.29
N GLN A 1525 -10.68 -56.35 63.29
CA GLN A 1525 -9.93 -55.77 62.19
C GLN A 1525 -10.08 -56.56 60.89
N ASN A 1526 -10.43 -57.85 60.96
CA ASN A 1526 -10.65 -58.63 59.74
C ASN A 1526 -12.08 -58.47 59.21
N GLY A 1527 -12.98 -57.90 60.00
CA GLY A 1527 -14.32 -57.57 59.52
C GLY A 1527 -15.44 -58.45 60.04
N GLN A 1528 -15.14 -59.58 60.68
CA GLN A 1528 -16.19 -60.42 61.24
C GLN A 1528 -16.51 -59.99 62.67
N TYR A 1529 -17.37 -60.74 63.33
CA TYR A 1529 -17.63 -60.52 64.75
C TYR A 1529 -16.38 -60.79 65.58
N ARG A 1530 -16.14 -59.92 66.56
CA ARG A 1530 -15.24 -60.28 67.64
C ARG A 1530 -15.85 -61.37 68.52
N ALA A 1531 -15.00 -61.97 69.35
CA ALA A 1531 -15.46 -62.98 70.30
C ALA A 1531 -16.48 -62.40 71.28
N SER A 1532 -16.05 -61.46 72.12
CA SER A 1532 -16.92 -60.89 73.13
C SER A 1532 -17.69 -59.69 72.60
N GLN A 1533 -18.93 -59.54 73.07
CA GLN A 1533 -19.78 -58.41 72.73
C GLN A 1533 -20.49 -57.95 74.00
N LYS A 1534 -20.54 -56.64 74.22
CA LYS A 1534 -21.20 -56.10 75.40
C LYS A 1534 -22.71 -56.26 75.31
N ASP A 1535 -23.35 -56.48 76.46
CA ASP A 1535 -24.76 -56.80 76.52
C ASP A 1535 -25.60 -55.56 76.84
N ARG A 1536 -26.58 -55.27 75.96
CA ARG A 1536 -27.48 -54.12 76.05
C ARG A 1536 -26.72 -52.81 76.17
N GLY A 1537 -25.66 -52.67 75.38
CA GLY A 1537 -24.74 -51.57 75.57
C GLY A 1537 -23.94 -51.75 76.84
N SER A 1538 -24.20 -50.93 77.85
CA SER A 1538 -23.58 -51.14 79.15
C SER A 1538 -24.15 -52.40 79.81
N GLY A 1539 -23.28 -53.18 80.42
CA GLY A 1539 -23.67 -54.42 81.06
C GLY A 1539 -22.55 -55.45 80.96
N LYS A 1540 -22.95 -56.71 81.02
CA LYS A 1540 -22.01 -57.82 80.93
C LYS A 1540 -21.58 -58.06 79.49
N ALA A 1541 -20.78 -59.10 79.30
CA ALA A 1541 -20.29 -59.50 77.98
C ALA A 1541 -20.76 -60.90 77.66
N PHE A 1542 -21.29 -61.08 76.45
CA PHE A 1542 -21.70 -62.37 75.94
C PHE A 1542 -20.94 -62.64 74.64
N CYS A 1543 -20.52 -63.89 74.45
CA CYS A 1543 -19.52 -64.22 73.44
C CYS A 1543 -20.14 -65.08 72.33
N VAL A 1544 -20.22 -64.52 71.14
CA VAL A 1544 -21.15 -65.00 70.11
C VAL A 1544 -20.43 -65.89 69.10
N ASP A 1545 -21.22 -66.53 68.23
CA ASP A 1545 -20.72 -67.43 67.20
C ASP A 1545 -19.94 -66.67 66.14
N GLY A 1546 -18.99 -67.36 65.50
CA GLY A 1546 -18.11 -66.72 64.53
C GLY A 1546 -18.78 -66.28 63.25
N GLU A 1547 -19.69 -67.09 62.71
CA GLU A 1547 -20.30 -66.78 61.41
C GLU A 1547 -21.67 -66.12 61.53
N GLY A 1548 -22.46 -66.49 62.53
CA GLY A 1548 -23.75 -65.86 62.79
C GLY A 1548 -23.64 -65.00 64.04
N ARG A 1549 -24.36 -63.87 64.04
CA ARG A 1549 -24.32 -62.94 65.15
C ARG A 1549 -24.93 -63.52 66.43
N ARG A 1550 -25.73 -64.58 66.32
CA ARG A 1550 -26.43 -65.16 67.46
C ARG A 1550 -25.46 -65.71 68.51
N LEU A 1551 -25.81 -65.51 69.77
CA LEU A 1551 -25.02 -66.04 70.86
C LEU A 1551 -25.28 -67.53 71.01
N PRO A 1552 -24.26 -68.30 71.40
CA PRO A 1552 -24.58 -69.60 72.03
C PRO A 1552 -25.07 -69.31 73.46
N TRP A 1553 -26.39 -69.10 73.56
CA TRP A 1553 -27.00 -68.60 74.79
C TRP A 1553 -26.77 -69.54 75.96
N TRP A 1554 -27.21 -70.80 75.80
CA TRP A 1554 -27.15 -71.90 76.76
C TRP A 1554 -25.86 -72.07 77.55
N GLU A 1555 -24.73 -71.65 77.00
CA GLU A 1555 -23.46 -71.66 77.72
C GLU A 1555 -23.49 -70.75 78.95
N THR A 1556 -23.56 -69.43 78.74
CA THR A 1556 -23.45 -68.47 79.84
C THR A 1556 -24.42 -67.30 79.64
N GLU A 1557 -25.68 -67.56 79.29
CA GLU A 1557 -26.62 -66.46 79.14
C GLU A 1557 -27.02 -65.90 80.51
N ALA A 1558 -27.04 -66.74 81.54
CA ALA A 1558 -27.50 -66.38 82.88
C ALA A 1558 -26.46 -65.68 83.78
N PRO A 1559 -25.19 -66.11 83.89
CA PRO A 1559 -24.29 -65.40 84.82
C PRO A 1559 -23.94 -63.99 84.36
N LEU A 1560 -24.33 -63.01 85.19
CA LEU A 1560 -23.97 -61.61 84.99
C LEU A 1560 -22.55 -61.42 85.52
N GLU A 1561 -21.57 -61.74 84.68
CA GLU A 1561 -20.21 -61.92 85.15
C GLU A 1561 -19.23 -61.45 84.08
N ASP A 1562 -17.98 -61.89 84.18
CA ASP A 1562 -16.83 -61.27 83.53
C ASP A 1562 -16.83 -61.45 82.01
N SER A 1563 -15.93 -60.71 81.37
CA SER A 1563 -15.73 -60.72 79.93
C SER A 1563 -14.64 -61.74 79.57
N GLN A 1564 -14.14 -61.65 78.33
CA GLN A 1564 -12.99 -62.43 77.82
C GLN A 1564 -13.26 -63.93 77.86
N CYS A 1565 -14.19 -64.36 76.99
CA CYS A 1565 -14.39 -65.78 76.74
C CYS A 1565 -13.30 -66.33 75.82
N LEU A 1566 -12.04 -66.28 76.23
CA LEU A 1566 -10.95 -66.85 75.45
C LEU A 1566 -10.77 -68.33 75.77
N MET A 1567 -11.88 -69.06 75.79
CA MET A 1567 -11.89 -70.52 75.67
C MET A 1567 -13.10 -70.83 74.81
N MET A 1568 -12.89 -71.60 73.75
CA MET A 1568 -13.93 -71.78 72.74
C MET A 1568 -15.02 -72.68 73.29
N GLN A 1569 -16.18 -72.10 73.59
CA GLN A 1569 -17.31 -72.87 74.08
C GLN A 1569 -17.95 -73.67 72.96
N LYS A 1570 -17.27 -74.74 72.54
CA LYS A 1570 -17.84 -75.73 71.64
C LYS A 1570 -18.79 -76.68 72.36
N PHE A 1571 -18.91 -76.58 73.67
CA PHE A 1571 -19.87 -77.35 74.43
C PHE A 1571 -21.30 -76.90 74.10
N GLU A 1572 -22.27 -77.70 74.53
CA GLU A 1572 -23.67 -77.37 74.31
C GLU A 1572 -24.47 -77.90 75.50
N LYS A 1573 -25.15 -77.00 76.19
CA LYS A 1573 -26.03 -77.35 77.30
C LYS A 1573 -27.24 -78.08 76.74
N VAL A 1574 -27.27 -79.39 76.99
CA VAL A 1574 -28.34 -80.26 76.49
C VAL A 1574 -29.66 -79.89 77.16
N PRO A 1575 -30.75 -79.74 76.40
CA PRO A 1575 -32.06 -79.51 77.02
C PRO A 1575 -32.51 -80.69 77.87
N GLU A 1576 -33.34 -80.38 78.87
CA GLU A 1576 -33.75 -81.39 79.85
C GLU A 1576 -34.63 -82.47 79.22
N SER A 1577 -35.28 -82.16 78.09
CA SER A 1577 -36.02 -83.16 77.33
C SER A 1577 -35.14 -84.21 76.68
N LYS A 1578 -33.82 -83.97 76.58
CA LYS A 1578 -32.88 -84.92 75.99
C LYS A 1578 -31.95 -85.50 77.05
N VAL A 1579 -32.47 -85.76 78.25
CA VAL A 1579 -31.72 -86.42 79.31
C VAL A 1579 -32.70 -87.15 80.24
N ILE A 1580 -32.34 -88.36 80.63
CA ILE A 1580 -33.08 -89.10 81.65
C ILE A 1580 -32.28 -89.07 82.94
N PHE A 1581 -32.92 -89.42 84.04
CA PHE A 1581 -32.28 -89.42 85.34
C PHE A 1581 -32.37 -90.79 86.00
N ASP A 1582 -31.33 -91.11 86.77
CA ASP A 1582 -31.22 -92.33 87.58
C ASP A 1582 -31.33 -93.61 86.73
N ALA A 1583 -30.66 -93.60 85.58
CA ALA A 1583 -30.56 -94.82 84.78
C ALA A 1583 -29.66 -95.84 85.46
N ASN A 1584 -29.75 -97.09 85.01
CA ASN A 1584 -29.12 -98.18 85.73
C ASN A 1584 -27.65 -98.38 85.37
N ALA A 1585 -26.86 -97.30 85.36
CA ALA A 1585 -25.41 -97.34 85.40
C ALA A 1585 -24.88 -96.03 85.96
N PRO A 1586 -25.24 -95.66 87.21
CA PRO A 1586 -25.00 -94.26 87.64
C PRO A 1586 -23.59 -94.07 88.19
N VAL A 1587 -22.60 -94.20 87.31
CA VAL A 1587 -21.20 -94.07 87.68
C VAL A 1587 -20.62 -92.81 87.01
N ALA A 1588 -20.03 -91.94 87.82
CA ALA A 1588 -19.28 -90.80 87.33
C ALA A 1588 -17.80 -91.10 87.49
N VAL A 1589 -17.02 -90.79 86.45
CA VAL A 1589 -15.60 -91.14 86.46
C VAL A 1589 -14.85 -90.34 87.52
N ARG A 1590 -15.14 -89.03 87.65
CA ARG A 1590 -14.72 -88.17 88.75
C ARG A 1590 -15.38 -86.80 88.73
N SER A 1591 -15.02 -85.99 89.73
CA SER A 1591 -15.48 -84.62 89.89
C SER A 1591 -14.37 -83.84 90.59
N LYS A 1592 -14.65 -82.59 90.92
CA LYS A 1592 -13.75 -81.79 91.76
C LYS A 1592 -14.56 -80.73 92.48
N VAL A 1593 -14.11 -80.39 93.69
CA VAL A 1593 -14.73 -79.33 94.49
C VAL A 1593 -14.28 -77.99 93.91
N PRO A 1594 -15.20 -77.06 93.64
CA PRO A 1594 -14.82 -75.79 93.03
C PRO A 1594 -14.41 -74.76 94.07
N ASP A 1595 -13.94 -73.62 93.57
CA ASP A 1595 -13.40 -72.55 94.42
C ASP A 1595 -14.38 -71.41 94.60
N SER A 1596 -15.65 -71.59 94.21
CA SER A 1596 -16.71 -70.57 94.26
C SER A 1596 -16.33 -69.30 93.51
N GLU A 1597 -15.63 -69.45 92.39
CA GLU A 1597 -15.22 -68.31 91.57
C GLU A 1597 -15.21 -68.80 90.12
N PHE A 1598 -16.32 -68.54 89.41
CA PHE A 1598 -16.63 -69.12 88.11
C PHE A 1598 -16.46 -70.64 88.06
N PRO A 1599 -17.31 -71.41 88.76
CA PRO A 1599 -17.16 -72.87 88.75
C PRO A 1599 -17.35 -73.52 87.39
N VAL A 1600 -18.28 -72.99 86.60
CA VAL A 1600 -18.55 -73.54 85.27
C VAL A 1600 -17.35 -73.36 84.36
N MET A 1601 -16.72 -72.19 84.42
CA MET A 1601 -15.49 -71.95 83.66
C MET A 1601 -14.35 -72.83 84.15
N GLN A 1602 -14.32 -73.13 85.46
CA GLN A 1602 -13.30 -74.03 86.00
C GLN A 1602 -13.46 -75.44 85.46
N CYS A 1603 -14.70 -75.94 85.37
CA CYS A 1603 -14.90 -77.28 84.82
C CYS A 1603 -14.69 -77.33 83.31
N LEU A 1604 -15.09 -76.27 82.59
CA LEU A 1604 -14.80 -76.20 81.16
C LEU A 1604 -13.30 -76.15 80.88
N THR A 1605 -12.53 -75.45 81.72
CA THR A 1605 -11.08 -75.52 81.59
C THR A 1605 -10.54 -76.88 82.00
N ASP A 1606 -11.22 -77.56 82.92
CA ASP A 1606 -10.81 -78.91 83.32
C ASP A 1606 -10.98 -79.90 82.17
N CYS A 1607 -11.96 -79.69 81.29
CA CYS A 1607 -12.09 -80.48 80.07
C CYS A 1607 -11.62 -79.74 78.82
N THR A 1608 -10.53 -78.97 78.92
CA THR A 1608 -9.79 -78.64 77.71
C THR A 1608 -9.02 -79.83 77.20
N GLU A 1609 -8.55 -80.69 78.09
CA GLU A 1609 -7.94 -81.95 77.70
C GLU A 1609 -9.02 -82.96 77.33
N ASP A 1610 -8.68 -83.85 76.39
CA ASP A 1610 -9.70 -84.57 75.63
C ASP A 1610 -10.38 -85.70 76.41
N GLU A 1611 -9.66 -86.33 77.34
CA GLU A 1611 -9.96 -87.70 77.77
C GLU A 1611 -11.30 -87.79 78.50
N ALA A 1612 -12.15 -88.69 77.99
CA ALA A 1612 -13.33 -89.31 78.64
C ALA A 1612 -14.15 -88.32 79.47
N CYS A 1613 -14.58 -87.24 78.82
CA CYS A 1613 -15.29 -86.16 79.49
C CYS A 1613 -16.77 -86.09 79.13
N SER A 1614 -17.06 -85.84 77.85
CA SER A 1614 -18.32 -86.08 77.14
C SER A 1614 -19.54 -85.28 77.58
N PHE A 1615 -19.62 -84.95 78.88
CA PHE A 1615 -20.60 -84.06 79.53
C PHE A 1615 -20.39 -83.95 81.03
N PHE A 1616 -20.97 -82.88 81.59
CA PHE A 1616 -20.90 -82.49 82.99
C PHE A 1616 -22.22 -82.73 83.67
N THR A 1617 -22.18 -82.71 85.00
CA THR A 1617 -23.37 -82.51 85.82
C THR A 1617 -22.94 -81.72 87.05
N VAL A 1618 -23.44 -80.49 87.17
CA VAL A 1618 -23.20 -79.66 88.34
C VAL A 1618 -24.19 -80.04 89.43
N SER A 1619 -23.96 -79.57 90.65
CA SER A 1619 -24.81 -79.92 91.79
C SER A 1619 -24.93 -78.70 92.69
N THR A 1620 -26.06 -77.99 92.59
CA THR A 1620 -26.27 -76.73 93.28
C THR A 1620 -27.07 -76.88 94.59
N THR A 1621 -27.29 -78.12 95.06
CA THR A 1621 -27.99 -78.32 96.32
C THR A 1621 -27.15 -77.84 97.50
N GLU A 1622 -25.88 -78.22 97.53
CA GLU A 1622 -24.94 -77.81 98.57
C GLU A 1622 -24.08 -76.66 98.05
N PRO A 1623 -23.46 -75.87 98.95
CA PRO A 1623 -22.53 -74.81 98.48
C PRO A 1623 -21.33 -75.32 97.68
N GLU A 1624 -20.83 -76.52 97.97
CA GLU A 1624 -19.89 -77.15 97.06
C GLU A 1624 -20.62 -77.58 95.79
N ILE A 1625 -20.04 -77.25 94.63
CA ILE A 1625 -20.72 -77.48 93.37
C ILE A 1625 -19.96 -78.56 92.61
N SER A 1626 -20.34 -79.81 92.80
CA SER A 1626 -19.60 -80.94 92.26
C SER A 1626 -19.83 -81.06 90.76
N CYS A 1627 -18.77 -80.95 89.97
CA CYS A 1627 -18.82 -81.19 88.53
C CYS A 1627 -18.56 -82.67 88.24
N ASP A 1628 -19.58 -83.47 88.52
CA ASP A 1628 -19.51 -84.91 88.23
C ASP A 1628 -19.56 -85.09 86.73
N PHE A 1629 -18.44 -85.44 86.10
CA PHE A 1629 -18.50 -85.59 84.65
C PHE A 1629 -18.33 -87.05 84.26
N TYR A 1630 -18.67 -87.35 83.01
CA TYR A 1630 -18.89 -88.74 82.62
C TYR A 1630 -17.98 -89.12 81.45
N ALA A 1631 -18.22 -90.23 80.74
CA ALA A 1631 -17.23 -90.70 79.77
C ALA A 1631 -17.85 -91.09 78.44
N TRP A 1632 -17.02 -91.10 77.40
CA TRP A 1632 -17.38 -91.63 76.08
C TRP A 1632 -17.48 -93.15 76.19
N THR A 1633 -18.69 -93.65 76.36
CA THR A 1633 -18.95 -95.09 76.50
C THR A 1633 -20.44 -95.29 76.26
N SER A 1634 -20.91 -96.52 76.52
CA SER A 1634 -22.33 -96.79 76.63
C SER A 1634 -22.95 -95.92 77.71
N ASP A 1635 -24.06 -95.27 77.36
CA ASP A 1635 -24.62 -94.11 78.07
C ASP A 1635 -23.57 -93.00 78.23
N LEU A 1660 -29.33 -89.58 64.62
CA LEU A 1660 -30.66 -88.99 64.78
C LEU A 1660 -31.26 -89.35 66.14
N ARG A 1661 -31.52 -88.31 66.94
CA ARG A 1661 -32.26 -88.36 68.20
C ARG A 1661 -31.59 -89.32 69.20
N CYS A 1662 -30.40 -88.92 69.64
CA CYS A 1662 -29.67 -89.60 70.71
C CYS A 1662 -29.54 -88.65 71.88
N GLN A 1663 -29.95 -89.10 73.06
CA GLN A 1663 -29.98 -88.28 74.26
C GLN A 1663 -28.87 -88.72 75.21
N VAL A 1664 -28.73 -87.99 76.31
CA VAL A 1664 -27.84 -88.41 77.39
C VAL A 1664 -28.57 -89.50 78.17
N LYS A 1665 -27.92 -90.66 78.29
CA LYS A 1665 -28.62 -91.88 78.68
C LYS A 1665 -28.40 -92.30 80.13
N VAL A 1666 -27.73 -91.48 80.94
CA VAL A 1666 -27.56 -91.79 82.36
C VAL A 1666 -27.36 -90.48 83.10
N ARG A 1667 -27.73 -90.45 84.38
CA ARG A 1667 -27.41 -89.37 85.30
C ARG A 1667 -27.52 -89.99 86.70
N SER A 1668 -26.87 -89.38 87.69
CA SER A 1668 -26.67 -90.00 89.00
C SER A 1668 -27.72 -89.62 90.03
N HIS A 1669 -28.03 -88.34 90.18
CA HIS A 1669 -28.89 -87.87 91.26
C HIS A 1669 -30.31 -87.63 90.77
N GLY A 1670 -31.29 -87.93 91.63
CA GLY A 1670 -32.69 -87.96 91.23
C GLY A 1670 -33.55 -86.73 91.48
N GLN A 1671 -33.47 -86.17 92.70
CA GLN A 1671 -34.49 -85.23 93.18
C GLN A 1671 -34.49 -83.93 92.41
N ASP A 1672 -33.33 -83.29 92.27
CA ASP A 1672 -33.24 -81.99 91.64
C ASP A 1672 -32.69 -82.12 90.22
N SER A 1673 -32.76 -81.02 89.47
CA SER A 1673 -32.43 -81.11 88.06
C SER A 1673 -31.75 -79.87 87.50
N PRO A 1674 -30.43 -79.68 87.74
CA PRO A 1674 -29.66 -78.78 86.88
C PRO A 1674 -29.39 -79.40 85.52
N ALA A 1675 -28.80 -78.62 84.61
CA ALA A 1675 -28.60 -79.05 83.24
C ALA A 1675 -27.37 -79.92 83.11
N VAL A 1676 -27.21 -80.48 81.91
CA VAL A 1676 -26.02 -81.21 81.50
C VAL A 1676 -25.54 -80.62 80.17
N TYR A 1677 -24.27 -80.83 79.87
CA TYR A 1677 -23.63 -80.22 78.71
C TYR A 1677 -23.39 -81.29 77.65
N LEU A 1678 -22.65 -80.93 76.60
CA LEU A 1678 -22.18 -81.89 75.59
C LEU A 1678 -21.02 -81.25 74.84
N LYS A 1679 -19.82 -81.78 74.98
CA LYS A 1679 -18.70 -81.30 74.19
C LYS A 1679 -18.85 -81.77 72.74
N LYS A 1680 -18.73 -80.84 71.80
CA LYS A 1680 -19.11 -81.08 70.41
C LYS A 1680 -17.90 -80.92 69.51
N GLY A 1681 -17.70 -81.90 68.61
CA GLY A 1681 -16.70 -81.80 67.57
C GLY A 1681 -15.27 -81.70 68.06
N GLN A 1682 -14.99 -82.18 69.28
CA GLN A 1682 -13.65 -82.10 69.83
C GLN A 1682 -12.71 -83.02 69.06
N GLY A 1683 -11.48 -82.54 68.85
CA GLY A 1683 -10.51 -83.23 68.03
C GLY A 1683 -10.10 -84.61 68.51
N SER A 1684 -9.33 -84.67 69.60
CA SER A 1684 -8.93 -85.96 70.12
C SER A 1684 -10.02 -86.53 71.02
N THR A 1685 -9.98 -87.84 71.23
CA THR A 1685 -11.06 -88.54 71.92
C THR A 1685 -10.47 -89.80 72.55
N THR A 1686 -10.99 -90.18 73.71
CA THR A 1686 -10.64 -91.42 74.37
C THR A 1686 -11.92 -92.07 74.84
N THR A 1687 -12.27 -93.22 74.26
CA THR A 1687 -13.58 -93.84 74.44
C THR A 1687 -13.48 -95.26 74.99
N LEU A 1688 -12.53 -95.48 75.90
CA LEU A 1688 -12.33 -96.67 76.74
C LEU A 1688 -11.87 -97.90 75.97
N GLN A 1689 -11.88 -97.87 74.63
CA GLN A 1689 -11.32 -98.97 73.84
C GLN A 1689 -10.34 -98.51 72.77
N LYS A 1690 -10.45 -97.28 72.26
CA LYS A 1690 -9.61 -96.81 71.18
C LYS A 1690 -9.24 -95.36 71.44
N ARG A 1691 -8.29 -94.85 70.67
CA ARG A 1691 -7.76 -93.50 70.82
C ARG A 1691 -7.92 -92.78 69.48
N PHE A 1692 -9.03 -92.05 69.33
CA PHE A 1692 -9.37 -91.43 68.06
C PHE A 1692 -8.62 -90.11 67.89
N GLU A 1693 -8.22 -89.83 66.65
CA GLU A 1693 -7.55 -88.59 66.32
C GLU A 1693 -8.16 -87.95 65.07
N PRO A 1694 -8.25 -86.61 65.01
CA PRO A 1694 -8.85 -85.94 63.84
C PRO A 1694 -7.85 -85.77 62.70
N THR A 1695 -7.62 -86.88 61.99
CA THR A 1695 -6.69 -86.90 60.87
C THR A 1695 -7.19 -86.00 59.75
N GLY A 1696 -6.42 -84.95 59.44
CA GLY A 1696 -6.88 -83.87 58.59
C GLY A 1696 -7.10 -84.18 57.12
N PHE A 1697 -7.00 -85.45 56.75
CA PHE A 1697 -7.14 -85.87 55.37
C PHE A 1697 -8.62 -85.89 55.01
N GLN A 1698 -8.97 -85.20 53.93
CA GLN A 1698 -10.38 -85.04 53.57
C GLN A 1698 -10.99 -86.35 53.09
N ASN A 1699 -10.32 -87.07 52.19
CA ASN A 1699 -10.96 -88.19 51.52
C ASN A 1699 -10.16 -89.46 51.77
N MET A 1700 -10.76 -90.58 51.38
CA MET A 1700 -10.29 -91.93 51.63
C MET A 1700 -10.38 -92.72 50.32
N LEU A 1701 -9.51 -93.73 50.18
CA LEU A 1701 -9.46 -94.48 48.93
C LEU A 1701 -10.38 -95.72 48.93
N SER A 1702 -10.20 -96.61 49.91
CA SER A 1702 -10.94 -97.86 49.88
C SER A 1702 -11.16 -98.41 51.29
N GLY A 1703 -12.21 -99.20 51.44
CA GLY A 1703 -12.52 -99.93 52.65
C GLY A 1703 -13.60 -99.31 53.50
N LEU A 1704 -14.84 -99.75 53.33
CA LEU A 1704 -15.99 -99.05 53.93
C LEU A 1704 -17.16 -100.01 54.02
N TYR A 1705 -17.62 -100.28 55.25
CA TYR A 1705 -18.73 -101.20 55.44
C TYR A 1705 -20.09 -100.61 55.11
N ASN A 1706 -20.51 -99.63 55.92
CA ASN A 1706 -21.88 -99.16 55.93
C ASN A 1706 -21.93 -97.65 55.81
N PRO A 1707 -21.76 -97.11 54.60
CA PRO A 1707 -22.04 -95.68 54.40
C PRO A 1707 -23.54 -95.43 54.52
N ILE A 1708 -23.93 -94.74 55.58
CA ILE A 1708 -25.33 -94.54 55.89
C ILE A 1708 -25.61 -93.03 55.85
N VAL A 1709 -26.76 -92.67 55.34
CA VAL A 1709 -27.13 -91.28 55.16
C VAL A 1709 -28.13 -90.92 56.26
N PHE A 1710 -28.17 -89.63 56.59
CA PHE A 1710 -29.15 -89.12 57.52
C PHE A 1710 -29.86 -87.94 56.89
N SER A 1711 -31.08 -87.68 57.38
CA SER A 1711 -31.91 -86.63 56.84
C SER A 1711 -31.29 -85.26 57.10
N ALA A 1712 -31.58 -84.31 56.20
CA ALA A 1712 -31.03 -82.96 56.30
C ALA A 1712 -31.53 -82.23 57.54
N SER A 1713 -32.75 -82.54 57.99
CA SER A 1713 -33.29 -82.02 59.23
C SER A 1713 -33.04 -82.95 60.41
N GLY A 1714 -32.38 -84.08 60.20
CA GLY A 1714 -32.16 -85.06 61.24
C GLY A 1714 -31.18 -84.66 62.31
N ALA A 1715 -29.90 -84.57 61.95
CA ALA A 1715 -28.83 -84.31 62.90
C ALA A 1715 -28.19 -82.96 62.63
N ASN A 1716 -27.31 -82.55 63.56
CA ASN A 1716 -26.64 -81.26 63.52
C ASN A 1716 -25.13 -81.40 63.49
N LEU A 1717 -24.63 -82.49 62.89
CA LEU A 1717 -23.21 -82.88 62.74
C LEU A 1717 -22.54 -83.26 64.05
N THR A 1718 -23.23 -83.16 65.18
CA THR A 1718 -22.74 -83.59 66.48
C THR A 1718 -23.41 -84.89 66.94
N ASP A 1719 -24.73 -84.98 66.73
CA ASP A 1719 -25.44 -86.22 66.98
C ASP A 1719 -24.91 -87.33 66.07
N ALA A 1720 -24.61 -86.99 64.82
CA ALA A 1720 -23.96 -87.94 63.90
C ALA A 1720 -22.56 -88.32 64.40
N HIS A 1721 -21.81 -87.35 64.92
CA HIS A 1721 -20.47 -87.62 65.45
C HIS A 1721 -20.54 -88.60 66.61
N LEU A 1722 -21.48 -88.37 67.53
CA LEU A 1722 -21.70 -89.27 68.67
C LEU A 1722 -22.13 -90.65 68.19
N PHE A 1723 -23.01 -90.70 67.19
CA PHE A 1723 -23.53 -91.97 66.67
C PHE A 1723 -22.42 -92.81 66.04
N CYS A 1724 -21.64 -92.23 65.12
CA CYS A 1724 -20.60 -93.01 64.46
C CYS A 1724 -19.46 -93.36 65.41
N LEU A 1725 -19.12 -92.46 66.34
CA LEU A 1725 -18.06 -92.75 67.31
C LEU A 1725 -18.47 -93.89 68.23
N LEU A 1726 -19.71 -93.87 68.72
CA LEU A 1726 -20.19 -94.96 69.55
C LEU A 1726 -20.37 -96.25 68.75
N ALA A 1727 -20.71 -96.13 67.47
CA ALA A 1727 -20.86 -97.31 66.62
C ALA A 1727 -19.53 -98.02 66.40
N CYS A 1728 -18.47 -97.24 66.15
CA CYS A 1728 -17.13 -97.83 66.04
C CYS A 1728 -16.65 -98.35 67.38
N ASP A 1729 -16.90 -97.61 68.47
CA ASP A 1729 -16.44 -98.01 69.80
C ASP A 1729 -17.11 -99.32 70.24
N ARG A 1730 -18.37 -99.53 69.87
CA ARG A 1730 -19.03 -100.80 70.15
C ARG A 1730 -18.40 -101.94 69.35
N ASP A 1731 -18.09 -101.71 68.08
CA ASP A 1731 -17.61 -102.77 67.20
C ASP A 1731 -16.10 -102.98 67.41
N LEU A 1732 -15.55 -103.99 66.75
CA LEU A 1732 -14.15 -104.35 66.87
C LEU A 1732 -13.41 -104.05 65.56
N CYS A 1733 -12.13 -103.70 65.69
CA CYS A 1733 -11.14 -103.58 64.61
C CYS A 1733 -11.46 -102.48 63.60
N CYS A 1734 -12.30 -101.52 63.96
CA CYS A 1734 -12.50 -100.35 63.11
C CYS A 1734 -11.33 -99.38 63.30
N ASP A 1735 -10.50 -99.26 62.27
CA ASP A 1735 -9.38 -98.33 62.31
C ASP A 1735 -9.81 -96.88 62.36
N GLY A 1736 -10.99 -96.56 61.85
CA GLY A 1736 -11.46 -95.20 61.87
C GLY A 1736 -12.85 -95.10 61.30
N PHE A 1737 -13.26 -93.85 61.01
CA PHE A 1737 -14.55 -93.59 60.40
C PHE A 1737 -14.52 -92.24 59.71
N VAL A 1738 -15.34 -92.10 58.67
CA VAL A 1738 -15.47 -90.88 57.90
C VAL A 1738 -16.85 -90.29 58.15
N LEU A 1739 -16.92 -88.96 58.19
CA LEU A 1739 -18.20 -88.28 58.16
C LEU A 1739 -18.09 -87.05 57.28
N THR A 1740 -19.22 -86.66 56.70
CA THR A 1740 -19.24 -85.46 55.86
C THR A 1740 -20.64 -84.88 55.82
N GLN A 1741 -20.70 -83.57 55.61
CA GLN A 1741 -21.93 -82.84 55.37
C GLN A 1741 -21.75 -82.03 54.10
N VAL A 1742 -22.62 -82.30 53.13
CA VAL A 1742 -22.63 -81.64 51.83
C VAL A 1742 -23.48 -80.39 51.97
N GLN A 1743 -23.23 -79.37 51.13
CA GLN A 1743 -23.98 -78.12 51.18
C GLN A 1743 -25.46 -78.30 50.81
N GLY A 1744 -25.85 -79.42 50.21
CA GLY A 1744 -27.23 -79.77 50.00
C GLY A 1744 -27.93 -80.37 51.20
N GLY A 1745 -27.28 -80.37 52.37
CA GLY A 1745 -27.90 -80.81 53.61
C GLY A 1745 -27.71 -82.25 53.97
N ALA A 1746 -27.33 -83.11 53.03
CA ALA A 1746 -27.15 -84.53 53.35
C ALA A 1746 -25.93 -84.76 54.22
N ILE A 1747 -26.07 -85.69 55.17
CA ILE A 1747 -24.98 -86.05 56.08
C ILE A 1747 -24.70 -87.53 55.89
N ILE A 1748 -23.44 -87.85 55.59
CA ILE A 1748 -23.02 -89.20 55.24
C ILE A 1748 -22.01 -89.66 56.29
N CYS A 1749 -22.23 -90.85 56.85
CA CYS A 1749 -21.32 -91.43 57.82
C CYS A 1749 -20.91 -92.82 57.37
N GLY A 1750 -19.59 -93.04 57.24
CA GLY A 1750 -19.08 -94.36 56.94
C GLY A 1750 -18.09 -94.78 58.00
N LEU A 1751 -17.88 -96.08 58.11
CA LEU A 1751 -17.04 -96.65 59.14
C LEU A 1751 -15.88 -97.37 58.48
N LEU A 1752 -14.67 -96.81 58.63
CA LEU A 1752 -13.48 -97.35 57.98
C LEU A 1752 -12.98 -98.61 58.68
N SER A 1753 -12.34 -99.47 57.88
CA SER A 1753 -11.51 -100.56 58.36
C SER A 1753 -10.63 -101.06 57.22
N SER A 1754 -9.34 -101.25 57.52
CA SER A 1754 -8.30 -101.51 56.54
C SER A 1754 -8.28 -100.52 55.36
N PRO A 1755 -7.96 -99.24 55.60
CA PRO A 1755 -7.81 -98.32 54.47
C PRO A 1755 -6.51 -98.61 53.73
N SER A 1756 -6.51 -98.30 52.44
CA SER A 1756 -5.31 -98.51 51.64
C SER A 1756 -4.33 -97.34 51.82
N VAL A 1757 -4.77 -96.14 51.48
CA VAL A 1757 -3.95 -94.93 51.61
C VAL A 1757 -4.92 -93.75 51.69
N LEU A 1758 -4.66 -92.85 52.64
CA LEU A 1758 -5.41 -91.60 52.71
C LEU A 1758 -4.73 -90.55 51.86
N LEU A 1759 -5.55 -89.71 51.21
CA LEU A 1759 -5.06 -88.73 50.26
C LEU A 1759 -5.87 -87.44 50.39
N CYS A 1760 -5.27 -86.35 49.87
CA CYS A 1760 -5.82 -84.99 49.82
C CYS A 1760 -6.23 -84.46 51.20
N ASN A 1761 -5.20 -84.12 51.97
CA ASN A 1761 -5.32 -83.40 53.24
C ASN A 1761 -6.00 -82.05 53.03
N VAL A 1762 -6.54 -81.45 54.09
CA VAL A 1762 -7.17 -80.14 53.97
C VAL A 1762 -6.14 -79.05 53.71
N LYS A 1763 -4.99 -79.09 54.38
CA LYS A 1763 -3.99 -78.02 54.25
C LYS A 1763 -2.90 -78.37 53.23
N ASP A 1764 -3.32 -78.55 51.98
CA ASP A 1764 -2.38 -78.72 50.89
C ASP A 1764 -2.77 -77.81 49.73
N TRP A 1765 -1.79 -77.47 48.90
CA TRP A 1765 -2.13 -76.86 47.62
C TRP A 1765 -2.44 -78.02 46.69
N MET A 1766 -3.71 -78.39 46.59
CA MET A 1766 -4.08 -79.38 45.59
C MET A 1766 -5.00 -78.80 44.53
N ASP A 1767 -5.80 -77.80 44.88
CA ASP A 1767 -6.65 -77.12 43.92
C ASP A 1767 -5.80 -76.27 42.98
N PRO A 1768 -5.85 -76.50 41.68
CA PRO A 1768 -5.05 -75.69 40.74
C PRO A 1768 -5.76 -74.44 40.22
N SER A 1769 -6.88 -74.06 40.84
CA SER A 1769 -7.78 -73.01 40.34
C SER A 1769 -8.23 -73.31 38.91
N GLU A 1770 -8.45 -74.59 38.64
CA GLU A 1770 -8.74 -75.09 37.30
C GLU A 1770 -9.84 -76.12 37.42
N ALA A 1771 -10.61 -76.30 36.35
CA ALA A 1771 -11.75 -77.21 36.32
C ALA A 1771 -11.32 -78.65 36.60
N TRP A 1772 -12.06 -79.33 37.48
CA TRP A 1772 -11.73 -80.69 37.89
C TRP A 1772 -11.85 -81.64 36.70
N ALA A 1773 -10.91 -82.59 36.62
CA ALA A 1773 -10.87 -83.47 35.46
C ALA A 1773 -11.86 -84.62 35.60
N ASN A 1774 -11.63 -85.50 36.57
CA ASN A 1774 -12.39 -86.75 36.63
C ASN A 1774 -13.16 -86.86 37.94
N ALA A 1775 -12.42 -86.92 39.05
CA ALA A 1775 -12.80 -86.54 40.41
C ALA A 1775 -11.49 -86.60 41.19
N THR A 1776 -11.12 -85.55 41.92
CA THR A 1776 -9.75 -85.48 42.43
C THR A 1776 -9.68 -85.58 43.94
N CYS A 1777 -10.14 -84.58 44.69
CA CYS A 1777 -10.28 -84.81 46.12
C CYS A 1777 -11.66 -85.35 46.53
N PRO A 1778 -12.85 -84.69 46.20
CA PRO A 1778 -14.12 -85.16 46.81
C PRO A 1778 -14.59 -86.53 46.36
N GLY A 1779 -14.72 -86.75 45.05
CA GLY A 1779 -15.26 -88.00 44.55
C GLY A 1779 -16.74 -88.18 44.79
N VAL A 1780 -17.45 -87.12 45.14
CA VAL A 1780 -18.90 -87.17 45.33
C VAL A 1780 -19.64 -86.13 44.52
N THR A 1781 -18.98 -85.06 44.05
CA THR A 1781 -19.64 -84.02 43.28
C THR A 1781 -19.92 -84.48 41.85
N ASN A 1814 -19.09 -76.73 52.68
CA ASN A 1814 -19.00 -78.18 52.87
C ASN A 1814 -18.21 -78.51 54.12
N PHE A 1815 -18.28 -79.78 54.54
CA PHE A 1815 -17.46 -80.24 55.65
C PHE A 1815 -17.24 -81.73 55.47
N GLN A 1816 -16.03 -82.19 55.80
CA GLN A 1816 -15.68 -83.59 55.62
C GLN A 1816 -14.46 -83.91 56.46
N GLN A 1817 -14.50 -85.01 57.20
CA GLN A 1817 -13.38 -85.39 58.05
C GLN A 1817 -13.29 -86.90 58.14
N VAL A 1818 -12.06 -87.37 58.39
CA VAL A 1818 -11.75 -88.79 58.60
C VAL A 1818 -11.01 -88.90 59.92
N TYR A 1819 -11.46 -89.80 60.78
CA TYR A 1819 -10.84 -90.00 62.09
C TYR A 1819 -10.27 -91.40 62.15
N LEU A 1820 -9.09 -91.54 62.78
CA LEU A 1820 -8.37 -92.80 62.83
C LEU A 1820 -8.05 -93.17 64.27
N TRP A 1821 -8.06 -94.47 64.56
CA TRP A 1821 -7.60 -95.01 65.84
C TRP A 1821 -6.08 -95.02 65.78
N LYS A 1822 -5.43 -94.12 66.55
CA LYS A 1822 -4.00 -93.93 66.43
C LYS A 1822 -3.19 -95.13 66.92
N ASP A 1823 -3.75 -95.94 67.81
CA ASP A 1823 -3.07 -97.11 68.37
C ASP A 1823 -3.65 -98.39 67.78
N SER A 1824 -3.95 -98.40 66.49
CA SER A 1824 -4.62 -99.51 65.86
C SER A 1824 -3.70 -100.72 65.74
N ASP A 1825 -4.33 -101.89 65.59
CA ASP A 1825 -3.64 -103.16 65.41
C ASP A 1825 -3.80 -103.68 63.98
N MET A 1826 -3.56 -102.78 63.01
CA MET A 1826 -3.72 -103.05 61.58
C MET A 1826 -2.93 -104.28 61.13
N GLY A 1827 -1.60 -104.22 61.27
CA GLY A 1827 -0.78 -105.37 60.92
C GLY A 1827 -0.95 -106.54 61.87
N SER A 1828 -1.12 -106.24 63.17
CA SER A 1828 -1.16 -107.29 64.19
C SER A 1828 -2.45 -108.11 64.15
N ARG A 1829 -3.46 -107.64 63.43
CA ARG A 1829 -4.74 -108.36 63.37
C ARG A 1829 -4.59 -109.62 62.54
N PRO A 1830 -4.94 -110.80 63.06
CA PRO A 1830 -4.98 -112.00 62.22
C PRO A 1830 -6.08 -111.94 61.17
N GLU A 1831 -5.81 -112.57 60.03
CA GLU A 1831 -6.74 -112.54 58.90
C GLU A 1831 -8.00 -113.35 59.19
N SER A 1832 -7.84 -114.54 59.76
CA SER A 1832 -8.95 -115.50 59.84
C SER A 1832 -9.99 -115.09 60.87
N MET A 1833 -9.56 -114.67 62.06
CA MET A 1833 -10.49 -114.38 63.14
C MET A 1833 -11.26 -113.09 62.86
N GLY A 1834 -12.57 -113.15 63.09
CA GLY A 1834 -13.47 -112.05 62.84
C GLY A 1834 -13.90 -111.86 61.39
N CYS A 1835 -12.97 -112.12 60.46
CA CYS A 1835 -13.17 -112.05 58.99
C CYS A 1835 -13.76 -110.72 58.51
N ARG A 1836 -13.52 -109.66 59.27
CA ARG A 1836 -14.24 -108.40 59.06
C ARG A 1836 -13.64 -107.59 57.91
N LYS A 1837 -13.83 -108.11 56.69
CA LYS A 1837 -13.33 -107.54 55.44
C LYS A 1837 -11.82 -107.29 55.50
N ASP A 1838 -11.08 -108.34 55.84
CA ASP A 1838 -9.63 -108.34 55.64
C ASP A 1838 -9.29 -108.38 54.16
N THR A 1839 -10.25 -108.79 53.31
CA THR A 1839 -10.07 -108.92 51.87
C THR A 1839 -10.07 -107.56 51.16
N VAL A 1840 -9.17 -106.68 51.58
CA VAL A 1840 -8.68 -105.57 50.75
C VAL A 1840 -7.92 -106.27 49.62
N PRO A 1841 -8.01 -105.80 48.36
CA PRO A 1841 -7.58 -106.62 47.21
C PRO A 1841 -6.13 -107.11 47.20
N ARG A 1842 -5.16 -106.35 47.76
CA ARG A 1842 -3.72 -106.63 47.69
C ARG A 1842 -3.27 -106.80 46.24
N PRO A 1843 -3.10 -105.70 45.49
CA PRO A 1843 -2.80 -105.80 44.06
C PRO A 1843 -1.45 -106.46 43.78
N ALA A 1844 -1.25 -106.82 42.51
CA ALA A 1844 -0.11 -107.63 42.10
C ALA A 1844 1.20 -106.86 42.27
N SER A 1845 2.27 -107.61 42.51
CA SER A 1845 3.57 -107.01 42.76
C SER A 1845 4.11 -106.39 41.48
N PRO A 1846 4.74 -105.21 41.57
CA PRO A 1846 5.24 -104.54 40.37
C PRO A 1846 6.54 -105.14 39.88
N THR A 1847 6.55 -105.62 38.64
CA THR A 1847 7.77 -106.10 38.03
C THR A 1847 8.70 -104.95 37.70
N GLU A 1848 10.00 -105.27 37.59
CA GLU A 1848 11.01 -104.26 37.35
C GLU A 1848 10.86 -103.63 35.98
N ALA A 1849 10.47 -104.42 34.98
CA ALA A 1849 10.23 -103.91 33.64
C ALA A 1849 8.93 -103.11 33.51
N GLY A 1850 8.06 -103.17 34.52
CA GLY A 1850 6.81 -102.42 34.46
C GLY A 1850 7.03 -100.92 34.51
N LEU A 1851 7.93 -100.46 35.37
CA LEU A 1851 8.34 -99.07 35.39
C LEU A 1851 9.82 -99.02 35.72
N THR A 1852 10.58 -98.23 34.96
CA THR A 1852 12.01 -98.14 35.18
C THR A 1852 12.34 -97.38 36.46
N THR A 1853 11.57 -96.32 36.75
CA THR A 1853 11.83 -95.33 37.80
C THR A 1853 13.25 -94.78 37.72
N GLU A 1854 13.73 -94.55 36.50
CA GLU A 1854 14.96 -93.83 36.25
C GLU A 1854 14.72 -92.35 36.02
N LEU A 1855 13.48 -91.89 36.16
CA LEU A 1855 13.13 -90.48 36.12
C LEU A 1855 13.42 -89.75 37.43
N PHE A 1856 14.00 -90.43 38.42
CA PHE A 1856 14.27 -89.82 39.71
C PHE A 1856 15.70 -90.12 40.13
N SER A 1857 16.26 -89.21 40.91
CA SER A 1857 17.61 -89.33 41.41
C SER A 1857 17.63 -89.15 42.93
N PRO A 1858 18.46 -89.90 43.64
CA PRO A 1858 18.57 -89.69 45.08
C PRO A 1858 19.37 -88.43 45.40
N VAL A 1859 19.03 -87.83 46.54
CA VAL A 1859 19.68 -86.61 47.00
C VAL A 1859 20.21 -86.88 48.41
N ASP A 1860 21.50 -86.61 48.61
CA ASP A 1860 22.10 -86.76 49.93
C ASP A 1860 21.51 -85.70 50.86
N LEU A 1861 21.12 -86.13 52.06
CA LEU A 1861 20.35 -85.31 52.98
C LEU A 1861 21.17 -84.27 53.72
N ASN A 1862 22.50 -84.26 53.55
CA ASN A 1862 23.34 -83.27 54.23
C ASN A 1862 23.07 -81.86 53.72
N GLN A 1863 22.71 -81.73 52.43
CA GLN A 1863 22.41 -80.42 51.87
C GLN A 1863 21.05 -79.90 52.34
N VAL A 1864 20.16 -80.77 52.80
CA VAL A 1864 18.86 -80.34 53.30
C VAL A 1864 19.03 -79.62 54.63
N ILE A 1865 18.30 -78.52 54.79
CA ILE A 1865 18.31 -77.72 56.01
C ILE A 1865 16.86 -77.60 56.49
N VAL A 1866 16.62 -77.91 57.76
CA VAL A 1866 15.29 -77.85 58.34
C VAL A 1866 15.00 -76.44 58.83
N ASN A 1867 13.88 -75.88 58.36
CA ASN A 1867 13.43 -74.53 58.73
C ASN A 1867 11.92 -74.56 58.90
N GLY A 1868 11.44 -75.51 59.71
CA GLY A 1868 10.01 -75.80 59.79
C GLY A 1868 9.17 -74.67 60.33
N ASN A 1869 9.72 -73.91 61.28
CA ASN A 1869 8.97 -72.81 61.89
C ASN A 1869 8.76 -71.65 60.93
N GLN A 1870 9.60 -71.52 59.90
CA GLN A 1870 9.54 -70.39 58.98
C GLN A 1870 9.14 -70.75 57.55
N SER A 1871 9.39 -71.97 57.08
CA SER A 1871 9.17 -72.27 55.67
C SER A 1871 7.69 -72.48 55.36
N LEU A 1872 7.30 -72.04 54.17
CA LEU A 1872 5.93 -72.17 53.67
C LEU A 1872 5.94 -72.74 52.26
N SER A 1873 6.70 -73.81 52.05
CA SER A 1873 6.68 -74.53 50.78
C SER A 1873 5.35 -75.30 50.72
N SER A 1874 4.43 -74.80 49.89
CA SER A 1874 3.14 -75.47 49.71
C SER A 1874 3.34 -76.84 49.07
N GLN A 1875 2.69 -77.84 49.66
CA GLN A 1875 3.03 -79.24 49.43
C GLN A 1875 1.88 -80.13 49.89
N LYS A 1876 1.99 -81.43 49.57
CA LYS A 1876 0.89 -82.37 49.82
C LYS A 1876 1.40 -83.57 50.61
N HIS A 1877 0.64 -83.97 51.64
CA HIS A 1877 0.86 -85.23 52.35
C HIS A 1877 -0.06 -86.30 51.77
N TRP A 1878 0.48 -87.49 51.50
CA TRP A 1878 -0.34 -88.68 51.24
C TRP A 1878 0.17 -89.79 52.16
N LEU A 1879 -0.75 -90.41 52.92
CA LEU A 1879 -0.38 -91.26 54.04
C LEU A 1879 -0.80 -92.71 53.80
N PHE A 1880 0.19 -93.59 53.64
CA PHE A 1880 -0.04 -95.03 53.61
C PHE A 1880 -0.30 -95.59 55.00
N LYS A 1881 -0.74 -96.85 55.02
CA LYS A 1881 -1.19 -97.51 56.23
C LYS A 1881 -0.32 -98.67 56.66
N HIS A 1882 0.68 -99.07 55.88
CA HIS A 1882 1.75 -100.01 56.20
C HIS A 1882 1.22 -101.45 56.32
N LEU A 1883 -0.09 -101.67 56.12
CA LEU A 1883 -0.67 -103.01 56.12
C LEU A 1883 -0.11 -103.88 54.99
N PHE A 1884 0.03 -103.30 53.80
CA PHE A 1884 0.63 -104.01 52.68
C PHE A 1884 1.74 -103.23 52.00
N SER A 1885 1.75 -101.90 52.10
CA SER A 1885 2.76 -101.09 51.42
C SER A 1885 4.01 -101.06 52.31
N ALA A 1886 5.05 -101.76 51.87
CA ALA A 1886 6.31 -101.80 52.60
C ALA A 1886 7.42 -101.90 51.56
N GLN A 1887 8.15 -100.79 51.39
CA GLN A 1887 9.30 -100.56 50.49
C GLN A 1887 8.83 -100.43 49.03
N GLN A 1888 7.56 -100.70 48.77
CA GLN A 1888 6.94 -100.37 47.50
C GLN A 1888 6.09 -99.12 47.59
N ALA A 1889 6.10 -98.45 48.75
CA ALA A 1889 5.56 -97.11 48.85
C ALA A 1889 6.38 -96.13 48.04
N ASN A 1890 7.69 -96.39 47.93
CA ASN A 1890 8.58 -95.58 47.11
C ASN A 1890 8.15 -95.60 45.65
N LEU A 1891 7.96 -96.80 45.09
CA LEU A 1891 7.58 -96.95 43.68
C LEU A 1891 6.19 -96.36 43.42
N TRP A 1892 5.25 -96.57 44.34
CA TRP A 1892 3.91 -96.03 44.19
C TRP A 1892 3.93 -94.52 44.20
N CYS A 1893 4.67 -93.93 45.13
CA CYS A 1893 4.65 -92.48 45.24
C CYS A 1893 5.44 -91.82 44.12
N LEU A 1894 6.48 -92.48 43.61
CA LEU A 1894 7.16 -91.98 42.42
C LEU A 1894 6.27 -92.07 41.19
N SER A 1895 5.48 -93.14 41.08
CA SER A 1895 4.52 -93.22 39.97
C SER A 1895 3.43 -92.17 40.09
N ARG A 1896 3.02 -91.84 41.32
CA ARG A 1896 2.05 -90.77 41.52
C ARG A 1896 2.67 -89.41 41.18
N CYS A 1897 3.95 -89.23 41.49
CA CYS A 1897 4.72 -88.08 41.03
C CYS A 1897 4.74 -87.99 39.51
N VAL A 1898 4.87 -89.13 38.84
CA VAL A 1898 4.76 -89.16 37.39
C VAL A 1898 3.36 -88.75 36.94
N GLN A 1899 2.34 -89.21 37.67
CA GLN A 1899 0.94 -88.96 37.28
C GLN A 1899 0.59 -87.48 37.39
N GLU A 1900 0.98 -86.82 38.47
CA GLU A 1900 0.79 -85.37 38.59
C GLU A 1900 1.88 -84.70 37.78
N HIS A 1901 1.52 -84.21 36.59
CA HIS A 1901 2.49 -83.75 35.60
C HIS A 1901 3.25 -82.53 36.09
N SER A 1902 2.55 -81.56 36.66
CA SER A 1902 3.20 -80.44 37.32
C SER A 1902 3.23 -80.65 38.82
N PHE A 1903 3.99 -79.77 39.51
CA PHE A 1903 3.97 -79.61 40.96
C PHE A 1903 4.46 -80.90 41.66
N CYS A 1904 5.39 -81.60 41.03
CA CYS A 1904 6.03 -82.70 41.76
C CYS A 1904 7.52 -82.71 41.43
N GLN A 1905 8.18 -81.57 41.65
CA GLN A 1905 9.63 -81.56 41.44
C GLN A 1905 10.41 -82.28 42.53
N LEU A 1906 9.76 -82.69 43.63
CA LEU A 1906 10.44 -83.40 44.71
C LEU A 1906 9.48 -84.39 45.35
N ALA A 1907 10.00 -85.56 45.73
CA ALA A 1907 9.24 -86.55 46.46
C ALA A 1907 9.97 -86.91 47.75
N GLU A 1908 9.22 -87.09 48.84
CA GLU A 1908 9.81 -87.35 50.14
C GLU A 1908 9.08 -88.51 50.80
N ILE A 1909 9.84 -89.45 51.39
CA ILE A 1909 9.26 -90.64 52.02
C ILE A 1909 9.88 -90.78 53.41
N THR A 1910 9.02 -90.92 54.42
CA THR A 1910 9.44 -91.20 55.78
C THR A 1910 8.34 -91.99 56.48
N GLU A 1911 8.52 -92.25 57.77
CA GLU A 1911 7.50 -92.92 58.56
C GLU A 1911 7.44 -92.34 59.97
N SER A 1912 6.22 -92.14 60.47
CA SER A 1912 6.04 -91.56 61.79
C SER A 1912 6.14 -92.60 62.89
N ALA A 1913 5.20 -93.57 62.90
CA ALA A 1913 5.12 -94.56 63.97
C ALA A 1913 4.82 -95.96 63.45
N SER A 1914 5.10 -96.22 62.18
CA SER A 1914 4.92 -97.49 61.43
C SER A 1914 3.45 -97.88 61.24
N LEU A 1915 2.49 -97.10 61.72
CA LEU A 1915 1.12 -97.25 61.26
C LEU A 1915 0.86 -96.34 60.07
N TYR A 1916 1.32 -95.09 60.15
CA TYR A 1916 1.43 -94.27 58.95
C TYR A 1916 2.62 -94.71 58.11
N PHE A 1917 2.64 -94.22 56.87
CA PHE A 1917 3.85 -94.24 56.05
C PHE A 1917 3.76 -93.02 55.13
N THR A 1918 4.52 -91.98 55.46
CA THR A 1918 4.33 -90.68 54.85
C THR A 1918 5.05 -90.60 53.51
N CYS A 1919 4.34 -90.15 52.47
CA CYS A 1919 5.02 -89.64 51.29
C CYS A 1919 4.44 -88.26 50.97
N THR A 1920 5.30 -87.27 50.87
CA THR A 1920 4.90 -85.90 50.60
C THR A 1920 5.43 -85.46 49.24
N LEU A 1921 4.56 -84.79 48.48
CA LEU A 1921 4.86 -84.24 47.17
C LEU A 1921 5.19 -82.77 47.31
N TYR A 1922 6.34 -82.36 46.81
CA TYR A 1922 6.89 -81.02 46.91
C TYR A 1922 7.15 -80.45 45.53
N PRO A 1923 7.09 -79.13 45.38
CA PRO A 1923 7.76 -78.47 44.25
C PRO A 1923 9.23 -78.29 44.58
N GLU A 1924 9.95 -77.71 43.63
CA GLU A 1924 11.38 -77.47 43.83
C GLU A 1924 11.59 -76.43 44.91
N ALA A 1925 12.32 -76.82 45.95
CA ALA A 1925 12.52 -76.01 47.15
C ALA A 1925 13.97 -75.58 47.27
N GLN A 1926 14.59 -75.29 46.13
CA GLN A 1926 15.96 -74.78 46.13
C GLN A 1926 15.96 -73.31 46.50
N VAL A 1927 16.79 -72.94 47.46
CA VAL A 1927 16.98 -71.55 47.85
C VAL A 1927 18.45 -71.23 47.60
N CYS A 1928 18.70 -70.31 46.69
CA CYS A 1928 20.05 -69.97 46.26
C CYS A 1928 20.43 -68.61 46.80
N ASP A 1929 21.63 -68.53 47.38
CA ASP A 1929 22.16 -67.25 47.82
C ASP A 1929 22.50 -66.37 46.63
N ASP A 1930 22.50 -65.06 46.85
CA ASP A 1930 22.80 -64.09 45.80
C ASP A 1930 24.30 -63.84 45.62
N ILE A 1931 25.15 -64.78 46.04
CA ILE A 1931 26.59 -64.66 45.87
C ILE A 1931 26.98 -64.67 44.39
N MET A 1932 26.14 -65.27 43.54
CA MET A 1932 26.30 -65.33 42.07
C MET A 1932 27.64 -66.01 41.72
N GLU A 1933 27.63 -67.33 41.87
CA GLU A 1933 28.70 -68.19 41.41
C GLU A 1933 28.11 -69.42 40.75
N SER A 1934 28.72 -69.88 39.65
CA SER A 1934 28.19 -70.99 38.86
C SER A 1934 28.49 -72.36 39.45
N ASN A 1935 29.07 -72.42 40.65
CA ASN A 1935 29.33 -73.71 41.29
C ASN A 1935 28.04 -74.43 41.66
N ALA A 1936 27.02 -73.67 42.07
CA ALA A 1936 25.68 -74.09 42.50
C ALA A 1936 25.70 -74.95 43.76
N GLN A 1937 26.84 -75.07 44.45
CA GLN A 1937 26.87 -75.81 45.70
C GLN A 1937 26.18 -75.06 46.83
N GLY A 1938 26.14 -73.74 46.75
CA GLY A 1938 25.48 -72.94 47.77
C GLY A 1938 23.97 -73.05 47.77
N CYS A 1939 23.39 -73.49 46.66
CA CYS A 1939 21.95 -73.69 46.56
C CYS A 1939 21.57 -74.89 47.44
N ARG A 1940 21.00 -74.62 48.60
CA ARG A 1940 20.64 -75.65 49.57
C ARG A 1940 19.14 -75.65 49.78
N LEU A 1941 18.58 -76.85 49.92
CA LEU A 1941 17.14 -76.99 50.08
C LEU A 1941 16.69 -76.51 51.47
N ILE A 1942 15.42 -76.13 51.53
CA ILE A 1942 14.77 -75.73 52.78
C ILE A 1942 13.49 -76.55 52.91
N LEU A 1943 13.38 -77.33 53.98
CA LEU A 1943 12.27 -78.25 54.17
C LEU A 1943 11.72 -78.11 55.59
N PRO A 1944 10.44 -78.46 55.80
CA PRO A 1944 9.90 -78.41 57.17
C PRO A 1944 10.53 -79.42 58.12
N GLN A 1945 10.62 -80.69 57.73
CA GLN A 1945 11.20 -81.71 58.58
C GLN A 1945 12.22 -82.52 57.80
N MET A 1946 13.16 -83.12 58.53
CA MET A 1946 14.22 -83.96 57.98
C MET A 1946 13.64 -85.21 57.31
N PRO A 1947 13.95 -85.44 56.04
CA PRO A 1947 13.47 -86.65 55.37
C PRO A 1947 14.23 -87.89 55.81
N LYS A 1948 13.73 -89.05 55.36
CA LYS A 1948 14.49 -90.28 55.40
C LYS A 1948 14.88 -90.78 54.02
N ALA A 1949 14.02 -90.59 53.02
CA ALA A 1949 14.37 -90.97 51.66
C ALA A 1949 13.78 -89.93 50.72
N LEU A 1950 14.62 -89.12 50.10
CA LEU A 1950 14.18 -88.04 49.23
C LEU A 1950 14.62 -88.35 47.80
N PHE A 1951 13.80 -87.94 46.83
CA PHE A 1951 14.08 -88.15 45.43
C PHE A 1951 13.73 -86.90 44.64
N ARG A 1952 14.56 -86.59 43.65
CA ARG A 1952 14.33 -85.45 42.76
C ARG A 1952 13.92 -85.96 41.39
N LYS A 1953 12.84 -85.39 40.86
CA LYS A 1953 12.41 -85.70 39.50
C LYS A 1953 13.44 -85.19 38.50
N LYS A 1954 13.77 -86.04 37.52
CA LYS A 1954 14.74 -85.66 36.51
C LYS A 1954 14.18 -84.58 35.61
N VAL A 1955 15.01 -83.58 35.32
CA VAL A 1955 14.58 -82.47 34.47
C VAL A 1955 14.60 -82.93 33.03
N ILE A 1956 13.59 -82.53 32.27
CA ILE A 1956 13.47 -82.87 30.85
C ILE A 1956 13.43 -81.58 30.04
N LEU A 1957 14.12 -81.59 28.90
CA LEU A 1957 14.19 -80.44 28.02
C LEU A 1957 13.58 -80.81 26.68
N GLU A 1958 12.56 -80.07 26.27
CA GLU A 1958 11.86 -80.37 25.03
C GLU A 1958 12.66 -79.86 23.83
N ASP A 1959 12.16 -80.13 22.63
CA ASP A 1959 12.92 -79.86 21.42
C ASP A 1959 12.96 -78.37 21.07
N LYS A 1960 11.86 -77.66 21.30
CA LYS A 1960 11.75 -76.27 20.88
C LYS A 1960 11.34 -75.41 22.07
N VAL A 1961 11.72 -74.13 22.01
CA VAL A 1961 11.34 -73.19 23.06
C VAL A 1961 9.84 -72.90 22.97
N LYS A 1962 9.30 -72.39 24.07
CA LYS A 1962 7.88 -72.08 24.15
C LYS A 1962 7.57 -70.59 24.08
N ASN A 1963 8.54 -69.73 24.39
CA ASN A 1963 8.32 -68.29 24.43
C ASN A 1963 9.43 -67.57 23.69
N PHE A 1964 9.08 -66.42 23.11
CA PHE A 1964 10.05 -65.55 22.46
C PHE A 1964 10.60 -64.61 23.53
N TYR A 1965 11.70 -65.05 24.15
CA TYR A 1965 12.31 -64.29 25.24
C TYR A 1965 12.94 -63.01 24.71
N THR A 1966 12.76 -61.92 25.44
CA THR A 1966 13.23 -60.61 25.04
C THR A 1966 14.36 -60.16 25.95
N ARG A 1967 15.35 -59.49 25.36
CA ARG A 1967 16.50 -59.02 26.11
C ARG A 1967 16.13 -57.73 26.83
N LEU A 1968 16.37 -57.70 28.14
CA LEU A 1968 16.16 -56.49 28.90
C LEU A 1968 17.22 -55.45 28.52
N PRO A 1969 16.86 -54.17 28.53
CA PRO A 1969 17.85 -53.13 28.22
C PRO A 1969 18.66 -52.70 29.44
N PHE A 1970 18.68 -53.51 30.50
CA PHE A 1970 19.34 -53.12 31.73
C PHE A 1970 20.51 -54.06 32.02
N GLN A 1971 21.33 -53.67 33.00
CA GLN A 1971 22.60 -54.36 33.22
C GLN A 1971 22.86 -54.72 34.68
N LYS A 1972 21.93 -54.46 35.59
CA LYS A 1972 22.20 -54.63 37.01
C LYS A 1972 20.88 -54.70 37.77
N LEU A 1973 20.75 -55.72 38.63
CA LEU A 1973 19.54 -55.95 39.41
C LEU A 1973 19.87 -55.96 40.89
N MET A 1974 18.99 -55.35 41.70
CA MET A 1974 19.12 -55.43 43.16
C MET A 1974 18.47 -56.69 43.72
N GLY A 1975 17.16 -56.81 43.58
CA GLY A 1975 16.48 -57.92 44.21
C GLY A 1975 16.47 -59.15 43.34
N ILE A 1976 17.44 -60.03 43.53
CA ILE A 1976 17.64 -61.19 42.68
C ILE A 1976 17.28 -62.44 43.49
N SER A 1977 16.39 -63.26 42.94
CA SER A 1977 15.98 -64.51 43.57
C SER A 1977 16.37 -65.62 42.60
N ILE A 1978 17.61 -66.09 42.72
CA ILE A 1978 18.11 -67.11 41.81
C ILE A 1978 17.52 -68.46 42.20
N ARG A 1979 17.19 -69.27 41.20
CA ARG A 1979 16.68 -70.62 41.42
C ARG A 1979 17.67 -71.70 41.02
N ASN A 1980 18.38 -71.52 39.91
CA ASN A 1980 19.39 -72.48 39.48
C ASN A 1980 20.57 -71.72 38.91
N LYS A 1981 21.76 -72.32 39.04
CA LYS A 1981 23.03 -71.68 38.71
C LYS A 1981 23.86 -72.58 37.81
N VAL A 1982 23.25 -73.04 36.71
CA VAL A 1982 23.84 -74.05 35.84
C VAL A 1982 25.10 -73.54 35.13
N PRO A 1983 26.24 -74.22 35.29
CA PRO A 1983 27.43 -73.83 34.53
C PRO A 1983 27.48 -74.50 33.15
N MET A 1984 27.70 -73.69 32.13
CA MET A 1984 27.67 -74.15 30.74
C MET A 1984 28.96 -73.81 30.03
N SER A 1985 30.08 -73.95 30.73
CA SER A 1985 31.38 -73.55 30.19
C SER A 1985 31.87 -74.51 29.11
N GLU A 1986 31.50 -75.79 29.21
CA GLU A 1986 32.03 -76.80 28.30
C GLU A 1986 31.51 -76.62 26.88
N LYS A 1987 30.24 -76.22 26.73
CA LYS A 1987 29.64 -76.07 25.42
C LYS A 1987 30.02 -74.72 24.81
N SER A 1988 29.55 -74.50 23.59
CA SER A 1988 29.72 -73.20 22.93
C SER A 1988 28.59 -72.28 23.34
N ILE A 1989 28.44 -71.17 22.63
CA ILE A 1989 27.46 -70.14 22.97
C ILE A 1989 26.11 -70.43 22.31
N SER A 1990 26.12 -70.72 21.00
CA SER A 1990 24.90 -70.92 20.22
C SER A 1990 24.07 -72.12 20.68
N ASN A 1991 24.66 -73.08 21.36
CA ASN A 1991 23.93 -74.20 21.93
C ASN A 1991 23.70 -74.07 23.42
N GLY A 1992 24.65 -73.47 24.14
CA GLY A 1992 24.47 -73.24 25.56
C GLY A 1992 23.32 -72.29 25.87
N PHE A 1993 23.16 -71.24 25.05
CA PHE A 1993 22.04 -70.34 25.23
C PHE A 1993 20.72 -71.04 24.95
N PHE A 1994 20.69 -71.93 23.96
CA PHE A 1994 19.50 -72.71 23.67
C PHE A 1994 19.15 -73.66 24.81
N GLU A 1995 20.17 -74.28 25.41
CA GLU A 1995 19.94 -75.14 26.58
C GLU A 1995 19.44 -74.32 27.77
N CYS A 1996 19.95 -73.10 27.95
CA CYS A 1996 19.48 -72.25 29.04
C CYS A 1996 18.04 -71.81 28.84
N GLU A 1997 17.67 -71.51 27.58
CA GLU A 1997 16.27 -71.22 27.26
C GLU A 1997 15.38 -72.43 27.55
N ARG A 1998 15.84 -73.64 27.23
CA ARG A 1998 15.13 -74.86 27.58
C ARG A 1998 14.98 -75.02 29.09
N ARG A 1999 16.04 -74.68 29.84
CA ARG A 1999 16.01 -74.76 31.30
C ARG A 1999 14.97 -73.83 31.90
N CYS A 2000 14.89 -72.60 31.39
CA CYS A 2000 13.86 -71.69 31.90
C CYS A 2000 12.47 -72.10 31.45
N ASP A 2001 12.34 -72.65 30.24
CA ASP A 2001 11.05 -73.17 29.78
C ASP A 2001 10.59 -74.36 30.61
N ALA A 2002 11.51 -75.12 31.18
CA ALA A 2002 11.15 -76.24 32.03
C ALA A 2002 10.47 -75.78 33.32
N ASP A 2003 11.04 -74.79 33.99
CA ASP A 2003 10.52 -74.35 35.27
C ASP A 2003 9.26 -73.51 35.11
N PRO A 2004 8.24 -73.71 35.96
CA PRO A 2004 7.03 -72.89 35.85
C PRO A 2004 7.19 -71.47 36.37
N CYS A 2005 7.86 -71.27 37.50
CA CYS A 2005 8.01 -69.95 38.09
C CYS A 2005 9.20 -69.17 37.52
N CYS A 2006 9.84 -69.65 36.46
CA CYS A 2006 10.94 -68.94 35.84
C CYS A 2006 10.40 -67.70 35.14
N THR A 2007 10.66 -66.52 35.69
CA THR A 2007 10.30 -65.28 35.03
C THR A 2007 11.43 -64.70 34.21
N GLY A 2008 12.67 -65.09 34.48
CA GLY A 2008 13.75 -64.62 33.63
C GLY A 2008 14.95 -65.55 33.71
N PHE A 2009 15.95 -65.25 32.88
CA PHE A 2009 17.21 -65.97 33.00
C PHE A 2009 18.38 -65.04 32.70
N GLY A 2010 19.46 -65.21 33.48
CA GLY A 2010 20.69 -64.49 33.27
C GLY A 2010 21.70 -65.39 32.61
N PHE A 2011 22.26 -64.91 31.51
CA PHE A 2011 23.20 -65.67 30.70
C PHE A 2011 24.45 -64.79 30.67
N LEU A 2012 25.51 -65.20 31.38
CA LEU A 2012 26.62 -64.27 31.63
C LEU A 2012 27.93 -65.01 31.90
N ASN A 2013 29.05 -64.24 31.93
CA ASN A 2013 30.29 -64.66 32.58
C ASN A 2013 30.23 -64.33 34.06
N VAL A 2014 30.03 -65.36 34.89
CA VAL A 2014 29.83 -65.14 36.32
C VAL A 2014 31.13 -64.69 37.00
N SER A 2015 32.28 -65.18 36.52
CA SER A 2015 33.58 -64.85 37.12
C SER A 2015 34.50 -64.42 36.00
N GLN A 2016 35.01 -63.19 36.08
CA GLN A 2016 35.88 -62.66 35.06
C GLN A 2016 37.30 -62.40 35.58
N LEU A 2017 37.53 -62.57 36.89
CA LEU A 2017 38.87 -62.47 37.46
C LEU A 2017 39.78 -63.55 36.91
N LYS A 2018 39.28 -64.78 36.81
CA LYS A 2018 40.05 -65.89 36.26
C LYS A 2018 39.41 -66.32 34.95
N GLY A 2019 39.86 -65.72 33.84
CA GLY A 2019 39.32 -66.04 32.54
C GLY A 2019 37.85 -65.70 32.43
N GLY A 2020 37.05 -66.70 32.10
CA GLY A 2020 35.61 -66.55 32.13
C GLY A 2020 34.92 -67.89 32.29
N GLU A 2021 33.73 -67.84 32.89
CA GLU A 2021 32.88 -69.02 33.05
C GLU A 2021 31.47 -68.68 32.57
N VAL A 2022 31.07 -69.29 31.45
CA VAL A 2022 29.71 -69.13 30.94
C VAL A 2022 28.72 -69.79 31.90
N THR A 2023 27.61 -69.10 32.19
CA THR A 2023 26.62 -69.70 33.08
C THR A 2023 25.22 -69.18 32.78
N CYS A 2024 24.25 -69.98 33.23
CA CYS A 2024 22.81 -69.76 33.12
C CYS A 2024 22.20 -69.76 34.52
N LEU A 2025 21.67 -68.61 34.93
CA LEU A 2025 20.98 -68.47 36.20
C LEU A 2025 19.48 -68.34 35.95
N THR A 2026 18.68 -69.11 36.68
CA THR A 2026 17.23 -69.06 36.58
C THR A 2026 16.70 -68.06 37.59
N LEU A 2027 15.95 -67.07 37.11
CA LEU A 2027 15.53 -65.93 37.92
C LEU A 2027 14.05 -66.07 38.21
N ASN A 2028 13.74 -66.34 39.48
CA ASN A 2028 12.34 -66.42 39.92
C ASN A 2028 11.70 -65.03 39.85
N SER A 2029 12.43 -64.00 40.25
CA SER A 2029 11.91 -62.64 40.22
C SER A 2029 13.00 -61.67 39.81
N LEU A 2030 12.76 -60.91 38.75
CA LEU A 2030 13.58 -59.76 38.43
C LEU A 2030 13.37 -58.68 39.48
N GLY A 2031 14.42 -57.90 39.73
CA GLY A 2031 14.34 -56.89 40.76
C GLY A 2031 14.44 -55.47 40.25
N ILE A 2032 15.17 -54.63 40.97
CA ILE A 2032 15.36 -53.24 40.59
C ILE A 2032 16.32 -53.21 39.39
N GLN A 2033 15.78 -53.02 38.19
CA GLN A 2033 16.59 -53.03 36.98
C GLN A 2033 17.22 -51.66 36.79
N MET A 2034 18.54 -51.60 36.86
CA MET A 2034 19.29 -50.35 36.80
C MET A 2034 20.28 -50.39 35.62
N CYS A 2035 20.88 -49.23 35.35
CA CYS A 2035 21.95 -49.05 34.36
C CYS A 2035 21.51 -49.45 32.95
N SER A 2036 20.60 -48.64 32.39
CA SER A 2036 20.16 -48.84 31.02
C SER A 2036 21.16 -48.21 30.04
N GLU A 2037 20.86 -48.34 28.74
CA GLU A 2037 21.58 -47.63 27.70
C GLU A 2037 20.74 -46.51 27.08
N GLU A 2038 19.61 -46.16 27.71
CA GLU A 2038 18.74 -45.13 27.15
C GLU A 2038 19.36 -43.75 27.27
N ASN A 2039 20.00 -43.45 28.41
CA ASN A 2039 20.67 -42.17 28.59
C ASN A 2039 21.93 -42.03 27.75
N GLY A 2040 22.50 -43.14 27.28
CA GLY A 2040 23.69 -43.11 26.44
C GLY A 2040 24.95 -42.65 27.13
N GLY A 2041 25.14 -43.04 28.39
CA GLY A 2041 26.37 -42.74 29.10
C GLY A 2041 26.48 -41.35 29.66
N ALA A 2042 25.45 -40.51 29.51
CA ALA A 2042 25.48 -39.14 30.00
C ALA A 2042 24.62 -39.05 31.25
N TRP A 2043 25.24 -38.64 32.37
CA TRP A 2043 24.61 -38.42 33.67
C TRP A 2043 23.92 -39.69 34.17
N ARG A 2044 24.75 -40.69 34.48
CA ARG A 2044 24.29 -41.87 35.17
C ARG A 2044 24.57 -41.71 36.65
N ILE A 2045 23.52 -41.52 37.45
CA ILE A 2045 23.68 -41.42 38.89
C ILE A 2045 23.42 -42.76 39.57
N LEU A 2046 22.76 -43.70 38.88
CA LEU A 2046 22.63 -45.06 39.36
C LEU A 2046 23.91 -45.82 39.04
N ASP A 2047 24.54 -46.41 40.06
CA ASP A 2047 25.77 -47.15 39.88
C ASP A 2047 25.52 -48.40 39.04
N CYS A 2048 26.38 -48.62 38.04
CA CYS A 2048 26.26 -49.77 37.17
C CYS A 2048 26.91 -51.00 37.81
N GLY A 2049 26.92 -52.10 37.07
CA GLY A 2049 27.31 -53.38 37.62
C GLY A 2049 28.81 -53.49 37.90
N SER A 2050 29.15 -54.56 38.60
CA SER A 2050 30.55 -54.86 38.90
C SER A 2050 31.30 -55.21 37.62
N PRO A 2051 32.60 -54.91 37.54
CA PRO A 2051 33.35 -55.21 36.31
C PRO A 2051 33.61 -56.69 36.05
N ASP A 2052 33.33 -57.58 37.00
CA ASP A 2052 33.43 -59.01 36.77
C ASP A 2052 32.12 -59.65 36.33
N ILE A 2053 31.07 -58.86 36.14
CA ILE A 2053 29.77 -59.40 35.77
C ILE A 2053 29.67 -59.65 34.26
N GLU A 2054 30.02 -58.66 33.44
CA GLU A 2054 30.10 -58.76 31.98
C GLU A 2054 28.81 -59.32 31.37
N VAL A 2055 27.75 -58.53 31.51
CA VAL A 2055 26.44 -58.94 31.01
C VAL A 2055 26.08 -58.19 29.73
N HIS A 2056 27.08 -57.68 29.03
CA HIS A 2056 26.84 -56.63 28.05
C HIS A 2056 26.64 -57.18 26.64
N THR A 2057 27.59 -57.97 26.14
CA THR A 2057 27.73 -58.27 24.72
C THR A 2057 26.64 -59.29 24.30
N TYR A 2058 26.37 -59.35 22.99
CA TYR A 2058 25.06 -59.68 22.40
C TYR A 2058 24.36 -60.97 22.84
N PRO A 2059 24.98 -62.18 22.85
CA PRO A 2059 24.16 -63.37 23.20
C PRO A 2059 23.79 -63.37 24.67
N PHE A 2060 24.72 -62.92 25.49
CA PHE A 2060 24.63 -62.76 26.93
C PHE A 2060 23.81 -61.52 27.26
N GLY A 2061 23.37 -61.41 28.51
CA GLY A 2061 22.58 -60.22 28.82
C GLY A 2061 21.11 -60.42 29.14
N TRP A 2062 20.72 -60.19 30.40
CA TRP A 2062 19.53 -60.69 31.10
C TRP A 2062 18.26 -60.74 30.27
N TYR A 2063 17.67 -61.93 30.10
CA TYR A 2063 16.45 -62.07 29.32
C TYR A 2063 15.25 -62.27 30.23
N GLN A 2064 14.13 -61.70 29.83
CA GLN A 2064 12.89 -61.78 30.59
C GLN A 2064 11.87 -62.57 29.79
N LYS A 2065 11.22 -63.53 30.45
CA LYS A 2065 10.09 -64.24 29.85
C LYS A 2065 8.99 -63.26 29.52
N PRO A 2066 8.42 -63.31 28.30
CA PRO A 2066 7.37 -62.35 27.93
C PRO A 2066 6.15 -62.46 28.83
N ILE A 2067 5.63 -61.31 29.24
CA ILE A 2067 4.85 -61.18 30.45
C ILE A 2067 3.49 -61.86 30.28
N ALA A 2068 3.28 -62.93 31.04
CA ALA A 2068 2.02 -63.64 31.06
C ALA A 2068 0.96 -62.74 31.68
N GLN A 2069 -0.03 -62.34 30.87
CA GLN A 2069 -0.97 -61.30 31.27
C GLN A 2069 -1.90 -61.75 32.39
N ASN A 2070 -2.15 -63.06 32.50
CA ASN A 2070 -3.00 -63.58 33.57
C ASN A 2070 -2.40 -63.35 34.96
N ASN A 2071 -1.28 -64.03 35.25
CA ASN A 2071 -0.54 -64.01 36.52
C ASN A 2071 0.66 -64.93 36.34
N ALA A 2072 1.54 -64.90 37.34
CA ALA A 2072 2.42 -66.04 37.54
C ALA A 2072 1.63 -67.15 38.23
N PRO A 2073 1.94 -68.42 37.93
CA PRO A 2073 1.14 -69.52 38.50
C PRO A 2073 1.29 -69.64 40.01
N SER A 2074 0.38 -70.39 40.61
CA SER A 2074 0.34 -70.56 42.06
C SER A 2074 1.49 -71.45 42.53
N PHE A 2075 1.51 -71.71 43.84
CA PHE A 2075 2.47 -72.55 44.57
C PHE A 2075 3.93 -72.12 44.42
N CYS A 2076 4.20 -70.97 43.80
CA CYS A 2076 5.54 -70.45 43.63
C CYS A 2076 6.07 -70.02 45.00
N PRO A 2077 7.41 -70.03 45.21
CA PRO A 2077 7.97 -69.70 46.54
C PRO A 2077 7.65 -68.30 47.02
N LEU A 2078 7.88 -68.08 48.33
CA LEU A 2078 7.32 -66.99 49.15
C LEU A 2078 7.39 -65.64 48.46
N VAL A 2079 6.24 -64.94 48.47
CA VAL A 2079 5.88 -63.84 47.59
C VAL A 2079 6.96 -62.77 47.60
N VAL A 2080 7.51 -62.50 46.41
CA VAL A 2080 8.86 -61.97 46.30
C VAL A 2080 8.92 -60.54 46.81
N LEU A 2081 9.88 -60.31 47.69
CA LEU A 2081 9.87 -58.97 48.25
C LEU A 2081 10.94 -58.13 47.59
N PRO A 2082 10.63 -56.86 47.35
CA PRO A 2082 11.68 -55.92 46.94
C PRO A 2082 12.68 -55.74 48.06
N SER A 2083 13.91 -55.39 47.68
CA SER A 2083 15.00 -55.22 48.64
C SER A 2083 14.66 -54.16 49.68
N LEU A 2084 14.79 -54.54 50.94
CA LEU A 2084 14.26 -53.74 52.05
C LEU A 2084 15.04 -52.44 52.20
N THR A 2085 14.31 -51.36 52.47
CA THR A 2085 14.90 -50.04 52.56
C THR A 2085 15.67 -49.91 53.87
N GLU A 2086 16.97 -49.62 53.76
CA GLU A 2086 17.83 -49.50 54.94
C GLU A 2086 17.47 -48.28 55.79
N LYS A 2087 16.82 -47.29 55.19
CA LYS A 2087 16.31 -46.12 55.90
C LYS A 2087 14.79 -46.10 55.80
N VAL A 2088 14.17 -45.17 56.51
CA VAL A 2088 12.74 -44.94 56.44
C VAL A 2088 12.52 -43.66 55.65
N SER A 2089 11.77 -43.76 54.56
CA SER A 2089 11.56 -42.63 53.65
C SER A 2089 10.22 -41.99 54.01
N LEU A 2090 10.26 -41.07 54.97
CA LEU A 2090 9.08 -40.29 55.31
C LEU A 2090 8.77 -39.28 54.21
N ASP A 2091 7.53 -38.80 54.19
CA ASP A 2091 7.04 -37.96 53.09
C ASP A 2091 7.25 -36.50 53.46
N SER A 2092 8.49 -36.04 53.32
CA SER A 2092 8.83 -34.63 53.29
C SER A 2092 9.07 -34.15 51.87
N TRP A 2093 8.53 -34.87 50.89
CA TRP A 2093 8.70 -34.56 49.48
C TRP A 2093 7.45 -33.86 48.98
N GLN A 2094 7.64 -32.78 48.23
CA GLN A 2094 6.51 -32.13 47.58
C GLN A 2094 5.97 -33.03 46.48
N SER A 2095 4.68 -33.34 46.56
CA SER A 2095 4.02 -34.18 45.56
C SER A 2095 3.31 -33.26 44.58
N LEU A 2096 3.83 -33.16 43.37
CA LEU A 2096 3.31 -32.21 42.40
C LEU A 2096 2.14 -32.82 41.64
N ALA A 2097 1.49 -31.98 40.84
CA ALA A 2097 0.35 -32.38 40.02
C ALA A 2097 0.77 -32.42 38.56
N LEU A 2098 0.02 -33.18 37.77
CA LEU A 2098 0.31 -33.32 36.34
C LEU A 2098 0.08 -32.05 35.55
N SER A 2099 -0.66 -31.08 36.11
CA SER A 2099 -0.94 -29.83 35.41
C SER A 2099 0.27 -28.91 35.34
N SER A 2100 1.30 -29.14 36.14
CA SER A 2100 2.48 -28.29 36.17
C SER A 2100 3.67 -28.91 35.45
N VAL A 2101 3.42 -29.67 34.38
CA VAL A 2101 4.45 -30.44 33.70
C VAL A 2101 4.38 -30.16 32.20
N VAL A 2102 5.53 -29.90 31.59
CA VAL A 2102 5.67 -29.79 30.15
C VAL A 2102 6.55 -30.94 29.68
N VAL A 2103 6.04 -31.72 28.73
CA VAL A 2103 6.76 -32.88 28.23
C VAL A 2103 7.84 -32.42 27.27
N ASP A 2104 9.07 -32.90 27.48
CA ASP A 2104 10.22 -32.53 26.65
C ASP A 2104 11.11 -33.74 26.46
N PRO A 2105 10.96 -34.46 25.35
CA PRO A 2105 11.73 -35.70 25.14
C PRO A 2105 13.19 -35.51 24.76
N SER A 2106 13.70 -34.28 24.76
CA SER A 2106 15.08 -34.01 24.36
C SER A 2106 16.04 -33.91 25.54
N ILE A 2107 15.58 -34.18 26.75
CA ILE A 2107 16.45 -34.12 27.92
C ILE A 2107 17.45 -35.27 27.89
N ARG A 2108 18.71 -34.96 28.20
CA ARG A 2108 19.78 -35.97 28.19
C ARG A 2108 20.44 -36.09 29.55
N HIS A 2109 19.69 -35.78 30.62
CA HIS A 2109 20.19 -35.86 32.00
C HIS A 2109 19.07 -36.46 32.85
N PHE A 2110 19.05 -37.79 32.92
CA PHE A 2110 17.97 -38.56 33.53
C PHE A 2110 18.42 -40.00 33.68
N ASP A 2111 17.79 -40.71 34.61
CA ASP A 2111 18.05 -42.14 34.80
C ASP A 2111 16.74 -42.90 34.90
N VAL A 2112 16.79 -44.17 34.50
CA VAL A 2112 15.61 -45.02 34.41
C VAL A 2112 15.81 -46.20 35.36
N ALA A 2113 14.72 -46.68 35.96
CA ALA A 2113 14.78 -47.87 36.81
C ALA A 2113 13.44 -48.57 36.79
N HIS A 2114 13.40 -49.78 36.25
CA HIS A 2114 12.18 -50.58 36.31
C HIS A 2114 12.16 -51.41 37.58
N VAL A 2115 10.96 -51.62 38.12
CA VAL A 2115 10.74 -52.52 39.25
C VAL A 2115 9.68 -53.50 38.80
N SER A 2116 10.05 -54.77 38.68
CA SER A 2116 9.16 -55.77 38.09
C SER A 2116 8.38 -56.50 39.16
N THR A 2117 7.06 -56.53 39.00
CA THR A 2117 6.18 -57.33 39.87
C THR A 2117 4.92 -57.69 39.10
N ALA A 2118 4.63 -58.99 38.99
CA ALA A 2118 3.43 -59.43 38.30
C ALA A 2118 2.22 -59.40 39.25
N ALA A 2119 2.27 -60.22 40.29
CA ALA A 2119 1.32 -60.13 41.40
C ALA A 2119 1.78 -58.97 42.26
N THR A 2120 1.18 -57.80 42.01
CA THR A 2120 1.71 -56.52 42.48
C THR A 2120 1.69 -56.40 44.00
N SER A 2121 2.74 -55.79 44.54
CA SER A 2121 2.79 -55.42 45.94
C SER A 2121 1.99 -54.14 46.18
N ASN A 2122 2.04 -53.65 47.41
CA ASN A 2122 1.47 -52.34 47.69
C ASN A 2122 2.31 -51.28 46.99
N PHE A 2123 1.64 -50.37 46.26
CA PHE A 2123 2.33 -49.36 45.47
C PHE A 2123 3.11 -48.38 46.35
N SER A 2124 2.70 -48.24 47.62
CA SER A 2124 3.47 -47.47 48.59
C SER A 2124 4.85 -48.05 48.83
N ALA A 2125 5.01 -49.38 48.76
CA ALA A 2125 6.30 -50.00 49.03
C ALA A 2125 7.32 -49.69 47.93
N VAL A 2126 6.93 -49.88 46.67
CA VAL A 2126 7.81 -49.55 45.54
C VAL A 2126 8.01 -48.04 45.44
N ARG A 2127 6.99 -47.27 45.82
CA ARG A 2127 7.11 -45.81 45.87
C ARG A 2127 8.17 -45.37 46.87
N ASP A 2128 8.10 -45.89 48.10
CA ASP A 2128 9.09 -45.56 49.12
C ASP A 2128 10.47 -46.11 48.77
N LEU A 2129 10.54 -47.23 48.06
CA LEU A 2129 11.83 -47.75 47.62
C LEU A 2129 12.50 -46.82 46.62
N CYS A 2130 11.74 -46.33 45.62
CA CYS A 2130 12.33 -45.42 44.64
C CYS A 2130 12.65 -44.06 45.27
N LEU A 2131 11.80 -43.59 46.20
CA LEU A 2131 12.10 -42.35 46.92
C LEU A 2131 13.35 -42.50 47.78
N SER A 2132 13.53 -43.65 48.44
CA SER A 2132 14.74 -43.88 49.21
C SER A 2132 15.96 -44.01 48.32
N GLU A 2133 15.77 -44.55 47.10
CA GLU A 2133 16.86 -44.61 46.13
C GLU A 2133 17.32 -43.22 45.72
N CYS A 2134 16.37 -42.31 45.45
CA CYS A 2134 16.77 -40.94 45.13
C CYS A 2134 17.29 -40.21 46.36
N SER A 2135 16.79 -40.56 47.55
CA SER A 2135 17.28 -39.97 48.79
C SER A 2135 18.73 -40.38 49.08
N GLN A 2136 19.12 -41.58 48.66
CA GLN A 2136 20.50 -42.02 48.84
C GLN A 2136 21.47 -41.17 48.02
N HIS A 2137 21.10 -40.84 46.79
CA HIS A 2137 21.92 -39.99 45.96
C HIS A 2137 21.65 -38.51 46.25
N GLU A 2138 22.50 -37.65 45.70
CA GLU A 2138 22.38 -36.21 45.89
C GLU A 2138 22.05 -35.45 44.62
N ALA A 2139 22.43 -35.97 43.45
CA ALA A 2139 22.20 -35.24 42.20
C ALA A 2139 20.75 -35.30 41.75
N CYS A 2140 20.04 -36.39 42.00
CA CYS A 2140 18.66 -36.49 41.59
C CYS A 2140 17.77 -35.70 42.55
N LEU A 2141 16.91 -34.86 41.97
CA LEU A 2141 15.98 -34.05 42.75
C LEU A 2141 14.52 -34.32 42.44
N ILE A 2142 14.21 -35.01 41.34
CA ILE A 2142 12.84 -35.25 40.91
C ILE A 2142 12.69 -36.74 40.62
N THR A 2143 11.65 -37.36 41.19
CA THR A 2143 11.37 -38.77 40.95
C THR A 2143 9.95 -38.92 40.46
N THR A 2144 9.78 -39.54 39.28
CA THR A 2144 8.47 -39.72 38.67
C THR A 2144 8.19 -41.21 38.52
N LEU A 2145 7.03 -41.64 39.00
CA LEU A 2145 6.60 -43.03 38.96
C LEU A 2145 5.48 -43.17 37.95
N GLN A 2146 5.62 -44.17 37.06
CA GLN A 2146 4.63 -44.48 36.05
C GLN A 2146 4.38 -45.99 36.07
N THR A 2147 3.15 -46.40 35.79
CA THR A 2147 2.76 -47.80 35.86
C THR A 2147 2.90 -48.43 34.48
N GLN A 2148 3.93 -49.26 34.31
CA GLN A 2148 4.08 -50.09 33.14
C GLN A 2148 3.11 -51.27 33.22
N PRO A 2149 2.80 -51.92 32.09
CA PRO A 2149 1.95 -53.14 32.16
C PRO A 2149 2.54 -54.27 32.99
N GLY A 2150 3.86 -54.44 32.99
CA GLY A 2150 4.46 -55.51 33.75
C GLY A 2150 5.37 -55.04 34.88
N ALA A 2151 5.54 -53.73 35.01
CA ALA A 2151 6.51 -53.18 35.96
C ALA A 2151 6.04 -51.82 36.43
N VAL A 2152 6.89 -51.17 37.22
CA VAL A 2152 6.74 -49.78 37.63
C VAL A 2152 8.01 -49.04 37.24
N ARG A 2153 7.88 -47.99 36.45
CA ARG A 2153 9.02 -47.23 35.95
C ARG A 2153 9.27 -46.03 36.83
N CYS A 2154 10.45 -45.96 37.43
CA CYS A 2154 10.89 -44.81 38.21
C CYS A 2154 11.90 -44.04 37.37
N MET A 2155 11.65 -42.75 37.15
CA MET A 2155 12.51 -41.91 36.35
C MET A 2155 13.06 -40.83 37.24
N PHE A 2156 14.39 -40.66 37.25
CA PHE A 2156 15.06 -39.72 38.12
C PHE A 2156 15.64 -38.59 37.28
N TYR A 2157 15.33 -37.35 37.67
CA TYR A 2157 15.75 -36.17 36.96
C TYR A 2157 16.47 -35.21 37.91
N ALA A 2158 17.44 -34.49 37.37
CA ALA A 2158 17.89 -33.26 38.00
C ALA A 2158 16.84 -32.18 37.83
N ASP A 2159 16.94 -31.14 38.65
CA ASP A 2159 15.94 -30.07 38.67
C ASP A 2159 15.93 -29.28 37.36
N THR A 2160 14.93 -29.52 36.53
CA THR A 2160 14.78 -28.85 35.25
C THR A 2160 13.43 -28.15 35.22
N GLN A 2161 13.44 -26.84 35.01
CA GLN A 2161 12.23 -26.04 34.98
C GLN A 2161 12.20 -25.18 33.73
N SER A 2162 10.99 -24.93 33.23
CA SER A 2162 10.77 -23.96 32.17
C SER A 2162 9.90 -22.85 32.75
N CYS A 2163 10.46 -21.64 32.81
CA CYS A 2163 9.77 -20.50 33.40
C CYS A 2163 9.25 -19.60 32.29
N THR A 2164 7.97 -19.26 32.36
CA THR A 2164 7.38 -18.23 31.52
C THR A 2164 7.30 -16.95 32.34
N HIS A 2165 8.02 -15.93 31.88
CA HIS A 2165 8.04 -14.63 32.52
C HIS A 2165 7.21 -13.66 31.69
N SER A 2166 6.42 -12.84 32.36
CA SER A 2166 5.57 -11.86 31.69
C SER A 2166 5.33 -10.71 32.66
N LEU A 2167 4.60 -9.71 32.19
CA LEU A 2167 4.30 -8.54 33.01
C LEU A 2167 3.15 -8.77 33.99
N GLN A 2168 2.49 -9.94 33.92
CA GLN A 2168 1.41 -10.26 34.84
C GLN A 2168 1.87 -11.23 35.94
N GLY A 2169 2.39 -12.38 35.55
CA GLY A 2169 2.82 -13.37 36.52
C GLY A 2169 3.89 -14.31 36.00
N GLN A 2170 4.95 -14.47 36.78
CA GLN A 2170 6.06 -15.36 36.43
C GLN A 2170 5.74 -16.75 36.96
N ASN A 2171 5.54 -17.71 36.05
CA ASN A 2171 5.18 -19.06 36.49
C ASN A 2171 6.11 -20.08 35.84
N CYS A 2172 6.55 -21.04 36.64
CA CYS A 2172 7.51 -22.04 36.21
C CYS A 2172 6.88 -23.42 36.29
N ARG A 2173 7.02 -24.19 35.21
CA ARG A 2173 6.53 -25.55 35.14
C ARG A 2173 7.71 -26.52 35.08
N LEU A 2174 7.45 -27.78 35.36
CA LEU A 2174 8.49 -28.79 35.40
C LEU A 2174 8.73 -29.37 34.02
N LEU A 2175 9.99 -29.61 33.69
CA LEU A 2175 10.38 -30.24 32.43
C LEU A 2175 10.60 -31.73 32.67
N LEU A 2176 9.83 -32.56 31.98
CA LEU A 2176 9.92 -34.00 32.10
C LEU A 2176 10.10 -34.62 30.73
N ARG A 2177 10.85 -35.73 30.69
CA ARG A 2177 11.08 -36.41 29.41
C ARG A 2177 9.84 -37.17 28.94
N GLU A 2178 9.16 -37.85 29.87
CA GLU A 2178 7.97 -38.63 29.53
C GLU A 2178 6.88 -38.35 30.54
N GLU A 2179 5.64 -38.66 30.14
CA GLU A 2179 4.50 -38.49 31.02
C GLU A 2179 4.53 -39.49 32.17
N ALA A 2180 3.99 -39.06 33.32
CA ALA A 2180 4.02 -39.88 34.52
C ALA A 2180 2.79 -39.57 35.37
N THR A 2181 2.49 -40.48 36.30
CA THR A 2181 1.29 -40.34 37.12
C THR A 2181 1.58 -40.03 38.59
N HIS A 2182 2.80 -40.23 39.08
CA HIS A 2182 3.15 -39.76 40.42
C HIS A 2182 4.46 -38.99 40.33
N ILE A 2183 4.47 -37.75 40.84
CA ILE A 2183 5.63 -36.87 40.69
C ILE A 2183 6.01 -36.33 42.05
N TYR A 2184 7.23 -36.60 42.49
CA TYR A 2184 7.72 -36.17 43.79
C TYR A 2184 9.02 -35.39 43.61
N ARG A 2185 9.22 -34.38 44.46
CA ARG A 2185 10.38 -33.52 44.37
C ARG A 2185 10.84 -33.18 45.77
N LYS A 2186 12.12 -33.38 46.05
CA LYS A 2186 12.65 -32.98 47.34
C LYS A 2186 12.74 -31.46 47.42
N PRO A 2187 12.38 -30.85 48.55
CA PRO A 2187 12.29 -29.39 48.61
C PRO A 2187 13.64 -28.71 48.48
N GLY A 2188 13.61 -27.49 47.94
CA GLY A 2188 14.84 -26.73 47.78
C GLY A 2188 15.41 -26.30 49.12
N ILE A 2189 16.73 -26.15 49.14
CA ILE A 2189 17.46 -25.85 50.37
C ILE A 2189 18.31 -24.62 50.10
N SER A 2190 18.61 -23.89 51.16
CA SER A 2190 19.47 -22.72 51.10
C SER A 2190 20.59 -22.89 52.10
N LEU A 2191 21.81 -22.58 51.67
CA LEU A 2191 22.98 -22.63 52.53
C LEU A 2191 23.20 -21.34 53.31
N LEU A 2192 22.15 -20.53 53.45
CA LEU A 2192 22.24 -19.22 54.10
C LEU A 2192 21.46 -19.33 55.40
N SER A 2193 22.17 -19.34 56.53
CA SER A 2193 21.56 -19.52 57.83
C SER A 2193 20.90 -18.23 58.27
N TYR A 2194 19.57 -18.15 58.14
CA TYR A 2194 18.84 -16.99 58.60
C TYR A 2194 18.79 -16.94 60.12
N GLU A 2195 18.74 -15.72 60.64
CA GLU A 2195 18.65 -15.51 62.09
C GLU A 2195 18.08 -14.11 62.27
N ALA A 2196 16.82 -14.03 62.71
CA ALA A 2196 16.05 -12.79 62.85
C ALA A 2196 16.00 -11.99 61.54
N SER A 2197 15.85 -12.72 60.43
CA SER A 2197 15.62 -12.18 59.08
C SER A 2197 16.80 -11.32 58.58
N VAL A 2198 18.02 -11.63 59.03
CA VAL A 2198 19.21 -11.14 58.34
C VAL A 2198 20.06 -12.35 57.96
N PRO A 2199 20.29 -12.58 56.67
CA PRO A 2199 21.05 -13.75 56.23
C PRO A 2199 22.52 -13.67 56.64
N SER A 2200 23.11 -14.84 56.91
CA SER A 2200 24.47 -14.92 57.37
C SER A 2200 25.18 -16.10 56.71
N VAL A 2201 26.43 -15.89 56.32
CA VAL A 2201 27.22 -16.92 55.64
C VAL A 2201 28.58 -17.10 56.30
N PRO A 2202 28.99 -18.33 56.63
CA PRO A 2202 30.36 -18.55 57.13
C PRO A 2202 31.38 -18.56 56.01
N ILE A 2203 32.29 -17.61 56.05
CA ILE A 2203 33.47 -17.60 55.19
C ILE A 2203 34.56 -18.38 55.91
N SER A 2204 35.19 -19.31 55.19
CA SER A 2204 36.00 -20.38 55.76
C SER A 2204 37.20 -19.87 56.55
N THR A 2205 38.06 -19.07 55.91
CA THR A 2205 39.28 -18.62 56.55
C THR A 2205 39.02 -17.50 57.57
N HIS A 2206 37.99 -16.68 57.36
CA HIS A 2206 37.85 -15.43 58.08
C HIS A 2206 36.78 -15.44 59.16
N GLY A 2207 35.57 -15.92 58.87
CA GLY A 2207 34.52 -15.76 59.87
C GLY A 2207 33.11 -15.76 59.34
N ARG A 2208 32.33 -14.73 59.64
CA ARG A 2208 30.92 -14.68 59.28
C ARG A 2208 30.59 -13.40 58.51
N LEU A 2209 29.59 -13.49 57.66
CA LEU A 2209 29.03 -12.36 56.95
C LEU A 2209 27.58 -12.17 57.38
N LEU A 2210 27.25 -10.96 57.81
CA LEU A 2210 25.89 -10.55 58.15
C LEU A 2210 25.34 -9.72 57.01
N GLY A 2211 24.13 -10.04 56.54
CA GLY A 2211 23.64 -9.41 55.34
C GLY A 2211 22.34 -8.65 55.41
N ARG A 2212 21.57 -8.72 54.33
CA ARG A 2212 20.32 -8.00 54.22
C ARG A 2212 19.38 -8.83 53.35
N SER A 2213 18.07 -8.66 53.56
CA SER A 2213 17.06 -9.38 52.80
C SER A 2213 16.08 -8.39 52.19
N GLN A 2214 15.72 -8.62 50.93
CA GLN A 2214 14.87 -7.69 50.19
C GLN A 2214 13.74 -8.45 49.50
N ALA A 2215 12.59 -7.79 49.37
CA ALA A 2215 11.44 -8.34 48.65
C ALA A 2215 11.25 -7.53 47.37
N ILE A 2216 11.24 -8.22 46.24
CA ILE A 2216 11.35 -7.59 44.92
C ILE A 2216 10.20 -8.05 44.04
N GLN A 2217 9.54 -7.10 43.39
CA GLN A 2217 8.40 -7.37 42.52
C GLN A 2217 8.84 -7.34 41.07
N VAL A 2218 8.54 -8.42 40.35
CA VAL A 2218 8.58 -8.44 38.90
C VAL A 2218 7.19 -8.84 38.42
N GLY A 2219 6.60 -8.00 37.57
CA GLY A 2219 5.20 -8.16 37.20
C GLY A 2219 4.28 -7.94 38.38
N THR A 2220 3.56 -8.99 38.79
CA THR A 2220 2.83 -9.01 40.05
C THR A 2220 3.28 -10.18 40.91
N SER A 2221 4.55 -10.59 40.79
CA SER A 2221 5.08 -11.66 41.60
C SER A 2221 6.27 -11.13 42.40
N TRP A 2222 6.49 -11.73 43.56
CA TRP A 2222 7.49 -11.22 44.50
C TRP A 2222 8.47 -12.33 44.88
N LYS A 2223 9.73 -11.96 44.97
CA LYS A 2223 10.79 -12.89 45.35
C LYS A 2223 11.66 -12.24 46.41
N GLN A 2224 12.13 -13.05 47.35
CA GLN A 2224 13.06 -12.58 48.37
C GLN A 2224 14.48 -12.86 47.89
N VAL A 2225 15.31 -11.82 47.90
CA VAL A 2225 16.73 -11.93 47.54
C VAL A 2225 17.55 -11.48 48.73
N ASP A 2226 18.52 -12.30 49.12
CA ASP A 2226 19.46 -11.96 50.17
C ASP A 2226 20.67 -11.28 49.52
N GLN A 2227 20.95 -10.05 49.94
CA GLN A 2227 22.03 -9.27 49.36
C GLN A 2227 23.02 -8.85 50.43
N PHE A 2228 24.30 -8.88 50.06
CA PHE A 2228 25.43 -8.75 50.98
C PHE A 2228 26.33 -7.58 50.60
N LEU A 2229 25.78 -6.38 50.45
CA LEU A 2229 26.53 -5.26 49.90
C LEU A 2229 27.67 -4.83 50.83
N GLY A 2230 28.88 -4.78 50.28
CA GLY A 2230 30.04 -4.29 51.00
C GLY A 2230 31.10 -5.31 51.39
N VAL A 2231 31.09 -6.51 50.81
CA VAL A 2231 32.09 -7.52 51.14
C VAL A 2231 33.44 -7.13 50.56
N PRO A 2232 34.52 -7.15 51.34
CA PRO A 2232 35.85 -6.84 50.79
C PRO A 2232 36.57 -8.06 50.25
N TYR A 2233 37.51 -7.80 49.34
CA TYR A 2233 38.35 -8.86 48.79
C TYR A 2233 39.84 -8.56 48.83
N ALA A 2234 40.26 -7.36 49.25
CA ALA A 2234 41.67 -7.03 49.34
C ALA A 2234 41.86 -5.88 50.32
N ALA A 2235 43.11 -5.69 50.73
CA ALA A 2235 43.44 -4.63 51.68
C ALA A 2235 43.29 -3.25 51.04
N PRO A 2236 42.84 -2.25 51.79
CA PRO A 2236 42.65 -0.91 51.21
C PRO A 2236 43.96 -0.25 50.87
N PRO A 2237 44.07 0.38 49.69
CA PRO A 2237 45.28 1.13 49.29
C PRO A 2237 45.29 2.62 49.63
N LEU A 2238 45.51 2.94 50.91
CA LEU A 2238 45.56 4.32 51.38
C LEU A 2238 47.00 4.69 51.73
N ALA A 2239 47.61 5.52 50.87
CA ALA A 2239 48.83 6.31 51.12
C ALA A 2239 50.10 5.50 51.30
N GLU A 2240 50.02 4.18 51.36
CA GLU A 2240 51.20 3.33 51.35
C GLU A 2240 51.09 2.22 50.31
N ARG A 2241 49.91 1.63 50.16
CA ARG A 2241 49.66 0.60 49.16
C ARG A 2241 49.15 1.17 47.84
N ARG A 2242 49.09 2.50 47.71
CA ARG A 2242 48.84 3.13 46.42
C ARG A 2242 49.92 2.74 45.43
N PHE A 2243 49.48 2.47 44.19
CA PHE A 2243 50.36 2.15 43.05
C PHE A 2243 51.12 0.86 43.33
N GLN A 2244 50.40 -0.15 43.84
CA GLN A 2244 51.01 -1.38 44.31
C GLN A 2244 49.98 -2.51 44.19
N ALA A 2245 50.48 -3.74 44.19
CA ALA A 2245 49.63 -4.93 44.08
C ALA A 2245 48.75 -5.07 45.31
N PRO A 2246 47.53 -5.62 45.15
CA PRO A 2246 46.60 -5.73 46.29
C PRO A 2246 46.94 -6.88 47.23
N GLU A 2247 47.31 -6.54 48.46
CA GLU A 2247 47.44 -7.55 49.49
C GLU A 2247 46.05 -8.02 49.93
N PRO A 2248 45.93 -9.29 50.34
CA PRO A 2248 44.64 -9.75 50.87
C PRO A 2248 44.33 -9.13 52.23
N LEU A 2249 43.04 -9.01 52.51
CA LEU A 2249 42.55 -8.45 53.77
C LEU A 2249 42.20 -9.59 54.70
N ASN A 2250 42.87 -9.63 55.86
CA ASN A 2250 42.85 -10.80 56.75
C ASN A 2250 41.97 -10.54 57.97
N TRP A 2251 40.66 -10.53 57.74
CA TRP A 2251 39.73 -10.17 58.79
C TRP A 2251 39.27 -11.39 59.58
N THR A 2252 38.64 -11.11 60.72
CA THR A 2252 38.12 -12.15 61.61
C THR A 2252 36.93 -11.56 62.36
N GLY A 2253 35.85 -12.33 62.44
CA GLY A 2253 34.67 -11.88 63.16
C GLY A 2253 33.41 -11.89 62.33
N SER A 2254 32.73 -10.75 62.25
CA SER A 2254 31.45 -10.65 61.53
C SER A 2254 31.42 -9.30 60.82
N TRP A 2255 31.78 -9.31 59.54
CA TRP A 2255 31.67 -8.10 58.73
C TRP A 2255 30.21 -7.74 58.52
N ASP A 2256 29.89 -6.46 58.68
CA ASP A 2256 28.52 -6.00 58.50
C ASP A 2256 28.34 -5.61 57.04
N ALA A 2257 27.75 -6.52 56.26
CA ALA A 2257 27.49 -6.27 54.84
C ALA A 2257 26.02 -5.91 54.68
N SER A 2258 25.69 -4.68 55.06
CA SER A 2258 24.32 -4.18 55.00
C SER A 2258 24.20 -2.84 54.31
N LYS A 2259 25.30 -2.16 54.03
CA LYS A 2259 25.29 -0.86 53.37
C LYS A 2259 26.34 -0.85 52.28
N PRO A 2260 26.10 -0.15 51.18
CA PRO A 2260 27.12 -0.05 50.13
C PRO A 2260 28.30 0.78 50.58
N ARG A 2261 29.47 0.42 50.06
CA ARG A 2261 30.67 1.18 50.33
C ARG A 2261 30.89 2.18 49.19
N ALA A 2262 32.09 2.73 49.11
CA ALA A 2262 32.42 3.73 48.10
C ALA A 2262 33.05 3.08 46.88
N SER A 2263 32.77 3.64 45.71
CA SER A 2263 33.46 3.25 44.49
C SER A 2263 34.73 4.08 44.31
N CYS A 2264 35.56 3.66 43.37
CA CYS A 2264 36.88 4.27 43.19
C CYS A 2264 36.79 5.60 42.47
N TRP A 2265 37.91 6.31 42.48
CA TRP A 2265 37.99 7.67 41.92
C TRP A 2265 37.97 7.60 40.41
N GLN A 2266 36.81 7.84 39.82
CA GLN A 2266 36.74 8.01 38.39
C GLN A 2266 37.30 9.39 38.03
N PRO A 2267 37.93 9.54 36.85
CA PRO A 2267 38.58 10.84 36.55
C PRO A 2267 37.61 11.99 36.38
N GLY A 2268 36.60 11.85 35.54
CA GLY A 2268 35.61 12.90 35.46
C GLY A 2268 34.64 12.80 36.62
N THR A 2269 34.79 13.69 37.60
CA THR A 2269 33.97 13.65 38.81
C THR A 2269 33.69 15.08 39.25
N ARG A 2270 32.43 15.38 39.54
CA ARG A 2270 32.06 16.73 39.97
C ARG A 2270 32.51 17.06 41.39
N THR A 2271 32.98 16.05 42.15
CA THR A 2271 33.49 16.20 43.52
C THR A 2271 32.40 16.78 44.44
N SER A 2272 31.18 16.29 44.30
CA SER A 2272 30.14 16.57 45.27
C SER A 2272 30.47 15.89 46.59
N THR A 2273 30.22 16.59 47.69
CA THR A 2273 30.47 16.05 49.03
C THR A 2273 29.55 14.87 49.32
N SER A 2274 30.10 13.66 49.29
CA SER A 2274 29.35 12.42 49.41
C SER A 2274 30.31 11.26 49.66
N PRO A 2275 29.87 10.21 50.34
CA PRO A 2275 30.68 8.99 50.42
C PRO A 2275 30.55 8.06 49.22
N GLY A 2276 30.01 8.53 48.10
CA GLY A 2276 29.88 7.69 46.92
C GLY A 2276 31.21 7.32 46.30
N VAL A 2277 32.10 8.29 46.13
CA VAL A 2277 33.44 8.04 45.60
C VAL A 2277 34.49 8.43 46.63
N SER A 2278 35.52 7.58 46.74
CA SER A 2278 36.66 7.71 47.63
C SER A 2278 37.64 6.60 47.33
N GLU A 2279 38.78 6.59 48.02
CA GLU A 2279 39.59 5.39 48.06
C GLU A 2279 39.02 4.42 49.08
N ASP A 2280 39.74 3.30 49.30
CA ASP A 2280 39.22 2.10 49.96
C ASP A 2280 37.93 1.67 49.26
N CYS A 2281 38.09 1.17 48.04
CA CYS A 2281 36.96 0.89 47.16
C CYS A 2281 37.06 -0.50 46.56
N LEU A 2282 37.75 -1.42 47.22
CA LEU A 2282 37.85 -2.80 46.74
C LEU A 2282 36.82 -3.62 47.50
N TYR A 2283 35.58 -3.52 47.06
CA TYR A 2283 34.44 -4.11 47.74
C TYR A 2283 33.50 -4.78 46.74
N LEU A 2284 32.88 -5.86 47.19
CA LEU A 2284 31.96 -6.64 46.38
C LEU A 2284 30.51 -6.28 46.71
N ASN A 2285 29.58 -6.84 45.94
CA ASN A 2285 28.15 -6.76 46.21
C ASN A 2285 27.56 -8.07 45.72
N VAL A 2286 27.10 -8.92 46.63
CA VAL A 2286 26.69 -10.28 46.28
C VAL A 2286 25.18 -10.39 46.48
N PHE A 2287 24.46 -10.74 45.42
CA PHE A 2287 23.02 -10.91 45.42
C PHE A 2287 22.70 -12.38 45.13
N ILE A 2288 21.95 -13.01 46.03
CA ILE A 2288 21.61 -14.42 45.94
C ILE A 2288 20.10 -14.53 46.10
N PRO A 2289 19.38 -15.13 45.16
CA PRO A 2289 17.95 -15.43 45.37
C PRO A 2289 17.74 -16.45 46.49
N GLN A 2290 16.46 -16.62 46.87
CA GLN A 2290 16.12 -17.39 48.06
C GLN A 2290 16.47 -18.88 47.89
N ASN A 2291 15.87 -19.53 46.91
CA ASN A 2291 16.17 -20.94 46.62
C ASN A 2291 16.73 -21.01 45.22
N VAL A 2292 18.06 -20.89 45.12
CA VAL A 2292 18.77 -20.98 43.84
C VAL A 2292 18.81 -22.43 43.37
N ALA A 2293 19.34 -22.62 42.16
CA ALA A 2293 19.76 -23.96 41.77
C ALA A 2293 20.91 -24.40 42.67
N PRO A 2294 21.01 -25.71 42.96
CA PRO A 2294 22.05 -26.18 43.89
C PRO A 2294 23.48 -25.92 43.44
N ASN A 2295 23.72 -25.91 42.13
CA ASN A 2295 24.98 -25.45 41.56
C ASN A 2295 24.62 -24.34 40.58
N ALA A 2296 24.47 -23.13 41.11
CA ALA A 2296 23.99 -22.00 40.33
C ALA A 2296 25.16 -21.26 39.68
N SER A 2297 24.87 -20.66 38.54
CA SER A 2297 25.88 -19.89 37.83
C SER A 2297 26.15 -18.58 38.56
N VAL A 2298 27.33 -18.02 38.29
CA VAL A 2298 27.78 -16.79 38.93
C VAL A 2298 28.10 -15.79 37.82
N LEU A 2299 27.56 -14.58 37.94
CA LEU A 2299 27.93 -13.47 37.08
C LEU A 2299 28.80 -12.51 37.88
N VAL A 2300 29.87 -12.01 37.28
CA VAL A 2300 30.78 -11.07 37.94
C VAL A 2300 30.85 -9.83 37.07
N PHE A 2301 30.19 -8.76 37.52
CA PHE A 2301 30.08 -7.52 36.77
C PHE A 2301 31.02 -6.50 37.40
N PHE A 2302 31.93 -5.96 36.62
CA PHE A 2302 32.85 -4.93 37.09
C PHE A 2302 32.32 -3.56 36.68
N HIS A 2303 32.06 -2.70 37.67
CA HIS A 2303 31.48 -1.40 37.39
C HIS A 2303 31.74 -0.47 38.56
N ASN A 2304 32.48 0.61 38.32
CA ASN A 2304 32.62 1.70 39.29
C ASN A 2304 31.49 2.69 39.04
N THR A 2305 30.60 2.83 40.01
CA THR A 2305 29.48 3.75 39.85
C THR A 2305 29.94 5.20 39.94
N MET A 2306 29.15 6.08 39.34
CA MET A 2306 29.40 7.51 39.39
C MET A 2306 28.91 8.04 40.74
N ASP A 2307 29.18 9.31 41.03
CA ASP A 2307 28.79 9.94 42.29
C ASP A 2307 27.27 10.01 42.35
N ARG A 2308 26.67 9.03 43.00
CA ARG A 2308 25.24 8.94 43.24
C ARG A 2308 25.02 8.74 44.72
N GLU A 2309 23.96 9.36 45.24
CA GLU A 2309 23.60 9.24 46.65
C GLU A 2309 23.09 7.82 46.90
N GLU A 2310 23.90 7.01 47.60
CA GLU A 2310 23.62 5.62 47.96
C GLU A 2310 22.65 5.49 49.15
N SER A 2311 21.98 6.57 49.55
CA SER A 2311 20.95 6.48 50.59
C SER A 2311 19.80 5.56 50.19
N GLU A 2312 19.50 5.48 48.89
CA GLU A 2312 18.56 4.48 48.38
C GLU A 2312 19.32 3.19 48.09
N GLY A 2313 20.05 2.68 49.09
CA GLY A 2313 20.82 1.46 49.05
C GLY A 2313 21.74 1.27 47.86
N TRP A 2314 21.40 0.24 47.06
CA TRP A 2314 22.02 -0.27 45.85
C TRP A 2314 22.43 0.85 44.88
N PRO A 2315 23.73 1.12 44.74
CA PRO A 2315 24.14 2.24 43.88
C PRO A 2315 24.18 1.88 42.40
N ALA A 2316 23.12 2.28 41.69
CA ALA A 2316 22.99 2.35 40.24
C ALA A 2316 23.03 1.00 39.51
N ILE A 2317 23.34 -0.08 40.22
CA ILE A 2317 23.25 -1.44 39.69
C ILE A 2317 22.67 -2.31 40.80
N ASP A 2318 21.39 -2.64 40.67
CA ASP A 2318 20.77 -3.67 41.49
C ASP A 2318 20.62 -4.89 40.57
N GLY A 2319 21.69 -5.66 40.47
CA GLY A 2319 21.71 -6.90 39.71
C GLY A 2319 20.85 -8.02 40.30
N SER A 2320 20.27 -7.72 41.45
CA SER A 2320 19.28 -8.56 42.10
C SER A 2320 18.08 -8.86 41.21
N PHE A 2321 17.70 -7.95 40.31
CA PHE A 2321 16.59 -8.23 39.40
C PHE A 2321 16.97 -9.29 38.38
N LEU A 2322 18.19 -9.21 37.83
CA LEU A 2322 18.69 -10.27 36.95
C LEU A 2322 18.84 -11.58 37.70
N ALA A 2323 19.25 -11.50 38.97
CA ALA A 2323 19.33 -12.69 39.82
C ALA A 2323 17.96 -13.34 40.03
N ALA A 2324 16.95 -12.53 40.34
CA ALA A 2324 15.62 -13.06 40.64
C ALA A 2324 14.95 -13.61 39.38
N VAL A 2325 15.08 -12.90 38.26
CA VAL A 2325 14.46 -13.38 37.02
C VAL A 2325 15.19 -14.58 36.45
N GLY A 2326 16.52 -14.62 36.57
CA GLY A 2326 17.28 -15.65 35.90
C GLY A 2326 17.74 -16.81 36.75
N ASN A 2327 17.46 -16.76 38.05
CA ASN A 2327 17.75 -17.81 39.03
C ASN A 2327 19.25 -18.13 39.08
N LEU A 2328 20.04 -17.11 39.43
CA LEU A 2328 21.48 -17.21 39.43
C LEU A 2328 22.05 -16.18 40.39
N ILE A 2329 23.32 -16.34 40.73
CA ILE A 2329 24.01 -15.48 41.70
C ILE A 2329 24.70 -14.36 40.95
N VAL A 2330 24.52 -13.12 41.42
CA VAL A 2330 25.13 -11.95 40.79
C VAL A 2330 26.11 -11.34 41.78
N VAL A 2331 27.29 -10.99 41.29
CA VAL A 2331 28.31 -10.32 42.09
C VAL A 2331 28.77 -9.12 41.28
N THR A 2332 28.63 -7.92 41.85
CA THR A 2332 29.10 -6.70 41.21
C THR A 2332 30.23 -6.12 42.04
N ALA A 2333 31.37 -5.91 41.40
CA ALA A 2333 32.59 -5.53 42.08
C ALA A 2333 33.01 -4.13 41.67
N SER A 2334 34.02 -3.62 42.37
CA SER A 2334 34.64 -2.35 42.04
C SER A 2334 36.14 -2.55 41.92
N TYR A 2335 36.79 -1.65 41.19
CA TYR A 2335 38.20 -1.82 40.89
C TYR A 2335 38.81 -0.45 40.65
N ARG A 2336 40.10 -0.34 40.95
CA ARG A 2336 40.82 0.92 40.75
C ARG A 2336 40.92 1.24 39.26
N VAL A 2337 40.62 2.49 38.92
CA VAL A 2337 40.66 2.96 37.53
C VAL A 2337 41.25 4.36 37.55
N GLY A 2338 41.86 4.75 36.43
CA GLY A 2338 42.51 6.04 36.36
C GLY A 2338 43.97 5.97 36.71
N VAL A 2339 44.50 7.04 37.31
CA VAL A 2339 45.90 7.06 37.73
C VAL A 2339 46.14 6.06 38.86
N PHE A 2340 45.17 5.91 39.76
CA PHE A 2340 45.27 4.91 40.82
C PHE A 2340 45.20 3.50 40.25
N GLY A 2341 44.38 3.31 39.21
CA GLY A 2341 44.30 2.00 38.59
C GLY A 2341 45.52 1.66 37.75
N PHE A 2342 46.05 2.64 37.01
CA PHE A 2342 47.14 2.38 36.05
C PHE A 2342 48.09 3.56 36.12
N LEU A 2343 49.19 3.40 36.85
CA LEU A 2343 50.32 4.32 36.76
C LEU A 2343 51.59 3.49 36.58
N SER A 2344 52.41 3.88 35.62
CA SER A 2344 53.67 3.18 35.34
C SER A 2344 54.81 4.19 35.27
N SER A 2345 55.92 3.85 35.92
CA SER A 2345 57.13 4.67 35.90
C SER A 2345 58.31 3.77 36.23
N GLY A 2346 59.40 3.94 35.49
CA GLY A 2346 60.59 3.16 35.73
C GLY A 2346 60.49 1.75 35.16
N SER A 2347 61.59 1.01 35.34
CA SER A 2347 61.64 -0.35 34.82
C SER A 2347 60.86 -1.32 35.69
N GLY A 2348 60.90 -1.15 37.02
CA GLY A 2348 60.29 -2.12 37.92
C GLY A 2348 59.51 -1.46 39.04
N GLU A 2349 58.71 -2.29 39.71
CA GLU A 2349 57.94 -2.11 40.95
C GLU A 2349 56.91 -0.98 40.93
N VAL A 2350 56.82 -0.24 39.83
CA VAL A 2350 55.73 0.69 39.55
C VAL A 2350 55.34 0.22 38.15
N SER A 2351 55.34 -1.09 37.96
CA SER A 2351 55.14 -1.68 36.63
C SER A 2351 53.76 -1.34 36.06
N GLY A 2352 52.72 -1.41 36.88
CA GLY A 2352 51.40 -1.03 36.43
C GLY A 2352 50.38 -2.15 36.50
N ASN A 2353 49.26 -1.98 35.78
CA ASN A 2353 48.14 -2.91 35.72
C ASN A 2353 47.55 -3.21 37.10
N TRP A 2354 47.50 -2.20 37.97
CA TRP A 2354 46.99 -2.41 39.33
C TRP A 2354 45.49 -2.71 39.33
N GLY A 2355 44.73 -2.05 38.45
CA GLY A 2355 43.32 -2.37 38.31
C GLY A 2355 43.08 -3.76 37.77
N LEU A 2356 43.96 -4.22 36.88
CA LEU A 2356 43.89 -5.60 36.38
C LEU A 2356 44.17 -6.60 37.49
N LEU A 2357 45.13 -6.29 38.36
CA LEU A 2357 45.39 -7.15 39.52
C LEU A 2357 44.23 -7.13 40.51
N ASP A 2358 43.56 -5.99 40.64
CA ASP A 2358 42.36 -5.93 41.49
C ASP A 2358 41.23 -6.78 40.93
N GLN A 2359 41.05 -6.76 39.60
CA GLN A 2359 40.07 -7.62 38.96
C GLN A 2359 40.42 -9.09 39.12
N VAL A 2360 41.71 -9.43 39.03
CA VAL A 2360 42.16 -10.80 39.24
C VAL A 2360 41.93 -11.22 40.69
N ALA A 2361 42.18 -10.32 41.65
CA ALA A 2361 41.94 -10.63 43.06
C ALA A 2361 40.47 -10.86 43.35
N ALA A 2362 39.58 -10.04 42.77
CA ALA A 2362 38.15 -10.26 42.92
C ALA A 2362 37.71 -11.58 42.29
N LEU A 2363 38.29 -11.92 41.14
CA LEU A 2363 37.95 -13.17 40.48
C LEU A 2363 38.45 -14.37 41.28
N THR A 2364 39.62 -14.27 41.92
CA THR A 2364 40.09 -15.35 42.79
C THR A 2364 39.23 -15.47 44.04
N TRP A 2365 38.75 -14.35 44.57
CA TRP A 2365 37.87 -14.40 45.74
C TRP A 2365 36.57 -15.10 45.40
N VAL A 2366 35.95 -14.72 44.28
CA VAL A 2366 34.70 -15.38 43.90
C VAL A 2366 34.98 -16.79 43.37
N GLN A 2367 36.22 -17.10 43.00
CA GLN A 2367 36.57 -18.48 42.70
C GLN A 2367 36.62 -19.32 43.97
N THR A 2368 37.11 -18.75 45.06
CA THR A 2368 37.38 -19.54 46.25
C THR A 2368 36.17 -19.66 47.18
N HIS A 2369 35.51 -18.54 47.51
CA HIS A 2369 34.55 -18.52 48.60
C HIS A 2369 33.08 -18.60 48.16
N ILE A 2370 32.80 -18.79 46.87
CA ILE A 2370 31.41 -18.67 46.43
C ILE A 2370 30.62 -19.94 46.68
N ARG A 2371 31.29 -21.07 46.96
CA ARG A 2371 30.59 -22.34 47.12
C ARG A 2371 29.77 -22.38 48.41
N GLY A 2372 30.11 -21.57 49.40
CA GLY A 2372 29.26 -21.45 50.58
C GLY A 2372 27.99 -20.67 50.32
N PHE A 2373 27.96 -19.86 49.25
CA PHE A 2373 26.78 -19.08 48.91
C PHE A 2373 25.75 -19.87 48.12
N GLY A 2374 26.14 -21.02 47.58
CA GLY A 2374 25.29 -21.81 46.71
C GLY A 2374 25.73 -21.85 45.27
N GLY A 2375 26.66 -20.98 44.87
CA GLY A 2375 27.10 -20.93 43.50
C GLY A 2375 28.07 -22.05 43.14
N ASP A 2376 28.41 -22.09 41.86
CA ASP A 2376 29.34 -23.08 41.32
C ASP A 2376 30.50 -22.32 40.71
N PRO A 2377 31.73 -22.45 41.22
CA PRO A 2377 32.85 -21.63 40.72
C PRO A 2377 33.37 -22.04 39.35
N ARG A 2378 32.80 -23.05 38.70
CA ARG A 2378 33.17 -23.41 37.34
C ARG A 2378 32.26 -22.79 36.29
N ARG A 2379 31.33 -21.92 36.70
CA ARG A 2379 30.40 -21.28 35.78
C ARG A 2379 30.45 -19.76 35.88
N VAL A 2380 31.57 -19.20 36.35
CA VAL A 2380 31.70 -17.76 36.51
C VAL A 2380 31.77 -17.08 35.15
N SER A 2381 30.97 -16.03 34.97
CA SER A 2381 30.92 -15.28 33.72
C SER A 2381 31.35 -13.85 33.97
N LEU A 2382 32.43 -13.43 33.33
CA LEU A 2382 32.97 -12.09 33.45
C LEU A 2382 32.13 -11.09 32.65
N ALA A 2383 31.99 -9.88 33.18
CA ALA A 2383 31.25 -8.85 32.47
C ALA A 2383 31.77 -7.46 32.84
N ALA A 2384 31.81 -6.58 31.85
CA ALA A 2384 32.13 -5.17 32.04
C ALA A 2384 31.49 -4.37 30.92
N ASP A 2385 31.60 -3.05 30.99
CA ASP A 2385 30.98 -2.20 29.99
C ASP A 2385 31.66 -0.84 29.92
N ARG A 2386 31.58 -0.23 28.73
CA ARG A 2386 31.84 1.19 28.47
C ARG A 2386 33.23 1.63 28.91
N GLY A 2387 34.23 1.07 28.23
CA GLY A 2387 35.61 1.34 28.54
C GLY A 2387 36.20 0.40 29.57
N GLY A 2388 35.38 -0.08 30.51
CA GLY A 2388 35.77 -1.19 31.35
C GLY A 2388 35.86 -2.50 30.61
N ALA A 2389 35.17 -2.62 29.48
CA ALA A 2389 35.31 -3.81 28.64
C ALA A 2389 36.66 -3.82 27.92
N ASP A 2390 37.23 -2.63 27.68
CA ASP A 2390 38.60 -2.56 27.15
C ASP A 2390 39.61 -3.13 28.14
N VAL A 2391 39.36 -2.99 29.43
CA VAL A 2391 40.26 -3.51 30.45
C VAL A 2391 39.74 -4.81 31.07
N ALA A 2392 38.77 -5.45 30.43
CA ALA A 2392 38.29 -6.76 30.86
C ALA A 2392 38.67 -7.87 29.90
N SER A 2393 38.76 -7.58 28.60
CA SER A 2393 39.14 -8.58 27.61
C SER A 2393 40.63 -8.93 27.66
N ILE A 2394 41.43 -8.17 28.42
CA ILE A 2394 42.81 -8.53 28.70
C ILE A 2394 42.86 -9.85 29.46
N HIS A 2395 41.83 -10.12 30.27
CA HIS A 2395 41.70 -11.43 30.92
C HIS A 2395 41.46 -12.54 29.91
N LEU A 2396 40.70 -12.24 28.84
CA LEU A 2396 40.53 -13.20 27.76
C LEU A 2396 41.84 -13.44 27.02
N LEU A 2397 42.66 -12.39 26.87
CA LEU A 2397 43.92 -12.54 26.15
C LEU A 2397 44.95 -13.34 26.95
N THR A 2398 44.99 -13.14 28.27
CA THR A 2398 46.06 -13.68 29.09
C THR A 2398 45.94 -15.19 29.23
N ALA A 2399 47.01 -15.90 28.88
CA ALA A 2399 47.05 -17.34 29.01
C ALA A 2399 47.23 -17.74 30.47
N ARG A 2400 46.59 -18.85 30.85
CA ARG A 2400 46.58 -19.30 32.23
C ARG A 2400 46.50 -20.83 32.21
N ALA A 2401 46.98 -21.44 33.30
CA ALA A 2401 46.83 -22.87 33.50
C ALA A 2401 45.35 -23.26 33.52
N THR A 2402 45.03 -24.39 32.90
CA THR A 2402 43.64 -24.76 32.62
C THR A 2402 42.85 -25.06 33.89
N ASN A 2403 43.51 -25.61 34.91
CA ASN A 2403 42.83 -25.89 36.17
C ASN A 2403 42.45 -24.61 36.90
N SER A 2404 43.29 -23.58 36.80
CA SER A 2404 43.08 -22.31 37.48
C SER A 2404 42.43 -21.25 36.59
N GLN A 2405 41.58 -21.66 35.66
CA GLN A 2405 40.86 -20.71 34.82
C GLN A 2405 39.84 -19.96 35.67
N LEU A 2406 39.95 -18.63 35.69
CA LEU A 2406 39.18 -17.81 36.62
C LEU A 2406 37.71 -17.69 36.27
N PHE A 2407 37.32 -18.06 35.05
CA PHE A 2407 35.94 -17.91 34.61
C PHE A 2407 35.68 -18.90 33.48
N ARG A 2408 34.50 -18.82 32.92
CA ARG A 2408 34.10 -19.70 31.83
C ARG A 2408 33.60 -18.93 30.62
N ARG A 2409 32.82 -17.86 30.82
CA ARG A 2409 32.26 -17.09 29.72
C ARG A 2409 32.66 -15.63 29.84
N ALA A 2410 32.14 -14.77 28.96
CA ALA A 2410 32.51 -13.36 28.96
C ALA A 2410 31.40 -12.55 28.29
N VAL A 2411 30.95 -11.49 28.95
CA VAL A 2411 29.88 -10.63 28.44
C VAL A 2411 30.47 -9.23 28.36
N LEU A 2412 30.99 -8.84 27.20
CA LEU A 2412 31.61 -7.54 27.01
C LEU A 2412 30.62 -6.63 26.28
N MET A 2413 30.12 -5.62 26.97
CA MET A 2413 29.13 -4.70 26.41
C MET A 2413 29.81 -3.39 26.05
N GLY A 2414 30.23 -3.27 24.79
CA GLY A 2414 30.75 -2.02 24.30
C GLY A 2414 32.24 -1.82 24.51
N GLY A 2415 33.03 -2.83 24.20
CA GLY A 2415 34.48 -2.66 24.21
C GLY A 2415 35.17 -3.92 23.78
N SER A 2416 36.49 -3.80 23.59
CA SER A 2416 37.30 -4.90 23.07
C SER A 2416 38.76 -4.67 23.41
N ALA A 2417 39.54 -5.76 23.33
CA ALA A 2417 40.99 -5.66 23.43
C ALA A 2417 41.63 -5.11 22.16
N LEU A 2418 40.96 -5.26 21.02
CA LEU A 2418 41.52 -4.83 19.74
C LEU A 2418 41.32 -3.35 19.46
N SER A 2419 40.79 -2.59 20.42
CA SER A 2419 40.74 -1.15 20.29
C SER A 2419 42.16 -0.59 20.27
N PRO A 2420 42.43 0.45 19.48
CA PRO A 2420 43.79 1.02 19.44
C PRO A 2420 44.22 1.67 20.73
N ALA A 2421 43.29 2.12 21.57
CA ALA A 2421 43.60 2.75 22.83
C ALA A 2421 43.58 1.78 24.01
N ALA A 2422 43.45 0.48 23.73
CA ALA A 2422 43.36 -0.50 24.81
C ALA A 2422 44.67 -0.66 25.57
N VAL A 2423 45.79 -0.69 24.86
CA VAL A 2423 47.10 -0.90 25.45
C VAL A 2423 47.97 0.31 25.16
N ILE A 2424 48.59 0.86 26.19
CA ILE A 2424 49.41 2.06 26.09
C ILE A 2424 50.87 1.66 26.07
N SER A 2425 51.64 2.25 25.15
CA SER A 2425 53.06 1.99 25.07
C SER A 2425 53.80 2.64 26.24
N HIS A 2426 55.06 2.27 26.40
CA HIS A 2426 55.86 2.71 27.55
C HIS A 2426 56.15 4.21 27.48
N GLU A 2427 56.48 4.71 26.28
CA GLU A 2427 56.86 6.11 26.11
C GLU A 2427 55.72 7.06 26.44
N ARG A 2428 54.52 6.74 25.94
CA ARG A 2428 53.34 7.54 26.20
C ARG A 2428 52.99 7.53 27.68
N ALA A 2429 53.13 6.38 28.34
CA ALA A 2429 52.84 6.25 29.75
C ALA A 2429 53.81 7.08 30.60
N GLN A 2430 55.10 7.06 30.24
CA GLN A 2430 56.07 7.87 30.97
C GLN A 2430 55.86 9.36 30.73
N GLN A 2431 55.45 9.74 29.52
CA GLN A 2431 55.08 11.14 29.25
C GLN A 2431 53.88 11.56 30.08
N GLN A 2432 52.89 10.67 30.21
CA GLN A 2432 51.73 10.94 31.06
C GLN A 2432 52.12 11.13 32.51
N ALA A 2433 53.03 10.27 33.00
CA ALA A 2433 53.48 10.36 34.39
C ALA A 2433 54.24 11.65 34.66
N ILE A 2434 55.14 12.04 33.75
CA ILE A 2434 55.89 13.28 33.98
C ILE A 2434 55.02 14.51 33.77
N ALA A 2435 54.00 14.45 32.90
CA ALA A 2435 53.07 15.57 32.76
C ALA A 2435 52.22 15.74 34.02
N LEU A 2436 51.76 14.63 34.60
CA LEU A 2436 51.03 14.69 35.87
C LEU A 2436 51.94 15.18 36.99
N ALA A 2437 53.23 14.81 36.93
CA ALA A 2437 54.21 15.34 37.88
C ALA A 2437 54.35 16.85 37.73
N LYS A 2438 54.35 17.36 36.50
CA LYS A 2438 54.47 18.80 36.27
C LYS A 2438 53.25 19.55 36.78
N GLU A 2439 52.06 18.99 36.59
CA GLU A 2439 50.85 19.70 37.05
C GLU A 2439 50.73 19.68 38.57
N VAL A 2440 51.11 18.57 39.22
CA VAL A 2440 51.11 18.51 40.68
C VAL A 2440 52.35 19.18 41.27
N SER A 2441 53.35 19.48 40.41
CA SER A 2441 54.61 20.15 40.77
C SER A 2441 55.45 19.31 41.74
N CYS A 2442 55.56 18.01 41.46
CA CYS A 2442 56.50 17.15 42.13
C CYS A 2442 57.92 17.42 41.62
N PRO A 2443 58.94 17.25 42.47
CA PRO A 2443 60.32 17.45 42.01
C PRO A 2443 60.84 16.33 41.11
N MET A 2444 60.64 16.46 39.80
CA MET A 2444 60.96 15.39 38.86
C MET A 2444 62.48 15.23 38.73
N SER A 2445 62.99 14.16 39.34
CA SER A 2445 64.39 13.76 39.20
C SER A 2445 64.52 12.33 38.70
N SER A 2446 63.86 11.38 39.36
CA SER A 2446 63.92 9.98 38.99
C SER A 2446 62.55 9.36 39.18
N SER A 2447 62.38 8.16 38.63
CA SER A 2447 61.09 7.45 38.67
C SER A 2447 60.66 7.11 40.10
N GLN A 2448 61.61 6.64 40.91
CA GLN A 2448 61.33 6.35 42.31
C GLN A 2448 60.96 7.61 43.08
N GLU A 2449 61.64 8.72 42.78
CA GLU A 2449 61.37 9.98 43.47
C GLU A 2449 60.00 10.53 43.09
N VAL A 2450 59.62 10.47 41.81
CA VAL A 2450 58.32 11.01 41.41
C VAL A 2450 57.18 10.12 41.91
N VAL A 2451 57.37 8.80 41.93
CA VAL A 2451 56.30 7.95 42.46
C VAL A 2451 56.20 8.11 43.99
N SER A 2452 57.32 8.38 44.67
CA SER A 2452 57.26 8.61 46.10
C SER A 2452 56.61 9.96 46.42
N CYS A 2453 56.83 10.97 45.58
CA CYS A 2453 56.15 12.25 45.75
C CYS A 2453 54.65 12.11 45.46
N LEU A 2454 54.31 11.33 44.43
CA LEU A 2454 52.92 11.21 44.02
C LEU A 2454 52.11 10.35 45.01
N ARG A 2455 52.78 9.44 45.72
CA ARG A 2455 52.09 8.55 46.65
C ARG A 2455 51.60 9.28 47.92
N GLN A 2456 52.06 10.50 48.18
CA GLN A 2456 51.70 11.21 49.40
C GLN A 2456 50.66 12.30 49.18
N LYS A 2457 50.38 12.66 47.93
CA LYS A 2457 49.37 13.68 47.65
C LYS A 2457 47.98 13.16 47.96
N PRO A 2458 47.06 14.05 48.37
CA PRO A 2458 45.66 13.62 48.56
C PRO A 2458 45.00 13.23 47.25
N ALA A 2459 44.04 12.31 47.36
CA ALA A 2459 43.39 11.74 46.18
C ALA A 2459 42.57 12.76 45.41
N ASN A 2460 42.01 13.76 46.09
CA ASN A 2460 41.21 14.78 45.41
C ASN A 2460 42.07 15.63 44.48
N VAL A 2461 43.28 15.98 44.92
CA VAL A 2461 44.20 16.77 44.10
C VAL A 2461 44.63 15.97 42.87
N LEU A 2462 44.94 14.69 43.05
CA LEU A 2462 45.34 13.84 41.93
C LEU A 2462 44.20 13.63 40.94
N ASN A 2463 42.98 13.46 41.45
CA ASN A 2463 41.81 13.31 40.59
C ASN A 2463 41.56 14.59 39.78
N ASP A 2464 41.69 15.75 40.43
CA ASP A 2464 41.51 17.02 39.74
C ASP A 2464 42.56 17.24 38.66
N ALA A 2465 43.82 16.93 38.98
CA ALA A 2465 44.91 17.12 38.01
C ALA A 2465 44.79 16.15 36.84
N GLN A 2466 44.44 14.88 37.11
CA GLN A 2466 44.27 13.92 36.03
C GLN A 2466 43.06 14.27 35.16
N THR A 2467 42.02 14.87 35.75
CA THR A 2467 40.87 15.29 34.97
C THR A 2467 41.23 16.48 34.09
N LYS A 2468 42.00 17.43 34.63
CA LYS A 2468 42.44 18.59 33.87
C LYS A 2468 43.34 18.20 32.70
N LEU A 2469 44.25 17.25 32.92
CA LEU A 2469 45.10 16.79 31.82
C LEU A 2469 44.32 15.95 30.81
N LEU A 2470 43.39 15.11 31.27
CA LEU A 2470 42.62 14.26 30.37
C LEU A 2470 41.58 15.04 29.58
N ALA A 2471 41.22 16.25 30.03
CA ALA A 2471 40.22 17.04 29.31
C ALA A 2471 40.70 17.48 27.93
N VAL A 2472 42.00 17.67 27.75
CA VAL A 2472 42.54 18.15 26.48
C VAL A 2472 43.49 17.12 25.89
N SER A 2473 43.27 15.85 26.21
CA SER A 2473 44.12 14.77 25.75
C SER A 2473 43.30 13.77 24.94
N GLY A 2474 43.97 13.13 23.99
CA GLY A 2474 43.35 12.15 23.12
C GLY A 2474 43.12 10.82 23.81
N PRO A 2475 42.42 9.91 23.12
CA PRO A 2475 42.21 8.55 23.65
C PRO A 2475 43.49 7.76 23.82
N PHE A 2476 44.54 8.06 23.04
CA PHE A 2476 45.83 7.44 23.22
C PHE A 2476 46.57 7.96 24.43
N HIS A 2477 46.11 9.06 25.03
CA HIS A 2477 46.72 9.64 26.22
C HIS A 2477 45.90 9.37 27.47
N TYR A 2478 44.99 8.40 27.43
CA TYR A 2478 44.21 8.00 28.60
C TYR A 2478 45.08 7.14 29.51
N TRP A 2479 44.50 6.70 30.63
CA TRP A 2479 45.20 5.82 31.56
C TRP A 2479 44.70 4.40 31.33
N GLY A 2480 45.57 3.56 30.79
CA GLY A 2480 45.19 2.20 30.43
C GLY A 2480 46.26 1.21 30.81
N PRO A 2481 45.99 -0.08 30.58
CA PRO A 2481 46.98 -1.11 30.89
C PRO A 2481 48.20 -1.04 29.97
N VAL A 2482 49.34 -1.44 30.53
CA VAL A 2482 50.62 -1.43 29.83
C VAL A 2482 51.06 -2.87 29.60
N ILE A 2483 52.23 -3.05 28.97
CA ILE A 2483 52.69 -4.39 28.59
C ILE A 2483 53.06 -5.22 29.82
N ASP A 2484 53.99 -4.70 30.64
CA ASP A 2484 54.40 -5.15 31.98
C ASP A 2484 55.22 -6.45 31.90
N GLY A 2485 55.20 -7.16 30.78
CA GLY A 2485 55.99 -8.37 30.62
C GLY A 2485 55.64 -9.58 31.45
N HIS A 2486 54.77 -9.45 32.45
CA HIS A 2486 54.39 -10.54 33.34
C HIS A 2486 52.91 -10.89 33.23
N PHE A 2487 52.03 -9.91 33.44
CA PHE A 2487 50.61 -10.16 33.30
C PHE A 2487 50.19 -10.20 31.83
N LEU A 2488 50.81 -9.37 31.01
CA LEU A 2488 50.61 -9.36 29.57
C LEU A 2488 51.99 -9.46 28.92
N ARG A 2489 52.04 -9.99 27.71
CA ARG A 2489 53.31 -10.24 27.05
C ARG A 2489 53.52 -9.39 25.80
N GLU A 2490 52.53 -9.37 24.91
CA GLU A 2490 52.65 -8.79 23.58
C GLU A 2490 51.42 -7.95 23.29
N PRO A 2491 51.47 -7.08 22.26
CA PRO A 2491 50.29 -6.30 21.85
C PRO A 2491 49.10 -7.18 21.50
N PRO A 2492 47.86 -6.69 21.71
CA PRO A 2492 46.67 -7.57 21.71
C PRO A 2492 46.38 -8.30 20.41
N ALA A 2493 46.62 -7.67 19.25
CA ALA A 2493 46.39 -8.33 17.97
C ALA A 2493 47.31 -9.52 17.78
N ARG A 2494 48.57 -9.40 18.19
CA ARG A 2494 49.49 -10.54 18.12
C ARG A 2494 49.13 -11.59 19.16
N ALA A 2495 48.73 -11.16 20.36
CA ALA A 2495 48.38 -12.08 21.44
C ALA A 2495 47.11 -12.86 21.16
N LEU A 2496 46.22 -12.35 20.33
CA LEU A 2496 44.99 -13.06 19.99
C LEU A 2496 45.24 -14.25 19.06
N LYS A 2497 46.40 -14.31 18.41
CA LYS A 2497 46.68 -15.34 17.41
C LYS A 2497 47.34 -16.58 17.99
N ARG A 2498 47.53 -16.64 19.31
CA ARG A 2498 48.02 -17.89 19.92
C ARG A 2498 46.99 -19.01 19.79
N SER A 2499 45.70 -18.68 19.95
CA SER A 2499 44.56 -19.60 19.80
C SER A 2499 44.66 -20.82 20.72
N LEU A 2500 44.84 -20.56 22.02
CA LEU A 2500 45.03 -21.63 22.98
C LEU A 2500 43.92 -21.71 24.03
N TRP A 2501 42.90 -20.84 23.96
CA TRP A 2501 41.89 -20.77 25.01
C TRP A 2501 41.06 -22.05 25.07
N VAL A 2502 40.52 -22.32 26.25
CA VAL A 2502 39.84 -23.59 26.53
C VAL A 2502 38.40 -23.24 26.87
N GLU A 2503 37.54 -23.23 25.84
CA GLU A 2503 36.09 -23.13 25.94
C GLU A 2503 35.64 -21.86 26.66
N VAL A 2504 35.93 -20.73 26.03
CA VAL A 2504 35.49 -19.43 26.53
C VAL A 2504 34.47 -18.89 25.55
N ASP A 2505 33.23 -18.72 26.01
CA ASP A 2505 32.19 -18.15 25.18
C ASP A 2505 32.33 -16.63 25.14
N LEU A 2506 31.44 -15.98 24.38
CA LEU A 2506 31.54 -14.54 24.21
C LEU A 2506 30.18 -14.00 23.78
N LEU A 2507 29.70 -12.99 24.50
CA LEU A 2507 28.52 -12.24 24.12
C LEU A 2507 28.94 -10.78 24.09
N ILE A 2508 29.05 -10.22 22.88
CA ILE A 2508 29.65 -8.92 22.67
C ILE A 2508 28.65 -8.05 21.90
N GLY A 2509 28.77 -6.74 22.05
CA GLY A 2509 27.84 -5.85 21.38
C GLY A 2509 28.19 -4.40 21.60
N SER A 2510 27.29 -3.54 21.13
CA SER A 2510 27.55 -2.11 21.09
C SER A 2510 26.22 -1.37 21.22
N SER A 2511 26.32 -0.05 21.36
CA SER A 2511 25.16 0.83 21.27
C SER A 2511 25.46 1.94 20.27
N GLN A 2512 24.41 2.40 19.59
CA GLN A 2512 24.56 3.44 18.60
C GLN A 2512 24.86 4.81 19.20
N ASP A 2513 24.61 4.99 20.50
CA ASP A 2513 24.88 6.25 21.19
C ASP A 2513 25.99 6.12 22.23
N ASP A 2514 27.04 5.37 21.88
CA ASP A 2514 28.19 5.16 22.74
C ASP A 2514 29.40 5.90 22.16
N GLY A 2515 29.22 7.17 21.82
CA GLY A 2515 30.32 7.97 21.31
C GLY A 2515 31.38 8.19 22.38
N LEU A 2516 32.64 8.31 21.92
CA LEU A 2516 33.74 8.54 22.84
C LEU A 2516 33.68 9.95 23.43
N ILE A 2517 33.08 10.90 22.72
CA ILE A 2517 32.79 12.21 23.29
C ILE A 2517 31.74 12.06 24.40
N ASN A 2518 30.72 11.23 24.16
CA ASN A 2518 29.68 10.96 25.15
C ASN A 2518 30.25 10.24 26.37
N ARG A 2519 31.38 9.54 26.23
CA ARG A 2519 32.03 8.94 27.39
C ARG A 2519 32.68 9.98 28.30
N ALA A 2520 32.91 11.19 27.80
CA ALA A 2520 33.58 12.24 28.57
C ALA A 2520 32.62 13.36 28.99
N LYS A 2521 31.37 13.03 29.29
CA LYS A 2521 30.42 14.04 29.75
C LYS A 2521 30.81 14.59 31.11
N ALA A 2522 31.25 13.72 32.02
CA ALA A 2522 31.61 14.16 33.37
C ALA A 2522 32.85 15.03 33.37
N VAL A 2523 33.80 14.73 32.47
CA VAL A 2523 34.99 15.56 32.30
C VAL A 2523 34.60 16.96 31.82
N LYS A 2524 33.67 17.02 30.86
CA LYS A 2524 33.18 18.31 30.34
C LYS A 2524 32.44 19.09 31.42
N GLN A 2525 31.63 18.40 32.24
CA GLN A 2525 30.90 19.07 33.31
C GLN A 2525 31.83 19.60 34.40
N PHE A 2526 32.89 18.85 34.73
CA PHE A 2526 33.88 19.32 35.69
C PHE A 2526 34.64 20.52 35.13
N GLU A 2527 35.00 20.46 33.84
CA GLU A 2527 35.77 21.54 33.24
C GLU A 2527 34.93 22.81 33.11
N GLU A 2528 33.64 22.66 32.81
CA GLU A 2528 32.75 23.81 32.80
C GLU A 2528 32.44 24.32 34.21
N SER A 2529 32.54 23.42 35.21
CA SER A 2529 32.39 23.85 36.60
C SER A 2529 33.53 24.78 37.02
N ARG A 2530 34.76 24.45 36.64
CA ARG A 2530 35.86 25.40 36.79
C ARG A 2530 35.82 26.50 35.74
N GLY A 2531 35.14 26.27 34.62
CA GLY A 2531 35.05 27.26 33.56
C GLY A 2531 36.37 27.57 32.89
N ARG A 2532 37.17 26.55 32.58
CA ARG A 2532 38.48 26.76 31.97
C ARG A 2532 38.35 27.08 30.49
N THR A 2533 37.84 28.28 30.17
CA THR A 2533 37.66 28.86 28.84
C THR A 2533 36.79 28.01 27.90
N SER A 2534 36.06 27.03 28.44
CA SER A 2534 35.34 25.99 27.69
C SER A 2534 36.25 25.35 26.66
N SER A 2535 37.35 24.79 27.15
CA SER A 2535 38.43 24.28 26.29
C SER A 2535 37.98 22.97 25.65
N LYS A 2536 37.21 23.09 24.57
CA LYS A 2536 36.73 21.97 23.80
C LYS A 2536 37.34 21.87 22.41
N THR A 2537 37.85 22.98 21.86
CA THR A 2537 38.50 22.93 20.55
C THR A 2537 39.86 22.25 20.64
N ALA A 2538 40.53 22.34 21.80
CA ALA A 2538 41.76 21.58 22.00
C ALA A 2538 41.48 20.10 22.09
N PHE A 2539 40.39 19.72 22.77
CA PHE A 2539 39.97 18.33 22.83
C PHE A 2539 39.62 17.79 21.45
N TYR A 2540 38.89 18.58 20.66
CA TYR A 2540 38.51 18.15 19.32
C TYR A 2540 39.71 18.05 18.39
N GLN A 2541 40.67 18.97 18.53
CA GLN A 2541 41.89 18.90 17.72
C GLN A 2541 42.73 17.68 18.10
N ALA A 2542 42.85 17.39 19.41
CA ALA A 2542 43.59 16.21 19.83
C ALA A 2542 42.88 14.92 19.42
N LEU A 2543 41.54 14.95 19.43
CA LEU A 2543 40.75 13.80 18.98
C LEU A 2543 40.93 13.55 17.49
N GLN A 2544 40.94 14.63 16.70
CA GLN A 2544 41.14 14.53 15.26
C GLN A 2544 42.56 14.05 14.95
N ASN A 2545 43.55 14.51 15.71
CA ASN A 2545 44.91 14.00 15.54
C ASN A 2545 45.03 12.54 15.97
N SER A 2546 44.25 12.14 16.98
CA SER A 2546 44.25 10.75 17.43
C SER A 2546 43.62 9.83 16.40
N LEU A 2547 42.69 10.36 15.60
CA LEU A 2547 42.13 9.61 14.47
C LEU A 2547 43.19 9.13 13.49
N GLY A 2548 44.29 9.85 13.37
CA GLY A 2548 45.38 9.45 12.50
C GLY A 2548 46.32 8.40 13.07
N GLY A 2549 45.78 7.29 13.57
CA GLY A 2549 46.59 6.20 14.09
C GLY A 2549 47.24 6.52 15.43
N GLU A 2550 48.17 5.63 15.80
CA GLU A 2550 48.95 5.82 17.02
C GLU A 2550 49.86 7.04 16.88
N ASP A 2551 50.80 7.00 15.94
CA ASP A 2551 51.59 8.17 15.59
C ASP A 2551 50.85 8.94 14.50
N SER A 2552 50.62 10.23 14.75
CA SER A 2552 49.81 11.07 13.88
C SER A 2552 50.44 11.21 12.50
N ASP A 2553 49.77 10.65 11.49
CA ASP A 2553 50.26 10.62 10.13
C ASP A 2553 49.28 11.40 9.27
N ALA A 2554 49.80 12.04 8.22
CA ALA A 2554 48.99 12.99 7.44
C ALA A 2554 47.97 12.29 6.56
N ARG A 2555 48.37 11.18 5.93
CA ARG A 2555 47.54 10.58 4.88
C ARG A 2555 46.30 9.89 5.44
N VAL A 2556 46.46 9.19 6.57
CA VAL A 2556 45.32 8.60 7.28
C VAL A 2556 44.39 9.70 7.79
N GLU A 2557 44.96 10.84 8.21
CA GLU A 2557 44.16 11.98 8.62
C GLU A 2557 43.35 12.55 7.45
N ALA A 2558 43.96 12.63 6.27
CA ALA A 2558 43.26 13.12 5.09
C ALA A 2558 42.15 12.18 4.64
N ALA A 2559 42.41 10.87 4.68
CA ALA A 2559 41.38 9.89 4.33
C ALA A 2559 40.22 9.91 5.31
N ALA A 2560 40.53 10.05 6.61
CA ALA A 2560 39.47 10.15 7.63
C ALA A 2560 38.65 11.42 7.45
N THR A 2561 39.30 12.54 7.15
CA THR A 2561 38.55 13.78 6.91
C THR A 2561 37.79 13.75 5.60
N TRP A 2562 38.17 12.90 4.65
CA TRP A 2562 37.37 12.79 3.44
C TRP A 2562 36.13 11.94 3.67
N TYR A 2563 36.32 10.72 4.20
CA TYR A 2563 35.28 9.69 4.18
C TYR A 2563 34.06 10.10 5.00
N TYR A 2564 34.28 10.40 6.27
CA TYR A 2564 33.30 11.15 7.02
C TYR A 2564 33.44 12.62 6.67
N SER A 2565 32.36 13.37 6.85
CA SER A 2565 32.28 14.69 6.26
C SER A 2565 32.89 15.78 7.13
N LEU A 2566 33.86 15.44 7.98
CA LEU A 2566 34.49 16.41 8.87
C LEU A 2566 35.57 17.22 8.14
N GLU A 2567 35.11 17.98 7.15
CA GLU A 2567 35.85 19.16 6.72
C GLU A 2567 35.95 20.12 7.90
N HIS A 2568 37.11 20.74 8.06
CA HIS A 2568 37.42 21.45 9.30
C HIS A 2568 36.70 22.80 9.33
N SER A 2569 35.37 22.75 9.40
CA SER A 2569 34.52 23.94 9.46
C SER A 2569 34.01 24.13 10.87
N THR A 2570 34.88 24.73 11.70
CA THR A 2570 34.54 25.00 13.10
C THR A 2570 33.61 26.20 13.28
N ASP A 2571 33.23 26.89 12.20
CA ASP A 2571 32.23 27.94 12.29
C ASP A 2571 30.87 27.40 12.72
N ASP A 2572 30.54 26.16 12.34
CA ASP A 2572 29.41 25.43 12.89
C ASP A 2572 29.91 24.15 13.53
N TYR A 2573 29.81 24.05 14.86
CA TYR A 2573 30.37 22.92 15.58
C TYR A 2573 29.42 21.73 15.66
N ALA A 2574 28.15 21.89 15.28
CA ALA A 2574 27.17 20.81 15.40
C ALA A 2574 27.49 19.65 14.47
N SER A 2575 27.52 19.92 13.16
CA SER A 2575 27.75 18.87 12.17
C SER A 2575 29.17 18.32 12.26
N PHE A 2576 30.15 19.20 12.49
CA PHE A 2576 31.54 18.76 12.64
C PHE A 2576 31.72 17.90 13.88
N SER A 2577 31.07 18.29 14.99
CA SER A 2577 31.16 17.50 16.22
C SER A 2577 30.47 16.16 16.08
N ARG A 2578 29.33 16.12 15.37
CA ARG A 2578 28.67 14.85 15.10
C ARG A 2578 29.53 13.95 14.21
N ALA A 2579 30.18 14.53 13.20
CA ALA A 2579 31.06 13.75 12.34
C ALA A 2579 32.29 13.25 13.11
N LEU A 2580 32.79 14.05 14.05
CA LEU A 2580 33.93 13.63 14.86
C LEU A 2580 33.55 12.49 15.81
N GLU A 2581 32.36 12.56 16.42
CA GLU A 2581 31.82 11.42 17.17
C GLU A 2581 31.65 10.20 16.29
N ASN A 2582 31.19 10.40 15.06
CA ASN A 2582 30.97 9.31 14.11
C ASN A 2582 32.28 8.59 13.80
N ALA A 2583 33.33 9.36 13.54
CA ALA A 2583 34.63 8.80 13.20
C ALA A 2583 35.26 8.09 14.39
N THR A 2584 35.22 8.70 15.59
CA THR A 2584 35.82 8.06 16.75
C THR A 2584 35.05 6.83 17.20
N ARG A 2585 33.72 6.85 17.07
CA ARG A 2585 32.91 5.68 17.39
C ARG A 2585 33.19 4.53 16.43
N ASP A 2586 33.30 4.82 15.14
CA ASP A 2586 33.60 3.76 14.19
C ASP A 2586 35.05 3.30 14.25
N TYR A 2587 35.96 4.13 14.77
CA TYR A 2587 37.36 3.71 14.85
C TYR A 2587 37.67 2.95 16.13
N PHE A 2588 37.20 3.44 17.28
CA PHE A 2588 37.64 2.91 18.56
C PHE A 2588 36.70 1.88 19.16
N ILE A 2589 35.45 1.83 18.73
CA ILE A 2589 34.45 1.06 19.46
C ILE A 2589 33.82 -0.03 18.59
N ILE A 2590 33.19 0.36 17.48
CA ILE A 2590 32.38 -0.57 16.70
C ILE A 2590 33.25 -1.59 15.97
N CYS A 2591 34.15 -1.07 15.13
CA CYS A 2591 35.02 -1.93 14.32
C CYS A 2591 35.97 -2.84 15.11
N PRO A 2592 36.64 -2.42 16.22
CA PRO A 2592 37.38 -3.42 17.01
C PRO A 2592 36.50 -4.49 17.64
N ILE A 2593 35.26 -4.17 18.01
CA ILE A 2593 34.33 -5.18 18.52
C ILE A 2593 34.01 -6.19 17.44
N ILE A 2594 33.77 -5.72 16.21
CA ILE A 2594 33.46 -6.61 15.10
C ILE A 2594 34.67 -7.48 14.73
N ASP A 2595 35.87 -6.87 14.74
CA ASP A 2595 37.08 -7.63 14.46
C ASP A 2595 37.39 -8.66 15.54
N MET A 2596 37.11 -8.33 16.81
CA MET A 2596 37.34 -9.28 17.89
C MET A 2596 36.34 -10.44 17.83
N ALA A 2597 35.08 -10.13 17.51
CA ALA A 2597 34.09 -11.18 17.34
C ALA A 2597 34.44 -12.10 16.18
N SER A 2598 34.94 -11.53 15.08
CA SER A 2598 35.41 -12.35 13.95
C SER A 2598 36.60 -13.20 14.33
N ALA A 2599 37.60 -12.60 15.00
CA ALA A 2599 38.81 -13.33 15.37
C ALA A 2599 38.58 -14.34 16.48
N TRP A 2600 37.49 -14.22 17.22
CA TRP A 2600 37.17 -15.22 18.23
C TRP A 2600 36.31 -16.34 17.63
N ALA A 2601 35.41 -16.01 16.70
CA ALA A 2601 34.60 -17.03 16.05
C ALA A 2601 35.40 -17.85 15.04
N LYS A 2602 36.44 -17.27 14.45
CA LYS A 2602 37.22 -17.98 13.43
C LYS A 2602 37.96 -19.18 14.03
N ARG A 2603 38.56 -19.02 15.20
CA ARG A 2603 39.19 -20.13 15.89
C ARG A 2603 38.11 -20.76 16.77
N ALA A 2604 37.42 -21.75 16.20
CA ALA A 2604 36.21 -22.28 16.80
C ALA A 2604 36.49 -23.14 18.02
N ARG A 2605 36.55 -22.51 19.19
CA ARG A 2605 36.59 -23.21 20.47
C ARG A 2605 35.70 -22.52 21.49
N GLY A 2606 34.58 -21.96 21.03
CA GLY A 2606 33.66 -21.27 21.90
C GLY A 2606 32.65 -20.49 21.10
N ASN A 2607 31.39 -20.50 21.53
CA ASN A 2607 30.33 -19.80 20.82
C ASN A 2607 30.52 -18.29 20.93
N VAL A 2608 30.16 -17.58 19.87
CA VAL A 2608 30.25 -16.13 19.83
C VAL A 2608 28.88 -15.59 19.42
N PHE A 2609 28.32 -14.71 20.24
CA PHE A 2609 27.09 -14.02 19.91
C PHE A 2609 27.34 -12.52 19.97
N MET A 2610 26.79 -11.80 19.01
CA MET A 2610 27.00 -10.37 18.87
C MET A 2610 25.63 -9.70 18.78
N TYR A 2611 25.49 -8.57 19.44
CA TYR A 2611 24.29 -7.75 19.34
C TYR A 2611 24.66 -6.32 18.95
N HIS A 2612 23.63 -5.49 18.80
CA HIS A 2612 23.80 -4.06 18.55
C HIS A 2612 22.52 -3.36 18.96
N ALA A 2613 22.61 -2.39 19.87
CA ALA A 2613 21.45 -1.65 20.32
C ALA A 2613 21.36 -0.35 19.54
N PRO A 2614 20.27 -0.08 18.82
CA PRO A 2614 20.12 1.22 18.16
C PRO A 2614 19.91 2.33 19.16
N GLU A 2615 20.04 3.57 18.67
CA GLU A 2615 20.02 4.74 19.53
C GLU A 2615 18.63 4.95 20.14
N ASN A 2616 18.61 5.15 21.46
CA ASN A 2616 17.38 5.27 22.22
C ASN A 2616 17.29 6.72 22.70
N TYR A 2617 16.35 7.47 22.15
CA TYR A 2617 16.14 8.83 22.58
C TYR A 2617 15.35 8.86 23.87
N GLY A 2618 15.81 9.67 24.82
CA GLY A 2618 15.28 9.64 26.16
C GLY A 2618 16.15 8.83 27.09
N HIS A 2619 15.92 9.04 28.40
CA HIS A 2619 16.71 8.47 29.49
C HIS A 2619 18.19 8.82 29.36
N GLY A 2620 18.46 10.04 28.92
CA GLY A 2620 19.83 10.52 28.81
C GLY A 2620 20.43 10.99 30.12
N SER A 2621 19.61 11.18 31.14
CA SER A 2621 20.11 11.56 32.46
C SER A 2621 20.89 10.44 33.13
N LEU A 2622 20.65 9.20 32.76
CA LEU A 2622 21.39 8.08 33.31
C LEU A 2622 22.78 7.99 32.70
N GLU A 2623 23.65 7.25 33.37
CA GLU A 2623 24.99 6.94 32.84
C GLU A 2623 25.08 5.56 32.23
N LEU A 2624 24.10 4.69 32.48
CA LEU A 2624 24.07 3.36 31.91
C LEU A 2624 23.36 3.42 30.56
N LEU A 2625 24.00 2.92 29.52
CA LEU A 2625 23.43 2.97 28.19
C LEU A 2625 22.39 1.86 28.02
N ALA A 2626 21.75 1.84 26.85
CA ALA A 2626 20.48 1.12 26.67
C ALA A 2626 20.65 -0.39 26.79
N ASP A 2627 21.76 -0.93 26.31
CA ASP A 2627 21.99 -2.38 26.41
C ASP A 2627 22.16 -2.82 27.86
N VAL A 2628 22.94 -2.08 28.64
CA VAL A 2628 23.11 -2.43 30.04
C VAL A 2628 21.95 -1.91 30.89
N GLN A 2629 21.15 -0.99 30.34
CA GLN A 2629 19.86 -0.67 30.93
C GLN A 2629 18.93 -1.87 30.87
N PHE A 2630 18.82 -2.49 29.70
CA PHE A 2630 17.87 -3.57 29.51
C PHE A 2630 18.37 -4.89 30.09
N ALA A 2631 19.67 -5.15 29.99
CA ALA A 2631 20.22 -6.42 30.44
C ALA A 2631 20.16 -6.55 31.95
N LEU A 2632 20.61 -5.52 32.67
CA LEU A 2632 20.49 -5.51 34.12
C LEU A 2632 19.09 -5.15 34.59
N GLY A 2633 18.22 -4.75 33.69
CA GLY A 2633 16.82 -4.54 34.02
C GLY A 2633 16.50 -3.32 34.85
N LEU A 2634 17.00 -2.17 34.42
CA LEU A 2634 16.59 -0.89 35.02
C LEU A 2634 15.09 -0.59 35.05
N PRO A 2635 14.24 -0.90 34.03
CA PRO A 2635 12.83 -0.49 34.12
C PRO A 2635 12.02 -1.07 35.28
N PHE A 2636 12.44 -2.18 35.89
CA PHE A 2636 11.72 -2.73 37.03
C PHE A 2636 12.19 -2.21 38.38
N TYR A 2637 13.18 -1.31 38.40
CA TYR A 2637 13.72 -0.79 39.65
C TYR A 2637 12.66 0.03 40.38
N PRO A 2638 12.68 0.04 41.72
CA PRO A 2638 11.78 0.96 42.43
C PRO A 2638 12.20 2.40 42.33
N ALA A 2639 13.49 2.68 42.12
CA ALA A 2639 13.95 4.04 41.92
C ALA A 2639 13.41 4.62 40.62
N TYR A 2640 13.59 3.90 39.52
CA TYR A 2640 13.05 4.32 38.22
C TYR A 2640 11.65 3.74 38.02
N GLU A 2641 10.74 4.22 38.88
CA GLU A 2641 9.40 3.65 39.03
C GLU A 2641 8.55 3.85 37.78
N GLY A 2642 8.23 5.10 37.47
CA GLY A 2642 7.30 5.38 36.38
C GLY A 2642 7.94 5.96 35.15
N GLN A 2643 9.28 6.04 35.12
CA GLN A 2643 9.97 6.68 34.01
C GLN A 2643 9.99 5.83 32.75
N PHE A 2644 9.74 4.53 32.85
CA PHE A 2644 9.88 3.61 31.73
C PHE A 2644 8.52 3.13 31.26
N SER A 2645 8.36 3.01 29.94
CA SER A 2645 7.10 2.59 29.35
C SER A 2645 6.88 1.09 29.54
N LEU A 2646 5.71 0.62 29.11
CA LEU A 2646 5.33 -0.77 29.35
C LEU A 2646 6.04 -1.71 28.37
N GLU A 2647 6.12 -1.32 27.11
CA GLU A 2647 6.81 -2.13 26.11
C GLU A 2647 8.32 -2.18 26.37
N GLU A 2648 8.88 -1.12 26.95
CA GLU A 2648 10.26 -1.16 27.43
C GLU A 2648 10.40 -2.17 28.56
N LYS A 2649 9.39 -2.23 29.45
CA LYS A 2649 9.42 -3.19 30.54
C LYS A 2649 9.30 -4.62 30.06
N SER A 2650 8.60 -4.87 28.95
CA SER A 2650 8.58 -6.22 28.39
C SER A 2650 9.86 -6.56 27.63
N LEU A 2651 10.40 -5.60 26.90
CA LEU A 2651 11.63 -5.82 26.14
C LEU A 2651 12.81 -6.06 27.08
N SER A 2652 12.87 -5.33 28.20
CA SER A 2652 13.93 -5.55 29.17
C SER A 2652 13.82 -6.93 29.83
N LEU A 2653 12.60 -7.43 29.99
CA LEU A 2653 12.42 -8.79 30.51
C LEU A 2653 12.94 -9.82 29.51
N LYS A 2654 12.67 -9.62 28.22
CA LYS A 2654 13.19 -10.51 27.19
C LYS A 2654 14.72 -10.48 27.13
N ILE A 2655 15.31 -9.30 27.27
CA ILE A 2655 16.78 -9.19 27.25
C ILE A 2655 17.39 -9.78 28.52
N MET A 2656 16.69 -9.68 29.67
CA MET A 2656 17.10 -10.40 30.87
C MET A 2656 17.14 -11.91 30.62
N GLN A 2657 16.10 -12.42 29.95
CA GLN A 2657 16.05 -13.85 29.65
C GLN A 2657 17.19 -14.26 28.71
N TYR A 2658 17.51 -13.41 27.73
CA TYR A 2658 18.64 -13.65 26.84
C TYR A 2658 19.97 -13.73 27.59
N PHE A 2659 20.24 -12.73 28.43
CA PHE A 2659 21.53 -12.70 29.15
C PHE A 2659 21.61 -13.81 30.19
N SER A 2660 20.50 -14.13 30.86
CA SER A 2660 20.49 -15.23 31.81
C SER A 2660 20.71 -16.58 31.12
N HIS A 2661 20.04 -16.80 29.98
CA HIS A 2661 20.24 -18.03 29.23
C HIS A 2661 21.65 -18.15 28.69
N PHE A 2662 22.30 -17.02 28.40
CA PHE A 2662 23.72 -17.06 28.05
C PHE A 2662 24.58 -17.47 29.25
N ILE A 2663 24.43 -16.78 30.37
CA ILE A 2663 25.39 -16.98 31.47
C ILE A 2663 25.06 -18.23 32.28
N ARG A 2664 23.95 -18.89 31.97
CA ARG A 2664 23.69 -20.21 32.54
C ARG A 2664 24.25 -21.33 31.67
N SER A 2665 23.84 -21.38 30.41
CA SER A 2665 24.23 -22.47 29.52
C SER A 2665 25.44 -22.11 28.66
N GLY A 2666 25.32 -21.03 27.89
CA GLY A 2666 26.35 -20.66 26.93
C GLY A 2666 25.72 -20.26 25.61
N ASN A 2667 24.41 -20.38 25.55
CA ASN A 2667 23.62 -20.07 24.37
C ASN A 2667 22.39 -19.32 24.85
N PRO A 2668 22.14 -18.09 24.36
CA PRO A 2668 21.00 -17.30 24.85
C PRO A 2668 19.62 -17.81 24.47
N ASN A 2669 19.54 -18.88 23.69
CA ASN A 2669 18.27 -19.47 23.31
C ASN A 2669 17.79 -20.54 24.28
N TYR A 2670 18.69 -21.16 25.04
CA TYR A 2670 18.36 -22.33 25.83
C TYR A 2670 18.85 -22.14 27.26
N PRO A 2671 18.05 -22.43 28.28
CA PRO A 2671 18.49 -22.23 29.67
C PRO A 2671 19.39 -23.32 30.20
N TYR A 2672 19.42 -24.49 29.57
CA TYR A 2672 20.24 -25.60 30.01
C TYR A 2672 21.08 -26.10 28.85
N GLU A 2673 22.20 -26.76 29.17
CA GLU A 2673 23.06 -27.34 28.16
C GLU A 2673 22.48 -28.59 27.53
N PHE A 2674 21.41 -29.16 28.09
CA PHE A 2674 20.90 -30.44 27.68
C PHE A 2674 19.43 -30.43 27.27
N SER A 2675 18.73 -29.30 27.44
CA SER A 2675 17.29 -29.28 27.17
C SER A 2675 17.02 -29.22 25.67
N ARG A 2676 17.51 -28.16 25.01
CA ARG A 2676 17.38 -27.92 23.57
C ARG A 2676 15.93 -27.86 23.10
N LYS A 2677 15.01 -27.46 23.97
CA LYS A 2677 13.65 -27.20 23.58
C LYS A 2677 13.60 -25.95 22.70
N VAL A 2678 12.56 -25.87 21.87
CA VAL A 2678 12.36 -24.72 20.99
C VAL A 2678 12.11 -23.47 21.83
N PRO A 2679 12.81 -22.37 21.57
CA PRO A 2679 12.55 -21.13 22.32
C PRO A 2679 11.19 -20.56 21.99
N THR A 2680 10.56 -19.98 23.01
CA THR A 2680 9.20 -19.46 22.88
C THR A 2680 9.05 -18.03 23.38
N PHE A 2681 9.92 -17.58 24.29
CA PHE A 2681 9.79 -16.26 24.89
C PHE A 2681 10.04 -15.14 23.88
N ALA A 2682 10.97 -15.33 22.96
CA ALA A 2682 11.26 -14.33 21.94
C ALA A 2682 11.73 -15.02 20.67
N THR A 2683 12.14 -14.21 19.70
CA THR A 2683 12.71 -14.73 18.47
C THR A 2683 14.09 -15.34 18.77
N PRO A 2684 14.47 -16.39 18.04
CA PRO A 2684 15.77 -17.03 18.28
C PRO A 2684 16.94 -16.13 17.94
N TRP A 2685 18.05 -16.34 18.66
CA TRP A 2685 19.25 -15.55 18.47
C TRP A 2685 20.24 -16.40 17.69
N PRO A 2686 20.51 -16.09 16.42
CA PRO A 2686 21.45 -16.89 15.65
C PRO A 2686 22.89 -16.67 16.07
N ASP A 2687 23.72 -17.65 15.77
CA ASP A 2687 25.15 -17.60 16.08
C ASP A 2687 25.83 -16.60 15.15
N PHE A 2688 27.09 -16.30 15.43
CA PHE A 2688 27.88 -15.33 14.66
C PHE A 2688 28.93 -16.12 13.90
N VAL A 2689 28.59 -16.55 12.69
CA VAL A 2689 29.58 -17.20 11.82
C VAL A 2689 30.49 -16.12 11.22
N PRO A 2690 31.81 -16.33 11.23
CA PRO A 2690 32.73 -15.22 10.93
C PRO A 2690 32.93 -14.93 9.45
N ARG A 2691 32.56 -15.83 8.55
CA ARG A 2691 32.79 -15.60 7.13
C ARG A 2691 31.73 -14.68 6.54
N ALA A 2692 31.85 -14.42 5.25
CA ALA A 2692 30.84 -13.68 4.51
C ALA A 2692 29.58 -14.53 4.33
N GLY A 2693 28.46 -13.85 4.14
CA GLY A 2693 27.18 -14.49 4.02
C GLY A 2693 26.45 -14.68 5.34
N GLY A 2694 27.15 -14.57 6.46
CA GLY A 2694 26.53 -14.66 7.76
C GLY A 2694 26.72 -13.41 8.59
N GLU A 2695 27.57 -13.52 9.63
CA GLU A 2695 27.87 -12.44 10.58
C GLU A 2695 26.61 -11.90 11.26
N ASN A 2696 25.73 -12.82 11.66
CA ASN A 2696 24.43 -12.47 12.21
C ASN A 2696 24.57 -11.77 13.56
N TYR A 2697 23.66 -10.82 13.80
CA TYR A 2697 23.66 -10.10 15.07
C TYR A 2697 22.22 -9.79 15.45
N LYS A 2698 21.95 -9.79 16.75
CA LYS A 2698 20.65 -9.37 17.23
C LYS A 2698 20.60 -7.85 17.32
N GLU A 2699 19.40 -7.29 17.13
CA GLU A 2699 19.20 -5.87 17.30
C GLU A 2699 18.21 -5.66 18.43
N PHE A 2700 18.61 -4.87 19.44
CA PHE A 2700 17.78 -4.62 20.61
C PHE A 2700 16.74 -3.55 20.29
N SER A 2701 15.80 -3.93 19.44
CA SER A 2701 14.66 -3.10 19.07
C SER A 2701 13.40 -3.66 19.72
N GLU A 2702 12.25 -3.08 19.34
CA GLU A 2702 10.98 -3.49 19.92
C GLU A 2702 10.59 -4.90 19.48
N LEU A 2703 10.86 -5.24 18.22
CA LEU A 2703 10.51 -6.56 17.69
C LEU A 2703 11.63 -7.59 17.84
N LEU A 2704 12.85 -7.14 18.17
CA LEU A 2704 14.08 -7.92 18.24
C LEU A 2704 14.34 -8.70 16.95
N PRO A 2705 14.75 -8.05 15.87
CA PRO A 2705 14.99 -8.75 14.61
C PRO A 2705 16.44 -9.21 14.49
N ASN A 2706 16.70 -9.93 13.40
CA ASN A 2706 18.04 -10.37 13.05
C ASN A 2706 18.52 -9.64 11.80
N ARG A 2707 19.78 -9.24 11.81
CA ARG A 2707 20.43 -8.60 10.68
C ARG A 2707 21.73 -9.33 10.37
N GLN A 2708 22.38 -8.95 9.28
CA GLN A 2708 23.57 -9.64 8.82
C GLN A 2708 24.79 -8.74 8.76
N GLY A 2709 24.65 -7.50 8.30
CA GLY A 2709 25.79 -6.62 8.19
C GLY A 2709 25.77 -5.45 9.16
N LEU A 2710 26.76 -5.39 10.05
CA LEU A 2710 26.93 -4.24 10.93
C LEU A 2710 28.11 -3.41 10.41
N LYS A 2711 27.81 -2.21 9.92
CA LYS A 2711 28.79 -1.20 9.54
C LYS A 2711 29.82 -1.74 8.53
N LYS A 2712 29.29 -2.40 7.49
CA LYS A 2712 30.14 -3.13 6.55
C LYS A 2712 31.04 -2.19 5.76
N ALA A 2713 30.47 -1.07 5.29
CA ALA A 2713 31.26 -0.07 4.57
C ALA A 2713 32.28 0.58 5.50
N ASP A 2714 31.87 0.93 6.71
CA ASP A 2714 32.75 1.63 7.64
C ASP A 2714 33.88 0.74 8.14
N CYS A 2715 33.56 -0.52 8.49
CA CYS A 2715 34.62 -1.42 8.93
C CYS A 2715 35.48 -1.90 7.77
N SER A 2716 34.94 -1.93 6.55
CA SER A 2716 35.78 -2.23 5.39
C SER A 2716 36.77 -1.09 5.12
N PHE A 2717 36.34 0.15 5.36
CA PHE A 2717 37.27 1.28 5.31
C PHE A 2717 38.31 1.16 6.41
N TRP A 2718 37.86 0.93 7.64
CA TRP A 2718 38.78 0.98 8.78
C TRP A 2718 39.63 -0.27 8.91
N SER A 2719 39.37 -1.32 8.14
CA SER A 2719 40.14 -2.56 8.23
C SER A 2719 40.93 -2.85 6.97
N LYS A 2720 40.30 -2.78 5.79
CA LYS A 2720 40.99 -3.16 4.56
C LYS A 2720 41.85 -2.01 4.03
N TYR A 2721 41.24 -0.84 3.83
CA TYR A 2721 41.94 0.24 3.14
C TYR A 2721 42.96 0.91 4.04
N ILE A 2722 42.52 1.40 5.20
CA ILE A 2722 43.33 2.32 5.98
C ILE A 2722 44.50 1.59 6.66
N SER A 2723 44.37 0.27 6.86
CA SER A 2723 45.50 -0.51 7.37
C SER A 2723 46.58 -0.66 6.31
N SER A 2724 46.17 -0.87 5.05
CA SER A 2724 47.14 -0.91 3.95
C SER A 2724 47.78 0.45 3.73
N LEU A 2725 47.01 1.53 3.90
CA LEU A 2725 47.55 2.87 3.81
C LEU A 2725 48.50 3.16 4.97
N LYS A 2726 48.26 2.56 6.14
CA LYS A 2726 49.14 2.75 7.28
C LYS A 2726 50.50 2.10 7.04
N THR A 2727 50.52 0.93 6.41
CA THR A 2727 51.76 0.25 6.10
C THR A 2727 52.48 0.93 4.93
N PRO B 30 16.11 -71.19 -1.60
CA PRO B 30 15.60 -70.03 -0.88
C PRO B 30 14.53 -69.27 -1.67
N LEU B 31 14.41 -69.58 -2.96
CA LEU B 31 13.39 -68.94 -3.78
C LEU B 31 12.00 -69.40 -3.40
N ARG B 32 11.07 -68.46 -3.35
CA ARG B 32 9.67 -68.70 -3.03
C ARG B 32 8.97 -69.37 -4.21
N PRO B 33 7.79 -69.99 -3.97
CA PRO B 33 7.02 -70.52 -5.11
C PRO B 33 6.64 -69.50 -6.17
N CYS B 34 6.39 -68.24 -5.78
CA CYS B 34 6.05 -67.20 -6.74
C CYS B 34 7.23 -66.92 -7.69
N GLU B 35 8.43 -66.85 -7.12
CA GLU B 35 9.62 -66.57 -7.92
C GLU B 35 9.95 -67.71 -8.88
N LEU B 36 9.83 -68.96 -8.41
CA LEU B 36 10.15 -70.08 -9.28
C LEU B 36 9.09 -70.26 -10.37
N GLN B 37 7.81 -70.03 -10.04
CA GLN B 37 6.78 -70.06 -11.07
C GLN B 37 7.00 -68.95 -12.11
N ARG B 38 7.41 -67.76 -11.65
CA ARG B 38 7.67 -66.66 -12.56
C ARG B 38 8.85 -66.96 -13.49
N GLU B 39 9.94 -67.52 -12.96
CA GLU B 39 11.09 -67.81 -13.81
C GLU B 39 10.84 -68.99 -14.74
N THR B 40 10.04 -69.99 -14.30
CA THR B 40 9.72 -71.09 -15.20
C THR B 40 8.81 -70.64 -16.33
N ALA B 41 7.83 -69.77 -16.05
CA ALA B 41 7.00 -69.23 -17.12
C ALA B 41 7.81 -68.29 -18.02
N PHE B 42 8.82 -67.62 -17.46
CA PHE B 42 9.66 -66.74 -18.27
C PHE B 42 10.54 -67.54 -19.23
N LEU B 43 11.10 -68.67 -18.77
CA LEU B 43 11.98 -69.45 -19.63
C LEU B 43 11.21 -70.19 -20.72
N LYS B 44 9.92 -70.48 -20.49
CA LYS B 44 9.11 -71.08 -21.54
C LYS B 44 8.62 -70.07 -22.58
N GLN B 45 8.85 -68.76 -22.35
CA GLN B 45 8.42 -67.66 -23.23
C GLN B 45 6.92 -67.70 -23.51
N ALA B 46 6.13 -68.01 -22.47
CA ALA B 46 4.70 -68.14 -22.60
C ALA B 46 4.02 -66.78 -22.67
N ASP B 47 2.72 -66.79 -22.98
CA ASP B 47 1.93 -65.57 -23.00
C ASP B 47 1.73 -65.04 -21.58
N TYR B 48 1.72 -65.92 -20.59
CA TYR B 48 1.57 -65.54 -19.19
C TYR B 48 2.83 -65.81 -18.39
N VAL B 49 3.29 -64.80 -17.67
CA VAL B 49 4.22 -64.96 -16.57
C VAL B 49 3.51 -64.47 -15.32
N PRO B 50 3.62 -65.14 -14.17
CA PRO B 50 2.99 -64.60 -12.95
C PRO B 50 3.68 -63.33 -12.49
N GLN B 51 2.89 -62.26 -12.39
CA GLN B 51 3.33 -61.03 -11.75
C GLN B 51 3.67 -61.31 -10.29
N CYS B 52 4.87 -60.92 -9.89
CA CYS B 52 5.41 -61.37 -8.60
C CYS B 52 6.04 -60.16 -7.90
N ALA B 53 5.33 -59.65 -6.90
CA ALA B 53 5.89 -58.62 -6.03
C ALA B 53 6.98 -59.22 -5.14
N GLU B 54 7.70 -58.34 -4.45
CA GLU B 54 8.77 -58.78 -3.56
C GLU B 54 8.19 -59.44 -2.31
N ASP B 55 9.09 -59.97 -1.49
CA ASP B 55 8.83 -60.87 -0.34
C ASP B 55 8.13 -62.15 -0.84
N GLY B 56 8.40 -62.52 -2.09
CA GLY B 56 7.96 -63.77 -2.70
C GLY B 56 6.46 -64.01 -2.72
N SER B 57 5.69 -62.96 -2.95
CA SER B 57 4.24 -63.01 -2.83
C SER B 57 3.61 -62.64 -4.17
N PHE B 58 2.62 -63.41 -4.57
CA PHE B 58 1.84 -63.07 -5.77
C PHE B 58 1.10 -61.77 -5.55
N GLN B 59 1.15 -60.91 -6.57
CA GLN B 59 0.28 -59.74 -6.59
C GLN B 59 -1.17 -60.18 -6.68
N THR B 60 -2.05 -59.47 -5.97
CA THR B 60 -3.46 -59.82 -5.94
C THR B 60 -4.16 -59.60 -7.28
N VAL B 61 -3.54 -58.87 -8.20
CA VAL B 61 -4.01 -58.73 -9.57
C VAL B 61 -2.93 -59.26 -10.50
N GLN B 62 -3.34 -60.04 -11.51
CA GLN B 62 -2.39 -60.63 -12.45
C GLN B 62 -2.95 -60.60 -13.87
N CYS B 63 -2.06 -60.32 -14.82
CA CYS B 63 -2.40 -60.19 -16.24
C CYS B 63 -1.44 -61.01 -17.09
N GLN B 64 -1.87 -61.35 -18.30
CA GLN B 64 -0.94 -61.88 -19.29
C GLN B 64 -0.01 -60.79 -19.79
N ASN B 65 1.07 -61.20 -20.44
CA ASN B 65 2.00 -60.27 -21.08
C ASN B 65 1.28 -59.64 -22.27
N ASP B 66 0.80 -58.41 -22.08
CA ASP B 66 0.01 -57.62 -23.05
C ASP B 66 -1.25 -58.36 -23.51
N GLY B 67 -1.76 -59.30 -22.71
CA GLY B 67 -2.96 -60.04 -23.06
C GLY B 67 -4.24 -59.26 -22.86
N ARG B 68 -4.21 -58.24 -22.01
CA ARG B 68 -5.31 -57.28 -21.76
C ARG B 68 -6.56 -57.98 -21.21
N SER B 69 -6.36 -59.00 -20.39
CA SER B 69 -7.47 -59.65 -19.67
C SER B 69 -6.92 -60.12 -18.33
N CYS B 70 -7.09 -59.29 -17.30
CA CYS B 70 -6.52 -59.56 -16.00
C CYS B 70 -7.55 -60.24 -15.10
N TRP B 71 -7.05 -60.76 -13.97
CA TRP B 71 -7.91 -61.43 -13.00
C TRP B 71 -7.22 -61.42 -11.64
N CYS B 72 -8.01 -61.65 -10.60
CA CYS B 72 -7.53 -61.61 -9.23
C CYS B 72 -7.40 -63.01 -8.68
N VAL B 73 -6.25 -63.27 -8.05
CA VAL B 73 -5.75 -64.62 -7.80
C VAL B 73 -5.65 -64.84 -6.30
N GLY B 74 -5.88 -66.09 -5.87
CA GLY B 74 -5.75 -66.46 -4.48
C GLY B 74 -4.33 -66.52 -3.95
N ALA B 75 -4.13 -67.25 -2.84
CA ALA B 75 -2.88 -67.17 -2.09
C ALA B 75 -1.73 -67.85 -2.81
N ASN B 76 -1.97 -69.04 -3.36
CA ASN B 76 -0.89 -69.84 -3.94
C ASN B 76 -0.59 -69.51 -5.38
N GLY B 77 -1.29 -68.54 -5.97
CA GLY B 77 -0.98 -68.07 -7.31
C GLY B 77 -1.50 -68.92 -8.46
N SER B 78 -1.94 -70.15 -8.20
CA SER B 78 -2.52 -70.99 -9.23
C SER B 78 -4.04 -70.86 -9.29
N GLU B 79 -4.61 -69.91 -8.58
CA GLU B 79 -6.05 -69.82 -8.42
C GLU B 79 -6.62 -68.79 -9.38
N VAL B 80 -7.92 -68.53 -9.25
CA VAL B 80 -8.63 -67.53 -10.04
C VAL B 80 -9.89 -67.19 -9.28
N LEU B 81 -10.30 -65.91 -9.35
CA LEU B 81 -11.55 -65.51 -8.72
C LEU B 81 -12.78 -66.06 -9.44
N GLY B 82 -12.64 -66.52 -10.67
CA GLY B 82 -13.75 -67.07 -11.44
C GLY B 82 -14.39 -66.12 -12.43
N SER B 83 -13.90 -64.88 -12.56
CA SER B 83 -14.44 -63.95 -13.53
C SER B 83 -13.31 -63.02 -13.97
N ARG B 84 -12.67 -63.37 -15.08
CA ARG B 84 -11.57 -62.58 -15.62
C ARG B 84 -12.13 -61.47 -16.51
N GLN B 85 -11.89 -60.21 -16.14
CA GLN B 85 -12.38 -59.13 -16.95
C GLN B 85 -11.26 -58.60 -17.86
N PRO B 86 -11.61 -58.09 -19.04
CA PRO B 86 -10.61 -57.39 -19.85
C PRO B 86 -10.14 -56.11 -19.16
N GLY B 87 -8.85 -55.84 -19.26
CA GLY B 87 -8.25 -54.76 -18.51
C GLY B 87 -8.08 -55.10 -17.05
N ARG B 88 -7.66 -54.10 -16.29
CA ARG B 88 -7.48 -54.29 -14.86
C ARG B 88 -8.82 -54.34 -14.14
N PRO B 89 -8.98 -55.24 -13.17
CA PRO B 89 -10.17 -55.18 -12.30
C PRO B 89 -10.14 -53.94 -11.44
N VAL B 90 -11.35 -53.48 -11.05
CA VAL B 90 -11.46 -52.24 -10.29
C VAL B 90 -10.85 -52.38 -8.90
N ALA B 91 -11.05 -53.53 -8.25
CA ALA B 91 -10.54 -53.90 -6.94
C ALA B 91 -10.92 -55.35 -6.70
N CYS B 92 -10.21 -56.00 -5.78
CA CYS B 92 -10.54 -57.37 -5.40
C CYS B 92 -10.01 -57.67 -4.01
N LEU B 93 -10.52 -58.78 -3.48
CA LEU B 93 -10.22 -59.21 -2.12
C LEU B 93 -8.79 -59.71 -2.01
N SER B 94 -8.18 -59.47 -0.85
CA SER B 94 -6.82 -59.91 -0.59
C SER B 94 -6.81 -61.24 0.16
N PHE B 95 -5.61 -61.70 0.53
CA PHE B 95 -5.41 -63.04 1.09
C PHE B 95 -6.12 -63.19 2.43
N CYS B 96 -6.17 -62.10 3.21
CA CYS B 96 -7.02 -62.01 4.39
C CYS B 96 -8.45 -62.41 4.08
N GLN B 97 -9.06 -61.71 3.13
CA GLN B 97 -10.48 -61.91 2.82
C GLN B 97 -10.72 -63.23 2.10
N LEU B 98 -9.76 -63.69 1.29
CA LEU B 98 -9.87 -65.01 0.67
C LEU B 98 -9.89 -66.12 1.72
N GLN B 99 -8.97 -66.07 2.70
CA GLN B 99 -8.96 -67.07 3.75
C GLN B 99 -10.21 -66.94 4.64
N LYS B 100 -10.67 -65.72 4.85
CA LYS B 100 -11.87 -65.50 5.66
C LYS B 100 -13.12 -66.08 4.99
N GLN B 101 -13.30 -65.82 3.68
CA GLN B 101 -14.41 -66.41 2.94
C GLN B 101 -14.29 -67.92 2.84
N GLN B 102 -13.06 -68.44 2.81
CA GLN B 102 -12.87 -69.89 2.85
C GLN B 102 -13.33 -70.49 4.17
N ILE B 103 -13.01 -69.83 5.29
CA ILE B 103 -13.38 -70.37 6.60
C ILE B 103 -14.89 -70.23 6.86
N LEU B 104 -15.48 -69.09 6.48
CA LEU B 104 -16.93 -68.92 6.64
C LEU B 104 -17.73 -69.89 5.77
N LEU B 105 -17.33 -70.07 4.52
CA LEU B 105 -18.03 -71.00 3.66
C LEU B 105 -17.55 -72.42 3.88
N SER B 115 -14.29 -72.57 15.71
CA SER B 115 -13.30 -72.28 14.67
C SER B 115 -12.42 -71.09 15.06
N TYR B 116 -11.68 -70.56 14.09
CA TYR B 116 -10.82 -69.41 14.29
C TYR B 116 -11.04 -68.42 13.15
N LEU B 117 -11.07 -67.14 13.49
CA LEU B 117 -11.31 -66.07 12.52
C LEU B 117 -10.03 -65.27 12.31
N PRO B 118 -9.47 -65.25 11.10
CA PRO B 118 -8.28 -64.42 10.87
C PRO B 118 -8.61 -62.93 10.79
N GLN B 119 -8.24 -62.19 11.82
CA GLN B 119 -8.52 -60.76 11.88
C GLN B 119 -7.58 -60.01 10.95
N CYS B 120 -8.14 -59.11 10.14
CA CYS B 120 -7.37 -58.34 9.18
C CYS B 120 -7.68 -56.86 9.33
N GLN B 121 -6.74 -56.03 8.90
CA GLN B 121 -6.89 -54.58 8.92
C GLN B 121 -7.71 -54.13 7.72
N ASP B 122 -7.76 -52.82 7.51
CA ASP B 122 -8.42 -52.25 6.33
C ASP B 122 -7.70 -52.66 5.04
N SER B 123 -6.38 -52.63 5.04
CA SER B 123 -5.59 -53.02 3.87
C SER B 123 -5.42 -54.53 3.84
N GLY B 124 -4.81 -55.01 2.75
CA GLY B 124 -4.57 -56.42 2.59
C GLY B 124 -3.32 -56.92 3.29
N ASP B 125 -3.35 -56.95 4.62
CA ASP B 125 -2.23 -57.43 5.41
C ASP B 125 -2.76 -57.88 6.77
N TYR B 126 -2.40 -59.11 7.17
CA TYR B 126 -2.78 -59.65 8.47
C TYR B 126 -2.26 -58.78 9.60
N ALA B 127 -3.12 -58.55 10.59
CA ALA B 127 -2.74 -57.78 11.76
C ALA B 127 -1.65 -58.51 12.53
N PRO B 128 -0.68 -57.79 13.11
CA PRO B 128 0.42 -58.46 13.83
C PRO B 128 -0.01 -59.27 15.06
N VAL B 129 -1.23 -59.09 15.56
CA VAL B 129 -1.80 -59.96 16.58
C VAL B 129 -2.99 -60.67 15.97
N GLN B 130 -2.96 -62.01 16.00
CA GLN B 130 -4.07 -62.84 15.54
C GLN B 130 -4.60 -63.60 16.74
N CYS B 131 -5.89 -63.42 17.03
CA CYS B 131 -6.55 -64.04 18.17
C CYS B 131 -7.66 -64.97 17.68
N ASP B 132 -7.94 -65.97 18.49
CA ASP B 132 -9.10 -66.82 18.27
C ASP B 132 -10.38 -66.00 18.51
N VAL B 133 -11.50 -66.51 17.98
CA VAL B 133 -12.77 -65.80 18.09
C VAL B 133 -13.21 -65.68 19.55
N GLN B 134 -12.90 -66.70 20.36
CA GLN B 134 -12.89 -66.52 21.80
C GLN B 134 -11.51 -66.01 22.21
N GLN B 135 -11.48 -65.01 23.09
CA GLN B 135 -10.23 -64.32 23.44
C GLN B 135 -9.45 -65.10 24.51
N VAL B 136 -9.01 -66.30 24.12
CA VAL B 136 -8.21 -67.14 25.00
C VAL B 136 -6.80 -67.40 24.47
N GLN B 137 -6.55 -67.26 23.17
CA GLN B 137 -5.22 -67.52 22.64
C GLN B 137 -4.93 -66.52 21.53
N CYS B 138 -3.79 -65.85 21.63
CA CYS B 138 -3.36 -64.88 20.63
C CYS B 138 -1.91 -65.14 20.30
N TRP B 139 -1.53 -64.85 19.06
CA TRP B 139 -0.17 -65.08 18.59
C TRP B 139 0.18 -64.00 17.57
N CYS B 140 1.38 -64.12 17.02
CA CYS B 140 1.90 -63.17 16.04
C CYS B 140 2.10 -63.86 14.70
N VAL B 141 1.73 -63.17 13.63
CA VAL B 141 2.00 -63.61 12.27
C VAL B 141 2.84 -62.56 11.56
N ASP B 142 3.24 -62.85 10.32
CA ASP B 142 4.10 -61.96 9.54
C ASP B 142 3.50 -61.69 8.16
N ALA B 143 2.19 -61.45 8.14
CA ALA B 143 1.35 -61.10 6.98
C ALA B 143 1.24 -62.21 5.93
N GLU B 144 1.74 -63.42 6.21
CA GLU B 144 1.57 -64.55 5.33
C GLU B 144 0.84 -65.73 5.96
N GLY B 145 0.71 -65.78 7.28
CA GLY B 145 -0.15 -66.76 7.90
C GLY B 145 0.50 -67.68 8.92
N MET B 146 1.74 -68.10 8.68
CA MET B 146 2.37 -69.05 9.59
C MET B 146 2.76 -68.37 10.90
N GLU B 147 2.61 -69.12 11.99
CA GLU B 147 2.68 -68.59 13.34
C GLU B 147 4.11 -68.59 13.87
N VAL B 148 4.50 -67.46 14.46
CA VAL B 148 5.73 -67.42 15.24
C VAL B 148 5.57 -68.25 16.50
N TYR B 149 6.54 -69.14 16.74
CA TYR B 149 6.37 -70.24 17.69
C TYR B 149 6.24 -69.77 19.13
N GLY B 150 7.05 -68.78 19.53
CA GLY B 150 7.07 -68.37 20.93
C GLY B 150 5.90 -67.51 21.36
N THR B 151 5.18 -66.93 20.40
CA THR B 151 4.21 -65.89 20.72
C THR B 151 2.88 -66.44 21.24
N ARG B 152 2.65 -67.75 21.14
CA ARG B 152 1.38 -68.33 21.59
C ARG B 152 1.26 -68.29 23.10
N GLN B 153 0.23 -67.60 23.60
CA GLN B 153 0.01 -67.47 25.03
C GLN B 153 -1.45 -67.11 25.29
N LEU B 154 -1.85 -67.23 26.55
CA LEU B 154 -3.16 -66.76 26.98
C LEU B 154 -3.23 -65.24 26.89
N GLY B 155 -4.37 -64.74 26.43
CA GLY B 155 -4.58 -63.31 26.36
C GLY B 155 -3.79 -62.62 25.27
N ARG B 156 -3.75 -61.29 25.35
CA ARG B 156 -3.14 -60.42 24.37
C ARG B 156 -1.65 -60.26 24.63
N PRO B 157 -0.82 -60.33 23.59
CA PRO B 157 0.61 -60.09 23.77
C PRO B 157 0.99 -58.63 23.52
N LYS B 158 2.13 -58.26 24.10
CA LYS B 158 2.71 -56.94 23.92
C LYS B 158 4.14 -57.10 23.42
N ARG B 159 4.58 -56.11 22.63
CA ARG B 159 5.86 -56.10 21.93
C ARG B 159 6.00 -57.37 21.07
N CYS B 160 5.17 -57.39 20.03
CA CYS B 160 5.17 -58.49 19.07
C CYS B 160 6.47 -58.45 18.28
N PRO B 161 7.24 -59.55 18.26
CA PRO B 161 8.53 -59.53 17.56
C PRO B 161 8.35 -59.46 16.06
N ARG B 162 9.24 -58.71 15.41
CA ARG B 162 9.22 -58.54 13.97
C ARG B 162 10.29 -59.43 13.37
N SER B 163 10.42 -59.37 12.04
CA SER B 163 11.14 -60.38 11.27
C SER B 163 12.64 -60.44 11.60
N CYS B 164 13.24 -59.27 11.89
CA CYS B 164 14.67 -59.24 12.20
C CYS B 164 15.00 -59.98 13.49
N GLU B 165 14.20 -59.76 14.53
CA GLU B 165 14.45 -60.43 15.80
C GLU B 165 14.18 -61.93 15.69
N ILE B 166 13.19 -62.32 14.89
CA ILE B 166 12.89 -63.73 14.66
C ILE B 166 14.06 -64.42 13.96
N ARG B 167 14.58 -63.80 12.89
CA ARG B 167 15.71 -64.39 12.17
C ARG B 167 16.96 -64.41 13.04
N ASN B 168 17.20 -63.33 13.80
CA ASN B 168 18.41 -63.25 14.61
C ASN B 168 18.37 -64.24 15.77
N ARG B 169 17.18 -64.50 16.32
CA ARG B 169 17.04 -65.53 17.34
C ARG B 169 17.16 -66.93 16.74
N ARG B 170 16.63 -67.12 15.52
CA ARG B 170 16.75 -68.41 14.84
C ARG B 170 18.21 -68.75 14.52
N LEU B 171 19.04 -67.74 14.24
CA LEU B 171 20.47 -68.00 14.02
C LEU B 171 21.19 -68.45 15.28
N LEU B 172 20.61 -68.25 16.46
CA LEU B 172 21.11 -68.81 17.70
C LEU B 172 20.47 -70.16 18.02
N HIS B 173 19.68 -70.70 17.09
CA HIS B 173 19.00 -71.98 17.31
C HIS B 173 19.38 -73.03 16.26
N GLY B 174 20.36 -72.75 15.40
CA GLY B 174 20.89 -73.76 14.49
C GLY B 174 20.72 -73.48 13.01
N VAL B 175 20.13 -72.36 12.62
CA VAL B 175 20.03 -72.02 11.20
C VAL B 175 21.43 -71.67 10.67
N GLY B 176 21.70 -72.07 9.43
CA GLY B 176 23.02 -72.16 8.82
C GLY B 176 23.98 -70.99 8.91
N ASP B 177 23.58 -69.82 8.40
CA ASP B 177 24.40 -68.61 8.48
C ASP B 177 24.62 -68.19 9.93
N LYS B 178 25.87 -68.18 10.36
CA LYS B 178 26.20 -67.83 11.74
C LYS B 178 26.57 -66.37 11.93
N SER B 179 26.42 -65.54 10.89
CA SER B 179 26.66 -64.12 11.02
C SER B 179 25.32 -63.42 11.20
N PRO B 180 25.08 -62.74 12.32
CA PRO B 180 23.78 -62.09 12.53
C PRO B 180 23.58 -60.92 11.59
N PRO B 181 22.42 -60.86 10.92
CA PRO B 181 22.16 -59.76 9.99
C PRO B 181 21.99 -58.44 10.73
N GLN B 182 22.39 -57.36 10.06
CA GLN B 182 22.45 -56.05 10.71
C GLN B 182 21.06 -55.49 10.89
N CYS B 183 20.77 -55.03 12.11
CA CYS B 183 19.39 -54.76 12.51
C CYS B 183 19.28 -53.35 13.05
N SER B 184 18.12 -52.74 12.84
CA SER B 184 17.87 -51.37 13.27
C SER B 184 17.58 -51.30 14.77
N ALA B 185 17.20 -50.11 15.22
CA ALA B 185 16.80 -49.91 16.62
C ALA B 185 15.52 -50.70 16.93
N GLU B 186 14.54 -50.65 16.04
CA GLU B 186 13.41 -51.56 16.12
C GLU B 186 13.78 -52.88 15.44
N GLY B 187 12.84 -53.82 15.43
CA GLY B 187 13.12 -55.11 14.83
C GLY B 187 13.05 -55.12 13.32
N GLU B 188 13.90 -54.34 12.66
CA GLU B 188 13.88 -54.24 11.21
C GLU B 188 15.31 -54.35 10.68
N PHE B 189 15.42 -54.93 9.49
CA PHE B 189 16.71 -55.14 8.86
C PHE B 189 17.26 -53.81 8.34
N MET B 190 18.56 -53.61 8.53
CA MET B 190 19.24 -52.49 7.92
C MET B 190 19.17 -52.64 6.40
N PRO B 191 19.00 -51.53 5.66
CA PRO B 191 19.05 -51.63 4.19
C PRO B 191 20.38 -52.14 3.65
N VAL B 192 21.49 -51.81 4.29
CA VAL B 192 22.82 -52.29 3.88
C VAL B 192 23.32 -53.27 4.94
N GLN B 193 23.66 -54.49 4.52
CA GLN B 193 24.12 -55.52 5.43
C GLN B 193 25.52 -55.99 5.05
N CYS B 194 26.16 -56.70 5.98
CA CYS B 194 27.51 -57.19 5.78
C CYS B 194 27.64 -58.57 6.39
N LYS B 195 27.80 -59.59 5.55
CA LYS B 195 28.18 -60.90 6.05
C LYS B 195 29.59 -60.88 6.62
N PHE B 196 30.47 -60.07 6.02
CA PHE B 196 31.73 -59.55 6.59
C PHE B 196 32.86 -60.58 6.65
N VAL B 197 32.57 -61.86 6.41
CA VAL B 197 33.59 -62.90 6.52
C VAL B 197 33.66 -63.72 5.23
N ASN B 198 34.85 -63.74 4.62
CA ASN B 198 35.16 -64.58 3.48
C ASN B 198 36.60 -65.04 3.56
N THR B 199 36.89 -66.17 2.88
CA THR B 199 38.20 -66.84 2.85
C THR B 199 38.74 -67.10 4.27
N THR B 200 37.90 -67.79 5.07
CA THR B 200 38.12 -68.05 6.49
C THR B 200 39.42 -68.77 6.80
N ASP B 201 39.54 -69.99 6.31
CA ASP B 201 40.75 -70.80 6.47
C ASP B 201 41.24 -71.20 5.08
N MET B 202 41.31 -70.21 4.19
CA MET B 202 41.59 -70.18 2.75
C MET B 202 40.41 -70.66 1.90
N MET B 203 39.29 -71.10 2.47
CA MET B 203 38.11 -71.46 1.68
C MET B 203 36.97 -70.47 1.95
N ILE B 204 36.18 -70.18 0.92
CA ILE B 204 35.19 -69.12 0.94
C ILE B 204 33.86 -69.60 1.51
N PHE B 205 33.64 -69.34 2.80
CA PHE B 205 32.30 -69.41 3.39
C PHE B 205 32.25 -68.43 4.56
N ASP B 206 31.12 -68.43 5.27
CA ASP B 206 30.90 -67.50 6.36
C ASP B 206 31.37 -68.08 7.69
N LEU B 207 32.32 -67.39 8.32
CA LEU B 207 32.83 -67.72 9.64
C LEU B 207 31.76 -67.52 10.70
N VAL B 208 31.93 -68.21 11.84
CA VAL B 208 30.92 -68.19 12.89
C VAL B 208 31.05 -66.90 13.70
N HIS B 209 30.40 -65.85 13.19
CA HIS B 209 30.67 -64.47 13.64
C HIS B 209 30.06 -64.19 15.00
N SER B 210 28.84 -64.71 15.24
CA SER B 210 28.17 -64.54 16.53
C SER B 210 28.97 -65.18 17.66
N TYR B 211 29.68 -66.26 17.37
CA TYR B 211 30.64 -66.81 18.33
C TYR B 211 31.95 -66.03 18.28
N ASN B 212 32.34 -65.52 17.11
CA ASN B 212 33.68 -64.93 16.91
C ASN B 212 33.83 -63.64 17.73
N ARG B 213 32.79 -62.79 17.72
CA ARG B 213 32.89 -61.44 18.29
C ARG B 213 33.22 -61.45 19.79
N PHE B 214 32.77 -62.48 20.50
CA PHE B 214 32.74 -62.40 21.97
C PHE B 214 34.10 -62.63 22.65
N PRO B 215 34.80 -63.76 22.48
CA PRO B 215 35.99 -63.99 23.33
C PRO B 215 37.19 -63.14 22.97
N ASP B 216 37.32 -62.73 21.71
CA ASP B 216 38.40 -61.84 21.28
C ASP B 216 37.81 -60.46 21.00
N ALA B 217 38.20 -59.48 21.81
CA ALA B 217 37.67 -58.13 21.73
C ALA B 217 38.45 -57.34 20.69
N PHE B 218 37.87 -57.18 19.50
CA PHE B 218 38.48 -56.41 18.43
C PHE B 218 37.76 -55.07 18.28
N VAL B 219 38.53 -54.00 18.20
CA VAL B 219 37.99 -52.65 18.05
C VAL B 219 38.77 -51.95 16.94
N THR B 220 39.89 -52.57 16.55
CA THR B 220 40.85 -51.96 15.65
C THR B 220 41.10 -52.91 14.48
N PHE B 221 41.02 -52.38 13.25
CA PHE B 221 41.25 -53.17 12.04
C PHE B 221 42.65 -53.78 11.98
N SER B 222 43.67 -53.02 12.38
CA SER B 222 45.04 -53.56 12.41
C SER B 222 45.16 -54.68 13.43
N SER B 223 44.57 -54.49 14.61
CA SER B 223 44.50 -55.57 15.60
C SER B 223 43.60 -56.71 15.13
N PHE B 224 42.58 -56.39 14.32
CA PHE B 224 41.69 -57.44 13.80
C PHE B 224 42.43 -58.35 12.82
N GLN B 225 43.19 -57.76 11.89
CA GLN B 225 44.01 -58.56 10.98
C GLN B 225 45.16 -59.24 11.71
N ARG B 226 45.67 -58.64 12.78
CA ARG B 226 46.67 -59.31 13.60
C ARG B 226 46.09 -60.55 14.26
N ARG B 227 44.87 -60.45 14.78
CA ARG B 227 44.21 -61.62 15.38
C ARG B 227 43.68 -62.56 14.29
N PHE B 228 43.03 -62.01 13.26
CA PHE B 228 42.43 -62.80 12.18
C PHE B 228 42.85 -62.23 10.84
N PRO B 229 43.85 -62.78 10.19
CA PRO B 229 44.20 -62.35 8.83
C PRO B 229 43.26 -62.98 7.82
N GLU B 230 43.46 -62.63 6.55
CA GLU B 230 42.79 -63.15 5.34
C GLU B 230 41.24 -63.12 5.40
N VAL B 231 40.66 -62.30 6.28
CA VAL B 231 39.21 -62.16 6.38
C VAL B 231 38.83 -60.79 5.85
N SER B 232 38.03 -60.77 4.80
CA SER B 232 37.67 -59.55 4.10
C SER B 232 36.16 -59.35 4.14
N GLY B 233 35.74 -58.10 4.35
CA GLY B 233 34.33 -57.81 4.60
C GLY B 233 33.44 -57.87 3.38
N TYR B 234 32.51 -58.81 3.33
CA TYR B 234 31.62 -58.99 2.19
C TYR B 234 30.30 -58.32 2.52
N CYS B 235 30.04 -57.16 1.92
CA CYS B 235 28.86 -56.37 2.18
C CYS B 235 27.97 -56.33 0.94
N HIS B 236 26.70 -56.04 1.15
CA HIS B 236 25.67 -55.99 0.12
C HIS B 236 24.48 -55.23 0.69
N CYS B 237 23.37 -55.23 -0.04
CA CYS B 237 22.14 -54.66 0.49
C CYS B 237 21.02 -55.67 0.31
N ALA B 238 19.98 -55.56 1.15
CA ALA B 238 19.01 -56.62 1.33
C ALA B 238 17.59 -56.17 0.99
N ASP B 239 16.70 -57.16 0.89
CA ASP B 239 15.28 -56.94 0.64
C ASP B 239 14.57 -56.47 1.92
N SER B 240 13.24 -56.36 1.82
CA SER B 240 12.42 -56.09 2.99
C SER B 240 12.43 -57.27 3.94
N GLN B 241 12.40 -58.50 3.41
CA GLN B 241 12.54 -59.69 4.22
C GLN B 241 14.00 -59.98 4.55
N GLY B 242 14.94 -59.28 3.90
CA GLY B 242 16.34 -59.50 4.11
C GLY B 242 17.01 -60.35 3.06
N ARG B 243 16.30 -60.71 1.99
CA ARG B 243 16.91 -61.45 0.89
C ARG B 243 17.94 -60.59 0.17
N GLU B 244 19.06 -61.19 -0.17
CA GLU B 244 20.16 -60.48 -0.78
C GLU B 244 19.83 -60.25 -2.25
N LEU B 245 20.08 -59.03 -2.75
CA LEU B 245 19.71 -58.67 -4.11
C LEU B 245 20.56 -59.45 -5.12
N ALA B 246 19.91 -59.93 -6.17
CA ALA B 246 20.55 -60.86 -7.10
C ALA B 246 21.55 -60.13 -7.99
N GLU B 247 22.80 -60.61 -7.98
CA GLU B 247 23.90 -60.19 -8.84
C GLU B 247 24.28 -58.72 -8.72
N THR B 248 23.79 -58.03 -7.68
CA THR B 248 24.01 -56.61 -7.52
C THR B 248 24.48 -56.33 -6.11
N GLY B 249 25.56 -55.57 -5.99
CA GLY B 249 26.02 -55.12 -4.70
C GLY B 249 26.85 -56.10 -3.90
N LEU B 250 27.12 -57.29 -4.45
CA LEU B 250 27.88 -58.31 -3.73
C LEU B 250 29.36 -57.92 -3.66
N GLU B 251 29.68 -56.93 -2.82
CA GLU B 251 31.00 -56.33 -2.83
C GLU B 251 31.87 -56.88 -1.70
N LEU B 252 33.17 -56.88 -1.94
CA LEU B 252 34.17 -57.31 -0.97
C LEU B 252 35.05 -56.12 -0.64
N LEU B 253 35.41 -55.97 0.62
CA LEU B 253 36.20 -54.83 1.10
C LEU B 253 37.40 -55.34 1.88
N LEU B 254 38.55 -54.74 1.62
CA LEU B 254 39.80 -55.14 2.25
C LEU B 254 40.04 -54.31 3.51
N ASP B 255 40.41 -54.99 4.59
CA ASP B 255 40.59 -54.36 5.89
C ASP B 255 41.98 -53.77 6.07
N GLU B 256 42.87 -53.91 5.08
CA GLU B 256 44.27 -53.57 5.27
C GLU B 256 44.50 -52.06 5.24
N ILE B 257 43.75 -51.35 4.41
CA ILE B 257 44.07 -49.96 4.08
C ILE B 257 43.84 -49.02 5.26
N TYR B 258 42.73 -49.20 5.97
CA TYR B 258 42.28 -48.22 6.95
C TYR B 258 43.13 -48.21 8.21
N ASP B 259 43.47 -46.99 8.65
CA ASP B 259 44.13 -46.73 9.93
C ASP B 259 43.08 -46.19 10.89
N THR B 260 43.05 -46.75 12.10
CA THR B 260 41.89 -46.61 12.96
C THR B 260 41.97 -45.39 13.87
N ILE B 261 40.81 -44.76 14.05
CA ILE B 261 40.61 -43.64 14.98
C ILE B 261 39.53 -44.16 15.94
N PHE B 262 39.29 -43.40 17.03
CA PHE B 262 38.22 -43.64 18.02
C PHE B 262 38.46 -44.93 18.81
N ALA B 263 39.72 -45.34 18.94
CA ALA B 263 40.06 -46.54 19.68
C ALA B 263 40.27 -46.25 21.16
N GLY B 264 39.28 -45.61 21.79
CA GLY B 264 39.34 -45.30 23.21
C GLY B 264 37.98 -45.45 23.85
N LEU B 265 37.07 -46.15 23.17
CA LEU B 265 35.72 -46.38 23.64
C LEU B 265 35.55 -47.82 24.11
N ASP B 266 34.53 -48.03 24.93
CA ASP B 266 34.17 -49.35 25.40
C ASP B 266 33.54 -50.17 24.27
N LEU B 267 33.41 -51.47 24.50
CA LEU B 267 32.72 -52.34 23.56
C LEU B 267 31.23 -51.97 23.53
N PRO B 268 30.61 -51.94 22.35
CA PRO B 268 29.21 -51.48 22.24
C PRO B 268 28.15 -52.59 22.26
N SER B 269 28.51 -53.79 22.70
CA SER B 269 27.65 -54.96 22.94
C SER B 269 27.11 -55.64 21.69
N THR B 270 27.27 -55.07 20.51
CA THR B 270 26.75 -55.68 19.29
C THR B 270 27.62 -55.18 18.14
N PHE B 271 27.89 -56.07 17.18
CA PHE B 271 28.73 -55.71 16.03
C PHE B 271 28.09 -54.61 15.19
N THR B 272 26.75 -54.58 15.13
CA THR B 272 26.05 -53.50 14.42
C THR B 272 26.25 -52.15 15.11
N GLU B 273 26.50 -52.17 16.42
CA GLU B 273 26.82 -50.96 17.17
C GLU B 273 28.31 -50.64 17.19
N THR B 274 29.15 -51.47 16.57
CA THR B 274 30.56 -51.18 16.49
C THR B 274 30.85 -50.21 15.35
N THR B 275 31.82 -49.32 15.55
CA THR B 275 32.20 -48.33 14.55
C THR B 275 32.80 -48.96 13.29
N LEU B 276 33.27 -50.20 13.36
CA LEU B 276 33.74 -50.90 12.17
C LEU B 276 32.61 -51.12 11.18
N TYR B 277 31.39 -51.34 11.68
CA TYR B 277 30.26 -51.52 10.77
C TYR B 277 29.91 -50.21 10.07
N ARG B 278 29.99 -49.07 10.76
CA ARG B 278 29.83 -47.80 10.04
C ARG B 278 30.97 -47.56 9.06
N ILE B 279 32.19 -48.02 9.37
CA ILE B 279 33.29 -47.89 8.41
C ILE B 279 32.99 -48.68 7.14
N LEU B 280 32.54 -49.92 7.29
CA LEU B 280 32.17 -50.76 6.15
C LEU B 280 30.97 -50.18 5.39
N GLN B 281 29.97 -49.69 6.12
CA GLN B 281 28.76 -49.17 5.48
C GLN B 281 29.03 -47.88 4.71
N ARG B 282 29.84 -46.98 5.29
CA ARG B 282 30.22 -45.76 4.60
C ARG B 282 31.11 -46.05 3.39
N ARG B 283 32.04 -47.01 3.51
CA ARG B 283 32.85 -47.39 2.36
C ARG B 283 32.02 -48.01 1.25
N PHE B 284 31.08 -48.89 1.61
CA PHE B 284 30.18 -49.53 0.64
C PHE B 284 29.29 -48.51 -0.04
N LEU B 285 28.75 -47.57 0.73
CA LEU B 285 27.87 -46.56 0.15
C LEU B 285 28.66 -45.57 -0.70
N ALA B 286 29.91 -45.28 -0.32
CA ALA B 286 30.76 -44.42 -1.13
C ALA B 286 31.14 -45.09 -2.44
N VAL B 287 31.36 -46.41 -2.43
CA VAL B 287 31.59 -47.14 -3.67
C VAL B 287 30.34 -47.14 -4.54
N GLN B 288 29.17 -47.37 -3.94
CA GLN B 288 27.92 -47.35 -4.70
C GLN B 288 27.43 -45.91 -4.97
N SER B 289 28.16 -44.89 -4.54
CA SER B 289 27.80 -43.52 -4.92
C SER B 289 28.02 -43.27 -6.41
N VAL B 290 29.17 -43.69 -6.95
CA VAL B 290 29.43 -43.48 -8.38
C VAL B 290 28.58 -44.41 -9.23
N ILE B 291 28.28 -45.62 -8.72
CA ILE B 291 27.28 -46.48 -9.35
C ILE B 291 25.89 -45.91 -9.05
N SER B 292 24.92 -46.26 -9.90
CA SER B 292 23.49 -46.11 -9.64
C SER B 292 22.98 -44.68 -9.47
N GLY B 293 23.87 -43.68 -9.54
CA GLY B 293 23.56 -42.28 -9.28
C GLY B 293 23.01 -41.91 -7.92
N ARG B 294 23.00 -42.86 -6.97
CA ARG B 294 22.31 -42.73 -5.70
C ARG B 294 23.17 -43.28 -4.58
N PHE B 295 23.18 -42.58 -3.45
CA PHE B 295 24.05 -42.93 -2.32
C PHE B 295 23.25 -43.74 -1.31
N ARG B 296 22.65 -44.82 -1.80
CA ARG B 296 21.77 -45.69 -1.02
C ARG B 296 21.54 -46.98 -1.80
N CYS B 297 21.15 -48.03 -1.08
CA CYS B 297 20.53 -49.17 -1.75
C CYS B 297 19.12 -48.77 -2.18
N PRO B 298 18.71 -49.14 -3.41
CA PRO B 298 17.39 -48.74 -3.90
C PRO B 298 16.25 -49.34 -3.10
N THR B 299 15.14 -48.59 -3.04
CA THR B 299 14.00 -48.92 -2.20
C THR B 299 13.13 -49.97 -2.86
N LYS B 300 11.90 -50.11 -2.36
CA LYS B 300 10.94 -51.07 -2.92
C LYS B 300 10.54 -50.70 -4.35
N CYS B 301 10.46 -49.39 -4.63
CA CYS B 301 10.02 -48.89 -5.93
C CYS B 301 10.96 -49.35 -7.05
N GLU B 302 12.27 -49.16 -6.87
CA GLU B 302 13.23 -49.50 -7.92
C GLU B 302 13.36 -51.01 -8.08
N VAL B 303 13.29 -51.76 -6.98
CA VAL B 303 13.35 -53.22 -7.07
C VAL B 303 12.14 -53.77 -7.83
N GLU B 304 10.94 -53.25 -7.52
CA GLU B 304 9.74 -53.66 -8.24
C GLU B 304 9.80 -53.25 -9.71
N ARG B 305 10.28 -52.03 -10.00
CA ARG B 305 10.38 -51.57 -11.37
C ARG B 305 11.39 -52.37 -12.18
N PHE B 306 12.54 -52.68 -11.59
CA PHE B 306 13.56 -53.48 -12.28
C PHE B 306 13.09 -54.92 -12.50
N THR B 307 12.38 -55.49 -11.52
CA THR B 307 11.82 -56.83 -11.67
C THR B 307 10.77 -56.86 -12.78
N ALA B 308 9.90 -55.85 -12.81
CA ALA B 308 8.86 -55.77 -13.85
C ALA B 308 9.47 -55.55 -15.23
N THR B 309 10.52 -54.73 -15.32
CA THR B 309 11.16 -54.47 -16.61
C THR B 309 11.94 -55.68 -17.09
N SER B 310 12.58 -56.41 -16.17
CA SER B 310 13.42 -57.54 -16.54
C SER B 310 12.60 -58.69 -17.11
N PHE B 311 11.52 -59.06 -16.42
CA PHE B 311 10.66 -60.15 -16.87
C PHE B 311 9.62 -59.71 -17.89
N GLY B 312 9.58 -58.42 -18.24
CA GLY B 312 8.64 -57.93 -19.23
C GLY B 312 7.19 -57.97 -18.80
N HIS B 313 6.90 -57.57 -17.57
CA HIS B 313 5.53 -57.53 -17.09
C HIS B 313 4.76 -56.40 -17.80
N PRO B 314 3.44 -56.56 -17.97
CA PRO B 314 2.65 -55.50 -18.63
C PRO B 314 2.61 -54.19 -17.86
N TYR B 315 2.68 -54.22 -16.53
CA TYR B 315 2.69 -53.00 -15.73
C TYR B 315 4.03 -52.89 -15.03
N VAL B 316 4.68 -51.74 -15.17
CA VAL B 316 5.91 -51.42 -14.47
C VAL B 316 5.67 -50.17 -13.63
N PRO B 317 6.06 -50.15 -12.36
CA PRO B 317 5.89 -48.92 -11.58
C PRO B 317 6.87 -47.84 -12.01
N SER B 318 6.42 -46.60 -11.87
CA SER B 318 7.21 -45.43 -12.24
C SER B 318 7.69 -44.75 -10.97
N CYS B 319 8.99 -44.54 -10.87
CA CYS B 319 9.63 -44.00 -9.68
C CYS B 319 10.08 -42.57 -9.94
N ARG B 320 10.72 -41.97 -8.93
CA ARG B 320 11.38 -40.69 -9.09
C ARG B 320 12.72 -40.76 -8.35
N ARG B 321 13.31 -39.58 -8.12
CA ARG B 321 14.67 -39.50 -7.61
C ARG B 321 14.77 -39.97 -6.16
N ASN B 322 13.82 -39.59 -5.32
CA ASN B 322 13.93 -39.88 -3.89
C ASN B 322 13.74 -41.37 -3.58
N GLY B 323 12.99 -42.09 -4.40
CA GLY B 323 12.78 -43.51 -4.17
C GLY B 323 11.38 -43.87 -3.74
N ASP B 324 10.38 -43.20 -4.30
CA ASP B 324 8.98 -43.46 -4.02
C ASP B 324 8.18 -43.62 -5.30
N TYR B 325 6.98 -44.18 -5.17
CA TYR B 325 6.06 -44.28 -6.29
C TYR B 325 5.59 -42.89 -6.70
N GLN B 326 5.43 -42.68 -8.00
CA GLN B 326 4.98 -41.39 -8.50
C GLN B 326 3.49 -41.20 -8.23
N ALA B 327 3.04 -39.94 -8.41
CA ALA B 327 1.65 -39.59 -8.17
C ALA B 327 0.73 -40.29 -9.17
N VAL B 328 1.05 -40.22 -10.46
CA VAL B 328 0.30 -40.91 -11.50
C VAL B 328 1.06 -42.16 -11.91
N GLN B 329 0.37 -43.30 -11.90
CA GLN B 329 0.95 -44.59 -12.30
C GLN B 329 -0.03 -45.32 -13.20
N CYS B 330 0.10 -45.09 -14.50
CA CYS B 330 -0.72 -45.78 -15.47
C CYS B 330 -0.12 -47.14 -15.82
N GLN B 331 -0.94 -48.00 -16.44
CA GLN B 331 -0.47 -49.27 -16.96
C GLN B 331 0.13 -49.02 -18.36
N THR B 332 0.28 -50.06 -19.17
CA THR B 332 0.92 -49.90 -20.48
C THR B 332 0.08 -49.04 -21.44
N GLU B 333 -1.20 -49.33 -21.59
CA GLU B 333 -2.07 -48.46 -22.38
C GLU B 333 -3.24 -47.90 -21.58
N GLY B 334 -4.12 -48.76 -21.06
CA GLY B 334 -5.45 -48.35 -20.68
C GLY B 334 -5.65 -47.72 -19.32
N PRO B 335 -5.53 -48.50 -18.24
CA PRO B 335 -5.95 -48.00 -16.92
C PRO B 335 -4.86 -47.16 -16.26
N CYS B 336 -5.20 -45.91 -15.97
CA CYS B 336 -4.31 -44.99 -15.26
C CYS B 336 -4.93 -44.65 -13.91
N TRP B 337 -4.11 -44.66 -12.86
CA TRP B 337 -4.60 -44.47 -11.50
C TRP B 337 -3.47 -43.95 -10.62
N CYS B 338 -3.84 -43.49 -9.43
CA CYS B 338 -2.91 -42.96 -8.45
C CYS B 338 -2.70 -43.96 -7.31
N VAL B 339 -1.54 -43.86 -6.66
CA VAL B 339 -1.17 -44.71 -5.54
C VAL B 339 -0.60 -43.86 -4.42
N ASP B 340 -0.55 -44.45 -3.22
CA ASP B 340 0.11 -43.84 -2.08
C ASP B 340 1.61 -44.15 -2.11
N ALA B 341 2.29 -43.93 -0.98
CA ALA B 341 3.72 -44.21 -0.89
C ALA B 341 4.03 -45.71 -0.86
N GLN B 342 3.04 -46.56 -0.59
CA GLN B 342 3.24 -48.01 -0.54
C GLN B 342 2.80 -48.71 -1.82
N GLY B 343 2.37 -47.96 -2.83
CA GLY B 343 1.94 -48.55 -4.08
C GLY B 343 0.53 -49.11 -4.08
N LYS B 344 -0.21 -48.98 -2.98
CA LYS B 344 -1.59 -49.44 -2.95
C LYS B 344 -2.47 -48.48 -3.75
N GLU B 345 -3.35 -49.04 -4.57
CA GLU B 345 -4.19 -48.24 -5.45
C GLU B 345 -5.26 -47.51 -4.67
N MET B 346 -5.33 -46.19 -4.87
CA MET B 346 -6.47 -45.41 -4.42
C MET B 346 -7.66 -45.81 -5.28
N HIS B 347 -8.71 -46.37 -4.64
CA HIS B 347 -9.76 -47.07 -5.39
C HIS B 347 -10.60 -46.12 -6.23
N GLY B 348 -10.76 -44.87 -5.80
CA GLY B 348 -11.65 -43.97 -6.50
C GLY B 348 -10.99 -42.96 -7.42
N THR B 349 -9.93 -43.38 -8.14
CA THR B 349 -9.30 -42.49 -9.11
C THR B 349 -8.89 -43.19 -10.41
N ARG B 350 -9.36 -44.41 -10.66
CA ARG B 350 -9.08 -45.09 -11.91
C ARG B 350 -9.78 -44.37 -13.07
N GLN B 351 -9.02 -43.99 -14.09
CA GLN B 351 -9.52 -43.08 -15.10
C GLN B 351 -9.58 -43.65 -16.52
N GLN B 352 -8.90 -44.76 -16.79
CA GLN B 352 -8.95 -45.51 -18.06
C GLN B 352 -8.50 -44.65 -19.24
N GLY B 353 -7.21 -44.30 -19.22
CA GLY B 353 -6.62 -43.55 -20.31
C GLY B 353 -6.38 -42.09 -19.99
N GLU B 354 -7.34 -41.47 -19.31
CA GLU B 354 -7.18 -40.09 -18.89
C GLU B 354 -6.16 -40.01 -17.76
N PRO B 355 -5.30 -38.99 -17.75
CA PRO B 355 -4.37 -38.81 -16.63
C PRO B 355 -5.11 -38.43 -15.36
N PRO B 356 -5.05 -39.29 -14.32
CA PRO B 356 -5.89 -39.06 -13.12
C PRO B 356 -5.57 -37.79 -12.35
N SER B 357 -4.30 -37.35 -12.38
CA SER B 357 -3.86 -36.03 -11.93
C SER B 357 -4.15 -35.78 -10.44
N CYS B 358 -3.77 -36.74 -9.61
CA CYS B 358 -3.79 -36.54 -8.16
C CYS B 358 -2.55 -35.76 -7.75
N ALA B 359 -2.51 -34.48 -8.09
CA ALA B 359 -1.28 -33.69 -7.98
C ALA B 359 -0.96 -33.36 -6.53
N GLU B 360 0.31 -33.51 -6.16
CA GLU B 360 0.79 -32.98 -4.89
C GLU B 360 0.95 -31.46 -4.96
N GLY B 361 1.14 -30.90 -6.16
CA GLY B 361 1.10 -29.46 -6.34
C GLY B 361 -0.28 -28.85 -6.22
N GLN B 362 -1.33 -29.68 -6.24
CA GLN B 362 -2.71 -29.25 -6.05
C GLN B 362 -2.91 -28.93 -4.57
N SER B 363 -2.64 -27.69 -4.17
CA SER B 363 -2.54 -27.32 -2.77
C SER B 363 -3.23 -25.98 -2.47
N CYS B 364 -4.48 -25.83 -2.88
CA CYS B 364 -5.25 -24.65 -2.48
C CYS B 364 -6.22 -24.91 -1.35
N ALA B 365 -7.04 -25.96 -1.49
CA ALA B 365 -8.22 -26.19 -0.66
C ALA B 365 -7.92 -26.23 0.83
N SER B 366 -6.74 -26.75 1.19
CA SER B 366 -6.27 -26.76 2.57
C SER B 366 -6.20 -25.34 3.15
N GLU B 367 -5.39 -24.48 2.53
CA GLU B 367 -5.27 -23.09 3.01
C GLU B 367 -6.57 -22.31 2.85
N ARG B 368 -7.37 -22.66 1.84
CA ARG B 368 -8.66 -22.01 1.63
C ARG B 368 -9.60 -22.27 2.81
N GLN B 369 -9.74 -23.54 3.22
CA GLN B 369 -10.63 -23.81 4.34
C GLN B 369 -9.99 -23.42 5.68
N GLN B 370 -8.66 -23.39 5.77
CA GLN B 370 -8.01 -22.86 6.98
C GLN B 370 -8.30 -21.38 7.15
N ALA B 371 -8.17 -20.60 6.07
CA ALA B 371 -8.46 -19.17 6.16
C ALA B 371 -9.95 -18.92 6.34
N LEU B 372 -10.80 -19.76 5.76
CA LEU B 372 -12.25 -19.63 5.97
C LEU B 372 -12.62 -19.96 7.41
N SER B 373 -11.98 -20.97 8.01
CA SER B 373 -12.22 -21.28 9.41
C SER B 373 -11.72 -20.18 10.33
N ARG B 374 -10.56 -19.60 9.99
CA ARG B 374 -10.05 -18.44 10.71
C ARG B 374 -10.94 -17.21 10.56
N LEU B 375 -11.70 -17.14 9.46
CA LEU B 375 -12.65 -16.05 9.28
C LEU B 375 -13.81 -16.16 10.26
N TYR B 376 -14.24 -17.38 10.58
CA TYR B 376 -15.44 -17.61 11.37
C TYR B 376 -15.13 -18.02 12.81
N PHE B 377 -14.05 -17.49 13.37
CA PHE B 377 -13.66 -17.85 14.72
C PHE B 377 -14.50 -17.11 15.76
N GLY B 378 -14.46 -15.78 15.74
CA GLY B 378 -15.10 -14.98 16.76
C GLY B 378 -14.71 -13.52 16.63
N THR B 379 -14.25 -12.91 17.72
CA THR B 379 -13.67 -11.58 17.71
C THR B 379 -12.40 -11.59 18.57
N SER B 380 -11.50 -12.50 18.25
CA SER B 380 -10.25 -12.65 18.98
C SER B 380 -9.11 -11.92 18.27
N ALA B 405 2.52 -27.79 4.71
CA ALA B 405 1.57 -27.51 5.78
C ALA B 405 1.49 -26.02 6.03
N THR B 406 2.22 -25.56 7.04
CA THR B 406 2.39 -24.13 7.31
C THR B 406 3.51 -23.59 6.41
N SER B 407 4.04 -22.41 6.76
CA SER B 407 5.18 -21.87 6.05
C SER B 407 6.42 -22.75 6.24
N CYS B 408 6.91 -22.83 7.47
CA CYS B 408 8.05 -23.67 7.85
C CYS B 408 7.99 -23.84 9.37
N PRO B 409 8.64 -24.88 9.91
CA PRO B 409 8.71 -25.02 11.37
C PRO B 409 9.44 -23.85 12.00
N PRO B 410 9.04 -23.46 13.22
CA PRO B 410 9.28 -22.07 13.66
C PRO B 410 10.73 -21.70 13.94
N THR B 411 11.55 -22.63 14.44
CA THR B 411 12.89 -22.31 14.91
C THR B 411 13.98 -22.65 13.88
N ILE B 412 13.62 -22.71 12.61
CA ILE B 412 14.53 -23.17 11.57
C ILE B 412 14.97 -22.02 10.67
N LYS B 413 14.02 -21.17 10.24
CA LYS B 413 14.30 -20.12 9.27
C LYS B 413 15.29 -19.09 9.81
N GLU B 414 15.17 -18.73 11.09
CA GLU B 414 16.05 -17.71 11.65
C GLU B 414 17.42 -18.27 12.05
N LEU B 415 17.51 -19.55 12.40
CA LEU B 415 18.76 -20.12 12.88
C LEU B 415 19.56 -20.85 11.80
N PHE B 416 18.94 -21.24 10.70
CA PHE B 416 19.61 -22.01 9.65
C PHE B 416 19.71 -21.25 8.34
N VAL B 417 18.58 -20.85 7.77
CA VAL B 417 18.55 -20.34 6.40
C VAL B 417 19.05 -18.90 6.36
N ASP B 418 18.43 -18.01 7.14
CA ASP B 418 18.84 -16.61 7.17
C ASP B 418 20.16 -16.42 7.92
N SER B 419 20.58 -17.41 8.71
CA SER B 419 21.83 -17.28 9.45
C SER B 419 23.04 -17.39 8.54
N GLY B 420 22.94 -18.15 7.45
CA GLY B 420 24.05 -18.35 6.55
C GLY B 420 24.76 -19.68 6.68
N LEU B 421 24.04 -20.75 7.04
CA LEU B 421 24.63 -22.06 7.26
C LEU B 421 24.43 -23.00 6.08
N LEU B 422 23.19 -23.09 5.58
CA LEU B 422 22.89 -23.85 4.37
C LEU B 422 23.35 -23.12 3.11
N ARG B 423 23.50 -21.80 3.18
CA ARG B 423 23.89 -21.00 2.02
C ARG B 423 25.24 -21.38 1.43
N PRO B 424 26.33 -21.63 2.19
CA PRO B 424 27.51 -22.23 1.53
C PRO B 424 27.35 -23.71 1.26
N MET B 425 26.44 -24.37 1.98
CA MET B 425 26.32 -25.82 1.90
C MET B 425 25.78 -26.27 0.55
N VAL B 426 24.75 -25.60 0.03
CA VAL B 426 24.16 -26.06 -1.21
C VAL B 426 24.17 -24.95 -2.27
N GLU B 427 24.21 -23.69 -1.82
CA GLU B 427 24.13 -22.56 -2.75
C GLU B 427 25.44 -21.78 -2.92
N GLY B 428 26.35 -21.84 -1.94
CA GLY B 428 27.64 -21.18 -2.11
C GLY B 428 28.50 -21.82 -3.18
N GLN B 429 28.46 -23.14 -3.27
CA GLN B 429 29.11 -23.90 -4.32
C GLN B 429 28.07 -24.63 -5.15
N SER B 430 27.02 -23.89 -5.56
CA SER B 430 25.97 -24.44 -6.40
C SER B 430 26.44 -24.55 -7.84
N GLN B 431 27.29 -25.53 -8.11
CA GLN B 431 27.92 -25.69 -9.42
C GLN B 431 27.38 -26.97 -10.05
N GLN B 432 26.40 -26.79 -10.95
CA GLN B 432 25.63 -27.85 -11.65
C GLN B 432 25.22 -29.01 -10.74
N PHE B 433 24.51 -28.66 -9.67
CA PHE B 433 24.18 -29.57 -8.60
C PHE B 433 22.66 -29.70 -8.39
N SER B 434 21.93 -29.95 -9.47
CA SER B 434 20.50 -30.19 -9.36
C SER B 434 20.19 -31.54 -8.70
N VAL B 435 20.90 -32.59 -9.10
CA VAL B 435 20.74 -33.90 -8.49
C VAL B 435 21.49 -33.96 -7.16
N SER B 436 22.54 -33.15 -7.00
CA SER B 436 23.40 -33.27 -5.85
C SER B 436 22.78 -32.74 -4.56
N GLU B 437 21.67 -32.00 -4.62
CA GLU B 437 20.97 -31.67 -3.38
C GLU B 437 20.28 -32.90 -2.79
N ASN B 438 19.66 -33.73 -3.64
CA ASN B 438 19.12 -35.00 -3.17
C ASN B 438 20.25 -35.95 -2.76
N LEU B 439 21.35 -35.91 -3.50
CA LEU B 439 22.54 -36.69 -3.13
C LEU B 439 23.08 -36.23 -1.77
N LEU B 440 23.03 -34.93 -1.50
CA LEU B 440 23.46 -34.39 -0.21
C LEU B 440 22.53 -34.83 0.91
N LYS B 441 21.21 -34.87 0.64
CA LYS B 441 20.26 -35.40 1.61
C LYS B 441 20.55 -36.85 1.94
N GLU B 442 20.83 -37.66 0.91
CA GLU B 442 21.20 -39.07 1.15
C GLU B 442 22.52 -39.18 1.90
N ALA B 443 23.47 -38.28 1.62
CA ALA B 443 24.75 -38.28 2.31
C ALA B 443 24.59 -37.96 3.79
N ILE B 444 23.80 -36.94 4.11
CA ILE B 444 23.57 -36.55 5.50
C ILE B 444 22.79 -37.64 6.24
N ARG B 445 21.83 -38.27 5.56
CA ARG B 445 21.08 -39.37 6.16
C ARG B 445 21.96 -40.59 6.41
N ALA B 446 22.86 -40.90 5.48
CA ALA B 446 23.56 -42.18 5.52
C ALA B 446 24.86 -42.15 6.34
N ILE B 447 25.67 -41.09 6.18
CA ILE B 447 26.91 -40.99 6.97
C ILE B 447 26.59 -40.83 8.45
N PHE B 448 25.57 -40.03 8.76
CA PHE B 448 25.12 -39.89 10.14
C PHE B 448 23.74 -40.52 10.27
N PRO B 449 23.62 -41.77 10.71
CA PRO B 449 22.31 -42.41 10.83
C PRO B 449 21.58 -42.10 12.13
N SER B 450 22.27 -41.56 13.13
CA SER B 450 21.65 -41.27 14.41
C SER B 450 22.29 -40.02 15.00
N ARG B 451 21.57 -39.40 15.93
CA ARG B 451 22.05 -38.18 16.57
C ARG B 451 23.23 -38.44 17.51
N GLY B 452 23.26 -39.62 18.14
CA GLY B 452 24.33 -39.94 19.07
C GLY B 452 25.69 -40.08 18.40
N LEU B 453 25.74 -40.71 17.23
CA LEU B 453 26.99 -40.86 16.49
C LEU B 453 27.51 -39.51 16.02
N ALA B 454 26.62 -38.63 15.56
CA ALA B 454 27.01 -37.28 15.19
C ALA B 454 27.50 -36.50 16.40
N ARG B 455 26.87 -36.71 17.57
CA ARG B 455 27.33 -36.09 18.81
C ARG B 455 28.75 -36.53 19.17
N LEU B 456 29.02 -37.84 19.07
CA LEU B 456 30.35 -38.37 19.36
C LEU B 456 31.39 -37.82 18.38
N ALA B 457 31.05 -37.79 17.09
CA ALA B 457 31.95 -37.25 16.07
C ALA B 457 32.21 -35.76 16.28
N LEU B 458 31.25 -35.03 16.86
CA LEU B 458 31.44 -33.61 17.06
C LEU B 458 32.05 -33.25 18.40
N GLN B 459 32.04 -34.15 19.38
CA GLN B 459 32.78 -33.91 20.61
C GLN B 459 34.11 -34.66 20.66
N PHE B 460 34.49 -35.36 19.60
CA PHE B 460 35.87 -35.81 19.42
C PHE B 460 36.67 -34.99 18.40
N THR B 461 36.15 -34.84 17.18
CA THR B 461 36.92 -34.20 16.12
C THR B 461 36.98 -32.69 16.35
N THR B 462 38.13 -32.20 16.81
CA THR B 462 38.35 -30.78 17.04
C THR B 462 38.94 -30.08 15.82
N ASN B 463 39.29 -30.81 14.78
CA ASN B 463 39.85 -30.23 13.56
C ASN B 463 39.00 -30.73 12.41
N PRO B 464 38.40 -29.85 11.61
CA PRO B 464 37.60 -30.31 10.47
C PRO B 464 38.41 -30.96 9.36
N LYS B 465 39.73 -30.78 9.34
CA LYS B 465 40.56 -31.39 8.31
C LYS B 465 40.64 -32.91 8.48
N ARG B 466 40.57 -33.39 9.71
CA ARG B 466 40.71 -34.81 10.01
C ARG B 466 39.38 -35.56 9.99
N LEU B 467 38.25 -34.86 9.83
CA LEU B 467 36.93 -35.44 10.01
C LEU B 467 36.65 -36.54 8.99
N GLN B 468 36.99 -36.30 7.72
CA GLN B 468 36.83 -37.31 6.68
C GLN B 468 37.74 -38.50 6.93
N GLN B 469 38.87 -38.28 7.60
CA GLN B 469 39.74 -39.39 7.99
C GLN B 469 39.09 -40.26 9.06
N ASN B 470 38.23 -39.67 9.91
CA ASN B 470 37.60 -40.41 10.99
C ASN B 470 36.26 -41.00 10.61
N LEU B 471 35.54 -40.40 9.66
CA LEU B 471 34.23 -40.91 9.27
C LEU B 471 34.35 -42.00 8.21
N PHE B 472 34.89 -41.66 7.05
CA PHE B 472 35.06 -42.61 5.96
C PHE B 472 36.31 -43.46 6.19
N GLY B 473 36.70 -44.21 5.18
CA GLY B 473 37.87 -45.05 5.28
C GLY B 473 39.17 -44.32 5.00
N GLY B 474 39.63 -43.52 5.97
CA GLY B 474 40.93 -42.86 5.97
C GLY B 474 41.26 -42.04 4.73
N LYS B 475 40.51 -40.96 4.50
CA LYS B 475 40.50 -40.20 3.25
C LYS B 475 40.18 -41.11 2.06
N PHE B 476 39.24 -42.03 2.26
CA PHE B 476 38.79 -42.94 1.21
C PHE B 476 38.14 -42.20 0.04
N LEU B 477 37.56 -41.02 0.29
CA LEU B 477 36.67 -40.37 -0.67
C LEU B 477 37.43 -39.94 -1.93
N VAL B 478 38.58 -39.27 -1.76
CA VAL B 478 39.43 -38.98 -2.91
C VAL B 478 39.97 -40.28 -3.51
N ASN B 479 40.13 -41.32 -2.69
CA ASN B 479 40.47 -42.65 -3.19
C ASN B 479 39.40 -43.20 -4.10
N VAL B 480 38.11 -42.98 -3.78
CA VAL B 480 37.08 -43.42 -4.73
C VAL B 480 36.80 -42.31 -5.74
N GLY B 481 37.50 -41.17 -5.65
CA GLY B 481 37.46 -40.20 -6.72
C GLY B 481 38.30 -40.58 -7.92
N GLN B 482 39.31 -41.44 -7.74
CA GLN B 482 40.23 -41.82 -8.81
C GLN B 482 40.22 -43.32 -9.09
N PHE B 483 39.19 -44.03 -8.63
CA PHE B 483 38.95 -45.47 -8.89
C PHE B 483 40.08 -46.37 -8.38
N ASN B 484 40.75 -46.00 -7.29
CA ASN B 484 41.49 -47.00 -6.51
C ASN B 484 40.67 -48.15 -5.96
N LEU B 485 41.37 -49.28 -5.90
CA LEU B 485 40.84 -50.61 -5.70
C LEU B 485 40.93 -51.00 -4.24
N SER B 486 39.77 -51.14 -3.61
CA SER B 486 39.62 -51.92 -2.39
C SER B 486 38.39 -52.81 -2.52
N GLY B 487 37.82 -52.90 -3.71
CA GLY B 487 36.60 -53.64 -3.96
C GLY B 487 36.77 -54.75 -4.98
N ALA B 488 37.91 -55.43 -4.94
CA ALA B 488 38.12 -56.56 -5.84
C ALA B 488 37.27 -57.75 -5.44
N LEU B 489 37.06 -58.65 -6.41
CA LEU B 489 36.27 -59.88 -6.29
C LEU B 489 34.83 -59.56 -5.88
N GLY B 490 34.14 -58.89 -6.80
CA GLY B 490 32.73 -58.57 -6.62
C GLY B 490 31.97 -58.78 -7.91
N THR B 491 30.65 -58.89 -7.78
CA THR B 491 29.78 -59.16 -8.91
C THR B 491 29.36 -57.90 -9.65
N ARG B 492 29.78 -56.72 -9.19
CA ARG B 492 29.47 -55.47 -9.86
C ARG B 492 30.75 -54.91 -10.48
N GLY B 493 30.67 -54.56 -11.75
CA GLY B 493 31.80 -53.99 -12.46
C GLY B 493 32.23 -54.81 -13.66
N THR B 494 33.51 -55.21 -13.67
CA THR B 494 34.19 -56.05 -14.67
C THR B 494 34.24 -55.44 -16.08
N PHE B 495 33.76 -54.21 -16.24
CA PHE B 495 33.80 -53.43 -17.47
C PHE B 495 33.47 -51.99 -17.09
N ASN B 496 33.30 -51.13 -18.09
CA ASN B 496 32.93 -49.75 -17.83
C ASN B 496 32.02 -49.22 -18.94
N PRO B 547 22.47 -42.38 -20.53
CA PRO B 547 23.33 -43.16 -21.42
C PRO B 547 23.81 -44.48 -20.80
N THR B 548 24.85 -44.43 -19.97
CA THR B 548 25.37 -45.63 -19.34
C THR B 548 24.38 -46.16 -18.30
N VAL B 549 24.18 -47.47 -18.30
CA VAL B 549 23.24 -48.09 -17.37
C VAL B 549 23.91 -48.29 -16.02
N GLY B 550 23.09 -48.43 -14.97
CA GLY B 550 23.57 -48.60 -13.63
C GLY B 550 23.50 -50.04 -13.15
N SER B 551 23.61 -50.20 -11.83
CA SER B 551 23.48 -51.52 -11.23
C SER B 551 22.04 -52.04 -11.30
N PHE B 552 21.06 -51.16 -11.39
CA PHE B 552 19.66 -51.55 -11.49
C PHE B 552 18.99 -50.82 -12.64
N GLY B 553 19.75 -50.62 -13.72
CA GLY B 553 19.25 -49.84 -14.84
C GLY B 553 19.05 -48.37 -14.57
N PHE B 554 19.91 -47.76 -13.76
CA PHE B 554 19.86 -46.32 -13.53
C PHE B 554 20.66 -45.61 -14.61
N GLU B 555 20.23 -44.40 -14.96
CA GLU B 555 20.95 -43.58 -15.92
C GLU B 555 22.10 -42.89 -15.21
N ILE B 556 23.33 -43.11 -15.69
CA ILE B 556 24.53 -42.66 -14.99
C ILE B 556 25.21 -41.57 -15.82
N ASN B 557 25.77 -40.59 -15.11
CA ASN B 557 26.62 -39.57 -15.72
C ASN B 557 27.82 -39.43 -14.79
N LEU B 558 28.94 -40.03 -15.19
CA LEU B 558 30.05 -40.27 -14.28
C LEU B 558 30.73 -38.99 -13.79
N GLN B 559 30.86 -37.99 -14.66
CA GLN B 559 31.58 -36.78 -14.26
C GLN B 559 30.76 -35.94 -13.29
N GLU B 560 29.41 -35.96 -13.42
CA GLU B 560 28.56 -35.33 -12.40
C GLU B 560 28.72 -36.02 -11.04
N ASN B 561 28.75 -37.36 -11.03
CA ASN B 561 28.88 -38.10 -9.79
C ASN B 561 30.23 -37.84 -9.13
N GLN B 562 31.31 -37.85 -9.93
CA GLN B 562 32.64 -37.60 -9.38
C GLN B 562 32.80 -36.16 -8.92
N ASN B 563 32.25 -35.20 -9.67
CA ASN B 563 32.31 -33.79 -9.27
C ASN B 563 31.53 -33.54 -7.98
N ALA B 564 30.35 -34.16 -7.85
CA ALA B 564 29.58 -34.03 -6.61
C ALA B 564 30.26 -34.73 -5.44
N LEU B 565 30.95 -35.85 -5.71
CA LEU B 565 31.69 -36.53 -4.64
C LEU B 565 32.89 -35.71 -4.18
N LYS B 566 33.60 -35.06 -5.11
CA LYS B 566 34.68 -34.15 -4.73
C LYS B 566 34.13 -32.93 -3.99
N PHE B 567 32.95 -32.44 -4.39
CA PHE B 567 32.32 -31.33 -3.69
C PHE B 567 31.94 -31.71 -2.26
N LEU B 568 31.41 -32.92 -2.08
CA LEU B 568 31.09 -33.40 -0.73
C LEU B 568 32.36 -33.61 0.09
N ALA B 569 33.43 -34.08 -0.55
CA ALA B 569 34.71 -34.24 0.13
C ALA B 569 35.28 -32.89 0.59
N SER B 570 35.19 -31.87 -0.25
CA SER B 570 35.63 -30.53 0.13
C SER B 570 34.72 -29.94 1.21
N LEU B 571 33.42 -30.23 1.11
CA LEU B 571 32.44 -29.68 2.06
C LEU B 571 32.62 -30.27 3.45
N LEU B 572 33.01 -31.55 3.52
CA LEU B 572 33.21 -32.21 4.82
C LEU B 572 34.40 -31.65 5.58
N GLU B 573 35.32 -30.94 4.93
CA GLU B 573 36.43 -30.28 5.60
C GLU B 573 36.06 -28.89 6.13
N LEU B 574 34.85 -28.41 5.87
CA LEU B 574 34.47 -27.05 6.25
C LEU B 574 34.00 -27.00 7.70
N PRO B 575 34.51 -26.06 8.51
CA PRO B 575 34.02 -25.92 9.90
C PRO B 575 32.57 -25.48 10.00
N GLU B 576 32.04 -24.83 8.96
CA GLU B 576 30.65 -24.43 8.98
C GLU B 576 29.73 -25.64 8.86
N PHE B 577 30.21 -26.73 8.27
CA PHE B 577 29.50 -28.00 8.37
C PHE B 577 29.44 -28.50 9.81
N LEU B 578 30.53 -28.32 10.56
CA LEU B 578 30.56 -28.72 11.97
C LEU B 578 29.56 -27.92 12.79
N LEU B 579 29.51 -26.60 12.56
CA LEU B 579 28.54 -25.76 13.26
C LEU B 579 27.11 -26.07 12.84
N PHE B 580 26.89 -26.31 11.54
CA PHE B 580 25.57 -26.70 11.05
C PHE B 580 25.13 -28.02 11.65
N LEU B 581 26.06 -28.94 11.85
CA LEU B 581 25.65 -30.25 12.37
C LEU B 581 25.40 -30.19 13.87
N GLN B 582 26.11 -29.31 14.58
CA GLN B 582 25.71 -28.94 15.96
C GLN B 582 24.28 -28.41 16.01
N HIS B 583 23.96 -27.46 15.13
CA HIS B 583 22.61 -26.89 15.11
C HIS B 583 21.57 -27.93 14.67
N ALA B 584 21.94 -28.85 13.79
CA ALA B 584 21.04 -29.91 13.36
C ALA B 584 20.83 -30.96 14.43
N ILE B 585 21.82 -31.17 15.30
CA ILE B 585 21.60 -32.00 16.49
C ILE B 585 20.63 -31.29 17.44
N SER B 586 20.76 -29.97 17.56
CA SER B 586 19.97 -29.22 18.54
C SER B 586 18.49 -29.11 18.20
N VAL B 587 18.05 -29.53 17.02
CA VAL B 587 16.62 -29.48 16.67
C VAL B 587 15.88 -30.52 17.51
N PRO B 588 14.63 -30.30 17.91
CA PRO B 588 13.89 -31.35 18.61
C PRO B 588 13.49 -32.49 17.68
N GLU B 589 13.27 -33.65 18.30
CA GLU B 589 13.05 -34.89 17.55
C GLU B 589 11.69 -34.94 16.88
N ASP B 590 10.70 -34.20 17.40
CA ASP B 590 9.34 -34.28 16.88
C ASP B 590 9.24 -33.70 15.47
N VAL B 591 10.06 -32.68 15.17
CA VAL B 591 10.04 -32.08 13.83
C VAL B 591 10.62 -33.04 12.80
N ALA B 592 11.67 -33.78 13.17
CA ALA B 592 12.38 -34.61 12.20
C ALA B 592 12.94 -35.86 12.88
N ARG B 593 12.69 -37.02 12.27
CA ARG B 593 13.10 -38.30 12.85
C ARG B 593 14.61 -38.48 12.82
N ASP B 594 15.24 -38.23 11.68
CA ASP B 594 16.67 -38.41 11.52
C ASP B 594 17.29 -37.16 10.88
N LEU B 595 18.62 -37.17 10.78
CA LEU B 595 19.36 -36.01 10.29
C LEU B 595 19.08 -35.75 8.81
N GLY B 596 18.74 -36.80 8.05
CA GLY B 596 18.28 -36.59 6.69
C GLY B 596 16.96 -35.84 6.61
N ASP B 597 16.07 -36.12 7.57
CA ASP B 597 14.82 -35.36 7.64
C ASP B 597 15.06 -33.91 8.04
N VAL B 598 16.05 -33.67 8.92
CA VAL B 598 16.49 -32.31 9.24
C VAL B 598 16.99 -31.61 7.99
N MET B 599 17.76 -32.33 7.17
CA MET B 599 18.42 -31.75 6.01
C MET B 599 17.38 -31.43 4.93
N GLU B 600 16.39 -32.32 4.78
CA GLU B 600 15.25 -32.09 3.90
C GLU B 600 14.42 -30.91 4.35
N THR B 601 14.15 -30.79 5.65
CA THR B 601 13.31 -29.69 6.13
C THR B 601 14.03 -28.35 6.00
N VAL B 602 15.36 -28.33 6.19
CA VAL B 602 16.05 -27.05 6.05
C VAL B 602 16.18 -26.68 4.57
N LEU B 603 16.20 -27.66 3.65
CA LEU B 603 15.98 -27.31 2.25
C LEU B 603 14.56 -26.77 2.00
N SER B 604 13.56 -27.36 2.66
CA SER B 604 12.18 -26.94 2.42
C SER B 604 11.91 -25.54 2.94
N SER B 605 12.61 -25.12 3.99
CA SER B 605 12.42 -23.79 4.57
C SER B 605 13.11 -22.69 3.77
N GLN B 606 13.80 -23.00 2.67
CA GLN B 606 14.37 -21.96 1.83
C GLN B 606 13.30 -21.12 1.14
N THR B 607 12.09 -21.65 0.98
CA THR B 607 11.00 -20.93 0.33
C THR B 607 9.86 -20.67 1.30
N CYS B 608 10.16 -20.59 2.60
CA CYS B 608 9.13 -20.40 3.60
C CYS B 608 8.97 -18.94 4.00
N GLU B 609 9.41 -18.01 3.14
CA GLU B 609 9.30 -16.58 3.44
C GLU B 609 7.84 -16.14 3.33
N GLN B 610 7.03 -16.54 4.30
CA GLN B 610 5.60 -16.27 4.30
C GLN B 610 5.20 -15.86 5.71
N THR B 611 4.80 -14.60 5.88
CA THR B 611 4.14 -14.13 7.09
C THR B 611 2.81 -13.51 6.67
N PRO B 612 1.84 -14.35 6.29
CA PRO B 612 0.60 -13.82 5.72
C PRO B 612 -0.30 -13.22 6.79
N GLU B 613 -1.25 -12.41 6.34
CA GLU B 613 -2.31 -11.95 7.21
C GLU B 613 -3.22 -13.12 7.56
N ARG B 614 -3.92 -12.98 8.69
CA ARG B 614 -4.73 -14.06 9.24
C ARG B 614 -5.92 -14.41 8.34
N LEU B 615 -6.43 -13.43 7.58
CA LEU B 615 -7.72 -13.55 6.93
C LEU B 615 -7.63 -13.44 5.41
N PHE B 616 -6.44 -13.51 4.84
CA PHE B 616 -6.30 -13.53 3.39
C PHE B 616 -6.72 -14.91 2.90
N VAL B 617 -7.87 -14.98 2.23
CA VAL B 617 -8.33 -16.22 1.61
C VAL B 617 -7.73 -16.31 0.21
N PRO B 618 -7.08 -17.42 -0.14
CA PRO B 618 -6.60 -17.58 -1.51
C PRO B 618 -7.67 -18.14 -2.43
N SER B 619 -8.15 -17.31 -3.35
CA SER B 619 -9.11 -17.77 -4.34
C SER B 619 -8.43 -18.65 -5.36
N CYS B 620 -9.12 -19.71 -5.79
CA CYS B 620 -8.53 -20.68 -6.69
C CYS B 620 -9.62 -21.37 -7.51
N THR B 621 -9.18 -22.08 -8.54
CA THR B 621 -10.03 -22.59 -9.60
C THR B 621 -10.95 -23.73 -9.10
N THR B 622 -11.80 -24.18 -10.01
CA THR B 622 -12.71 -25.30 -9.72
C THR B 622 -11.94 -26.59 -9.48
N GLU B 623 -10.92 -26.85 -10.30
CA GLU B 623 -10.04 -27.98 -10.03
C GLU B 623 -9.06 -27.70 -8.90
N GLY B 624 -8.88 -26.44 -8.52
CA GLY B 624 -8.11 -26.08 -7.34
C GLY B 624 -6.75 -25.46 -7.61
N SER B 625 -6.35 -25.28 -8.86
CA SER B 625 -5.13 -24.53 -9.12
C SER B 625 -5.32 -23.07 -8.74
N TYR B 626 -4.25 -22.43 -8.27
CA TYR B 626 -4.27 -21.03 -7.86
C TYR B 626 -4.70 -20.13 -9.00
N GLU B 627 -5.58 -19.18 -8.68
CA GLU B 627 -5.95 -18.16 -9.64
C GLU B 627 -4.74 -17.27 -9.94
N ASP B 628 -4.69 -16.77 -11.17
CA ASP B 628 -3.55 -15.96 -11.59
C ASP B 628 -3.47 -14.64 -10.84
N VAL B 629 -4.59 -14.09 -10.35
CA VAL B 629 -4.60 -12.89 -9.55
C VAL B 629 -5.12 -13.23 -8.16
N GLN B 630 -4.42 -12.72 -7.14
CA GLN B 630 -4.84 -12.83 -5.74
C GLN B 630 -5.00 -11.43 -5.19
N CYS B 631 -6.13 -11.16 -4.54
CA CYS B 631 -6.44 -9.83 -4.05
C CYS B 631 -6.75 -9.88 -2.56
N PHE B 632 -6.36 -8.81 -1.86
CA PHE B 632 -6.67 -8.64 -0.45
C PHE B 632 -6.49 -7.17 -0.09
N SER B 633 -7.46 -6.63 0.65
CA SER B 633 -7.43 -5.29 1.27
C SER B 633 -7.19 -4.18 0.24
N GLY B 634 -7.77 -4.34 -0.94
CA GLY B 634 -7.61 -3.37 -1.99
C GLY B 634 -6.37 -3.52 -2.85
N GLU B 635 -5.49 -4.47 -2.53
CA GLU B 635 -4.37 -4.75 -3.42
C GLU B 635 -4.66 -6.01 -4.21
N CYS B 636 -3.96 -6.15 -5.33
CA CYS B 636 -4.02 -7.35 -6.14
C CYS B 636 -2.62 -7.63 -6.68
N TRP B 637 -2.34 -8.90 -6.94
CA TRP B 637 -1.01 -9.27 -7.43
C TRP B 637 -1.12 -10.56 -8.22
N CYS B 638 -0.07 -10.85 -9.00
CA CYS B 638 0.03 -12.07 -9.77
C CYS B 638 0.90 -13.09 -9.03
N VAL B 639 0.43 -14.33 -8.99
CA VAL B 639 1.18 -15.45 -8.42
C VAL B 639 1.39 -16.48 -9.52
N ASN B 640 2.42 -17.30 -9.33
CA ASN B 640 2.67 -18.43 -10.22
C ASN B 640 1.83 -19.62 -9.77
N SER B 641 2.18 -20.83 -10.24
CA SER B 641 1.46 -22.03 -9.82
C SER B 641 1.67 -22.33 -8.34
N TRP B 642 2.87 -22.08 -7.83
CA TRP B 642 3.07 -22.04 -6.39
C TRP B 642 2.61 -20.69 -5.82
N GLY B 643 2.46 -20.65 -4.50
CA GLY B 643 1.97 -19.46 -3.82
C GLY B 643 3.02 -18.42 -3.49
N LYS B 644 3.71 -17.92 -4.50
CA LYS B 644 4.63 -16.81 -4.35
C LYS B 644 4.24 -15.72 -5.32
N GLU B 645 4.07 -14.50 -4.81
CA GLU B 645 3.72 -13.39 -5.69
C GLU B 645 4.92 -12.99 -6.54
N LEU B 646 4.65 -12.63 -7.78
CA LEU B 646 5.70 -12.20 -8.68
C LEU B 646 6.16 -10.81 -8.26
N PRO B 647 7.47 -10.57 -8.10
CA PRO B 647 7.94 -9.28 -7.58
C PRO B 647 7.65 -8.12 -8.51
N GLY B 648 7.09 -7.05 -7.95
CA GLY B 648 6.73 -5.87 -8.70
C GLY B 648 5.36 -5.92 -9.34
N SER B 649 4.65 -7.05 -9.26
CA SER B 649 3.34 -7.19 -9.90
C SER B 649 2.20 -6.62 -9.06
N ARG B 650 2.47 -6.21 -7.81
CA ARG B 650 1.43 -5.63 -6.98
C ARG B 650 1.01 -4.27 -7.51
N VAL B 651 -0.31 -4.07 -7.67
CA VAL B 651 -0.87 -2.84 -8.21
C VAL B 651 -1.83 -2.24 -7.20
N ARG B 652 -1.95 -0.91 -7.23
CA ARG B 652 -2.81 -0.23 -6.26
C ARG B 652 -4.29 -0.44 -6.55
N GLY B 653 -4.68 -0.32 -7.81
CA GLY B 653 -6.10 -0.34 -8.15
C GLY B 653 -6.72 -1.71 -8.12
N GLY B 654 -6.25 -2.60 -8.97
CA GLY B 654 -6.80 -3.94 -9.04
C GLY B 654 -6.70 -4.49 -10.45
N GLN B 655 -6.84 -5.81 -10.54
CA GLN B 655 -6.71 -6.56 -11.78
C GLN B 655 -5.41 -6.30 -12.55
N PRO B 656 -4.26 -6.75 -12.04
CA PRO B 656 -3.04 -6.63 -12.82
C PRO B 656 -3.03 -7.62 -13.97
N ARG B 657 -2.42 -7.21 -15.07
CA ARG B 657 -2.25 -8.13 -16.19
C ARG B 657 -1.03 -8.98 -15.87
N CYS B 658 -1.25 -10.28 -15.71
CA CYS B 658 -0.16 -11.20 -15.39
C CYS B 658 0.79 -11.28 -16.59
N PRO B 659 2.11 -11.29 -16.35
CA PRO B 659 3.06 -11.22 -17.46
C PRO B 659 3.02 -12.44 -18.37
N THR B 660 3.21 -12.21 -19.66
CA THR B 660 3.17 -13.26 -20.66
C THR B 660 4.55 -13.90 -20.78
N ASP B 661 4.76 -14.65 -21.87
CA ASP B 661 6.05 -15.31 -22.08
C ASP B 661 7.16 -14.31 -22.33
N CYS B 662 6.85 -13.22 -23.05
CA CYS B 662 7.85 -12.23 -23.41
C CYS B 662 8.41 -11.51 -22.19
N GLU B 663 7.55 -11.16 -21.23
CA GLU B 663 8.00 -10.44 -20.05
C GLU B 663 8.85 -11.33 -19.14
N LYS B 664 8.46 -12.60 -18.99
CA LYS B 664 9.28 -13.55 -18.22
C LYS B 664 10.63 -13.78 -18.87
N GLN B 665 10.65 -13.91 -20.21
CA GLN B 665 11.92 -14.06 -20.92
C GLN B 665 12.79 -12.81 -20.80
N ARG B 666 12.18 -11.63 -20.87
CA ARG B 666 12.94 -10.38 -20.74
C ARG B 666 13.53 -10.24 -19.35
N ALA B 667 12.75 -10.57 -18.31
CA ALA B 667 13.25 -10.50 -16.93
C ALA B 667 14.37 -11.51 -16.70
N ARG B 668 14.21 -12.73 -17.22
CA ARG B 668 15.23 -13.76 -17.05
C ARG B 668 16.52 -13.40 -17.78
N MET B 669 16.42 -12.90 -19.02
CA MET B 669 17.61 -12.51 -19.76
C MET B 669 18.31 -11.30 -19.13
N GLN B 670 17.54 -10.33 -18.62
CA GLN B 670 18.15 -9.19 -17.94
C GLN B 670 18.86 -9.63 -16.66
N SER B 671 18.24 -10.51 -15.88
CA SER B 671 18.85 -11.00 -14.65
C SER B 671 20.10 -11.83 -14.93
N LEU B 672 20.09 -12.63 -15.99
CA LEU B 672 21.28 -13.41 -16.34
C LEU B 672 22.37 -12.51 -16.92
N MET B 673 21.97 -11.44 -17.63
CA MET B 673 22.92 -10.44 -18.11
C MET B 673 23.57 -9.68 -16.96
N GLY B 674 22.87 -9.57 -15.82
CA GLY B 674 23.42 -8.91 -14.64
C GLY B 674 24.70 -9.54 -14.11
N SER B 675 24.92 -10.83 -14.34
CA SER B 675 26.16 -11.51 -13.97
C SER B 675 26.80 -12.05 -15.25
N GLN B 676 27.59 -11.20 -15.91
CA GLN B 676 28.26 -11.53 -17.16
C GLN B 676 29.35 -10.49 -17.38
N PRO B 677 30.43 -10.80 -18.10
CA PRO B 677 31.45 -9.78 -18.39
C PRO B 677 30.94 -8.65 -19.28
N ALA B 678 31.81 -7.66 -19.44
CA ALA B 678 31.42 -6.32 -19.91
C ALA B 678 30.96 -6.33 -21.37
N GLY B 679 31.88 -6.63 -22.29
CA GLY B 679 31.60 -6.52 -23.70
C GLY B 679 30.68 -7.60 -24.23
N SER B 680 30.50 -8.69 -23.50
CA SER B 680 29.61 -9.75 -23.91
C SER B 680 28.15 -9.30 -23.85
N THR B 681 27.37 -9.70 -24.85
CA THR B 681 25.96 -9.38 -24.91
C THR B 681 25.18 -10.62 -25.31
N LEU B 682 23.91 -10.67 -24.91
CA LEU B 682 23.01 -11.79 -25.20
C LEU B 682 21.73 -11.26 -25.81
N PHE B 683 20.84 -12.19 -26.15
CA PHE B 683 19.57 -11.85 -26.77
C PHE B 683 18.55 -11.49 -25.70
N VAL B 684 18.20 -10.21 -25.61
CA VAL B 684 17.13 -9.74 -24.73
C VAL B 684 15.91 -9.48 -25.62
N PRO B 685 14.85 -10.27 -25.49
CA PRO B 685 13.64 -10.01 -26.28
C PRO B 685 12.97 -8.71 -25.86
N ALA B 686 12.45 -7.99 -26.85
CA ALA B 686 11.83 -6.70 -26.64
C ALA B 686 10.33 -6.83 -26.85
N CYS B 687 9.56 -6.38 -25.87
CA CYS B 687 8.12 -6.59 -25.84
C CYS B 687 7.39 -5.26 -25.94
N THR B 688 6.11 -5.34 -26.28
CA THR B 688 5.25 -4.16 -26.33
C THR B 688 4.80 -3.79 -24.92
N SER B 689 3.88 -2.83 -24.82
CA SER B 689 3.35 -2.43 -23.51
C SER B 689 2.50 -3.54 -22.90
N GLU B 690 1.62 -4.15 -23.70
CA GLU B 690 0.77 -5.21 -23.17
C GLU B 690 1.55 -6.51 -22.98
N GLY B 691 2.57 -6.75 -23.79
CA GLY B 691 3.39 -7.92 -23.55
C GLY B 691 3.61 -8.81 -24.75
N HIS B 692 3.08 -8.42 -25.92
CA HIS B 692 3.35 -9.16 -27.13
C HIS B 692 4.78 -8.90 -27.59
N PHE B 693 5.32 -9.84 -28.35
CA PHE B 693 6.65 -9.67 -28.93
C PHE B 693 6.60 -8.57 -29.99
N LEU B 694 7.66 -7.76 -30.02
CA LEU B 694 7.83 -6.80 -31.11
C LEU B 694 8.06 -7.55 -32.41
N PRO B 695 7.54 -7.03 -33.53
CA PRO B 695 7.55 -7.81 -34.78
C PRO B 695 8.94 -8.14 -35.33
N VAL B 696 9.98 -7.42 -34.94
CA VAL B 696 11.35 -7.69 -35.39
C VAL B 696 12.24 -7.81 -34.16
N GLN B 697 12.74 -9.00 -33.89
CA GLN B 697 13.65 -9.24 -32.78
C GLN B 697 15.04 -9.49 -33.34
N CYS B 698 15.99 -8.62 -33.01
CA CYS B 698 17.28 -8.59 -33.69
C CYS B 698 18.41 -8.99 -32.75
N PHE B 699 19.47 -9.55 -33.33
CA PHE B 699 20.66 -10.01 -32.63
C PHE B 699 21.86 -9.34 -33.29
N ASN B 700 23.09 -9.79 -33.00
CA ASN B 700 24.36 -9.05 -33.18
C ASN B 700 24.49 -8.25 -34.47
N SER B 701 24.27 -8.89 -35.61
CA SER B 701 24.14 -8.18 -36.87
C SER B 701 23.01 -8.72 -37.73
N GLU B 702 22.31 -9.75 -37.28
CA GLU B 702 21.29 -10.44 -38.06
C GLU B 702 19.94 -10.16 -37.41
N CYS B 703 19.12 -9.33 -38.07
CA CYS B 703 17.77 -9.07 -37.60
C CYS B 703 16.82 -10.04 -38.29
N TYR B 704 16.09 -10.82 -37.49
CA TYR B 704 15.02 -11.66 -37.98
C TYR B 704 13.71 -11.13 -37.43
N CYS B 705 12.62 -11.35 -38.16
CA CYS B 705 11.33 -10.87 -37.71
C CYS B 705 10.52 -12.05 -37.15
N VAL B 706 10.23 -11.99 -35.85
CA VAL B 706 9.52 -13.07 -35.18
C VAL B 706 8.03 -12.98 -35.52
N ASP B 707 7.33 -14.10 -35.37
CA ASP B 707 5.88 -14.07 -35.56
C ASP B 707 5.13 -13.89 -34.23
N ALA B 708 5.29 -14.84 -33.31
CA ALA B 708 4.65 -14.83 -32.01
C ALA B 708 5.38 -15.83 -31.12
N GLU B 709 5.26 -15.64 -29.81
CA GLU B 709 5.87 -16.41 -28.72
C GLU B 709 7.34 -16.76 -28.90
N GLY B 710 8.10 -15.92 -29.61
CA GLY B 710 9.53 -16.13 -29.75
C GLY B 710 9.96 -17.12 -30.81
N GLN B 711 9.09 -17.48 -31.75
CA GLN B 711 9.43 -18.43 -32.80
C GLN B 711 9.80 -17.65 -34.08
N ALA B 712 11.05 -17.77 -34.49
CA ALA B 712 11.53 -17.03 -35.66
C ALA B 712 10.89 -17.55 -36.95
N ILE B 713 10.77 -16.66 -37.92
CA ILE B 713 10.21 -16.98 -39.23
C ILE B 713 11.38 -17.28 -40.18
N PRO B 714 11.43 -18.46 -40.80
CA PRO B 714 12.48 -18.73 -41.77
C PRO B 714 12.29 -17.92 -43.05
N GLY B 715 13.40 -17.64 -43.71
CA GLY B 715 13.38 -16.84 -44.93
C GLY B 715 13.43 -15.34 -44.71
N THR B 716 13.41 -14.88 -43.46
CA THR B 716 13.48 -13.46 -43.14
C THR B 716 14.75 -13.07 -42.41
N ARG B 717 15.69 -14.01 -42.23
CA ARG B 717 16.99 -13.71 -41.65
C ARG B 717 17.76 -12.73 -42.53
N SER B 718 18.04 -11.54 -42.01
CA SER B 718 18.66 -10.51 -42.82
C SER B 718 19.53 -9.60 -41.94
N ALA B 719 20.43 -8.88 -42.60
CA ALA B 719 21.36 -8.00 -41.91
C ALA B 719 20.66 -6.76 -41.37
N ILE B 720 21.28 -6.15 -40.36
CA ILE B 720 20.73 -4.94 -39.75
C ILE B 720 20.94 -3.77 -40.69
N GLY B 721 19.92 -2.90 -40.79
CA GLY B 721 19.96 -1.76 -41.67
C GLY B 721 19.16 -1.92 -42.94
N LYS B 722 18.81 -3.15 -43.30
CA LYS B 722 17.95 -3.38 -44.45
C LYS B 722 16.50 -3.23 -44.03
N PRO B 723 15.71 -2.40 -44.69
CA PRO B 723 14.30 -2.23 -44.31
C PRO B 723 13.49 -3.49 -44.57
N LYS B 724 12.62 -3.83 -43.63
CA LYS B 724 11.85 -5.05 -43.70
C LYS B 724 10.40 -4.75 -44.04
N LYS B 725 9.71 -5.79 -44.49
CA LYS B 725 8.29 -5.73 -44.80
C LYS B 725 7.62 -6.96 -44.19
N CYS B 726 7.96 -7.25 -42.93
CA CYS B 726 7.41 -8.40 -42.24
C CYS B 726 5.91 -8.26 -42.06
N PRO B 727 5.14 -9.34 -42.22
CA PRO B 727 3.69 -9.24 -42.20
C PRO B 727 3.11 -8.88 -40.83
N THR B 728 1.93 -8.27 -40.88
CA THR B 728 1.14 -7.97 -39.71
C THR B 728 0.57 -9.28 -39.12
N PRO B 729 0.15 -9.27 -37.85
CA PRO B 729 -0.46 -10.49 -37.26
C PRO B 729 -1.70 -11.03 -37.97
N CYS B 730 -2.42 -10.21 -38.74
CA CYS B 730 -3.49 -10.72 -39.59
C CYS B 730 -2.99 -11.76 -40.58
N GLN B 731 -1.90 -11.45 -41.28
CA GLN B 731 -1.34 -12.39 -42.26
C GLN B 731 -0.75 -13.62 -41.58
N LEU B 732 -0.22 -13.44 -40.36
CA LEU B 732 0.23 -14.56 -39.55
C LEU B 732 -0.91 -15.52 -39.22
N GLN B 733 -2.04 -14.97 -38.75
CA GLN B 733 -3.20 -15.81 -38.48
C GLN B 733 -3.81 -16.37 -39.76
N SER B 734 -3.66 -15.66 -40.87
CA SER B 734 -4.13 -16.16 -42.17
C SER B 734 -3.34 -17.38 -42.60
N GLU B 735 -2.01 -17.34 -42.45
CA GLU B 735 -1.17 -18.51 -42.71
C GLU B 735 -1.52 -19.66 -41.77
N GLN B 736 -1.69 -19.36 -40.48
CA GLN B 736 -1.97 -20.41 -39.50
C GLN B 736 -3.30 -21.10 -39.76
N ALA B 737 -4.35 -20.31 -40.05
CA ALA B 737 -5.65 -20.89 -40.35
C ALA B 737 -5.65 -21.59 -41.71
N PHE B 738 -4.87 -21.08 -42.67
CA PHE B 738 -4.76 -21.73 -43.97
C PHE B 738 -4.14 -23.12 -43.84
N LEU B 739 -3.05 -23.22 -43.08
CA LEU B 739 -2.44 -24.52 -42.80
C LEU B 739 -3.37 -25.43 -42.02
N ARG B 740 -4.12 -24.86 -41.07
CA ARG B 740 -5.09 -25.62 -40.28
C ARG B 740 -6.16 -26.22 -41.18
N THR B 741 -6.70 -25.42 -42.10
CA THR B 741 -7.76 -25.88 -42.98
C THR B 741 -7.27 -26.88 -44.01
N VAL B 742 -6.04 -26.72 -44.55
CA VAL B 742 -5.59 -27.70 -45.54
C VAL B 742 -5.23 -29.01 -44.85
N GLN B 743 -4.75 -28.96 -43.60
CA GLN B 743 -4.51 -30.19 -42.85
C GLN B 743 -5.83 -30.89 -42.56
N ALA B 744 -6.85 -30.13 -42.16
CA ALA B 744 -8.16 -30.72 -41.86
C ALA B 744 -8.86 -31.21 -43.12
N LEU B 745 -8.51 -30.65 -44.28
CA LEU B 745 -9.05 -31.14 -45.55
C LEU B 745 -8.52 -32.54 -45.87
N LEU B 746 -7.36 -32.90 -45.32
CA LEU B 746 -6.74 -34.21 -45.47
C LEU B 746 -7.35 -35.28 -44.54
N SER B 747 -8.54 -35.01 -43.99
CA SER B 747 -9.23 -35.98 -43.14
C SER B 747 -9.59 -37.24 -43.92
N ASN B 748 -9.63 -38.36 -43.20
CA ASN B 748 -9.72 -39.68 -43.84
C ASN B 748 -11.07 -39.91 -44.52
N SER B 749 -12.17 -39.67 -43.80
CA SER B 749 -13.50 -39.95 -44.32
C SER B 749 -14.28 -38.65 -44.53
N SER B 750 -13.56 -37.60 -44.96
CA SER B 750 -14.11 -36.28 -45.31
C SER B 750 -14.87 -35.64 -44.14
N MET B 751 -14.20 -35.56 -42.99
CA MET B 751 -14.79 -34.95 -41.80
C MET B 751 -14.88 -33.43 -41.86
N LEU B 752 -14.35 -32.78 -42.90
CA LEU B 752 -14.49 -31.34 -43.05
C LEU B 752 -15.70 -31.03 -43.91
N PRO B 753 -16.73 -30.36 -43.38
CA PRO B 753 -17.70 -29.69 -44.26
C PRO B 753 -17.14 -28.34 -44.70
N THR B 754 -17.42 -28.00 -45.96
CA THR B 754 -16.74 -26.88 -46.61
C THR B 754 -17.09 -25.53 -45.98
N LEU B 755 -18.37 -25.17 -45.99
CA LEU B 755 -18.82 -23.84 -45.58
C LEU B 755 -19.05 -23.72 -44.08
N SER B 756 -18.90 -24.83 -43.34
CA SER B 756 -19.30 -24.88 -41.93
C SER B 756 -18.45 -23.96 -41.05
N ASP B 757 -17.16 -24.28 -40.89
CA ASP B 757 -16.35 -23.58 -39.91
C ASP B 757 -15.00 -23.12 -40.46
N THR B 758 -14.86 -22.96 -41.77
CA THR B 758 -13.65 -22.40 -42.36
C THR B 758 -13.66 -20.89 -42.14
N TYR B 759 -12.82 -20.42 -41.21
CA TYR B 759 -12.79 -18.98 -40.93
C TYR B 759 -11.92 -18.26 -41.96
N ILE B 760 -10.61 -18.53 -41.93
CA ILE B 760 -9.57 -17.85 -42.72
C ILE B 760 -9.66 -16.34 -42.51
N PRO B 761 -9.11 -15.80 -41.39
CA PRO B 761 -9.20 -14.36 -41.10
C PRO B 761 -8.67 -13.45 -42.20
N GLN B 762 -9.55 -12.63 -42.74
CA GLN B 762 -9.31 -11.87 -43.95
C GLN B 762 -9.15 -10.39 -43.60
N CYS B 763 -8.11 -9.76 -44.14
CA CYS B 763 -7.84 -8.36 -43.92
C CYS B 763 -7.50 -7.63 -45.20
N SER B 764 -8.12 -6.45 -45.36
CA SER B 764 -8.31 -5.82 -46.67
C SER B 764 -7.00 -5.35 -47.28
N THR B 765 -6.06 -4.90 -46.46
CA THR B 765 -4.83 -4.32 -46.97
C THR B 765 -3.69 -4.81 -46.09
N ASP B 766 -2.53 -4.14 -46.21
CA ASP B 766 -1.25 -4.57 -45.65
C ASP B 766 -1.27 -4.89 -44.15
N GLY B 767 -1.83 -3.99 -43.33
CA GLY B 767 -1.73 -4.19 -41.90
C GLY B 767 -3.02 -4.19 -41.11
N GLN B 768 -4.07 -3.59 -41.65
CA GLN B 768 -5.31 -3.40 -40.91
C GLN B 768 -6.28 -4.55 -41.19
N TRP B 769 -6.87 -5.06 -40.11
CA TRP B 769 -7.96 -6.03 -40.22
C TRP B 769 -9.15 -5.44 -40.96
N ARG B 770 -9.70 -6.21 -41.90
CA ARG B 770 -10.93 -5.84 -42.58
C ARG B 770 -12.07 -5.76 -41.57
N GLN B 771 -12.93 -4.77 -41.76
CA GLN B 771 -13.95 -4.44 -40.76
C GLN B 771 -15.00 -5.55 -40.64
N VAL B 772 -15.23 -6.30 -41.71
CA VAL B 772 -16.18 -7.40 -41.72
C VAL B 772 -15.43 -8.71 -41.90
N GLN B 773 -15.65 -9.66 -40.99
CA GLN B 773 -15.04 -10.97 -41.03
C GLN B 773 -16.12 -12.01 -41.35
N CYS B 774 -15.89 -12.80 -42.40
CA CYS B 774 -16.86 -13.80 -42.83
C CYS B 774 -16.38 -15.21 -42.48
N ASN B 775 -17.28 -16.17 -42.68
CA ASN B 775 -17.09 -17.56 -42.24
C ASN B 775 -17.29 -18.51 -43.42
N GLY B 776 -16.57 -18.25 -44.51
CA GLY B 776 -16.63 -19.11 -45.66
C GLY B 776 -15.28 -19.67 -46.05
N PRO B 777 -15.27 -20.63 -46.98
CA PRO B 777 -14.00 -21.15 -47.50
C PRO B 777 -13.32 -20.10 -48.36
N PRO B 778 -12.00 -20.18 -48.52
CA PRO B 778 -11.29 -19.23 -49.39
C PRO B 778 -11.74 -19.32 -50.84
N GLU B 779 -11.71 -18.17 -51.51
CA GLU B 779 -12.17 -18.06 -52.91
C GLU B 779 -11.28 -18.86 -53.85
N GLN B 780 -10.04 -19.16 -53.46
CA GLN B 780 -9.18 -20.05 -54.22
C GLN B 780 -9.77 -21.46 -54.30
N VAL B 781 -10.38 -21.93 -53.21
CA VAL B 781 -11.02 -23.24 -53.20
C VAL B 781 -12.24 -23.23 -54.13
N PHE B 782 -12.98 -22.11 -54.17
CA PHE B 782 -14.09 -21.98 -55.11
C PHE B 782 -13.61 -21.99 -56.55
N GLU B 783 -12.48 -21.33 -56.83
CA GLU B 783 -11.93 -21.34 -58.19
C GLU B 783 -11.44 -22.74 -58.58
N LEU B 784 -10.86 -23.46 -57.62
CA LEU B 784 -10.45 -24.84 -57.88
C LEU B 784 -11.66 -25.73 -58.15
N TYR B 785 -12.76 -25.52 -57.42
CA TYR B 785 -13.99 -26.25 -57.69
C TYR B 785 -14.56 -25.90 -59.06
N GLN B 786 -14.46 -24.62 -59.46
CA GLN B 786 -14.91 -24.21 -60.79
C GLN B 786 -14.10 -24.88 -61.89
N ARG B 787 -12.78 -24.97 -61.70
CA ARG B 787 -11.94 -25.64 -62.68
C ARG B 787 -12.23 -27.14 -62.74
N TRP B 788 -12.45 -27.77 -61.57
CA TRP B 788 -12.78 -29.18 -61.51
C TRP B 788 -14.11 -29.48 -62.20
N GLU B 789 -15.12 -28.64 -61.97
CA GLU B 789 -16.39 -28.79 -62.66
C GLU B 789 -16.26 -28.51 -64.16
N ALA B 790 -15.37 -27.58 -64.52
CA ALA B 790 -15.15 -27.25 -65.92
C ALA B 790 -14.48 -28.39 -66.67
N GLN B 791 -13.69 -29.20 -65.97
CA GLN B 791 -13.09 -30.39 -66.58
C GLN B 791 -14.16 -31.37 -67.05
N ASN B 792 -15.11 -31.70 -66.18
CA ASN B 792 -16.17 -32.64 -66.53
C ASN B 792 -17.37 -32.38 -65.63
N LYS B 793 -18.56 -32.47 -66.20
CA LYS B 793 -19.79 -32.24 -65.45
C LYS B 793 -20.08 -33.42 -64.52
N GLY B 794 -21.08 -33.24 -63.67
CA GLY B 794 -21.43 -34.23 -62.67
C GLY B 794 -20.61 -34.18 -61.41
N GLN B 795 -19.69 -33.23 -61.29
CA GLN B 795 -18.83 -33.13 -60.13
C GLN B 795 -19.56 -32.40 -59.00
N ASP B 796 -19.48 -32.96 -57.80
CA ASP B 796 -20.11 -32.39 -56.62
C ASP B 796 -19.06 -32.24 -55.53
N LEU B 797 -19.51 -31.87 -54.32
CA LEU B 797 -18.59 -31.65 -53.21
C LEU B 797 -17.97 -32.94 -52.72
N THR B 798 -18.80 -33.93 -52.37
CA THR B 798 -18.27 -35.21 -51.87
C THR B 798 -17.44 -36.02 -52.88
N PRO B 799 -17.77 -36.13 -54.19
CA PRO B 799 -16.78 -36.73 -55.10
C PRO B 799 -15.50 -35.93 -55.22
N ALA B 800 -15.53 -34.60 -55.04
CA ALA B 800 -14.30 -33.83 -54.99
C ALA B 800 -13.47 -34.19 -53.76
N LYS B 801 -14.13 -34.42 -52.61
CA LYS B 801 -13.40 -34.88 -51.43
C LYS B 801 -12.78 -36.27 -51.64
N LEU B 802 -13.51 -37.17 -52.31
CA LEU B 802 -12.92 -38.47 -52.66
C LEU B 802 -11.76 -38.31 -53.64
N LEU B 803 -11.92 -37.47 -54.67
CA LEU B 803 -10.89 -37.31 -55.69
C LEU B 803 -9.64 -36.64 -55.15
N VAL B 804 -9.77 -35.79 -54.13
CA VAL B 804 -8.55 -35.29 -53.47
C VAL B 804 -8.02 -36.32 -52.47
N LYS B 805 -8.88 -37.19 -51.93
CA LYS B 805 -8.38 -38.28 -51.10
C LYS B 805 -7.62 -39.32 -51.94
N ILE B 806 -8.16 -39.65 -53.11
CA ILE B 806 -7.48 -40.46 -54.12
C ILE B 806 -6.43 -39.55 -54.76
N MET B 807 -5.48 -40.13 -55.51
CA MET B 807 -4.40 -39.46 -56.24
C MET B 807 -3.42 -38.76 -55.30
N SER B 808 -3.42 -39.14 -54.03
CA SER B 808 -2.51 -38.62 -53.01
C SER B 808 -1.78 -39.77 -52.33
N TYR B 809 -1.24 -40.70 -53.13
CA TYR B 809 -0.56 -41.87 -52.60
C TYR B 809 0.96 -41.84 -52.79
N ARG B 810 1.45 -41.23 -53.86
CA ARG B 810 2.88 -41.07 -54.05
C ARG B 810 3.16 -39.57 -54.24
N GLU B 811 4.18 -39.08 -53.55
CA GLU B 811 4.48 -37.66 -53.59
C GLU B 811 5.83 -37.40 -54.26
N LEU B 842 7.26 -35.81 -59.03
CA LEU B 842 6.34 -36.16 -57.96
C LEU B 842 5.60 -37.46 -58.25
N GLN B 843 5.90 -38.04 -59.42
CA GLN B 843 5.24 -39.25 -59.93
C GLN B 843 3.72 -39.07 -59.99
N ASP B 844 3.28 -37.96 -60.57
CA ASP B 844 1.88 -37.56 -60.55
C ASP B 844 1.07 -38.36 -61.59
N VAL B 845 -0.15 -37.91 -61.83
CA VAL B 845 -1.16 -38.71 -62.54
C VAL B 845 -1.68 -37.95 -63.76
N PRO B 846 -1.93 -38.63 -64.89
CA PRO B 846 -2.64 -37.99 -66.01
C PRO B 846 -4.14 -37.85 -65.80
N LEU B 847 -4.84 -37.50 -66.88
CA LEU B 847 -6.30 -37.41 -67.02
C LEU B 847 -6.90 -36.22 -66.29
N ALA B 848 -6.08 -35.20 -65.98
CA ALA B 848 -6.59 -33.97 -65.39
C ALA B 848 -5.60 -32.85 -65.72
N ALA B 849 -6.02 -31.91 -66.56
CA ALA B 849 -5.19 -30.78 -66.96
C ALA B 849 -5.70 -29.52 -66.29
N LEU B 850 -4.83 -28.87 -65.53
CA LEU B 850 -5.22 -27.67 -64.80
C LEU B 850 -4.30 -26.48 -65.05
N GLU B 851 -3.00 -26.71 -65.23
CA GLU B 851 -2.07 -25.60 -65.46
C GLU B 851 -1.19 -25.88 -66.68
N GLY B 852 -0.91 -27.15 -66.94
CA GLY B 852 -0.13 -27.49 -68.12
C GLY B 852 -0.96 -27.44 -69.38
N LYS B 853 -0.65 -26.51 -70.28
CA LYS B 853 -1.27 -26.42 -71.58
C LYS B 853 -0.46 -27.14 -72.65
N ARG B 854 0.42 -28.05 -72.24
CA ARG B 854 1.17 -28.91 -73.14
C ARG B 854 0.94 -30.37 -72.71
N PRO B 855 -0.10 -31.01 -73.28
CA PRO B 855 -0.41 -32.39 -72.89
C PRO B 855 0.63 -33.40 -73.30
N GLN B 856 1.40 -33.86 -72.32
CA GLN B 856 2.51 -34.80 -72.49
C GLN B 856 2.76 -35.51 -71.16
N PRO B 857 2.82 -36.84 -71.15
CA PRO B 857 3.10 -37.56 -69.90
C PRO B 857 4.51 -37.38 -69.36
N ARG B 858 5.46 -36.94 -70.19
CA ARG B 858 6.84 -36.75 -69.76
C ARG B 858 7.17 -35.26 -69.76
N GLU B 859 6.86 -34.59 -68.64
CA GLU B 859 7.12 -33.17 -68.46
C GLU B 859 7.67 -32.96 -67.06
N ASN B 860 8.95 -32.60 -66.94
CA ASN B 860 9.59 -32.41 -65.65
C ASN B 860 10.19 -31.01 -65.61
N ILE B 861 9.60 -30.13 -64.80
CA ILE B 861 10.06 -28.76 -64.58
C ILE B 861 10.03 -28.51 -63.07
N LEU B 862 11.06 -27.81 -62.57
CA LEU B 862 11.12 -27.42 -61.17
C LEU B 862 9.94 -26.52 -60.79
N LEU B 863 9.43 -26.73 -59.57
CA LEU B 863 8.29 -25.97 -59.08
C LEU B 863 8.77 -24.68 -58.43
N GLU B 864 8.06 -23.58 -58.70
CA GLU B 864 8.47 -22.27 -58.21
C GLU B 864 7.24 -21.38 -58.04
N PRO B 865 7.08 -20.73 -56.88
CA PRO B 865 5.88 -19.91 -56.66
C PRO B 865 6.00 -18.53 -57.27
N TYR B 866 4.90 -18.04 -57.80
CA TYR B 866 4.84 -16.76 -58.51
C TYR B 866 4.04 -15.76 -57.67
N LEU B 867 4.47 -14.50 -57.70
CA LEU B 867 3.81 -13.45 -56.94
C LEU B 867 2.41 -13.18 -57.47
N PHE B 868 1.44 -13.11 -56.55
CA PHE B 868 0.04 -12.75 -56.79
C PHE B 868 -0.61 -13.70 -57.79
N TRP B 869 -0.76 -14.94 -57.34
CA TRP B 869 -1.52 -15.94 -58.10
C TRP B 869 -1.99 -17.03 -57.14
N GLN B 870 -3.15 -17.60 -57.46
CA GLN B 870 -3.65 -18.80 -56.81
C GLN B 870 -2.68 -19.96 -57.01
N ILE B 871 -2.46 -20.74 -55.96
CA ILE B 871 -1.52 -21.85 -56.01
C ILE B 871 -2.20 -23.06 -56.65
N LEU B 872 -1.66 -23.53 -57.76
CA LEU B 872 -2.24 -24.64 -58.51
C LEU B 872 -1.30 -25.84 -58.65
N ASN B 873 -0.08 -25.64 -59.14
CA ASN B 873 0.72 -26.73 -59.69
C ASN B 873 1.76 -27.28 -58.70
N GLY B 874 2.61 -26.41 -58.15
CA GLY B 874 3.75 -26.86 -57.37
C GLY B 874 3.41 -27.50 -56.05
N GLN B 875 2.25 -27.20 -55.49
CA GLN B 875 1.85 -27.80 -54.23
C GLN B 875 1.46 -29.26 -54.43
N LEU B 876 1.49 -30.01 -53.33
CA LEU B 876 0.85 -31.31 -53.26
C LEU B 876 -0.15 -31.42 -52.12
N SER B 877 -0.08 -30.52 -51.13
CA SER B 877 -1.03 -30.28 -50.04
C SER B 877 -1.12 -31.41 -49.02
N GLN B 878 -0.37 -32.50 -49.19
CA GLN B 878 -0.32 -33.59 -48.23
C GLN B 878 0.75 -33.38 -47.18
N TYR B 879 1.60 -32.37 -47.35
CA TYR B 879 2.77 -32.14 -46.53
C TYR B 879 2.71 -30.76 -45.90
N PRO B 880 3.25 -30.60 -44.68
CA PRO B 880 3.23 -29.28 -44.03
C PRO B 880 4.20 -28.29 -44.66
N GLY B 881 4.19 -27.05 -44.16
CA GLY B 881 5.06 -26.03 -44.70
C GLY B 881 4.62 -24.62 -44.31
N SER B 882 4.51 -23.73 -45.29
CA SER B 882 4.07 -22.37 -45.06
C SER B 882 3.56 -21.79 -46.37
N TYR B 883 2.50 -20.98 -46.28
CA TYR B 883 1.98 -20.29 -47.45
C TYR B 883 2.97 -19.22 -47.89
N SER B 884 2.90 -18.85 -49.17
CA SER B 884 3.87 -17.95 -49.77
C SER B 884 3.16 -16.75 -50.39
N ASP B 885 3.88 -15.61 -50.39
CA ASP B 885 3.62 -14.34 -51.07
C ASP B 885 2.49 -13.52 -50.40
N PHE B 886 1.75 -14.07 -49.44
CA PHE B 886 0.75 -13.37 -48.61
C PHE B 886 -0.34 -12.70 -49.44
N SER B 887 -0.79 -13.39 -50.49
CA SER B 887 -1.83 -12.86 -51.38
C SER B 887 -3.23 -13.25 -50.93
N THR B 888 -3.50 -13.03 -49.65
CA THR B 888 -4.84 -13.18 -49.10
C THR B 888 -5.86 -12.06 -49.39
N PRO B 889 -5.51 -10.71 -49.48
CA PRO B 889 -6.67 -9.77 -49.56
C PRO B 889 -7.39 -9.69 -50.90
N LEU B 890 -8.33 -10.61 -51.10
CA LEU B 890 -9.14 -10.65 -52.31
C LEU B 890 -10.62 -10.52 -51.94
N ALA B 891 -11.46 -10.41 -52.97
CA ALA B 891 -12.89 -10.31 -52.78
C ALA B 891 -13.49 -11.68 -52.42
N HIS B 892 -14.79 -11.70 -52.17
CA HIS B 892 -15.45 -12.90 -51.68
C HIS B 892 -16.83 -13.04 -52.30
N PHE B 893 -17.51 -14.12 -51.89
CA PHE B 893 -18.88 -14.43 -52.28
C PHE B 893 -19.84 -13.70 -51.33
N ASP B 894 -21.11 -14.11 -51.36
CA ASP B 894 -22.11 -13.58 -50.45
C ASP B 894 -22.55 -14.55 -49.37
N LEU B 895 -22.67 -15.84 -49.70
CA LEU B 895 -23.31 -16.83 -48.84
C LEU B 895 -22.35 -17.29 -47.74
N ARG B 896 -22.05 -16.36 -46.83
CA ARG B 896 -21.20 -16.63 -45.67
C ARG B 896 -21.78 -15.94 -44.44
N ASN B 897 -21.38 -16.43 -43.28
CA ASN B 897 -21.72 -15.81 -42.00
C ASN B 897 -20.70 -14.71 -41.72
N CYS B 898 -21.11 -13.45 -41.84
CA CYS B 898 -20.22 -12.32 -41.69
C CYS B 898 -20.60 -11.51 -40.46
N TRP B 899 -19.60 -10.92 -39.81
CA TRP B 899 -19.80 -10.19 -38.57
C TRP B 899 -18.78 -9.05 -38.48
N CYS B 900 -18.93 -8.26 -37.42
CA CYS B 900 -18.04 -7.14 -37.14
C CYS B 900 -16.91 -7.56 -36.19
N VAL B 901 -15.79 -6.86 -36.30
CA VAL B 901 -14.58 -7.23 -35.58
C VAL B 901 -13.96 -5.96 -34.99
N ASP B 902 -13.20 -6.13 -33.91
CA ASP B 902 -12.38 -5.05 -33.35
C ASP B 902 -11.13 -4.89 -34.22
N GLU B 903 -10.33 -3.86 -33.92
CA GLU B 903 -9.06 -3.66 -34.63
C GLU B 903 -8.10 -4.82 -34.39
N ALA B 904 -8.02 -5.31 -33.16
CA ALA B 904 -7.09 -6.39 -32.83
C ALA B 904 -7.73 -7.77 -32.96
N GLY B 905 -8.39 -8.01 -34.10
CA GLY B 905 -8.93 -9.31 -34.47
C GLY B 905 -9.92 -9.95 -33.52
N GLN B 906 -10.70 -9.14 -32.81
CA GLN B 906 -11.62 -9.63 -31.80
C GLN B 906 -13.05 -9.38 -32.28
N GLU B 907 -13.86 -10.44 -32.32
CA GLU B 907 -15.26 -10.31 -32.70
C GLU B 907 -16.02 -9.51 -31.65
N LEU B 908 -16.74 -8.48 -32.11
CA LEU B 908 -17.53 -7.65 -31.20
C LEU B 908 -18.75 -8.41 -30.70
N GLU B 909 -19.35 -7.87 -29.64
CA GLU B 909 -20.55 -8.46 -29.07
C GLU B 909 -21.73 -8.27 -30.04
N GLY B 910 -22.48 -9.35 -30.25
CA GLY B 910 -23.55 -9.36 -31.22
C GLY B 910 -23.58 -10.67 -31.98
N MET B 911 -24.79 -11.17 -32.25
CA MET B 911 -24.94 -12.43 -32.97
C MET B 911 -24.48 -12.28 -34.42
N ARG B 912 -23.92 -13.36 -34.95
CA ARG B 912 -23.45 -13.38 -36.33
C ARG B 912 -24.61 -13.20 -37.29
N SER B 913 -24.40 -12.38 -38.31
CA SER B 913 -25.43 -12.11 -39.30
C SER B 913 -25.72 -13.35 -40.14
N GLU B 914 -26.93 -13.37 -40.70
CA GLU B 914 -27.42 -14.50 -41.48
C GLU B 914 -26.59 -14.64 -42.77
N PRO B 915 -26.44 -15.90 -43.30
CA PRO B 915 -25.70 -16.15 -44.55
C PRO B 915 -25.88 -15.21 -45.73
N SER B 916 -27.09 -14.66 -45.93
CA SER B 916 -27.27 -13.57 -46.88
C SER B 916 -27.97 -12.43 -46.16
N LYS B 917 -27.20 -11.68 -45.36
CA LYS B 917 -27.70 -10.54 -44.61
C LYS B 917 -26.52 -9.63 -44.29
N LEU B 918 -26.67 -8.36 -44.57
CA LEU B 918 -25.61 -7.37 -44.42
C LEU B 918 -25.44 -6.97 -42.96
N PRO B 919 -24.25 -7.10 -42.38
CA PRO B 919 -24.02 -6.62 -41.02
C PRO B 919 -23.83 -5.10 -40.99
N THR B 920 -23.86 -4.55 -39.79
CA THR B 920 -23.54 -3.15 -39.57
C THR B 920 -22.56 -3.01 -38.41
N CYS B 921 -21.48 -2.26 -38.63
CA CYS B 921 -20.46 -2.04 -37.63
C CYS B 921 -20.53 -0.61 -37.13
N PRO B 922 -20.48 -0.39 -35.81
CA PRO B 922 -20.58 0.97 -35.28
C PRO B 922 -19.34 1.80 -35.58
N GLY B 923 -19.54 3.11 -35.59
CA GLY B 923 -18.45 4.05 -35.78
C GLY B 923 -17.59 4.16 -34.52
N SER B 924 -16.59 5.05 -34.62
CA SER B 924 -15.70 5.30 -33.49
C SER B 924 -16.45 5.95 -32.33
N CYS B 925 -17.33 6.91 -32.62
CA CYS B 925 -18.14 7.53 -31.58
C CYS B 925 -19.25 6.60 -31.11
N GLU B 926 -19.83 5.83 -32.04
CA GLU B 926 -20.99 5.01 -31.72
C GLU B 926 -20.63 3.86 -30.79
N GLU B 927 -19.43 3.31 -30.94
CA GLU B 927 -18.95 2.28 -30.03
C GLU B 927 -18.81 2.82 -28.61
N ALA B 928 -18.26 4.03 -28.45
CA ALA B 928 -18.13 4.63 -27.14
C ALA B 928 -19.50 4.95 -26.53
N LYS B 929 -20.45 5.37 -27.36
CA LYS B 929 -21.82 5.57 -26.89
C LYS B 929 -22.45 4.26 -26.42
N LEU B 930 -22.15 3.16 -27.12
CA LEU B 930 -22.61 1.85 -26.68
C LEU B 930 -21.98 1.45 -25.34
N ARG B 931 -20.70 1.79 -25.14
CA ARG B 931 -20.07 1.54 -23.83
C ARG B 931 -20.73 2.33 -22.71
N VAL B 932 -21.07 3.60 -22.97
CA VAL B 932 -21.73 4.43 -21.96
C VAL B 932 -23.14 3.89 -21.67
N LEU B 933 -23.86 3.45 -22.71
CA LEU B 933 -25.16 2.84 -22.49
C LEU B 933 -25.06 1.51 -21.73
N GLN B 934 -23.98 0.76 -21.97
CA GLN B 934 -23.70 -0.45 -21.18
C GLN B 934 -23.51 -0.12 -19.71
N PHE B 935 -22.76 0.96 -19.43
CA PHE B 935 -22.57 1.40 -18.05
C PHE B 935 -23.89 1.81 -17.41
N ILE B 936 -24.74 2.51 -18.16
CA ILE B 936 -26.04 2.94 -17.65
C ILE B 936 -26.94 1.74 -17.37
N ARG B 937 -26.91 0.73 -18.26
CA ARG B 937 -27.70 -0.48 -18.05
C ARG B 937 -27.23 -1.27 -16.83
N GLU B 938 -25.93 -1.35 -16.61
CA GLU B 938 -25.41 -2.05 -15.43
C GLU B 938 -25.75 -1.30 -14.14
N THR B 939 -25.58 0.02 -14.14
CA THR B 939 -25.93 0.77 -12.93
C THR B 939 -27.44 0.90 -12.72
N GLU B 940 -28.25 0.57 -13.72
CA GLU B 940 -29.69 0.42 -13.49
C GLU B 940 -30.04 -0.97 -12.96
N GLU B 941 -29.35 -2.01 -13.46
CA GLU B 941 -29.66 -3.36 -13.01
C GLU B 941 -29.19 -3.60 -11.58
N ILE B 942 -28.15 -2.88 -11.13
CA ILE B 942 -27.75 -2.96 -9.72
C ILE B 942 -28.85 -2.38 -8.83
N VAL B 943 -29.46 -1.27 -9.26
CA VAL B 943 -30.58 -0.67 -8.54
C VAL B 943 -31.78 -1.60 -8.53
N SER B 944 -32.07 -2.25 -9.66
CA SER B 944 -33.20 -3.18 -9.72
C SER B 944 -32.98 -4.41 -8.84
N ALA B 945 -31.72 -4.84 -8.72
CA ALA B 945 -31.38 -5.89 -7.76
C ALA B 945 -31.54 -5.40 -6.33
N SER B 946 -31.26 -4.11 -6.09
CA SER B 946 -31.36 -3.56 -4.74
C SER B 946 -32.80 -3.46 -4.26
N ASN B 947 -33.76 -3.29 -5.18
CA ASN B 947 -35.18 -3.28 -4.80
C ASN B 947 -35.62 -4.67 -4.34
N SER B 948 -35.21 -5.71 -5.07
CA SER B 948 -35.74 -7.06 -4.84
C SER B 948 -35.18 -7.72 -3.59
N SER B 949 -34.18 -7.11 -2.95
CA SER B 949 -33.54 -7.62 -1.72
C SER B 949 -32.98 -9.02 -1.91
N ARG B 950 -32.36 -9.24 -3.06
CA ARG B 950 -31.88 -10.55 -3.46
C ARG B 950 -30.45 -10.83 -3.02
N PHE B 951 -29.76 -9.84 -2.47
CA PHE B 951 -28.35 -9.95 -2.15
C PHE B 951 -28.09 -9.29 -0.81
N PRO B 952 -27.12 -9.81 -0.04
CA PRO B 952 -26.82 -9.19 1.26
C PRO B 952 -26.10 -7.87 1.09
N LEU B 953 -26.18 -7.05 2.15
CA LEU B 953 -25.63 -5.70 2.09
C LEU B 953 -24.11 -5.71 2.16
N GLY B 954 -23.53 -6.64 2.92
CA GLY B 954 -22.09 -6.71 3.10
C GLY B 954 -21.33 -7.46 2.04
N GLU B 955 -22.02 -7.94 0.99
CA GLU B 955 -21.36 -8.72 -0.06
C GLU B 955 -20.35 -7.89 -0.84
N SER B 956 -20.73 -6.67 -1.21
CA SER B 956 -19.84 -5.79 -1.95
C SER B 956 -18.63 -5.35 -1.12
N PHE B 957 -18.80 -5.27 0.20
CA PHE B 957 -17.67 -5.00 1.09
C PHE B 957 -16.66 -6.14 1.04
N LEU B 958 -17.14 -7.38 1.02
CA LEU B 958 -16.26 -8.54 0.89
C LEU B 958 -15.57 -8.56 -0.47
N VAL B 959 -16.31 -8.17 -1.52
CA VAL B 959 -15.73 -8.09 -2.86
C VAL B 959 -14.64 -7.03 -2.93
N ALA B 960 -14.88 -5.87 -2.31
CA ALA B 960 -13.89 -4.80 -2.28
C ALA B 960 -12.64 -5.21 -1.48
N LYS B 961 -12.85 -5.90 -0.35
CA LYS B 961 -11.71 -6.34 0.45
C LYS B 961 -10.92 -7.48 -0.18
N GLY B 962 -11.45 -8.14 -1.21
CA GLY B 962 -10.78 -9.24 -1.87
C GLY B 962 -11.26 -10.60 -1.46
N ILE B 963 -12.17 -10.69 -0.50
CA ILE B 963 -12.72 -11.97 -0.06
C ILE B 963 -13.81 -12.39 -1.02
N ARG B 964 -13.65 -13.55 -1.66
CA ARG B 964 -14.63 -14.05 -2.60
C ARG B 964 -15.08 -15.43 -2.15
N LEU B 965 -16.37 -15.55 -1.81
CA LEU B 965 -16.97 -16.81 -1.39
C LEU B 965 -17.83 -17.35 -2.52
N ARG B 966 -17.59 -18.59 -2.92
CA ARG B 966 -18.38 -19.20 -3.97
C ARG B 966 -19.71 -19.69 -3.41
N ASN B 967 -20.56 -20.21 -4.31
CA ASN B 967 -21.89 -20.68 -3.92
C ASN B 967 -21.82 -21.93 -3.03
N GLU B 968 -20.75 -22.71 -3.16
CA GLU B 968 -20.59 -23.91 -2.32
C GLU B 968 -20.37 -23.55 -0.86
N ASP B 969 -19.62 -22.48 -0.59
CA ASP B 969 -19.32 -22.07 0.77
C ASP B 969 -20.54 -21.50 1.51
N LEU B 970 -21.60 -21.13 0.80
CA LEU B 970 -22.78 -20.54 1.42
C LEU B 970 -23.97 -21.49 1.43
N GLY B 971 -23.78 -22.76 1.11
CA GLY B 971 -24.86 -23.73 1.10
C GLY B 971 -25.89 -23.46 0.03
N LEU B 972 -25.44 -23.29 -1.21
CA LEU B 972 -26.27 -22.88 -2.31
C LEU B 972 -26.05 -23.80 -3.50
N PRO B 973 -27.01 -23.88 -4.42
CA PRO B 973 -26.77 -24.54 -5.71
C PRO B 973 -25.75 -23.74 -6.52
N PRO B 974 -25.01 -24.40 -7.45
CA PRO B 974 -23.85 -23.75 -8.08
C PRO B 974 -24.13 -22.48 -8.87
N LEU B 975 -25.28 -22.37 -9.54
CA LEU B 975 -25.58 -21.14 -10.24
C LEU B 975 -27.05 -20.76 -10.12
N PHE B 976 -27.69 -21.09 -8.98
CA PHE B 976 -29.08 -20.64 -8.79
C PHE B 976 -29.15 -19.13 -8.50
N PRO B 977 -28.41 -18.55 -7.55
CA PRO B 977 -28.32 -17.09 -7.53
C PRO B 977 -27.15 -16.59 -8.36
N PRO B 978 -27.39 -15.74 -9.36
CA PRO B 978 -26.29 -15.19 -10.15
C PRO B 978 -25.49 -14.10 -9.43
N ARG B 979 -24.91 -14.44 -8.27
CA ARG B 979 -24.09 -13.51 -7.51
C ARG B 979 -22.67 -13.41 -8.03
N GLU B 980 -22.24 -14.37 -8.85
CA GLU B 980 -20.88 -14.36 -9.37
C GLU B 980 -20.68 -13.23 -10.38
N ALA B 981 -21.63 -13.05 -11.29
CA ALA B 981 -21.55 -11.95 -12.25
C ALA B 981 -21.69 -10.60 -11.55
N PHE B 982 -22.54 -10.53 -10.53
CA PHE B 982 -22.72 -9.29 -9.76
C PHE B 982 -21.44 -8.94 -9.01
N ALA B 983 -20.75 -9.94 -8.47
CA ALA B 983 -19.47 -9.70 -7.81
C ALA B 983 -18.39 -9.32 -8.81
N GLU B 984 -18.41 -9.93 -10.00
CA GLU B 984 -17.41 -9.64 -11.02
C GLU B 984 -17.62 -8.25 -11.64
N GLN B 985 -18.85 -7.73 -11.56
CA GLN B 985 -19.14 -6.36 -11.99
C GLN B 985 -18.27 -5.33 -11.27
N PHE B 986 -18.03 -5.54 -9.98
CA PHE B 986 -17.14 -4.69 -9.21
C PHE B 986 -15.67 -5.06 -9.37
N LEU B 987 -15.33 -5.98 -10.28
CA LEU B 987 -13.96 -6.43 -10.46
C LEU B 987 -13.48 -6.34 -11.90
N ARG B 988 -14.16 -5.59 -12.77
CA ARG B 988 -13.62 -5.28 -14.09
C ARG B 988 -12.73 -4.03 -14.07
N GLY B 989 -12.36 -3.58 -12.88
CA GLY B 989 -11.49 -2.44 -12.71
C GLY B 989 -11.76 -1.79 -11.38
N SER B 990 -10.84 -0.90 -10.99
CA SER B 990 -11.07 -0.13 -9.77
C SER B 990 -12.04 1.02 -10.04
N ASP B 991 -11.68 1.88 -10.99
CA ASP B 991 -12.36 3.16 -11.16
C ASP B 991 -13.76 2.97 -11.71
N TYR B 992 -13.91 2.00 -12.62
CA TYR B 992 -15.21 1.60 -13.14
C TYR B 992 -16.12 1.09 -12.03
N ALA B 993 -15.56 0.36 -11.06
CA ALA B 993 -16.33 -0.12 -9.93
C ALA B 993 -16.78 1.01 -9.01
N ILE B 994 -15.89 1.98 -8.72
CA ILE B 994 -16.29 3.12 -7.87
C ILE B 994 -17.37 3.96 -8.53
N ARG B 995 -17.24 4.20 -9.85
CA ARG B 995 -18.26 4.96 -10.55
C ARG B 995 -19.58 4.20 -10.63
N LEU B 996 -19.52 2.87 -10.80
CA LEU B 996 -20.73 2.04 -10.76
C LEU B 996 -21.42 2.14 -9.40
N ALA B 997 -20.64 2.07 -8.31
CA ALA B 997 -21.21 2.16 -6.97
C ALA B 997 -21.84 3.52 -6.71
N ALA B 998 -21.17 4.60 -7.16
CA ALA B 998 -21.69 5.95 -6.94
C ALA B 998 -22.97 6.19 -7.71
N GLN B 999 -22.98 5.80 -9.00
CA GLN B 999 -24.18 5.96 -9.82
C GLN B 999 -25.32 5.07 -9.32
N SER B 1000 -25.00 3.87 -8.82
CA SER B 1000 -26.03 2.98 -8.29
C SER B 1000 -26.65 3.54 -7.02
N THR B 1001 -25.83 4.08 -6.11
CA THR B 1001 -26.34 4.68 -4.88
C THR B 1001 -27.23 5.88 -5.19
N LEU B 1002 -26.77 6.74 -6.11
CA LEU B 1002 -27.59 7.89 -6.53
C LEU B 1002 -28.90 7.45 -7.14
N SER B 1003 -28.86 6.51 -8.09
CA SER B 1003 -30.05 6.09 -8.81
C SER B 1003 -31.05 5.42 -7.89
N PHE B 1004 -30.58 4.59 -6.95
CA PHE B 1004 -31.48 3.94 -6.01
C PHE B 1004 -32.14 4.95 -5.08
N TYR B 1005 -31.34 5.84 -4.47
CA TYR B 1005 -31.89 6.77 -3.49
C TYR B 1005 -32.83 7.78 -4.13
N GLN B 1006 -32.49 8.26 -5.33
CA GLN B 1006 -33.37 9.22 -6.01
C GLN B 1006 -34.62 8.53 -6.56
N ARG B 1007 -34.48 7.34 -7.15
CA ARG B 1007 -35.66 6.64 -7.68
C ARG B 1007 -36.62 6.22 -6.57
N ARG B 1008 -36.12 5.96 -5.37
CA ARG B 1008 -37.03 5.61 -4.28
C ARG B 1008 -37.39 6.80 -3.41
N ARG B 1009 -36.80 7.96 -3.65
CA ARG B 1009 -37.14 9.17 -2.91
C ARG B 1009 -37.16 10.40 -3.83
N PHE B 1010 -37.87 10.28 -4.97
CA PHE B 1010 -38.01 11.41 -5.90
C PHE B 1010 -39.15 12.35 -5.51
N SER B 1011 -39.23 12.69 -4.22
CA SER B 1011 -40.41 13.23 -3.55
C SER B 1011 -41.62 12.39 -3.97
N PRO B 1012 -41.78 11.17 -3.41
CA PRO B 1012 -42.81 10.23 -3.90
C PRO B 1012 -44.23 10.61 -3.50
N ASP B 1013 -45.14 9.63 -3.63
CA ASP B 1013 -46.56 9.74 -3.25
C ASP B 1013 -46.81 10.33 -1.87
N ASP B 1014 -45.91 10.08 -0.92
CA ASP B 1014 -45.98 10.73 0.39
C ASP B 1014 -45.55 12.19 0.38
N SER B 1015 -45.13 12.74 -0.76
CA SER B 1015 -44.70 14.14 -0.86
C SER B 1015 -45.20 14.69 -2.20
N ALA B 1016 -44.58 15.78 -2.66
CA ALA B 1016 -45.11 16.52 -3.81
C ALA B 1016 -44.68 15.90 -5.14
N GLY B 1017 -43.39 15.94 -5.44
CA GLY B 1017 -42.89 15.45 -6.72
C GLY B 1017 -42.08 16.47 -7.49
N ALA B 1018 -42.36 16.58 -8.80
CA ALA B 1018 -41.85 17.54 -9.78
C ALA B 1018 -40.36 17.41 -10.10
N SER B 1019 -39.63 16.48 -9.46
CA SER B 1019 -38.21 16.21 -9.68
C SER B 1019 -37.35 17.47 -9.52
N ALA B 1020 -37.28 17.96 -8.28
CA ALA B 1020 -36.57 19.19 -7.98
C ALA B 1020 -35.06 19.02 -8.17
N LEU B 1021 -34.52 17.84 -7.84
CA LEU B 1021 -33.09 17.59 -8.06
C LEU B 1021 -32.75 17.54 -9.54
N LEU B 1022 -33.55 16.82 -10.33
CA LEU B 1022 -33.44 16.69 -11.80
C LEU B 1022 -32.02 16.37 -12.27
N ARG B 1023 -31.43 15.35 -11.65
CA ARG B 1023 -30.01 15.04 -11.83
C ARG B 1023 -29.71 14.58 -13.25
N SER B 1024 -28.65 15.15 -13.82
CA SER B 1024 -28.19 14.79 -15.15
C SER B 1024 -27.28 13.57 -15.09
N GLY B 1025 -27.35 12.73 -16.12
CA GLY B 1025 -26.56 11.54 -16.17
C GLY B 1025 -25.11 11.82 -16.50
N PRO B 1026 -24.35 10.74 -16.73
CA PRO B 1026 -22.94 10.90 -17.08
C PRO B 1026 -22.75 11.42 -18.51
N TYR B 1027 -21.50 11.62 -18.91
CA TYR B 1027 -21.21 12.12 -20.24
C TYR B 1027 -21.44 10.99 -21.24
N MET B 1028 -22.45 11.15 -22.09
CA MET B 1028 -22.60 10.29 -23.26
C MET B 1028 -22.18 11.08 -24.50
N PRO B 1029 -21.29 10.55 -25.32
CA PRO B 1029 -20.77 11.33 -26.46
C PRO B 1029 -21.83 11.54 -27.53
N GLN B 1030 -21.74 12.68 -28.21
CA GLN B 1030 -22.64 13.03 -29.29
C GLN B 1030 -21.95 12.75 -30.61
N CYS B 1031 -22.58 11.92 -31.45
CA CYS B 1031 -22.00 11.49 -32.71
C CYS B 1031 -22.57 12.33 -33.86
N ASP B 1032 -22.00 12.11 -35.04
CA ASP B 1032 -22.48 12.74 -36.26
C ASP B 1032 -23.66 11.91 -36.80
N ALA B 1033 -24.11 12.22 -38.03
CA ALA B 1033 -25.19 11.45 -38.63
C ALA B 1033 -24.77 10.03 -38.96
N PHE B 1034 -23.54 9.86 -39.44
CA PHE B 1034 -23.07 8.53 -39.83
C PHE B 1034 -22.49 7.74 -38.66
N GLY B 1035 -21.78 8.41 -37.76
CA GLY B 1035 -21.16 7.73 -36.65
C GLY B 1035 -19.79 8.30 -36.29
N SER B 1036 -19.31 9.25 -37.07
CA SER B 1036 -18.06 9.91 -36.76
C SER B 1036 -18.23 10.85 -35.57
N TRP B 1037 -17.11 11.23 -34.97
CA TRP B 1037 -17.12 12.15 -33.83
C TRP B 1037 -17.54 13.54 -34.26
N GLU B 1038 -18.41 14.15 -33.48
CA GLU B 1038 -18.71 15.57 -33.67
C GLU B 1038 -17.51 16.39 -33.22
N PRO B 1039 -17.13 17.44 -33.94
CA PRO B 1039 -15.90 18.18 -33.59
C PRO B 1039 -15.95 18.91 -32.26
N VAL B 1040 -17.14 19.17 -31.71
CA VAL B 1040 -17.28 19.77 -30.39
C VAL B 1040 -18.20 18.89 -29.55
N GLN B 1041 -17.73 18.51 -28.37
CA GLN B 1041 -18.51 17.76 -27.40
C GLN B 1041 -18.85 18.67 -26.23
N CYS B 1042 -20.09 18.58 -25.74
CA CYS B 1042 -20.53 19.44 -24.65
C CYS B 1042 -21.15 18.59 -23.56
N HIS B 1043 -20.75 18.85 -22.31
CA HIS B 1043 -21.21 18.10 -21.15
C HIS B 1043 -22.14 19.04 -20.41
N ALA B 1044 -23.41 18.64 -20.27
CA ALA B 1044 -24.43 19.53 -19.73
C ALA B 1044 -24.35 19.70 -18.22
N GLY B 1045 -23.78 18.73 -17.51
CA GLY B 1045 -23.72 18.75 -16.06
C GLY B 1045 -22.86 19.87 -15.51
N THR B 1046 -21.59 19.87 -15.89
CA THR B 1046 -20.70 20.94 -15.45
C THR B 1046 -20.84 22.18 -16.32
N GLY B 1047 -20.68 22.02 -17.64
CA GLY B 1047 -20.77 23.14 -18.55
C GLY B 1047 -19.60 23.21 -19.52
N HIS B 1048 -18.76 22.19 -19.49
CA HIS B 1048 -17.60 22.14 -20.38
C HIS B 1048 -18.05 21.92 -21.82
N CYS B 1049 -17.26 22.49 -22.74
CA CYS B 1049 -17.42 22.23 -24.18
C CYS B 1049 -16.02 22.20 -24.79
N TRP B 1050 -15.43 21.01 -24.85
CA TRP B 1050 -14.11 20.84 -25.42
C TRP B 1050 -14.23 20.40 -26.87
N CYS B 1051 -13.08 20.20 -27.51
CA CYS B 1051 -13.04 19.84 -28.92
C CYS B 1051 -12.12 18.64 -29.10
N VAL B 1052 -12.60 17.65 -29.85
CA VAL B 1052 -11.95 16.36 -29.94
C VAL B 1052 -11.22 16.22 -31.28
N ASP B 1053 -10.40 15.18 -31.39
CA ASP B 1053 -9.71 14.87 -32.63
C ASP B 1053 -10.62 14.05 -33.53
N GLU B 1054 -10.02 13.36 -34.51
CA GLU B 1054 -10.78 12.54 -35.44
C GLU B 1054 -11.46 11.37 -34.72
N LYS B 1055 -10.69 10.59 -33.96
CA LYS B 1055 -11.23 9.39 -33.34
C LYS B 1055 -11.22 9.40 -31.82
N GLY B 1056 -10.26 10.09 -31.18
CA GLY B 1056 -10.14 10.02 -29.74
C GLY B 1056 -10.85 11.16 -29.03
N GLY B 1057 -10.10 12.03 -28.37
CA GLY B 1057 -10.72 13.13 -27.65
C GLY B 1057 -9.72 14.12 -27.13
N PHE B 1058 -10.23 15.33 -26.85
CA PHE B 1058 -9.56 16.40 -26.10
C PHE B 1058 -8.26 16.86 -26.76
N ILE B 1059 -8.42 17.58 -27.86
CA ILE B 1059 -7.39 18.50 -28.34
C ILE B 1059 -7.03 19.43 -27.18
N PRO B 1060 -5.78 19.41 -26.71
CA PRO B 1060 -5.42 20.18 -25.51
C PRO B 1060 -5.50 21.68 -25.73
N GLY B 1061 -6.00 22.38 -24.71
CA GLY B 1061 -6.18 23.82 -24.78
C GLY B 1061 -7.51 24.27 -25.32
N SER B 1062 -8.29 23.37 -25.93
CA SER B 1062 -9.57 23.74 -26.53
C SER B 1062 -10.71 23.78 -25.53
N LEU B 1063 -10.47 23.43 -24.27
CA LEU B 1063 -11.53 23.37 -23.27
C LEU B 1063 -12.03 24.77 -22.93
N THR B 1064 -13.36 24.93 -22.88
CA THR B 1064 -13.99 26.14 -22.39
C THR B 1064 -15.13 25.75 -21.46
N ALA B 1065 -15.56 26.72 -20.63
CA ALA B 1065 -16.60 26.46 -19.65
C ALA B 1065 -17.50 27.67 -19.54
N ARG B 1066 -18.80 27.46 -19.81
CA ARG B 1066 -19.88 28.43 -19.61
C ARG B 1066 -19.67 29.71 -20.42
N SER B 1067 -19.68 29.55 -21.74
CA SER B 1067 -19.50 30.67 -22.65
C SER B 1067 -20.72 30.82 -23.53
N LEU B 1068 -20.99 32.07 -23.94
CA LEU B 1068 -22.13 32.34 -24.82
C LEU B 1068 -21.87 31.87 -26.24
N GLN B 1069 -20.62 31.93 -26.69
CA GLN B 1069 -20.27 31.54 -28.05
C GLN B 1069 -19.89 30.07 -28.08
N ILE B 1070 -20.43 29.36 -29.07
CA ILE B 1070 -20.07 27.96 -29.31
C ILE B 1070 -18.59 27.89 -29.70
N PRO B 1071 -17.83 26.89 -29.24
CA PRO B 1071 -16.43 26.80 -29.66
C PRO B 1071 -16.28 26.56 -31.15
N GLN B 1072 -15.30 27.24 -31.73
CA GLN B 1072 -15.02 27.16 -33.17
C GLN B 1072 -13.71 26.41 -33.32
N CYS B 1073 -13.80 25.09 -33.41
CA CYS B 1073 -12.64 24.25 -33.60
C CYS B 1073 -12.76 23.52 -34.93
N PRO B 1074 -11.66 23.34 -35.66
CA PRO B 1074 -11.77 22.81 -37.02
C PRO B 1074 -11.90 21.31 -37.06
N THR B 1075 -12.52 20.83 -38.13
CA THR B 1075 -12.64 19.41 -38.40
C THR B 1075 -11.31 18.85 -38.89
N THR B 1076 -11.31 17.56 -39.24
CA THR B 1076 -10.08 16.85 -39.57
C THR B 1076 -9.45 17.34 -40.87
N CYS B 1077 -10.24 17.93 -41.78
CA CYS B 1077 -9.66 18.44 -43.02
C CYS B 1077 -8.90 19.74 -42.78
N GLU B 1078 -9.52 20.67 -42.04
CA GLU B 1078 -8.95 22.01 -41.90
C GLU B 1078 -7.70 22.00 -41.02
N LYS B 1079 -7.63 21.09 -40.04
CA LYS B 1079 -6.43 20.93 -39.23
C LYS B 1079 -5.24 20.56 -40.09
N SER B 1080 -5.40 19.56 -40.96
CA SER B 1080 -4.33 19.16 -41.86
C SER B 1080 -4.08 20.22 -42.94
N ARG B 1081 -5.11 21.00 -43.29
CA ARG B 1081 -4.93 22.10 -44.25
C ARG B 1081 -4.00 23.18 -43.69
N THR B 1082 -4.26 23.65 -42.47
CA THR B 1082 -3.38 24.65 -41.87
C THR B 1082 -2.02 24.04 -41.51
N SER B 1083 -1.97 22.75 -41.18
CA SER B 1083 -0.69 22.09 -40.95
C SER B 1083 0.16 22.04 -42.22
N GLY B 1084 -0.46 21.73 -43.36
CA GLY B 1084 0.26 21.73 -44.62
C GLY B 1084 0.66 23.12 -45.08
N LEU B 1085 -0.19 24.12 -44.84
CA LEU B 1085 0.13 25.47 -45.24
C LEU B 1085 1.24 26.08 -44.38
N LEU B 1086 1.22 25.79 -43.08
CA LEU B 1086 2.16 26.47 -42.19
C LEU B 1086 3.53 25.80 -42.19
N SER B 1087 3.61 24.56 -41.76
CA SER B 1087 4.88 23.87 -41.56
C SER B 1087 5.16 22.77 -42.58
N SER B 1088 4.30 22.63 -43.60
CA SER B 1088 4.46 21.68 -44.72
C SER B 1088 4.49 20.23 -44.22
N TRP B 1089 3.55 19.89 -43.34
CA TRP B 1089 3.33 18.51 -42.92
C TRP B 1089 2.17 17.94 -43.74
N LYS B 1090 2.48 17.58 -44.97
CA LYS B 1090 1.45 17.17 -45.92
C LYS B 1090 1.01 15.73 -45.67
N GLN B 1091 -0.08 15.35 -46.33
CA GLN B 1091 -0.56 13.98 -46.33
C GLN B 1091 0.01 13.22 -47.53
N ALA B 1092 -0.23 11.91 -47.54
CA ALA B 1092 0.26 11.04 -48.60
C ALA B 1092 -0.91 10.49 -49.41
N ARG B 1093 -0.72 10.43 -50.73
CA ARG B 1093 -1.73 9.84 -51.60
C ARG B 1093 -1.88 8.35 -51.35
N SER B 1094 -0.76 7.63 -51.24
CA SER B 1094 -0.74 6.20 -50.96
C SER B 1094 0.40 5.91 -50.01
N GLN B 1095 0.11 5.17 -48.94
CA GLN B 1095 1.02 5.08 -47.81
C GLN B 1095 2.12 4.03 -47.96
N GLU B 1096 2.14 3.26 -49.04
CA GLU B 1096 3.07 2.14 -49.12
C GLU B 1096 4.51 2.60 -49.32
N ASN B 1097 4.76 3.52 -50.26
CA ASN B 1097 6.08 4.08 -50.52
C ASN B 1097 5.98 5.36 -51.33
N PRO B 1098 5.60 6.48 -50.72
CA PRO B 1098 5.36 7.70 -51.48
C PRO B 1098 6.66 8.33 -51.99
N SER B 1099 6.48 9.21 -52.96
CA SER B 1099 7.47 10.09 -53.57
C SER B 1099 7.04 11.52 -53.30
N PRO B 1100 7.96 12.50 -53.41
CA PRO B 1100 7.57 13.91 -53.20
C PRO B 1100 6.52 14.45 -54.19
N LYS B 1101 6.27 13.75 -55.29
CA LYS B 1101 5.14 14.09 -56.15
C LYS B 1101 3.82 13.57 -55.60
N ASP B 1102 3.84 12.65 -54.64
CA ASP B 1102 2.63 12.06 -54.10
C ASP B 1102 2.10 12.80 -52.87
N LEU B 1103 2.84 13.78 -52.37
CA LEU B 1103 2.43 14.50 -51.16
C LEU B 1103 1.64 15.73 -51.54
N PHE B 1104 0.49 15.92 -50.87
CA PHE B 1104 -0.41 17.01 -51.20
C PHE B 1104 -0.88 17.70 -49.92
N VAL B 1105 -1.13 19.00 -50.04
CA VAL B 1105 -1.87 19.75 -49.02
C VAL B 1105 -3.36 19.64 -49.38
N PRO B 1106 -4.20 19.13 -48.49
CA PRO B 1106 -5.60 18.88 -48.85
C PRO B 1106 -6.38 20.16 -49.04
N ALA B 1107 -7.51 20.03 -49.75
CA ALA B 1107 -8.42 21.14 -50.00
C ALA B 1107 -9.79 20.80 -49.42
N CYS B 1108 -10.32 21.70 -48.61
CA CYS B 1108 -11.60 21.49 -47.94
C CYS B 1108 -12.68 22.38 -48.56
N LEU B 1109 -13.93 21.99 -48.33
CA LEU B 1109 -15.07 22.81 -48.72
C LEU B 1109 -15.33 23.86 -47.65
N GLU B 1110 -16.39 24.65 -47.84
CA GLU B 1110 -16.75 25.69 -46.88
C GLU B 1110 -17.38 25.09 -45.63
N THR B 1111 -18.11 23.98 -45.79
CA THR B 1111 -18.68 23.27 -44.64
C THR B 1111 -17.58 22.72 -43.74
N GLY B 1112 -16.55 22.13 -44.34
CA GLY B 1112 -15.44 21.58 -43.58
C GLY B 1112 -14.93 20.28 -44.14
N GLU B 1113 -15.79 19.55 -44.85
CA GLU B 1113 -15.41 18.27 -45.40
C GLU B 1113 -14.43 18.42 -46.56
N TYR B 1114 -13.81 17.31 -46.94
CA TYR B 1114 -12.87 17.28 -48.04
C TYR B 1114 -13.56 17.61 -49.36
N ALA B 1115 -12.89 18.40 -50.19
CA ALA B 1115 -13.37 18.64 -51.54
C ALA B 1115 -13.24 17.38 -52.38
N ARG B 1116 -13.94 17.35 -53.51
CA ARG B 1116 -13.99 16.13 -54.30
C ARG B 1116 -12.68 15.86 -55.02
N LEU B 1117 -12.07 16.87 -55.61
CA LEU B 1117 -10.86 16.71 -56.43
C LEU B 1117 -9.66 17.28 -55.67
N GLN B 1118 -8.75 16.40 -55.26
CA GLN B 1118 -7.47 16.83 -54.70
C GLN B 1118 -6.39 16.83 -55.78
N ALA B 1119 -5.60 17.90 -55.80
CA ALA B 1119 -4.52 18.07 -56.76
C ALA B 1119 -3.19 18.10 -56.03
N SER B 1120 -2.23 17.34 -56.53
CA SER B 1120 -0.85 17.37 -56.07
C SER B 1120 0.04 17.82 -57.21
N GLY B 1121 1.36 17.69 -57.01
CA GLY B 1121 2.29 17.95 -58.10
C GLY B 1121 2.17 16.98 -59.24
N ALA B 1122 1.87 15.71 -58.93
CA ALA B 1122 1.75 14.68 -59.96
C ALA B 1122 0.50 14.89 -60.82
N GLY B 1123 -0.65 15.08 -60.18
CA GLY B 1123 -1.88 15.27 -60.92
C GLY B 1123 -3.07 15.52 -60.04
N THR B 1124 -4.25 15.06 -60.46
CA THR B 1124 -5.49 15.23 -59.72
C THR B 1124 -6.17 13.88 -59.54
N TRP B 1125 -6.93 13.75 -58.46
CA TRP B 1125 -7.71 12.54 -58.25
C TRP B 1125 -8.92 12.87 -57.39
N CYS B 1126 -9.80 11.88 -57.25
CA CYS B 1126 -11.02 12.02 -56.48
C CYS B 1126 -10.84 11.31 -55.14
N VAL B 1127 -11.30 11.96 -54.07
CA VAL B 1127 -10.98 11.54 -52.71
C VAL B 1127 -12.28 11.46 -51.92
N ASP B 1128 -12.31 10.58 -50.92
CA ASP B 1128 -13.48 10.42 -50.09
C ASP B 1128 -13.73 11.69 -49.27
N PRO B 1129 -14.97 12.17 -49.19
CA PRO B 1129 -15.22 13.45 -48.52
C PRO B 1129 -15.08 13.39 -47.00
N ALA B 1130 -15.31 12.24 -46.38
CA ALA B 1130 -15.16 12.13 -44.94
C ALA B 1130 -13.70 12.20 -44.53
N SER B 1131 -12.89 11.25 -45.01
CA SER B 1131 -11.47 11.20 -44.69
C SER B 1131 -10.65 11.11 -45.98
N GLY B 1132 -9.44 11.65 -45.93
CA GLY B 1132 -8.65 11.88 -47.12
C GLY B 1132 -7.82 10.72 -47.64
N GLU B 1133 -8.48 9.61 -47.98
CA GLU B 1133 -7.83 8.51 -48.68
C GLU B 1133 -8.43 8.39 -50.07
N GLU B 1134 -7.66 7.78 -50.97
CA GLU B 1134 -8.05 7.55 -52.37
C GLU B 1134 -9.39 6.84 -52.47
N LEU B 1135 -10.35 7.52 -53.11
CA LEU B 1135 -11.74 7.08 -53.11
C LEU B 1135 -11.93 5.75 -53.83
N ARG B 1136 -11.27 5.58 -54.97
CA ARG B 1136 -11.37 4.35 -55.76
C ARG B 1136 -9.94 3.88 -56.01
N PRO B 1137 -9.35 3.15 -55.05
CA PRO B 1137 -7.95 2.70 -55.22
C PRO B 1137 -7.73 1.74 -56.37
N GLY B 1138 -8.77 1.09 -56.87
CA GLY B 1138 -8.62 0.21 -58.01
C GLY B 1138 -8.73 0.91 -59.35
N SER B 1139 -9.77 1.71 -59.54
CA SER B 1139 -10.07 2.34 -60.82
C SER B 1139 -10.29 3.84 -60.66
N SER B 1140 -9.32 4.52 -60.07
CA SER B 1140 -9.38 5.97 -59.91
C SER B 1140 -9.35 6.68 -61.27
N SER B 1141 -10.22 7.68 -61.43
CA SER B 1141 -10.27 8.49 -62.64
C SER B 1141 -10.31 9.96 -62.25
N SER B 1142 -9.48 10.76 -62.91
CA SER B 1142 -9.40 12.18 -62.59
C SER B 1142 -10.64 12.92 -63.10
N ALA B 1143 -10.85 12.91 -64.41
CA ALA B 1143 -11.99 13.60 -65.00
C ALA B 1143 -13.26 12.77 -64.80
N GLN B 1144 -14.28 13.42 -64.22
CA GLN B 1144 -15.58 12.82 -63.89
C GLN B 1144 -15.38 11.62 -62.97
N CYS B 1145 -14.96 11.94 -61.75
CA CYS B 1145 -14.74 10.92 -60.76
C CYS B 1145 -16.08 10.34 -60.31
N PRO B 1146 -16.12 9.06 -59.90
CA PRO B 1146 -17.40 8.40 -59.61
C PRO B 1146 -18.15 9.02 -58.43
N SER B 1147 -19.47 8.99 -58.53
CA SER B 1147 -20.34 9.55 -57.51
C SER B 1147 -20.35 8.66 -56.26
N LEU B 1148 -20.87 9.23 -55.18
CA LEU B 1148 -20.76 8.60 -53.85
C LEU B 1148 -21.58 7.31 -53.76
N CYS B 1149 -22.75 7.28 -54.40
CA CYS B 1149 -23.64 6.12 -54.28
C CYS B 1149 -23.04 4.86 -54.91
N ASN B 1150 -22.40 5.01 -56.07
CA ASN B 1150 -21.86 3.86 -56.78
C ASN B 1150 -20.68 3.24 -56.05
N VAL B 1151 -19.75 4.07 -55.58
CA VAL B 1151 -18.60 3.53 -54.85
C VAL B 1151 -19.00 3.05 -53.46
N LEU B 1152 -20.02 3.68 -52.87
CA LEU B 1152 -20.57 3.19 -51.60
C LEU B 1152 -21.19 1.81 -51.78
N LYS B 1153 -21.95 1.62 -52.87
CA LYS B 1153 -22.54 0.32 -53.16
C LYS B 1153 -21.49 -0.73 -53.46
N SER B 1154 -20.42 -0.34 -54.17
CA SER B 1154 -19.30 -1.25 -54.41
C SER B 1154 -18.61 -1.65 -53.12
N GLY B 1155 -18.46 -0.70 -52.18
CA GLY B 1155 -17.91 -1.04 -50.88
C GLY B 1155 -18.82 -1.95 -50.07
N VAL B 1156 -20.13 -1.76 -50.19
CA VAL B 1156 -21.09 -2.60 -49.47
C VAL B 1156 -21.06 -4.03 -49.99
N LEU B 1157 -21.14 -4.20 -51.32
CA LEU B 1157 -21.20 -5.54 -51.91
C LEU B 1157 -19.88 -6.28 -51.76
N SER B 1158 -18.77 -5.57 -51.74
CA SER B 1158 -17.47 -6.18 -51.45
C SER B 1158 -17.22 -6.36 -49.95
N ARG B 1159 -18.17 -5.94 -49.11
CA ARG B 1159 -18.12 -6.10 -47.65
C ARG B 1159 -16.91 -5.39 -47.04
N ARG B 1160 -16.61 -4.18 -47.55
CA ARG B 1160 -15.62 -3.33 -46.92
C ARG B 1160 -16.23 -2.20 -46.10
N VAL B 1161 -17.48 -1.83 -46.38
CA VAL B 1161 -18.23 -0.84 -45.63
C VAL B 1161 -19.55 -1.48 -45.22
N SER B 1162 -19.95 -1.27 -43.97
CA SER B 1162 -21.15 -1.90 -43.42
C SER B 1162 -22.09 -0.86 -42.83
N PRO B 1163 -22.90 -0.18 -43.66
CA PRO B 1163 -23.96 0.66 -43.12
C PRO B 1163 -25.20 -0.10 -42.70
N GLY B 1164 -25.30 -1.39 -43.03
CA GLY B 1164 -26.48 -2.18 -42.72
C GLY B 1164 -27.49 -2.31 -43.83
N TYR B 1165 -27.32 -1.59 -44.94
CA TYR B 1165 -28.25 -1.66 -46.06
C TYR B 1165 -27.47 -1.46 -47.35
N VAL B 1166 -28.18 -1.48 -48.47
CA VAL B 1166 -27.60 -1.30 -49.78
C VAL B 1166 -28.16 -0.01 -50.37
N PRO B 1167 -27.32 0.90 -50.88
CA PRO B 1167 -27.83 2.16 -51.43
C PRO B 1167 -28.39 1.99 -52.83
N ALA B 1168 -29.68 2.26 -52.99
CA ALA B 1168 -30.34 2.27 -54.28
C ALA B 1168 -30.43 3.72 -54.73
N CYS B 1169 -29.39 4.18 -55.42
CA CYS B 1169 -29.29 5.57 -55.86
C CYS B 1169 -29.80 5.71 -57.29
N ARG B 1170 -30.00 6.97 -57.69
CA ARG B 1170 -30.45 7.27 -59.05
C ARG B 1170 -29.39 6.87 -60.07
N ALA B 1171 -29.82 6.22 -61.14
CA ALA B 1171 -28.94 5.86 -62.24
C ALA B 1171 -28.70 7.02 -63.21
N GLU B 1172 -29.41 8.14 -63.03
CA GLU B 1172 -29.27 9.27 -63.93
C GLU B 1172 -28.01 10.07 -63.64
N ASP B 1173 -27.90 10.63 -62.44
CA ASP B 1173 -26.81 11.54 -62.11
C ASP B 1173 -25.82 10.97 -61.11
N GLY B 1174 -26.12 9.83 -60.50
CA GLY B 1174 -25.29 9.31 -59.43
C GLY B 1174 -25.57 9.89 -58.07
N GLY B 1175 -26.55 10.79 -57.95
CA GLY B 1175 -27.00 11.22 -56.65
C GLY B 1175 -27.91 10.20 -56.02
N PHE B 1176 -28.20 10.39 -54.74
CA PHE B 1176 -29.05 9.46 -54.02
C PHE B 1176 -30.50 9.66 -54.42
N SER B 1177 -31.16 8.57 -54.81
CA SER B 1177 -32.60 8.53 -54.89
C SER B 1177 -33.18 8.77 -53.48
N PRO B 1178 -34.35 9.38 -53.36
CA PRO B 1178 -34.85 9.76 -52.01
C PRO B 1178 -35.12 8.60 -51.06
N VAL B 1179 -35.41 7.40 -51.56
CA VAL B 1179 -36.09 6.38 -50.76
C VAL B 1179 -35.27 5.10 -50.48
N GLN B 1180 -33.95 5.22 -50.28
CA GLN B 1180 -33.16 4.04 -49.89
C GLN B 1180 -33.62 3.48 -48.55
N CYS B 1181 -33.69 2.16 -48.47
CA CYS B 1181 -33.96 1.48 -47.23
C CYS B 1181 -33.45 0.05 -47.29
N ASP B 1182 -33.78 -0.72 -46.26
CA ASP B 1182 -33.16 -2.01 -45.98
C ASP B 1182 -33.55 -3.05 -47.01
N GLN B 1183 -32.69 -4.06 -47.17
CA GLN B 1183 -32.95 -5.16 -48.08
C GLN B 1183 -34.11 -6.03 -47.60
N ALA B 1184 -34.22 -6.26 -46.30
CA ALA B 1184 -35.45 -6.73 -45.69
C ALA B 1184 -36.35 -5.50 -45.52
N GLN B 1185 -37.48 -5.47 -46.24
CA GLN B 1185 -38.20 -4.26 -46.61
C GLN B 1185 -38.57 -3.36 -45.43
N GLY B 1186 -39.24 -3.94 -44.42
CA GLY B 1186 -39.35 -3.42 -43.06
C GLY B 1186 -39.68 -1.95 -42.86
N SER B 1187 -38.72 -1.21 -42.34
CA SER B 1187 -38.80 0.23 -42.21
C SER B 1187 -38.13 0.91 -43.39
N CYS B 1188 -38.72 2.02 -43.85
CA CYS B 1188 -38.10 2.82 -44.90
C CYS B 1188 -38.20 4.30 -44.56
N TRP B 1189 -37.36 5.10 -45.21
CA TRP B 1189 -37.10 6.46 -44.76
C TRP B 1189 -36.78 7.33 -45.97
N CYS B 1190 -36.24 8.52 -45.70
CA CYS B 1190 -35.78 9.45 -46.72
C CYS B 1190 -34.48 10.08 -46.25
N VAL B 1191 -33.66 10.55 -47.20
CA VAL B 1191 -32.35 11.12 -46.91
C VAL B 1191 -32.18 12.43 -47.66
N MET B 1192 -31.23 13.26 -47.19
CA MET B 1192 -30.66 14.29 -48.05
C MET B 1192 -29.51 13.69 -48.85
N ASP B 1193 -28.66 14.55 -49.40
CA ASP B 1193 -27.49 14.10 -50.14
C ASP B 1193 -26.49 13.40 -49.21
N SER B 1194 -25.71 12.49 -49.80
CA SER B 1194 -24.76 11.59 -49.16
C SER B 1194 -25.40 10.65 -48.12
N GLY B 1195 -26.71 10.47 -48.16
CA GLY B 1195 -27.42 9.58 -47.27
C GLY B 1195 -27.35 9.95 -45.80
N GLU B 1196 -27.92 11.10 -45.45
CA GLU B 1196 -27.76 11.64 -44.11
C GLU B 1196 -28.97 11.44 -43.21
N GLU B 1197 -29.98 10.67 -43.65
CA GLU B 1197 -31.01 10.06 -42.80
C GLU B 1197 -31.85 11.13 -42.09
N VAL B 1198 -32.77 11.72 -42.85
CA VAL B 1198 -33.83 12.62 -42.34
C VAL B 1198 -34.48 12.02 -41.11
N PRO B 1199 -34.38 12.68 -39.95
CA PRO B 1199 -34.81 12.04 -38.69
C PRO B 1199 -36.32 11.82 -38.56
N GLY B 1200 -37.15 12.67 -39.14
CA GLY B 1200 -38.56 12.62 -38.87
C GLY B 1200 -39.43 11.85 -39.83
N THR B 1201 -38.84 11.04 -40.72
CA THR B 1201 -39.62 10.35 -41.73
C THR B 1201 -39.49 8.83 -41.72
N ARG B 1202 -38.67 8.26 -40.83
CA ARG B 1202 -38.46 6.82 -40.83
C ARG B 1202 -39.71 6.13 -40.27
N VAL B 1203 -40.42 5.39 -41.14
CA VAL B 1203 -41.62 4.66 -40.78
C VAL B 1203 -41.51 3.24 -41.35
N THR B 1204 -42.35 2.35 -40.82
CA THR B 1204 -42.41 0.98 -41.32
C THR B 1204 -43.34 0.85 -42.54
N GLY B 1205 -44.08 1.90 -42.87
CA GLY B 1205 -44.93 1.85 -44.06
C GLY B 1205 -44.10 1.92 -45.34
N GLY B 1206 -44.56 1.20 -46.35
CA GLY B 1206 -43.91 1.18 -47.65
C GLY B 1206 -43.95 2.50 -48.38
N GLN B 1207 -42.78 2.97 -48.84
CA GLN B 1207 -42.55 4.23 -49.54
C GLN B 1207 -43.10 5.43 -48.78
N PRO B 1208 -42.41 5.91 -47.74
CA PRO B 1208 -42.82 7.16 -47.09
C PRO B 1208 -42.70 8.33 -48.05
N ALA B 1209 -43.80 9.06 -48.21
CA ALA B 1209 -43.88 10.17 -49.16
C ALA B 1209 -42.95 11.31 -48.76
N CYS B 1210 -41.86 11.48 -49.49
CA CYS B 1210 -40.89 12.54 -49.28
C CYS B 1210 -40.61 13.26 -50.60
N GLU B 1211 -41.70 13.68 -51.25
CA GLU B 1211 -41.65 14.34 -52.54
C GLU B 1211 -40.93 15.68 -52.47
N SER B 1212 -40.47 16.14 -53.64
CA SER B 1212 -39.93 17.48 -53.75
C SER B 1212 -41.02 18.52 -53.51
N PRO B 1213 -40.68 19.64 -52.87
CA PRO B 1213 -41.71 20.64 -52.55
C PRO B 1213 -42.15 21.47 -53.75
N ARG B 1214 -42.93 22.52 -53.48
CA ARG B 1214 -43.34 23.47 -54.50
C ARG B 1214 -42.12 24.12 -55.14
N CYS B 1215 -42.15 24.20 -56.47
CA CYS B 1215 -40.97 24.59 -57.26
C CYS B 1215 -40.41 25.97 -56.95
N PRO B 1216 -41.20 27.05 -56.77
CA PRO B 1216 -40.59 28.28 -56.24
C PRO B 1216 -40.18 28.11 -54.78
N LEU B 1217 -39.08 28.71 -54.45
CA LEU B 1217 -38.34 28.87 -53.21
C LEU B 1217 -38.58 30.26 -52.64
N PRO B 1218 -38.51 30.46 -51.32
CA PRO B 1218 -38.69 31.82 -50.77
C PRO B 1218 -37.60 32.80 -51.18
N PHE B 1219 -36.43 32.31 -51.56
CA PHE B 1219 -35.34 33.15 -52.04
C PHE B 1219 -34.54 32.27 -52.98
N ASN B 1220 -33.76 32.89 -53.86
CA ASN B 1220 -33.14 32.04 -54.87
C ASN B 1220 -31.97 31.22 -54.34
N ALA B 1221 -31.48 31.49 -53.13
CA ALA B 1221 -30.68 30.50 -52.41
C ALA B 1221 -31.51 29.24 -52.24
N SER B 1222 -31.22 28.23 -53.06
CA SER B 1222 -32.16 27.13 -53.29
C SER B 1222 -32.03 26.06 -52.22
N GLU B 1223 -30.80 25.66 -51.91
CA GLU B 1223 -30.57 24.62 -50.93
C GLU B 1223 -30.81 25.16 -49.52
N VAL B 1224 -31.73 24.53 -48.80
CA VAL B 1224 -31.88 24.80 -47.38
C VAL B 1224 -30.66 24.26 -46.65
N VAL B 1225 -30.04 25.10 -45.82
CA VAL B 1225 -28.79 24.71 -45.19
C VAL B 1225 -29.06 23.69 -44.08
N GLY B 1226 -28.35 22.57 -44.14
CA GLY B 1226 -28.46 21.53 -43.13
C GLY B 1226 -29.71 20.68 -43.17
N GLY B 1227 -30.57 20.84 -44.18
CA GLY B 1227 -31.79 20.05 -44.20
C GLY B 1227 -32.59 20.28 -45.45
N THR B 1228 -33.74 19.60 -45.54
CA THR B 1228 -34.57 19.64 -46.72
C THR B 1228 -36.04 19.71 -46.36
N ILE B 1229 -36.85 19.96 -47.38
CA ILE B 1229 -38.30 20.04 -47.26
C ILE B 1229 -38.89 18.75 -47.79
N LEU B 1230 -39.68 18.08 -46.95
CA LEU B 1230 -40.29 16.79 -47.28
C LEU B 1230 -41.80 16.93 -47.26
N CYS B 1231 -42.46 16.20 -48.14
CA CYS B 1231 -43.91 16.34 -48.31
C CYS B 1231 -44.65 15.09 -47.86
N GLN B 1243 -48.91 25.43 -49.09
CA GLN B 1243 -47.93 24.61 -48.37
C GLN B 1243 -48.48 23.21 -48.10
N GLN B 1244 -47.96 22.23 -48.83
CA GLN B 1244 -48.32 20.83 -48.62
C GLN B 1244 -47.20 20.05 -47.93
N CYS B 1245 -46.12 20.71 -47.52
CA CYS B 1245 -44.91 20.04 -47.09
C CYS B 1245 -44.43 20.66 -45.78
N GLN B 1246 -43.43 20.03 -45.17
CA GLN B 1246 -42.82 20.50 -43.93
C GLN B 1246 -41.30 20.47 -44.08
N LEU B 1247 -40.61 21.13 -43.14
CA LEU B 1247 -39.16 21.26 -43.20
C LEU B 1247 -38.54 20.40 -42.10
N LEU B 1248 -37.55 19.59 -42.47
CA LEU B 1248 -36.83 18.78 -41.50
C LEU B 1248 -35.33 18.89 -41.76
N CYS B 1249 -34.55 19.07 -40.70
CA CYS B 1249 -33.11 19.20 -40.91
C CYS B 1249 -32.32 18.22 -40.04
N ARG B 1250 -31.00 18.41 -40.01
CA ARG B 1250 -30.04 17.36 -39.67
C ARG B 1250 -30.14 16.96 -38.20
N GLN B 1251 -29.46 15.86 -37.89
CA GLN B 1251 -29.45 15.32 -36.53
C GLN B 1251 -28.72 16.27 -35.58
N GLY B 1252 -29.29 16.45 -34.40
CA GLY B 1252 -28.77 17.41 -33.44
C GLY B 1252 -28.90 18.85 -33.87
N SER B 1253 -29.99 19.19 -34.55
CA SER B 1253 -30.26 20.56 -34.96
C SER B 1253 -31.75 20.82 -34.85
N TRP B 1254 -32.11 22.04 -34.46
CA TRP B 1254 -33.48 22.39 -34.13
C TRP B 1254 -33.94 23.58 -34.95
N SER B 1255 -35.14 23.47 -35.51
CA SER B 1255 -35.74 24.53 -36.30
C SER B 1255 -36.21 25.65 -35.38
N VAL B 1256 -35.67 26.85 -35.57
CA VAL B 1256 -35.99 27.98 -34.71
C VAL B 1256 -37.40 28.51 -34.91
N PHE B 1257 -38.04 28.16 -36.02
CA PHE B 1257 -39.37 28.62 -36.41
C PHE B 1257 -40.43 27.61 -35.99
N PRO B 1258 -41.64 28.08 -35.65
CA PRO B 1258 -42.72 27.16 -35.19
C PRO B 1258 -43.15 26.10 -36.19
N PRO B 1259 -43.16 26.33 -37.51
CA PRO B 1259 -43.34 25.17 -38.40
C PRO B 1259 -42.09 24.29 -38.39
N GLY B 1260 -42.26 23.04 -38.01
CA GLY B 1260 -41.16 22.09 -37.96
C GLY B 1260 -41.33 20.93 -38.92
N GLN B 1274 -46.68 32.22 -46.26
CA GLN B 1274 -45.82 31.68 -45.21
C GLN B 1274 -44.57 31.05 -45.82
N LEU B 1275 -43.55 31.88 -46.01
CA LEU B 1275 -42.32 31.44 -46.66
C LEU B 1275 -41.41 30.77 -45.63
N PRO B 1276 -41.03 29.50 -45.82
CA PRO B 1276 -40.09 28.84 -44.89
C PRO B 1276 -38.64 29.17 -45.23
N GLN B 1277 -37.98 29.89 -44.32
CA GLN B 1277 -36.68 30.50 -44.59
C GLN B 1277 -35.59 29.44 -44.77
N PRO B 1278 -34.56 29.73 -45.60
CA PRO B 1278 -33.47 28.75 -45.79
C PRO B 1278 -32.64 28.53 -44.53
N ARG B 1279 -32.15 29.60 -43.91
CA ARG B 1279 -31.35 29.48 -42.69
C ARG B 1279 -32.28 29.40 -41.48
N ALA B 1280 -32.90 28.24 -41.32
CA ALA B 1280 -33.97 28.04 -40.37
C ALA B 1280 -33.65 27.10 -39.22
N CYS B 1281 -32.46 26.49 -39.18
CA CYS B 1281 -32.10 25.69 -38.03
C CYS B 1281 -30.61 25.77 -37.79
N GLN B 1282 -30.24 25.89 -36.51
CA GLN B 1282 -28.84 26.02 -36.10
C GLN B 1282 -28.48 24.93 -35.11
N ARG B 1283 -27.30 25.04 -34.50
CA ARG B 1283 -26.82 24.05 -33.54
C ARG B 1283 -27.15 24.50 -32.13
N PRO B 1284 -27.87 23.69 -31.35
CA PRO B 1284 -28.24 24.12 -29.99
C PRO B 1284 -27.05 24.18 -29.05
N GLN B 1285 -27.16 25.05 -28.05
CA GLN B 1285 -26.11 25.28 -27.05
C GLN B 1285 -26.66 24.98 -25.66
N LEU B 1286 -25.80 25.13 -24.65
CA LEU B 1286 -26.17 24.84 -23.28
C LEU B 1286 -27.03 25.98 -22.71
N TRP B 1287 -27.54 25.74 -21.50
CA TRP B 1287 -28.30 26.75 -20.78
C TRP B 1287 -27.39 27.88 -20.32
N GLN B 1288 -27.98 29.05 -20.08
CA GLN B 1288 -27.21 30.25 -19.77
C GLN B 1288 -27.71 31.06 -18.59
N THR B 1289 -28.99 30.99 -18.23
CA THR B 1289 -29.50 31.73 -17.08
C THR B 1289 -30.33 30.79 -16.20
N ILE B 1290 -30.29 31.06 -14.90
CA ILE B 1290 -31.10 30.35 -13.92
C ILE B 1290 -32.03 31.36 -13.25
N GLN B 1291 -33.32 31.04 -13.18
CA GLN B 1291 -34.29 31.97 -12.63
C GLN B 1291 -35.07 31.34 -11.47
N THR B 1292 -35.24 32.15 -10.42
CA THR B 1292 -36.11 31.85 -9.28
C THR B 1292 -36.92 33.10 -8.96
N GLN B 1293 -38.00 32.91 -8.20
CA GLN B 1293 -38.90 34.02 -7.94
C GLN B 1293 -39.48 33.96 -6.52
N GLY B 1294 -39.84 35.15 -6.02
CA GLY B 1294 -40.46 35.28 -4.72
C GLY B 1294 -41.57 36.30 -4.78
N HIS B 1295 -42.48 36.22 -3.80
CA HIS B 1295 -43.79 36.85 -3.90
C HIS B 1295 -44.13 37.69 -2.67
N PHE B 1296 -44.98 38.69 -2.92
CA PHE B 1296 -45.54 39.57 -1.90
C PHE B 1296 -46.97 39.90 -2.31
N GLN B 1297 -47.75 40.40 -1.36
CA GLN B 1297 -49.17 40.69 -1.56
C GLN B 1297 -49.44 42.20 -1.61
N LEU B 1298 -48.58 42.95 -2.31
CA LEU B 1298 -48.83 44.36 -2.58
C LEU B 1298 -49.30 44.57 -4.02
N GLN B 1299 -50.14 43.66 -4.53
CA GLN B 1299 -50.58 43.73 -5.92
C GLN B 1299 -51.53 44.91 -6.15
N LEU B 1300 -52.33 45.26 -5.14
CA LEU B 1300 -53.26 46.37 -5.23
C LEU B 1300 -53.27 47.15 -3.92
N PRO B 1301 -53.36 48.47 -3.99
CA PRO B 1301 -53.15 49.33 -2.79
C PRO B 1301 -54.16 49.14 -1.65
N PRO B 1302 -55.50 49.08 -1.87
CA PRO B 1302 -56.37 48.98 -0.68
C PRO B 1302 -56.33 47.64 0.04
N GLY B 1303 -55.78 46.60 -0.58
CA GLY B 1303 -55.68 45.29 0.06
C GLY B 1303 -54.53 45.10 1.00
N LYS B 1304 -53.71 46.12 1.20
CA LYS B 1304 -52.55 46.05 2.08
C LYS B 1304 -52.33 47.42 2.72
N MET B 1305 -51.50 47.45 3.77
CA MET B 1305 -51.27 48.64 4.59
C MET B 1305 -50.27 49.63 4.00
N CYS B 1306 -50.44 49.97 2.72
CA CYS B 1306 -49.63 50.99 2.08
C CYS B 1306 -50.13 52.40 2.33
N SER B 1307 -51.28 52.54 3.01
CA SER B 1307 -51.94 53.83 3.32
C SER B 1307 -52.19 54.66 2.07
N ALA B 1308 -52.61 54.01 0.99
CA ALA B 1308 -52.87 54.68 -0.26
C ALA B 1308 -53.87 53.85 -1.06
N ASP B 1309 -54.46 54.47 -2.08
CA ASP B 1309 -55.35 53.81 -3.01
C ASP B 1309 -54.99 54.21 -4.43
N TYR B 1310 -53.70 54.27 -4.73
CA TYR B 1310 -53.21 54.80 -6.00
C TYR B 1310 -52.23 53.82 -6.62
N ALA B 1311 -52.44 53.50 -7.89
CA ALA B 1311 -51.53 52.65 -8.65
C ALA B 1311 -50.92 53.38 -9.84
N ASP B 1312 -51.05 54.72 -9.90
CA ASP B 1312 -50.49 55.49 -11.00
C ASP B 1312 -48.97 55.45 -11.01
N LEU B 1313 -48.34 55.56 -9.84
CA LEU B 1313 -46.90 55.41 -9.69
C LEU B 1313 -46.64 54.11 -8.93
N LEU B 1314 -45.94 53.19 -9.58
CA LEU B 1314 -45.58 51.91 -8.97
C LEU B 1314 -44.12 51.57 -9.25
N GLN B 1315 -43.57 52.17 -10.31
CA GLN B 1315 -42.17 51.94 -10.66
C GLN B 1315 -41.24 52.52 -9.60
N THR B 1316 -41.65 53.61 -8.93
CA THR B 1316 -40.88 54.16 -7.84
C THR B 1316 -40.79 53.18 -6.68
N PHE B 1317 -41.90 52.48 -6.38
CA PHE B 1317 -41.89 51.43 -5.38
C PHE B 1317 -40.98 50.29 -5.78
N GLN B 1318 -40.95 49.95 -7.07
CA GLN B 1318 -40.05 48.92 -7.58
C GLN B 1318 -38.58 49.32 -7.36
N VAL B 1319 -38.25 50.57 -7.65
CA VAL B 1319 -36.90 51.09 -7.43
C VAL B 1319 -36.55 51.07 -5.95
N PHE B 1320 -37.49 51.49 -5.08
CA PHE B 1320 -37.20 51.54 -3.65
C PHE B 1320 -37.02 50.15 -3.05
N ILE B 1321 -37.85 49.18 -3.48
CA ILE B 1321 -37.70 47.80 -3.02
C ILE B 1321 -36.38 47.21 -3.51
N LEU B 1322 -36.00 47.51 -4.76
CA LEU B 1322 -34.74 47.01 -5.29
C LEU B 1322 -33.54 47.60 -4.54
N ASP B 1323 -33.60 48.89 -4.20
CA ASP B 1323 -32.52 49.52 -3.44
C ASP B 1323 -32.43 48.97 -2.03
N GLU B 1324 -33.57 48.75 -1.38
CA GLU B 1324 -33.58 48.14 -0.05
C GLU B 1324 -33.03 46.72 -0.09
N LEU B 1325 -33.38 45.96 -1.15
CA LEU B 1325 -32.88 44.60 -1.32
C LEU B 1325 -31.36 44.59 -1.51
N THR B 1326 -30.84 45.41 -2.42
CA THR B 1326 -29.39 45.40 -2.66
C THR B 1326 -28.62 46.03 -1.51
N ALA B 1327 -29.29 46.85 -0.67
CA ALA B 1327 -28.67 47.26 0.58
C ALA B 1327 -28.55 46.07 1.53
N ARG B 1328 -29.60 45.24 1.63
CA ARG B 1328 -29.55 44.08 2.52
C ARG B 1328 -29.03 42.83 1.82
N GLY B 1329 -27.88 42.93 1.15
CA GLY B 1329 -27.37 41.79 0.39
C GLY B 1329 -28.24 41.50 -0.81
N PHE B 1330 -28.69 40.24 -0.93
CA PHE B 1330 -29.84 39.82 -1.72
C PHE B 1330 -29.78 40.04 -3.23
N CYS B 1331 -28.71 40.65 -3.73
CA CYS B 1331 -28.58 40.93 -5.16
C CYS B 1331 -27.15 40.70 -5.62
N GLN B 1332 -26.28 40.23 -4.74
CA GLN B 1332 -24.90 39.91 -5.08
C GLN B 1332 -24.50 38.76 -4.16
N ILE B 1333 -24.69 37.53 -4.64
CA ILE B 1333 -24.46 36.36 -3.80
C ILE B 1333 -22.97 36.12 -3.67
N GLN B 1334 -22.52 35.94 -2.44
CA GLN B 1334 -21.10 35.75 -2.14
C GLN B 1334 -20.87 34.28 -1.83
N VAL B 1335 -19.86 33.69 -2.46
CA VAL B 1335 -19.57 32.28 -2.25
C VAL B 1335 -18.06 32.08 -2.13
N LYS B 1336 -17.67 31.14 -1.28
CA LYS B 1336 -16.27 30.82 -1.06
C LYS B 1336 -15.67 30.12 -2.28
N THR B 1337 -14.41 30.46 -2.57
CA THR B 1337 -13.56 29.77 -3.55
C THR B 1337 -12.25 29.54 -2.83
N PHE B 1338 -12.00 28.28 -2.42
CA PHE B 1338 -10.77 27.78 -1.78
C PHE B 1338 -10.19 28.67 -0.68
N GLY B 1339 -11.04 29.45 0.00
CA GLY B 1339 -10.60 30.38 1.01
C GLY B 1339 -11.04 31.81 0.82
N THR B 1340 -11.02 32.30 -0.42
CA THR B 1340 -11.36 33.70 -0.71
C THR B 1340 -12.75 33.81 -1.32
N LEU B 1341 -13.47 34.88 -0.97
CA LEU B 1341 -14.86 35.03 -1.36
C LEU B 1341 -14.98 35.70 -2.72
N VAL B 1342 -16.02 35.32 -3.48
CA VAL B 1342 -16.27 35.92 -4.78
C VAL B 1342 -17.75 36.29 -4.85
N SER B 1343 -18.06 37.22 -5.75
CA SER B 1343 -19.39 37.80 -5.88
C SER B 1343 -20.01 37.46 -7.23
N ILE B 1344 -21.31 37.17 -7.22
CA ILE B 1344 -22.06 36.86 -8.44
C ILE B 1344 -23.34 37.70 -8.44
N PRO B 1345 -23.56 38.54 -9.46
CA PRO B 1345 -24.79 39.34 -9.49
C PRO B 1345 -26.01 38.49 -9.85
N VAL B 1346 -27.12 38.72 -9.16
CA VAL B 1346 -28.34 37.97 -9.40
C VAL B 1346 -29.55 38.89 -9.54
N CYS B 1347 -29.32 40.19 -9.72
CA CYS B 1347 -30.41 41.14 -9.80
C CYS B 1347 -30.27 42.04 -11.02
N ASN B 1348 -31.33 42.11 -11.82
CA ASN B 1348 -31.49 43.14 -12.85
C ASN B 1348 -32.97 43.21 -13.14
N ASN B 1349 -33.62 44.29 -12.68
CA ASN B 1349 -35.08 44.52 -12.81
C ASN B 1349 -35.89 43.34 -12.26
N SER B 1350 -35.47 42.84 -11.10
CA SER B 1350 -36.12 41.68 -10.51
C SER B 1350 -37.49 42.05 -9.93
N SER B 1351 -37.57 43.16 -9.22
CA SER B 1351 -38.79 43.50 -8.48
C SER B 1351 -39.89 43.98 -9.43
N VAL B 1352 -41.05 43.36 -9.31
CA VAL B 1352 -42.20 43.68 -10.16
C VAL B 1352 -43.43 43.93 -9.28
N VAL B 1364 -46.02 41.87 -4.95
CA VAL B 1364 -45.09 42.06 -6.05
C VAL B 1364 -44.26 40.81 -6.25
N ASN B 1365 -43.47 40.75 -7.32
CA ASN B 1365 -42.67 39.58 -7.61
C ASN B 1365 -41.22 40.00 -7.83
N VAL B 1366 -40.31 39.25 -7.22
CA VAL B 1366 -38.87 39.42 -7.44
C VAL B 1366 -38.36 38.18 -8.17
N THR B 1367 -37.55 38.40 -9.20
CA THR B 1367 -37.07 37.32 -10.05
C THR B 1367 -35.55 37.36 -10.12
N TRP B 1368 -34.89 36.53 -9.33
CA TRP B 1368 -33.45 36.40 -9.40
C TRP B 1368 -33.08 35.62 -10.66
N LYS B 1369 -32.28 36.26 -11.52
CA LYS B 1369 -31.87 35.71 -12.80
C LYS B 1369 -30.35 35.76 -12.84
N SER B 1370 -29.72 34.61 -12.67
CA SER B 1370 -28.26 34.52 -12.60
C SER B 1370 -27.70 34.06 -13.93
N ARG B 1371 -26.71 34.80 -14.43
CA ARG B 1371 -26.01 34.45 -15.65
C ARG B 1371 -24.97 33.38 -15.36
N LEU B 1372 -24.95 32.33 -16.18
CA LEU B 1372 -24.04 31.21 -15.93
C LEU B 1372 -22.60 31.59 -16.23
N GLU B 1373 -22.38 32.49 -17.19
CA GLU B 1373 -21.01 32.87 -17.55
C GLU B 1373 -20.33 33.67 -16.45
N ASP B 1374 -21.11 34.35 -15.60
CA ASP B 1374 -20.52 35.10 -14.49
C ASP B 1374 -20.03 34.17 -13.39
N ILE B 1375 -20.70 33.04 -13.21
CA ILE B 1375 -20.24 32.03 -12.23
C ILE B 1375 -19.01 31.32 -12.79
N PRO B 1376 -17.93 31.20 -12.02
CA PRO B 1376 -16.75 30.46 -12.50
C PRO B 1376 -16.96 28.95 -12.55
N VAL B 1377 -15.93 28.21 -12.93
CA VAL B 1377 -16.03 26.75 -13.01
C VAL B 1377 -15.35 26.16 -11.78
N ALA B 1378 -14.38 26.90 -11.20
CA ALA B 1378 -13.72 26.45 -9.99
C ALA B 1378 -14.67 26.43 -8.81
N SER B 1379 -15.53 27.44 -8.70
CA SER B 1379 -16.59 27.46 -7.70
C SER B 1379 -17.90 27.13 -8.37
N LEU B 1380 -18.75 26.37 -7.66
CA LEU B 1380 -20.05 25.85 -8.11
C LEU B 1380 -19.86 25.03 -9.39
N PRO B 1381 -19.20 23.86 -9.32
CA PRO B 1381 -18.76 23.20 -10.57
C PRO B 1381 -19.83 22.37 -11.24
N ASP B 1382 -21.05 22.46 -10.75
CA ASP B 1382 -22.17 21.71 -11.32
C ASP B 1382 -23.37 22.63 -11.26
N LEU B 1383 -24.28 22.44 -12.23
CA LEU B 1383 -25.50 23.26 -12.30
C LEU B 1383 -26.39 23.02 -11.09
N HIS B 1384 -26.46 21.78 -10.63
CA HIS B 1384 -27.27 21.46 -9.47
C HIS B 1384 -26.63 21.99 -8.19
N ASP B 1385 -25.31 22.13 -8.17
CA ASP B 1385 -24.64 22.86 -7.10
C ASP B 1385 -25.02 24.34 -7.11
N ILE B 1386 -25.22 24.91 -8.30
CA ILE B 1386 -25.69 26.30 -8.38
C ILE B 1386 -27.11 26.42 -7.84
N GLU B 1387 -27.95 25.42 -8.15
CA GLU B 1387 -29.31 25.38 -7.59
C GLU B 1387 -29.29 25.27 -6.07
N ARG B 1388 -28.42 24.40 -5.54
CA ARG B 1388 -28.31 24.24 -4.09
C ARG B 1388 -27.79 25.51 -3.41
N ALA B 1389 -26.79 26.16 -4.03
CA ALA B 1389 -26.24 27.39 -3.47
C ALA B 1389 -27.19 28.58 -3.58
N LEU B 1390 -28.11 28.56 -4.55
CA LEU B 1390 -28.98 29.71 -4.70
C LEU B 1390 -30.27 29.56 -3.91
N VAL B 1391 -30.87 28.37 -3.90
CA VAL B 1391 -32.08 28.13 -3.10
C VAL B 1391 -31.76 27.87 -1.64
N GLY B 1392 -30.49 27.64 -1.31
CA GLY B 1392 -30.09 27.36 0.06
C GLY B 1392 -30.14 28.53 1.04
N LYS B 1393 -29.32 28.43 2.09
CA LYS B 1393 -29.37 29.37 3.20
C LYS B 1393 -28.93 30.78 2.80
N ASP B 1394 -28.09 30.89 1.76
CA ASP B 1394 -27.39 32.14 1.48
C ASP B 1394 -28.34 33.19 0.94
N LEU B 1395 -29.19 32.84 -0.03
CA LEU B 1395 -30.06 33.80 -0.66
C LEU B 1395 -31.53 33.55 -0.34
N LEU B 1396 -32.05 32.38 -0.67
CA LEU B 1396 -33.47 32.12 -0.43
C LEU B 1396 -33.75 31.68 1.00
N GLY B 1397 -32.75 31.23 1.73
CA GLY B 1397 -32.92 30.94 3.14
C GLY B 1397 -32.96 32.20 3.97
N ARG B 1398 -32.14 33.18 3.58
CA ARG B 1398 -32.12 34.46 4.28
C ARG B 1398 -33.39 35.27 4.00
N PHE B 1399 -33.95 35.15 2.79
CA PHE B 1399 -35.09 35.96 2.40
C PHE B 1399 -36.35 35.56 3.18
N THR B 1400 -36.65 34.26 3.22
CA THR B 1400 -37.84 33.78 3.92
C THR B 1400 -37.72 34.01 5.43
N ASP B 1401 -36.51 33.87 5.97
CA ASP B 1401 -36.26 34.19 7.36
C ASP B 1401 -36.47 35.67 7.65
N LEU B 1402 -36.05 36.55 6.74
CA LEU B 1402 -36.21 37.98 6.96
C LEU B 1402 -37.68 38.39 6.87
N ILE B 1403 -38.43 37.84 5.92
CA ILE B 1403 -39.82 38.24 5.73
C ILE B 1403 -40.70 37.63 6.81
N GLN B 1404 -40.70 36.29 6.92
CA GLN B 1404 -41.66 35.59 7.77
C GLN B 1404 -41.41 35.86 9.25
N SER B 1405 -40.14 35.89 9.66
CA SER B 1405 -39.78 36.26 11.02
C SER B 1405 -39.42 37.74 11.06
N GLY B 1406 -40.15 38.51 11.85
CA GLY B 1406 -39.94 39.94 11.90
C GLY B 1406 -40.46 40.63 10.65
N SER B 1407 -40.05 41.89 10.50
CA SER B 1407 -40.39 42.68 9.32
C SER B 1407 -39.23 43.61 8.98
N PHE B 1408 -39.11 43.92 7.70
CA PHE B 1408 -38.07 44.80 7.19
C PHE B 1408 -38.69 46.05 6.55
N GLN B 1409 -39.88 46.42 7.05
CA GLN B 1409 -40.82 47.34 6.41
C GLN B 1409 -40.20 48.68 6.04
N LEU B 1410 -40.23 48.98 4.74
CA LEU B 1410 -39.82 50.27 4.25
C LEU B 1410 -40.86 51.32 4.66
N HIS B 1411 -40.37 52.44 5.22
CA HIS B 1411 -41.23 53.44 5.83
C HIS B 1411 -42.15 54.14 4.83
N LEU B 1412 -41.57 54.93 3.92
CA LEU B 1412 -42.27 55.76 2.93
C LEU B 1412 -43.38 56.62 3.52
N ASP B 1413 -43.19 57.09 4.76
CA ASP B 1413 -44.21 57.88 5.44
C ASP B 1413 -44.27 59.31 4.94
N SER B 1414 -43.20 59.81 4.33
CA SER B 1414 -43.18 61.16 3.79
C SER B 1414 -43.87 61.22 2.42
N GLN B 1426 -46.49 44.25 0.96
CA GLN B 1426 -45.63 43.69 2.00
C GLN B 1426 -46.15 42.31 2.42
N GLY B 1427 -47.43 42.06 2.12
CA GLY B 1427 -48.15 40.88 2.58
C GLY B 1427 -47.58 39.55 2.17
N ASP B 1428 -47.53 38.62 3.12
CA ASP B 1428 -46.88 37.33 2.90
C ASP B 1428 -47.80 36.40 2.14
N HIS B 1429 -47.23 35.65 1.20
CA HIS B 1429 -48.01 34.73 0.38
C HIS B 1429 -47.07 33.67 -0.18
N PHE B 1430 -47.60 32.45 -0.34
CA PHE B 1430 -46.84 31.35 -0.89
C PHE B 1430 -46.71 31.52 -2.40
N GLY B 1431 -45.58 31.07 -2.94
CA GLY B 1431 -45.27 31.35 -4.33
C GLY B 1431 -45.85 30.39 -5.34
N THR B 1432 -46.27 29.20 -4.90
CA THR B 1432 -46.84 28.08 -5.66
C THR B 1432 -45.85 27.41 -6.62
N SER B 1433 -44.62 27.94 -6.76
CA SER B 1433 -43.54 27.32 -7.52
C SER B 1433 -42.19 27.88 -7.09
N PRO B 1434 -41.71 27.60 -5.86
CA PRO B 1434 -40.40 28.17 -5.45
C PRO B 1434 -39.24 27.28 -5.88
N ARG B 1435 -38.91 27.34 -7.17
CA ARG B 1435 -37.95 26.41 -7.74
C ARG B 1435 -37.17 27.09 -8.86
N THR B 1436 -35.99 26.55 -9.16
CA THR B 1436 -35.20 27.02 -10.28
C THR B 1436 -35.82 26.62 -11.59
N TRP B 1437 -35.57 27.42 -12.62
CA TRP B 1437 -35.76 26.96 -13.99
C TRP B 1437 -34.74 27.65 -14.89
N PHE B 1438 -34.22 26.90 -15.85
CA PHE B 1438 -33.21 27.41 -16.74
C PHE B 1438 -33.87 28.16 -17.90
N GLY B 1439 -33.11 29.09 -18.47
CA GLY B 1439 -33.60 29.91 -19.55
C GLY B 1439 -32.45 30.44 -20.38
N CYS B 1440 -32.73 30.76 -21.63
CA CYS B 1440 -31.70 31.23 -22.53
C CYS B 1440 -31.41 32.72 -22.28
N SER B 1441 -30.37 33.21 -22.95
CA SER B 1441 -29.97 34.60 -22.85
C SER B 1441 -30.93 35.48 -23.66
N GLU B 1442 -30.63 36.78 -23.72
CA GLU B 1442 -31.53 37.74 -24.33
C GLU B 1442 -31.61 37.58 -25.85
N GLY B 1443 -30.51 37.19 -26.49
CA GLY B 1443 -30.51 37.08 -27.94
C GLY B 1443 -30.88 35.73 -28.52
N PHE B 1444 -31.03 34.71 -27.69
CA PHE B 1444 -31.18 33.35 -28.17
C PHE B 1444 -32.64 32.89 -28.03
N TYR B 1445 -32.90 31.63 -28.34
CA TYR B 1445 -34.25 31.08 -28.36
C TYR B 1445 -34.26 29.76 -27.60
N GLN B 1446 -35.23 29.60 -26.71
CA GLN B 1446 -35.37 28.40 -25.90
C GLN B 1446 -36.24 27.41 -26.67
N VAL B 1447 -35.63 26.32 -27.14
CA VAL B 1447 -36.29 25.49 -28.14
C VAL B 1447 -37.18 24.42 -27.49
N LEU B 1448 -36.69 23.73 -26.47
CA LEU B 1448 -37.48 22.70 -25.82
C LEU B 1448 -37.97 23.27 -24.50
N THR B 1449 -39.22 23.73 -24.48
CA THR B 1449 -39.76 24.51 -23.37
C THR B 1449 -39.91 23.68 -22.10
N SER B 1450 -40.00 22.36 -22.23
CA SER B 1450 -39.99 21.48 -21.07
C SER B 1450 -38.65 21.59 -20.34
N GLU B 1451 -38.70 22.02 -19.08
CA GLU B 1451 -37.47 22.22 -18.30
C GLU B 1451 -36.80 20.90 -17.96
N ALA B 1452 -37.51 19.78 -18.05
CA ALA B 1452 -37.02 18.40 -17.91
C ALA B 1452 -36.20 17.91 -19.13
N SER B 1453 -35.84 18.80 -20.05
CA SER B 1453 -35.03 18.48 -21.22
C SER B 1453 -33.68 17.90 -20.83
N GLN B 1454 -33.45 16.64 -21.18
CA GLN B 1454 -32.16 16.02 -20.92
C GLN B 1454 -31.12 16.51 -21.92
N ASP B 1455 -29.85 16.27 -21.58
CA ASP B 1455 -28.62 16.65 -22.28
C ASP B 1455 -28.40 18.17 -22.32
N GLY B 1456 -29.27 18.95 -21.68
CA GLY B 1456 -29.04 20.37 -21.43
C GLY B 1456 -28.85 21.24 -22.65
N LEU B 1457 -29.52 20.89 -23.75
CA LEU B 1457 -29.36 21.60 -25.01
C LEU B 1457 -30.72 22.21 -25.36
N GLY B 1458 -30.95 23.43 -24.90
CA GLY B 1458 -32.21 24.10 -25.17
C GLY B 1458 -32.06 25.49 -25.72
N CYS B 1459 -30.84 25.99 -25.82
CA CYS B 1459 -30.58 27.35 -26.27
C CYS B 1459 -30.03 27.31 -27.69
N VAL B 1460 -30.68 28.01 -28.61
CA VAL B 1460 -30.27 28.08 -30.00
C VAL B 1460 -30.05 29.54 -30.35
N LYS B 1461 -28.90 29.84 -30.94
CA LYS B 1461 -28.63 31.21 -31.40
C LYS B 1461 -29.58 31.59 -32.52
N CYS B 1462 -30.06 32.82 -32.48
CA CYS B 1462 -31.08 33.27 -33.41
C CYS B 1462 -30.47 33.51 -34.78
N PRO B 1463 -31.07 32.97 -35.86
CA PRO B 1463 -30.36 32.87 -37.15
C PRO B 1463 -30.14 34.18 -37.89
N GLU B 1464 -29.65 34.05 -39.12
CA GLU B 1464 -29.19 35.17 -39.93
C GLU B 1464 -30.34 36.12 -40.26
N GLY B 1465 -31.37 35.62 -40.94
CA GLY B 1465 -32.46 36.46 -41.38
C GLY B 1465 -33.61 36.62 -40.39
N SER B 1466 -33.30 36.88 -39.12
CA SER B 1466 -34.33 37.05 -38.11
C SER B 1466 -33.77 37.84 -36.95
N TYR B 1467 -34.66 38.27 -36.05
CA TYR B 1467 -34.27 38.97 -34.83
C TYR B 1467 -35.03 38.37 -33.64
N SER B 1468 -34.37 38.33 -32.50
CA SER B 1468 -34.98 37.84 -31.26
C SER B 1468 -35.59 39.01 -30.51
N GLN B 1469 -36.89 38.91 -30.20
CA GLN B 1469 -37.60 40.00 -29.54
C GLN B 1469 -38.20 39.59 -28.20
N ASP B 1470 -38.91 38.47 -28.14
CA ASP B 1470 -39.61 38.03 -26.92
C ASP B 1470 -39.24 36.59 -26.59
N GLU B 1471 -37.93 36.32 -26.59
CA GLU B 1471 -37.35 34.97 -26.53
C GLU B 1471 -37.89 34.09 -27.66
N GLU B 1472 -38.02 34.69 -28.83
CA GLU B 1472 -38.51 34.02 -30.03
C GLU B 1472 -37.94 34.75 -31.24
N CYS B 1473 -37.59 33.99 -32.26
CA CYS B 1473 -36.97 34.57 -33.46
C CYS B 1473 -38.06 34.91 -34.45
N ILE B 1474 -38.34 36.20 -34.58
CA ILE B 1474 -39.30 36.71 -35.57
C ILE B 1474 -38.51 37.05 -36.82
N PRO B 1475 -38.93 36.60 -38.00
CA PRO B 1475 -38.28 37.03 -39.24
C PRO B 1475 -38.41 38.54 -39.44
N CYS B 1476 -37.35 39.13 -39.99
CA CYS B 1476 -37.21 40.57 -40.09
C CYS B 1476 -38.28 41.15 -41.03
N PRO B 1477 -38.76 42.37 -40.75
CA PRO B 1477 -39.74 43.01 -41.66
C PRO B 1477 -39.18 43.27 -43.06
N VAL B 1478 -40.12 43.60 -43.96
CA VAL B 1478 -39.86 43.59 -45.40
C VAL B 1478 -38.84 44.68 -45.78
N GLY B 1479 -39.03 45.90 -45.27
CA GLY B 1479 -38.18 47.00 -45.66
C GLY B 1479 -36.80 47.03 -45.02
N PHE B 1480 -36.49 46.05 -44.18
CA PHE B 1480 -35.26 46.03 -43.40
C PHE B 1480 -34.44 44.80 -43.78
N TYR B 1481 -33.16 44.79 -43.39
CA TYR B 1481 -32.26 43.67 -43.70
C TYR B 1481 -31.37 43.34 -42.50
N GLN B 1482 -31.17 42.05 -42.24
CA GLN B 1482 -30.40 41.60 -41.09
C GLN B 1482 -29.25 40.71 -41.55
N GLU B 1483 -28.05 40.97 -41.02
CA GLU B 1483 -26.85 40.25 -41.41
C GLU B 1483 -26.05 39.69 -40.23
N GLN B 1484 -26.53 39.85 -39.00
CA GLN B 1484 -25.92 39.23 -37.84
C GLN B 1484 -26.73 38.00 -37.40
N ALA B 1485 -26.21 37.32 -36.38
CA ALA B 1485 -26.90 36.20 -35.74
C ALA B 1485 -27.15 36.56 -34.28
N GLY B 1486 -28.42 36.52 -33.87
CA GLY B 1486 -28.79 36.95 -32.53
C GLY B 1486 -28.60 38.45 -32.38
N SER B 1487 -29.38 39.22 -33.11
CA SER B 1487 -29.10 40.64 -33.31
C SER B 1487 -30.06 41.58 -32.58
N LEU B 1488 -31.24 41.09 -32.16
CA LEU B 1488 -32.24 41.76 -31.32
C LEU B 1488 -32.99 42.88 -32.07
N ALA B 1489 -32.54 43.24 -33.26
CA ALA B 1489 -33.18 44.27 -34.08
C ALA B 1489 -32.75 44.09 -35.52
N CYS B 1490 -33.50 44.69 -36.44
CA CYS B 1490 -33.22 44.54 -37.85
C CYS B 1490 -33.08 45.91 -38.49
N VAL B 1491 -32.21 46.00 -39.50
CA VAL B 1491 -31.66 47.26 -40.00
C VAL B 1491 -32.22 47.57 -41.38
N PRO B 1492 -32.65 48.80 -41.68
CA PRO B 1492 -33.09 49.11 -43.05
C PRO B 1492 -31.97 49.55 -43.97
N CYS B 1493 -32.19 49.32 -45.28
CA CYS B 1493 -31.27 49.78 -46.30
C CYS B 1493 -31.90 50.93 -47.08
N PRO B 1494 -31.17 52.03 -47.29
CA PRO B 1494 -31.74 53.17 -48.03
C PRO B 1494 -31.78 52.94 -49.54
N VAL B 1495 -30.72 52.34 -50.08
CA VAL B 1495 -30.62 52.12 -51.51
C VAL B 1495 -31.21 50.74 -51.82
N GLY B 1496 -32.21 50.72 -52.70
CA GLY B 1496 -32.85 49.47 -53.05
C GLY B 1496 -33.79 48.96 -51.97
N ARG B 1497 -34.80 49.75 -51.61
CA ARG B 1497 -35.72 49.40 -50.53
C ARG B 1497 -36.66 48.26 -50.93
N THR B 1498 -37.46 47.78 -49.96
CA THR B 1498 -38.58 46.85 -50.15
C THR B 1498 -38.14 45.53 -50.78
N THR B 1499 -37.48 44.72 -49.95
CA THR B 1499 -37.13 43.33 -50.29
C THR B 1499 -38.35 42.51 -50.71
N ILE B 1500 -38.12 41.50 -51.56
CA ILE B 1500 -39.21 40.63 -51.98
C ILE B 1500 -39.74 39.81 -50.80
N SER B 1501 -38.85 39.14 -50.10
CA SER B 1501 -39.19 38.27 -49.00
C SER B 1501 -38.98 38.98 -47.67
N ALA B 1502 -39.07 38.22 -46.58
CA ALA B 1502 -38.79 38.74 -45.24
C ALA B 1502 -37.40 38.37 -44.72
N GLY B 1503 -36.69 37.48 -45.41
CA GLY B 1503 -35.37 37.04 -44.99
C GLY B 1503 -34.31 38.13 -44.96
N ALA B 1504 -33.88 38.59 -46.14
CA ALA B 1504 -33.01 39.75 -46.33
C ALA B 1504 -31.66 39.55 -45.62
N PHE B 1505 -30.89 38.61 -46.17
CA PHE B 1505 -29.63 38.19 -45.53
C PHE B 1505 -28.56 39.28 -45.57
N SER B 1506 -28.51 40.07 -46.63
CA SER B 1506 -27.51 41.13 -46.71
C SER B 1506 -28.06 42.33 -47.47
N GLN B 1507 -27.30 43.42 -47.45
CA GLN B 1507 -27.67 44.64 -48.16
C GLN B 1507 -27.59 44.45 -49.68
N THR B 1508 -26.81 43.48 -50.13
CA THR B 1508 -26.84 43.10 -51.54
C THR B 1508 -28.17 42.46 -51.94
N HIS B 1509 -28.93 41.97 -50.97
CA HIS B 1509 -30.16 41.26 -51.27
C HIS B 1509 -31.40 42.15 -51.22
N CYS B 1510 -31.26 43.41 -50.81
CA CYS B 1510 -32.34 44.37 -50.95
C CYS B 1510 -32.19 45.10 -52.28
N VAL B 1511 -33.30 45.24 -53.00
CA VAL B 1511 -33.29 45.34 -54.45
C VAL B 1511 -34.00 46.62 -54.89
N THR B 1512 -33.48 47.25 -55.94
CA THR B 1512 -33.97 48.54 -56.40
C THR B 1512 -35.33 48.41 -57.10
N ASP B 1513 -35.95 49.57 -57.35
CA ASP B 1513 -37.32 49.62 -57.85
C ASP B 1513 -37.45 49.02 -59.26
N CYS B 1514 -36.50 49.33 -60.15
CA CYS B 1514 -36.46 48.70 -61.46
C CYS B 1514 -36.20 47.20 -61.34
N GLN B 1515 -35.23 46.83 -60.52
CA GLN B 1515 -34.78 45.47 -60.39
C GLN B 1515 -35.72 44.60 -59.57
N ARG B 1516 -36.69 45.21 -58.88
CA ARG B 1516 -37.78 44.48 -58.23
C ARG B 1516 -38.64 43.75 -59.25
N ASN B 1517 -39.30 44.49 -60.14
CA ASN B 1517 -40.19 43.92 -61.15
C ASN B 1517 -39.69 44.28 -62.53
N GLU B 1518 -39.49 43.27 -63.37
CA GLU B 1518 -39.07 43.50 -64.75
C GLU B 1518 -39.74 42.47 -65.65
N ALA B 1519 -40.45 42.94 -66.67
CA ALA B 1519 -41.02 42.10 -67.72
C ALA B 1519 -40.43 42.59 -69.04
N GLY B 1520 -39.31 42.00 -69.44
CA GLY B 1520 -38.55 42.52 -70.57
C GLY B 1520 -37.95 43.89 -70.30
N LEU B 1521 -37.40 44.09 -69.11
CA LEU B 1521 -36.85 45.37 -68.68
C LEU B 1521 -35.46 45.15 -68.10
N GLN B 1522 -34.54 46.05 -68.41
CA GLN B 1522 -33.18 45.99 -67.89
C GLN B 1522 -32.89 47.23 -67.06
N CYS B 1523 -31.94 47.10 -66.14
CA CYS B 1523 -31.65 48.14 -65.16
C CYS B 1523 -30.18 48.53 -65.24
N ASP B 1524 -29.89 49.81 -64.99
CA ASP B 1524 -28.54 50.32 -65.02
C ASP B 1524 -27.73 49.86 -63.81
N GLN B 1525 -26.46 50.27 -63.78
CA GLN B 1525 -25.59 49.96 -62.66
C GLN B 1525 -26.01 50.65 -61.37
N ASN B 1526 -26.75 51.76 -61.45
CA ASN B 1526 -27.24 52.43 -60.25
C ASN B 1526 -28.56 51.84 -59.75
N GLY B 1527 -29.21 51.00 -60.55
CA GLY B 1527 -30.38 50.26 -60.12
C GLY B 1527 -31.71 50.73 -60.66
N GLN B 1528 -31.78 51.89 -61.30
CA GLN B 1528 -33.04 52.37 -61.88
C GLN B 1528 -33.16 51.86 -63.32
N TYR B 1529 -34.20 52.30 -64.01
CA TYR B 1529 -34.34 52.02 -65.43
C TYR B 1529 -33.22 52.66 -66.23
N ARG B 1530 -32.69 51.93 -67.21
CA ARG B 1530 -31.92 52.56 -68.27
C ARG B 1530 -32.82 53.40 -69.16
N ALA B 1531 -32.18 54.24 -69.97
CA ALA B 1531 -32.91 55.07 -70.94
C ALA B 1531 -33.67 54.20 -71.93
N SER B 1532 -32.95 53.44 -72.76
CA SER B 1532 -33.56 52.63 -73.80
C SER B 1532 -33.92 51.25 -73.28
N GLN B 1533 -35.04 50.71 -73.78
CA GLN B 1533 -35.50 49.37 -73.45
C GLN B 1533 -35.99 48.71 -74.73
N LYS B 1534 -35.61 47.45 -74.94
CA LYS B 1534 -36.04 46.74 -76.14
C LYS B 1534 -37.53 46.41 -76.10
N ASP B 1535 -38.17 46.42 -77.26
CA ASP B 1535 -39.63 46.27 -77.35
C ASP B 1535 -40.01 44.84 -77.69
N ARG B 1536 -40.86 44.26 -76.84
CA ARG B 1536 -41.36 42.87 -76.93
C ARG B 1536 -40.21 41.87 -77.03
N GLY B 1537 -39.18 42.07 -76.22
CA GLY B 1537 -37.96 41.31 -76.38
C GLY B 1537 -37.23 41.75 -77.63
N SER B 1538 -37.19 40.90 -78.64
CA SER B 1538 -36.64 41.30 -79.93
C SER B 1538 -37.56 42.30 -80.61
N GLY B 1539 -36.96 43.32 -81.20
CA GLY B 1539 -37.71 44.37 -81.85
C GLY B 1539 -36.98 45.70 -81.74
N LYS B 1540 -37.76 46.78 -81.81
CA LYS B 1540 -37.23 48.12 -81.71
C LYS B 1540 -36.93 48.49 -80.25
N ALA B 1541 -36.50 49.73 -80.04
CA ALA B 1541 -36.19 50.25 -78.71
C ALA B 1541 -37.09 51.44 -78.41
N PHE B 1542 -37.68 51.44 -77.23
CA PHE B 1542 -38.50 52.53 -76.72
C PHE B 1542 -37.89 53.02 -75.41
N CYS B 1543 -37.90 54.32 -75.21
CA CYS B 1543 -37.09 54.96 -74.17
C CYS B 1543 -37.96 55.58 -73.08
N VAL B 1544 -37.92 55.00 -71.89
CA VAL B 1544 -38.96 55.16 -70.89
C VAL B 1544 -38.59 56.23 -69.87
N ASP B 1545 -39.56 56.58 -69.03
CA ASP B 1545 -39.40 57.60 -67.98
C ASP B 1545 -38.45 57.11 -66.89
N GLY B 1546 -37.78 58.07 -66.23
CA GLY B 1546 -36.76 57.73 -65.25
C GLY B 1546 -37.30 57.10 -63.98
N GLU B 1547 -38.43 57.59 -63.47
CA GLU B 1547 -38.94 57.09 -62.19
C GLU B 1547 -40.02 56.04 -62.34
N GLY B 1548 -40.87 56.13 -63.36
CA GLY B 1548 -41.88 55.14 -63.65
C GLY B 1548 -41.49 54.35 -64.89
N ARG B 1549 -41.80 53.06 -64.90
CA ARG B 1549 -41.43 52.19 -66.01
C ARG B 1549 -42.17 52.56 -67.30
N ARG B 1550 -43.27 53.31 -67.22
CA ARG B 1550 -44.08 53.64 -68.38
C ARG B 1550 -43.30 54.47 -69.40
N LEU B 1551 -43.54 54.17 -70.67
CA LEU B 1551 -42.93 54.93 -71.74
C LEU B 1551 -43.64 56.27 -71.89
N PRO B 1552 -42.92 57.33 -72.26
CA PRO B 1552 -43.61 58.45 -72.92
C PRO B 1552 -43.94 58.03 -74.35
N TRP B 1553 -45.13 57.41 -74.50
CA TRP B 1553 -45.52 56.75 -75.75
C TRP B 1553 -45.56 57.72 -76.90
N TRP B 1554 -46.37 58.78 -76.76
CA TRP B 1554 -46.66 59.83 -77.74
C TRP B 1554 -45.47 60.40 -78.50
N GLU B 1555 -44.27 60.37 -77.91
CA GLU B 1555 -43.06 60.79 -78.58
C GLU B 1555 -42.74 59.92 -79.80
N THR B 1556 -42.39 58.65 -79.58
CA THR B 1556 -41.94 57.77 -80.66
C THR B 1556 -42.49 56.36 -80.50
N GLU B 1557 -43.79 56.22 -80.19
CA GLU B 1557 -44.33 54.87 -80.07
C GLU B 1557 -44.52 54.23 -81.45
N ALA B 1558 -44.78 55.04 -82.47
CA ALA B 1558 -45.06 54.55 -83.82
C ALA B 1558 -43.85 54.22 -84.69
N PRO B 1559 -42.77 55.02 -84.78
CA PRO B 1559 -41.67 54.63 -85.69
C PRO B 1559 -40.92 53.39 -85.21
N LEU B 1560 -40.95 52.35 -86.05
CA LEU B 1560 -40.17 51.12 -85.83
C LEU B 1560 -38.75 51.40 -86.33
N GLU B 1561 -37.95 51.99 -85.46
CA GLU B 1561 -36.71 52.61 -85.90
C GLU B 1561 -35.65 52.47 -84.80
N ASP B 1562 -34.61 53.28 -84.87
CA ASP B 1562 -33.34 53.06 -84.20
C ASP B 1562 -33.44 53.23 -82.68
N SER B 1563 -32.37 52.80 -82.01
CA SER B 1563 -32.22 52.87 -80.56
C SER B 1563 -31.51 54.18 -80.17
N GLN B 1564 -31.05 54.27 -78.92
CA GLN B 1564 -30.22 55.35 -78.39
C GLN B 1564 -30.95 56.71 -78.44
N CYS B 1565 -31.98 56.81 -77.59
CA CYS B 1565 -32.63 58.09 -77.35
C CYS B 1565 -31.80 58.96 -76.41
N LEU B 1566 -30.57 59.31 -76.80
CA LEU B 1566 -29.74 60.18 -76.00
C LEU B 1566 -30.03 61.66 -76.31
N MET B 1567 -31.31 62.00 -76.34
CA MET B 1567 -31.79 63.37 -76.24
C MET B 1567 -33.06 63.28 -75.40
N MET B 1568 -33.14 64.09 -74.35
CA MET B 1568 -34.20 63.92 -73.37
C MET B 1568 -35.52 64.42 -73.98
N GLN B 1569 -36.42 63.48 -74.28
CA GLN B 1569 -37.73 63.84 -74.79
C GLN B 1569 -38.60 64.41 -73.68
N LYS B 1570 -38.31 65.63 -73.26
CA LYS B 1570 -39.19 66.39 -72.39
C LYS B 1570 -40.37 66.98 -73.14
N PHE B 1571 -40.40 66.84 -74.47
CA PHE B 1571 -41.54 67.27 -75.25
C PHE B 1571 -42.76 66.39 -74.95
N GLU B 1572 -43.93 66.83 -75.41
CA GLU B 1572 -45.16 66.07 -75.22
C GLU B 1572 -46.05 66.31 -76.42
N LYS B 1573 -46.39 65.24 -77.14
CA LYS B 1573 -47.31 65.30 -78.27
C LYS B 1573 -48.70 65.61 -77.74
N VAL B 1574 -49.15 66.84 -77.99
CA VAL B 1574 -50.45 67.33 -77.52
C VAL B 1574 -51.56 66.57 -78.24
N PRO B 1575 -52.58 66.07 -77.52
CA PRO B 1575 -53.72 65.43 -78.17
C PRO B 1575 -54.51 66.42 -79.03
N GLU B 1576 -55.17 65.87 -80.05
CA GLU B 1576 -55.87 66.70 -81.03
C GLU B 1576 -57.06 67.45 -80.42
N SER B 1577 -57.60 66.95 -79.31
CA SER B 1577 -58.64 67.66 -78.57
C SER B 1577 -58.15 68.94 -77.90
N LYS B 1578 -56.83 69.14 -77.78
CA LYS B 1578 -56.25 70.33 -77.18
C LYS B 1578 -55.53 71.18 -78.22
N VAL B 1579 -56.08 71.25 -79.43
CA VAL B 1579 -55.56 72.12 -80.49
C VAL B 1579 -56.69 72.51 -81.44
N ILE B 1580 -56.74 73.77 -81.82
CA ILE B 1580 -57.65 74.24 -82.85
C ILE B 1580 -56.84 74.46 -84.13
N PHE B 1581 -57.55 74.63 -85.24
CA PHE B 1581 -56.92 74.84 -86.54
C PHE B 1581 -57.40 76.14 -87.16
N ASP B 1582 -56.50 76.78 -87.92
CA ASP B 1582 -56.75 77.98 -88.72
C ASP B 1582 -57.27 79.15 -87.88
N ALA B 1583 -56.66 79.35 -86.72
CA ALA B 1583 -56.96 80.53 -85.91
C ALA B 1583 -56.41 81.79 -86.59
N ASN B 1584 -56.91 82.94 -86.16
CA ASN B 1584 -56.64 84.18 -86.88
C ASN B 1584 -55.32 84.84 -86.49
N ALA B 1585 -54.25 84.06 -86.45
CA ALA B 1585 -52.87 84.54 -86.45
C ALA B 1585 -51.96 83.44 -86.99
N PRO B 1586 -52.15 82.97 -88.23
CA PRO B 1586 -51.48 81.73 -88.64
C PRO B 1586 -50.06 81.98 -89.15
N VAL B 1587 -49.18 82.43 -88.26
CA VAL B 1587 -47.80 82.75 -88.60
C VAL B 1587 -46.88 81.76 -87.92
N ALA B 1588 -46.03 81.12 -88.70
CA ALA B 1588 -44.96 80.26 -88.19
C ALA B 1588 -43.65 81.02 -88.30
N VAL B 1589 -42.84 80.98 -87.25
CA VAL B 1589 -41.61 81.76 -87.23
C VAL B 1589 -40.61 81.24 -88.27
N ARG B 1590 -40.47 79.91 -88.40
CA ARG B 1590 -39.76 79.24 -89.49
C ARG B 1590 -39.97 77.72 -89.48
N SER B 1591 -39.34 77.08 -90.46
CA SER B 1591 -39.33 75.63 -90.63
C SER B 1591 -38.01 75.26 -91.30
N LYS B 1592 -37.86 73.97 -91.63
CA LYS B 1592 -36.74 73.51 -92.43
C LYS B 1592 -37.16 72.25 -93.18
N VAL B 1593 -36.59 72.08 -94.37
CA VAL B 1593 -36.81 70.88 -95.18
C VAL B 1593 -35.98 69.74 -94.59
N PRO B 1594 -36.56 68.57 -94.36
CA PRO B 1594 -35.83 67.48 -93.72
C PRO B 1594 -35.07 66.63 -94.75
N ASP B 1595 -34.26 65.70 -94.23
CA ASP B 1595 -33.41 64.87 -95.05
C ASP B 1595 -33.97 63.47 -95.26
N SER B 1596 -35.24 63.24 -94.90
CA SER B 1596 -35.92 61.94 -94.97
C SER B 1596 -35.17 60.84 -94.22
N GLU B 1597 -34.60 61.21 -93.07
CA GLU B 1597 -33.88 60.25 -92.23
C GLU B 1597 -34.06 60.72 -90.78
N PHE B 1598 -35.05 60.11 -90.11
CA PHE B 1598 -35.55 60.56 -88.82
C PHE B 1598 -35.89 62.05 -88.77
N PRO B 1599 -36.91 62.51 -89.51
CA PRO B 1599 -37.22 63.96 -89.53
C PRO B 1599 -37.65 64.51 -88.17
N VAL B 1600 -38.42 63.73 -87.42
CA VAL B 1600 -38.89 64.16 -86.11
C VAL B 1600 -37.72 64.36 -85.15
N MET B 1601 -36.76 63.43 -85.17
CA MET B 1601 -35.56 63.57 -84.34
C MET B 1601 -34.71 64.75 -84.80
N GLN B 1602 -34.70 65.03 -86.10
CA GLN B 1602 -34.00 66.21 -86.62
C GLN B 1602 -34.60 67.50 -86.09
N CYS B 1603 -35.93 67.60 -86.06
CA CYS B 1603 -36.56 68.82 -85.53
C CYS B 1603 -36.42 68.91 -84.01
N LEU B 1604 -36.48 67.78 -83.30
CA LEU B 1604 -36.22 67.78 -81.86
C LEU B 1604 -34.79 68.22 -81.54
N THR B 1605 -33.82 67.81 -82.37
CA THR B 1605 -32.47 68.34 -82.19
C THR B 1605 -32.38 69.81 -82.59
N ASP B 1606 -33.22 70.24 -83.54
CA ASP B 1606 -33.25 71.66 -83.92
C ASP B 1606 -33.76 72.54 -82.78
N CYS B 1607 -34.64 72.02 -81.93
CA CYS B 1607 -35.03 72.72 -80.71
C CYS B 1607 -34.40 72.15 -79.45
N THR B 1608 -33.11 71.79 -79.53
CA THR B 1608 -32.33 71.71 -78.30
C THR B 1608 -32.01 73.10 -77.76
N GLU B 1609 -31.80 74.07 -78.65
CA GLU B 1609 -31.64 75.45 -78.26
C GLU B 1609 -33.00 76.06 -77.92
N ASP B 1610 -32.98 77.01 -76.97
CA ASP B 1610 -34.20 77.37 -76.25
C ASP B 1610 -35.18 78.23 -77.05
N GLU B 1611 -34.67 79.05 -77.97
CA GLU B 1611 -35.38 80.25 -78.43
C GLU B 1611 -36.66 79.91 -79.18
N ALA B 1612 -37.77 80.51 -78.69
CA ALA B 1612 -39.06 80.71 -79.39
C ALA B 1612 -39.50 79.51 -80.22
N CYS B 1613 -39.58 78.35 -79.57
CA CYS B 1613 -39.90 77.09 -80.25
C CYS B 1613 -41.28 76.55 -79.92
N SER B 1614 -41.52 76.22 -78.65
CA SER B 1614 -42.81 76.06 -77.97
C SER B 1614 -43.70 74.91 -78.43
N PHE B 1615 -43.64 74.57 -79.73
CA PHE B 1615 -44.26 73.42 -80.39
C PHE B 1615 -43.99 73.39 -81.89
N PHE B 1616 -44.18 72.20 -82.46
CA PHE B 1616 -43.95 71.85 -83.85
C PHE B 1616 -45.27 71.66 -84.57
N THR B 1617 -45.19 71.65 -85.90
CA THR B 1617 -46.23 71.10 -86.75
C THR B 1617 -45.54 70.48 -87.96
N VAL B 1618 -45.65 69.17 -88.09
CA VAL B 1618 -45.12 68.45 -89.25
C VAL B 1618 -46.16 68.50 -90.37
N SER B 1619 -45.75 68.15 -91.58
CA SER B 1619 -46.64 68.22 -92.75
C SER B 1619 -46.34 67.03 -93.64
N THR B 1620 -47.19 65.99 -93.55
CA THR B 1620 -46.97 64.74 -94.25
C THR B 1620 -47.74 64.63 -95.57
N THR B 1621 -48.33 65.73 -96.04
CA THR B 1621 -49.04 65.72 -97.32
C THR B 1621 -48.07 65.54 -98.48
N GLU B 1622 -46.98 66.29 -98.48
CA GLU B 1622 -45.94 66.20 -99.49
C GLU B 1622 -44.76 65.40 -98.95
N PRO B 1623 -43.90 64.84 -99.83
CA PRO B 1623 -42.70 64.13 -99.34
C PRO B 1623 -41.75 64.99 -98.51
N GLU B 1624 -41.63 66.28 -98.80
CA GLU B 1624 -40.96 67.18 -97.86
C GLU B 1624 -41.82 67.35 -96.62
N ILE B 1625 -41.18 67.23 -95.45
CA ILE B 1625 -41.93 67.23 -94.20
C ILE B 1625 -41.57 68.50 -93.43
N SER B 1626 -42.34 69.56 -93.64
CA SER B 1626 -41.99 70.86 -93.09
C SER B 1626 -42.30 70.89 -91.59
N CYS B 1627 -41.26 71.13 -90.78
CA CYS B 1627 -41.41 71.32 -89.33
C CYS B 1627 -41.66 72.79 -89.04
N ASP B 1628 -42.87 73.24 -89.34
CA ASP B 1628 -43.27 74.61 -89.06
C ASP B 1628 -43.41 74.75 -87.56
N PHE B 1629 -42.48 75.45 -86.90
CA PHE B 1629 -42.62 75.57 -85.46
C PHE B 1629 -42.94 77.01 -85.08
N TYR B 1630 -43.40 77.17 -83.84
CA TYR B 1630 -44.06 78.42 -83.46
C TYR B 1630 -43.35 79.07 -82.27
N ALA B 1631 -43.95 80.05 -81.58
CA ALA B 1631 -43.18 80.82 -80.60
C ALA B 1631 -43.94 80.98 -79.28
N TRP B 1632 -43.17 81.22 -78.22
CA TRP B 1632 -43.72 81.59 -76.91
C TRP B 1632 -44.30 82.99 -77.02
N THR B 1633 -45.61 83.07 -77.22
CA THR B 1633 -46.32 84.35 -77.38
C THR B 1633 -47.80 84.07 -77.18
N SER B 1634 -48.62 85.09 -77.46
CA SER B 1634 -50.06 84.89 -77.61
C SER B 1634 -50.33 83.88 -78.72
N ASP B 1635 -51.18 82.90 -78.41
CA ASP B 1635 -51.31 81.63 -79.13
C ASP B 1635 -49.95 80.94 -79.27
N LEU B 1660 -54.69 75.85 -65.73
CA LEU B 1660 -55.75 74.86 -65.92
C LEU B 1660 -56.39 75.01 -67.29
N ARG B 1661 -56.28 73.94 -68.09
CA ARG B 1661 -56.96 73.77 -69.38
C ARG B 1661 -56.61 74.88 -70.37
N CYS B 1662 -55.34 74.89 -70.78
CA CYS B 1662 -54.85 75.77 -71.83
C CYS B 1662 -54.38 74.91 -73.00
N GLN B 1663 -54.90 75.19 -74.18
CA GLN B 1663 -54.64 74.41 -75.38
C GLN B 1663 -53.70 75.17 -76.30
N VAL B 1664 -53.30 74.52 -77.39
CA VAL B 1664 -52.58 75.19 -78.46
C VAL B 1664 -53.58 76.01 -79.26
N LYS B 1665 -53.34 77.32 -79.36
CA LYS B 1665 -54.37 78.26 -79.77
C LYS B 1665 -54.24 78.72 -81.21
N VAL B 1666 -53.35 78.14 -82.01
CA VAL B 1666 -53.22 78.49 -83.42
C VAL B 1666 -52.64 77.28 -84.15
N ARG B 1667 -52.95 77.17 -85.43
CA ARG B 1667 -52.28 76.28 -86.38
C ARG B 1667 -52.54 76.90 -87.76
N SER B 1668 -51.70 76.58 -88.73
CA SER B 1668 -51.69 77.23 -90.04
C SER B 1668 -52.55 76.54 -91.08
N HIS B 1669 -52.44 75.22 -91.25
CA HIS B 1669 -53.06 74.52 -92.36
C HIS B 1669 -54.36 73.84 -91.95
N GLY B 1670 -55.32 73.83 -92.87
CA GLY B 1670 -56.69 73.41 -92.56
C GLY B 1670 -57.06 71.95 -92.77
N GLN B 1671 -56.78 71.40 -93.95
CA GLN B 1671 -57.43 70.18 -94.43
C GLN B 1671 -57.06 68.96 -93.60
N ASP B 1672 -55.77 68.71 -93.44
CA ASP B 1672 -55.29 67.52 -92.75
C ASP B 1672 -54.87 67.87 -91.33
N SER B 1673 -54.57 66.84 -90.54
CA SER B 1673 -54.26 67.10 -89.14
C SER B 1673 -53.30 66.10 -88.51
N PRO B 1674 -51.98 66.22 -88.75
CA PRO B 1674 -51.02 65.56 -87.86
C PRO B 1674 -50.93 66.25 -86.51
N ALA B 1675 -50.16 65.67 -85.61
CA ALA B 1675 -50.13 66.13 -84.23
C ALA B 1675 -49.23 67.36 -84.08
N VAL B 1676 -49.31 67.95 -82.89
CA VAL B 1676 -48.43 69.03 -82.46
C VAL B 1676 -47.83 68.61 -81.12
N TYR B 1677 -46.68 69.20 -80.80
CA TYR B 1677 -45.92 68.82 -79.62
C TYR B 1677 -46.06 69.90 -78.55
N LEU B 1678 -45.27 69.78 -77.48
CA LEU B 1678 -45.13 70.85 -76.48
C LEU B 1678 -43.85 70.58 -75.69
N LYS B 1679 -42.87 71.46 -75.82
CA LYS B 1679 -41.66 71.36 -75.00
C LYS B 1679 -42.00 71.76 -73.57
N LYS B 1680 -41.62 70.91 -72.61
CA LYS B 1680 -42.10 71.03 -71.24
C LYS B 1680 -40.93 71.26 -70.30
N GLY B 1681 -41.07 72.24 -69.41
CA GLY B 1681 -40.11 72.45 -68.34
C GLY B 1681 -38.71 72.82 -68.80
N GLN B 1682 -38.58 73.37 -70.00
CA GLN B 1682 -37.27 73.72 -70.55
C GLN B 1682 -36.69 74.89 -69.75
N GLY B 1683 -35.38 74.83 -69.52
CA GLY B 1683 -34.71 75.79 -68.68
C GLY B 1683 -34.73 77.22 -69.17
N SER B 1684 -34.01 77.51 -70.24
CA SER B 1684 -34.04 78.87 -70.78
C SER B 1684 -35.23 79.04 -71.72
N THR B 1685 -35.62 80.29 -71.94
CA THR B 1685 -36.85 80.61 -72.66
C THR B 1685 -36.68 81.99 -73.27
N THR B 1686 -37.27 82.19 -74.45
CA THR B 1686 -37.33 83.50 -75.08
C THR B 1686 -38.76 83.70 -75.57
N THR B 1687 -39.46 84.68 -74.99
CA THR B 1687 -40.89 84.83 -75.18
C THR B 1687 -41.26 86.19 -75.77
N LEU B 1688 -40.40 86.72 -76.64
CA LEU B 1688 -40.55 87.92 -77.47
C LEU B 1688 -40.61 89.24 -76.70
N GLN B 1689 -40.58 89.21 -75.37
CA GLN B 1689 -40.40 90.43 -74.59
C GLN B 1689 -39.34 90.32 -73.51
N LYS B 1690 -39.06 89.12 -72.99
CA LYS B 1690 -38.13 88.95 -71.90
C LYS B 1690 -37.31 87.69 -72.15
N ARG B 1691 -36.27 87.50 -71.34
CA ARG B 1691 -35.33 86.39 -71.48
C ARG B 1691 -35.30 85.63 -70.16
N PHE B 1692 -36.11 84.58 -70.06
CA PHE B 1692 -36.28 83.86 -68.80
C PHE B 1692 -35.16 82.85 -68.60
N GLU B 1693 -34.73 82.71 -67.34
CA GLU B 1693 -33.68 81.76 -66.97
C GLU B 1693 -34.08 80.98 -65.73
N PRO B 1694 -33.71 79.69 -65.65
CA PRO B 1694 -34.08 78.87 -64.48
C PRO B 1694 -33.10 79.02 -63.31
N THR B 1695 -33.26 80.14 -62.59
CA THR B 1695 -32.42 80.44 -61.44
C THR B 1695 -32.65 79.41 -60.35
N GLY B 1696 -31.59 78.67 -59.99
CA GLY B 1696 -31.70 77.51 -59.13
C GLY B 1696 -32.09 77.73 -57.69
N PHE B 1697 -32.39 78.98 -57.32
CA PHE B 1697 -32.71 79.33 -55.95
C PHE B 1697 -34.12 78.88 -55.63
N GLN B 1698 -34.27 78.10 -54.56
CA GLN B 1698 -35.57 77.52 -54.24
C GLN B 1698 -36.58 78.57 -53.78
N ASN B 1699 -36.19 79.45 -52.87
CA ASN B 1699 -37.17 80.31 -52.21
C ASN B 1699 -36.80 81.78 -52.45
N MET B 1700 -37.73 82.64 -52.06
CA MET B 1700 -37.73 84.08 -52.31
C MET B 1700 -38.05 84.80 -51.01
N LEU B 1701 -37.58 86.04 -50.89
CA LEU B 1701 -37.79 86.79 -49.65
C LEU B 1701 -39.04 87.67 -49.69
N SER B 1702 -39.12 88.58 -50.66
CA SER B 1702 -40.20 89.56 -50.66
C SER B 1702 -40.51 90.02 -52.07
N GLY B 1703 -41.77 90.42 -52.28
CA GLY B 1703 -42.24 91.05 -53.50
C GLY B 1703 -43.04 90.13 -54.40
N LEU B 1704 -44.36 90.14 -54.27
CA LEU B 1704 -45.21 89.14 -54.90
C LEU B 1704 -46.64 89.66 -54.98
N TYR B 1705 -47.16 89.87 -56.19
CA TYR B 1705 -48.54 90.32 -56.32
C TYR B 1705 -49.56 89.24 -56.05
N ASN B 1706 -49.60 88.22 -56.90
CA ASN B 1706 -50.74 87.31 -56.98
C ASN B 1706 -50.27 85.86 -56.87
N PRO B 1707 -50.01 85.37 -55.66
CA PRO B 1707 -49.88 83.92 -55.49
C PRO B 1707 -51.24 83.26 -55.64
N ILE B 1708 -51.38 82.44 -56.67
CA ILE B 1708 -52.64 81.79 -56.99
C ILE B 1708 -52.42 80.28 -56.96
N VAL B 1709 -53.41 79.57 -56.47
CA VAL B 1709 -53.33 78.14 -56.28
C VAL B 1709 -54.13 77.47 -57.39
N PHE B 1710 -53.76 76.24 -57.72
CA PHE B 1710 -54.51 75.44 -58.68
C PHE B 1710 -54.83 74.09 -58.04
N SER B 1711 -55.89 73.46 -58.56
CA SER B 1711 -56.36 72.20 -58.02
C SER B 1711 -55.34 71.10 -58.26
N ALA B 1712 -55.34 70.11 -57.35
CA ALA B 1712 -54.39 69.01 -57.44
C ALA B 1712 -54.60 68.15 -58.69
N SER B 1713 -55.83 68.06 -59.16
CA SER B 1713 -56.14 67.38 -60.41
C SER B 1713 -56.18 68.34 -61.60
N GLY B 1714 -55.92 69.63 -61.37
CA GLY B 1714 -56.01 70.62 -62.43
C GLY B 1714 -54.92 70.56 -63.48
N ALA B 1715 -53.69 70.89 -63.08
CA ALA B 1715 -52.57 71.00 -64.00
C ALA B 1715 -51.53 69.92 -63.70
N ASN B 1716 -50.55 69.82 -64.60
CA ASN B 1716 -49.50 68.81 -64.53
C ASN B 1716 -48.10 69.43 -64.47
N LEU B 1717 -47.99 70.61 -63.85
CA LEU B 1717 -46.79 71.44 -63.67
C LEU B 1717 -46.24 72.00 -64.98
N THR B 1718 -46.84 71.69 -66.12
CA THR B 1718 -46.49 72.25 -67.42
C THR B 1718 -47.52 73.26 -67.90
N ASP B 1719 -48.80 72.94 -67.72
CA ASP B 1719 -49.87 73.90 -67.97
C ASP B 1719 -49.73 75.11 -67.06
N ALA B 1720 -49.36 74.88 -65.80
CA ALA B 1720 -49.05 75.98 -64.89
C ALA B 1720 -47.84 76.79 -65.36
N HIS B 1721 -46.82 76.09 -65.86
CA HIS B 1721 -45.61 76.75 -66.38
C HIS B 1721 -45.97 77.68 -67.54
N LEU B 1722 -46.78 77.17 -68.48
CA LEU B 1722 -47.25 77.97 -69.62
C LEU B 1722 -48.10 79.15 -69.15
N PHE B 1723 -48.97 78.90 -68.16
CA PHE B 1723 -49.87 79.94 -67.66
C PHE B 1723 -49.11 81.08 -67.02
N CYS B 1724 -48.21 80.78 -66.08
CA CYS B 1724 -47.47 81.84 -65.40
C CYS B 1724 -46.48 82.54 -66.33
N LEU B 1725 -45.86 81.78 -67.25
CA LEU B 1725 -44.94 82.39 -68.21
C LEU B 1725 -45.66 83.36 -69.13
N LEU B 1726 -46.82 82.95 -69.65
CA LEU B 1726 -47.61 83.85 -70.50
C LEU B 1726 -48.19 85.01 -69.71
N ALA B 1727 -48.52 84.79 -68.43
CA ALA B 1727 -49.04 85.86 -67.59
C ALA B 1727 -47.99 86.94 -67.35
N CYS B 1728 -46.74 86.54 -67.07
CA CYS B 1728 -45.67 87.51 -66.93
C CYS B 1728 -45.35 88.17 -68.27
N ASP B 1729 -45.33 87.39 -69.36
CA ASP B 1729 -45.01 87.93 -70.68
C ASP B 1729 -46.04 88.97 -71.14
N ARG B 1730 -47.31 88.75 -70.79
CA ARG B 1730 -48.34 89.76 -71.07
C ARG B 1730 -48.11 91.03 -70.24
N ASP B 1731 -47.77 90.89 -68.97
CA ASP B 1731 -47.67 92.02 -68.07
C ASP B 1731 -46.31 92.71 -68.25
N LEU B 1732 -46.13 93.86 -67.57
CA LEU B 1732 -44.92 94.64 -67.65
C LEU B 1732 -44.16 94.59 -66.32
N CYS B 1733 -42.83 94.70 -66.43
CA CYS B 1733 -41.88 94.88 -65.32
C CYS B 1733 -41.85 93.71 -64.33
N CYS B 1734 -42.34 92.54 -64.72
CA CYS B 1734 -42.16 91.36 -63.88
C CYS B 1734 -40.74 90.83 -64.05
N ASP B 1735 -39.94 90.98 -62.99
CA ASP B 1735 -38.57 90.47 -63.01
C ASP B 1735 -38.51 88.96 -63.08
N GLY B 1736 -39.53 88.27 -62.59
CA GLY B 1736 -39.53 86.82 -62.61
C GLY B 1736 -40.84 86.28 -62.08
N PHE B 1737 -40.84 84.97 -61.81
CA PHE B 1737 -42.00 84.31 -61.23
C PHE B 1737 -41.56 83.02 -60.54
N VAL B 1738 -42.30 82.64 -59.50
CA VAL B 1738 -42.07 81.43 -58.73
C VAL B 1738 -43.20 80.44 -59.02
N LEU B 1739 -42.85 79.15 -59.05
CA LEU B 1739 -43.85 78.11 -59.04
C LEU B 1739 -43.36 76.97 -58.14
N THR B 1740 -44.33 76.24 -57.59
CA THR B 1740 -44.00 75.10 -56.75
C THR B 1740 -45.14 74.10 -56.73
N GLN B 1741 -44.79 72.84 -56.52
CA GLN B 1741 -45.74 71.76 -56.30
C GLN B 1741 -45.35 71.05 -55.01
N VAL B 1742 -46.27 71.02 -54.06
CA VAL B 1742 -46.10 70.40 -52.75
C VAL B 1742 -46.51 68.94 -52.90
N GLN B 1743 -45.97 68.06 -52.05
CA GLN B 1743 -46.30 66.64 -52.11
C GLN B 1743 -47.76 66.33 -51.78
N GLY B 1744 -48.49 67.28 -51.20
CA GLY B 1744 -49.93 67.17 -51.03
C GLY B 1744 -50.76 67.51 -52.24
N GLY B 1745 -50.12 67.72 -53.40
CA GLY B 1745 -50.81 67.93 -54.64
C GLY B 1745 -51.07 69.37 -55.03
N ALA B 1746 -51.00 70.31 -54.09
CA ALA B 1746 -51.28 71.71 -54.40
C ALA B 1746 -50.17 72.31 -55.25
N ILE B 1747 -50.56 73.16 -56.21
CA ILE B 1747 -49.63 73.85 -57.09
C ILE B 1747 -49.83 75.35 -56.90
N ILE B 1748 -48.74 76.04 -56.58
CA ILE B 1748 -48.78 77.46 -56.23
C ILE B 1748 -47.93 78.21 -57.26
N CYS B 1749 -48.50 79.29 -57.81
CA CYS B 1749 -47.79 80.12 -58.77
C CYS B 1749 -47.85 81.57 -58.33
N GLY B 1750 -46.69 82.20 -58.18
CA GLY B 1750 -46.63 83.62 -57.91
C GLY B 1750 -45.78 84.32 -58.94
N LEU B 1751 -46.00 85.62 -59.07
CA LEU B 1751 -45.32 86.42 -60.08
C LEU B 1751 -44.46 87.47 -59.38
N LEU B 1752 -43.14 87.32 -59.49
CA LEU B 1752 -42.20 88.19 -58.80
C LEU B 1752 -42.09 89.56 -59.45
N SER B 1753 -41.78 90.56 -58.63
CA SER B 1753 -41.29 91.87 -59.06
C SER B 1753 -40.64 92.58 -57.90
N SER B 1754 -39.49 93.19 -58.16
CA SER B 1754 -38.61 93.78 -57.17
C SER B 1754 -38.31 92.88 -55.96
N PRO B 1755 -37.62 91.75 -56.15
CA PRO B 1755 -37.21 90.96 -54.98
C PRO B 1755 -36.07 91.63 -54.25
N SER B 1756 -35.99 91.37 -52.95
CA SER B 1756 -34.90 91.93 -52.16
C SER B 1756 -33.63 91.12 -52.32
N VAL B 1757 -33.68 89.84 -51.98
CA VAL B 1757 -32.55 88.92 -52.14
C VAL B 1757 -33.12 87.51 -52.25
N LEU B 1758 -32.61 86.74 -53.21
CA LEU B 1758 -32.95 85.32 -53.28
C LEU B 1758 -31.99 84.54 -52.40
N LEU B 1759 -32.52 83.50 -51.76
CA LEU B 1759 -31.77 82.72 -50.79
C LEU B 1759 -32.11 81.24 -50.94
N CYS B 1760 -31.23 80.40 -50.41
CA CYS B 1760 -31.31 78.93 -50.37
C CYS B 1760 -31.51 78.31 -51.75
N ASN B 1761 -30.39 78.32 -52.50
CA ASN B 1761 -30.24 77.59 -53.76
C ASN B 1761 -30.45 76.09 -53.55
N VAL B 1762 -30.74 75.35 -54.62
CA VAL B 1762 -30.93 73.90 -54.50
C VAL B 1762 -29.62 73.19 -54.20
N LYS B 1763 -28.51 73.60 -54.84
CA LYS B 1763 -27.24 72.89 -54.69
C LYS B 1763 -26.34 73.56 -53.64
N ASP B 1764 -26.83 73.59 -52.40
CA ASP B 1764 -26.00 74.05 -51.29
C ASP B 1764 -26.12 73.05 -50.13
N TRP B 1765 -25.11 73.03 -49.28
CA TRP B 1765 -25.27 72.34 -48.01
C TRP B 1765 -25.94 73.34 -47.10
N MET B 1766 -27.27 73.30 -47.03
CA MET B 1766 -27.96 74.12 -46.04
C MET B 1766 -28.69 73.28 -45.01
N ASP B 1767 -29.11 72.08 -45.38
CA ASP B 1767 -29.72 71.16 -44.43
C ASP B 1767 -28.66 70.62 -43.47
N PRO B 1768 -28.81 70.81 -42.16
CA PRO B 1768 -27.81 70.31 -41.21
C PRO B 1768 -28.05 68.89 -40.71
N SER B 1769 -28.94 68.14 -41.36
CA SER B 1769 -29.46 66.85 -40.88
C SER B 1769 -30.02 66.97 -39.47
N GLU B 1770 -30.68 68.09 -39.20
CA GLU B 1770 -31.19 68.45 -37.89
C GLU B 1770 -32.58 69.06 -38.09
N ALA B 1771 -33.41 68.99 -37.05
CA ALA B 1771 -34.79 69.48 -37.09
C ALA B 1771 -34.84 70.97 -37.40
N TRP B 1772 -35.75 71.34 -38.31
CA TRP B 1772 -35.90 72.72 -38.77
C TRP B 1772 -36.32 73.63 -37.62
N ALA B 1773 -35.75 74.83 -37.60
CA ALA B 1773 -35.86 75.65 -36.39
C ALA B 1773 -37.17 76.43 -36.36
N ASN B 1774 -37.29 77.48 -37.17
CA ASN B 1774 -38.52 78.26 -37.20
C ASN B 1774 -39.14 78.19 -38.60
N ALA B 1775 -38.38 78.58 -39.62
CA ALA B 1775 -38.54 78.25 -41.03
C ALA B 1775 -37.24 78.67 -41.67
N THR B 1776 -36.60 77.81 -42.47
CA THR B 1776 -35.28 78.17 -42.99
C THR B 1776 -35.28 78.30 -44.52
N CYS B 1777 -35.40 77.21 -45.28
CA CYS B 1777 -35.58 77.38 -46.72
C CYS B 1777 -37.05 77.43 -47.17
N PRO B 1778 -37.96 76.41 -46.87
CA PRO B 1778 -39.28 76.44 -47.52
C PRO B 1778 -40.19 77.59 -47.11
N GLY B 1779 -40.43 77.74 -45.81
CA GLY B 1779 -41.35 78.75 -45.33
C GLY B 1779 -42.80 78.46 -45.61
N VAL B 1780 -43.13 77.22 -45.98
CA VAL B 1780 -44.50 76.80 -46.20
C VAL B 1780 -44.89 75.57 -45.39
N THR B 1781 -43.94 74.78 -44.91
CA THR B 1781 -44.25 73.58 -44.14
C THR B 1781 -44.71 73.93 -42.73
N ASN B 1814 -41.18 66.88 -53.48
CA ASN B 1814 -41.55 68.27 -53.67
C ASN B 1814 -40.87 68.84 -54.91
N PHE B 1815 -41.33 70.02 -55.34
CA PHE B 1815 -40.67 70.71 -56.43
C PHE B 1815 -40.93 72.21 -56.27
N GLN B 1816 -39.92 73.02 -56.57
CA GLN B 1816 -40.04 74.47 -56.40
C GLN B 1816 -38.95 75.14 -57.21
N GLN B 1817 -39.33 76.19 -57.95
CA GLN B 1817 -38.37 76.90 -58.78
C GLN B 1817 -38.75 78.37 -58.89
N VAL B 1818 -37.74 79.20 -59.12
CA VAL B 1818 -37.88 80.63 -59.34
C VAL B 1818 -37.18 80.96 -60.64
N TYR B 1819 -37.87 81.68 -61.53
CA TYR B 1819 -37.30 82.07 -62.82
C TYR B 1819 -37.22 83.58 -62.88
N LEU B 1820 -36.13 84.09 -63.46
CA LEU B 1820 -35.88 85.53 -63.55
C LEU B 1820 -35.67 85.95 -64.99
N TRP B 1821 -36.13 87.15 -65.31
CA TRP B 1821 -35.82 87.82 -66.57
C TRP B 1821 -34.39 88.32 -66.45
N LYS B 1822 -33.47 87.69 -67.20
CA LYS B 1822 -32.04 87.98 -67.01
C LYS B 1822 -31.65 89.38 -67.47
N ASP B 1823 -32.41 89.99 -68.38
CA ASP B 1823 -32.11 91.32 -68.89
C ASP B 1823 -33.08 92.35 -68.34
N SER B 1824 -33.40 92.24 -67.05
CA SER B 1824 -34.41 93.09 -66.44
C SER B 1824 -33.91 94.52 -66.28
N ASP B 1825 -34.87 95.43 -66.11
CA ASP B 1825 -34.61 96.86 -65.93
C ASP B 1825 -34.95 97.31 -64.51
N MET B 1826 -34.45 96.55 -63.52
CA MET B 1826 -34.73 96.78 -62.10
C MET B 1826 -34.36 98.20 -61.66
N GLY B 1827 -33.10 98.57 -61.79
CA GLY B 1827 -32.69 99.92 -61.45
C GLY B 1827 -33.21 100.96 -62.42
N SER B 1828 -33.26 100.62 -63.71
CA SER B 1828 -33.63 101.59 -64.74
C SER B 1828 -35.11 101.95 -64.73
N ARG B 1829 -35.93 101.19 -64.03
CA ARG B 1829 -37.38 101.46 -63.98
C ARG B 1829 -37.65 102.69 -63.15
N PRO B 1830 -38.36 103.70 -63.68
CA PRO B 1830 -38.78 104.82 -62.84
C PRO B 1830 -39.82 104.41 -61.82
N GLU B 1831 -39.81 105.10 -60.68
CA GLU B 1831 -40.70 104.77 -59.57
C GLU B 1831 -42.15 105.15 -59.90
N SER B 1832 -42.35 106.33 -60.47
CA SER B 1832 -43.70 106.89 -60.57
C SER B 1832 -44.53 106.17 -61.63
N MET B 1833 -43.96 105.92 -62.80
CA MET B 1833 -44.73 105.36 -63.91
C MET B 1833 -45.08 103.90 -63.64
N GLY B 1834 -46.33 103.54 -63.90
CA GLY B 1834 -46.84 102.21 -63.69
C GLY B 1834 -47.19 101.87 -62.25
N CYS B 1835 -46.42 102.40 -61.29
CA CYS B 1835 -46.61 102.25 -59.83
C CYS B 1835 -46.73 100.79 -59.38
N ARG B 1836 -46.15 99.88 -60.15
CA ARG B 1836 -46.44 98.46 -60.01
C ARG B 1836 -45.70 97.84 -58.83
N LYS B 1837 -46.12 98.19 -57.62
CA LYS B 1837 -45.53 97.74 -56.35
C LYS B 1837 -44.03 98.01 -56.30
N ASP B 1838 -43.67 99.26 -56.62
CA ASP B 1838 -42.30 99.72 -56.40
C ASP B 1838 -42.01 99.87 -54.91
N THR B 1839 -43.05 99.96 -54.08
CA THR B 1839 -42.93 100.18 -52.65
C THR B 1839 -42.48 98.94 -51.89
N VAL B 1840 -41.33 98.39 -52.27
CA VAL B 1840 -40.52 97.51 -51.42
C VAL B 1840 -40.06 98.43 -50.29
N PRO B 1841 -40.02 97.94 -49.02
CA PRO B 1841 -39.89 98.86 -47.87
C PRO B 1841 -38.68 99.79 -47.82
N ARG B 1842 -37.50 99.38 -48.35
CA ARG B 1842 -36.23 100.10 -48.25
C ARG B 1842 -35.90 100.39 -46.79
N PRO B 1843 -35.40 99.41 -46.04
CA PRO B 1843 -35.19 99.60 -44.59
C PRO B 1843 -34.13 100.66 -44.29
N ALA B 1844 -34.08 101.05 -43.02
CA ALA B 1844 -33.26 102.17 -42.58
C ALA B 1844 -31.77 101.86 -42.71
N SER B 1845 -31.00 102.92 -42.94
CA SER B 1845 -29.56 102.78 -43.15
C SER B 1845 -28.88 102.35 -41.85
N PRO B 1846 -27.90 101.44 -41.92
CA PRO B 1846 -27.25 100.95 -40.69
C PRO B 1846 -26.21 101.93 -40.18
N THR B 1847 -26.40 102.37 -38.94
CA THR B 1847 -25.41 103.23 -38.29
C THR B 1847 -24.16 102.42 -37.95
N GLU B 1848 -23.04 103.14 -37.81
CA GLU B 1848 -21.76 102.49 -37.54
C GLU B 1848 -21.74 101.85 -36.16
N ALA B 1849 -22.39 102.48 -35.18
CA ALA B 1849 -22.49 101.91 -33.84
C ALA B 1849 -23.47 100.74 -33.75
N GLY B 1850 -24.30 100.52 -34.78
CA GLY B 1850 -25.24 99.41 -34.75
C GLY B 1850 -24.56 98.06 -34.79
N LEU B 1851 -23.54 97.91 -35.63
CA LEU B 1851 -22.71 96.72 -35.64
C LEU B 1851 -21.28 97.13 -35.95
N THR B 1852 -20.33 96.62 -35.16
CA THR B 1852 -18.93 97.00 -35.34
C THR B 1852 -18.35 96.38 -36.61
N THR B 1853 -18.73 95.13 -36.91
CA THR B 1853 -18.14 94.27 -37.95
C THR B 1853 -16.62 94.21 -37.84
N GLU B 1854 -16.13 94.15 -36.60
CA GLU B 1854 -14.74 93.85 -36.32
C GLU B 1854 -14.50 92.36 -36.10
N LEU B 1855 -15.54 91.54 -36.28
CA LEU B 1855 -15.43 90.09 -36.23
C LEU B 1855 -14.90 89.50 -37.52
N PHE B 1856 -14.53 90.31 -38.50
CA PHE B 1856 -14.05 89.82 -39.78
C PHE B 1856 -12.78 90.55 -40.18
N SER B 1857 -11.94 89.87 -40.94
CA SER B 1857 -10.68 90.41 -41.40
C SER B 1857 -10.58 90.26 -42.91
N PRO B 1858 -10.01 91.24 -43.61
CA PRO B 1858 -9.80 91.09 -45.04
C PRO B 1858 -8.65 90.15 -45.34
N VAL B 1859 -8.74 89.49 -46.48
CA VAL B 1859 -7.74 88.53 -46.93
C VAL B 1859 -7.28 88.97 -48.32
N ASP B 1860 -5.96 89.13 -48.48
CA ASP B 1860 -5.40 89.47 -49.78
C ASP B 1860 -5.60 88.28 -50.72
N LEU B 1861 -6.05 88.57 -51.95
CA LEU B 1861 -6.50 87.54 -52.88
C LEU B 1861 -5.36 86.82 -53.59
N ASN B 1862 -4.11 87.24 -53.38
CA ASN B 1862 -2.99 86.57 -54.04
C ASN B 1862 -2.80 85.15 -53.52
N GLN B 1863 -3.13 84.90 -52.25
CA GLN B 1863 -3.03 83.56 -51.69
C GLN B 1863 -4.13 82.63 -52.19
N VAL B 1864 -5.23 83.18 -52.68
CA VAL B 1864 -6.32 82.37 -53.21
C VAL B 1864 -5.91 81.74 -54.53
N ILE B 1865 -6.23 80.47 -54.70
CA ILE B 1865 -5.94 79.72 -55.92
C ILE B 1865 -7.26 79.13 -56.43
N VAL B 1866 -7.55 79.35 -57.71
CA VAL B 1866 -8.80 78.87 -58.31
C VAL B 1866 -8.61 77.45 -58.80
N ASN B 1867 -9.49 76.55 -58.37
CA ASN B 1867 -9.47 75.14 -58.73
C ASN B 1867 -10.91 74.69 -58.95
N GLY B 1868 -11.65 75.44 -59.78
CA GLY B 1868 -13.09 75.26 -59.88
C GLY B 1868 -13.52 73.92 -60.44
N ASN B 1869 -12.74 73.38 -61.37
CA ASN B 1869 -13.09 72.10 -62.00
C ASN B 1869 -12.95 70.93 -61.02
N GLN B 1870 -12.13 71.08 -59.97
CA GLN B 1870 -11.86 69.98 -59.05
C GLN B 1870 -12.38 70.18 -57.64
N SER B 1871 -12.55 71.42 -57.17
CA SER B 1871 -12.89 71.65 -55.77
C SER B 1871 -14.36 71.36 -55.49
N LEU B 1872 -14.63 70.81 -54.31
CA LEU B 1872 -15.97 70.49 -53.85
C LEU B 1872 -16.17 71.02 -52.44
N SER B 1873 -15.80 72.28 -52.21
CA SER B 1873 -16.11 72.95 -50.96
C SER B 1873 -17.61 73.23 -50.94
N SER B 1874 -18.34 72.46 -50.14
CA SER B 1874 -19.79 72.67 -49.99
C SER B 1874 -20.06 74.02 -49.34
N GLN B 1875 -20.96 74.79 -49.95
CA GLN B 1875 -21.10 76.21 -49.68
C GLN B 1875 -22.44 76.70 -50.23
N LYS B 1876 -22.78 77.95 -49.93
CA LYS B 1876 -24.10 78.50 -50.20
C LYS B 1876 -23.98 79.80 -51.00
N HIS B 1877 -24.80 79.95 -52.04
CA HIS B 1877 -24.98 81.24 -52.73
C HIS B 1877 -26.20 81.94 -52.16
N TRP B 1878 -26.09 83.23 -51.88
CA TRP B 1878 -27.26 84.10 -51.69
C TRP B 1878 -27.10 85.29 -52.62
N LEU B 1879 -28.11 85.56 -53.45
CA LEU B 1879 -28.00 86.47 -54.57
C LEU B 1879 -28.85 87.72 -54.35
N PHE B 1880 -28.20 88.88 -54.20
CA PHE B 1880 -28.88 90.16 -54.13
C PHE B 1880 -29.25 90.66 -55.52
N LYS B 1881 -30.05 91.75 -55.51
CA LYS B 1881 -30.68 92.24 -56.71
C LYS B 1881 -30.24 93.63 -57.14
N HIS B 1882 -29.45 94.33 -56.32
CA HIS B 1882 -28.76 95.60 -56.62
C HIS B 1882 -29.74 96.78 -56.77
N LEU B 1883 -31.05 96.54 -56.61
CA LEU B 1883 -32.04 97.61 -56.65
C LEU B 1883 -31.85 98.60 -55.52
N PHE B 1884 -31.56 98.12 -54.32
CA PHE B 1884 -31.33 98.98 -53.17
C PHE B 1884 -30.04 98.70 -52.43
N SER B 1885 -29.45 97.50 -52.56
CA SER B 1885 -28.23 97.15 -51.86
C SER B 1885 -27.03 97.52 -52.73
N ALA B 1886 -26.23 98.47 -52.26
CA ALA B 1886 -24.99 98.84 -52.95
C ALA B 1886 -23.99 99.25 -51.87
N GLN B 1887 -22.97 98.41 -51.68
CA GLN B 1887 -21.84 98.51 -50.74
C GLN B 1887 -22.30 98.20 -49.31
N GLN B 1888 -23.61 98.06 -49.10
CA GLN B 1888 -24.15 97.56 -47.85
C GLN B 1888 -24.57 96.11 -47.96
N ALA B 1889 -24.30 95.46 -49.10
CA ALA B 1889 -24.41 94.01 -49.18
C ALA B 1889 -23.34 93.35 -48.33
N ASN B 1890 -22.18 94.01 -48.20
CA ASN B 1890 -21.10 93.52 -47.34
C ASN B 1890 -21.54 93.39 -45.90
N LEU B 1891 -22.10 94.48 -45.34
CA LEU B 1891 -22.54 94.49 -43.95
C LEU B 1891 -23.67 93.50 -43.71
N TRP B 1892 -24.61 93.40 -44.66
CA TRP B 1892 -25.72 92.47 -44.52
C TRP B 1892 -25.22 91.03 -44.52
N CYS B 1893 -24.30 90.71 -45.45
CA CYS B 1893 -23.87 89.32 -45.55
C CYS B 1893 -22.93 88.95 -44.42
N LEU B 1894 -22.17 89.90 -43.88
CA LEU B 1894 -21.39 89.63 -42.68
C LEU B 1894 -22.30 89.44 -41.47
N SER B 1895 -23.39 90.19 -41.38
CA SER B 1895 -24.35 89.97 -40.30
C SER B 1895 -25.04 88.62 -40.44
N ARG B 1896 -25.29 88.18 -41.68
CA ARG B 1896 -25.87 86.86 -41.89
C ARG B 1896 -24.87 85.77 -41.53
N CYS B 1897 -23.58 86.01 -41.82
CA CYS B 1897 -22.50 85.16 -41.33
C CYS B 1897 -22.49 85.06 -39.81
N VAL B 1898 -22.74 86.19 -39.14
CA VAL B 1898 -22.89 86.18 -37.69
C VAL B 1898 -24.11 85.36 -37.27
N GLN B 1899 -25.21 85.46 -38.04
CA GLN B 1899 -26.45 84.78 -37.68
C GLN B 1899 -26.32 83.26 -37.79
N GLU B 1900 -25.69 82.77 -38.86
CA GLU B 1900 -25.42 81.33 -38.97
C GLU B 1900 -24.18 81.04 -38.12
N HIS B 1901 -24.42 80.48 -36.93
CA HIS B 1901 -23.38 80.33 -35.92
C HIS B 1901 -22.25 79.42 -36.38
N SER B 1902 -22.60 78.28 -36.99
CA SER B 1902 -21.61 77.42 -37.61
C SER B 1902 -21.62 77.63 -39.13
N PHE B 1903 -20.61 77.05 -39.78
CA PHE B 1903 -20.53 76.88 -41.24
C PHE B 1903 -20.46 78.26 -41.93
N CYS B 1904 -19.80 79.23 -41.29
CA CYS B 1904 -19.53 80.47 -42.01
C CYS B 1904 -18.12 80.95 -41.65
N GLN B 1905 -17.14 80.07 -41.84
CA GLN B 1905 -15.76 80.50 -41.60
C GLN B 1905 -15.23 81.43 -42.68
N LEU B 1906 -15.94 81.60 -43.80
CA LEU B 1906 -15.51 82.50 -44.85
C LEU B 1906 -16.73 83.13 -45.52
N ALA B 1907 -16.61 84.41 -45.88
CA ALA B 1907 -17.64 85.10 -46.63
C ALA B 1907 -17.02 85.69 -47.90
N GLU B 1908 -17.75 85.63 -49.01
CA GLU B 1908 -17.23 86.06 -50.29
C GLU B 1908 -18.28 86.93 -51.00
N ILE B 1909 -17.84 88.04 -51.58
CA ILE B 1909 -18.74 88.99 -52.22
C ILE B 1909 -18.17 89.33 -53.60
N THR B 1910 -19.01 89.20 -54.63
CA THR B 1910 -18.66 89.65 -55.98
C THR B 1910 -19.92 90.08 -56.70
N GLU B 1911 -19.80 90.40 -57.99
CA GLU B 1911 -20.95 90.73 -58.81
C GLU B 1911 -20.78 90.16 -60.21
N SER B 1912 -21.87 89.59 -60.73
CA SER B 1912 -21.80 88.97 -62.06
C SER B 1912 -22.02 90.00 -63.17
N ALA B 1913 -23.23 90.59 -63.21
CA ALA B 1913 -23.59 91.51 -64.28
C ALA B 1913 -24.34 92.74 -63.78
N SER B 1914 -24.20 93.07 -62.49
CA SER B 1914 -24.78 94.19 -61.75
C SER B 1914 -26.30 94.10 -61.59
N LEU B 1915 -26.94 93.06 -62.11
CA LEU B 1915 -28.31 92.74 -61.69
C LEU B 1915 -28.29 91.78 -60.51
N TYR B 1916 -27.44 90.76 -60.57
CA TYR B 1916 -27.10 90.01 -59.38
C TYR B 1916 -26.13 90.80 -58.51
N PHE B 1917 -25.99 90.33 -57.26
CA PHE B 1917 -24.87 90.74 -56.41
C PHE B 1917 -24.61 89.55 -55.49
N THR B 1918 -23.55 88.80 -55.78
CA THR B 1918 -23.34 87.50 -55.18
C THR B 1918 -22.68 87.63 -53.81
N CYS B 1919 -23.25 86.99 -52.79
CA CYS B 1919 -22.49 86.71 -51.58
C CYS B 1919 -22.61 85.22 -51.29
N THR B 1920 -21.47 84.56 -51.17
CA THR B 1920 -21.41 83.14 -50.89
C THR B 1920 -20.82 82.89 -49.52
N LEU B 1921 -21.45 81.97 -48.78
CA LEU B 1921 -21.02 81.55 -47.46
C LEU B 1921 -20.26 80.25 -47.58
N TYR B 1922 -19.03 80.22 -47.06
CA TYR B 1922 -18.07 79.14 -47.15
C TYR B 1922 -17.69 78.67 -45.76
N PRO B 1923 -17.31 77.40 -45.61
CA PRO B 1923 -16.50 76.99 -44.47
C PRO B 1923 -15.04 77.30 -44.73
N GLU B 1924 -14.19 76.96 -43.76
CA GLU B 1924 -12.76 77.21 -43.92
C GLU B 1924 -12.20 76.30 -44.99
N ALA B 1925 -11.59 76.91 -46.01
CA ALA B 1925 -11.12 76.21 -47.20
C ALA B 1925 -9.60 76.28 -47.28
N GLN B 1926 -8.95 76.19 -46.12
CA GLN B 1926 -7.50 76.15 -46.08
C GLN B 1926 -7.02 74.75 -46.44
N VAL B 1927 -6.08 74.67 -47.37
CA VAL B 1927 -5.45 73.41 -47.75
C VAL B 1927 -3.97 73.58 -47.47
N CYS B 1928 -3.44 72.77 -46.56
CA CYS B 1928 -2.07 72.88 -46.09
C CYS B 1928 -1.26 71.71 -46.62
N ASP B 1929 -0.09 72.02 -47.17
CA ASP B 1929 0.83 70.97 -47.58
C ASP B 1929 1.42 70.26 -46.37
N ASP B 1930 1.85 69.02 -46.57
CA ASP B 1930 2.39 68.20 -45.50
C ASP B 1930 3.89 68.43 -45.27
N ILE B 1931 4.42 69.59 -45.67
CA ILE B 1931 5.81 69.94 -45.44
C ILE B 1931 6.11 70.07 -43.95
N MET B 1932 5.10 70.39 -43.14
CA MET B 1932 5.15 70.48 -41.67
C MET B 1932 6.20 71.51 -41.25
N GLU B 1933 5.80 72.77 -41.41
CA GLU B 1933 6.56 73.91 -40.93
C GLU B 1933 5.60 74.89 -40.29
N SER B 1934 6.03 75.52 -39.19
CA SER B 1934 5.17 76.41 -38.42
C SER B 1934 5.00 77.80 -39.03
N ASN B 1935 5.56 78.04 -40.22
CA ASN B 1935 5.40 79.34 -40.87
C ASN B 1935 3.96 79.61 -41.28
N ALA B 1936 3.24 78.57 -41.71
CA ALA B 1936 1.86 78.54 -42.18
C ALA B 1936 1.63 79.37 -43.44
N GLN B 1937 2.69 79.84 -44.10
CA GLN B 1937 2.52 80.58 -45.36
C GLN B 1937 2.12 79.66 -46.50
N GLY B 1938 2.51 78.39 -46.44
CA GLY B 1938 2.16 77.44 -47.47
C GLY B 1938 0.70 77.06 -47.52
N CYS B 1939 -0.03 77.28 -46.42
CA CYS B 1939 -1.46 77.00 -46.37
C CYS B 1939 -2.18 78.02 -47.25
N ARG B 1940 -2.60 77.58 -48.42
CA ARG B 1940 -3.24 78.45 -49.41
C ARG B 1940 -4.67 77.98 -49.66
N LEU B 1941 -5.57 78.94 -49.82
CA LEU B 1941 -6.98 78.61 -50.03
C LEU B 1941 -7.22 78.03 -51.41
N ILE B 1942 -8.30 77.26 -51.52
CA ILE B 1942 -8.75 76.69 -52.78
C ILE B 1942 -10.22 77.06 -52.93
N LEU B 1943 -10.54 77.76 -54.01
CA LEU B 1943 -11.88 78.28 -54.25
C LEU B 1943 -12.32 77.97 -55.67
N PRO B 1944 -13.63 77.90 -55.92
CA PRO B 1944 -14.10 77.70 -57.31
C PRO B 1944 -13.80 78.86 -58.24
N GLN B 1945 -14.12 80.09 -57.85
CA GLN B 1945 -13.87 81.26 -58.69
C GLN B 1945 -13.19 82.35 -57.88
N MET B 1946 -12.47 83.22 -58.58
CA MET B 1946 -11.78 84.36 -57.99
C MET B 1946 -12.78 85.32 -57.36
N PRO B 1947 -12.63 85.65 -56.08
CA PRO B 1947 -13.50 86.64 -55.44
C PRO B 1947 -13.14 88.06 -55.86
N LYS B 1948 -13.99 89.00 -55.44
CA LYS B 1948 -13.64 90.41 -55.47
C LYS B 1948 -13.45 90.98 -54.08
N ALA B 1949 -14.23 90.52 -53.10
CA ALA B 1949 -14.04 90.97 -51.73
C ALA B 1949 -14.30 89.78 -50.81
N LEU B 1950 -13.24 89.28 -50.18
CA LEU B 1950 -13.35 88.12 -49.31
C LEU B 1950 -13.06 88.54 -47.88
N PHE B 1951 -13.72 87.89 -46.93
CA PHE B 1951 -13.56 88.18 -45.52
C PHE B 1951 -13.52 86.88 -44.73
N ARG B 1952 -12.65 86.85 -43.71
CA ARG B 1952 -12.53 85.70 -42.81
C ARG B 1952 -13.11 86.05 -41.46
N LYS B 1953 -13.97 85.17 -40.95
CA LYS B 1953 -14.50 85.31 -39.60
C LYS B 1953 -13.39 85.17 -38.58
N LYS B 1954 -13.38 86.07 -37.59
CA LYS B 1954 -12.35 86.03 -36.56
C LYS B 1954 -12.56 84.83 -35.66
N VAL B 1955 -11.47 84.14 -35.34
CA VAL B 1955 -11.54 82.95 -34.50
C VAL B 1955 -11.71 83.40 -33.05
N ILE B 1956 -12.56 82.68 -32.31
CA ILE B 1956 -12.80 82.96 -30.90
C ILE B 1956 -12.45 81.73 -30.09
N LEU B 1957 -11.84 81.96 -28.92
CA LEU B 1957 -11.42 80.89 -28.03
C LEU B 1957 -12.15 81.05 -26.71
N GLU B 1958 -12.89 80.03 -26.31
CA GLU B 1958 -13.68 80.07 -25.09
C GLU B 1958 -12.77 79.85 -23.88
N ASP B 1959 -13.38 79.93 -22.69
CA ASP B 1959 -12.60 79.93 -21.46
C ASP B 1959 -12.09 78.53 -21.11
N LYS B 1960 -12.90 77.50 -21.34
CA LYS B 1960 -12.56 76.14 -20.93
C LYS B 1960 -12.65 75.21 -22.13
N VAL B 1961 -11.89 74.11 -22.05
CA VAL B 1961 -11.94 73.10 -23.10
C VAL B 1961 -13.27 72.36 -23.05
N LYS B 1962 -13.59 71.70 -24.16
CA LYS B 1962 -14.83 70.94 -24.27
C LYS B 1962 -14.65 69.44 -24.20
N ASN B 1963 -13.46 68.93 -24.48
CA ASN B 1963 -13.21 67.51 -24.53
C ASN B 1963 -11.94 67.16 -23.75
N PHE B 1964 -11.92 65.97 -23.18
CA PHE B 1964 -10.74 65.43 -22.50
C PHE B 1964 -9.89 64.72 -23.55
N TYR B 1965 -8.98 65.49 -24.16
CA TYR B 1965 -8.14 64.97 -25.23
C TYR B 1965 -7.14 63.96 -24.66
N THR B 1966 -6.96 62.87 -25.41
CA THR B 1966 -6.11 61.77 -24.98
C THR B 1966 -4.86 61.71 -25.85
N ARG B 1967 -3.73 61.39 -25.24
CA ARG B 1967 -2.47 61.30 -25.96
C ARG B 1967 -2.38 59.98 -26.68
N LEU B 1968 -2.12 60.04 -27.99
CA LEU B 1968 -1.89 58.82 -28.74
C LEU B 1968 -0.57 58.17 -28.33
N PRO B 1969 -0.51 56.84 -28.34
CA PRO B 1969 0.75 56.16 -28.00
C PRO B 1969 1.68 56.02 -29.20
N PHE B 1970 1.47 56.79 -30.26
CA PHE B 1970 2.25 56.64 -31.47
C PHE B 1970 3.06 57.90 -31.74
N GLN B 1971 3.99 57.80 -32.70
CA GLN B 1971 4.98 58.86 -32.89
C GLN B 1971 5.14 59.28 -34.35
N LYS B 1972 4.37 58.72 -35.28
CA LYS B 1972 4.60 58.98 -36.70
C LYS B 1972 3.35 58.64 -37.49
N LEU B 1973 2.93 59.56 -38.36
CA LEU B 1973 1.73 59.41 -39.16
C LEU B 1973 2.07 59.53 -40.65
N MET B 1974 1.45 58.67 -41.46
CA MET B 1974 1.58 58.79 -42.92
C MET B 1974 0.59 59.78 -43.51
N GLY B 1975 -0.70 59.48 -43.40
CA GLY B 1975 -1.69 60.32 -44.06
C GLY B 1975 -2.11 61.48 -43.18
N ILE B 1976 -1.47 62.62 -43.38
CA ILE B 1976 -1.67 63.79 -42.53
C ILE B 1976 -2.38 64.85 -43.34
N SER B 1977 -3.50 65.34 -42.83
CA SER B 1977 -4.27 66.41 -43.46
C SER B 1977 -4.28 67.59 -42.50
N ILE B 1978 -3.25 68.42 -42.60
CA ILE B 1978 -3.12 69.56 -41.68
C ILE B 1978 -4.10 70.65 -42.10
N ARG B 1979 -4.69 71.30 -41.11
CA ARG B 1979 -5.60 72.42 -41.33
C ARG B 1979 -5.01 73.76 -40.92
N ASN B 1980 -4.31 73.81 -39.80
CA ASN B 1980 -3.67 75.04 -39.34
C ASN B 1980 -2.32 74.69 -38.74
N LYS B 1981 -1.38 75.62 -38.83
CA LYS B 1981 0.01 75.42 -38.46
C LYS B 1981 0.49 76.54 -37.54
N VAL B 1982 -0.25 76.77 -36.46
CA VAL B 1982 -0.05 77.91 -35.58
C VAL B 1982 1.29 77.83 -34.84
N PRO B 1983 2.17 78.83 -34.98
CA PRO B 1983 3.40 78.84 -34.19
C PRO B 1983 3.21 79.47 -32.81
N MET B 1984 3.66 78.77 -31.78
CA MET B 1984 3.43 79.19 -30.39
C MET B 1984 4.75 79.27 -29.65
N SER B 1985 5.78 79.78 -30.33
CA SER B 1985 7.12 79.83 -29.75
C SER B 1985 7.25 80.89 -28.66
N GLU B 1986 6.49 81.98 -28.77
CA GLU B 1986 6.66 83.10 -27.85
C GLU B 1986 6.18 82.75 -26.44
N LYS B 1987 5.11 81.98 -26.33
CA LYS B 1987 4.54 81.64 -25.03
C LYS B 1987 5.33 80.50 -24.40
N SER B 1988 4.91 80.13 -23.19
CA SER B 1988 5.47 78.97 -22.51
C SER B 1988 4.71 77.72 -22.95
N ILE B 1989 4.90 76.62 -22.24
CA ILE B 1989 4.30 75.34 -22.60
C ILE B 1989 2.92 75.18 -21.96
N SER B 1990 2.81 75.46 -20.66
CA SER B 1990 1.57 75.25 -19.91
C SER B 1990 0.42 76.11 -20.39
N ASN B 1991 0.69 77.22 -21.07
CA ASN B 1991 -0.36 78.05 -21.67
C ASN B 1991 -0.48 77.86 -23.16
N GLY B 1992 0.63 77.59 -23.85
CA GLY B 1992 0.57 77.31 -25.28
C GLY B 1992 -0.22 76.06 -25.61
N PHE B 1993 -0.06 75.02 -24.79
CA PHE B 1993 -0.83 73.79 -25.00
C PHE B 1993 -2.31 74.03 -24.76
N PHE B 1994 -2.64 74.88 -23.77
CA PHE B 1994 -4.03 75.23 -23.51
C PHE B 1994 -4.63 76.02 -24.67
N GLU B 1995 -3.85 76.95 -25.24
CA GLU B 1995 -4.31 77.68 -26.43
C GLU B 1995 -4.49 76.76 -27.62
N CYS B 1996 -3.62 75.77 -27.79
CA CYS B 1996 -3.77 74.82 -28.89
C CYS B 1996 -5.01 73.94 -28.71
N GLU B 1997 -5.29 73.52 -27.46
CA GLU B 1997 -6.53 72.81 -27.17
C GLU B 1997 -7.76 73.67 -27.50
N ARG B 1998 -7.70 74.96 -27.17
CA ARG B 1998 -8.76 75.89 -27.55
C ARG B 1998 -8.91 76.01 -29.06
N ARG B 1999 -7.78 76.02 -29.78
CA ARG B 1999 -7.79 76.10 -31.23
C ARG B 1999 -8.47 74.88 -31.85
N CYS B 2000 -8.17 73.69 -31.35
CA CYS B 2000 -8.84 72.50 -31.88
C CYS B 2000 -10.30 72.44 -31.47
N ASP B 2001 -10.63 72.91 -30.26
CA ASP B 2001 -12.03 73.00 -29.84
C ASP B 2001 -12.82 73.98 -30.68
N ALA B 2002 -12.16 75.01 -31.24
CA ALA B 2002 -12.85 75.96 -32.10
C ALA B 2002 -13.32 75.31 -33.39
N ASP B 2003 -12.45 74.54 -34.04
CA ASP B 2003 -12.77 73.98 -35.34
C ASP B 2003 -13.71 72.77 -35.21
N PRO B 2004 -14.71 72.65 -36.09
CA PRO B 2004 -15.60 71.48 -36.01
C PRO B 2004 -14.99 70.19 -36.52
N CYS B 2005 -14.26 70.22 -37.63
CA CYS B 2005 -13.68 69.00 -38.20
C CYS B 2005 -12.32 68.64 -37.61
N CYS B 2006 -11.90 69.30 -36.55
CA CYS B 2006 -10.63 68.98 -35.89
C CYS B 2006 -10.76 67.63 -35.19
N THR B 2007 -10.14 66.59 -35.74
CA THR B 2007 -10.11 65.30 -35.07
C THR B 2007 -8.87 65.10 -34.22
N GLY B 2008 -7.80 65.87 -34.47
CA GLY B 2008 -6.66 65.76 -33.58
C GLY B 2008 -5.82 67.02 -33.64
N PHE B 2009 -4.79 67.05 -32.78
CA PHE B 2009 -3.82 68.13 -32.88
C PHE B 2009 -2.42 67.62 -32.54
N GLY B 2010 -1.45 68.09 -33.32
CA GLY B 2010 -0.06 67.78 -33.09
C GLY B 2010 0.64 68.96 -32.43
N PHE B 2011 1.23 68.70 -31.28
CA PHE B 2011 1.86 69.72 -30.46
C PHE B 2011 3.32 69.30 -30.38
N LEU B 2012 4.21 70.01 -31.07
CA LEU B 2012 5.55 69.48 -31.34
C LEU B 2012 6.58 70.56 -31.66
N ASN B 2013 7.86 70.16 -31.63
CA ASN B 2013 9.01 70.98 -32.02
C ASN B 2013 9.28 70.79 -33.50
N VAL B 2014 8.76 71.72 -34.33
CA VAL B 2014 8.65 71.46 -35.77
C VAL B 2014 10.02 71.43 -36.46
N SER B 2015 10.95 72.26 -36.01
CA SER B 2015 12.28 72.33 -36.60
C SER B 2015 13.29 72.20 -35.47
N GLN B 2016 14.07 71.13 -35.49
CA GLN B 2016 15.04 70.89 -34.43
C GLN B 2016 16.47 71.10 -34.91
N LEU B 2017 16.65 71.34 -36.21
CA LEU B 2017 17.97 71.68 -36.74
C LEU B 2017 18.46 73.00 -36.17
N LYS B 2018 17.58 74.00 -36.08
CA LYS B 2018 17.94 75.30 -35.52
C LYS B 2018 17.13 75.47 -34.23
N GLY B 2019 17.71 75.02 -33.12
CA GLY B 2019 17.04 75.11 -31.83
C GLY B 2019 15.75 74.31 -31.80
N GLY B 2020 14.65 75.00 -31.50
CA GLY B 2020 13.34 74.40 -31.59
C GLY B 2020 12.28 75.45 -31.77
N GLU B 2021 11.19 75.08 -32.42
CA GLU B 2021 10.01 75.92 -32.56
C GLU B 2021 8.78 75.14 -32.09
N VAL B 2022 8.19 75.59 -30.98
CA VAL B 2022 6.92 75.03 -30.51
C VAL B 2022 5.82 75.34 -31.51
N THR B 2023 5.00 74.34 -31.83
CA THR B 2023 3.90 74.60 -32.75
C THR B 2023 2.71 73.69 -32.48
N CYS B 2024 1.55 74.17 -32.95
CA CYS B 2024 0.26 73.50 -32.86
C CYS B 2024 -0.28 73.31 -34.27
N LEU B 2025 -0.38 72.06 -34.70
CA LEU B 2025 -0.94 71.67 -35.98
C LEU B 2025 -2.33 71.10 -35.76
N THR B 2026 -3.30 71.58 -36.54
CA THR B 2026 -4.67 71.10 -36.46
C THR B 2026 -4.85 69.99 -37.49
N LEU B 2027 -5.26 68.82 -37.03
CA LEU B 2027 -5.29 67.61 -37.84
C LEU B 2027 -6.74 67.27 -38.17
N ASN B 2028 -7.09 67.43 -39.44
CA ASN B 2028 -8.42 67.06 -39.92
C ASN B 2028 -8.58 65.54 -39.86
N SER B 2029 -7.55 64.79 -40.24
CA SER B 2029 -7.61 63.33 -40.22
C SER B 2029 -6.27 62.76 -39.80
N LEU B 2030 -6.29 61.97 -38.72
CA LEU B 2030 -5.13 61.15 -38.39
C LEU B 2030 -4.98 60.04 -39.43
N GLY B 2031 -3.74 59.63 -39.66
CA GLY B 2031 -3.48 58.63 -40.68
C GLY B 2031 -2.94 57.33 -40.14
N ILE B 2032 -1.96 56.77 -40.83
CA ILE B 2032 -1.35 55.50 -40.43
C ILE B 2032 -0.47 55.78 -39.22
N GLN B 2033 -0.94 55.42 -38.03
CA GLN B 2033 -0.22 55.70 -36.80
C GLN B 2033 0.82 54.60 -36.58
N MET B 2034 2.09 54.96 -36.62
CA MET B 2034 3.20 54.02 -36.53
C MET B 2034 4.09 54.37 -35.32
N CYS B 2035 5.02 53.45 -35.02
CA CYS B 2035 6.07 53.61 -34.01
C CYS B 2035 5.49 53.85 -32.62
N SER B 2036 4.87 52.80 -32.07
CA SER B 2036 4.36 52.84 -30.71
C SER B 2036 5.48 52.56 -29.71
N GLU B 2037 5.12 52.59 -28.42
CA GLU B 2037 6.01 52.13 -27.36
C GLU B 2037 5.54 50.81 -26.76
N GLU B 2038 4.61 50.12 -27.41
CA GLU B 2038 4.09 48.87 -26.87
C GLU B 2038 5.13 47.75 -26.96
N ASN B 2039 5.84 47.69 -28.09
CA ASN B 2039 6.89 46.68 -28.24
C ASN B 2039 8.11 46.94 -27.37
N GLY B 2040 8.29 48.17 -26.89
CA GLY B 2040 9.40 48.51 -26.02
C GLY B 2040 10.77 48.48 -26.68
N GLY B 2041 10.86 48.92 -27.94
CA GLY B 2041 12.13 49.04 -28.62
C GLY B 2041 12.70 47.74 -29.16
N ALA B 2042 11.99 46.62 -29.03
CA ALA B 2042 12.46 45.34 -29.53
C ALA B 2042 11.70 44.99 -30.80
N TRP B 2043 12.45 44.79 -31.89
CA TRP B 2043 11.95 44.39 -33.21
C TRP B 2043 10.91 45.38 -33.73
N ARG B 2044 11.39 46.59 -34.02
CA ARG B 2044 10.58 47.57 -34.74
C ARG B 2044 10.94 47.50 -36.21
N ILE B 2045 10.02 46.99 -37.03
CA ILE B 2045 10.24 46.94 -38.47
C ILE B 2045 9.59 48.14 -39.15
N LEU B 2046 8.65 48.81 -38.49
CA LEU B 2046 8.11 50.07 -38.98
C LEU B 2046 9.08 51.19 -38.63
N ASP B 2047 9.50 51.95 -39.64
CA ASP B 2047 10.44 53.05 -39.42
C ASP B 2047 9.77 54.14 -38.59
N CYS B 2048 10.50 54.63 -37.59
CA CYS B 2048 9.98 55.68 -36.72
C CYS B 2048 10.24 57.04 -37.35
N GLY B 2049 9.87 58.09 -36.61
CA GLY B 2049 9.84 59.43 -37.17
C GLY B 2049 11.22 60.02 -37.41
N SER B 2050 11.22 61.14 -38.12
CA SER B 2050 12.45 61.88 -38.40
C SER B 2050 12.98 62.48 -37.10
N PRO B 2051 14.31 62.60 -36.96
CA PRO B 2051 14.88 63.09 -35.69
C PRO B 2051 14.68 64.58 -35.44
N ASP B 2052 14.17 65.34 -36.42
CA ASP B 2052 13.88 66.75 -36.22
C ASP B 2052 12.44 67.02 -35.79
N ILE B 2053 11.65 65.97 -35.58
CA ILE B 2053 10.24 66.16 -35.24
C ILE B 2053 10.05 66.33 -33.73
N GLU B 2054 10.67 65.43 -32.94
CA GLU B 2054 10.67 65.49 -31.47
C GLU B 2054 9.25 65.58 -30.91
N VAL B 2055 8.51 64.49 -31.09
CA VAL B 2055 7.12 64.42 -30.64
C VAL B 2055 6.99 63.62 -29.36
N HIS B 2056 8.10 63.45 -28.63
CA HIS B 2056 8.18 62.37 -27.65
C HIS B 2056 7.76 62.83 -26.25
N THR B 2057 8.38 63.90 -25.74
CA THR B 2057 8.38 64.23 -24.31
C THR B 2057 7.00 64.81 -23.93
N TYR B 2058 6.70 64.78 -22.61
CA TYR B 2058 5.35 64.67 -22.04
C TYR B 2058 4.28 65.67 -22.50
N PRO B 2059 4.49 67.00 -22.52
CA PRO B 2059 3.36 67.87 -22.92
C PRO B 2059 3.04 67.76 -24.40
N PHE B 2060 4.09 67.60 -25.19
CA PHE B 2060 4.09 67.42 -26.63
C PHE B 2060 3.70 65.98 -26.97
N GLY B 2061 3.35 65.74 -28.23
CA GLY B 2061 2.99 64.36 -28.56
C GLY B 2061 1.55 64.10 -28.90
N TRP B 2062 1.27 63.76 -30.16
CA TRP B 2062 0.00 63.86 -30.88
C TRP B 2062 -1.25 63.51 -30.07
N TYR B 2063 -2.19 64.43 -29.95
CA TYR B 2063 -3.40 64.17 -29.20
C TYR B 2063 -4.59 63.98 -30.12
N GLN B 2064 -5.48 63.07 -29.74
CA GLN B 2064 -6.67 62.74 -30.50
C GLN B 2064 -7.89 63.22 -29.73
N LYS B 2065 -8.79 63.93 -30.43
CA LYS B 2065 -10.09 64.25 -29.88
C LYS B 2065 -10.85 62.97 -29.58
N PRO B 2066 -11.43 62.83 -28.38
CA PRO B 2066 -12.13 61.58 -28.02
C PRO B 2066 -13.31 61.31 -28.94
N ILE B 2067 -13.42 60.05 -29.36
CA ILE B 2067 -14.09 59.69 -30.60
C ILE B 2067 -15.60 59.90 -30.46
N ALA B 2068 -16.12 60.84 -31.24
CA ALA B 2068 -17.54 61.12 -31.28
C ALA B 2068 -18.25 59.93 -31.92
N GLN B 2069 -19.08 59.25 -31.12
CA GLN B 2069 -19.65 57.97 -31.53
C GLN B 2069 -20.64 58.11 -32.66
N ASN B 2070 -21.28 59.26 -32.80
CA ASN B 2070 -22.23 59.49 -33.90
C ASN B 2070 -21.54 59.46 -35.27
N ASN B 2071 -20.69 60.45 -35.54
CA ASN B 2071 -19.95 60.67 -36.78
C ASN B 2071 -19.10 61.91 -36.59
N ALA B 2072 -18.24 62.17 -37.56
CA ALA B 2072 -17.75 63.52 -37.75
C ALA B 2072 -18.83 64.33 -38.47
N PRO B 2073 -18.96 65.63 -38.18
CA PRO B 2073 -20.05 66.42 -38.78
C PRO B 2073 -19.90 66.58 -40.28
N SER B 2074 -21.00 67.00 -40.91
CA SER B 2074 -21.06 67.16 -42.36
C SER B 2074 -20.23 68.37 -42.81
N PHE B 2075 -20.27 68.63 -44.12
CA PHE B 2075 -19.61 69.74 -44.83
C PHE B 2075 -18.09 69.79 -44.65
N CYS B 2076 -17.49 68.78 -44.01
CA CYS B 2076 -16.05 68.72 -43.81
C CYS B 2076 -15.38 68.48 -45.16
N PRO B 2077 -14.10 68.92 -45.33
CA PRO B 2077 -13.45 68.80 -46.65
C PRO B 2077 -13.29 67.37 -47.14
N LEU B 2078 -12.97 67.24 -48.43
CA LEU B 2078 -13.12 66.04 -49.26
C LEU B 2078 -12.65 64.77 -48.57
N VAL B 2079 -13.52 63.74 -48.61
CA VAL B 2079 -13.53 62.59 -47.72
C VAL B 2079 -12.18 61.90 -47.70
N VAL B 2080 -11.60 61.82 -46.50
CA VAL B 2080 -10.15 61.75 -46.35
C VAL B 2080 -9.63 60.42 -46.85
N LEU B 2081 -8.61 60.50 -47.69
CA LEU B 2081 -8.19 59.23 -48.26
C LEU B 2081 -6.93 58.78 -47.55
N PRO B 2082 -6.82 57.47 -47.31
CA PRO B 2082 -5.54 56.91 -46.88
C PRO B 2082 -4.50 57.06 -47.98
N SER B 2083 -3.23 57.12 -47.56
CA SER B 2083 -2.13 57.31 -48.49
C SER B 2083 -2.08 56.21 -49.52
N LEU B 2084 -2.05 56.61 -50.80
CA LEU B 2084 -2.26 55.69 -51.90
C LEU B 2084 -1.12 54.71 -52.04
N THR B 2085 -1.46 53.46 -52.31
CA THR B 2085 -0.47 52.38 -52.39
C THR B 2085 0.33 52.52 -53.68
N GLU B 2086 1.66 52.65 -53.54
CA GLU B 2086 2.53 52.82 -54.70
C GLU B 2086 2.60 51.55 -55.54
N LYS B 2087 2.30 50.39 -54.95
CA LYS B 2087 2.20 49.13 -55.67
C LYS B 2087 0.76 48.63 -55.61
N VAL B 2088 0.49 47.56 -56.33
CA VAL B 2088 -0.81 46.88 -56.29
C VAL B 2088 -0.62 45.60 -55.51
N SER B 2089 -1.38 45.43 -54.44
CA SER B 2089 -1.24 44.30 -53.54
C SER B 2089 -2.30 43.27 -53.92
N LEU B 2090 -1.96 42.41 -54.87
CA LEU B 2090 -2.83 41.30 -55.24
C LEU B 2090 -2.82 40.24 -54.14
N ASP B 2091 -3.85 39.41 -54.15
CA ASP B 2091 -4.06 38.45 -53.07
C ASP B 2091 -3.40 37.12 -53.41
N SER B 2092 -2.07 37.08 -53.24
CA SER B 2092 -1.31 35.85 -53.20
C SER B 2092 -0.96 35.46 -51.76
N TRP B 2093 -1.72 35.98 -50.80
CA TRP B 2093 -1.50 35.74 -49.38
C TRP B 2093 -2.48 34.67 -48.91
N GLN B 2094 -1.97 33.70 -48.15
CA GLN B 2094 -2.86 32.73 -47.53
C GLN B 2094 -3.68 33.41 -46.45
N SER B 2095 -5.00 33.29 -46.55
CA SER B 2095 -5.92 33.87 -45.59
C SER B 2095 -6.33 32.77 -44.62
N LEU B 2096 -5.83 32.84 -43.40
CA LEU B 2096 -6.05 31.77 -42.44
C LEU B 2096 -7.37 31.97 -41.70
N ALA B 2097 -7.74 30.97 -40.92
CA ALA B 2097 -8.96 30.98 -40.13
C ALA B 2097 -8.61 31.16 -38.66
N LEU B 2098 -9.59 31.62 -37.88
CA LEU B 2098 -9.39 31.85 -36.46
C LEU B 2098 -9.22 30.56 -35.66
N SER B 2099 -9.61 29.42 -36.24
CA SER B 2099 -9.49 28.14 -35.55
C SER B 2099 -8.05 27.64 -35.44
N SER B 2100 -7.13 28.20 -36.21
CA SER B 2100 -5.73 27.76 -36.22
C SER B 2100 -4.82 28.74 -35.47
N VAL B 2101 -5.33 29.36 -34.41
CA VAL B 2101 -4.61 30.42 -33.70
C VAL B 2101 -4.63 30.13 -32.20
N VAL B 2102 -3.47 30.24 -31.57
CA VAL B 2102 -3.34 30.18 -30.12
C VAL B 2102 -2.89 31.55 -29.64
N VAL B 2103 -3.64 32.13 -28.71
CA VAL B 2103 -3.35 33.46 -28.19
C VAL B 2103 -2.19 33.35 -27.20
N ASP B 2104 -1.18 34.20 -27.38
CA ASP B 2104 0.01 34.20 -26.53
C ASP B 2104 0.47 35.63 -26.31
N PRO B 2105 0.08 36.26 -25.21
CA PRO B 2105 0.39 37.68 -24.98
C PRO B 2105 1.83 37.96 -24.56
N SER B 2106 2.71 36.96 -24.55
CA SER B 2106 4.09 37.14 -24.12
C SER B 2106 5.06 37.35 -25.27
N ILE B 2107 4.57 37.47 -26.50
CA ILE B 2107 5.44 37.69 -27.65
C ILE B 2107 6.02 39.10 -27.60
N ARG B 2108 7.32 39.22 -27.87
CA ARG B 2108 8.02 40.50 -27.83
C ARG B 2108 8.64 40.84 -29.19
N HIS B 2109 8.07 40.31 -30.27
CA HIS B 2109 8.53 40.56 -31.63
C HIS B 2109 7.30 40.77 -32.51
N PHE B 2110 6.87 42.02 -32.60
CA PHE B 2110 5.61 42.41 -33.24
C PHE B 2110 5.58 43.93 -33.37
N ASP B 2111 4.80 44.40 -34.33
CA ASP B 2111 4.59 45.83 -34.52
C ASP B 2111 3.10 46.14 -34.65
N VAL B 2112 2.73 47.36 -34.26
CA VAL B 2112 1.35 47.80 -34.20
C VAL B 2112 1.18 48.98 -35.15
N ALA B 2113 0.02 49.09 -35.78
CA ALA B 2113 -0.28 50.23 -36.64
C ALA B 2113 -1.78 50.47 -36.65
N HIS B 2114 -2.22 51.60 -36.11
CA HIS B 2114 -3.63 51.97 -36.22
C HIS B 2114 -3.87 52.76 -37.50
N VAL B 2115 -5.06 52.59 -38.06
CA VAL B 2115 -5.53 53.37 -39.20
C VAL B 2115 -6.86 53.96 -38.79
N SER B 2116 -6.93 55.29 -38.67
CA SER B 2116 -8.10 55.94 -38.11
C SER B 2116 -9.06 56.37 -39.21
N THR B 2117 -10.33 55.98 -39.06
CA THR B 2117 -11.39 56.44 -39.96
C THR B 2117 -12.72 56.41 -39.21
N ALA B 2118 -13.39 57.55 -39.15
CA ALA B 2118 -14.68 57.62 -38.47
C ALA B 2118 -15.82 57.21 -39.39
N ALA B 2119 -16.02 57.94 -40.48
CA ALA B 2119 -16.92 57.51 -41.55
C ALA B 2119 -16.22 56.41 -42.33
N THR B 2120 -16.49 55.18 -41.92
CA THR B 2120 -15.73 53.98 -42.30
C THR B 2120 -15.76 53.71 -43.79
N SER B 2121 -14.61 53.26 -44.32
CA SER B 2121 -14.32 53.29 -45.75
C SER B 2121 -14.49 51.90 -46.37
N ASN B 2122 -14.22 51.86 -47.68
CA ASN B 2122 -13.46 50.78 -48.31
C ASN B 2122 -12.56 50.11 -47.30
N PHE B 2123 -13.03 48.99 -46.77
CA PHE B 2123 -12.21 48.17 -45.88
C PHE B 2123 -11.19 47.39 -46.69
N SER B 2124 -11.49 47.17 -47.96
CA SER B 2124 -10.51 46.52 -48.82
C SER B 2124 -9.28 47.40 -49.04
N ALA B 2125 -9.46 48.73 -49.04
CA ALA B 2125 -8.30 49.62 -49.23
C ALA B 2125 -7.39 49.64 -48.01
N VAL B 2126 -7.96 49.69 -46.81
CA VAL B 2126 -7.13 49.65 -45.60
C VAL B 2126 -6.49 48.27 -45.45
N ARG B 2127 -7.20 47.21 -45.86
CA ARG B 2127 -6.64 45.87 -45.88
C ARG B 2127 -5.46 45.78 -46.84
N ASP B 2128 -5.63 46.24 -48.08
CA ASP B 2128 -4.55 46.24 -49.07
C ASP B 2128 -3.43 47.20 -48.69
N LEU B 2129 -3.73 48.27 -47.96
CA LEU B 2129 -2.69 49.19 -47.50
C LEU B 2129 -1.80 48.53 -46.46
N CYS B 2130 -2.41 47.84 -45.49
CA CYS B 2130 -1.60 47.13 -44.49
C CYS B 2130 -0.86 45.96 -45.10
N LEU B 2131 -1.49 45.25 -46.06
CA LEU B 2131 -0.79 44.18 -46.77
C LEU B 2131 0.36 44.70 -47.61
N SER B 2132 0.19 45.86 -48.26
CA SER B 2132 1.28 46.47 -49.01
C SER B 2132 2.38 46.99 -48.09
N GLU B 2133 1.99 47.43 -46.89
CA GLU B 2133 2.98 47.84 -45.88
C GLU B 2133 3.84 46.66 -45.45
N CYS B 2134 3.23 45.51 -45.21
CA CYS B 2134 4.02 44.33 -44.87
C CYS B 2134 4.78 43.81 -46.08
N SER B 2135 4.22 43.97 -47.29
CA SER B 2135 4.91 43.59 -48.51
C SER B 2135 6.15 44.42 -48.77
N GLN B 2136 6.13 45.69 -48.35
CA GLN B 2136 7.30 46.55 -48.49
C GLN B 2136 8.46 46.06 -47.65
N HIS B 2137 8.19 45.61 -46.43
CA HIS B 2137 9.22 45.06 -45.56
C HIS B 2137 9.44 43.58 -45.86
N GLU B 2138 10.50 43.04 -45.28
CA GLU B 2138 10.85 41.63 -45.47
C GLU B 2138 10.75 40.80 -44.20
N ALA B 2139 10.91 41.41 -43.03
CA ALA B 2139 10.90 40.65 -41.79
C ALA B 2139 9.50 40.24 -41.37
N CYS B 2140 8.49 41.06 -41.64
CA CYS B 2140 7.12 40.70 -41.27
C CYS B 2140 6.56 39.67 -42.23
N LEU B 2141 5.99 38.60 -41.69
CA LEU B 2141 5.39 37.55 -42.48
C LEU B 2141 3.91 37.34 -42.20
N ILE B 2142 3.37 37.89 -41.11
CA ILE B 2142 1.98 37.67 -40.72
C ILE B 2142 1.36 39.04 -40.45
N THR B 2143 0.19 39.29 -41.04
CA THR B 2143 -0.52 40.54 -40.81
C THR B 2143 -1.93 40.23 -40.35
N THR B 2144 -2.32 40.75 -39.20
CA THR B 2144 -3.63 40.52 -38.62
C THR B 2144 -4.38 41.83 -38.47
N LEU B 2145 -5.59 41.88 -38.98
CA LEU B 2145 -6.44 43.06 -38.97
C LEU B 2145 -7.58 42.84 -37.97
N GLN B 2146 -7.79 43.82 -37.10
CA GLN B 2146 -8.85 43.80 -36.10
C GLN B 2146 -9.57 45.14 -36.15
N THR B 2147 -10.87 45.13 -35.90
CA THR B 2147 -11.69 46.34 -35.99
C THR B 2147 -11.79 46.98 -34.61
N GLN B 2148 -11.07 48.10 -34.42
CA GLN B 2148 -11.22 48.93 -33.24
C GLN B 2148 -12.52 49.74 -33.36
N PRO B 2149 -13.05 50.26 -32.23
CA PRO B 2149 -14.23 51.13 -32.32
C PRO B 2149 -14.02 52.40 -33.15
N GLY B 2150 -12.83 52.98 -33.12
CA GLY B 2150 -12.58 54.18 -33.88
C GLY B 2150 -11.54 54.04 -34.97
N ALA B 2151 -10.95 52.85 -35.09
CA ALA B 2151 -9.84 52.64 -36.01
C ALA B 2151 -9.84 51.21 -36.49
N VAL B 2152 -8.81 50.86 -37.27
CA VAL B 2152 -8.50 49.49 -37.66
C VAL B 2152 -7.06 49.20 -37.24
N ARG B 2153 -6.87 48.15 -36.46
CA ARG B 2153 -5.57 47.81 -35.91
C ARG B 2153 -4.92 46.74 -36.79
N CYS B 2154 -3.76 47.05 -37.36
CA CYS B 2154 -2.96 46.11 -38.12
C CYS B 2154 -1.78 45.70 -37.24
N MET B 2155 -1.62 44.40 -37.02
CA MET B 2155 -0.55 43.87 -36.19
C MET B 2155 0.34 43.01 -37.08
N PHE B 2156 1.64 43.28 -37.04
CA PHE B 2156 2.60 42.60 -37.90
C PHE B 2156 3.49 41.72 -37.05
N TYR B 2157 3.60 40.44 -37.44
CA TYR B 2157 4.37 39.45 -36.71
C TYR B 2157 5.36 38.77 -37.63
N ALA B 2158 6.50 38.40 -37.06
CA ALA B 2158 7.33 37.39 -37.68
C ALA B 2158 6.67 36.02 -37.53
N ASP B 2159 7.12 35.06 -38.34
CA ASP B 2159 6.51 33.74 -38.38
C ASP B 2159 6.73 32.99 -37.07
N THR B 2160 5.68 32.89 -36.26
CA THR B 2160 5.72 32.20 -34.98
C THR B 2160 4.66 31.11 -34.99
N GLN B 2161 5.09 29.86 -34.77
CA GLN B 2161 4.19 28.72 -34.76
C GLN B 2161 4.41 27.89 -33.51
N SER B 2162 3.33 27.27 -33.05
CA SER B 2162 3.40 26.27 -31.99
C SER B 2162 2.95 24.95 -32.58
N CYS B 2163 3.86 23.98 -32.62
CA CYS B 2163 3.58 22.69 -33.21
C CYS B 2163 3.35 21.65 -32.12
N THR B 2164 2.24 20.92 -32.23
CA THR B 2164 1.98 19.77 -31.40
C THR B 2164 2.34 18.53 -32.20
N HIS B 2165 3.33 17.79 -31.74
CA HIS B 2165 3.79 16.56 -32.36
C HIS B 2165 3.28 15.37 -31.54
N SER B 2166 2.82 14.34 -32.24
CA SER B 2166 2.31 13.14 -31.59
C SER B 2166 2.46 11.99 -32.56
N LEU B 2167 2.07 10.80 -32.11
CA LEU B 2167 2.18 9.60 -32.92
C LEU B 2167 1.04 9.47 -33.93
N GLN B 2168 0.05 10.36 -33.89
CA GLN B 2168 -1.05 10.32 -34.83
C GLN B 2168 -0.91 11.39 -35.91
N GLY B 2169 -0.79 12.65 -35.52
CA GLY B 2169 -0.68 13.73 -36.48
C GLY B 2169 0.04 14.96 -35.95
N GLN B 2170 1.01 15.45 -36.70
CA GLN B 2170 1.77 16.64 -36.33
C GLN B 2170 1.04 17.86 -36.86
N ASN B 2171 0.52 18.70 -35.97
CA ASN B 2171 -0.23 19.87 -36.41
C ASN B 2171 0.31 21.13 -35.76
N CYS B 2172 0.44 22.19 -36.54
CA CYS B 2172 1.02 23.44 -36.09
C CYS B 2172 0.00 24.55 -36.20
N ARG B 2173 -0.15 25.31 -35.12
CA ARG B 2173 -1.04 26.45 -35.07
C ARG B 2173 -0.23 27.74 -34.98
N LEU B 2174 -0.88 28.86 -35.28
CA LEU B 2174 -0.21 30.14 -35.29
C LEU B 2174 -0.21 30.77 -33.91
N LEU B 2175 0.90 31.40 -33.55
CA LEU B 2175 1.03 32.11 -32.29
C LEU B 2175 0.78 33.59 -32.54
N LEU B 2176 -0.23 34.13 -31.85
CA LEU B 2176 -0.60 35.53 -31.99
C LEU B 2176 -0.66 36.16 -30.60
N ARG B 2177 -0.31 37.45 -30.55
CA ARG B 2177 -0.34 38.16 -29.28
C ARG B 2177 -1.77 38.49 -28.85
N GLU B 2178 -2.61 38.92 -29.79
CA GLU B 2178 -3.98 39.28 -29.49
C GLU B 2178 -4.91 38.68 -30.52
N GLU B 2179 -6.18 38.58 -30.16
CA GLU B 2179 -7.20 38.06 -31.06
C GLU B 2179 -7.44 39.02 -32.22
N ALA B 2180 -7.80 38.45 -33.36
CA ALA B 2180 -8.01 39.23 -34.58
C ALA B 2180 -9.05 38.56 -35.45
N THR B 2181 -9.60 39.31 -36.40
CA THR B 2181 -10.67 38.82 -37.24
C THR B 2181 -10.26 38.61 -38.70
N HIS B 2182 -9.16 39.20 -39.17
CA HIS B 2182 -8.64 38.87 -40.49
C HIS B 2182 -7.16 38.55 -40.37
N ILE B 2183 -6.74 37.39 -40.87
CA ILE B 2183 -5.37 36.92 -40.68
C ILE B 2183 -4.80 36.53 -42.04
N TYR B 2184 -3.72 37.19 -42.45
CA TYR B 2184 -3.08 36.93 -43.73
C TYR B 2184 -1.62 36.61 -43.52
N ARG B 2185 -1.08 35.71 -44.35
CA ARG B 2185 0.29 35.28 -44.24
C ARG B 2185 0.88 35.10 -45.62
N LYS B 2186 2.04 35.69 -45.87
CA LYS B 2186 2.69 35.49 -47.16
C LYS B 2186 3.26 34.07 -47.21
N PRO B 2187 3.14 33.39 -48.35
CA PRO B 2187 3.52 31.97 -48.41
C PRO B 2187 5.01 31.75 -48.24
N GLY B 2188 5.36 30.59 -47.69
CA GLY B 2188 6.76 30.25 -47.50
C GLY B 2188 7.47 30.04 -48.83
N ILE B 2189 8.77 30.31 -48.81
CA ILE B 2189 9.58 30.26 -50.02
C ILE B 2189 10.78 29.37 -49.73
N SER B 2190 11.32 28.77 -50.79
CA SER B 2190 12.50 27.94 -50.69
C SER B 2190 13.55 28.45 -51.67
N LEU B 2191 14.79 28.55 -51.20
CA LEU B 2191 15.91 28.97 -52.03
C LEU B 2191 16.54 27.81 -52.80
N LEU B 2192 15.81 26.71 -52.97
CA LEU B 2192 16.31 25.50 -53.60
C LEU B 2192 15.58 25.35 -54.93
N SER B 2193 16.29 25.61 -56.03
CA SER B 2193 15.67 25.59 -57.35
C SER B 2193 15.46 24.15 -57.80
N TYR B 2194 14.23 23.67 -57.70
CA TYR B 2194 13.91 22.33 -58.17
C TYR B 2194 13.92 22.28 -59.70
N GLU B 2195 14.29 21.11 -60.22
CA GLU B 2195 14.29 20.87 -61.66
C GLU B 2195 14.21 19.37 -61.85
N ALA B 2196 13.04 18.89 -62.33
CA ALA B 2196 12.72 17.47 -62.48
C ALA B 2196 12.89 16.69 -61.17
N SER B 2197 12.49 17.33 -60.06
CA SER B 2197 12.42 16.75 -58.72
C SER B 2197 13.79 16.31 -58.19
N VAL B 2198 14.85 16.98 -58.59
CA VAL B 2198 16.12 16.89 -57.88
C VAL B 2198 16.54 18.31 -57.49
N PRO B 2199 16.64 18.59 -56.19
CA PRO B 2199 16.99 19.95 -55.74
C PRO B 2199 18.41 20.34 -56.11
N SER B 2200 18.60 21.63 -56.37
CA SER B 2200 19.89 22.15 -56.80
C SER B 2200 20.16 23.48 -56.13
N VAL B 2201 21.41 23.69 -55.71
CA VAL B 2201 21.81 24.91 -55.01
C VAL B 2201 23.05 25.52 -55.65
N PRO B 2202 23.06 26.81 -55.96
CA PRO B 2202 24.30 27.46 -56.44
C PRO B 2202 25.23 27.80 -55.28
N ILE B 2203 26.41 27.17 -55.29
CA ILE B 2203 27.51 27.54 -54.41
C ILE B 2203 28.32 28.63 -55.11
N SER B 2204 28.59 29.72 -54.36
CA SER B 2204 29.03 30.99 -54.93
C SER B 2204 30.36 30.89 -55.68
N THR B 2205 31.40 30.39 -55.02
CA THR B 2205 32.72 30.35 -55.63
C THR B 2205 32.86 29.22 -56.65
N HIS B 2206 32.14 28.12 -56.46
CA HIS B 2206 32.42 26.88 -57.17
C HIS B 2206 31.43 26.56 -58.29
N GLY B 2207 30.12 26.62 -58.03
CA GLY B 2207 29.21 26.16 -59.05
C GLY B 2207 27.84 25.71 -58.56
N ARG B 2208 27.45 24.47 -58.88
CA ARG B 2208 26.12 23.97 -58.55
C ARG B 2208 26.20 22.66 -57.78
N LEU B 2209 25.19 22.42 -56.95
CA LEU B 2209 25.00 21.16 -56.25
C LEU B 2209 23.70 20.53 -56.72
N LEU B 2210 23.79 19.27 -57.15
CA LEU B 2210 22.64 18.46 -57.52
C LEU B 2210 22.35 17.49 -56.39
N GLY B 2211 21.10 17.42 -55.95
CA GLY B 2211 20.80 16.65 -54.76
C GLY B 2211 19.80 15.51 -54.86
N ARG B 2212 19.03 15.34 -53.79
CA ARG B 2212 18.06 14.25 -53.71
C ARG B 2212 16.89 14.74 -52.88
N SER B 2213 15.71 14.17 -53.12
CA SER B 2213 14.51 14.53 -52.39
C SER B 2213 13.87 13.28 -51.79
N GLN B 2214 13.43 13.36 -50.55
CA GLN B 2214 12.90 12.22 -49.82
C GLN B 2214 11.57 12.58 -49.17
N ALA B 2215 10.69 11.59 -49.06
CA ALA B 2215 9.41 11.73 -48.37
C ALA B 2215 9.45 10.91 -47.10
N ILE B 2216 9.20 11.55 -45.96
CA ILE B 2216 9.46 10.99 -44.64
C ILE B 2216 8.20 11.06 -43.79
N GLN B 2217 7.86 9.94 -43.15
CA GLN B 2217 6.68 9.83 -42.32
C GLN B 2217 7.06 9.94 -40.85
N VAL B 2218 6.42 10.86 -40.15
CA VAL B 2218 6.42 10.89 -38.69
C VAL B 2218 4.96 10.83 -38.26
N GLY B 2219 4.64 9.84 -37.41
CA GLY B 2219 3.27 9.54 -37.08
C GLY B 2219 2.49 9.05 -38.29
N THR B 2220 1.49 9.82 -38.72
CA THR B 2220 0.82 9.61 -40.00
C THR B 2220 0.89 10.86 -40.85
N SER B 2221 1.96 11.65 -40.70
CA SER B 2221 2.15 12.84 -41.51
C SER B 2221 3.45 12.72 -42.27
N TRP B 2222 3.52 13.37 -43.43
CA TRP B 2222 4.64 13.21 -44.34
C TRP B 2222 5.22 14.56 -44.70
N LYS B 2223 6.55 14.62 -44.75
CA LYS B 2223 7.26 15.84 -45.11
C LYS B 2223 8.32 15.50 -46.15
N GLN B 2224 8.54 16.42 -47.09
CA GLN B 2224 9.59 16.28 -48.07
C GLN B 2224 10.84 16.99 -47.56
N VAL B 2225 11.95 16.27 -47.54
CA VAL B 2225 13.24 16.83 -47.15
C VAL B 2225 14.20 16.66 -48.32
N ASP B 2226 14.87 17.74 -48.69
CA ASP B 2226 15.90 17.72 -49.71
C ASP B 2226 17.24 17.47 -49.03
N GLN B 2227 17.91 16.38 -49.44
CA GLN B 2227 19.17 15.99 -48.83
C GLN B 2227 20.26 15.92 -49.87
N PHE B 2228 21.46 16.33 -49.47
CA PHE B 2228 22.60 16.58 -50.35
C PHE B 2228 23.81 15.76 -49.95
N LEU B 2229 23.66 14.44 -49.80
CA LEU B 2229 24.72 13.61 -49.24
C LEU B 2229 25.95 13.57 -50.13
N GLY B 2230 27.10 13.92 -49.56
CA GLY B 2230 28.38 13.82 -50.24
C GLY B 2230 29.07 15.12 -50.61
N VAL B 2231 28.67 16.24 -50.04
CA VAL B 2231 29.29 17.53 -50.35
C VAL B 2231 30.69 17.59 -49.73
N PRO B 2232 31.73 17.95 -50.48
CA PRO B 2232 33.07 18.08 -49.90
C PRO B 2232 33.35 19.47 -49.35
N TYR B 2233 34.32 19.51 -48.42
CA TYR B 2233 34.75 20.78 -47.86
C TYR B 2233 36.27 20.97 -47.85
N ALA B 2234 37.05 19.97 -48.25
CA ALA B 2234 38.49 20.10 -48.31
C ALA B 2234 39.06 19.07 -49.27
N ALA B 2235 40.32 19.29 -49.66
CA ALA B 2235 40.99 18.40 -50.59
C ALA B 2235 41.26 17.04 -49.94
N PRO B 2236 41.18 15.95 -50.70
CA PRO B 2236 41.41 14.62 -50.13
C PRO B 2236 42.86 14.40 -49.75
N PRO B 2237 43.12 13.84 -48.56
CA PRO B 2237 44.50 13.52 -48.13
C PRO B 2237 45.00 12.10 -48.46
N LEU B 2238 45.33 11.88 -49.74
CA LEU B 2238 45.84 10.59 -50.20
C LEU B 2238 47.33 10.70 -50.51
N ALA B 2239 48.15 10.10 -49.63
CA ALA B 2239 49.55 9.74 -49.85
C ALA B 2239 50.52 10.92 -50.01
N GLU B 2240 50.02 12.13 -50.06
CA GLU B 2240 50.86 13.32 -50.03
C GLU B 2240 50.38 14.33 -49.00
N ARG B 2241 49.07 14.50 -48.88
CA ARG B 2241 48.49 15.40 -47.90
C ARG B 2241 48.16 14.71 -46.59
N ARG B 2242 48.51 13.42 -46.45
CA ARG B 2242 48.44 12.74 -45.17
C ARG B 2242 49.31 13.45 -44.15
N PHE B 2243 48.79 13.57 -42.93
CA PHE B 2243 49.49 14.15 -41.77
C PHE B 2243 49.81 15.62 -42.03
N GLN B 2244 48.82 16.34 -42.56
CA GLN B 2244 49.01 17.70 -43.02
C GLN B 2244 47.68 18.44 -42.93
N ALA B 2245 47.76 19.77 -42.92
CA ALA B 2245 46.58 20.62 -42.84
C ALA B 2245 45.72 20.48 -44.10
N PRO B 2246 44.38 20.61 -43.97
CA PRO B 2246 43.50 20.42 -45.13
C PRO B 2246 43.48 21.63 -46.06
N GLU B 2247 43.96 21.43 -47.29
CA GLU B 2247 43.80 22.43 -48.33
C GLU B 2247 42.34 22.44 -48.80
N PRO B 2248 41.83 23.60 -49.22
CA PRO B 2248 40.48 23.64 -49.79
C PRO B 2248 40.42 22.95 -51.13
N LEU B 2249 39.23 22.42 -51.46
CA LEU B 2249 38.99 21.75 -52.72
C LEU B 2249 38.32 22.73 -53.68
N ASN B 2250 38.97 22.98 -54.81
CA ASN B 2250 38.60 24.08 -55.69
C ASN B 2250 37.88 23.56 -56.94
N TRP B 2251 36.64 23.14 -56.74
CA TRP B 2251 35.89 22.49 -57.81
C TRP B 2251 35.08 23.51 -58.62
N THR B 2252 34.60 23.06 -59.78
CA THR B 2252 33.80 23.87 -60.69
C THR B 2252 32.88 22.94 -61.46
N GLY B 2253 31.62 23.32 -61.58
CA GLY B 2253 30.66 22.53 -62.33
C GLY B 2253 29.44 22.14 -61.53
N SER B 2254 29.15 20.84 -61.45
CA SER B 2254 27.96 20.33 -60.77
C SER B 2254 28.34 19.04 -60.05
N TRP B 2255 28.65 19.16 -58.76
CA TRP B 2255 28.91 17.98 -57.94
C TRP B 2255 27.63 17.17 -57.77
N ASP B 2256 27.74 15.85 -57.92
CA ASP B 2256 26.58 14.97 -57.78
C ASP B 2256 26.50 14.55 -56.33
N ALA B 2257 25.64 15.21 -55.56
CA ALA B 2257 25.43 14.90 -54.16
C ALA B 2257 24.15 14.08 -54.03
N SER B 2258 24.24 12.81 -54.42
CA SER B 2258 23.10 11.91 -54.39
C SER B 2258 23.39 10.60 -53.69
N LYS B 2259 24.64 10.29 -53.39
CA LYS B 2259 25.03 9.06 -52.72
C LYS B 2259 26.00 9.38 -51.60
N PRO B 2260 25.96 8.63 -50.51
CA PRO B 2260 26.93 8.86 -49.43
C PRO B 2260 28.32 8.45 -49.84
N ARG B 2261 29.31 9.16 -49.30
CA ARG B 2261 30.70 8.83 -49.54
C ARG B 2261 31.19 7.94 -48.39
N ALA B 2262 32.50 7.79 -48.27
CA ALA B 2262 33.11 6.96 -47.26
C ALA B 2262 33.46 7.77 -46.02
N SER B 2263 33.36 7.14 -44.85
CA SER B 2263 33.85 7.73 -43.62
C SER B 2263 35.32 7.34 -43.41
N CYS B 2264 35.95 8.00 -42.44
CA CYS B 2264 37.38 7.85 -42.23
C CYS B 2264 37.70 6.55 -41.51
N TRP B 2265 38.99 6.23 -41.48
CA TRP B 2265 39.49 4.97 -40.92
C TRP B 2265 39.41 5.02 -39.40
N GLN B 2266 38.36 4.43 -38.84
CA GLN B 2266 38.32 4.23 -37.41
C GLN B 2266 39.28 3.10 -37.04
N PRO B 2267 39.90 3.15 -35.84
CA PRO B 2267 40.92 2.13 -35.51
C PRO B 2267 40.36 0.73 -35.36
N GLY B 2268 39.32 0.54 -34.55
CA GLY B 2268 38.71 -0.76 -34.49
C GLY B 2268 37.80 -0.97 -35.68
N THR B 2269 38.25 -1.76 -36.66
CA THR B 2269 37.50 -1.99 -37.88
C THR B 2269 37.70 -3.43 -38.32
N ARG B 2270 36.60 -4.12 -38.64
CA ARG B 2270 36.68 -5.51 -39.08
C ARG B 2270 37.26 -5.68 -40.48
N THR B 2271 37.41 -4.57 -41.23
CA THR B 2271 37.96 -4.53 -42.59
C THR B 2271 37.15 -5.44 -43.53
N SER B 2272 35.83 -5.36 -43.43
CA SER B 2272 34.96 -5.95 -44.42
C SER B 2272 35.08 -5.19 -45.73
N THR B 2273 35.10 -5.93 -46.84
CA THR B 2273 35.20 -5.33 -48.17
C THR B 2273 33.95 -4.51 -48.49
N SER B 2274 34.10 -3.19 -48.46
CA SER B 2274 33.00 -2.25 -48.59
C SER B 2274 33.54 -0.85 -48.83
N PRO B 2275 32.80 0.02 -49.52
CA PRO B 2275 33.18 1.43 -49.60
C PRO B 2275 32.75 2.26 -48.40
N GLY B 2276 32.35 1.63 -47.29
CA GLY B 2276 31.94 2.39 -46.12
C GLY B 2276 33.06 3.17 -45.46
N VAL B 2277 34.22 2.52 -45.28
CA VAL B 2277 35.39 3.19 -44.71
C VAL B 2277 36.53 3.15 -45.71
N SER B 2278 37.23 4.28 -45.80
CA SER B 2278 38.39 4.52 -46.66
C SER B 2278 38.96 5.90 -46.34
N GLU B 2279 40.05 6.27 -47.00
CA GLU B 2279 40.44 7.66 -47.03
C GLU B 2279 39.61 8.41 -48.07
N ASP B 2280 39.94 9.69 -48.27
CA ASP B 2280 39.09 10.67 -48.94
C ASP B 2280 37.71 10.67 -48.29
N CYS B 2281 37.68 11.19 -47.06
CA CYS B 2281 36.49 11.09 -46.21
C CYS B 2281 36.12 12.44 -45.62
N LEU B 2282 36.50 13.53 -46.26
CA LEU B 2282 36.15 14.87 -45.78
C LEU B 2282 34.93 15.33 -46.58
N TYR B 2283 33.77 14.83 -46.17
CA TYR B 2283 32.52 15.03 -46.88
C TYR B 2283 31.40 15.37 -45.90
N LEU B 2284 30.47 16.20 -46.37
CA LEU B 2284 29.34 16.64 -45.59
C LEU B 2284 28.08 15.85 -45.95
N ASN B 2285 27.01 16.08 -45.20
CA ASN B 2285 25.69 15.53 -45.52
C ASN B 2285 24.70 16.60 -45.04
N VAL B 2286 24.02 17.26 -45.97
CA VAL B 2286 23.18 18.41 -45.64
C VAL B 2286 21.72 18.05 -45.88
N PHE B 2287 20.91 18.15 -44.82
CA PHE B 2287 19.48 17.85 -44.87
C PHE B 2287 18.71 19.14 -44.60
N ILE B 2288 17.82 19.51 -45.52
CA ILE B 2288 17.04 20.73 -45.43
C ILE B 2288 15.59 20.36 -45.64
N PRO B 2289 14.68 20.69 -44.72
CA PRO B 2289 13.24 20.52 -44.97
C PRO B 2289 12.75 21.42 -46.10
N GLN B 2290 11.49 21.18 -46.51
CA GLN B 2290 10.95 21.81 -47.71
C GLN B 2290 10.81 23.33 -47.54
N ASN B 2291 10.01 23.75 -46.57
CA ASN B 2291 9.84 25.17 -46.30
C ASN B 2291 10.32 25.42 -44.87
N VAL B 2292 11.60 25.73 -44.74
CA VAL B 2292 12.22 26.04 -43.44
C VAL B 2292 11.79 27.42 -42.98
N ALA B 2293 12.18 27.77 -41.76
CA ALA B 2293 12.16 29.16 -41.36
C ALA B 2293 13.13 29.96 -42.24
N PRO B 2294 12.82 31.22 -42.53
CA PRO B 2294 13.67 32.01 -43.44
C PRO B 2294 15.10 32.21 -42.94
N ASN B 2295 15.30 32.28 -41.62
CA ASN B 2295 16.62 32.24 -41.03
C ASN B 2295 16.62 31.07 -40.05
N ALA B 2296 16.87 29.88 -40.59
CA ALA B 2296 16.76 28.65 -39.81
C ALA B 2296 18.08 28.32 -39.13
N SER B 2297 17.97 27.65 -37.98
CA SER B 2297 19.15 27.24 -37.25
C SER B 2297 19.85 26.09 -37.96
N VAL B 2298 21.13 25.93 -37.67
CA VAL B 2298 21.97 24.91 -38.28
C VAL B 2298 22.56 24.05 -37.17
N LEU B 2299 22.44 22.74 -37.30
CA LEU B 2299 23.13 21.81 -36.42
C LEU B 2299 24.26 21.17 -37.19
N VAL B 2300 25.43 21.03 -36.57
CA VAL B 2300 26.61 20.44 -37.20
C VAL B 2300 27.04 19.28 -36.32
N PHE B 2301 26.77 18.06 -36.78
CA PHE B 2301 27.04 16.84 -36.03
C PHE B 2301 28.27 16.18 -36.64
N PHE B 2302 29.29 15.94 -35.83
CA PHE B 2302 30.50 15.27 -36.28
C PHE B 2302 30.43 13.80 -35.86
N HIS B 2303 30.47 12.91 -36.85
CA HIS B 2303 30.33 11.48 -36.59
C HIS B 2303 30.90 10.69 -37.76
N ASN B 2304 31.94 9.90 -37.49
CA ASN B 2304 32.44 8.91 -38.45
C ASN B 2304 31.66 7.62 -38.23
N THR B 2305 30.89 7.20 -39.22
CA THR B 2305 30.12 5.98 -39.08
C THR B 2305 31.02 4.75 -39.16
N MET B 2306 30.54 3.66 -38.57
CA MET B 2306 31.23 2.39 -38.60
C MET B 2306 30.97 1.74 -39.97
N ASP B 2307 31.63 0.61 -40.23
CA ASP B 2307 31.49 -0.11 -41.51
C ASP B 2307 30.09 -0.66 -41.60
N ARG B 2308 29.22 0.09 -42.27
CA ARG B 2308 27.84 -0.27 -42.54
C ARG B 2308 27.60 -0.16 -44.03
N GLU B 2309 26.81 -1.07 -44.57
CA GLU B 2309 26.47 -1.06 -46.00
C GLU B 2309 25.54 0.11 -46.27
N GLU B 2310 26.07 1.13 -46.94
CA GLU B 2310 25.37 2.36 -47.32
C GLU B 2310 24.43 2.20 -48.53
N SER B 2311 24.14 0.96 -48.95
CA SER B 2311 23.17 0.72 -50.01
C SER B 2311 21.78 1.21 -49.64
N GLU B 2312 21.44 1.21 -48.36
CA GLU B 2312 20.21 1.85 -47.88
C GLU B 2312 20.52 3.32 -47.56
N GLY B 2313 21.07 4.02 -48.55
CA GLY B 2313 21.42 5.43 -48.50
C GLY B 2313 22.19 5.90 -47.28
N TRP B 2314 21.52 6.75 -46.51
CA TRP B 2314 21.93 7.43 -45.28
C TRP B 2314 22.64 6.50 -44.29
N PRO B 2315 23.96 6.65 -44.12
CA PRO B 2315 24.69 5.73 -43.24
C PRO B 2315 24.56 6.06 -41.76
N ALA B 2316 23.67 5.35 -41.08
CA ALA B 2316 23.53 5.24 -39.63
C ALA B 2316 23.12 6.53 -38.91
N ILE B 2317 23.09 7.66 -39.61
CA ILE B 2317 22.57 8.92 -39.10
C ILE B 2317 21.78 9.57 -40.22
N ASP B 2318 20.45 9.47 -40.13
CA ASP B 2318 19.56 10.25 -40.97
C ASP B 2318 19.00 11.35 -40.06
N GLY B 2319 19.78 12.43 -39.93
CA GLY B 2319 19.37 13.61 -39.17
C GLY B 2319 18.23 14.39 -39.79
N SER B 2320 17.79 13.93 -40.96
CA SER B 2320 16.61 14.42 -41.64
C SER B 2320 15.35 14.31 -40.78
N PHE B 2321 15.26 13.32 -39.88
CA PHE B 2321 14.10 13.24 -39.00
C PHE B 2321 14.09 14.37 -37.98
N LEU B 2322 15.25 14.67 -37.40
CA LEU B 2322 15.37 15.82 -36.51
C LEU B 2322 15.12 17.12 -37.26
N ALA B 2323 15.56 17.19 -38.53
CA ALA B 2323 15.28 18.34 -39.38
C ALA B 2323 13.79 18.53 -39.62
N ALA B 2324 13.09 17.43 -39.95
CA ALA B 2324 11.68 17.52 -40.29
C ALA B 2324 10.83 17.82 -39.05
N VAL B 2325 11.14 17.18 -37.92
CA VAL B 2325 10.38 17.43 -36.70
C VAL B 2325 10.68 18.80 -36.12
N GLY B 2326 11.93 19.26 -36.20
CA GLY B 2326 12.31 20.48 -35.52
C GLY B 2326 12.40 21.74 -36.36
N ASN B 2327 12.18 21.59 -37.67
CA ASN B 2327 12.14 22.69 -38.65
C ASN B 2327 13.46 23.47 -38.66
N LEU B 2328 14.53 22.76 -38.99
CA LEU B 2328 15.88 23.31 -38.94
C LEU B 2328 16.77 22.52 -39.89
N ILE B 2329 17.93 23.08 -40.19
CA ILE B 2329 18.87 22.48 -41.14
C ILE B 2329 19.88 21.63 -40.37
N VAL B 2330 20.10 20.40 -40.84
CA VAL B 2330 21.04 19.49 -40.20
C VAL B 2330 22.19 19.22 -41.15
N VAL B 2331 23.41 19.26 -40.63
CA VAL B 2331 24.61 18.95 -41.40
C VAL B 2331 25.41 17.95 -40.59
N THR B 2332 25.66 16.78 -41.15
CA THR B 2332 26.47 15.77 -40.49
C THR B 2332 27.75 15.58 -41.30
N ALA B 2333 28.88 15.74 -40.63
CA ALA B 2333 30.18 15.78 -41.26
C ALA B 2333 31.01 14.57 -40.85
N SER B 2334 32.15 14.41 -41.52
CA SER B 2334 33.13 13.41 -41.17
C SER B 2334 34.49 14.07 -41.01
N TYR B 2335 35.36 13.43 -40.26
CA TYR B 2335 36.65 14.03 -39.93
C TYR B 2335 37.66 12.92 -39.66
N ARG B 2336 38.92 13.22 -39.93
CA ARG B 2336 39.99 12.26 -39.70
C ARG B 2336 40.15 11.99 -38.21
N VAL B 2337 40.26 10.70 -37.86
CA VAL B 2337 40.41 10.27 -36.49
C VAL B 2337 41.41 9.12 -36.48
N GLY B 2338 42.09 8.95 -35.35
CA GLY B 2338 43.12 7.92 -35.24
C GLY B 2338 44.49 8.47 -35.57
N VAL B 2339 45.35 7.61 -36.15
CA VAL B 2339 46.69 8.05 -36.53
C VAL B 2339 46.63 9.08 -37.66
N PHE B 2340 45.68 8.91 -38.59
CA PHE B 2340 45.48 9.90 -39.64
C PHE B 2340 44.96 11.21 -39.08
N GLY B 2341 44.09 11.13 -38.08
CA GLY B 2341 43.59 12.33 -37.45
C GLY B 2341 44.61 13.04 -36.58
N PHE B 2342 45.40 12.29 -35.83
CA PHE B 2342 46.33 12.87 -34.85
C PHE B 2342 47.62 12.06 -34.87
N LEU B 2343 48.62 12.56 -35.59
CA LEU B 2343 49.99 12.05 -35.47
C LEU B 2343 50.91 13.23 -35.26
N SER B 2344 51.80 13.12 -34.26
CA SER B 2344 52.75 14.18 -33.96
C SER B 2344 54.15 13.60 -33.86
N SER B 2345 55.11 14.27 -34.49
CA SER B 2345 56.51 13.88 -34.43
C SER B 2345 57.36 15.09 -34.74
N GLY B 2346 58.43 15.28 -33.97
CA GLY B 2346 59.32 16.41 -34.18
C GLY B 2346 58.77 17.71 -33.63
N SER B 2347 59.57 18.75 -33.79
CA SER B 2347 59.18 20.06 -33.27
C SER B 2347 58.15 20.75 -34.17
N GLY B 2348 58.27 20.59 -35.49
CA GLY B 2348 57.41 21.33 -36.41
C GLY B 2348 56.91 20.46 -37.54
N GLU B 2349 55.90 20.99 -38.24
CA GLU B 2349 55.26 20.57 -39.50
C GLU B 2349 54.64 19.17 -39.50
N VAL B 2350 54.77 18.44 -38.39
CA VAL B 2350 54.02 17.22 -38.14
C VAL B 2350 53.47 17.52 -36.75
N SER B 2351 53.05 18.78 -36.57
CA SER B 2351 52.64 19.26 -35.25
C SER B 2351 51.43 18.50 -34.71
N GLY B 2352 50.44 18.24 -35.55
CA GLY B 2352 49.29 17.46 -35.13
C GLY B 2352 47.98 18.19 -35.23
N ASN B 2353 46.96 17.67 -34.54
CA ASN B 2353 45.59 18.20 -34.52
C ASN B 2353 44.97 18.29 -35.91
N TRP B 2354 45.26 17.32 -36.78
CA TRP B 2354 44.75 17.36 -38.14
C TRP B 2354 43.24 17.17 -38.18
N GLY B 2355 42.71 16.30 -37.32
CA GLY B 2355 41.26 16.16 -37.21
C GLY B 2355 40.59 17.41 -36.70
N LEU B 2356 41.25 18.12 -35.78
CA LEU B 2356 40.73 19.40 -35.29
C LEU B 2356 40.71 20.44 -36.40
N LEU B 2357 41.74 20.46 -37.25
CA LEU B 2357 41.74 21.37 -38.40
C LEU B 2357 40.68 20.98 -39.42
N ASP B 2358 40.40 19.68 -39.56
CA ASP B 2358 39.30 19.25 -40.44
C ASP B 2358 37.95 19.70 -39.90
N GLN B 2359 37.76 19.62 -38.58
CA GLN B 2359 36.53 20.11 -37.97
C GLN B 2359 36.39 21.62 -38.13
N VAL B 2360 37.51 22.34 -38.01
CA VAL B 2360 37.51 23.80 -38.22
C VAL B 2360 37.19 24.12 -39.67
N ALA B 2361 37.73 23.35 -40.62
CA ALA B 2361 37.45 23.58 -42.04
C ALA B 2361 35.99 23.32 -42.38
N ALA B 2362 35.39 22.27 -41.81
CA ALA B 2362 33.97 22.02 -42.00
C ALA B 2362 33.12 23.13 -41.38
N LEU B 2363 33.53 23.63 -40.21
CA LEU B 2363 32.80 24.71 -39.57
C LEU B 2363 32.92 26.01 -40.36
N THR B 2364 34.07 26.28 -40.97
CA THR B 2364 34.19 27.46 -41.83
C THR B 2364 33.37 27.31 -43.11
N TRP B 2365 33.28 26.09 -43.65
CA TRP B 2365 32.46 25.86 -44.83
C TRP B 2365 31.00 26.12 -44.54
N VAL B 2366 30.50 25.56 -43.42
CA VAL B 2366 29.10 25.79 -43.08
C VAL B 2366 28.90 27.21 -42.55
N GLN B 2367 29.97 27.89 -42.15
CA GLN B 2367 29.86 29.31 -41.84
C GLN B 2367 29.67 30.13 -43.11
N THR B 2368 30.34 29.75 -44.19
CA THR B 2368 30.36 30.59 -45.38
C THR B 2368 29.20 30.32 -46.33
N HIS B 2369 28.95 29.06 -46.67
CA HIS B 2369 28.07 28.74 -47.79
C HIS B 2369 26.65 28.34 -47.39
N ILE B 2370 26.29 28.42 -46.11
CA ILE B 2370 24.99 27.87 -45.69
C ILE B 2370 23.85 28.83 -45.97
N ARG B 2371 24.13 30.10 -46.25
CA ARG B 2371 23.06 31.08 -46.43
C ARG B 2371 22.31 30.88 -47.74
N GLY B 2372 22.92 30.22 -48.72
CA GLY B 2372 22.19 29.83 -49.91
C GLY B 2372 21.22 28.69 -49.68
N PHE B 2373 21.42 27.91 -48.61
CA PHE B 2373 20.54 26.79 -48.29
C PHE B 2373 19.30 27.22 -47.54
N GLY B 2374 19.28 28.43 -46.99
CA GLY B 2374 18.20 28.91 -46.15
C GLY B 2374 18.57 29.09 -44.70
N GLY B 2375 19.71 28.55 -44.28
CA GLY B 2375 20.12 28.64 -42.89
C GLY B 2375 20.68 30.00 -42.52
N ASP B 2376 20.96 30.14 -41.24
CA ASP B 2376 21.51 31.38 -40.68
C ASP B 2376 22.84 31.02 -40.02
N PRO B 2377 23.98 31.53 -40.52
CA PRO B 2377 25.28 31.11 -39.97
C PRO B 2377 25.61 31.66 -38.60
N ARG B 2378 24.72 32.43 -37.96
CA ARG B 2378 24.93 32.89 -36.59
C ARG B 2378 24.24 32.01 -35.56
N ARG B 2379 23.65 30.89 -35.99
CA ARG B 2379 22.94 29.99 -35.09
C ARG B 2379 23.48 28.56 -35.18
N VAL B 2380 24.73 28.39 -35.62
CA VAL B 2380 25.32 27.06 -35.78
C VAL B 2380 25.56 26.44 -34.41
N SER B 2381 25.14 25.19 -34.24
CA SER B 2381 25.29 24.46 -32.99
C SER B 2381 26.17 23.24 -33.23
N LEU B 2382 27.31 23.19 -32.55
CA LEU B 2382 28.24 22.08 -32.66
C LEU B 2382 27.75 20.87 -31.87
N ALA B 2383 28.00 19.67 -32.41
CA ALA B 2383 27.62 18.45 -31.71
C ALA B 2383 28.56 17.31 -32.07
N ALA B 2384 28.86 16.48 -31.06
CA ALA B 2384 29.61 15.25 -31.25
C ALA B 2384 29.23 14.29 -30.13
N ASP B 2385 29.75 13.06 -30.20
CA ASP B 2385 29.42 12.05 -29.21
C ASP B 2385 30.48 10.98 -29.12
N ARG B 2386 30.57 10.37 -27.93
CA ARG B 2386 31.25 9.10 -27.65
C ARG B 2386 32.73 9.13 -28.05
N GLY B 2387 33.49 9.97 -27.35
CA GLY B 2387 34.89 10.16 -27.63
C GLY B 2387 35.17 11.25 -28.65
N GLY B 2388 34.26 11.44 -29.61
CA GLY B 2388 34.30 12.62 -30.45
C GLY B 2388 33.95 13.90 -29.72
N ALA B 2389 33.24 13.78 -28.60
CA ALA B 2389 32.98 14.95 -27.76
C ALA B 2389 34.23 15.38 -27.01
N ASP B 2390 35.14 14.44 -26.75
CA ASP B 2390 36.45 14.80 -26.18
C ASP B 2390 37.25 15.67 -27.15
N VAL B 2391 37.08 15.47 -28.45
CA VAL B 2391 37.81 16.24 -29.45
C VAL B 2391 36.92 17.32 -30.08
N ALA B 2392 35.77 17.61 -29.46
CA ALA B 2392 34.91 18.70 -29.91
C ALA B 2392 34.89 19.88 -28.95
N SER B 2393 35.04 19.62 -27.64
CA SER B 2393 35.07 20.68 -26.65
C SER B 2393 36.37 21.48 -26.67
N ILE B 2394 37.39 21.02 -27.41
CA ILE B 2394 38.59 21.82 -27.65
C ILE B 2394 38.23 23.09 -28.41
N HIS B 2395 37.18 23.02 -29.26
CA HIS B 2395 36.66 24.21 -29.91
C HIS B 2395 36.06 25.18 -28.91
N LEU B 2396 35.40 24.66 -27.87
CA LEU B 2396 34.91 25.50 -26.78
C LEU B 2396 36.06 26.15 -26.02
N LEU B 2397 37.16 25.42 -25.84
CA LEU B 2397 38.29 25.96 -25.09
C LEU B 2397 39.04 27.04 -25.87
N THR B 2398 39.16 26.88 -27.19
CA THR B 2398 40.03 27.73 -27.99
C THR B 2398 39.44 29.12 -28.13
N ALA B 2399 40.22 30.13 -27.76
CA ALA B 2399 39.79 31.52 -27.90
C ALA B 2399 39.87 31.96 -29.35
N ARG B 2400 38.94 32.81 -29.74
CA ARG B 2400 38.81 33.23 -31.13
C ARG B 2400 38.25 34.65 -31.13
N ALA B 2401 38.54 35.40 -32.21
CA ALA B 2401 37.94 36.72 -32.42
C ALA B 2401 36.42 36.60 -32.48
N THR B 2402 35.74 37.58 -31.87
CA THR B 2402 34.30 37.48 -31.62
C THR B 2402 33.49 37.52 -32.92
N ASN B 2403 33.96 38.25 -33.92
CA ASN B 2403 33.26 38.31 -35.20
C ASN B 2403 33.33 36.97 -35.94
N SER B 2404 34.45 36.26 -35.81
CA SER B 2404 34.67 35.00 -36.49
C SER B 2404 34.38 33.79 -35.61
N GLN B 2405 33.41 33.90 -34.70
CA GLN B 2405 33.01 32.77 -33.88
C GLN B 2405 32.30 31.72 -34.74
N LEU B 2406 32.83 30.50 -34.75
CA LEU B 2406 32.39 29.49 -35.70
C LEU B 2406 31.02 28.91 -35.38
N PHE B 2407 30.51 29.13 -34.18
CA PHE B 2407 29.24 28.54 -33.77
C PHE B 2407 28.65 29.40 -32.65
N ARG B 2408 27.54 28.94 -32.12
CA ARG B 2408 26.86 29.64 -31.04
C ARG B 2408 26.59 28.75 -29.84
N ARG B 2409 26.20 27.50 -30.06
CA ARG B 2409 25.88 26.57 -28.97
C ARG B 2409 26.74 25.32 -29.08
N ALA B 2410 26.50 24.34 -28.20
CA ALA B 2410 27.29 23.11 -28.20
C ALA B 2410 26.48 22.00 -27.55
N VAL B 2411 26.40 20.86 -28.21
CA VAL B 2411 25.65 19.69 -27.73
C VAL B 2411 26.65 18.55 -27.63
N LEU B 2412 27.24 18.36 -26.46
CA LEU B 2412 28.23 17.31 -26.25
C LEU B 2412 27.57 16.12 -25.54
N MET B 2413 27.43 15.02 -26.23
CA MET B 2413 26.77 13.83 -25.69
C MET B 2413 27.82 12.80 -25.31
N GLY B 2414 28.23 12.82 -24.04
CA GLY B 2414 29.11 11.80 -23.53
C GLY B 2414 30.59 12.08 -23.70
N GLY B 2415 31.01 13.29 -23.37
CA GLY B 2415 32.44 13.57 -23.34
C GLY B 2415 32.68 15.00 -22.90
N SER B 2416 33.96 15.30 -22.67
CA SER B 2416 34.36 16.59 -22.15
C SER B 2416 35.83 16.84 -22.45
N ALA B 2417 36.23 18.11 -22.35
CA ALA B 2417 37.63 18.48 -22.41
C ALA B 2417 38.38 18.16 -21.12
N LEU B 2418 37.68 18.09 -20.00
CA LEU B 2418 38.30 17.87 -18.72
C LEU B 2418 38.58 16.39 -18.43
N SER B 2419 38.33 15.50 -19.40
CA SER B 2419 38.75 14.12 -19.27
C SER B 2419 40.28 14.05 -19.20
N PRO B 2420 40.83 13.14 -18.40
CA PRO B 2420 42.31 13.03 -18.33
C PRO B 2420 42.96 12.55 -19.61
N ALA B 2421 42.24 11.84 -20.47
CA ALA B 2421 42.77 11.34 -21.72
C ALA B 2421 42.47 12.26 -22.90
N ALA B 2422 41.93 13.45 -22.63
CA ALA B 2422 41.54 14.36 -23.72
C ALA B 2422 42.76 14.93 -24.44
N VAL B 2423 43.80 15.32 -23.70
CA VAL B 2423 44.98 15.93 -24.27
C VAL B 2423 46.19 15.05 -23.94
N ILE B 2424 46.97 14.73 -24.96
CA ILE B 2424 48.13 13.85 -24.83
C ILE B 2424 49.39 14.69 -24.78
N SER B 2425 50.28 14.37 -23.84
CA SER B 2425 51.55 15.07 -23.72
C SER B 2425 52.48 14.69 -24.87
N HIS B 2426 53.57 15.46 -25.00
CA HIS B 2426 54.48 15.28 -26.13
C HIS B 2426 55.24 13.97 -26.04
N GLU B 2427 55.68 13.59 -24.83
CA GLU B 2427 56.49 12.39 -24.65
C GLU B 2427 55.72 11.12 -25.00
N ARG B 2428 54.47 11.04 -24.53
CA ARG B 2428 53.60 9.90 -24.83
C ARG B 2428 53.30 9.81 -26.31
N ALA B 2429 53.08 10.96 -26.97
CA ALA B 2429 52.81 10.99 -28.39
C ALA B 2429 54.01 10.51 -29.21
N GLN B 2430 55.22 10.93 -28.82
CA GLN B 2430 56.41 10.48 -29.52
C GLN B 2430 56.68 9.00 -29.28
N GLN B 2431 56.38 8.51 -28.08
CA GLN B 2431 56.47 7.07 -27.82
C GLN B 2431 55.49 6.28 -28.67
N GLN B 2432 54.27 6.81 -28.82
CA GLN B 2432 53.28 6.19 -29.70
C GLN B 2432 53.75 6.14 -31.15
N ALA B 2433 54.35 7.24 -31.62
CA ALA B 2433 54.84 7.31 -32.99
C ALA B 2433 55.98 6.33 -33.23
N ILE B 2434 56.92 6.23 -32.31
CA ILE B 2434 58.04 5.31 -32.51
C ILE B 2434 57.60 3.86 -32.31
N ALA B 2435 56.59 3.60 -31.48
CA ALA B 2435 56.06 2.24 -31.36
C ALA B 2435 55.35 1.81 -32.63
N LEU B 2436 54.56 2.71 -33.23
CA LEU B 2436 53.93 2.43 -34.51
C LEU B 2436 54.98 2.26 -35.61
N ALA B 2437 56.07 3.02 -35.52
CA ALA B 2437 57.19 2.83 -36.43
C ALA B 2437 57.80 1.44 -36.29
N LYS B 2438 57.94 0.96 -35.05
CA LYS B 2438 58.50 -0.36 -34.82
C LYS B 2438 57.61 -1.47 -35.35
N GLU B 2439 56.28 -1.31 -35.18
CA GLU B 2439 55.37 -2.36 -35.68
C GLU B 2439 55.30 -2.38 -37.20
N VAL B 2440 55.32 -1.21 -37.85
CA VAL B 2440 55.34 -1.15 -39.31
C VAL B 2440 56.74 -1.38 -39.85
N SER B 2441 57.76 -1.36 -38.97
CA SER B 2441 59.17 -1.57 -39.30
C SER B 2441 59.71 -0.51 -40.25
N CYS B 2442 59.40 0.75 -39.96
CA CYS B 2442 60.05 1.87 -40.63
C CYS B 2442 61.47 2.06 -40.08
N PRO B 2443 62.40 2.55 -40.90
CA PRO B 2443 63.77 2.79 -40.40
C PRO B 2443 63.87 4.02 -39.50
N MET B 2444 63.69 3.83 -38.20
CA MET B 2444 63.63 4.94 -37.24
C MET B 2444 65.01 5.58 -37.08
N SER B 2445 65.17 6.75 -37.69
CA SER B 2445 66.37 7.57 -37.52
C SER B 2445 66.04 8.97 -37.02
N SER B 2446 65.13 9.66 -37.70
CA SER B 2446 64.73 11.01 -37.34
C SER B 2446 63.23 11.17 -37.56
N SER B 2447 62.68 12.26 -37.03
CA SER B 2447 61.23 12.51 -37.09
C SER B 2447 60.76 12.70 -38.53
N GLN B 2448 61.52 13.45 -39.33
CA GLN B 2448 61.19 13.64 -40.74
C GLN B 2448 61.27 12.32 -41.50
N GLU B 2449 62.27 11.50 -41.19
CA GLU B 2449 62.41 10.21 -41.87
C GLU B 2449 61.28 9.25 -41.53
N VAL B 2450 60.87 9.20 -40.25
CA VAL B 2450 59.81 8.27 -39.89
C VAL B 2450 58.46 8.74 -40.42
N VAL B 2451 58.22 10.06 -40.44
CA VAL B 2451 56.95 10.53 -41.01
C VAL B 2451 56.93 10.35 -42.53
N SER B 2452 58.10 10.45 -43.18
CA SER B 2452 58.16 10.21 -44.62
C SER B 2452 57.98 8.73 -44.95
N CYS B 2453 58.49 7.85 -44.09
CA CYS B 2453 58.25 6.41 -44.27
C CYS B 2453 56.78 6.07 -44.02
N LEU B 2454 56.17 6.69 -43.00
CA LEU B 2454 54.80 6.36 -42.64
C LEU B 2454 53.80 6.93 -43.64
N ARG B 2455 54.16 8.00 -44.34
CA ARG B 2455 53.25 8.63 -45.29
C ARG B 2455 53.05 7.79 -46.56
N GLN B 2456 53.88 6.78 -46.82
CA GLN B 2456 53.80 6.00 -48.04
C GLN B 2456 53.16 4.62 -47.84
N LYS B 2457 52.96 4.19 -46.60
CA LYS B 2457 52.33 2.91 -46.33
C LYS B 2457 50.84 2.96 -46.68
N PRO B 2458 50.26 1.83 -47.12
CA PRO B 2458 48.81 1.78 -47.34
C PRO B 2458 48.03 1.95 -46.05
N ALA B 2459 46.82 2.50 -46.18
CA ALA B 2459 46.00 2.85 -45.03
C ALA B 2459 45.54 1.61 -44.26
N ASN B 2460 45.33 0.49 -44.95
CA ASN B 2460 44.89 -0.74 -44.30
C ASN B 2460 45.94 -1.27 -43.34
N VAL B 2461 47.21 -1.23 -43.74
CA VAL B 2461 48.31 -1.68 -42.90
C VAL B 2461 48.45 -0.80 -41.67
N LEU B 2462 48.34 0.52 -41.85
CA LEU B 2462 48.42 1.45 -40.72
C LEU B 2462 47.25 1.28 -39.76
N ASN B 2463 46.04 1.06 -40.30
CA ASN B 2463 44.87 0.82 -39.46
C ASN B 2463 45.01 -0.47 -38.66
N ASP B 2464 45.53 -1.53 -39.30
CA ASP B 2464 45.74 -2.79 -38.61
C ASP B 2464 46.78 -2.67 -37.50
N ALA B 2465 47.88 -1.97 -37.78
CA ALA B 2465 48.95 -1.80 -36.79
C ALA B 2465 48.49 -0.93 -35.63
N GLN B 2466 47.77 0.16 -35.92
CA GLN B 2466 47.28 1.02 -34.84
C GLN B 2466 46.22 0.30 -34.00
N THR B 2467 45.44 -0.60 -34.62
CA THR B 2467 44.46 -1.37 -33.86
C THR B 2467 45.16 -2.39 -32.96
N LYS B 2468 46.20 -3.03 -33.49
CA LYS B 2468 46.97 -4.01 -32.71
C LYS B 2468 47.67 -3.35 -31.52
N LEU B 2469 48.24 -2.16 -31.72
CA LEU B 2469 48.87 -1.44 -30.60
C LEU B 2469 47.83 -0.91 -29.61
N LEU B 2470 46.70 -0.41 -30.10
CA LEU B 2470 45.68 0.15 -29.22
C LEU B 2470 44.91 -0.92 -28.46
N ALA B 2471 44.97 -2.18 -28.91
CA ALA B 2471 44.26 -3.25 -28.21
C ALA B 2471 44.82 -3.52 -26.82
N VAL B 2472 46.11 -3.29 -26.60
CA VAL B 2472 46.74 -3.58 -25.32
C VAL B 2472 47.30 -2.30 -24.71
N SER B 2473 46.69 -1.17 -25.04
CA SER B 2473 47.14 0.13 -24.57
C SER B 2473 46.04 0.81 -23.78
N GLY B 2474 46.44 1.63 -22.81
CA GLY B 2474 45.52 2.34 -21.96
C GLY B 2474 44.88 3.54 -22.66
N PRO B 2475 43.92 4.17 -21.99
CA PRO B 2475 43.31 5.39 -22.53
C PRO B 2475 44.28 6.55 -22.68
N PHE B 2476 45.34 6.59 -21.87
CA PHE B 2476 46.37 7.61 -22.02
C PHE B 2476 47.28 7.35 -23.22
N HIS B 2477 47.21 6.16 -23.81
CA HIS B 2477 48.00 5.83 -25.00
C HIS B 2477 47.16 5.81 -26.26
N TYR B 2478 46.00 6.45 -26.25
CA TYR B 2478 45.16 6.59 -27.44
C TYR B 2478 45.73 7.67 -28.34
N TRP B 2479 45.07 7.92 -29.46
CA TRP B 2479 45.48 8.98 -30.39
C TRP B 2479 44.54 10.16 -30.17
N GLY B 2480 45.09 11.23 -29.61
CA GLY B 2480 44.30 12.40 -29.28
C GLY B 2480 45.00 13.68 -29.63
N PRO B 2481 44.33 14.82 -29.40
CA PRO B 2481 44.94 16.11 -29.69
C PRO B 2481 46.10 16.42 -28.76
N VAL B 2482 47.08 17.17 -29.29
CA VAL B 2482 48.27 17.57 -28.55
C VAL B 2482 48.22 19.07 -28.32
N ILE B 2483 49.26 19.61 -27.67
CA ILE B 2483 49.26 21.03 -27.28
C ILE B 2483 49.37 21.92 -28.51
N ASP B 2484 50.44 21.73 -29.31
CA ASP B 2484 50.71 22.31 -30.64
C ASP B 2484 51.08 23.80 -30.55
N GLY B 2485 50.80 24.45 -29.42
CA GLY B 2485 51.17 25.85 -29.24
C GLY B 2485 50.47 26.90 -30.09
N HIS B 2486 49.71 26.49 -31.11
CA HIS B 2486 49.03 27.42 -32.00
C HIS B 2486 47.52 27.27 -31.94
N PHE B 2487 47.00 26.07 -32.17
CA PHE B 2487 45.55 25.86 -32.07
C PHE B 2487 45.12 25.75 -30.61
N LEU B 2488 45.95 25.16 -29.77
CA LEU B 2488 45.73 25.09 -28.33
C LEU B 2488 46.98 25.62 -27.66
N ARG B 2489 46.83 26.13 -26.44
CA ARG B 2489 47.95 26.77 -25.74
C ARG B 2489 48.38 26.02 -24.50
N GLU B 2490 47.44 25.68 -23.63
CA GLU B 2490 47.69 25.17 -22.29
C GLU B 2490 46.78 23.98 -22.02
N PRO B 2491 47.09 23.17 -21.00
CA PRO B 2491 46.20 22.05 -20.61
C PRO B 2491 44.78 22.50 -20.29
N PRO B 2492 43.78 21.64 -20.53
CA PRO B 2492 42.37 22.10 -20.56
C PRO B 2492 41.83 22.69 -19.27
N ALA B 2493 42.23 22.18 -18.10
CA ALA B 2493 41.76 22.72 -16.83
C ALA B 2493 42.25 24.15 -16.63
N ARG B 2494 43.49 24.43 -17.00
CA ARG B 2494 44.01 25.80 -16.92
C ARG B 2494 43.35 26.68 -17.97
N ALA B 2495 43.14 26.15 -19.18
CA ALA B 2495 42.54 26.91 -20.27
C ALA B 2495 41.09 27.26 -20.02
N LEU B 2496 40.38 26.48 -19.21
CA LEU B 2496 38.98 26.77 -18.91
C LEU B 2496 38.82 27.97 -17.98
N LYS B 2497 39.88 28.40 -17.31
CA LYS B 2497 39.80 29.46 -16.31
C LYS B 2497 40.05 30.85 -16.87
N ARG B 2498 40.23 30.97 -18.18
CA ARG B 2498 40.32 32.30 -18.79
C ARG B 2498 38.98 33.04 -18.68
N SER B 2499 37.87 32.32 -18.88
CA SER B 2499 36.49 32.83 -18.77
C SER B 2499 36.23 34.03 -19.69
N LEU B 2500 36.51 33.84 -20.97
CA LEU B 2500 36.38 34.92 -21.95
C LEU B 2500 35.33 34.65 -23.02
N TRP B 2501 34.64 33.51 -22.97
CA TRP B 2501 33.72 33.12 -24.04
C TRP B 2501 32.52 34.06 -24.12
N VAL B 2502 31.97 34.15 -25.32
CA VAL B 2502 30.93 35.14 -25.63
C VAL B 2502 29.67 34.35 -26.01
N GLU B 2503 28.84 34.07 -24.99
CA GLU B 2503 27.50 33.51 -25.12
C GLU B 2503 27.49 32.17 -25.84
N VAL B 2504 28.11 31.18 -25.21
CA VAL B 2504 28.13 29.81 -25.71
C VAL B 2504 27.30 28.97 -24.76
N ASP B 2505 26.19 28.41 -25.25
CA ASP B 2505 25.37 27.55 -24.44
C ASP B 2505 25.98 26.14 -24.39
N LEU B 2506 25.33 25.25 -23.65
CA LEU B 2506 25.88 23.91 -23.47
C LEU B 2506 24.75 22.96 -23.08
N LEU B 2507 24.64 21.86 -23.80
CA LEU B 2507 23.74 20.77 -23.44
C LEU B 2507 24.61 19.52 -23.40
N ILE B 2508 24.86 19.01 -22.19
CA ILE B 2508 25.83 17.97 -21.96
C ILE B 2508 25.15 16.84 -21.21
N GLY B 2509 25.68 15.62 -21.35
CA GLY B 2509 25.06 14.49 -20.70
C GLY B 2509 25.85 13.22 -20.90
N SER B 2510 25.27 12.12 -20.45
CA SER B 2510 25.96 10.84 -20.39
C SER B 2510 24.95 9.73 -20.55
N SER B 2511 25.46 8.50 -20.69
CA SER B 2511 24.65 7.30 -20.63
C SER B 2511 25.26 6.35 -19.62
N GLN B 2512 24.39 5.57 -18.96
CA GLN B 2512 24.84 4.62 -17.95
C GLN B 2512 25.57 3.43 -18.55
N ASP B 2513 25.43 3.18 -19.85
CA ASP B 2513 26.09 2.07 -20.52
C ASP B 2513 27.12 2.55 -21.53
N ASP B 2514 27.87 3.59 -21.17
CA ASP B 2514 28.93 4.15 -21.99
C ASP B 2514 30.30 3.84 -21.38
N GLY B 2515 30.51 2.58 -21.04
CA GLY B 2515 31.80 2.16 -20.51
C GLY B 2515 32.90 2.30 -21.54
N LEU B 2516 34.11 2.58 -21.05
CA LEU B 2516 35.26 2.71 -21.94
C LEU B 2516 35.66 1.37 -22.53
N ILE B 2517 35.37 0.27 -21.82
CA ILE B 2517 35.53 -1.06 -22.40
C ILE B 2517 34.52 -1.25 -23.53
N ASN B 2518 33.28 -0.78 -23.33
CA ASN B 2518 32.24 -0.85 -24.35
C ASN B 2518 32.58 0.02 -25.56
N ARG B 2519 33.42 1.04 -25.38
CA ARG B 2519 33.88 1.82 -26.53
C ARG B 2519 34.84 1.04 -27.42
N ALA B 2520 35.44 -0.04 -26.92
CA ALA B 2520 36.43 -0.82 -27.66
C ALA B 2520 35.88 -2.18 -28.09
N LYS B 2521 34.59 -2.27 -28.42
CA LYS B 2521 34.03 -3.53 -28.91
C LYS B 2521 34.61 -3.92 -30.26
N ALA B 2522 34.77 -2.95 -31.16
CA ALA B 2522 35.27 -3.24 -32.50
C ALA B 2522 36.74 -3.68 -32.46
N VAL B 2523 37.52 -3.09 -31.54
CA VAL B 2523 38.91 -3.51 -31.33
C VAL B 2523 38.96 -4.95 -30.86
N LYS B 2524 38.09 -5.31 -29.92
CA LYS B 2524 38.01 -6.68 -29.43
C LYS B 2524 37.59 -7.66 -30.51
N GLN B 2525 36.62 -7.26 -31.36
CA GLN B 2525 36.17 -8.13 -32.44
C GLN B 2525 37.25 -8.33 -33.50
N PHE B 2526 38.01 -7.27 -33.80
CA PHE B 2526 39.12 -7.42 -34.74
C PHE B 2526 40.22 -8.30 -34.15
N GLU B 2527 40.51 -8.13 -32.86
CA GLU B 2527 41.58 -8.92 -32.23
C GLU B 2527 41.18 -10.39 -32.13
N GLU B 2528 39.91 -10.67 -31.85
CA GLU B 2528 39.42 -12.04 -31.85
C GLU B 2528 39.32 -12.60 -33.27
N SER B 2529 39.15 -11.73 -34.28
CA SER B 2529 39.19 -12.18 -35.67
C SER B 2529 40.58 -12.69 -36.05
N ARG B 2530 41.63 -11.98 -35.64
CA ARG B 2530 42.98 -12.53 -35.76
C ARG B 2530 43.26 -13.59 -34.70
N GLY B 2531 42.51 -13.60 -33.60
CA GLY B 2531 42.71 -14.57 -32.54
C GLY B 2531 44.05 -14.45 -31.83
N ARG B 2532 44.48 -13.22 -31.51
CA ARG B 2532 45.76 -13.01 -30.87
C ARG B 2532 45.72 -13.36 -29.40
N THR B 2533 45.60 -14.66 -29.09
CA THR B 2533 45.58 -15.27 -27.75
C THR B 2533 44.46 -14.75 -26.85
N SER B 2534 43.46 -14.05 -27.41
CA SER B 2534 42.43 -13.30 -26.68
C SER B 2534 43.06 -12.39 -25.62
N SER B 2535 43.94 -11.52 -26.08
CA SER B 2535 44.78 -10.69 -25.21
C SER B 2535 43.93 -9.59 -24.58
N LYS B 2536 43.21 -9.96 -23.53
CA LYS B 2536 42.38 -9.05 -22.77
C LYS B 2536 42.90 -8.77 -21.36
N THR B 2537 43.72 -9.66 -20.80
CA THR B 2537 44.28 -9.41 -19.48
C THR B 2537 45.36 -8.33 -19.54
N ALA B 2538 46.05 -8.21 -20.67
CA ALA B 2538 46.99 -7.10 -20.86
C ALA B 2538 46.25 -5.78 -20.95
N PHE B 2539 45.11 -5.77 -21.66
CA PHE B 2539 44.28 -4.58 -21.75
C PHE B 2539 43.74 -4.18 -20.37
N TYR B 2540 43.28 -5.17 -19.60
CA TYR B 2540 42.74 -4.89 -18.27
C TYR B 2540 43.84 -4.41 -17.32
N GLN B 2541 45.04 -4.98 -17.42
CA GLN B 2541 46.15 -4.53 -16.59
C GLN B 2541 46.58 -3.11 -16.95
N ALA B 2542 46.65 -2.80 -18.24
CA ALA B 2542 46.98 -1.44 -18.67
C ALA B 2542 45.88 -0.45 -18.27
N LEU B 2543 44.63 -0.90 -18.32
CA LEU B 2543 43.50 -0.06 -17.91
C LEU B 2543 43.55 0.23 -16.40
N GLN B 2544 43.88 -0.80 -15.61
CA GLN B 2544 44.00 -0.63 -14.16
C GLN B 2544 45.19 0.26 -13.81
N ASN B 2545 46.29 0.15 -14.55
CA ASN B 2545 47.41 1.07 -14.36
C ASN B 2545 47.06 2.48 -14.79
N SER B 2546 46.23 2.62 -15.83
CA SER B 2546 45.80 3.95 -16.27
C SER B 2546 44.88 4.61 -15.26
N LEU B 2547 44.15 3.80 -14.48
CA LEU B 2547 43.35 4.33 -13.37
C LEU B 2547 44.18 5.13 -12.36
N GLY B 2548 45.46 4.79 -12.21
CA GLY B 2548 46.33 5.53 -11.32
C GLY B 2548 46.89 6.82 -11.87
N GLY B 2549 46.04 7.70 -12.39
CA GLY B 2549 46.47 8.99 -12.89
C GLY B 2549 47.22 8.91 -14.21
N GLU B 2550 47.84 10.04 -14.56
CA GLU B 2550 48.67 10.12 -15.76
C GLU B 2550 49.91 9.24 -15.59
N ASP B 2551 50.77 9.59 -14.63
CA ASP B 2551 51.87 8.73 -14.26
C ASP B 2551 51.39 7.75 -13.18
N SER B 2552 51.58 6.46 -13.44
CA SER B 2552 51.07 5.40 -12.57
C SER B 2552 51.68 5.46 -11.18
N ASP B 2553 50.84 5.78 -10.20
CA ASP B 2553 51.26 5.96 -8.81
C ASP B 2553 50.55 4.90 -7.98
N ALA B 2554 51.22 4.45 -6.91
CA ALA B 2554 50.75 3.29 -6.16
C ALA B 2554 49.54 3.63 -5.29
N ARG B 2555 49.54 4.81 -4.66
CA ARG B 2555 48.54 5.10 -3.64
C ARG B 2555 47.16 5.36 -4.24
N VAL B 2556 47.11 6.09 -5.36
CA VAL B 2556 45.86 6.29 -6.10
C VAL B 2556 45.34 4.95 -6.63
N GLU B 2557 46.25 4.05 -7.02
CA GLU B 2557 45.88 2.71 -7.45
C GLU B 2557 45.25 1.92 -6.31
N ALA B 2558 45.83 2.02 -5.10
CA ALA B 2558 45.30 1.33 -3.93
C ALA B 2558 43.93 1.88 -3.53
N ALA B 2559 43.77 3.20 -3.57
CA ALA B 2559 42.47 3.80 -3.25
C ALA B 2559 41.40 3.41 -4.25
N ALA B 2560 41.76 3.38 -5.54
CA ALA B 2560 40.83 2.96 -6.58
C ALA B 2560 40.44 1.50 -6.43
N THR B 2561 41.40 0.63 -6.10
CA THR B 2561 41.07 -0.77 -5.88
C THR B 2561 40.31 -0.99 -4.58
N TRP B 2562 40.39 -0.07 -3.63
CA TRP B 2562 39.56 -0.23 -2.43
C TRP B 2562 38.12 0.19 -2.70
N TYR B 2563 37.93 1.41 -3.24
CA TYR B 2563 36.62 2.05 -3.24
C TYR B 2563 35.62 1.28 -4.11
N TYR B 2564 35.94 1.08 -5.37
CA TYR B 2564 35.27 0.06 -6.14
C TYR B 2564 35.87 -1.30 -5.78
N SER B 2565 35.09 -2.35 -5.99
CA SER B 2565 35.41 -3.63 -5.38
C SER B 2565 36.35 -4.47 -6.24
N LEU B 2566 37.19 -3.83 -7.06
CA LEU B 2566 38.12 -4.55 -7.93
C LEU B 2566 39.38 -4.98 -7.17
N GLU B 2567 39.16 -5.85 -6.18
CA GLU B 2567 40.23 -6.73 -5.73
C GLU B 2567 40.66 -7.60 -6.91
N HIS B 2568 41.96 -7.82 -7.03
CA HIS B 2568 42.51 -8.40 -8.25
C HIS B 2568 42.26 -9.90 -8.30
N SER B 2569 40.98 -10.28 -8.41
CA SER B 2569 40.55 -11.68 -8.47
C SER B 2569 40.17 -12.02 -9.91
N THR B 2570 41.20 -12.30 -10.70
CA THR B 2570 41.00 -12.67 -12.11
C THR B 2570 40.51 -14.09 -12.30
N ASP B 2571 40.34 -14.87 -11.23
CA ASP B 2571 39.72 -16.19 -11.35
C ASP B 2571 38.27 -16.10 -11.82
N ASP B 2572 37.56 -15.03 -11.45
CA ASP B 2572 36.27 -14.70 -12.04
C ASP B 2572 36.36 -13.30 -12.66
N TYR B 2573 36.25 -13.25 -13.99
CA TYR B 2573 36.45 -11.98 -14.69
C TYR B 2573 35.18 -11.15 -14.80
N ALA B 2574 34.02 -11.70 -14.47
CA ALA B 2574 32.76 -10.98 -14.63
C ALA B 2574 32.65 -9.80 -13.67
N SER B 2575 32.72 -10.07 -12.36
CA SER B 2575 32.58 -9.02 -11.37
C SER B 2575 33.75 -8.04 -11.40
N PHE B 2576 34.97 -8.56 -11.60
CA PHE B 2576 36.15 -7.70 -11.72
C PHE B 2576 36.06 -6.81 -12.95
N SER B 2577 35.56 -7.35 -14.07
CA SER B 2577 35.43 -6.56 -15.28
C SER B 2577 34.34 -5.50 -15.14
N ARG B 2578 33.24 -5.82 -14.46
CA ARG B 2578 32.18 -4.83 -14.22
C ARG B 2578 32.67 -3.72 -13.29
N ALA B 2579 33.42 -4.07 -12.25
CA ALA B 2579 33.99 -3.06 -11.37
C ALA B 2579 35.01 -2.20 -12.09
N LEU B 2580 35.80 -2.80 -12.98
CA LEU B 2580 36.74 -2.02 -13.79
C LEU B 2580 35.99 -1.10 -14.75
N GLU B 2581 34.83 -1.54 -15.26
CA GLU B 2581 34.01 -0.67 -16.09
C GLU B 2581 33.48 0.52 -15.32
N ASN B 2582 33.00 0.29 -14.08
CA ASN B 2582 32.57 1.41 -13.23
C ASN B 2582 33.73 2.36 -12.93
N ALA B 2583 34.92 1.82 -12.64
CA ALA B 2583 36.08 2.67 -12.32
C ALA B 2583 36.47 3.55 -13.50
N THR B 2584 36.58 2.96 -14.69
CA THR B 2584 36.95 3.75 -15.87
C THR B 2584 35.84 4.72 -16.29
N ARG B 2585 34.58 4.31 -16.17
CA ARG B 2585 33.46 5.16 -16.55
C ARG B 2585 33.35 6.36 -15.62
N ASP B 2586 33.50 6.14 -14.31
CA ASP B 2586 33.44 7.24 -13.35
C ASP B 2586 34.70 8.10 -13.37
N TYR B 2587 35.83 7.57 -13.84
CA TYR B 2587 37.03 8.41 -13.89
C TYR B 2587 37.10 9.24 -15.17
N PHE B 2588 36.81 8.64 -16.32
CA PHE B 2588 37.07 9.28 -17.59
C PHE B 2588 35.86 9.97 -18.21
N ILE B 2589 34.65 9.62 -17.81
CA ILE B 2589 33.48 10.03 -18.57
C ILE B 2589 32.51 10.85 -17.73
N ILE B 2590 32.00 10.28 -16.63
CA ILE B 2590 30.92 10.90 -15.87
C ILE B 2590 31.42 12.14 -15.13
N CYS B 2591 32.41 11.94 -14.27
CA CYS B 2591 32.93 13.03 -13.44
C CYS B 2591 33.57 14.19 -14.22
N PRO B 2592 34.36 14.00 -15.29
CA PRO B 2592 34.76 15.19 -16.08
C PRO B 2592 33.61 15.93 -16.74
N ILE B 2593 32.54 15.23 -17.14
CA ILE B 2593 31.36 15.89 -17.67
C ILE B 2593 30.70 16.76 -16.60
N ILE B 2594 30.59 16.22 -15.38
CA ILE B 2594 29.99 16.97 -14.27
C ILE B 2594 30.86 18.16 -13.89
N ASP B 2595 32.17 17.98 -13.87
CA ASP B 2595 33.08 19.08 -13.55
C ASP B 2595 33.07 20.16 -14.64
N MET B 2596 32.95 19.77 -15.90
CA MET B 2596 32.89 20.74 -16.98
C MET B 2596 31.58 21.51 -16.96
N ALA B 2597 30.47 20.83 -16.67
CA ALA B 2597 29.18 21.50 -16.52
C ALA B 2597 29.20 22.48 -15.36
N SER B 2598 29.82 22.10 -14.24
CA SER B 2598 29.99 23.02 -13.11
C SER B 2598 30.86 24.21 -13.48
N ALA B 2599 32.01 23.96 -14.11
CA ALA B 2599 32.94 25.04 -14.44
C ALA B 2599 32.43 25.93 -15.56
N TRP B 2600 31.45 25.47 -16.34
CA TRP B 2600 30.84 26.32 -17.35
C TRP B 2600 29.66 27.10 -16.79
N ALA B 2601 28.90 26.50 -15.88
CA ALA B 2601 27.78 27.20 -15.26
C ALA B 2601 28.25 28.24 -14.23
N LYS B 2602 29.41 28.02 -13.60
CA LYS B 2602 29.91 28.94 -12.58
C LYS B 2602 30.23 30.31 -13.16
N ARG B 2603 30.88 30.35 -14.30
CA ARG B 2603 31.14 31.61 -15.00
C ARG B 2603 29.94 31.87 -15.89
N ALA B 2604 28.95 32.59 -15.35
CA ALA B 2604 27.64 32.71 -15.98
C ALA B 2604 27.68 33.63 -17.19
N ARG B 2605 27.95 33.04 -18.36
CA ARG B 2605 27.82 33.72 -19.65
C ARG B 2605 27.21 32.79 -20.68
N GLY B 2606 26.33 31.90 -20.26
CA GLY B 2606 25.69 30.95 -21.14
C GLY B 2606 24.96 29.88 -20.35
N ASN B 2607 23.77 29.51 -20.82
CA ASN B 2607 22.97 28.50 -20.14
C ASN B 2607 23.63 27.13 -20.24
N VAL B 2608 23.49 26.34 -19.18
CA VAL B 2608 24.04 24.99 -19.13
C VAL B 2608 22.90 24.05 -18.76
N PHE B 2609 22.67 23.04 -19.59
CA PHE B 2609 21.71 21.99 -19.28
C PHE B 2609 22.44 20.65 -19.34
N MET B 2610 22.12 19.79 -18.38
CA MET B 2610 22.76 18.49 -18.24
C MET B 2610 21.68 17.43 -18.17
N TYR B 2611 21.92 16.30 -18.83
CA TYR B 2611 21.04 15.15 -18.75
C TYR B 2611 21.84 13.92 -18.35
N HIS B 2612 21.13 12.80 -18.23
CA HIS B 2612 21.74 11.50 -17.97
C HIS B 2612 20.74 10.44 -18.40
N ALA B 2613 21.16 9.55 -19.29
CA ALA B 2613 20.32 8.47 -19.78
C ALA B 2613 20.63 7.20 -18.99
N PRO B 2614 19.66 6.60 -18.31
CA PRO B 2614 19.90 5.33 -17.63
C PRO B 2614 20.08 4.20 -18.64
N GLU B 2615 20.58 3.07 -18.14
CA GLU B 2615 20.96 1.95 -18.99
C GLU B 2615 19.72 1.32 -19.64
N ASN B 2616 19.80 1.13 -20.95
CA ASN B 2616 18.70 0.62 -21.75
C ASN B 2616 19.08 -0.78 -22.22
N TYR B 2617 18.41 -1.79 -21.69
CA TYR B 2617 18.67 -3.15 -22.12
C TYR B 2617 17.95 -3.42 -23.43
N GLY B 2618 18.67 -4.04 -24.36
CA GLY B 2618 18.19 -4.17 -25.71
C GLY B 2618 18.78 -3.12 -26.63
N HIS B 2619 18.66 -3.39 -27.94
CA HIS B 2619 19.25 -2.59 -29.02
C HIS B 2619 20.77 -2.45 -28.85
N GLY B 2620 21.40 -3.53 -28.40
CA GLY B 2620 22.85 -3.55 -28.25
C GLY B 2620 23.60 -3.80 -29.54
N SER B 2621 22.90 -4.24 -30.58
CA SER B 2621 23.52 -4.44 -31.88
C SER B 2621 23.94 -3.13 -32.55
N LEU B 2622 23.31 -2.02 -32.18
CA LEU B 2622 23.67 -0.72 -32.73
C LEU B 2622 24.94 -0.21 -32.08
N GLU B 2623 25.55 0.79 -32.73
CA GLU B 2623 26.69 1.49 -32.17
C GLU B 2623 26.34 2.83 -31.57
N LEU B 2624 25.14 3.35 -31.84
CA LEU B 2624 24.68 4.60 -31.27
C LEU B 2624 23.99 4.31 -29.95
N LEU B 2625 24.41 5.00 -28.89
CA LEU B 2625 23.86 4.75 -27.57
C LEU B 2625 22.51 5.47 -27.43
N ALA B 2626 21.87 5.28 -26.28
CA ALA B 2626 20.43 5.56 -26.14
C ALA B 2626 20.11 7.05 -26.27
N ASP B 2627 20.98 7.91 -25.76
CA ASP B 2627 20.74 9.35 -25.85
C ASP B 2627 20.80 9.84 -27.30
N VAL B 2628 21.80 9.38 -28.05
CA VAL B 2628 21.89 9.77 -29.46
C VAL B 2628 20.96 8.91 -30.32
N GLN B 2629 20.49 7.78 -29.80
CA GLN B 2629 19.38 7.07 -30.43
C GLN B 2629 18.12 7.92 -30.39
N PHE B 2630 17.79 8.47 -29.22
CA PHE B 2630 16.54 9.18 -29.05
C PHE B 2630 16.60 10.59 -29.64
N ALA B 2631 17.76 11.25 -29.50
CA ALA B 2631 17.88 12.64 -29.94
C ALA B 2631 17.83 12.75 -31.46
N LEU B 2632 18.58 11.91 -32.16
CA LEU B 2632 18.52 11.87 -33.62
C LEU B 2632 17.32 11.09 -34.12
N GLY B 2633 16.58 10.42 -33.24
CA GLY B 2633 15.34 9.78 -33.59
C GLY B 2633 15.45 8.53 -34.44
N LEU B 2634 16.28 7.59 -33.99
CA LEU B 2634 16.31 6.25 -34.58
C LEU B 2634 14.98 5.48 -34.65
N PRO B 2635 14.06 5.52 -33.66
CA PRO B 2635 12.85 4.67 -33.78
C PRO B 2635 11.93 4.99 -34.97
N PHE B 2636 11.99 6.17 -35.56
CA PHE B 2636 11.16 6.48 -36.72
C PHE B 2636 11.81 6.13 -38.06
N TYR B 2637 13.02 5.58 -38.05
CA TYR B 2637 13.73 5.28 -39.29
C TYR B 2637 13.01 4.16 -40.05
N PRO B 2638 13.07 4.16 -41.38
CA PRO B 2638 12.52 3.02 -42.12
C PRO B 2638 13.38 1.77 -41.99
N ALA B 2639 14.68 1.92 -41.74
CA ALA B 2639 15.54 0.77 -41.53
C ALA B 2639 15.19 0.04 -40.24
N TYR B 2640 15.10 0.78 -39.14
CA TYR B 2640 14.69 0.21 -37.85
C TYR B 2640 13.17 0.31 -37.69
N GLU B 2641 12.48 -0.42 -38.58
CA GLU B 2641 11.04 -0.31 -38.75
C GLU B 2641 10.25 -0.78 -37.54
N GLY B 2642 10.35 -2.07 -37.22
CA GLY B 2642 9.53 -2.63 -36.16
C GLY B 2642 10.29 -2.98 -34.89
N GLN B 2643 11.57 -2.63 -34.84
CA GLN B 2643 12.41 -3.03 -33.72
C GLN B 2643 12.13 -2.22 -32.45
N PHE B 2644 11.48 -1.06 -32.57
CA PHE B 2644 11.30 -0.16 -31.44
C PHE B 2644 9.84 -0.12 -31.01
N SER B 2645 9.62 -0.08 -29.70
CA SER B 2645 8.28 -0.08 -29.14
C SER B 2645 7.60 1.28 -29.34
N LEU B 2646 6.33 1.35 -28.96
CA LEU B 2646 5.54 2.55 -29.20
C LEU B 2646 5.87 3.65 -28.21
N GLU B 2647 6.06 3.31 -26.94
CA GLU B 2647 6.43 4.30 -25.93
C GLU B 2647 7.85 4.82 -26.15
N GLU B 2648 8.73 3.99 -26.71
CA GLU B 2648 10.03 4.48 -27.16
C GLU B 2648 9.88 5.47 -28.30
N LYS B 2649 8.92 5.23 -29.20
CA LYS B 2649 8.67 6.15 -30.31
C LYS B 2649 8.08 7.47 -29.83
N SER B 2650 7.33 7.48 -28.73
CA SER B 2650 6.85 8.74 -28.18
C SER B 2650 7.95 9.47 -27.40
N LEU B 2651 8.75 8.72 -26.64
CA LEU B 2651 9.82 9.33 -25.85
C LEU B 2651 10.89 9.93 -26.76
N SER B 2652 11.20 9.26 -27.88
CA SER B 2652 12.17 9.81 -28.83
C SER B 2652 11.64 11.08 -29.49
N LEU B 2653 10.32 11.17 -29.70
CA LEU B 2653 9.73 12.41 -30.21
C LEU B 2653 9.88 13.55 -29.22
N LYS B 2654 9.65 13.26 -27.93
CA LYS B 2654 9.84 14.27 -26.88
C LYS B 2654 11.30 14.73 -26.80
N ILE B 2655 12.24 13.80 -26.91
CA ILE B 2655 13.66 14.16 -26.85
C ILE B 2655 14.08 14.92 -28.12
N MET B 2656 13.49 14.60 -29.28
CA MET B 2656 13.67 15.42 -30.47
C MET B 2656 13.22 16.86 -30.24
N GLN B 2657 12.07 17.02 -29.60
CA GLN B 2657 11.56 18.35 -29.29
C GLN B 2657 12.47 19.09 -28.33
N TYR B 2658 13.02 18.39 -27.33
CA TYR B 2658 14.00 18.98 -26.42
C TYR B 2658 15.25 19.48 -27.15
N PHE B 2659 15.85 18.62 -27.98
CA PHE B 2659 17.09 18.99 -28.66
C PHE B 2659 16.86 20.08 -29.69
N SER B 2660 15.71 20.03 -30.39
CA SER B 2660 15.37 21.09 -31.35
C SER B 2660 15.14 22.42 -30.65
N HIS B 2661 14.40 22.42 -29.54
CA HIS B 2661 14.18 23.65 -28.78
C HIS B 2661 15.47 24.20 -28.21
N PHE B 2662 16.43 23.34 -27.90
CA PHE B 2662 17.76 23.83 -27.51
C PHE B 2662 18.47 24.50 -28.69
N ILE B 2663 18.58 23.80 -29.82
CA ILE B 2663 19.45 24.29 -30.89
C ILE B 2663 18.77 25.37 -31.71
N ARG B 2664 17.49 25.66 -31.44
CA ARG B 2664 16.83 26.82 -32.03
C ARG B 2664 16.99 28.06 -31.15
N SER B 2665 16.56 27.97 -29.89
CA SER B 2665 16.56 29.12 -29.00
C SER B 2665 17.80 29.16 -28.12
N GLY B 2666 18.01 28.11 -27.33
CA GLY B 2666 19.08 28.08 -26.36
C GLY B 2666 18.58 27.49 -25.05
N ASN B 2667 17.29 27.19 -25.01
CA ASN B 2667 16.61 26.64 -23.85
C ASN B 2667 15.70 25.54 -24.36
N PRO B 2668 15.84 24.29 -23.87
CA PRO B 2668 15.03 23.18 -24.38
C PRO B 2668 13.55 23.23 -24.04
N ASN B 2669 13.11 24.21 -23.27
CA ASN B 2669 11.70 24.37 -22.92
C ASN B 2669 10.94 25.24 -23.91
N TYR B 2670 11.61 26.11 -24.65
CA TYR B 2670 10.94 27.12 -25.47
C TYR B 2670 11.52 27.10 -26.87
N PRO B 2671 10.68 27.13 -27.91
CA PRO B 2671 11.20 27.07 -29.28
C PRO B 2671 11.72 28.40 -29.80
N TYR B 2672 11.36 29.51 -29.17
CA TYR B 2672 11.80 30.83 -29.60
C TYR B 2672 12.40 31.57 -28.42
N GLU B 2673 13.25 32.54 -28.72
CA GLU B 2673 13.88 33.37 -27.69
C GLU B 2673 12.92 34.37 -27.08
N PHE B 2674 11.73 34.57 -27.68
CA PHE B 2674 10.82 35.62 -27.27
C PHE B 2674 9.42 35.13 -26.91
N SER B 2675 9.12 33.85 -27.10
CA SER B 2675 7.77 33.36 -26.85
C SER B 2675 7.49 33.22 -25.36
N ARG B 2676 8.26 32.38 -24.68
CA ARG B 2676 8.19 32.09 -23.24
C ARG B 2676 6.82 31.58 -22.81
N LYS B 2677 6.10 30.91 -23.70
CA LYS B 2677 4.87 30.22 -23.34
C LYS B 2677 5.20 29.02 -22.46
N VAL B 2678 4.24 28.62 -21.65
CA VAL B 2678 4.38 27.46 -20.76
C VAL B 2678 4.56 26.20 -21.60
N PRO B 2679 5.57 25.37 -21.34
CA PRO B 2679 5.73 24.13 -22.09
C PRO B 2679 4.61 23.14 -21.79
N THR B 2680 4.23 22.39 -22.81
CA THR B 2680 3.10 21.48 -22.72
C THR B 2680 3.44 20.07 -23.21
N PHE B 2681 4.43 19.92 -24.10
CA PHE B 2681 4.74 18.63 -24.70
C PHE B 2681 5.30 17.64 -23.67
N ALA B 2682 6.10 18.13 -22.73
CA ALA B 2682 6.67 17.25 -21.71
C ALA B 2682 6.85 18.06 -20.42
N THR B 2683 7.47 17.42 -19.44
CA THR B 2683 7.83 18.09 -18.21
C THR B 2683 8.93 19.12 -18.47
N PRO B 2684 8.96 20.23 -17.73
CA PRO B 2684 9.99 21.24 -17.95
C PRO B 2684 11.38 20.76 -17.57
N TRP B 2685 12.38 21.31 -18.26
CA TRP B 2685 13.77 20.94 -18.05
C TRP B 2685 14.42 22.06 -17.24
N PRO B 2686 14.74 21.84 -15.97
CA PRO B 2686 15.36 22.90 -15.17
C PRO B 2686 16.80 23.15 -15.56
N ASP B 2687 17.27 24.36 -15.25
CA ASP B 2687 18.64 24.76 -15.52
C ASP B 2687 19.59 24.01 -14.57
N PHE B 2688 20.89 24.14 -14.82
CA PHE B 2688 21.92 23.46 -14.02
C PHE B 2688 22.63 24.55 -13.24
N VAL B 2689 22.16 24.83 -12.04
CA VAL B 2689 22.86 25.76 -11.15
C VAL B 2689 24.05 25.03 -10.52
N PRO B 2690 25.24 25.65 -10.50
CA PRO B 2690 26.45 24.89 -10.17
C PRO B 2690 26.69 24.66 -8.68
N ARG B 2691 26.03 25.40 -7.80
CA ARG B 2691 26.29 25.26 -6.37
C ARG B 2691 25.56 24.04 -5.81
N ALA B 2692 25.74 23.83 -4.51
CA ALA B 2692 24.99 22.81 -3.79
C ALA B 2692 23.53 23.21 -3.65
N GLY B 2693 22.68 22.21 -3.47
CA GLY B 2693 21.25 22.40 -3.40
C GLY B 2693 20.53 22.36 -4.73
N GLY B 2694 21.26 22.48 -5.83
CA GLY B 2694 20.68 22.38 -7.16
C GLY B 2694 21.28 21.25 -7.97
N GLU B 2695 22.06 21.63 -9.00
CA GLU B 2695 22.72 20.71 -9.93
C GLU B 2695 21.71 19.80 -10.64
N ASN B 2696 20.60 20.39 -11.06
CA ASN B 2696 19.49 19.64 -11.64
C ASN B 2696 19.88 19.03 -12.99
N TYR B 2697 19.34 17.85 -13.25
CA TYR B 2697 19.60 17.17 -14.52
C TYR B 2697 18.35 16.42 -14.93
N LYS B 2698 18.11 16.33 -16.23
CA LYS B 2698 17.03 15.52 -16.75
C LYS B 2698 17.46 14.07 -16.82
N GLU B 2699 16.50 13.16 -16.67
CA GLU B 2699 16.76 11.74 -16.84
C GLU B 2699 15.92 11.23 -17.99
N PHE B 2700 16.58 10.62 -18.98
CA PHE B 2700 15.89 10.12 -20.18
C PHE B 2700 15.24 8.77 -19.88
N SER B 2701 14.20 8.83 -19.06
CA SER B 2701 13.38 7.68 -18.70
C SER B 2701 12.02 7.81 -19.38
N GLU B 2702 11.12 6.89 -19.03
CA GLU B 2702 9.79 6.88 -19.64
C GLU B 2702 8.97 8.10 -19.21
N LEU B 2703 9.08 8.50 -17.96
CA LEU B 2703 8.32 9.64 -17.45
C LEU B 2703 9.06 10.96 -17.56
N LEU B 2704 10.36 10.93 -17.86
CA LEU B 2704 11.28 12.07 -17.91
C LEU B 2704 11.24 12.88 -16.62
N PRO B 2705 11.82 12.39 -15.53
CA PRO B 2705 11.79 13.13 -14.26
C PRO B 2705 13.01 14.03 -14.10
N ASN B 2706 13.00 14.79 -13.02
CA ASN B 2706 14.13 15.63 -12.63
C ASN B 2706 14.78 15.09 -11.37
N ARG B 2707 16.10 15.11 -11.35
CA ARG B 2707 16.89 14.70 -10.19
C ARG B 2707 17.88 15.80 -9.87
N GLN B 2708 18.59 15.65 -8.75
CA GLN B 2708 19.50 16.68 -8.26
C GLN B 2708 20.94 16.21 -8.17
N GLY B 2709 21.18 14.99 -7.71
CA GLY B 2709 22.54 14.52 -7.57
C GLY B 2709 22.92 13.41 -8.53
N LEU B 2710 23.89 13.66 -9.40
CA LEU B 2710 24.45 12.63 -10.26
C LEU B 2710 25.81 12.22 -9.72
N LYS B 2711 25.90 10.99 -9.23
CA LYS B 2711 27.14 10.33 -8.81
C LYS B 2711 27.91 11.17 -7.78
N LYS B 2712 27.18 11.63 -6.77
CA LYS B 2712 27.73 12.59 -5.80
C LYS B 2712 28.86 11.97 -4.99
N ALA B 2713 28.67 10.74 -4.52
CA ALA B 2713 29.72 10.04 -3.79
C ALA B 2713 30.92 9.74 -4.68
N ASP B 2714 30.67 9.27 -5.90
CA ASP B 2714 31.75 8.90 -6.81
C ASP B 2714 32.54 10.11 -7.28
N CYS B 2715 31.86 11.20 -7.64
CA CYS B 2715 32.58 12.38 -8.06
C CYS B 2715 33.21 13.13 -6.88
N SER B 2716 32.67 12.97 -5.67
CA SER B 2716 33.35 13.52 -4.49
C SER B 2716 34.62 12.75 -4.19
N PHE B 2717 34.62 11.43 -4.43
CA PHE B 2717 35.86 10.66 -4.36
C PHE B 2717 36.84 11.10 -5.44
N TRP B 2718 36.38 11.20 -6.68
CA TRP B 2718 37.28 11.44 -7.79
C TRP B 2718 37.71 12.90 -7.92
N SER B 2719 37.09 13.81 -7.16
CA SER B 2719 37.43 15.22 -7.22
C SER B 2719 38.06 15.75 -5.94
N LYS B 2720 37.45 15.48 -4.79
CA LYS B 2720 37.96 16.05 -3.54
C LYS B 2720 39.12 15.24 -2.97
N TYR B 2721 38.91 13.93 -2.80
CA TYR B 2721 39.89 13.12 -2.09
C TYR B 2721 41.10 12.83 -2.96
N ILE B 2722 40.87 12.22 -4.13
CA ILE B 2722 41.96 11.61 -4.88
C ILE B 2722 42.84 12.68 -5.53
N SER B 2723 42.31 13.88 -5.75
CA SER B 2723 43.14 14.98 -6.23
C SER B 2723 44.09 15.46 -5.15
N SER B 2724 43.61 15.53 -3.90
CA SER B 2724 44.48 15.88 -2.78
C SER B 2724 45.52 14.78 -2.53
N LEU B 2725 45.13 13.52 -2.72
CA LEU B 2725 46.08 12.41 -2.61
C LEU B 2725 47.10 12.46 -3.74
N LYS B 2726 46.70 12.94 -4.91
CA LYS B 2726 47.63 13.05 -6.03
C LYS B 2726 48.70 14.09 -5.76
N THR B 2727 48.33 15.21 -5.14
CA THR B 2727 49.29 16.25 -4.79
C THR B 2727 50.15 15.83 -3.61
C1 NAG C . 28.67 57.25 5.90
C2 NAG C . 30.09 56.74 5.82
C3 NAG C . 30.96 57.72 5.04
C4 NAG C . 30.37 57.94 3.65
C5 NAG C . 28.90 58.35 3.74
C6 NAG C . 28.21 58.43 2.39
C7 NAG C . 30.96 55.30 7.63
C8 NAG C . 30.70 54.12 6.73
N2 NAG C . 30.65 56.51 7.15
O3 NAG C . 32.31 57.27 4.99
O4 NAG C . 31.13 58.91 2.94
O5 NAG C . 28.15 57.41 4.55
O6 NAG C . 28.42 57.25 1.63
O7 NAG C . 31.45 55.17 8.75
C1 NAG C . 31.86 58.29 1.84
C2 NAG C . 32.81 59.31 1.16
C3 NAG C . 33.68 58.64 0.08
C4 NAG C . 34.37 57.39 0.64
C5 NAG C . 33.35 56.45 1.26
C6 NAG C . 33.98 55.25 1.92
C7 NAG C . 31.29 60.96 -0.16
C8 NAG C . 30.60 59.91 -1.00
N2 NAG C . 32.23 60.59 0.75
O3 NAG C . 34.65 59.56 -0.43
O4 NAG C . 35.06 56.72 -0.41
O5 NAG C . 32.61 57.14 2.28
O6 NAG C . 33.33 54.91 3.14
O7 NAG C . 31.00 62.15 -0.31
C1 NAG D . -30.28 -78.75 65.82
C2 NAG D . -31.12 -79.46 66.91
C3 NAG D . -32.50 -78.80 67.12
C4 NAG D . -32.33 -77.29 67.32
C5 NAG D . -31.50 -76.70 66.17
C6 NAG D . -31.23 -75.22 66.34
C7 NAG D . -31.71 -81.82 65.94
C8 NAG D . -32.39 -81.30 64.69
N2 NAG D . -31.19 -80.94 66.83
O3 NAG D . -33.12 -79.41 68.24
O4 NAG D . -33.59 -76.62 67.32
O5 NAG D . -30.23 -77.34 66.10
O6 NAG D . -30.04 -75.01 67.08
O7 NAG D . -31.62 -83.02 66.15
C1 NAG D . -34.15 -76.38 68.64
C2 NAG D . -34.34 -74.89 68.95
C3 NAG D . -35.07 -74.70 70.28
C4 NAG D . -36.37 -75.49 70.29
C5 NAG D . -36.08 -76.96 70.00
C6 NAG D . -37.33 -77.80 69.91
C7 NAG D . -32.90 -72.92 68.57
C8 NAG D . -31.51 -72.36 68.68
N2 NAG D . -33.06 -74.19 68.97
O3 NAG D . -35.36 -73.32 70.48
O4 NAG D . -36.99 -75.38 71.57
O5 NAG D . -35.42 -77.07 68.73
O6 NAG D . -38.44 -77.16 70.51
O7 NAG D . -33.83 -72.26 68.13
C1 NAG E . 33.56 -65.02 28.76
C2 NAG E . 34.77 -64.25 28.14
C3 NAG E . 35.41 -65.09 27.02
C4 NAG E . 35.75 -66.50 27.48
C5 NAG E . 34.50 -67.17 28.04
C6 NAG E . 34.75 -68.53 28.64
C7 NAG E . 35.25 -61.95 27.35
C8 NAG E . 34.65 -60.69 26.76
N2 NAG E . 34.38 -62.94 27.63
O3 NAG E . 36.60 -64.46 26.55
O4 NAG E . 36.21 -67.29 26.38
O5 NAG E . 33.96 -66.36 29.10
O6 NAG E . 34.88 -69.53 27.63
O7 NAG E . 36.46 -62.07 27.54
C1 NAG E . 37.63 -67.51 26.43
C2 NAG E . 38.01 -68.61 25.43
C3 NAG E . 39.53 -68.78 25.37
C4 NAG E . 40.21 -67.44 25.11
C5 NAG E . 39.76 -66.43 26.16
C6 NAG E . 40.33 -65.04 25.95
C7 NAG E . 36.42 -70.47 25.05
C8 NAG E . 36.00 -69.76 23.80
N2 NAG E . 37.38 -69.86 25.78
O3 NAG E . 39.84 -69.70 24.34
O4 NAG E . 41.63 -67.58 25.19
O5 NAG E . 38.33 -66.30 26.12
O6 NAG E . 39.91 -64.47 24.71
O7 NAG E . 35.92 -71.53 25.39
C1 BMA E . 42.21 -67.49 23.87
C2 BMA E . 43.41 -66.50 23.94
C3 BMA E . 44.23 -66.58 22.64
C4 BMA E . 44.51 -68.03 22.18
C5 BMA E . 43.20 -68.82 22.12
C6 BMA E . 43.41 -70.27 21.74
O2 BMA E . 44.28 -66.83 25.00
O3 BMA E . 45.46 -65.87 22.76
O4 BMA E . 45.12 -68.03 20.90
O5 BMA E . 42.60 -68.79 23.43
O6 BMA E . 44.24 -70.33 20.60
C1 NAG F . 1.70 -52.31 52.05
C2 NAG F . 0.85 -51.83 53.24
C3 NAG F . 1.56 -50.73 54.04
C4 NAG F . 2.96 -51.19 54.43
C5 NAG F . 3.74 -51.70 53.21
C6 NAG F . 5.08 -52.30 53.57
C7 NAG F . -1.24 -50.64 52.22
C8 NAG F . -0.45 -49.62 51.39
N2 NAG F . -0.57 -51.55 52.97
O3 NAG F . 0.77 -50.41 55.18
O4 NAG F . 3.71 -50.10 54.98
O5 NAG F . 2.99 -52.73 52.53
O6 NAG F . 4.95 -53.27 54.60
O7 NAG F . -2.46 -50.63 52.19
C1 NAG F . 3.72 -50.14 56.42
C2 NAG F . 5.02 -49.49 56.94
C3 NAG F . 5.02 -49.41 58.47
C4 NAG F . 3.75 -48.74 58.98
C5 NAG F . 2.51 -49.43 58.40
C6 NAG F . 1.22 -48.72 58.76
C7 NAG F . 6.61 -51.42 56.64
C8 NAG F . 7.90 -51.82 55.99
N2 NAG F . 6.23 -50.14 56.44
O3 NAG F . 6.16 -48.70 58.92
O4 NAG F . 3.70 -48.79 60.41
O5 NAG F . 2.59 -49.43 56.97
O6 NAG F . 0.63 -48.13 57.62
O7 NAG F . 5.95 -52.23 57.30
C1 NAG G . 27.19 -29.63 42.57
C2 NAG G . 26.70 -31.09 42.50
C3 NAG G . 27.42 -31.94 43.54
C4 NAG G . 28.94 -31.80 43.40
C5 NAG G . 29.35 -30.32 43.39
C6 NAG G . 30.81 -30.12 43.07
C7 NAG G . 24.48 -30.88 43.66
C8 NAG G . 23.02 -31.13 43.50
N2 NAG G . 25.25 -31.22 42.62
O3 NAG G . 27.05 -33.31 43.37
O4 NAG G . 29.57 -32.44 44.52
O5 NAG G . 28.61 -29.60 42.39
O6 NAG G . 31.22 -30.96 42.02
O7 NAG G . 24.93 -30.37 44.69
C1 NAG G . 30.32 -33.59 44.07
C2 NAG G . 31.20 -34.07 45.24
C3 NAG G . 32.00 -35.30 44.83
C4 NAG G . 31.06 -36.39 44.32
C5 NAG G . 30.19 -35.83 43.19
C6 NAG G . 29.16 -36.81 42.69
C7 NAG G . 33.04 -32.35 45.13
C8 NAG G . 33.77 -31.32 45.95
N2 NAG G . 32.07 -33.01 45.78
O3 NAG G . 32.74 -35.76 45.96
O4 NAG G . 31.80 -37.50 43.82
O5 NAG G . 29.47 -34.67 43.64
O6 NAG G . 29.75 -37.83 41.90
O7 NAG G . 33.32 -32.55 43.95
C1 BMA G . 31.70 -38.61 44.76
C2 BMA G . 31.86 -39.95 43.99
C3 BMA G . 31.98 -41.11 45.00
C4 BMA G . 33.05 -40.82 46.09
C5 BMA G . 32.70 -39.50 46.78
C6 BMA G . 33.67 -39.12 47.87
O2 BMA G . 33.05 -39.94 43.22
O3 BMA G . 32.22 -42.37 44.33
O4 BMA G . 33.11 -41.86 47.07
O5 BMA G . 32.69 -38.46 45.78
O6 BMA G . 33.72 -40.20 48.81
C1 MAN G . 31.33 -43.41 44.81
C2 MAN G . 30.81 -44.21 43.57
C3 MAN G . 29.38 -44.75 43.80
C4 MAN G . 29.13 -45.15 45.29
C5 MAN G . 29.32 -43.89 46.19
C6 MAN G . 29.85 -44.22 47.58
O2 MAN G . 31.63 -45.34 43.28
O3 MAN G . 29.09 -45.86 42.96
O4 MAN G . 27.81 -45.65 45.44
O5 MAN G . 30.23 -42.91 45.58
O6 MAN G . 28.95 -45.14 48.20
C1 NAG H . 26.92 9.86 11.38
C2 NAG H . 26.53 10.56 10.08
C3 NAG H . 25.00 10.61 9.94
C4 NAG H . 24.39 9.22 10.09
C5 NAG H . 24.87 8.59 11.40
C6 NAG H . 24.42 7.15 11.59
C7 NAG H . 26.96 12.95 10.72
C8 NAG H . 27.70 14.19 10.32
N2 NAG H . 27.12 11.88 9.92
O3 NAG H . 24.67 11.16 8.67
O4 NAG H . 22.98 9.33 10.06
O5 NAG H . 26.31 8.56 11.44
O6 NAG H . 24.40 6.80 12.96
O7 NAG H . 26.25 12.94 11.73
C1 NAG H . 22.48 8.64 8.88
C2 NAG H . 21.00 9.00 8.66
C3 NAG H . 20.46 8.28 7.43
C4 NAG H . 21.35 8.50 6.21
C5 NAG H . 22.82 8.25 6.55
C6 NAG H . 23.75 8.69 5.43
C7 NAG H . 19.95 7.61 10.46
C8 NAG H . 19.04 7.68 11.65
N2 NAG H . 20.17 8.78 9.84
O3 NAG H . 19.14 8.76 7.20
O4 NAG H . 21.02 7.58 5.17
O5 NAG H . 23.23 8.99 7.71
O6 NAG H . 23.57 7.89 4.27
O7 NAG H . 20.44 6.54 10.10
C1 BMA H . 20.16 8.18 4.18
C2 BMA H . 20.55 7.66 2.78
C3 BMA H . 19.49 8.12 1.74
C4 BMA H . 18.05 7.81 2.21
C5 BMA H . 17.82 8.39 3.63
C6 BMA H . 16.46 8.05 4.21
O2 BMA H . 20.58 6.24 2.75
O3 BMA H . 19.71 7.51 0.47
O4 BMA H . 17.12 8.38 1.31
O5 BMA H . 18.82 7.84 4.50
O6 BMA H . 15.50 8.76 3.45
C1 MAN H . 20.92 8.01 -0.13
C2 MAN H . 20.56 9.04 -1.20
C3 MAN H . 19.64 8.32 -2.23
C4 MAN H . 20.38 7.09 -2.84
C5 MAN H . 20.90 6.16 -1.72
C6 MAN H . 21.83 5.08 -2.22
O2 MAN H . 21.74 9.44 -1.90
O3 MAN H . 19.07 9.13 -3.32
O4 MAN H . 19.49 6.38 -3.68
O5 MAN H . 21.63 6.94 -0.72
O6 MAN H . 21.28 4.56 -3.43
C1 MAN H . 18.94 10.55 -3.12
C2 MAN H . 17.65 11.04 -3.82
C3 MAN H . 17.79 10.95 -5.36
C4 MAN H . 19.16 11.46 -5.87
C5 MAN H . 20.30 10.86 -5.04
C6 MAN H . 21.67 11.39 -5.40
O2 MAN H . 17.39 12.42 -3.54
O3 MAN H . 16.72 11.63 -6.02
O4 MAN H . 19.33 11.10 -7.24
O5 MAN H . 20.07 11.19 -3.65
O6 MAN H . 22.64 10.48 -4.90
C1 MAN H . 15.03 9.98 4.10
C2 MAN H . 15.12 11.11 2.98
C3 MAN H . 16.37 11.94 3.14
C4 MAN H . 16.40 12.55 4.52
C5 MAN H . 16.70 11.42 5.51
C6 MAN H . 16.68 11.89 6.96
O2 MAN H . 14.03 12.01 3.09
O3 MAN H . 16.45 12.97 2.15
O4 MAN H . 17.44 13.53 4.60
O5 MAN H . 15.70 10.32 5.38
O6 MAN H . 17.24 10.85 7.76
C1 NAG I . 45.85 -45.22 -5.06
C2 NAG I . 46.62 -43.92 -4.73
C3 NAG I . 47.98 -44.25 -4.11
C4 NAG I . 47.83 -45.16 -2.90
C5 NAG I . 47.17 -46.46 -3.35
C6 NAG I . 46.88 -47.40 -2.19
C7 NAG I . 46.69 -41.78 -6.04
C8 NAG I . 46.37 -41.02 -4.79
N2 NAG I . 46.78 -43.11 -5.94
O3 NAG I . 48.69 -43.06 -3.78
O4 NAG I . 49.10 -45.47 -2.34
O5 NAG I . 45.90 -46.14 -3.92
O6 NAG I . 45.77 -46.95 -1.41
O7 NAG I . 46.86 -41.20 -7.11
C1 NAG I . 49.22 -44.81 -1.08
C2 NAG I . 50.26 -45.51 -0.16
C3 NAG I . 50.61 -44.67 1.08
C4 NAG I . 50.88 -43.22 0.72
C5 NAG I . 49.75 -42.66 -0.12
C6 NAG I . 49.98 -41.24 -0.56
C7 NAG I . 49.06 -47.62 0.81
C8 NAG I . 47.93 -46.86 1.47
N2 NAG I . 50.02 -46.94 0.12
O3 NAG I . 51.74 -45.25 1.74
O4 NAG I . 51.02 -42.43 1.91
O5 NAG I . 49.61 -43.45 -1.31
O6 NAG I . 49.34 -40.98 -1.81
O7 NAG I . 49.11 -48.84 0.89
C1 NAG J . -52.09 65.30 -66.91
C2 NAG J . -53.09 65.71 -68.02
C3 NAG J . -54.17 64.64 -68.26
C4 NAG J . -53.53 63.26 -68.45
C5 NAG J . -52.60 62.96 -67.28
C6 NAG J . -51.86 61.65 -67.42
C7 NAG J . -54.41 67.75 -67.07
C8 NAG J . -54.92 67.05 -65.84
N2 NAG J . -53.62 67.08 -67.96
O3 NAG J . -54.93 65.03 -69.40
O4 NAG J . -54.52 62.22 -68.49
O5 NAG J . -51.59 63.99 -67.19
O6 NAG J . -50.65 61.83 -68.14
O7 NAG J . -54.70 68.93 -67.29
C1 NAG J . -54.93 61.83 -69.81
C2 NAG J . -54.63 60.36 -70.11
C3 NAG J . -55.23 59.95 -71.46
C4 NAG J . -56.72 60.29 -71.51
C5 NAG J . -56.91 61.77 -71.22
C6 NAG J . -58.37 62.19 -71.16
C7 NAG J . -52.65 58.96 -69.69
C8 NAG J . -51.16 58.87 -69.77
N2 NAG J . -53.20 60.11 -70.10
O3 NAG J . -55.05 58.55 -71.67
O4 NAG J . -57.24 59.99 -72.80
O5 NAG J . -56.35 62.08 -69.94
O6 NAG J . -59.20 61.22 -71.78
O7 NAG J . -53.34 58.03 -69.27
C1 NAG K . 12.01 72.40 -28.30
C2 NAG K . 13.37 72.13 -27.58
C3 NAG K . 13.56 73.12 -26.43
C4 NAG K . 13.44 74.56 -26.91
C5 NAG K . 12.07 74.74 -27.56
C6 NAG K . 11.88 76.13 -28.13
C7 NAG K . 14.58 70.13 -26.77
C8 NAG K . 14.46 68.74 -26.22
N2 NAG K . 13.44 70.75 -27.07
O3 NAG K . 14.84 72.94 -25.83
O4 NAG K . 13.56 75.48 -25.83
O5 NAG K . 11.93 73.82 -28.65
O6 NAG K . 11.72 77.08 -27.09
O7 NAG K . 15.68 70.67 -26.92
C1 NAG K . 14.84 76.15 -25.82
C2 NAG K . 14.82 77.27 -24.79
C3 NAG K . 16.21 77.92 -24.67
C4 NAG K . 17.29 76.86 -24.42
C5 NAG K . 17.20 75.79 -25.49
C6 NAG K . 18.18 74.65 -25.29
C7 NAG K . 12.72 78.53 -24.44
C8 NAG K . 12.49 77.70 -23.21
N2 NAG K . 13.83 78.29 -25.14
O3 NAG K . 16.19 78.88 -23.62
O4 NAG K . 18.58 77.45 -24.44
O5 NAG K . 15.90 75.22 -25.51
O6 NAG K . 17.94 73.98 -24.05
O7 NAG K . 11.91 79.39 -24.80
C1 BMA K . 19.12 77.52 -23.12
C2 BMA K . 20.57 76.96 -23.14
C3 BMA K . 21.31 77.27 -21.82
C4 BMA K . 21.11 78.74 -21.36
C5 BMA K . 19.61 79.08 -21.33
C6 BMA K . 19.35 80.53 -20.96
O2 BMA K . 21.32 77.55 -24.19
O3 BMA K . 22.70 76.99 -21.92
O4 BMA K . 21.67 78.94 -20.07
O5 BMA K . 19.08 78.87 -22.65
O6 BMA K . 20.10 80.83 -19.79
C1 NAG L . -13.62 49.92 -51.93
C2 NAG L . -14.47 49.38 -53.16
C3 NAG L . -13.64 48.55 -54.16
C4 NAG L . -12.29 49.19 -54.50
C5 NAG L . -11.54 49.49 -53.22
C6 NAG L . -10.27 50.26 -53.40
C7 NAG L . -16.12 47.65 -52.11
C8 NAG L . -15.04 46.71 -51.59
N2 NAG L . -15.77 48.77 -52.82
O3 NAG L . -14.47 48.29 -55.28
O4 NAG L . -11.47 48.29 -55.26
O5 NAG L . -12.34 50.32 -52.37
O6 NAG L . -10.61 51.58 -53.78
O7 NAG L . -17.32 47.40 -51.93
C1 NAG L . -11.30 48.65 -56.63
C2 NAG L . -9.82 48.56 -57.07
C3 NAG L . -9.69 48.57 -58.60
C4 NAG L . -10.62 47.55 -59.25
C5 NAG L . -12.04 47.83 -58.79
C6 NAG L . -13.02 46.80 -59.29
C7 NAG L . -9.08 50.93 -56.57
C8 NAG L . -8.01 51.71 -55.86
N2 NAG L . -8.97 49.59 -56.47
O3 NAG L . -8.36 48.25 -58.97
O4 NAG L . -10.54 47.65 -60.66
O5 NAG L . -12.07 47.73 -57.37
O6 NAG L . -13.46 46.00 -58.20
O7 NAG L . -9.99 51.49 -57.18
C1 NAG M . 17.42 36.91 -42.00
C2 NAG M . 16.49 38.13 -41.95
C3 NAG M . 16.93 39.18 -42.98
C4 NAG M . 18.41 39.52 -42.80
C5 NAG M . 19.26 38.25 -42.77
C6 NAG M . 20.71 38.52 -42.42
C7 NAG M . 14.48 37.23 -43.17
C8 NAG M . 13.01 37.00 -43.03
N2 NAG M . 15.07 37.79 -42.10
O3 NAG M . 16.14 40.35 -42.82
O4 NAG M . 18.82 40.34 -43.90
O5 NAG M . 18.76 37.33 -41.79
O6 NAG M . 20.81 39.45 -41.35
O7 NAG M . 15.10 36.89 -44.19
C1 NAG M . 19.16 41.66 -43.44
C2 NAG M . 19.88 42.40 -44.59
C3 NAG M . 20.22 43.82 -44.17
C4 NAG M . 18.98 44.56 -43.68
C5 NAG M . 18.30 43.74 -42.57
C6 NAG M . 16.99 44.36 -42.11
C7 NAG M . 22.16 41.36 -44.43
C8 NAG M . 23.20 40.62 -45.22
N2 NAG M . 21.05 41.68 -45.10
O3 NAG M . 20.81 44.50 -45.28
O4 NAG M . 19.31 45.85 -43.18
O5 NAG M . 18.00 42.42 -43.02
O6 NAG M . 17.21 45.50 -41.30
O7 NAG M . 22.34 41.63 -43.24
C1 BMA M . 18.89 46.86 -44.12
C2 BMA M . 18.60 48.18 -43.35
C3 BMA M . 18.36 49.32 -44.36
C4 BMA M . 19.49 49.40 -45.42
C5 BMA M . 19.60 48.03 -46.12
C6 BMA M . 20.67 47.99 -47.19
O2 BMA M . 19.70 48.56 -42.55
O3 BMA M . 18.18 50.59 -43.71
O4 BMA M . 19.24 50.40 -46.40
O5 BMA M . 19.90 47.04 -45.11
O6 BMA M . 20.39 49.03 -48.13
C1 MAN M . 17.01 51.29 -44.19
C2 MAN M . 16.23 51.88 -42.97
C3 MAN M . 14.71 51.95 -43.26
C4 MAN M . 14.39 52.25 -44.74
C5 MAN M . 14.99 51.12 -45.63
C6 MAN M . 15.41 51.60 -47.01
O2 MAN M . 16.64 53.21 -42.68
O3 MAN M . 14.06 52.90 -42.41
O4 MAN M . 12.98 52.30 -44.93
O5 MAN M . 16.14 50.47 -44.99
O6 MAN M . 14.29 52.19 -47.65
C1 NAG N . 29.01 -1.27 -10.99
C2 NAG N . 28.90 -1.90 -9.58
C3 NAG N . 27.47 -2.41 -9.31
C4 NAG N . 26.45 -1.31 -9.57
C5 NAG N . 26.63 -0.79 -11.00
C6 NAG N . 25.70 0.36 -11.36
C7 NAG N . 30.01 -4.12 -10.01
C8 NAG N . 31.11 -5.03 -9.55
N2 NAG N . 29.89 -2.96 -9.35
O3 NAG N . 27.36 -2.85 -7.97
O4 NAG N . 25.14 -1.83 -9.41
O5 NAG N . 27.97 -0.28 -11.16
O6 NAG N . 26.01 0.92 -12.63
O7 NAG N . 29.27 -4.44 -10.95
C1 NAG N . 24.45 -1.21 -8.28
C2 NAG N . 23.11 -1.90 -8.10
C3 NAG N . 22.34 -1.30 -6.91
C4 NAG N . 23.21 -1.27 -5.65
C5 NAG N . 24.58 -0.64 -5.95
C6 NAG N . 25.53 -0.76 -4.77
C7 NAG N . 21.81 -0.86 -9.97
C8 NAG N . 21.00 -1.19 -11.20
N2 NAG N . 22.29 -1.92 -9.30
O3 NAG N . 21.16 -2.07 -6.71
O4 NAG N . 22.60 -0.49 -4.64
O5 NAG N . 25.21 -1.29 -7.06
O6 NAG N . 25.09 0.02 -3.67
O7 NAG N . 22.00 0.31 -9.63
C1 BMA N . 21.91 -1.31 -3.66
C2 BMA N . 22.05 -0.69 -2.24
C3 BMA N . 21.15 -1.46 -1.25
C4 BMA N . 19.71 -1.61 -1.78
C5 BMA N . 19.72 -2.23 -3.19
C6 BMA N . 18.35 -2.34 -3.81
O2 BMA N . 21.61 0.66 -2.24
O3 BMA N . 21.12 -0.83 0.02
O4 BMA N . 18.96 -2.45 -0.91
O5 BMA N . 20.53 -1.42 -4.04
O6 BMA N . 17.63 -3.31 -3.05
C1 MAN N . 22.40 -0.92 0.69
C2 MAN N . 22.33 -2.03 1.75
C3 MAN N . 21.20 -1.64 2.76
C4 MAN N . 21.49 -0.24 3.37
C5 MAN N . 21.72 0.81 2.25
C6 MAN N . 22.24 2.13 2.79
O2 MAN N . 23.55 -2.04 2.49
O3 MAN N . 20.89 -2.59 3.83
O4 MAN N . 20.40 0.17 4.18
O5 MAN N . 22.71 0.32 1.29
O6 MAN N . 21.52 2.44 3.98
C1 MAN N . 21.22 -3.98 3.64
C2 MAN N . 20.13 -4.86 4.31
C3 MAN N . 20.19 -4.72 5.85
C4 MAN N . 21.65 -4.78 6.41
C5 MAN N . 22.56 -3.85 5.60
C6 MAN N . 24.01 -3.91 6.00
O2 MAN N . 20.33 -6.24 4.03
O3 MAN N . 19.38 -5.70 6.49
O4 MAN N . 21.66 -4.39 7.77
O5 MAN N . 22.47 -4.22 4.21
O6 MAN N . 24.66 -2.73 5.52
C1 MAN N . 17.54 -4.62 -3.69
C2 MAN N . 17.94 -5.65 -2.57
C3 MAN N . 19.39 -6.08 -2.68
C4 MAN N . 19.64 -6.66 -4.05
C5 MAN N . 19.61 -5.51 -5.04
C6 MAN N . 19.78 -5.96 -6.49
O2 MAN N . 17.17 -6.85 -2.68
O3 MAN N . 19.74 -7.03 -1.66
O4 MAN N . 20.92 -7.28 -4.08
O5 MAN N . 18.33 -4.73 -4.95
O6 MAN N . 19.96 -4.81 -7.30
C1 NAG O . -25.26 68.64 0.38
C2 NAG O . -26.59 69.44 0.35
C3 NAG O . -26.78 70.12 -1.02
C4 NAG O . -25.58 70.96 -1.39
C5 NAG O . -24.31 70.10 -1.35
C6 NAG O . -23.05 70.88 -1.60
C7 NAG O . -28.71 68.86 1.49
C8 NAG O . -28.61 70.16 2.25
N2 NAG O . -27.73 68.58 0.63
O3 NAG O . -27.97 70.91 -1.00
O4 NAG O . -25.73 71.49 -2.70
O5 NAG O . -24.18 69.49 -0.04
O6 NAG O . -22.67 71.60 -0.43
O7 NAG O . -29.64 68.08 1.70
C1 NAG P . -19.49 36.65 41.58
C2 NAG P . -19.01 38.07 41.87
C3 NAG P . -17.66 38.31 41.18
C4 NAG P . -16.65 37.24 41.58
C5 NAG P . -17.22 35.85 41.32
C6 NAG P . -16.33 34.74 41.81
C7 NAG P . -20.86 39.63 42.25
C8 NAG P . -21.79 40.62 41.63
N2 NAG P . -19.98 39.05 41.43
O3 NAG P . -17.16 39.59 41.55
O4 NAG P . -15.45 37.40 40.84
O5 NAG P . -18.48 35.70 41.99
O6 NAG P . -15.44 35.19 42.83
O7 NAG P . -20.89 39.37 43.45
C1 NAG Q . -38.32 -10.90 5.51
C2 NAG Q . -38.30 -12.42 5.25
C3 NAG Q . -39.72 -12.98 5.09
C4 NAG Q . -40.59 -12.57 6.28
C5 NAG Q . -40.56 -11.06 6.47
C6 NAG Q . -41.31 -10.61 7.70
C7 NAG Q . -37.59 -12.45 2.84
C8 NAG Q . -36.55 -13.00 1.91
N2 NAG Q . -37.44 -12.80 4.13
O3 NAG Q . -39.67 -14.40 4.97
O4 NAG Q . -41.93 -12.97 6.04
O5 NAG Q . -39.20 -10.60 6.63
O6 NAG Q . -40.83 -9.36 8.19
O7 NAG Q . -38.50 -11.74 2.43
C1 NAG R . -20.42 -41.75 58.54
C2 NAG R . -19.28 -42.33 59.38
C3 NAG R . -19.36 -41.79 60.81
C4 NAG R . -19.40 -40.27 60.82
C5 NAG R . -20.52 -39.77 59.92
C6 NAG R . -20.54 -38.27 59.78
C7 NAG R . -18.54 -44.53 58.59
C8 NAG R . -18.70 -46.01 58.71
N2 NAG R . -19.33 -43.78 59.36
O3 NAG R . -18.24 -42.26 61.55
O4 NAG R . -19.61 -39.80 62.15
O5 NAG R . -20.38 -40.30 58.60
O6 NAG R . -21.83 -37.73 60.06
O7 NAG R . -17.72 -44.03 57.82
C1 NAG S . -17.21 -55.80 15.62
C2 NAG S . -17.96 -56.90 16.39
C3 NAG S . -16.99 -57.96 16.91
C4 NAG S . -16.10 -58.49 15.80
C5 NAG S . -15.40 -57.34 15.09
C6 NAG S . -14.58 -57.78 13.90
C7 NAG S . -18.42 -55.67 18.53
C8 NAG S . -19.53 -55.26 19.46
N2 NAG S . -18.81 -56.37 17.45
O3 NAG S . -17.73 -59.04 17.50
O4 NAG S . -15.12 -59.38 16.33
O5 NAG S . -16.37 -56.41 14.59
O6 NAG S . -15.15 -58.93 13.27
O7 NAG S . -17.25 -55.38 18.76
C1 NAG T . -32.53 -50.57 8.53
C2 NAG T . -33.20 -51.15 9.78
C3 NAG T . -34.71 -51.00 9.68
C4 NAG T . -35.09 -49.55 9.43
C5 NAG T . -34.35 -49.00 8.21
C6 NAG T . -34.58 -47.52 7.99
C7 NAG T . -32.45 -53.02 11.17
C8 NAG T . -32.10 -54.48 11.22
N2 NAG T . -32.83 -52.55 9.98
O3 NAG T . -35.33 -51.48 10.86
O4 NAG T . -36.48 -49.42 9.23
O5 NAG T . -32.93 -49.18 8.37
O6 NAG T . -33.70 -46.71 8.77
O7 NAG T . -32.38 -52.31 12.17
C1 NAG U . -10.77 -87.58 32.75
C2 NAG U . -10.61 -88.79 31.80
C3 NAG U . -9.89 -88.35 30.51
C4 NAG U . -10.58 -87.15 29.88
C5 NAG U . -10.74 -86.02 30.91
C6 NAG U . -11.54 -84.86 30.38
C7 NAG U . -8.70 -89.97 32.94
C8 NAG U . -8.28 -91.28 33.51
N2 NAG U . -9.94 -89.93 32.43
O3 NAG U . -9.84 -89.43 29.59
O4 NAG U . -9.83 -86.67 28.78
O5 NAG U . -11.44 -86.50 32.06
O6 NAG U . -11.87 -83.93 31.41
O7 NAG U . -7.93 -89.00 32.93
C1 NAG V . 47.17 -11.15 56.75
C2 NAG V . 48.43 -10.62 56.06
C3 NAG V . 49.01 -11.70 55.15
C4 NAG V . 49.25 -12.98 55.94
C5 NAG V . 47.98 -13.41 56.69
C6 NAG V . 48.19 -14.59 57.59
C7 NAG V . 48.51 -8.18 55.79
C8 NAG V . 48.16 -7.03 54.90
N2 NAG V . 48.17 -9.40 55.34
O3 NAG V . 50.22 -11.23 54.57
O4 NAG V . 49.66 -14.01 55.05
O5 NAG V . 47.50 -12.33 57.51
O6 NAG V . 49.13 -15.50 57.04
O7 NAG V . 49.09 -8.03 56.86
C1 NAG W . -2.02 -73.51 -0.84
C2 NAG W . -3.28 -74.39 -0.76
C3 NAG W . -3.41 -74.98 0.64
C4 NAG W . -2.13 -75.71 1.05
C5 NAG W . -0.92 -74.79 0.89
C6 NAG W . 0.39 -75.50 1.14
C7 NAG W . -5.15 -73.78 -2.26
C8 NAG W . -4.63 -74.81 -3.23
N2 NAG W . -4.47 -73.63 -1.11
O3 NAG W . -4.52 -75.87 0.68
O4 NAG W . -2.23 -76.15 2.39
O5 NAG W . -0.87 -74.28 -0.45
O6 NAG W . 1.34 -75.19 0.14
O7 NAG W . -6.15 -73.11 -2.51
C1 NAG X . -5.80 -40.78 -41.87
C2 NAG X . -4.87 -41.97 -42.13
C3 NAG X . -3.54 -41.77 -41.41
C4 NAG X . -2.92 -40.43 -41.79
C5 NAG X . -3.91 -39.30 -41.55
C6 NAG X . -3.40 -37.95 -42.03
C7 NAG X . -6.12 -44.04 -42.56
C8 NAG X . -6.71 -45.28 -41.95
N2 NAG X . -5.50 -43.21 -41.72
O3 NAG X . -2.66 -42.83 -41.76
O4 NAG X . -1.74 -40.20 -41.02
O5 NAG X . -5.13 -39.55 -42.26
O6 NAG X . -2.39 -38.09 -43.02
O7 NAG X . -6.21 -43.80 -43.76
C1 NAG Y . -39.69 -1.92 -6.43
C2 NAG Y . -40.09 -0.43 -6.26
C3 NAG Y . -41.61 -0.29 -6.19
C4 NAG Y . -42.29 -0.97 -7.37
C5 NAG Y . -41.84 -2.42 -7.46
C6 NAG Y . -42.39 -3.14 -8.67
C7 NAG Y . -39.55 -0.12 -3.83
C8 NAG Y . -38.75 0.72 -2.87
N2 NAG Y . -39.43 0.21 -5.12
O3 NAG Y . -41.96 1.10 -6.17
O4 NAG Y . -43.70 -0.92 -7.23
O5 NAG Y . -40.41 -2.48 -7.56
O6 NAG Y . -41.47 -4.07 -9.20
O7 NAG Y . -40.27 -1.04 -3.42
C1 NAG Z . -31.04 33.71 -58.29
C2 NAG Z . -30.35 34.60 -59.34
C3 NAG Z . -30.50 34.00 -60.74
C4 NAG Z . -30.04 32.53 -60.76
C5 NAG Z . -30.77 31.73 -59.68
C6 NAG Z . -30.23 30.33 -59.57
C7 NAG Z . -30.13 36.99 -58.85
C8 NAG Z . -30.85 38.32 -58.90
N2 NAG Z . -30.85 35.95 -59.29
O3 NAG Z . -29.79 34.73 -61.72
O4 NAG Z . -30.35 32.00 -62.03
O5 NAG Z . -30.54 32.35 -58.41
O6 NAG Z . -30.99 29.40 -60.31
O7 NAG Z . -29.00 36.85 -58.47
C1 NAG AA . -33.67 47.52 -16.27
C2 NAG AA . -34.71 48.33 -17.07
C3 NAG AA . -34.11 49.64 -17.58
C4 NAG AA . -33.47 50.42 -16.44
C5 NAG AA . -32.44 49.55 -15.72
C6 NAG AA . -31.84 50.22 -14.51
C7 NAG AA . -34.70 47.01 -19.22
C8 NAG AA . -35.59 46.29 -20.17
N2 NAG AA . -35.32 47.56 -18.15
O3 NAG AA . -35.13 50.42 -18.19
O4 NAG AA . -32.81 51.57 -16.96
O5 NAG AA . -33.09 48.35 -15.24
O6 NAG AA . -32.75 51.13 -13.90
O7 NAG AA . -33.49 47.11 -19.42
C1 NAG BA . -46.70 37.66 -9.56
C2 NAG BA . -47.49 38.01 -10.82
C3 NAG BA . -48.88 37.38 -10.75
C4 NAG BA . -48.78 35.88 -10.51
C5 NAG BA . -47.93 35.60 -9.27
C6 NAG BA . -47.69 34.12 -9.04
C7 NAG BA . -47.33 40.02 -12.20
C8 NAG BA . -47.46 41.52 -12.25
N2 NAG BA . -47.58 39.45 -11.02
O3 NAG BA . -49.58 37.64 -11.96
O4 NAG BA . -50.07 35.32 -10.34
O5 NAG BA . -46.64 36.22 -9.39
O6 NAG BA . -46.58 33.64 -9.79
O7 NAG BA . -47.02 39.37 -13.20
C1 NAG CA . -37.46 80.49 -33.21
C2 NAG CA . -37.34 81.62 -32.18
C3 NAG CA . -36.45 81.18 -31.02
C4 NAG CA . -36.88 79.84 -30.43
C5 NAG CA . -37.09 78.78 -31.52
C6 NAG CA . -37.76 77.52 -31.00
C7 NAG CA . -35.73 83.15 -33.37
C8 NAG CA . -35.56 84.57 -33.84
N2 NAG CA . -36.90 82.88 -32.76
O3 NAG CA . -36.48 82.19 -30.02
O4 NAG CA . -35.90 79.38 -29.52
O5 NAG CA . -37.95 79.29 -32.55
O6 NAG CA . -37.48 76.41 -31.85
O7 NAG CA . -34.85 82.30 -33.54
C1 NAG DA . 42.58 25.79 -55.59
C2 NAG DA . 43.92 25.68 -54.88
C3 NAG DA . 44.11 26.89 -53.96
C4 NAG DA . 43.95 28.19 -54.75
C5 NAG DA . 42.62 28.18 -55.52
C6 NAG DA . 42.47 29.38 -56.44
C7 NAG DA . 44.77 23.40 -54.59
C8 NAG DA . 44.77 22.19 -53.72
N2 NAG DA . 44.04 24.43 -54.15
O3 NAG DA . 45.39 26.83 -53.34
O4 NAG DA . 43.98 29.29 -53.84
O5 NAG DA . 42.53 27.01 -56.36
O6 NAG DA . 43.06 30.54 -55.86
O7 NAG DA . 45.39 23.45 -55.64
#